data_7KTS
#
_entry.id   7KTS
#
_cell.length_a   1.00
_cell.length_b   1.00
_cell.length_c   1.00
_cell.angle_alpha   90.00
_cell.angle_beta   90.00
_cell.angle_gamma   90.00
#
_symmetry.space_group_name_H-M   'P 1'
#
loop_
_entity.id
_entity.type
_entity.pdbx_description
1 polymer 'Transformation/transcription domain-associated protein,Transformation/transcription domain-associated protein,Transformation/transcription domain-associated protein,Transformation/transcription domain-associated protein,Transformation/transcription domain-associated protein'
2 polymer 'TAF5-like RNA polymerase II p300/CBP-associated factor-associated factor 65 kDa subunit 5L'
3 polymer 'Isoform 3 of Transcription factor SPT20 homolog'
4 polymer 'STAGA complex 65 subunit gamma, DhaA,STAGA complex 65 subunit gamma,STAGA complex 65 subunit gamma, DhaA,STAGA complex 65 subunit gamma,STAGA complex 65 subunit gamma, DhaA'
5 polymer 'Transcription initiation factor TFIID subunit 9B'
6 polymer 'TAF6-like RNA polymerase II p300/CBP-associated factor-associated factor 65 kDa subunit 6L,TAF6-like RNA polymerase II p300/CBP-associated factor-associated factor 65 kDa subunit 6L,TAF6-like RNA polymerase II p300/CBP-associated factor-associated factor 65 kDa subunit 6L'
7 polymer 'Transcription initiation factor TFIID subunit 12'
8 polymer 'Transcription initiation factor TFIID subunit 10'
9 polymer 'Transcription initiation protein SPT3 homolog,Transcription initiation protein SPT3 homolog,Transcription initiation protein SPT3 homolog'
10 polymer 'Transcriptional adapter 1'
11 polymer Ataxin-7
12 polymer 'Splicing factor 3B subunit 3'
13 polymer 'Splicing factor 3B subunit 5'
#
loop_
_entity_poly.entity_id
_entity_poly.type
_entity_poly.pdbx_seq_one_letter_code
_entity_poly.pdbx_strand_id
1 'polypeptide(L)'
;MAFVATQGATVVDQTTLMKKYLQFVAALTDVNTPDETKLKMMQEVSENFENVTSSPQYSTFLEHIIPRFLTFLQDGEVQF
LQEKPAQQLRKLVLEIIHRIPTNEHLRPHTKNVLSVMFRFLETENEENVLICLRIIIELHKQFRPPITQEIHHFLDFVKQ
IYKELPKVVNRYFENPQVIPENTVPPPEMVGMITTIAVKVNPEREDSETRTHSIIPRGSLSLKVLAELPIIVVLMYQLYK
LNIHNVVAEFVPLIMNTIAIQVSAQARQHKLYNKELYADFIAAQIKTLSFLAYIIRIYQELVTKYSQQMVKGMLQLLSNC
PAETAHLRKELLIAAKHILT(UNK)(UNK)(UNK)(UNK)(UNK)(UNK)(UNK)(UNK)(UNK)(UNK)(UNK)(UNK)
(UNK)(UNK)(UNK)(UNK)(UNK)(UNK)(UNK)(UNK)(UNK)(UNK)(UNK)(UNK)(UNK)(UNK)(UNK)(UNK)
ETLRPLAYSTLADLVHHVRQHLPLSDLSLAVQLFAKNIDDESLPSSIQTMSCKLLLNLVDCIRSKSEQESGNGRDVLMRM
LEVFVLKFHTIARYQLSAIFKKCKPQSELGAVEAALPGVPTAPAAPGPAPSPAPVPAPPPPPPPPPPATPVTPAPVPPFE
KQGEKDKEDKQTFQVTDCRSLVKTLVCGVKTITWGITSCKAPGAQFIPNKQLQPKETQIYIKLVKYAMQALDIYQVQIAG
NGQTYIRVANCQTVRMKEEKEVLEHFAGVFTMMNPLTFKEIFQTTVPYMVERISKNYALQIVANSFLANPTTSALFATIL
VEYLLDRLPEMGSNVELSNLYLKLFKLVFGSVSLFAAENEQMLKPHLHKIVNSSMELAQTAKEPYNYFLLLRALFRSIGG
GSHDLLYQEFLPLLPNLLQGLNMLQSGLHKQHMKDLFVELCLTVPVRLSSLLPYLPMLMDPLVSALNGSQTLVSQGLRTL
ELCVDNLQPDFLYDHIQPVRAELMQALWRTLRNPADSISHVAYRVLGKFGGSNRKMLKESQKLHYVVTEVQGPSITVEFS
DCKASLQLPMEKAIETALDCLKSANTEPYYRRQAWEVIKCFLVAMMSLEDNKHALYQLLAHPNFTEKTIPNVIISHRYKA
QDTPARKTFEQALTGAFMSAVIKDLRPSALPFVASLIRHYTMVAVAQQCGPFLLPCYQVGSQPSTAMFHSEENGSKGMDP
LVLIDAIAICMAYEEKELCKIGEVALAVIFDVASIILGSKERACQLPLFSYIVERLCACCYEQAWYAKLGGVVSIKFLME
RLPLTWVLQNQQTFLKALLFVMMDLTGEVSNGAVAMAKTTLEQLLMRCATPLKDEERAEEIVAAQEKSFHHVTHDLVREV
TSPNSTVRKQAMHSLQVLAQVTGKSVTVIMEPHKEVLQDMVPPKKHLLRHQPANAQIGLMEGNTFCTTLQPRLFTMDLNV
VEHKVFYTELLNLCEAEDSALTKLPCYKSLPSLVPLRIAALNALAACNYLPQSREKIIAALFKALNSTNSELQEAGEACM
RKFLEGATIEVDQIHTHMRPLLMMLGDYRSLTLNVVNRLTSVTRLFPNSFNDKFCDQMMQHLRKWMEVVVITHKGGQRSD
GNEMKICSAIINLFHLIPAAPQTLVKPLLEVVMKTERAMLIEAGSPFREPLIKFLTRHPSQTVELFMMEATLNDPQWSRM
FMSFLKHKDARPLRDVLAANPNRFITLLLPGGAQTAVRPGSPSTSTMRLDLQFQAIKIISIIVKNDDSWLASQHSLVSQL
RRVWVSENFQERHRKENMAATNWKEPKLLAYCLLNYCKRN(UNK)(UNK)(UNK)(UNK)(UNK)(UNK)(UNK)(UNK)
(UNK)(UNK)(UNK)(UNK)(UNK)(UNK)(UNK)(UNK)(UNK)(UNK)(UNK)(UNK)(UNK)(UNK)(UNK)(UNK)
(UNK)(UNK)(UNK)(UNK)(UNK)(UNK)(UNK)(UNK)(UNK)(UNK)(UNK)(UNK)(UNK)(UNK)(UNK)(UNK)
(UNK)(UNK)(UNK)(UNK)(UNK)(UNK)(UNK)(UNK)(UNK)(UNK)(UNK)(UNK)(UNK)(UNK)(UNK)(UNK)
(UNK)(UNK)(UNK)(UNK)(UNK)(UNK)(UNK)(UNK)(UNK)(UNK)(UNK)(UNK)(UNK)(UNK)(UNK)(UNK)
(UNK)(UNK)(UNK)(UNK)(UNK)(UNK)(UNK)(UNK)(UNK)(UNK)(UNK)(UNK)(UNK)(UNK)(UNK)(UNK)
(UNK)(UNK)(UNK)(UNK)(UNK)(UNK)(UNK)(UNK)(UNK)(UNK)(UNK)(UNK)(UNK)(UNK)(UNK)(UNK)
(UNK)(UNK)(UNK)(UNK)(UNK)(UNK)(UNK)(UNK)(UNK)(UNK)(UNK)(UNK)(UNK)(UNK)(UNK)(UNK)
(UNK)(UNK)(UNK)(UNK)(UNK)(UNK)(UNK)(UNK)(UNK)(UNK)(UNK)(UNK)(UNK)(UNK)(UNK)(UNK)
(UNK)(UNK)(UNK)(UNK)(UNK)(UNK)(UNK)(UNK)(UNK)(UNK)(UNK)(UNK)(UNK)(UNK)(UNK)(UNK)
(UNK)(UNK)(UNK)(UNK)(UNK)(UNK)(UNK)(UNK)(UNK)(UNK)(UNK)(UNK)(UNK)(UNK)(UNK)(UNK)
(UNK)(UNK)(UNK)(UNK)(UNK)(UNK)(UNK)(UNK)(UNK)(UNK)(UNK)(UNK)(UNK)(UNK)(UNK)(UNK)
(UNK)(UNK)(UNK)(UNK)(UNK)(UNK)(UNK)(UNK)(UNK)(UNK)(UNK)(UNK)(UNK)(UNK)(UNK)(UNK)
(UNK)(UNK)(UNK)(UNK)(UNK)(UNK)(UNK)(UNK)(UNK)(UNK)(UNK)(UNK)(UNK)(UNK)(UNK)(UNK)
(UNK)(UNK)(UNK)(UNK)(UNK)(UNK)(UNK)(UNK)(UNK)(UNK)(UNK)(UNK)(UNK)(UNK)(UNK)(UNK)
(UNK)(UNK)(UNK)(UNK)(UNK)(UNK)(UNK)(UNK)(UNK)(UNK)(UNK)(UNK)(UNK)(UNK)(UNK)(UNK)
(UNK)(UNK)(UNK)(UNK)(UNK)(UNK)(UNK)(UNK)(UNK)(UNK)(UNK)(UNK)(UNK)(UNK)(UNK)(UNK)
(UNK)(UNK)(UNK)(UNK)(UNK)(UNK)(UNK)(UNK)(UNK)(UNK)(UNK)(UNK)(UNK)(UNK)(UNK)(UNK)
(UNK)(UNK)(UNK)(UNK)(UNK)(UNK)(UNK)(UNK)(UNK)(UNK)(UNK)(UNK)(UNK)(UNK)(UNK)(UNK)
(UNK)(UNK)(UNK)(UNK)(UNK)(UNK)(UNK)(UNK)(UNK)(UNK)(UNK)(UNK)(UNK)(UNK)(UNK)(UNK)
(UNK)(UNK)(UNK)(UNK)(UNK)(UNK)(UNK)(UNK)(UNK)(UNK)(UNK)(UNK)(UNK)(UNK)(UNK)(UNK)
(UNK)(UNK)(UNK)(UNK)(UNK)(UNK)(UNK)(UNK)(UNK)(UNK)(UNK)(UNK)(UNK)(UNK)(UNK)(UNK)
(UNK)(UNK)(UNK)(UNK)(UNK)(UNK)(UNK)(UNK)(UNK)(UNK)(UNK)(UNK)(UNK)(UNK)(UNK)(UNK)
(UNK)(UNK)(UNK)(UNK)(UNK)(UNK)(UNK)(UNK)(UNK)(UNK)(UNK)(UNK)(UNK)(UNK)(UNK)(UNK)
(UNK)(UNK)(UNK)(UNK)(UNK)(UNK)(UNK)(UNK)(UNK)(UNK)(UNK)(UNK)(UNK)(UNK)(UNK)(UNK)
(UNK)(UNK)(UNK)(UNK)(UNK)(UNK)(UNK)(UNK)(UNK)(UNK)(UNK)(UNK)(UNK)(UNK)(UNK)(UNK)
(UNK)(UNK)(UNK)(UNK)(UNK)(UNK)(UNK)(UNK)(UNK)(UNK)(UNK)(UNK)(UNK)(UNK)(UNK)(UNK)
(UNK)(UNK)(UNK)(UNK)(UNK)(UNK)(UNK)(UNK)(UNK)(UNK)(UNK)(UNK)(UNK)(UNK)(UNK)(UNK)
(UNK)(UNK)(UNK)(UNK)(UNK)(UNK)(UNK)(UNK)(UNK)(UNK)(UNK)(UNK)(UNK)(UNK)(UNK)(UNK)
(UNK)(UNK)(UNK)(UNK)(UNK)(UNK)(UNK)(UNK)(UNK)(UNK)(UNK)(UNK)(UNK)(UNK)(UNK)(UNK)
(UNK)(UNK)(UNK)(UNK)(UNK)(UNK)(UNK)(UNK)(UNK)(UNK)(UNK)(UNK)(UNK)(UNK)(UNK)(UNK)
(UNK)(UNK)(UNK)(UNK)(UNK)(UNK)(UNK)(UNK)(UNK)(UNK)(UNK)(UNK)(UNK)(UNK)(UNK)(UNK)
(UNK)(UNK)(UNK)(UNK)(UNK)(UNK)(UNK)(UNK)(UNK)(UNK)(UNK)(UNK)(UNK)(UNK)(UNK)(UNK)
(UNK)(UNK)(UNK)(UNK)(UNK)(UNK)(UNK)(UNK)(UNK)(UNK)(UNK)(UNK)(UNK)(UNK)(UNK)(UNK)
(UNK)(UNK)(UNK)(UNK)(UNK)(UNK)(UNK)(UNK)(UNK)(UNK)(UNK)(UNK)(UNK)(UNK)(UNK)(UNK)
(UNK)(UNK)(UNK)(UNK)(UNK)(UNK)(UNK)(UNK)(UNK)(UNK)(UNK)(UNK)(UNK)(UNK)(UNK)(UNK)
(UNK)(UNK)(UNK)(UNK)(UNK)(UNK)(UNK)(UNK)(UNK)(UNK)(UNK)(UNK)(UNK)(UNK)(UNK)(UNK)
(UNK)(UNK)(UNK)(UNK)(UNK)(UNK)(UNK)(UNK)(UNK)(UNK)(UNK)(UNK)(UNK)(UNK)(UNK)(UNK)
(UNK)(UNK)(UNK)(UNK)(UNK)(UNK)(UNK)(UNK)(UNK)(UNK)(UNK)AGTSELVMLSLELVKTRLAVMSMEM
RKNFIQAILTSLIEKSPDAKILRAVVKIVEEWVKNNSPMAANQTPTLREKSILLVKMMTYIEKRFPEDLELNAQFLDLVN
YVYRDETLSGSELTAKLEPAFLSGLRCAQPLIRAKFFEVFDNSMKRRVYERLLYVTCSQNWEAMGNHFWIKQCIELLLAV
CEKSTPIGTSCQGAMLPSITNVINLADSHDRAAFAMVTHVKQEPRERENSESKEEDVEIDIELAPGDQTSTPKTKELSEK
DIGNQLHMLTNRHDKFLDTLREVKTGALLSAFVQLCHISTTLAEKTWVQLFPRLWKILSDRQQHALAGEISPFLCSGSHQ
VQRDCQPSALNCFVEAMSQCVPPIPIRPCVLKYLGKTHNLWFRSTLMLEHQAFEKGLSLQIKPKQTTEFYEQESITPPQQ
EILDSLAELYSLLQEEDMWAGLWQKRCKYSETATAIAYEQHGFFEQAQESYEKAMDKAKKEHERSNASPAIFPEYQLWED
HWIRCSKELNQWEALTEYGQSKGHINPYLVLECAWRVSNWTAMKEALVQVEVSCPKEMAWKVNMYRGYLAICHPEEQQLS
FIERLVEMASSLAIREWRRLPHVVSHVHTPLLQAAQQIIELQEAAQINAGLQPTNLGRNNSLHDMKTVVKTWRNRLPIVS
DDLSHWSSIFMWRQHHYQAIVTAYENSSQHDPSSNNAMLGVHASASAIIQYGKIARKQGLVNVALDILSRIHTIPTVPIV
DCFQKIRQQVKCYLQLAGVMGKNECMQGLEVIESTNLKYFTKEMTAEFYALKGMFLAQINKSEEANKAFSAAVQMHDVLV
KAWAMWGDYLENIFVKERQLHLGVSAITCYLHACRHQNESKSRKYLAKVLWLLSFDDDKNTLADAVDKYCIGVPPIQWLA
WIPQLLTCLVGSEGKLLLNLISQVGRVYPQAVYFPIRTLYLTLKIEQRERYKSDSGQQQPSSVGNQSHSASDPGPIRATA
PMWRCSRIMHMQRELHPTLLSSLEGIVDQMVWFRENWHEEVLRQLQQGLAKCYSVAFEKSGAVSDAKITPHTLNFVKKLV
STFGVGLENVSNVSTMFSSAASESLARRAQATAQDPVFQKLKGQFTTDFDFSVPGSMKLHNLISKLKKWIKILEAKTKQL
PKFFLIEEKCRFLSNFSAQTAEVEIPGEFLMPKPTHYYIKIARFMPRVEIVQKHNTAARRLYIRGHNGKIYPYLVMNDAC
LTESRREERVLQLLRLLNPCLEKRKETTKRHLFFTVPRVVAVSPQMRLVEDNPSSLSLVEIYKQRCAKKGIEHDNPISRY
YDRLATVQARGTQASHQVLRDILKEVQSNMVPRSMLKEWALHTFPNATDYWTFRKMFTIQLALIGFAEFVLHLNRLNPEM
LQIAQDTGKLNVAYFRFDINDATGDLDANRPVPFRLTPNISEFLTTIGVSGPLTASMIAVARCFAQPNFKVDGILKTVLR
DEIIAWHKKTQEDTSSPLSAAGQPENMDSQQLVSLVQKAVTAIMTRLHNLAQFEGGESKVNTLVAAANSLDNLCRMDPAW
HPWL
;
A
2 'polypeptide(L)'
;MKRVRTEQIQMAVSCYLKRRQYVDSDGPLKQGLRLSQTAEEMAANLTVQSESGCANIVSAAPCQAEPQQYEVQFGRLRNF
LTDSDSQHSHEVMPLLYPLFVYLHLNLVQNSPKSTVESFYSRFHGMFLQNASQKDVIEQLQTTQTIQDILSNFKLRAFLD
NKYVVRLQEDSYNYLIRYLQSDNNTALCKVLTLHIHLDVQPAKRTDYQLYASGSSSRSENNGLEPPDMPSPILQNEAALE
VLQESIKRVKDGPPSLTTICFYAFYNTEQLLNTAEISPDSKLLAAGFDNSCIKLWSLRSKKLKSEPHQVDVSRIHLACDI
LEEEDDEDDNAGTEMKILRGHCGPVYSTRFLADSSGLLSCSEDMSIRYWDLGSFTNTVLYQGHAYPVWDLDISPYSLYFA
SGSHDRTARLWSFDRTYPLRIYAGHLADVDCVKFHPNSNYLATGSTDKTVRLWSAQQGNSVRLFTGHRGPVLSLAFSPNG
KYLASAGEDQRLKLWDLASGTLYKELRGHTDNITSLTFSPDSGLIASASMDNSVRVWDIRNTYCSAPADGSSSELVGVYT
GQMSNVLSVQFMACNLLLVTGITQENQEH
;
B
3 'polypeptide(L)'
;MQQALELALDRAEYVIESARQRPPKRKYLSSGRKSVFQKLYDLYIEECEKEPEVKKLRRNVNLLEKLVMQETLSCLVVNL
YPGNEGYSLMLRGKNGSDSETIRLPYEEGELLEYLDAEELPPILVDLLEKSQVNIFHCGCVIAEIRDYRQSSNMKSPGYQ
SRHILLRPTMQTLICDVHSITSDNHKWTQEDKLLLESQLILATAEPLCLDPSIAVTCTANRLLYNKQKMNTRPMKRCFKR
YSRSSLNRQQDLSHCPPPPQLRLLDFLQKRKERKAGQHYDLKISKAGNCVDMWKRSPCNLAIPSEVDVEKYAKVEKSIKS
DDSQPTVWPAHDVKDDYVFECEAGTQYQKTKLTILQSLGDPLYYGKIQPCKADEESDSQMSPSHSSTDDHSNWFIIGSKT
DAERVVNQYQELVQNEAKCPVKMSHSSSGSASLSQVSPGKETDQTETVSVQSSVLGKGVKHRPPPIKLPSSSGNSSSGNY
FTPQQTSSFLKSPTPPPSSKPSSIPRKSSVDLNQVSMLSPAALSPASSSQRSGTPKPSTPTPTPSSTPHPPDAQSSTPST
PSATPTPQDSGFTPQPTLLTQFAQQQRSLSQAMPVTTIPLSTMVTSITPGTTATQVMANSAGLNFINVVGSVCGAQALMS
GSNPMLGCNTGAITPAGINLSGLLPSGGLLPNALPSAMQAASQAGVPFGLKNTSSLRPLNLLQLPGGSLIFNTLQQQQQQ
LSQFTPQQPQQPTTCSPQQPGEQGSEQGSTSQEQALSAQQAAVINLTGVGSFMQSQAAAVAILAASNGYGSSSSTNSSAT
SSSAYRQPVKK
;
C
4 'polypeptide(L)'
;MNLQRYWGEIPISSSQTNRSSFDLLPREFRLV(UNK)(UNK)(UNK)(UNK)(UNK)(UNK)(UNK)(UNK)(UNK)
(UNK)(UNK)(UNK)(UNK)(UNK)(UNK)(UNK)(UNK)(UNK)(UNK)MLDIPSEPCSLTIHTIQLIQHNRRLRNLIA
TAQAQN(UNK)(UNK)(UNK)(UNK)(UNK)(UNK)(UNK)(UNK)(UNK)(UNK)(UNK)(UNK)(UNK)(UNK)
(UNK)(UNK)(UNK)(UNK)(UNK)(UNK)(UNK)(UNK)(UNK)(UNK)(UNK)(UNK)(UNK)(UNK)(UNK)(UNK)
(UNK)DCKNPNAPFQIRHSDPESDFYRGKGEPVTELSWHSCRQLLYQAVATILAHAGFDCANESVLETLTDVAHEYCLKF
TKLLRFAVDREARLGQTPFPDVMEQVFHEVGIGSVLSLQKFWQHRIKDYHSYMLQISKQLSEEYERIVNPEKATEDAKPV
KIKEEPVSDITFPVSEELEADLASGDQSLPMGVLGAQSERFPSNLEVEASPQASSAEVNASPLWNLAHVKMEPQESEEGN
VSGHGVLGSDVFEEPMSGMSEAGIPQSPDDSDSSYGSHSTDSLMGSSPVFNQRCKKRMRKIGTSGEDLYFQSGGSMAEIG
TGFPFDPHYVEVLGERMHYVDVGPRDGTPVLFLHGNPTSSYVWRNIIPHVAPTHRCIAPDLIGMGKSDKPDLGYFFDDHV
RFMDAFIEALGLEEVVLVIHDWGSALGFHWAKRNPERVKGIAFMEFIRPIPTWDEWPEFARETFQAFRTTDVGRKLIIDQ
NVFIEGTLPMGVVRPLTEVEMDHYREPFLNPVDREPLWRFPNELPIAGEPANIVALVEEYMDWLHQSPVPKLLFWGTPGV
LIPPAEAARLAKSLPNCKAVDIGPGLNLLQEDNPDLIGSEIARWLSTLEISGDYKDHDGDYKDHDIDYKDDDDKGS
;
D
5 'polypeptide(L)'
;MESGKMAPPKNAPRDALVMAQILKDMGITEYEPRVINQMLEFAFRYVTTILDDAKIYSSHAKKPNVDADDVRLAIQCRAD
QSFTSPPPRDFLLDIARQKNQTPLPLIKPYAGPRLPPDRYCLTAPNYRLKSLIKKGPNQGRLVPRLSVGAVSSKPTTPTI
ATPQTVSVPNKVATPMSVTSQRFTVQIPPSQSTPVKPVPATTAVQNVLINPSMIGPKNILITTNMVSSQNTANEANPLKR
KHEDDDDNDIM
;
E
6 'polypeptide(L)'
;MSEREERRFVEIPRESVRLMAESTGLELSDEVAALLAEDVCYRLREATQNSSQFMKHTKRRKLTVEDFNRALRWSSVEAV
CGYGSQEALPMRPAREGELYFPEDREVNLVELALATNIPKGCAETAVRVHVSYLDGKGNLAPQGSVPSAVSSL(UNK)
(UNK)(UNK)(UNK)(UNK)(UNK)(UNK)(UNK)(UNK)(UNK)(UNK)(UNK)(UNK)(UNK)(UNK)(UNK)(UNK)
(UNK)(UNK)(UNK)(UNK)(UNK)(UNK)(UNK)(UNK)(UNK)(UNK)(UNK)(UNK)(UNK)(UNK)(UNK)(UNK)
(UNK)(UNK)(UNK)(UNK)(UNK)(UNK)(UNK)(UNK)(UNK)(UNK)(UNK)(UNK)(UNK)(UNK)(UNK)(UNK)
(UNK)(UNK)(UNK)(UNK)(UNK)(UNK)(UNK)(UNK)(UNK)(UNK)(UNK)(UNK)(UNK)(UNK)(UNK)(UNK)
(UNK)(UNK)(UNK)(UNK)(UNK)(UNK)(UNK)(UNK)(UNK)(UNK)(UNK)(UNK)(UNK)(UNK)(UNK)(UNK)
(UNK)(UNK)(UNK)(UNK)(UNK)(UNK)(UNK)(UNK)(UNK)(UNK)(UNK)(UNK)(UNK)(UNK)(UNK)(UNK)
(UNK)(UNK)(UNK)(UNK)(UNK)(UNK)(UNK)(UNK)(UNK)(UNK)(UNK)(UNK)(UNK)(UNK)(UNK)(UNK)
(UNK)(UNK)(UNK)(UNK)(UNK)(UNK)(UNK)(UNK)(UNK)(UNK)(UNK)(UNK)(UNK)(UNK)(UNK)(UNK)
(UNK)(UNK)(UNK)(UNK)(UNK)(UNK)(UNK)(UNK)(UNK)(UNK)(UNK)(UNK)(UNK)(UNK)(UNK)(UNK)
(UNK)(UNK)(UNK)(UNK)(UNK)(UNK)(UNK)(UNK)(UNK)(UNK)(UNK)(UNK)(UNK)(UNK)(UNK)(UNK)
(UNK)(UNK)(UNK)(UNK)(UNK)(UNK)(UNK)(UNK)(UNK)(UNK)(UNK)(UNK)(UNK)(UNK)(UNK)(UNK)
(UNK)(UNK)(UNK)(UNK)(UNK)(UNK)(UNK)(UNK)(UNK)(UNK)(UNK)(UNK)(UNK)(UNK)(UNK)(UNK)
(UNK)(UNK)(UNK)(UNK)(UNK)(UNK)(UNK)(UNK)(UNK)(UNK)(UNK)(UNK)(UNK)(UNK)(UNK)(UNK)
(UNK)(UNK)(UNK)(UNK)(UNK)(UNK)(UNK)(UNK)(UNK)(UNK)(UNK)(UNK)QAAEPNRGGPGGRGCRRLDD
LPWDSLLFQESSSGGGAEPSFGSGLPLPPGGAGPEDPSLSVTLADIYRELYAFFGDSLATRFGTGQPAPTAPRPPGDKKE
PAAAPDSVRKMPQLTASAIVSPHGDESPRGSGGGGPASASGPAASESRPLPRVHRARGAPRQQGPGTGTRDVFQKSRFAP
RGAPHFRFIIAGRQAGRRCRGRLFQTAFPAPYGPSPASRYVQKLPMIGRTSRPARRWALSDYSLYLPL
;
F
7 'polypeptide(L)'
;MNQFGPSALINLSNFSSIKPEPASTPPQGSMANSTAVVKIPGTPGAGGRLSPENNQVLTKKKLQDLVREVDPNEQLDEDV
EEMLLQIADDFIESVVTAACQLARHRKSSTLEVKDVQLHLERQWNMWIPGFGSEEIRPYKKACTTEAHKQRMALIRKTTK
K
;
G
8 'polypeptide(L)'
;MSCSGSGADPEAAPASAASAPGPAPPVSAPAALPSSTAAENKASPAGTAGGPGAGAAAGGTGPLAARAGEPAERRGAAPV
SAGGAAPPEGAISNGVYVLPSAANGDVKPVVSSTPLVDFLMQLEDYTPTIPDAVTGYYLNRAGFEASDPRIIRLISLAAQ
KFISDIANDALQHCKMKGTASGSSRSKSKDRKYTLTMEDLTPALSEYGINVKKPHYFT
;
H
9 'polypeptide(L)'
;MNNTAASPMSTATSSSGRSTGKSISFATELQSMMYSLGDARRPLHETAVLVEDVVHTQLINLLQQAAEVSQLRGARVITP
EDLLFLMRKDKKKLRRLLKYMFIRDYKSKIVKGIDEDDLLEDKLSGSNNANKRQKIAQDFLNSIDQTGELLAMFEDDEID
EVKQERMERAERQ(UNK)(UNK)(UNK)(UNK)(UNK)(UNK)(UNK)(UNK)(UNK)(UNK)(UNK)(UNK)CESRQLS
FSKKASKFRDWLDCSSMEIKPNVVAMEILAYLAYETVAQLVDLALLVRQDMVTKAGDPFSHAISATFIQYHNSAESTAAC
GVEAHSDAIQPCHIREAIRRYSHRIGPLSPFTNAYRRNGMAFLAC
;
I
10 'polypeptide(L)'
;MATFVSELEAAKKNLSEALGDNVKQYWANLKLWFKQKISKEEFDLEAHRLLTQDNVHSHNDFLLAILTRCQILVSTPDGA
GSLPWPGGSAAKPGKPKGKKKLSSVRQKFDHRFQPQNPLSGAQQFVAKDPQDDDDLKLCSHTMMLPTRGQLEGRMIVTAY
EHGLDNVTEEAVSAVVYAVENHLKDILTSVVSRRKAYRLRDGHFKYAFGSNVTPQPYLKNSVVAYNNLIESPPAFTAPCA
GQNPASHPPPDDAEQQAALLLACSGDTLPASLPPVNMYDLFEALQVHREVIPTHTVYALNIERIITKLWHPNHEELQQDK
VHRQRLAAKEGLLLC
;
J
11 'polypeptide(L)'
;MSERAADDVRGEPRRAAAAAGGAAAAAARQQQQQQQQQQPPPPQPQRQQHPPPPPRRTRPEDGGPGAASTSAAAMATVGE
RRPLPSPEVMLGQSWNLWVEASKLPGKDGTELDESFKEFGKNREVMGLCREDMPIFGFCPAHDDFYLVVCNDCNQVVKPQ
AFQSHYERRHSSSSKPPLAVPPTSVFSFFPSLSKSKGGSASGSNRSSSGGVLSASSSSSKLLKSPKEKLQLRGNTRPMHP
IQQSRVPHGRIMTPSVKVEKIHPKMDGTLLKSAVGPTCPATVSSLVKPGLNCPSIPKPTLPSPGQILNGKGLPAPPTLEK
KPEDNSNNRKFLNKRLSEREFDPDIHCGVIDLDTKKPCTRSLTCKTHSLTQRRAVQGRRKRFDVLLAEHKNKTREKELIR
HPDSQQPPQPLRDPHPAPPRTSQEPHQNPHGVIPSESKPFVASKPKPHTPSLPRPPGCPAQQGGSAPIDPPPVHESPHPP
LPATEPASRLSSEEGEGDDKEESVEKLDCHYSGHHPQPASFCTFGSRQIGRGYYVFDSRWNRLRCALNLMVEKHLNAQLW
KKIPPVPSTTSPISTRIPHRTNSVPTSQCGVSYLAAATVSTSPVLLSSTCISPNSKSVPAHGTTLNAQPAASGAMDPVCS
MQSRQVSSSSSSPSTPSGLSSVPSSPMSRKPQKLKSSKSLRPKESSGNSTNCQNASSSTSGGSGKKRKNSSPLLVHSSSS
SSSSSSSSHSMESFRKNCVAHSGPPYPSTVTSSHSIGLNCVTNKANAVNVRHDQSGRGPPTGSPAESIKRMSVMVNSSDS
TLSLGPFIHQSNELPVNSHGSFSHSHTPLDKLIGKKRKCSPSSSSINNSSSKPTKVAKVPAVNNVHMKHTGTIPGAQGLM
NSSLLHQPKARP
;
N
12 'polypeptide(L)'
;MFLYNLTLQRATGISFAIHGNFSGTKQQEIVVSRGKILELLRPDPNTGKVHTLLTVEVFGVIRSLMAFRLTGGTKDYIVV
GSDSGRIVILEYQPSKNMFEKIHQETFGKSGCRRIVPGQFLAVDPKGRAVMISAIEKQKLVYILNRDAAARLTISSPLEA
HKANTLVYHVVGVDVGFENPMFACLEMDYEEADNDPTGEAAANTQQTLTFYELDLGLNHVVRKYSEPLEEHGNFLITVPG
GSDGPSGVLICSENYITYKNFGDQPDIRCPIPRRRNDLDDPERGMIFVCSATHKTKSMFFFLAQTEQGDIFKITLETDED
MVTEIRLKYFDTVPVAAAMCVLKTGFLFVASEFGNHYLYQIAHLGDDDEEPEFSSAMPLEEGDTFFFQPRPLKNLVLVDE
LDSLSPILFCQIADLANEDTPQLYVACGRGPRSSLRVLRHGLEVSEMAVSELPGNPNAVWTVRRHIEDEFDAYIIVSFVN
ATLVLSIGETVEEVTDSGFLGTTPTLSCSLLGDDALVQVYPDGIRHIRADKRVNEWKTPGKKTIVKCAVNQRQVVIALTG
GELVYFEMDPSGQLNEYTERKEMSADVVCMSLANVPPGEQRSRFLAVGLVDNTVRIISLDPSDCLQPLSMQALPAQPESL
CIVEMGGTEKQDELGERGSIGFLYLNIGLQNGVLLRTVLDPVTGDLSDTRTRYLGSRPVKLFRVRMQGQEAVLAMSSRSW
LSYSYQSRFHLTPLSYETLEFASGFASEQCPEGIVAISTNTLRILALEKLGAVFNQVAFPLQYTPRKFVIHPESNNLIII
ETDHNAYTEATKAQRKQQMAEEMVEAAGEDERELAAEMAAAFLNENLPESIFGAPKAGNGQWASVIRVMNPIQGNTLDLV
QLEQNEAAFSVAVCRFSNTGEDWYVLVGVAKDLILNPRSVAGGFVYTYKLVNNGEKLEFLHKTPVEEVPAAIAPFQGRVL
IGVGKLLRVYDLGKKKLLRKCENKHIANYISGIQTIGHRVIVSDVQESFIWVRYKRNENQLIIFADDTYPRWVTTASLLD
YDTVAGADKFGNICVVRLPPNTNDEVDEDPTGNKALWDRGLLNGASQKAEVIMNYHVGETVLSLQKTTLIPGGSESLVYT
TLSGGIGILVPFTSHEDHDFFQHVEMHLRSEHPPLCGRDHLSFRSYYFPVKNVIDGDLCEQFNSMEPNKQKNVSEELDRT
PPEVSKKLEDIRTRYAF
;
S
13 'polypeptide(L)'
;MTDRYTIHSQLEHLQSKYIGTGHADTTKWEWLVNQHRDSYCSYMGHFDLLNYFAIAENESKARVRFNLMEKMLQPCGPPA
DKPEEN
;
T
#
# COMPACT_ATOMS: atom_id res chain seq x y z
N UNK A 352 -103.28 -37.14 -60.91
CA UNK A 352 -104.02 -37.64 -59.76
C UNK A 352 -103.12 -38.49 -58.88
N UNK A 353 -103.26 -38.32 -57.57
CA UNK A 353 -102.45 -39.06 -56.60
C UNK A 353 -103.28 -40.16 -55.94
N UNK A 354 -104.52 -40.32 -56.40
CA UNK A 354 -105.42 -41.30 -55.84
C UNK A 354 -105.62 -42.49 -56.77
N UNK A 355 -104.94 -42.46 -57.92
CA UNK A 355 -105.02 -43.55 -58.88
C UNK A 355 -103.83 -44.48 -58.70
N UNK A 356 -102.77 -43.96 -58.08
CA UNK A 356 -101.55 -44.72 -57.87
C UNK A 356 -101.66 -45.68 -56.68
N UNK A 357 -102.74 -45.55 -55.92
CA UNK A 357 -102.95 -46.38 -54.75
C UNK A 357 -102.99 -47.85 -55.12
N UNK A 358 -104.01 -48.25 -55.87
CA UNK A 358 -104.17 -49.64 -56.28
C UNK A 358 -103.18 -50.01 -57.37
N UNK A 359 -102.39 -49.03 -57.80
CA UNK A 359 -101.45 -49.22 -58.90
C UNK A 359 -100.45 -50.34 -58.60
N UNK A 360 -99.77 -50.23 -57.48
CA UNK A 360 -98.68 -51.14 -57.14
C UNK A 360 -99.10 -52.61 -57.20
N UNK A 361 -100.40 -52.85 -57.29
CA UNK A 361 -100.94 -54.21 -57.38
C UNK A 361 -100.21 -55.00 -58.46
N UNK A 362 -95.42 -54.45 -60.57
CA UNK A 362 -95.21 -55.51 -59.59
C UNK A 362 -94.14 -56.48 -60.09
N UNK A 363 -94.53 -57.76 -60.20
CA UNK A 363 -93.61 -58.81 -60.66
C UNK A 363 -92.96 -58.44 -61.99
N UNK A 364 -93.65 -57.62 -62.77
CA UNK A 364 -93.13 -57.16 -64.06
C UNK A 364 -92.00 -56.16 -63.87
N UNK A 365 -91.54 -56.02 -62.62
CA UNK A 365 -90.43 -55.14 -62.31
C UNK A 365 -89.14 -55.69 -62.93
N UNK A 366 -89.11 -57.01 -63.12
CA UNK A 366 -87.99 -57.67 -63.76
C UNK A 366 -87.77 -57.04 -65.13
N UNK A 367 -88.76 -57.18 -65.99
CA UNK A 367 -88.70 -56.58 -67.33
C UNK A 367 -88.59 -55.06 -67.21
N UNK A 368 -89.65 -54.40 -66.74
CA UNK A 368 -89.66 -52.94 -66.65
C UNK A 368 -89.54 -52.48 -65.21
N GLU A 369 -79.61 -45.04 -73.54
CA GLU A 369 -79.04 -45.90 -72.51
C GLU A 369 -79.11 -45.24 -71.14
N THR A 370 -79.58 -43.98 -71.11
CA THR A 370 -79.65 -43.21 -69.88
C THR A 370 -81.02 -43.29 -69.21
N LEU A 371 -81.74 -44.40 -69.40
CA LEU A 371 -83.07 -44.53 -68.82
C LEU A 371 -83.03 -44.66 -67.31
N ARG A 372 -82.12 -45.47 -66.79
CA ARG A 372 -82.04 -45.72 -65.34
C ARG A 372 -81.91 -44.45 -64.52
N PRO A 373 -81.02 -43.51 -64.84
CA PRO A 373 -80.80 -42.36 -63.93
C PRO A 373 -82.07 -41.66 -63.49
N LEU A 374 -83.06 -41.52 -64.37
CA LEU A 374 -84.30 -40.84 -64.00
C LEU A 374 -85.44 -41.82 -63.77
N ALA A 375 -85.44 -42.97 -64.43
CA ALA A 375 -86.42 -43.99 -64.13
C ALA A 375 -86.38 -44.36 -62.65
N TYR A 376 -85.19 -44.70 -62.13
CA TYR A 376 -85.07 -45.07 -60.74
C TYR A 376 -85.36 -43.90 -59.82
N SER A 377 -84.94 -42.69 -60.19
CA SER A 377 -85.23 -41.52 -59.36
C SER A 377 -86.75 -41.35 -59.17
N THR A 378 -87.50 -41.40 -60.27
CA THR A 378 -88.94 -41.25 -60.18
C THR A 378 -89.57 -42.44 -59.46
N LEU A 379 -89.04 -43.64 -59.66
CA LEU A 379 -89.53 -44.80 -58.93
C LEU A 379 -89.39 -44.61 -57.42
N ALA A 380 -88.23 -44.14 -56.99
CA ALA A 380 -87.99 -43.92 -55.57
C ALA A 380 -88.91 -42.82 -55.05
N ASP A 381 -89.07 -41.73 -55.80
CA ASP A 381 -89.99 -40.69 -55.34
C ASP A 381 -91.40 -41.22 -55.20
N LEU A 382 -91.87 -42.00 -56.17
CA LEU A 382 -93.22 -42.53 -56.13
C LEU A 382 -93.40 -43.44 -54.92
N VAL A 383 -92.46 -44.36 -54.69
CA VAL A 383 -92.62 -45.33 -53.62
C VAL A 383 -92.41 -44.69 -52.25
N HIS A 384 -91.65 -43.59 -52.16
CA HIS A 384 -91.48 -42.91 -50.89
C HIS A 384 -92.67 -42.03 -50.56
N HIS A 385 -93.33 -41.47 -51.59
CA HIS A 385 -94.50 -40.64 -51.32
C HIS A 385 -95.60 -41.44 -50.64
N VAL A 386 -95.98 -42.58 -51.22
CA VAL A 386 -96.95 -43.46 -50.60
C VAL A 386 -96.24 -44.72 -50.13
N ARG A 387 -95.83 -44.74 -48.87
CA ARG A 387 -95.06 -45.84 -48.30
C ARG A 387 -95.71 -46.44 -47.07
N GLN A 388 -96.53 -45.69 -46.33
CA GLN A 388 -96.98 -46.11 -45.02
C GLN A 388 -97.89 -47.33 -45.08
N HIS A 389 -98.79 -47.40 -46.05
CA HIS A 389 -99.74 -48.51 -46.16
C HIS A 389 -99.23 -49.47 -47.23
N LEU A 390 -98.36 -50.39 -46.82
CA LEU A 390 -97.76 -51.34 -47.74
C LEU A 390 -97.43 -52.61 -46.97
N PRO A 391 -97.61 -53.79 -47.57
CA PRO A 391 -97.43 -55.02 -46.81
C PRO A 391 -95.98 -55.52 -46.85
N LEU A 392 -95.76 -56.60 -46.09
CA LEU A 392 -94.43 -57.16 -45.92
C LEU A 392 -93.85 -57.63 -47.25
N SER A 393 -94.65 -58.32 -48.06
CA SER A 393 -94.14 -58.84 -49.32
C SER A 393 -93.69 -57.71 -50.24
N ASP A 394 -94.49 -56.65 -50.35
CA ASP A 394 -94.12 -55.54 -51.21
C ASP A 394 -92.87 -54.83 -50.70
N LEU A 395 -92.78 -54.63 -49.39
CA LEU A 395 -91.58 -54.01 -48.83
C LEU A 395 -90.35 -54.85 -49.15
N SER A 396 -90.45 -56.16 -48.94
CA SER A 396 -89.33 -57.06 -49.22
C SER A 396 -88.95 -57.01 -50.69
N LEU A 397 -89.94 -56.98 -51.57
CA LEU A 397 -89.67 -56.92 -53.00
C LEU A 397 -88.94 -55.63 -53.36
N ALA A 398 -89.39 -54.49 -52.82
CA ALA A 398 -88.70 -53.23 -53.11
C ALA A 398 -87.26 -53.27 -52.62
N VAL A 399 -87.05 -53.77 -51.41
CA VAL A 399 -85.70 -53.84 -50.86
C VAL A 399 -84.83 -54.74 -51.72
N GLN A 400 -85.37 -55.89 -52.15
CA GLN A 400 -84.61 -56.82 -52.95
C GLN A 400 -84.27 -56.22 -54.31
N LEU A 401 -85.20 -55.44 -54.88
CA LEU A 401 -84.95 -54.81 -56.16
C LEU A 401 -83.81 -53.79 -56.05
N PHE A 402 -83.80 -53.01 -54.97
CA PHE A 402 -82.80 -51.95 -54.87
C PHE A 402 -81.45 -52.42 -54.34
N ALA A 403 -81.43 -53.53 -53.60
CA ALA A 403 -80.14 -54.06 -53.13
C ALA A 403 -79.22 -54.34 -54.31
N LYS A 404 -79.70 -55.09 -55.30
CA LYS A 404 -78.87 -55.35 -56.48
C LYS A 404 -78.43 -54.05 -57.14
N ASN A 405 -79.30 -53.04 -57.15
CA ASN A 405 -78.93 -51.76 -57.76
C ASN A 405 -77.76 -51.14 -57.02
N ILE A 406 -77.68 -51.33 -55.71
CA ILE A 406 -76.61 -50.71 -54.93
C ILE A 406 -75.24 -51.12 -55.47
N ASP A 407 -75.13 -52.28 -56.10
CA ASP A 407 -73.82 -52.85 -56.44
C ASP A 407 -73.47 -52.74 -57.91
N ASP A 408 -74.28 -52.08 -58.73
CA ASP A 408 -73.90 -51.89 -60.13
C ASP A 408 -72.58 -51.15 -60.23
N GLU A 409 -71.73 -51.63 -61.15
CA GLU A 409 -70.43 -51.01 -61.41
C GLU A 409 -70.51 -49.78 -62.29
N SER A 410 -70.99 -49.93 -63.52
CA SER A 410 -70.94 -48.83 -64.48
C SER A 410 -71.87 -47.69 -64.08
N LEU A 411 -72.91 -47.99 -63.31
CA LEU A 411 -73.87 -46.96 -62.95
C LEU A 411 -73.20 -45.87 -62.11
N PRO A 412 -73.61 -44.61 -62.28
CA PRO A 412 -73.00 -43.54 -61.49
C PRO A 412 -73.32 -43.67 -60.01
N SER A 413 -72.50 -42.97 -59.21
CA SER A 413 -72.57 -43.10 -57.76
C SER A 413 -73.90 -42.68 -57.17
N SER A 414 -74.48 -41.57 -57.66
CA SER A 414 -75.65 -41.01 -57.01
C SER A 414 -76.78 -42.03 -56.87
N ILE A 415 -76.81 -43.02 -57.77
CA ILE A 415 -77.84 -44.05 -57.68
C ILE A 415 -77.72 -44.82 -56.38
N GLN A 416 -76.50 -45.18 -55.99
CA GLN A 416 -76.31 -45.93 -54.75
C GLN A 416 -76.71 -45.10 -53.55
N THR A 417 -76.40 -43.80 -53.56
CA THR A 417 -76.83 -42.94 -52.46
C THR A 417 -78.34 -42.88 -52.37
N MET A 418 -79.01 -42.79 -53.52
CA MET A 418 -80.47 -42.75 -53.51
C MET A 418 -81.04 -44.07 -52.99
N SER A 419 -80.44 -45.19 -53.38
CA SER A 419 -80.89 -46.48 -52.85
C SER A 419 -80.74 -46.53 -51.34
N CYS A 420 -79.60 -46.06 -50.83
CA CYS A 420 -79.38 -46.06 -49.39
C CYS A 420 -80.41 -45.18 -48.69
N LYS A 421 -80.68 -44.00 -49.23
CA LYS A 421 -81.69 -43.13 -48.62
C LYS A 421 -83.07 -43.77 -48.63
N LEU A 422 -83.41 -44.45 -49.73
CA LEU A 422 -84.67 -45.18 -49.79
C LEU A 422 -84.77 -46.20 -48.67
N LEU A 423 -83.73 -47.03 -48.51
CA LEU A 423 -83.76 -48.05 -47.47
C LEU A 423 -83.85 -47.41 -46.08
N LEU A 424 -83.11 -46.33 -45.87
CA LEU A 424 -83.17 -45.62 -44.59
C LEU A 424 -84.58 -45.17 -44.28
N ASN A 425 -85.22 -44.46 -45.22
CA ASN A 425 -86.55 -43.93 -44.99
C ASN A 425 -87.63 -45.00 -45.04
N LEU A 426 -87.33 -46.22 -45.50
CA LEU A 426 -88.30 -47.30 -45.44
C LEU A 426 -88.19 -48.14 -44.18
N VAL A 427 -87.02 -48.16 -43.53
CA VAL A 427 -86.85 -48.97 -42.34
C VAL A 427 -87.84 -48.56 -41.26
N ASP A 428 -88.13 -47.27 -41.15
CA ASP A 428 -89.03 -46.80 -40.09
C ASP A 428 -90.42 -47.40 -40.25
N CYS A 429 -90.98 -47.38 -41.46
CA CYS A 429 -92.29 -48.00 -41.66
C CYS A 429 -92.21 -49.51 -41.54
N ILE A 430 -91.12 -50.12 -41.99
CA ILE A 430 -90.99 -51.56 -41.83
C ILE A 430 -91.10 -51.94 -40.36
N ARG A 431 -90.31 -51.29 -39.51
CA ARG A 431 -90.49 -51.44 -38.08
C ARG A 431 -91.92 -51.20 -37.64
N SER A 432 -92.46 -50.00 -37.90
CA SER A 432 -93.75 -49.62 -37.32
C SER A 432 -94.84 -50.61 -37.69
N LYS A 433 -94.77 -51.20 -38.88
CA LYS A 433 -95.77 -52.17 -39.30
C LYS A 433 -95.37 -53.59 -38.94
N SER A 434 -94.15 -53.81 -38.44
CA SER A 434 -93.81 -55.14 -37.97
C SER A 434 -94.77 -55.63 -36.91
N GLU A 435 -95.40 -54.70 -36.17
CA GLU A 435 -96.45 -55.09 -35.24
C GLU A 435 -97.53 -55.89 -35.95
N GLN A 436 -97.87 -55.51 -37.18
CA GLN A 436 -98.78 -56.27 -38.01
C GLN A 436 -98.11 -57.55 -38.48
N GLU A 437 -98.92 -58.54 -38.84
CA GLU A 437 -98.44 -59.81 -39.37
C GLU A 437 -97.41 -60.46 -38.44
N SER A 438 -97.37 -60.03 -37.18
CA SER A 438 -96.34 -60.44 -36.24
C SER A 438 -94.94 -60.04 -36.74
N GLY A 439 -94.88 -59.20 -37.77
CA GLY A 439 -93.60 -58.70 -38.24
C GLY A 439 -92.87 -59.64 -39.17
N ASN A 440 -91.85 -60.32 -38.64
CA ASN A 440 -90.96 -61.18 -39.41
C ASN A 440 -90.00 -60.35 -40.27
N GLY A 441 -89.73 -59.13 -39.83
CA GLY A 441 -88.87 -58.22 -40.58
C GLY A 441 -87.47 -58.14 -40.03
N ARG A 442 -87.20 -58.83 -38.92
CA ARG A 442 -85.86 -58.81 -38.36
C ARG A 442 -84.85 -59.47 -39.30
N ASP A 443 -85.25 -60.56 -39.96
CA ASP A 443 -84.38 -61.16 -40.95
C ASP A 443 -84.14 -60.22 -42.14
N VAL A 444 -85.16 -59.50 -42.56
CA VAL A 444 -84.99 -58.52 -43.63
C VAL A 444 -83.99 -57.45 -43.23
N LEU A 445 -84.11 -56.96 -42.00
CA LEU A 445 -83.15 -55.98 -41.50
C LEU A 445 -81.74 -56.55 -41.44
N MET A 446 -81.61 -57.81 -41.00
CA MET A 446 -80.29 -58.43 -40.95
C MET A 446 -79.67 -58.54 -42.34
N ARG A 447 -80.48 -58.89 -43.34
CA ARG A 447 -79.94 -58.99 -44.70
C ARG A 447 -79.56 -57.63 -45.25
N MET A 448 -80.36 -56.59 -44.94
CA MET A 448 -79.96 -55.23 -45.28
C MET A 448 -78.60 -54.89 -44.67
N LEU A 449 -78.43 -55.23 -43.40
CA LEU A 449 -77.17 -54.95 -42.71
C LEU A 449 -76.01 -55.66 -43.38
N GLU A 450 -76.20 -56.93 -43.74
CA GLU A 450 -75.13 -57.67 -44.39
C GLU A 450 -74.79 -57.07 -45.75
N VAL A 451 -75.81 -56.60 -46.48
CA VAL A 451 -75.56 -55.95 -47.76
C VAL A 451 -74.70 -54.71 -47.57
N PHE A 452 -75.06 -53.89 -46.58
CA PHE A 452 -74.25 -52.69 -46.31
C PHE A 452 -72.82 -53.06 -45.93
N VAL A 453 -72.67 -54.08 -45.09
CA VAL A 453 -71.33 -54.50 -44.67
C VAL A 453 -70.50 -54.92 -45.88
N LEU A 454 -71.09 -55.72 -46.77
CA LEU A 454 -70.35 -56.11 -47.97
C LEU A 454 -70.00 -54.90 -48.82
N LYS A 455 -70.90 -53.91 -48.91
CA LYS A 455 -70.59 -52.72 -49.69
C LYS A 455 -69.34 -52.02 -49.16
N PHE A 456 -69.20 -51.95 -47.82
CA PHE A 456 -67.99 -51.34 -47.27
C PHE A 456 -66.72 -52.02 -47.77
N HIS A 457 -66.70 -53.36 -47.82
CA HIS A 457 -65.50 -54.07 -48.22
C HIS A 457 -65.06 -53.67 -49.63
N THR A 458 -66.01 -53.63 -50.56
CA THR A 458 -65.69 -53.24 -51.93
C THR A 458 -65.24 -51.79 -52.00
N ILE A 459 -65.99 -50.88 -51.38
CA ILE A 459 -65.56 -49.49 -51.36
C ILE A 459 -64.09 -49.41 -50.96
N ALA A 460 -63.76 -49.97 -49.80
CA ALA A 460 -62.40 -49.82 -49.28
C ALA A 460 -61.38 -50.46 -50.20
N ARG A 461 -61.59 -51.71 -50.60
CA ARG A 461 -60.57 -52.39 -51.37
C ARG A 461 -60.33 -51.77 -52.74
N TYR A 462 -61.33 -51.10 -53.33
CA TYR A 462 -61.17 -50.68 -54.71
C TYR A 462 -61.16 -49.16 -54.90
N GLN A 463 -62.17 -48.43 -54.44
CA GLN A 463 -62.21 -47.01 -54.79
C GLN A 463 -61.02 -46.27 -54.18
N LEU A 464 -60.76 -46.51 -52.90
CA LEU A 464 -59.67 -45.82 -52.22
C LEU A 464 -58.31 -46.18 -52.81
N SER A 465 -58.13 -47.42 -53.26
CA SER A 465 -56.83 -47.81 -53.79
C SER A 465 -56.44 -46.94 -54.97
N ALA A 466 -57.37 -46.71 -55.90
CA ALA A 466 -57.09 -45.81 -57.01
C ALA A 466 -57.03 -44.36 -56.54
N ILE A 467 -57.97 -43.94 -55.70
CA ILE A 467 -58.04 -42.54 -55.32
C ILE A 467 -56.74 -42.08 -54.66
N PHE A 468 -56.06 -42.99 -53.97
CA PHE A 468 -54.81 -42.63 -53.31
C PHE A 468 -53.63 -42.56 -54.29
N LYS A 469 -53.68 -43.34 -55.37
CA LYS A 469 -52.49 -43.53 -56.20
C LYS A 469 -52.01 -42.22 -56.83
N LYS A 470 -52.86 -41.21 -56.88
CA LYS A 470 -52.64 -40.04 -57.73
C LYS A 470 -52.30 -38.77 -56.96
N CYS A 471 -52.49 -38.75 -55.65
CA CYS A 471 -52.23 -37.55 -54.88
C CYS A 471 -50.74 -37.19 -54.95
N LYS A 472 -50.45 -35.91 -55.17
CA LYS A 472 -49.07 -35.47 -55.32
C LYS A 472 -48.40 -35.40 -53.97
N PRO A 473 -47.35 -36.19 -53.72
CA PRO A 473 -46.64 -36.11 -52.43
C PRO A 473 -45.89 -34.79 -52.30
N GLN A 474 -46.16 -34.06 -51.22
CA GLN A 474 -45.47 -32.80 -50.93
C GLN A 474 -45.61 -31.81 -52.08
N SER A 475 -46.83 -31.38 -52.38
CA SER A 475 -47.07 -30.40 -53.42
C SER A 475 -46.24 -29.14 -53.17
N ASP A 534 -60.91 -30.54 -66.70
CA ASP A 534 -59.87 -31.53 -66.95
C ASP A 534 -60.26 -32.89 -66.36
N LYS A 535 -59.48 -33.90 -66.74
CA LYS A 535 -59.72 -35.24 -66.21
C LYS A 535 -59.52 -35.26 -64.69
N GLU A 536 -58.47 -34.61 -64.20
CA GLU A 536 -58.30 -34.47 -62.76
C GLU A 536 -59.42 -33.62 -62.14
N ASP A 537 -59.90 -32.63 -62.88
CA ASP A 537 -60.97 -31.79 -62.35
C ASP A 537 -62.25 -32.60 -62.15
N LYS A 538 -62.47 -33.60 -63.02
CA LYS A 538 -63.60 -34.51 -62.83
C LYS A 538 -63.33 -35.56 -61.76
N GLN A 539 -62.07 -35.99 -61.64
CA GLN A 539 -61.70 -36.88 -60.54
C GLN A 539 -61.98 -36.23 -59.19
N THR A 540 -61.91 -34.90 -59.13
CA THR A 540 -62.34 -34.18 -57.94
C THR A 540 -63.75 -34.58 -57.53
N PHE A 541 -64.70 -34.49 -58.48
CA PHE A 541 -66.08 -34.82 -58.17
C PHE A 541 -66.24 -36.32 -57.91
N GLN A 542 -65.42 -37.13 -58.57
CA GLN A 542 -65.35 -38.55 -58.26
C GLN A 542 -65.08 -38.79 -56.76
N VAL A 543 -64.05 -38.13 -56.25
CA VAL A 543 -63.70 -38.24 -54.83
C VAL A 543 -64.84 -37.75 -53.96
N THR A 544 -65.45 -36.63 -54.35
CA THR A 544 -66.55 -36.08 -53.55
C THR A 544 -67.74 -37.04 -53.51
N ASP A 545 -68.02 -37.72 -54.63
CA ASP A 545 -69.09 -38.71 -54.64
C ASP A 545 -68.77 -39.86 -53.71
N CYS A 546 -67.52 -40.33 -53.71
CA CYS A 546 -67.13 -41.37 -52.76
C CYS A 546 -67.37 -40.91 -51.33
N ARG A 547 -66.97 -39.68 -51.03
CA ARG A 547 -67.19 -39.12 -49.69
C ARG A 547 -68.67 -39.17 -49.31
N SER A 548 -69.54 -38.67 -50.20
CA SER A 548 -70.96 -38.62 -49.88
C SER A 548 -71.54 -40.02 -49.71
N LEU A 549 -71.08 -40.97 -50.52
CA LEU A 549 -71.55 -42.35 -50.38
C LEU A 549 -71.22 -42.89 -49.00
N VAL A 550 -69.99 -42.66 -48.53
CA VAL A 550 -69.60 -43.17 -47.22
C VAL A 550 -70.44 -42.50 -46.14
N LYS A 551 -70.64 -41.19 -46.24
CA LYS A 551 -71.45 -40.48 -45.26
C LYS A 551 -72.84 -41.10 -45.16
N THR A 552 -73.49 -41.29 -46.32
CA THR A 552 -74.82 -41.88 -46.32
C THR A 552 -74.82 -43.30 -45.78
N LEU A 553 -73.81 -44.11 -46.10
CA LEU A 553 -73.76 -45.47 -45.59
C LEU A 553 -73.73 -45.49 -44.07
N VAL A 554 -72.89 -44.64 -43.47
CA VAL A 554 -72.81 -44.60 -42.01
C VAL A 554 -74.15 -44.15 -41.43
N CYS A 555 -74.73 -43.10 -42.02
CA CYS A 555 -75.98 -42.58 -41.50
C CYS A 555 -77.08 -43.63 -41.57
N GLY A 556 -77.06 -44.46 -42.61
CA GLY A 556 -78.09 -45.48 -42.74
C GLY A 556 -77.86 -46.67 -41.83
N VAL A 557 -76.60 -47.00 -41.57
CA VAL A 557 -76.30 -48.10 -40.65
C VAL A 557 -76.79 -47.77 -39.25
N LYS A 558 -76.64 -46.50 -38.84
CA LYS A 558 -77.16 -46.10 -37.54
C LYS A 558 -78.66 -46.40 -37.42
N THR A 559 -79.43 -45.97 -38.42
CA THR A 559 -80.87 -46.19 -38.41
C THR A 559 -81.23 -47.67 -38.52
N ILE A 560 -80.47 -48.44 -39.30
CA ILE A 560 -80.72 -49.87 -39.40
C ILE A 560 -80.58 -50.52 -38.05
N THR A 561 -79.52 -50.19 -37.31
CA THR A 561 -79.37 -50.74 -35.96
C THR A 561 -80.50 -50.30 -35.04
N TRP A 562 -80.88 -49.02 -35.10
CA TRP A 562 -82.02 -48.53 -34.34
C TRP A 562 -83.24 -49.41 -34.58
N GLY A 563 -83.55 -49.66 -35.85
CA GLY A 563 -84.70 -50.47 -36.18
C GLY A 563 -84.56 -51.91 -35.74
N ILE A 564 -83.36 -52.48 -35.89
CA ILE A 564 -83.17 -53.88 -35.54
C ILE A 564 -83.44 -54.10 -34.07
N THR A 565 -82.88 -53.26 -33.20
CA THR A 565 -83.04 -53.51 -31.77
C THR A 565 -84.25 -52.81 -31.16
N SER A 566 -85.42 -52.88 -31.79
CA SER A 566 -86.64 -52.38 -31.15
C SER A 566 -87.86 -53.22 -31.50
N CYS A 567 -87.74 -54.54 -31.50
CA CYS A 567 -88.89 -55.37 -31.86
C CYS A 567 -88.73 -56.77 -31.29
N LYS A 568 -89.63 -57.66 -31.72
CA LYS A 568 -89.59 -59.05 -31.32
C LYS A 568 -89.03 -59.93 -32.44
N ALA A 569 -88.75 -61.19 -32.10
CA ALA A 569 -88.30 -62.17 -33.07
C ALA A 569 -89.51 -62.97 -33.55
N PRO A 570 -89.36 -63.92 -34.48
CA PRO A 570 -90.52 -64.70 -34.90
C PRO A 570 -91.23 -65.34 -33.71
N GLY A 571 -92.47 -64.94 -33.47
CA GLY A 571 -93.13 -65.26 -32.22
C GLY A 571 -92.54 -64.48 -31.08
N ALA A 572 -92.49 -65.13 -29.91
CA ALA A 572 -91.57 -64.65 -28.88
C ALA A 572 -91.87 -63.22 -28.45
N GLN A 573 -92.91 -63.03 -27.63
CA GLN A 573 -93.28 -61.71 -27.14
C GLN A 573 -92.05 -60.84 -26.89
N PHE A 574 -92.20 -59.56 -27.21
CA PHE A 574 -91.08 -58.62 -27.18
C PHE A 574 -90.38 -58.59 -25.83
N ILE A 575 -89.05 -58.56 -25.87
CA ILE A 575 -88.22 -58.40 -24.68
C ILE A 575 -87.19 -57.30 -24.95
N PRO A 576 -87.18 -56.21 -24.19
CA PRO A 576 -86.33 -55.07 -24.53
C PRO A 576 -84.86 -55.34 -24.27
N ASN A 577 -84.01 -54.77 -25.12
CA ASN A 577 -82.55 -54.83 -24.97
C ASN A 577 -82.06 -56.27 -24.87
N LYS A 578 -82.60 -57.13 -25.74
CA LYS A 578 -82.14 -58.50 -25.79
C LYS A 578 -80.72 -58.57 -26.36
N GLN A 579 -80.01 -59.62 -25.98
CA GLN A 579 -78.67 -59.83 -26.50
C GLN A 579 -78.74 -60.35 -27.93
N LEU A 580 -77.81 -59.92 -28.76
CA LEU A 580 -77.74 -60.41 -30.12
C LEU A 580 -77.07 -61.78 -30.15
N GLN A 581 -77.27 -62.49 -31.25
CA GLN A 581 -76.76 -63.83 -31.41
C GLN A 581 -75.34 -63.80 -31.98
N PRO A 582 -74.60 -64.91 -31.86
CA PRO A 582 -73.21 -64.89 -32.32
C PRO A 582 -73.04 -64.53 -33.78
N LYS A 583 -73.93 -65.00 -34.66
CA LYS A 583 -73.76 -64.69 -36.07
C LYS A 583 -74.09 -63.23 -36.35
N GLU A 584 -74.86 -62.58 -35.48
CA GLU A 584 -75.05 -61.13 -35.61
C GLU A 584 -73.84 -60.37 -35.09
N THR A 585 -73.23 -60.86 -34.01
CA THR A 585 -72.01 -60.25 -33.50
C THR A 585 -70.89 -60.35 -34.53
N GLN A 586 -70.83 -61.46 -35.26
CA GLN A 586 -69.84 -61.59 -36.33
C GLN A 586 -70.05 -60.54 -37.41
N ILE A 587 -71.30 -60.28 -37.77
CA ILE A 587 -71.58 -59.25 -38.75
C ILE A 587 -71.10 -57.90 -38.26
N TYR A 588 -71.36 -57.58 -37.00
CA TYR A 588 -70.91 -56.30 -36.46
C TYR A 588 -69.39 -56.22 -36.40
N ILE A 589 -68.72 -57.32 -36.08
CA ILE A 589 -67.26 -57.34 -36.11
C ILE A 589 -66.75 -57.00 -37.50
N LYS A 590 -67.32 -57.66 -38.52
CA LYS A 590 -66.92 -57.34 -39.89
C LYS A 590 -67.23 -55.89 -40.22
N LEU A 591 -68.36 -55.38 -39.74
CA LEU A 591 -68.72 -53.99 -39.97
C LEU A 591 -67.64 -53.06 -39.47
N VAL A 592 -67.24 -53.22 -38.21
CA VAL A 592 -66.25 -52.30 -37.66
C VAL A 592 -64.93 -52.43 -38.39
N LYS A 593 -64.48 -53.67 -38.63
CA LYS A 593 -63.19 -53.87 -39.30
C LYS A 593 -63.16 -53.18 -40.65
N TYR A 594 -64.23 -53.32 -41.45
CA TYR A 594 -64.23 -52.73 -42.78
C TYR A 594 -64.49 -51.22 -42.75
N ALA A 595 -65.37 -50.73 -41.87
CA ALA A 595 -65.67 -49.31 -41.85
C ALA A 595 -64.47 -48.49 -41.41
N MET A 596 -63.68 -49.00 -40.45
CA MET A 596 -62.52 -48.22 -40.04
C MET A 596 -61.51 -48.08 -41.17
N GLN A 597 -61.42 -49.06 -42.07
CA GLN A 597 -60.62 -48.87 -43.27
C GLN A 597 -61.28 -47.88 -44.22
N ALA A 598 -62.59 -47.98 -44.39
CA ALA A 598 -63.29 -47.14 -45.35
C ALA A 598 -63.19 -45.66 -45.00
N LEU A 599 -63.20 -45.33 -43.71
CA LEU A 599 -63.23 -43.92 -43.29
C LEU A 599 -61.98 -43.13 -43.64
N ASP A 600 -61.01 -43.70 -44.34
CA ASP A 600 -59.82 -42.92 -44.69
C ASP A 600 -60.08 -41.92 -45.81
N ILE A 601 -61.28 -41.87 -46.39
CA ILE A 601 -61.55 -40.92 -47.46
C ILE A 601 -61.33 -39.49 -47.00
N TYR A 602 -61.56 -39.22 -45.72
CA TYR A 602 -61.48 -37.85 -45.22
C TYR A 602 -60.05 -37.35 -45.09
N GLN A 603 -59.06 -38.16 -45.43
CA GLN A 603 -57.68 -37.72 -45.33
C GLN A 603 -57.21 -37.01 -46.59
N VAL A 604 -58.11 -36.76 -47.54
CA VAL A 604 -57.72 -36.18 -48.81
C VAL A 604 -57.93 -34.67 -48.78
N GLN A 605 -57.04 -33.94 -49.46
CA GLN A 605 -57.11 -32.48 -49.56
C GLN A 605 -57.15 -32.10 -51.03
N ILE A 606 -58.18 -31.36 -51.41
CA ILE A 606 -58.25 -30.76 -52.74
C ILE A 606 -57.41 -29.51 -52.73
N ALA A 607 -56.49 -29.40 -53.68
CA ALA A 607 -55.58 -28.26 -53.70
C ALA A 607 -56.22 -27.07 -54.41
N GLY A 608 -55.63 -25.90 -54.19
CA GLY A 608 -56.12 -24.68 -54.83
C GLY A 608 -55.62 -24.55 -56.25
N ASN A 609 -55.06 -25.62 -56.80
CA ASN A 609 -54.57 -25.62 -58.17
C ASN A 609 -55.19 -26.75 -58.98
N GLY A 610 -55.69 -27.78 -58.30
CA GLY A 610 -56.39 -28.85 -58.97
C GLY A 610 -55.84 -30.23 -58.68
N GLN A 611 -54.68 -30.30 -58.03
CA GLN A 611 -54.07 -31.58 -57.74
C GLN A 611 -54.53 -32.11 -56.38
N THR A 612 -54.74 -33.42 -56.30
CA THR A 612 -55.19 -34.03 -55.05
C THR A 612 -54.01 -34.18 -54.10
N TYR A 613 -54.23 -33.82 -52.83
CA TYR A 613 -53.16 -33.65 -51.86
C TYR A 613 -53.46 -34.52 -50.65
N ILE A 614 -52.49 -35.36 -50.25
CA ILE A 614 -52.71 -36.33 -49.19
C ILE A 614 -52.35 -35.73 -47.84
N ARG A 615 -53.27 -35.86 -46.88
CA ARG A 615 -53.09 -35.23 -45.58
C ARG A 615 -51.86 -35.77 -44.87
N VAL A 616 -51.24 -34.89 -44.07
CA VAL A 616 -50.09 -35.31 -43.26
C VAL A 616 -50.58 -36.17 -42.10
N ALA A 617 -49.66 -36.99 -41.58
CA ALA A 617 -50.05 -38.05 -40.67
C ALA A 617 -50.67 -37.51 -39.39
N ASN A 618 -50.11 -36.43 -38.83
CA ASN A 618 -50.54 -35.97 -37.51
C ASN A 618 -50.27 -34.49 -37.27
N CYS A 619 -51.32 -33.69 -37.10
CA CYS A 619 -51.15 -32.29 -36.74
C CYS A 619 -52.20 -31.78 -35.77
N GLN A 620 -52.98 -32.69 -35.18
CA GLN A 620 -54.04 -32.25 -34.26
C GLN A 620 -54.96 -31.26 -34.94
N THR A 621 -55.71 -31.74 -35.94
CA THR A 621 -56.36 -30.90 -36.91
C THR A 621 -57.54 -30.15 -36.31
N VAL A 622 -58.28 -29.45 -37.19
CA VAL A 622 -59.56 -28.86 -36.82
C VAL A 622 -60.72 -29.61 -37.45
N ARG A 623 -60.44 -30.55 -38.34
CA ARG A 623 -61.39 -31.50 -38.92
C ARG A 623 -62.38 -30.87 -39.91
N MET A 624 -62.35 -29.56 -40.10
CA MET A 624 -63.25 -28.88 -41.02
C MET A 624 -64.71 -29.09 -40.69
N LYS A 625 -65.02 -29.66 -39.52
CA LYS A 625 -66.36 -29.83 -38.96
C LYS A 625 -67.21 -30.83 -39.75
N GLU A 626 -66.71 -31.36 -40.86
CA GLU A 626 -67.49 -32.34 -41.62
C GLU A 626 -67.16 -33.76 -41.19
N GLU A 627 -65.88 -34.05 -40.96
CA GLU A 627 -65.49 -35.38 -40.50
C GLU A 627 -66.02 -35.66 -39.10
N LYS A 628 -66.05 -34.65 -38.24
CA LYS A 628 -66.44 -34.87 -36.85
C LYS A 628 -67.86 -35.40 -36.74
N GLU A 629 -68.78 -34.86 -37.54
CA GLU A 629 -70.17 -35.29 -37.44
C GLU A 629 -70.32 -36.76 -37.78
N VAL A 630 -69.76 -37.18 -38.92
CA VAL A 630 -69.87 -38.58 -39.34
C VAL A 630 -69.16 -39.48 -38.35
N LEU A 631 -68.02 -39.05 -37.80
CA LEU A 631 -67.32 -39.89 -36.84
C LEU A 631 -68.14 -40.07 -35.58
N GLU A 632 -68.69 -38.99 -35.03
CA GLU A 632 -69.51 -39.11 -33.84
C GLU A 632 -70.72 -39.98 -34.10
N HIS A 633 -71.31 -39.87 -35.30
CA HIS A 633 -72.48 -40.68 -35.59
C HIS A 633 -72.11 -42.16 -35.69
N PHE A 634 -71.01 -42.48 -36.36
CA PHE A 634 -70.58 -43.87 -36.42
C PHE A 634 -70.27 -44.41 -35.03
N ALA A 635 -69.72 -43.56 -34.16
CA ALA A 635 -69.52 -43.97 -32.77
C ALA A 635 -70.84 -44.27 -32.09
N GLY A 636 -71.84 -43.41 -32.32
CA GLY A 636 -73.15 -43.59 -31.72
C GLY A 636 -73.84 -44.87 -32.13
N VAL A 637 -73.40 -45.51 -33.21
CA VAL A 637 -74.03 -46.75 -33.65
C VAL A 637 -74.00 -47.80 -32.54
N PHE A 638 -72.84 -47.96 -31.90
CA PHE A 638 -72.62 -49.08 -31.01
C PHE A 638 -73.09 -48.80 -29.58
N THR A 639 -73.42 -47.56 -29.23
CA THR A 639 -73.82 -47.24 -27.88
C THR A 639 -75.15 -47.87 -27.49
N MET A 640 -75.99 -48.23 -28.46
CA MET A 640 -77.31 -48.74 -28.17
C MET A 640 -77.28 -50.17 -27.65
N MET A 641 -76.45 -51.04 -28.23
CA MET A 641 -76.47 -52.44 -27.87
C MET A 641 -76.20 -52.64 -26.39
N ASN A 642 -76.43 -53.86 -25.93
CA ASN A 642 -76.30 -54.17 -24.52
C ASN A 642 -74.85 -54.42 -24.15
N PRO A 643 -74.51 -54.30 -22.87
CA PRO A 643 -73.11 -54.36 -22.46
C PRO A 643 -72.40 -55.64 -22.86
N LEU A 644 -73.08 -56.78 -22.78
CA LEU A 644 -72.40 -58.04 -23.08
C LEU A 644 -72.01 -58.11 -24.56
N THR A 645 -72.91 -57.71 -25.45
CA THR A 645 -72.58 -57.70 -26.86
C THR A 645 -71.48 -56.70 -27.16
N PHE A 646 -71.54 -55.52 -26.53
CA PHE A 646 -70.48 -54.54 -26.73
C PHE A 646 -69.13 -55.10 -26.30
N LYS A 647 -69.09 -55.76 -25.15
CA LYS A 647 -67.86 -56.36 -24.66
C LYS A 647 -67.36 -57.43 -25.62
N GLU A 648 -68.25 -58.28 -26.10
CA GLU A 648 -67.83 -59.34 -27.01
C GLU A 648 -67.24 -58.76 -28.29
N ILE A 649 -67.85 -57.71 -28.83
CA ILE A 649 -67.35 -57.12 -30.07
C ILE A 649 -65.96 -56.52 -29.84
N PHE A 650 -65.83 -55.71 -28.79
CA PHE A 650 -64.59 -54.94 -28.67
C PHE A 650 -63.50 -55.66 -27.91
N GLN A 651 -63.74 -56.86 -27.38
CA GLN A 651 -62.62 -57.65 -26.89
C GLN A 651 -61.81 -58.23 -28.05
N THR A 652 -62.36 -58.18 -29.26
CA THR A 652 -61.63 -58.62 -30.44
C THR A 652 -61.34 -57.48 -31.41
N THR A 653 -62.14 -56.42 -31.39
CA THR A 653 -61.90 -55.31 -32.31
C THR A 653 -60.49 -54.77 -32.16
N VAL A 654 -60.15 -54.22 -31.00
CA VAL A 654 -58.78 -53.79 -30.71
C VAL A 654 -57.93 -55.06 -30.65
N PRO A 655 -56.68 -55.05 -31.13
CA PRO A 655 -55.76 -54.01 -31.58
C PRO A 655 -55.95 -53.43 -32.98
N TYR A 656 -56.94 -53.90 -33.72
CA TYR A 656 -57.13 -53.35 -35.06
C TYR A 656 -57.45 -51.86 -35.01
N MET A 657 -58.29 -51.46 -34.05
CA MET A 657 -58.60 -50.03 -33.91
C MET A 657 -57.36 -49.22 -33.58
N VAL A 658 -56.52 -49.73 -32.68
CA VAL A 658 -55.29 -49.01 -32.34
C VAL A 658 -54.40 -48.86 -33.56
N GLU A 659 -54.24 -49.94 -34.33
CA GLU A 659 -53.43 -49.85 -35.53
C GLU A 659 -54.00 -48.83 -36.52
N ARG A 660 -55.31 -48.82 -36.70
CA ARG A 660 -55.91 -47.86 -37.62
C ARG A 660 -55.69 -46.43 -37.15
N ILE A 661 -55.79 -46.18 -35.84
CA ILE A 661 -55.51 -44.85 -35.33
C ILE A 661 -54.06 -44.47 -35.58
N SER A 662 -53.15 -45.42 -35.45
CA SER A 662 -51.75 -45.15 -35.73
C SER A 662 -51.56 -44.49 -37.08
N LYS A 663 -52.34 -44.91 -38.08
CA LYS A 663 -52.20 -44.38 -39.42
C LYS A 663 -53.09 -43.16 -39.67
N ASN A 664 -54.24 -43.08 -39.03
CA ASN A 664 -55.09 -41.89 -39.14
C ASN A 664 -55.58 -41.51 -37.75
N TYR A 665 -54.77 -40.75 -37.03
CA TYR A 665 -55.12 -40.15 -35.75
C TYR A 665 -56.55 -39.61 -35.70
N ALA A 666 -57.11 -39.15 -36.82
CA ALA A 666 -58.41 -38.52 -36.77
C ALA A 666 -59.47 -39.44 -36.17
N LEU A 667 -59.27 -40.75 -36.25
CA LEU A 667 -60.22 -41.71 -35.70
C LEU A 667 -60.23 -41.73 -34.19
N GLN A 668 -59.40 -40.92 -33.53
CA GLN A 668 -59.40 -40.88 -32.07
C GLN A 668 -60.76 -40.53 -31.49
N ILE A 669 -61.59 -39.82 -32.26
CA ILE A 669 -62.88 -39.37 -31.75
C ILE A 669 -63.81 -40.55 -31.51
N VAL A 670 -63.69 -41.61 -32.29
CA VAL A 670 -64.54 -42.78 -32.08
C VAL A 670 -64.34 -43.34 -30.67
N ALA A 671 -63.08 -43.44 -30.24
CA ALA A 671 -62.79 -43.94 -28.89
C ALA A 671 -63.14 -42.89 -27.84
N ASN A 672 -62.86 -41.62 -28.12
CA ASN A 672 -63.20 -40.58 -27.18
C ASN A 672 -64.69 -40.56 -26.88
N SER A 673 -65.52 -40.89 -27.88
CA SER A 673 -66.96 -40.87 -27.68
C SER A 673 -67.42 -42.03 -26.81
N PHE A 674 -66.89 -43.23 -27.04
CA PHE A 674 -67.14 -44.33 -26.12
C PHE A 674 -66.76 -43.95 -24.71
N LEU A 675 -65.62 -43.28 -24.55
CA LEU A 675 -65.19 -42.88 -23.22
C LEU A 675 -66.12 -41.85 -22.59
N ALA A 676 -66.57 -40.86 -23.36
CA ALA A 676 -67.43 -39.81 -22.84
C ALA A 676 -68.83 -40.28 -22.50
N ASN A 677 -69.38 -41.21 -23.27
CA ASN A 677 -70.74 -41.64 -23.04
C ASN A 677 -70.83 -42.44 -21.74
N PRO A 678 -71.95 -42.38 -21.01
CA PRO A 678 -72.13 -43.28 -19.87
C PRO A 678 -72.56 -44.67 -20.29
N THR A 679 -72.50 -45.59 -19.34
CA THR A 679 -73.03 -46.94 -19.51
C THR A 679 -72.15 -47.81 -20.41
N THR A 680 -71.10 -47.24 -21.00
CA THR A 680 -70.17 -47.99 -21.83
C THR A 680 -68.72 -47.59 -21.59
N SER A 681 -68.48 -46.41 -21.02
CA SER A 681 -67.12 -45.93 -20.81
C SER A 681 -66.31 -46.88 -19.96
N ALA A 682 -66.91 -47.43 -18.91
CA ALA A 682 -66.17 -48.34 -18.04
C ALA A 682 -65.68 -49.56 -18.81
N LEU A 683 -66.54 -50.18 -19.61
CA LEU A 683 -66.15 -51.35 -20.38
C LEU A 683 -65.06 -51.01 -21.38
N PHE A 684 -65.24 -49.90 -22.11
CA PHE A 684 -64.25 -49.53 -23.10
C PHE A 684 -62.90 -49.27 -22.44
N ALA A 685 -62.89 -48.56 -21.32
CA ALA A 685 -61.65 -48.26 -20.63
C ALA A 685 -60.99 -49.53 -20.11
N THR A 686 -61.77 -50.46 -19.57
CA THR A 686 -61.20 -51.72 -19.11
C THR A 686 -60.49 -52.42 -20.24
N ILE A 687 -61.14 -52.55 -21.39
CA ILE A 687 -60.53 -53.26 -22.51
C ILE A 687 -59.26 -52.55 -22.96
N LEU A 688 -59.32 -51.22 -23.09
CA LEU A 688 -58.18 -50.49 -23.62
C LEU A 688 -56.99 -50.54 -22.68
N VAL A 689 -57.24 -50.43 -21.37
CA VAL A 689 -56.12 -50.51 -20.42
C VAL A 689 -55.56 -51.91 -20.38
N GLU A 690 -56.40 -52.94 -20.47
CA GLU A 690 -55.88 -54.29 -20.57
C GLU A 690 -54.88 -54.40 -21.72
N TYR A 691 -55.26 -53.89 -22.89
CA TYR A 691 -54.35 -53.96 -24.03
C TYR A 691 -53.07 -53.16 -23.79
N LEU A 692 -53.23 -51.92 -23.31
CA LEU A 692 -52.07 -51.06 -23.13
C LEU A 692 -51.06 -51.63 -22.15
N LEU A 693 -51.55 -52.18 -21.02
CA LEU A 693 -50.63 -52.71 -20.02
C LEU A 693 -49.69 -53.74 -20.63
N ASP A 694 -50.20 -54.61 -21.49
CA ASP A 694 -49.34 -55.59 -22.13
C ASP A 694 -48.50 -54.98 -23.24
N ARG A 695 -48.90 -53.82 -23.76
CA ARG A 695 -48.10 -53.13 -24.76
C ARG A 695 -47.22 -52.03 -24.16
N LEU A 696 -46.73 -52.19 -22.94
CA LEU A 696 -45.89 -51.16 -22.32
C LEU A 696 -44.43 -51.24 -22.75
N PRO A 697 -43.81 -52.42 -22.75
CA PRO A 697 -42.38 -52.48 -23.10
C PRO A 697 -42.04 -51.83 -24.44
N GLU A 698 -43.03 -51.50 -25.27
CA GLU A 698 -42.75 -50.91 -26.57
C GLU A 698 -42.80 -49.39 -26.53
N MET A 699 -43.04 -48.78 -25.39
CA MET A 699 -43.14 -47.33 -25.31
C MET A 699 -41.80 -46.63 -25.26
N GLY A 700 -40.70 -47.36 -25.14
CA GLY A 700 -39.39 -46.74 -25.06
C GLY A 700 -38.45 -47.16 -26.17
N SER A 701 -38.95 -47.94 -27.12
CA SER A 701 -38.13 -48.49 -28.19
C SER A 701 -38.21 -47.67 -29.47
N ASN A 702 -39.41 -47.37 -29.97
CA ASN A 702 -39.56 -46.50 -31.12
C ASN A 702 -40.52 -45.38 -30.75
N VAL A 703 -40.42 -44.27 -31.48
CA VAL A 703 -41.04 -43.03 -31.00
C VAL A 703 -42.48 -42.89 -31.46
N GLU A 704 -42.79 -43.26 -32.70
CA GLU A 704 -44.09 -42.93 -33.27
C GLU A 704 -45.23 -43.57 -32.49
N LEU A 705 -45.07 -44.85 -32.11
CA LEU A 705 -46.13 -45.55 -31.42
C LEU A 705 -46.24 -45.10 -29.96
N SER A 706 -45.13 -44.66 -29.37
CA SER A 706 -45.13 -44.29 -27.96
C SER A 706 -46.00 -43.08 -27.69
N ASN A 707 -45.97 -42.09 -28.58
CA ASN A 707 -46.83 -40.92 -28.40
C ASN A 707 -48.30 -41.31 -28.43
N LEU A 708 -48.68 -42.18 -29.35
CA LEU A 708 -50.06 -42.62 -29.43
C LEU A 708 -50.47 -43.37 -28.16
N TYR A 709 -49.59 -44.24 -27.67
CA TYR A 709 -49.92 -44.95 -26.44
C TYR A 709 -50.09 -44.00 -25.27
N LEU A 710 -49.22 -42.99 -25.17
CA LEU A 710 -49.36 -41.98 -24.12
C LEU A 710 -50.68 -41.25 -24.24
N LYS A 711 -51.08 -40.89 -25.46
CA LYS A 711 -52.34 -40.18 -25.66
C LYS A 711 -53.53 -41.04 -25.23
N LEU A 712 -53.49 -42.33 -25.55
CA LEU A 712 -54.60 -43.21 -25.15
C LEU A 712 -54.66 -43.35 -23.63
N PHE A 713 -53.49 -43.49 -22.98
CA PHE A 713 -53.48 -43.49 -21.52
C PHE A 713 -54.10 -42.22 -20.95
N LYS A 714 -53.74 -41.07 -21.52
CA LYS A 714 -54.28 -39.81 -21.06
C LYS A 714 -55.80 -39.77 -21.20
N LEU A 715 -56.32 -40.27 -22.32
CA LEU A 715 -57.77 -40.29 -22.49
C LEU A 715 -58.45 -41.16 -21.44
N VAL A 716 -57.89 -42.33 -21.15
CA VAL A 716 -58.51 -43.18 -20.13
C VAL A 716 -58.50 -42.48 -18.78
N PHE A 717 -57.37 -41.90 -18.41
CA PHE A 717 -57.29 -41.21 -17.12
C PHE A 717 -58.27 -40.05 -17.07
N GLY A 718 -58.48 -39.35 -18.19
CA GLY A 718 -59.49 -38.32 -18.22
C GLY A 718 -60.88 -38.83 -17.97
N SER A 719 -61.26 -39.92 -18.66
CA SER A 719 -62.59 -40.49 -18.45
C SER A 719 -62.80 -40.89 -16.99
N VAL A 720 -61.72 -41.27 -16.32
CA VAL A 720 -61.83 -41.55 -14.88
C VAL A 720 -62.38 -40.36 -14.13
N SER A 721 -62.11 -39.14 -14.62
CA SER A 721 -62.57 -37.94 -13.92
C SER A 721 -64.02 -37.63 -14.23
N LEU A 722 -64.47 -37.94 -15.44
CA LEU A 722 -65.88 -37.76 -15.76
C LEU A 722 -66.76 -38.69 -14.94
N PHE A 723 -66.40 -39.97 -14.87
CA PHE A 723 -67.27 -40.93 -14.17
C PHE A 723 -66.55 -41.54 -12.97
N ALA A 724 -66.58 -40.82 -11.85
CA ALA A 724 -65.95 -41.28 -10.63
C ALA A 724 -66.67 -42.47 -10.01
N ALA A 725 -68.00 -42.45 -9.99
CA ALA A 725 -68.74 -43.50 -9.31
C ALA A 725 -68.37 -44.89 -9.82
N GLU A 726 -68.01 -45.01 -11.09
CA GLU A 726 -67.73 -46.31 -11.69
C GLU A 726 -66.30 -46.49 -12.17
N ASN A 727 -65.78 -45.58 -13.01
CA ASN A 727 -64.47 -45.83 -13.61
C ASN A 727 -63.34 -45.96 -12.60
N GLU A 728 -63.62 -45.83 -11.29
CA GLU A 728 -62.55 -46.00 -10.32
C GLU A 728 -62.37 -47.46 -9.94
N GLN A 729 -63.46 -48.23 -9.85
CA GLN A 729 -63.33 -49.64 -9.48
C GLN A 729 -62.70 -50.44 -10.60
N MET A 730 -62.77 -49.94 -11.84
CA MET A 730 -62.11 -50.63 -12.94
C MET A 730 -60.61 -50.38 -12.91
N LEU A 731 -60.19 -49.17 -12.60
CA LEU A 731 -58.78 -48.85 -12.51
C LEU A 731 -58.12 -49.36 -11.24
N LYS A 732 -58.89 -49.59 -10.18
CA LYS A 732 -58.27 -49.94 -8.90
C LYS A 732 -57.26 -51.08 -9.03
N PRO A 733 -57.57 -52.19 -9.70
CA PRO A 733 -56.62 -53.32 -9.71
C PRO A 733 -55.42 -53.14 -10.63
N HIS A 734 -55.16 -51.95 -11.15
CA HIS A 734 -54.09 -51.75 -12.11
C HIS A 734 -52.99 -50.80 -11.65
N LEU A 735 -53.29 -49.89 -10.72
CA LEU A 735 -52.32 -48.88 -10.33
C LEU A 735 -50.97 -49.48 -9.98
N HIS A 736 -50.96 -50.57 -9.20
CA HIS A 736 -49.71 -51.18 -8.81
C HIS A 736 -48.86 -51.52 -10.03
N LYS A 737 -49.43 -52.23 -10.99
CA LYS A 737 -48.68 -52.62 -12.16
C LYS A 737 -48.24 -51.41 -12.98
N ILE A 738 -49.16 -50.49 -13.27
CA ILE A 738 -48.78 -49.30 -14.03
C ILE A 738 -47.55 -48.65 -13.41
N VAL A 739 -47.65 -48.31 -12.12
CA VAL A 739 -46.60 -47.54 -11.48
C VAL A 739 -45.29 -48.32 -11.43
N ASN A 740 -45.33 -49.57 -10.96
CA ASN A 740 -44.09 -50.31 -10.80
C ASN A 740 -43.43 -50.59 -12.14
N SER A 741 -44.21 -51.01 -13.14
CA SER A 741 -43.64 -51.34 -14.44
C SER A 741 -43.04 -50.11 -15.10
N SER A 742 -43.69 -48.94 -14.98
CA SER A 742 -43.10 -47.75 -15.58
C SER A 742 -41.73 -47.46 -15.01
N MET A 743 -41.61 -47.48 -13.68
CA MET A 743 -40.34 -47.16 -13.05
C MET A 743 -39.29 -48.21 -13.35
N GLU A 744 -39.69 -49.47 -13.50
CA GLU A 744 -38.72 -50.51 -13.79
C GLU A 744 -38.25 -50.44 -15.24
N LEU A 745 -39.15 -50.12 -16.17
CA LEU A 745 -38.80 -50.09 -17.58
C LEU A 745 -38.01 -48.86 -17.94
N ALA A 746 -38.30 -47.72 -17.32
CA ALA A 746 -37.65 -46.48 -17.70
C ALA A 746 -36.13 -46.57 -17.57
N GLN A 747 -35.65 -47.32 -16.58
CA GLN A 747 -34.21 -47.36 -16.35
C GLN A 747 -33.49 -48.33 -17.27
N THR A 748 -34.14 -48.83 -18.30
CA THR A 748 -33.47 -49.57 -19.37
C THR A 748 -33.98 -49.11 -20.72
N ALA A 749 -35.01 -48.26 -20.73
CA ALA A 749 -35.61 -47.77 -21.95
C ALA A 749 -34.60 -46.97 -22.76
N LYS A 750 -34.75 -47.04 -24.08
CA LYS A 750 -33.92 -46.24 -24.98
C LYS A 750 -34.38 -44.79 -25.00
N GLU A 751 -35.60 -44.51 -24.53
CA GLU A 751 -36.15 -43.17 -24.47
C GLU A 751 -37.26 -43.15 -23.42
N PRO A 752 -36.94 -42.79 -22.17
CA PRO A 752 -37.91 -42.95 -21.08
C PRO A 752 -38.75 -41.73 -20.76
N TYR A 753 -38.74 -40.67 -21.59
CA TYR A 753 -39.46 -39.45 -21.24
C TYR A 753 -40.96 -39.71 -21.09
N ASN A 754 -41.51 -40.59 -21.91
CA ASN A 754 -42.95 -40.78 -21.91
C ASN A 754 -43.42 -41.53 -20.66
N TYR A 755 -42.56 -42.34 -20.05
CA TYR A 755 -42.96 -43.00 -18.82
C TYR A 755 -43.24 -41.97 -17.72
N PHE A 756 -42.38 -40.97 -17.59
CA PHE A 756 -42.61 -39.96 -16.58
C PHE A 756 -43.73 -39.01 -16.98
N LEU A 757 -43.94 -38.79 -18.28
CA LEU A 757 -45.14 -38.07 -18.69
C LEU A 757 -46.41 -38.81 -18.26
N LEU A 758 -46.41 -40.13 -18.43
CA LEU A 758 -47.53 -40.96 -18.00
C LEU A 758 -47.74 -40.87 -16.49
N LEU A 759 -46.64 -40.91 -15.74
CA LEU A 759 -46.75 -40.76 -14.29
C LEU A 759 -47.34 -39.41 -13.92
N ARG A 760 -46.93 -38.34 -14.61
CA ARG A 760 -47.52 -37.03 -14.35
C ARG A 760 -49.02 -37.05 -14.59
N ALA A 761 -49.44 -37.64 -15.71
CA ALA A 761 -50.87 -37.69 -16.01
C ALA A 761 -51.62 -38.46 -14.93
N LEU A 762 -51.06 -39.59 -14.49
CA LEU A 762 -51.71 -40.39 -13.45
C LEU A 762 -51.83 -39.61 -12.15
N PHE A 763 -50.77 -38.91 -11.76
CA PHE A 763 -50.82 -38.11 -10.54
C PHE A 763 -51.86 -37.00 -10.64
N ARG A 764 -51.92 -36.31 -11.78
CA ARG A 764 -52.94 -35.29 -11.95
C ARG A 764 -54.33 -35.88 -11.77
N SER A 765 -54.60 -36.99 -12.45
CA SER A 765 -55.94 -37.58 -12.39
C SER A 765 -56.28 -38.01 -10.97
N ILE A 766 -55.34 -38.62 -10.25
CA ILE A 766 -55.64 -39.08 -8.90
C ILE A 766 -55.82 -37.91 -7.95
N GLY A 767 -54.99 -36.87 -8.09
CA GLY A 767 -55.07 -35.75 -7.17
C GLY A 767 -56.31 -34.90 -7.38
N GLY A 768 -56.80 -34.79 -8.61
CA GLY A 768 -58.00 -34.04 -8.85
C GLY A 768 -59.19 -34.58 -8.08
N GLY A 769 -60.00 -33.69 -7.50
CA GLY A 769 -61.20 -34.10 -6.80
C GLY A 769 -60.92 -34.74 -5.45
N SER A 770 -61.91 -35.50 -5.00
CA SER A 770 -61.83 -36.22 -3.72
C SER A 770 -62.44 -37.60 -3.95
N HIS A 771 -61.58 -38.61 -4.09
CA HIS A 771 -62.01 -39.93 -4.52
C HIS A 771 -61.89 -40.94 -3.39
N ASP A 772 -60.68 -41.07 -2.85
CA ASP A 772 -60.29 -41.89 -1.71
C ASP A 772 -60.25 -43.38 -2.02
N LEU A 773 -60.91 -43.80 -3.09
CA LEU A 773 -60.85 -45.21 -3.48
C LEU A 773 -59.51 -45.51 -4.12
N LEU A 774 -59.04 -44.62 -4.99
CA LEU A 774 -57.68 -44.72 -5.49
C LEU A 774 -56.67 -44.28 -4.45
N TYR A 775 -57.06 -43.38 -3.54
CA TYR A 775 -56.13 -42.92 -2.50
C TYR A 775 -55.66 -44.08 -1.64
N GLN A 776 -56.61 -44.86 -1.11
CA GLN A 776 -56.22 -45.99 -0.26
C GLN A 776 -55.38 -46.99 -1.03
N GLU A 777 -55.74 -47.25 -2.29
CA GLU A 777 -54.97 -48.19 -3.10
C GLU A 777 -53.56 -47.66 -3.34
N PHE A 778 -53.40 -46.35 -3.49
CA PHE A 778 -52.11 -45.75 -3.78
C PHE A 778 -51.20 -45.65 -2.56
N LEU A 779 -51.76 -45.59 -1.36
CA LEU A 779 -50.92 -45.36 -0.19
C LEU A 779 -49.73 -46.30 -0.10
N PRO A 780 -49.87 -47.61 -0.29
CA PRO A 780 -48.71 -48.50 -0.05
C PRO A 780 -47.60 -48.38 -1.09
N LEU A 781 -47.69 -47.45 -2.03
CA LEU A 781 -46.65 -47.29 -3.05
C LEU A 781 -45.67 -46.17 -2.74
N LEU A 782 -45.93 -45.34 -1.73
CA LEU A 782 -45.10 -44.17 -1.47
C LEU A 782 -43.65 -44.51 -1.18
N PRO A 783 -43.37 -45.45 -0.26
CA PRO A 783 -41.99 -45.62 0.19
C PRO A 783 -40.99 -45.85 -0.93
N ASN A 784 -41.36 -46.63 -1.95
CA ASN A 784 -40.43 -46.93 -3.02
C ASN A 784 -40.47 -45.88 -4.12
N LEU A 785 -41.66 -45.38 -4.44
CA LEU A 785 -41.78 -44.37 -5.47
C LEU A 785 -41.00 -43.11 -5.10
N LEU A 786 -41.16 -42.62 -3.87
CA LEU A 786 -40.45 -41.43 -3.45
C LEU A 786 -38.94 -41.64 -3.46
N GLN A 787 -38.47 -42.79 -3.00
CA GLN A 787 -37.04 -43.05 -2.97
C GLN A 787 -36.46 -43.08 -4.38
N GLY A 788 -37.16 -43.74 -5.31
CA GLY A 788 -36.69 -43.76 -6.69
C GLY A 788 -36.65 -42.37 -7.30
N LEU A 789 -37.70 -41.59 -7.05
CA LEU A 789 -37.73 -40.23 -7.58
C LEU A 789 -36.61 -39.39 -7.00
N ASN A 790 -36.33 -39.54 -5.71
CA ASN A 790 -35.26 -38.78 -5.09
C ASN A 790 -33.91 -39.12 -5.71
N MET A 791 -33.64 -40.41 -5.92
CA MET A 791 -32.39 -40.79 -6.56
C MET A 791 -32.29 -40.20 -7.97
N LEU A 792 -33.37 -40.32 -8.75
CA LEU A 792 -33.36 -39.78 -10.10
C LEU A 792 -33.07 -38.30 -10.10
N GLN A 793 -33.78 -37.52 -9.28
CA GLN A 793 -33.61 -36.08 -9.30
C GLN A 793 -32.25 -35.67 -8.76
N SER A 794 -31.63 -36.47 -7.91
CA SER A 794 -30.28 -36.15 -7.46
C SER A 794 -29.25 -36.42 -8.55
N GLY A 795 -29.49 -37.42 -9.39
CA GLY A 795 -28.56 -37.73 -10.46
C GLY A 795 -28.38 -36.59 -11.44
N LEU A 796 -27.45 -36.79 -12.37
CA LEU A 796 -27.18 -35.82 -13.44
C LEU A 796 -28.02 -36.17 -14.67
N HIS A 797 -28.68 -35.16 -15.26
CA HIS A 797 -29.59 -35.38 -16.37
C HIS A 797 -29.69 -34.11 -17.20
N LYS A 798 -30.42 -34.21 -18.30
CA LYS A 798 -30.72 -33.04 -19.10
C LYS A 798 -31.81 -32.20 -18.43
N GLN A 799 -31.99 -30.99 -18.94
CA GLN A 799 -32.78 -29.99 -18.22
C GLN A 799 -34.26 -30.36 -18.17
N HIS A 800 -34.84 -30.74 -19.31
CA HIS A 800 -36.26 -31.03 -19.33
C HIS A 800 -36.58 -32.29 -18.52
N MET A 801 -35.62 -33.22 -18.40
CA MET A 801 -35.83 -34.38 -17.56
C MET A 801 -35.72 -34.03 -16.08
N LYS A 802 -34.76 -33.19 -15.72
CA LYS A 802 -34.64 -32.79 -14.31
C LYS A 802 -35.85 -32.00 -13.86
N ASP A 803 -36.38 -31.14 -14.73
CA ASP A 803 -37.59 -30.40 -14.38
C ASP A 803 -38.74 -31.34 -14.10
N LEU A 804 -38.92 -32.36 -14.94
CA LEU A 804 -39.98 -33.34 -14.72
C LEU A 804 -39.76 -34.11 -13.43
N PHE A 805 -38.52 -34.50 -13.14
CA PHE A 805 -38.24 -35.19 -11.88
C PHE A 805 -38.63 -34.33 -10.69
N VAL A 806 -38.25 -33.05 -10.69
CA VAL A 806 -38.57 -32.17 -9.58
C VAL A 806 -40.07 -32.01 -9.45
N GLU A 807 -40.76 -31.81 -10.57
CA GLU A 807 -42.21 -31.66 -10.54
C GLU A 807 -42.87 -32.90 -9.95
N LEU A 808 -42.42 -34.08 -10.37
CA LEU A 808 -42.99 -35.31 -9.84
C LEU A 808 -42.73 -35.46 -8.35
N CYS A 809 -41.53 -35.09 -7.90
CA CYS A 809 -41.23 -35.18 -6.47
C CYS A 809 -42.10 -34.23 -5.65
N LEU A 810 -42.38 -33.05 -6.17
CA LEU A 810 -43.13 -32.06 -5.39
C LEU A 810 -44.64 -32.19 -5.52
N THR A 811 -45.16 -32.85 -6.55
CA THR A 811 -46.60 -32.86 -6.76
C THR A 811 -47.21 -34.25 -6.63
N VAL A 812 -46.79 -35.02 -5.64
CA VAL A 812 -47.41 -36.32 -5.39
C VAL A 812 -48.79 -36.10 -4.78
N PRO A 813 -49.82 -36.82 -5.22
CA PRO A 813 -51.20 -36.52 -4.79
C PRO A 813 -51.57 -37.21 -3.47
N VAL A 814 -50.95 -36.75 -2.38
CA VAL A 814 -51.17 -37.31 -1.05
C VAL A 814 -51.18 -36.17 -0.06
N ARG A 815 -51.89 -36.36 1.06
CA ARG A 815 -51.98 -35.31 2.06
C ARG A 815 -50.76 -35.31 2.97
N LEU A 816 -50.55 -34.17 3.62
CA LEU A 816 -49.39 -34.01 4.49
C LEU A 816 -49.41 -34.99 5.65
N SER A 817 -50.58 -35.29 6.21
CA SER A 817 -50.63 -36.25 7.30
C SER A 817 -50.06 -37.60 6.87
N SER A 818 -50.41 -38.06 5.67
CA SER A 818 -49.87 -39.31 5.17
C SER A 818 -48.44 -39.19 4.69
N LEU A 819 -47.98 -37.98 4.39
CA LEU A 819 -46.60 -37.75 3.97
C LEU A 819 -45.64 -37.58 5.15
N LEU A 820 -46.12 -37.67 6.38
CA LEU A 820 -45.33 -37.28 7.54
C LEU A 820 -44.01 -38.05 7.66
N PRO A 821 -44.01 -39.38 7.58
CA PRO A 821 -42.77 -40.11 7.86
C PRO A 821 -41.75 -40.11 6.72
N TYR A 822 -41.94 -39.29 5.69
CA TYR A 822 -41.02 -39.21 4.56
C TYR A 822 -40.62 -37.77 4.27
N LEU A 823 -40.74 -36.90 5.26
CA LEU A 823 -40.41 -35.48 5.07
C LEU A 823 -38.99 -35.29 4.57
N PRO A 824 -38.01 -36.02 5.10
CA PRO A 824 -36.63 -35.84 4.60
C PRO A 824 -36.50 -36.13 3.12
N MET A 825 -37.36 -36.96 2.55
CA MET A 825 -37.22 -37.32 1.14
C MET A 825 -37.73 -36.21 0.24
N LEU A 826 -38.35 -35.17 0.81
CA LEU A 826 -38.89 -34.07 0.04
C LEU A 826 -38.08 -32.78 0.16
N MET A 827 -36.92 -32.82 0.82
CA MET A 827 -36.20 -31.60 1.11
C MET A 827 -35.21 -31.22 0.01
N ASP A 828 -34.45 -32.20 -0.51
CA ASP A 828 -33.56 -31.90 -1.63
C ASP A 828 -34.33 -31.40 -2.85
N PRO A 829 -35.41 -32.06 -3.28
CA PRO A 829 -36.15 -31.52 -4.43
C PRO A 829 -36.68 -30.12 -4.21
N LEU A 830 -37.04 -29.75 -2.98
CA LEU A 830 -37.48 -28.38 -2.73
C LEU A 830 -36.37 -27.38 -3.04
N VAL A 831 -35.17 -27.65 -2.57
CA VAL A 831 -34.04 -26.77 -2.88
C VAL A 831 -33.79 -26.75 -4.38
N SER A 832 -33.83 -27.91 -5.03
CA SER A 832 -33.59 -27.95 -6.46
C SER A 832 -34.62 -27.13 -7.22
N ALA A 833 -35.88 -27.19 -6.79
CA ALA A 833 -36.92 -26.40 -7.44
C ALA A 833 -36.68 -24.91 -7.25
N LEU A 834 -36.26 -24.51 -6.06
CA LEU A 834 -36.05 -23.09 -5.82
C LEU A 834 -34.87 -22.53 -6.59
N ASN A 835 -34.03 -23.37 -7.19
CA ASN A 835 -32.93 -22.89 -8.01
C ASN A 835 -33.15 -23.20 -9.49
N GLY A 836 -34.40 -23.31 -9.92
CA GLY A 836 -34.70 -23.69 -11.28
C GLY A 836 -35.46 -22.64 -12.07
N SER A 837 -36.30 -23.07 -13.00
CA SER A 837 -37.08 -22.16 -13.81
C SER A 837 -38.20 -21.54 -12.99
N GLN A 838 -38.97 -20.67 -13.64
CA GLN A 838 -39.98 -19.89 -12.92
C GLN A 838 -41.11 -20.78 -12.40
N THR A 839 -41.58 -21.72 -13.22
CA THR A 839 -42.66 -22.59 -12.77
C THR A 839 -42.20 -23.48 -11.62
N LEU A 840 -40.97 -24.00 -11.70
CA LEU A 840 -40.43 -24.77 -10.59
C LEU A 840 -40.31 -23.92 -9.33
N VAL A 841 -39.86 -22.68 -9.47
CA VAL A 841 -39.74 -21.81 -8.30
C VAL A 841 -41.10 -21.59 -7.65
N SER A 842 -42.12 -21.33 -8.47
CA SER A 842 -43.46 -21.14 -7.93
C SER A 842 -43.97 -22.39 -7.23
N GLN A 843 -43.75 -23.57 -7.82
CA GLN A 843 -44.21 -24.80 -7.20
C GLN A 843 -43.48 -25.05 -5.89
N GLY A 844 -42.17 -24.79 -5.85
CA GLY A 844 -41.43 -24.96 -4.62
C GLY A 844 -41.89 -24.03 -3.52
N LEU A 845 -42.16 -22.77 -3.88
CA LEU A 845 -42.67 -21.84 -2.88
C LEU A 845 -44.04 -22.27 -2.36
N ARG A 846 -44.91 -22.74 -3.27
CA ARG A 846 -46.21 -23.25 -2.84
C ARG A 846 -46.05 -24.38 -1.84
N THR A 847 -45.19 -25.35 -2.15
CA THR A 847 -45.02 -26.50 -1.26
C THR A 847 -44.42 -26.08 0.08
N LEU A 848 -43.42 -25.20 0.05
CA LEU A 848 -42.80 -24.76 1.31
C LEU A 848 -43.80 -24.02 2.17
N GLU A 849 -44.63 -23.16 1.58
CA GLU A 849 -45.64 -22.46 2.36
C GLU A 849 -46.68 -23.41 2.92
N LEU A 850 -47.10 -24.40 2.12
CA LEU A 850 -48.01 -25.40 2.65
C LEU A 850 -47.43 -26.09 3.87
N CYS A 851 -46.18 -26.52 3.79
CA CYS A 851 -45.56 -27.19 4.93
C CYS A 851 -45.50 -26.27 6.15
N VAL A 852 -45.11 -25.01 5.93
CA VAL A 852 -44.94 -24.09 7.05
C VAL A 852 -46.27 -23.80 7.73
N ASP A 853 -47.35 -23.69 6.96
CA ASP A 853 -48.64 -23.33 7.55
C ASP A 853 -49.20 -24.47 8.39
N ASN A 854 -48.86 -25.72 8.04
CA ASN A 854 -49.53 -26.86 8.65
C ASN A 854 -48.70 -27.50 9.76
N LEU A 855 -47.40 -27.66 9.55
CA LEU A 855 -46.59 -28.36 10.54
C LEU A 855 -46.27 -27.44 11.72
N GLN A 856 -45.78 -28.05 12.80
CA GLN A 856 -45.33 -27.28 13.93
C GLN A 856 -43.94 -26.69 13.65
N PRO A 857 -43.64 -25.51 14.20
CA PRO A 857 -42.33 -24.91 13.92
C PRO A 857 -41.17 -25.77 14.40
N ASP A 858 -41.22 -26.25 15.63
CA ASP A 858 -40.13 -27.07 16.14
C ASP A 858 -39.98 -28.36 15.34
N PHE A 859 -41.10 -29.00 15.01
CA PHE A 859 -41.05 -30.22 14.23
C PHE A 859 -40.41 -29.98 12.86
N LEU A 860 -40.82 -28.92 12.16
CA LEU A 860 -40.31 -28.69 10.82
C LEU A 860 -38.86 -28.23 10.84
N TYR A 861 -38.44 -27.54 11.89
CA TYR A 861 -37.05 -27.11 11.97
C TYR A 861 -36.10 -28.29 11.98
N ASP A 862 -36.38 -29.29 12.81
CA ASP A 862 -35.50 -30.44 12.90
C ASP A 862 -35.41 -31.19 11.57
N HIS A 863 -36.42 -31.05 10.71
CA HIS A 863 -36.42 -31.80 9.46
C HIS A 863 -35.78 -31.02 8.33
N ILE A 864 -35.87 -29.70 8.36
CA ILE A 864 -35.18 -28.89 7.36
C ILE A 864 -33.73 -28.67 7.77
N GLN A 865 -33.38 -29.12 8.97
CA GLN A 865 -32.03 -28.91 9.49
C GLN A 865 -30.94 -29.32 8.51
N PRO A 866 -31.02 -30.49 7.88
CA PRO A 866 -29.90 -30.95 7.05
C PRO A 866 -29.65 -30.11 5.79
N VAL A 867 -30.56 -29.19 5.44
CA VAL A 867 -30.40 -28.44 4.20
C VAL A 867 -30.61 -26.94 4.42
N ARG A 868 -30.42 -26.47 5.66
CA ARG A 868 -30.76 -25.08 5.97
C ARG A 868 -29.94 -24.09 5.17
N ALA A 869 -28.64 -24.31 5.02
CA ALA A 869 -27.82 -23.34 4.33
C ALA A 869 -28.35 -23.10 2.92
N GLU A 870 -28.57 -24.19 2.17
CA GLU A 870 -29.07 -24.07 0.81
C GLU A 870 -30.47 -23.49 0.77
N LEU A 871 -31.35 -23.91 1.68
CA LEU A 871 -32.71 -23.40 1.67
C LEU A 871 -32.72 -21.89 1.89
N MET A 872 -32.00 -21.41 2.90
CA MET A 872 -32.00 -19.99 3.20
C MET A 872 -31.33 -19.20 2.09
N GLN A 873 -30.24 -19.72 1.51
CA GLN A 873 -29.60 -18.99 0.42
C GLN A 873 -30.52 -18.90 -0.79
N ALA A 874 -31.22 -19.98 -1.12
CA ALA A 874 -32.15 -19.92 -2.24
C ALA A 874 -33.28 -18.94 -1.96
N LEU A 875 -33.81 -18.94 -0.74
CA LEU A 875 -34.87 -17.99 -0.41
C LEU A 875 -34.37 -16.55 -0.51
N TRP A 876 -33.17 -16.29 -0.02
CA TRP A 876 -32.61 -14.94 -0.11
C TRP A 876 -32.37 -14.53 -1.56
N ARG A 877 -32.02 -15.48 -2.43
CA ARG A 877 -31.86 -15.15 -3.83
C ARG A 877 -33.19 -14.89 -4.51
N THR A 878 -34.26 -15.56 -4.05
CA THR A 878 -35.56 -15.36 -4.67
C THR A 878 -36.07 -13.93 -4.52
N LEU A 879 -35.55 -13.18 -3.55
CA LEU A 879 -36.01 -11.80 -3.37
C LEU A 879 -35.52 -10.89 -4.48
N ARG A 880 -34.57 -11.35 -5.29
CA ARG A 880 -34.07 -10.59 -6.42
C ARG A 880 -34.70 -11.04 -7.73
N ASN A 881 -35.86 -11.66 -7.69
CA ASN A 881 -36.52 -12.12 -8.90
C ASN A 881 -37.37 -10.99 -9.48
N PRO A 882 -37.27 -10.73 -10.79
CA PRO A 882 -38.07 -9.62 -11.36
C PRO A 882 -39.56 -9.78 -11.18
N ALA A 883 -40.09 -11.00 -11.16
CA ALA A 883 -41.53 -11.20 -11.10
C ALA A 883 -42.04 -11.03 -9.67
N ASP A 884 -42.88 -10.02 -9.47
CA ASP A 884 -43.40 -9.74 -8.14
C ASP A 884 -44.16 -10.92 -7.57
N SER A 885 -44.86 -11.68 -8.43
CA SER A 885 -45.62 -12.84 -7.98
C SER A 885 -44.76 -13.89 -7.33
N ILE A 886 -43.44 -13.79 -7.45
CA ILE A 886 -42.52 -14.70 -6.78
C ILE A 886 -41.91 -14.07 -5.54
N SER A 887 -41.41 -12.84 -5.67
CA SER A 887 -40.74 -12.20 -4.56
C SER A 887 -41.69 -11.94 -3.40
N HIS A 888 -42.95 -11.58 -3.69
CA HIS A 888 -43.88 -11.33 -2.61
C HIS A 888 -44.15 -12.61 -1.81
N VAL A 889 -44.33 -13.73 -2.52
CA VAL A 889 -44.54 -14.99 -1.82
C VAL A 889 -43.31 -15.37 -1.02
N ALA A 890 -42.12 -15.15 -1.59
CA ALA A 890 -40.90 -15.44 -0.86
C ALA A 890 -40.83 -14.64 0.43
N TYR A 891 -41.14 -13.34 0.36
CA TYR A 891 -41.09 -12.50 1.54
C TYR A 891 -42.11 -12.92 2.58
N ARG A 892 -43.32 -13.28 2.16
CA ARG A 892 -44.31 -13.77 3.10
C ARG A 892 -43.84 -15.05 3.79
N VAL A 893 -43.26 -15.97 3.03
CA VAL A 893 -42.78 -17.22 3.63
C VAL A 893 -41.66 -16.94 4.60
N LEU A 894 -40.72 -16.07 4.23
CA LEU A 894 -39.63 -15.71 5.13
C LEU A 894 -40.18 -15.14 6.42
N GLY A 895 -41.18 -14.26 6.32
CA GLY A 895 -41.78 -13.71 7.52
C GLY A 895 -42.40 -14.79 8.39
N LYS A 896 -43.08 -15.75 7.79
CA LYS A 896 -43.77 -16.77 8.57
C LYS A 896 -42.79 -17.67 9.32
N PHE A 897 -41.54 -17.79 8.86
CA PHE A 897 -40.58 -18.61 9.58
C PHE A 897 -40.27 -18.04 10.95
N GLY A 898 -40.15 -16.72 11.05
CA GLY A 898 -39.82 -16.08 12.32
C GLY A 898 -38.33 -15.88 12.50
N GLY A 899 -37.87 -15.93 13.74
CA GLY A 899 -36.47 -15.72 14.02
C GLY A 899 -35.59 -16.75 13.35
N SER A 900 -36.10 -17.96 13.19
CA SER A 900 -35.32 -19.04 12.59
C SER A 900 -34.91 -18.73 11.15
N ASN A 901 -35.41 -17.64 10.58
CA ASN A 901 -35.01 -17.26 9.24
C ASN A 901 -33.65 -16.60 9.20
N ARG A 902 -33.03 -16.33 10.35
CA ARG A 902 -31.74 -15.64 10.38
C ARG A 902 -30.80 -16.23 11.42
N LYS A 903 -30.93 -17.52 11.72
CA LYS A 903 -30.00 -18.17 12.63
C LYS A 903 -28.66 -18.40 11.94
N MET A 904 -27.62 -18.55 12.75
CA MET A 904 -26.28 -18.75 12.22
C MET A 904 -26.25 -20.01 11.36
N LEU A 905 -25.67 -19.88 10.17
CA LEU A 905 -25.45 -21.04 9.30
C LEU A 905 -24.05 -21.59 9.55
N LYS A 906 -23.97 -22.85 9.94
CA LYS A 906 -22.66 -23.49 10.11
C LYS A 906 -21.92 -23.55 8.79
N GLU A 907 -22.62 -23.95 7.72
CA GLU A 907 -22.05 -23.98 6.38
C GLU A 907 -22.20 -22.58 5.77
N SER A 908 -21.24 -21.72 6.05
CA SER A 908 -21.37 -20.32 5.68
C SER A 908 -21.37 -20.17 4.16
N GLN A 909 -21.60 -18.93 3.72
CA GLN A 909 -21.66 -18.64 2.29
C GLN A 909 -20.27 -18.71 1.67
N LYS A 910 -20.23 -18.99 0.37
CA LYS A 910 -18.96 -19.18 -0.32
C LYS A 910 -18.58 -17.93 -1.09
N LEU A 911 -17.28 -17.80 -1.34
CA LEU A 911 -16.71 -16.61 -1.97
C LEU A 911 -15.93 -17.01 -3.20
N HIS A 912 -15.96 -16.14 -4.20
N HIS A 912 -15.92 -16.12 -4.18
CA HIS A 912 -15.19 -16.35 -5.42
CA HIS A 912 -15.20 -16.35 -5.42
C HIS A 912 -13.77 -15.84 -5.23
C HIS A 912 -13.76 -15.83 -5.29
N TYR A 913 -12.80 -16.74 -5.39
CA TYR A 913 -11.40 -16.40 -5.16
C TYR A 913 -10.57 -16.78 -6.37
N VAL A 914 -9.59 -15.94 -6.67
CA VAL A 914 -8.69 -16.11 -7.80
C VAL A 914 -7.39 -16.72 -7.29
N VAL A 915 -6.95 -17.80 -7.95
CA VAL A 915 -5.81 -18.58 -7.49
C VAL A 915 -4.59 -18.41 -8.37
N THR A 916 -4.46 -17.29 -9.08
CA THR A 916 -3.30 -17.08 -9.94
C THR A 916 -3.11 -15.59 -10.15
N GLU A 917 -1.86 -15.20 -10.39
CA GLU A 917 -1.54 -13.82 -10.73
C GLU A 917 -1.17 -13.65 -12.19
N VAL A 918 -0.94 -14.75 -12.91
CA VAL A 918 -0.64 -14.67 -14.34
C VAL A 918 -1.88 -14.18 -15.07
N GLN A 919 -1.69 -13.23 -15.98
CA GLN A 919 -2.82 -12.64 -16.69
C GLN A 919 -3.19 -13.51 -17.90
N GLY A 920 -4.49 -13.51 -18.21
CA GLY A 920 -4.97 -14.21 -19.36
C GLY A 920 -4.45 -13.60 -20.64
N PRO A 921 -4.78 -14.23 -21.77
CA PRO A 921 -4.33 -13.70 -23.07
C PRO A 921 -5.14 -12.48 -23.47
N SER A 922 -4.60 -11.69 -24.39
CA SER A 922 -5.18 -10.42 -24.78
C SER A 922 -4.75 -10.05 -26.19
N ILE A 923 -5.34 -8.97 -26.70
CA ILE A 923 -5.08 -8.47 -28.04
C ILE A 923 -4.51 -7.07 -27.95
N THR A 924 -3.67 -6.70 -28.91
CA THR A 924 -3.03 -5.40 -28.93
C THR A 924 -3.81 -4.44 -29.81
N VAL A 925 -4.03 -3.22 -29.30
CA VAL A 925 -4.74 -2.17 -30.01
C VAL A 925 -3.92 -0.90 -29.95
N GLU A 926 -3.85 -0.18 -31.05
CA GLU A 926 -3.03 1.02 -31.14
C GLU A 926 -3.90 2.27 -31.16
N PHE A 927 -3.33 3.35 -30.63
CA PHE A 927 -3.99 4.66 -30.60
C PHE A 927 -3.00 5.68 -31.11
N SER A 928 -3.01 5.93 -32.43
CA SER A 928 -2.01 6.81 -33.01
C SER A 928 -2.05 8.20 -32.37
N ASP A 929 -3.23 8.66 -31.94
CA ASP A 929 -3.35 10.02 -31.43
C ASP A 929 -2.54 10.22 -30.15
N CYS A 930 -2.22 9.14 -29.45
CA CYS A 930 -1.41 9.23 -28.24
C CYS A 930 -0.11 8.44 -28.33
N LYS A 931 0.09 7.67 -29.39
CA LYS A 931 1.37 7.03 -29.67
C LYS A 931 1.67 5.93 -28.65
N ALA A 932 0.66 5.10 -28.40
CA ALA A 932 0.79 4.01 -27.46
C ALA A 932 -0.27 2.96 -27.75
N SER A 933 -0.15 1.82 -27.10
CA SER A 933 -1.05 0.69 -27.32
C SER A 933 -1.47 0.09 -25.98
N LEU A 934 -2.48 -0.78 -26.04
CA LEU A 934 -3.05 -1.39 -24.85
C LEU A 934 -3.06 -2.90 -25.03
N GLN A 935 -3.73 -3.58 -24.10
CA GLN A 935 -3.97 -5.01 -24.18
C GLN A 935 -5.43 -5.26 -23.78
N LEU A 936 -6.21 -5.80 -24.69
CA LEU A 936 -7.61 -6.05 -24.42
C LEU A 936 -7.79 -7.50 -23.97
N PRO A 937 -8.17 -7.74 -22.71
CA PRO A 937 -8.32 -9.13 -22.26
C PRO A 937 -9.47 -9.84 -22.97
N MET A 938 -9.33 -11.17 -23.06
CA MET A 938 -10.20 -11.98 -23.91
C MET A 938 -10.89 -13.11 -23.15
N GLU A 939 -10.52 -13.33 -21.89
CA GLU A 939 -11.06 -14.46 -21.14
C GLU A 939 -12.58 -14.40 -21.06
N LYS A 940 -13.12 -13.25 -20.65
CA LYS A 940 -14.56 -13.13 -20.48
C LYS A 940 -15.29 -13.12 -21.82
N ALA A 941 -14.69 -12.52 -22.84
CA ALA A 941 -15.31 -12.50 -24.16
C ALA A 941 -15.44 -13.91 -24.73
N ILE A 942 -14.41 -14.74 -24.56
CA ILE A 942 -14.49 -16.10 -25.07
C ILE A 942 -15.61 -16.87 -24.38
N GLU A 943 -15.73 -16.72 -23.07
CA GLU A 943 -16.80 -17.39 -22.33
C GLU A 943 -18.17 -16.92 -22.80
N THR A 944 -18.33 -15.61 -22.97
CA THR A 944 -19.61 -15.09 -23.43
C THR A 944 -19.97 -15.64 -24.80
N ALA A 945 -18.99 -15.67 -25.72
CA ALA A 945 -19.25 -16.21 -27.04
C ALA A 945 -19.61 -17.68 -27.00
N LEU A 946 -18.91 -18.47 -26.19
CA LEU A 946 -19.22 -19.89 -26.09
C LEU A 946 -20.62 -20.10 -25.56
N ASP A 947 -21.02 -19.33 -24.54
CA ASP A 947 -22.36 -19.47 -24.00
C ASP A 947 -23.42 -19.06 -25.01
N CYS A 948 -23.17 -17.99 -25.77
CA CYS A 948 -24.12 -17.59 -26.80
C CYS A 948 -24.27 -18.66 -27.87
N LEU A 949 -23.17 -19.33 -28.22
CA LEU A 949 -23.26 -20.40 -29.20
C LEU A 949 -24.03 -21.60 -28.64
N LYS A 950 -23.76 -21.97 -27.39
CA LYS A 950 -24.45 -23.12 -26.82
C LYS A 950 -25.94 -22.87 -26.67
N SER A 951 -26.33 -21.68 -26.24
CA SER A 951 -27.74 -21.43 -25.94
C SER A 951 -28.60 -21.60 -27.18
N ALA A 952 -29.88 -21.89 -26.97
CA ALA A 952 -30.83 -22.00 -28.07
C ALA A 952 -31.69 -20.76 -28.23
N ASN A 953 -31.83 -19.95 -27.18
CA ASN A 953 -32.57 -18.70 -27.28
C ASN A 953 -31.80 -17.61 -27.99
N THR A 954 -30.50 -17.78 -28.20
CA THR A 954 -29.70 -16.77 -28.87
C THR A 954 -30.25 -16.52 -30.27
N GLU A 955 -29.79 -15.43 -30.88
CA GLU A 955 -30.29 -15.05 -32.19
C GLU A 955 -29.19 -15.18 -33.24
N PRO A 956 -29.57 -15.38 -34.51
CA PRO A 956 -28.55 -15.60 -35.55
C PRO A 956 -27.53 -14.47 -35.67
N TYR A 957 -27.95 -13.22 -35.51
CA TYR A 957 -27.00 -12.11 -35.62
C TYR A 957 -25.90 -12.23 -34.58
N TYR A 958 -26.29 -12.47 -33.32
CA TYR A 958 -25.30 -12.57 -32.26
C TYR A 958 -24.51 -13.87 -32.38
N ARG A 959 -25.10 -14.93 -32.92
CA ARG A 959 -24.34 -16.14 -33.19
C ARG A 959 -23.21 -15.86 -34.17
N ARG A 960 -23.51 -15.13 -35.25
CA ARG A 960 -22.46 -14.78 -36.20
C ARG A 960 -21.40 -13.90 -35.56
N GLN A 961 -21.81 -12.96 -34.70
CA GLN A 961 -20.84 -12.11 -34.03
C GLN A 961 -19.92 -12.93 -33.13
N ALA A 962 -20.48 -13.89 -32.41
CA ALA A 962 -19.67 -14.76 -31.56
C ALA A 962 -18.70 -15.59 -32.40
N TRP A 963 -19.17 -16.11 -33.53
CA TRP A 963 -18.28 -16.85 -34.42
C TRP A 963 -17.12 -15.98 -34.88
N GLU A 964 -17.41 -14.72 -35.22
CA GLU A 964 -16.35 -13.81 -35.65
C GLU A 964 -15.34 -13.58 -34.52
N VAL A 965 -15.83 -13.37 -33.31
CA VAL A 965 -14.93 -13.14 -32.17
C VAL A 965 -14.02 -14.34 -31.97
N ILE A 966 -14.59 -15.55 -31.99
CA ILE A 966 -13.80 -16.76 -31.76
C ILE A 966 -12.78 -16.94 -32.87
N LYS A 967 -13.18 -16.74 -34.12
CA LYS A 967 -12.24 -16.90 -35.23
C LYS A 967 -11.09 -15.91 -35.12
N CYS A 968 -11.39 -14.66 -34.78
CA CYS A 968 -10.32 -13.68 -34.65
C CYS A 968 -9.36 -14.05 -33.53
N PHE A 969 -9.88 -14.54 -32.40
CA PHE A 969 -8.99 -14.96 -31.32
C PHE A 969 -8.10 -16.11 -31.76
N LEU A 970 -8.68 -17.12 -32.41
CA LEU A 970 -7.88 -18.27 -32.84
C LEU A 970 -6.84 -17.87 -33.88
N VAL A 971 -7.14 -16.88 -34.72
CA VAL A 971 -6.14 -16.41 -35.66
C VAL A 971 -5.03 -15.64 -34.94
N ALA A 972 -5.40 -14.78 -34.00
CA ALA A 972 -4.39 -13.98 -33.31
C ALA A 972 -3.45 -14.84 -32.49
N MET A 973 -3.92 -15.99 -32.00
CA MET A 973 -3.06 -16.84 -31.18
C MET A 973 -2.33 -17.92 -31.96
N MET A 974 -1.59 -17.56 -33.00
CA MET A 974 -0.80 -18.55 -33.73
C MET A 974 0.20 -17.83 -34.63
N SER A 975 1.31 -18.51 -34.91
CA SER A 975 2.46 -17.84 -35.50
C SER A 975 2.16 -17.29 -36.89
N LEU A 976 1.90 -18.17 -37.86
CA LEU A 976 1.71 -17.76 -39.26
C LEU A 976 2.99 -17.21 -39.88
N GLU A 977 4.09 -17.91 -39.67
CA GLU A 977 5.39 -17.51 -40.21
C GLU A 977 6.07 -18.71 -40.87
N ASP A 978 5.34 -19.41 -41.72
CA ASP A 978 5.85 -20.58 -42.43
C ASP A 978 5.84 -20.29 -43.93
N ASN A 979 6.94 -20.59 -44.60
CA ASN A 979 7.03 -20.41 -46.04
C ASN A 979 6.52 -21.65 -46.76
N LYS A 980 5.91 -21.42 -47.92
CA LYS A 980 5.47 -22.53 -48.76
C LYS A 980 6.63 -23.46 -49.09
N HIS A 981 7.84 -22.90 -49.16
N HIS A 981 7.85 -22.91 -49.15
CA HIS A 981 9.00 -23.68 -49.55
CA HIS A 981 8.98 -23.74 -49.55
C HIS A 981 9.69 -24.30 -48.34
C HIS A 981 9.71 -24.31 -48.33
N ALA A 982 9.77 -23.55 -47.24
CA ALA A 982 10.35 -24.10 -46.02
C ALA A 982 9.54 -25.29 -45.52
N LEU A 983 8.21 -25.18 -45.57
CA LEU A 983 7.36 -26.28 -45.11
C LEU A 983 7.66 -27.55 -45.88
N TYR A 984 7.78 -27.45 -47.21
CA TYR A 984 8.07 -28.63 -48.00
C TYR A 984 9.47 -29.14 -47.76
N GLN A 985 10.48 -28.26 -47.74
CA GLN A 985 11.84 -28.73 -47.51
C GLN A 985 11.94 -29.45 -46.17
N LEU A 986 11.10 -29.08 -45.21
CA LEU A 986 11.09 -29.80 -43.94
C LEU A 986 10.38 -31.14 -44.07
N LEU A 987 9.10 -31.12 -44.45
CA LEU A 987 8.30 -32.33 -44.39
C LEU A 987 8.84 -33.40 -45.34
N ALA A 988 9.56 -33.01 -46.39
CA ALA A 988 10.09 -33.99 -47.32
C ALA A 988 11.51 -34.41 -46.95
N HIS A 989 11.72 -34.80 -45.70
CA HIS A 989 13.03 -35.29 -45.28
C HIS A 989 13.01 -36.81 -45.21
N PRO A 990 14.12 -37.50 -45.48
CA PRO A 990 14.11 -38.97 -45.42
C PRO A 990 13.74 -39.53 -44.06
N ASN A 991 13.94 -38.75 -42.99
CA ASN A 991 13.65 -39.26 -41.65
C ASN A 991 12.18 -39.64 -41.50
N PHE A 992 11.27 -38.75 -41.89
CA PHE A 992 9.85 -38.96 -41.64
C PHE A 992 9.33 -40.26 -42.23
N THR A 993 10.05 -40.85 -43.18
CA THR A 993 9.61 -42.07 -43.82
C THR A 993 10.57 -43.23 -43.66
N GLU A 994 11.74 -43.03 -43.06
CA GLU A 994 12.61 -44.19 -42.87
C GLU A 994 13.09 -44.38 -41.44
N LYS A 995 13.16 -43.33 -40.63
CA LYS A 995 13.70 -43.49 -39.30
C LYS A 995 12.67 -44.13 -38.37
N THR A 996 13.17 -44.97 -37.46
CA THR A 996 12.29 -45.62 -36.51
C THR A 996 11.63 -44.59 -35.61
N ILE A 997 10.37 -44.81 -35.28
CA ILE A 997 9.63 -43.88 -34.44
C ILE A 997 9.90 -44.23 -32.97
N PRO A 998 10.17 -43.25 -32.10
CA PRO A 998 10.40 -43.56 -30.69
C PRO A 998 9.10 -43.91 -29.99
N ASN A 999 9.13 -44.97 -29.18
CA ASN A 999 7.95 -45.43 -28.46
C ASN A 999 7.87 -44.70 -27.13
N VAL A 1000 7.25 -43.53 -27.17
CA VAL A 1000 7.07 -42.69 -26.00
C VAL A 1000 5.58 -42.59 -25.70
N ILE A 1001 5.25 -42.53 -24.42
CA ILE A 1001 3.87 -42.52 -23.95
C ILE A 1001 3.54 -41.12 -23.47
N ILE A 1002 2.40 -40.61 -23.87
CA ILE A 1002 1.88 -39.36 -23.35
C ILE A 1002 0.71 -39.66 -22.43
N SER A 1003 0.84 -39.27 -21.16
CA SER A 1003 -0.22 -39.47 -20.18
C SER A 1003 -0.51 -38.13 -19.52
N HIS A 1004 -1.79 -37.87 -19.28
CA HIS A 1004 -2.18 -36.63 -18.63
C HIS A 1004 -2.30 -36.77 -17.12
N ARG A 1005 -1.77 -37.86 -16.56
CA ARG A 1005 -1.60 -37.93 -15.11
C ARG A 1005 -0.52 -36.96 -14.65
N TYR A 1006 0.48 -36.74 -15.50
CA TYR A 1006 1.57 -35.82 -15.20
C TYR A 1006 1.22 -34.37 -15.54
N LYS A 1007 -0.03 -34.10 -15.88
CA LYS A 1007 -0.46 -32.77 -16.25
C LYS A 1007 -0.90 -32.00 -15.00
N ALA A 1008 -0.40 -30.77 -14.88
CA ALA A 1008 -0.74 -29.93 -13.75
C ALA A 1008 -2.07 -29.21 -13.99
N GLN A 1009 -2.38 -28.27 -13.11
CA GLN A 1009 -3.58 -27.47 -13.27
C GLN A 1009 -3.50 -26.63 -14.53
N ASP A 1010 -4.63 -26.51 -15.24
CA ASP A 1010 -4.64 -25.78 -16.49
C ASP A 1010 -4.38 -24.30 -16.24
N THR A 1011 -3.58 -23.70 -17.11
CA THR A 1011 -3.34 -22.27 -17.07
C THR A 1011 -4.51 -21.53 -17.70
N PRO A 1012 -4.63 -20.23 -17.43
CA PRO A 1012 -5.70 -19.45 -18.07
C PRO A 1012 -5.65 -19.50 -19.58
N ALA A 1013 -4.46 -19.46 -20.17
CA ALA A 1013 -4.36 -19.52 -21.63
C ALA A 1013 -4.85 -20.85 -22.17
N ARG A 1014 -4.48 -21.95 -21.51
CA ARG A 1014 -4.93 -23.26 -21.97
C ARG A 1014 -6.44 -23.40 -21.83
N LYS A 1015 -7.01 -22.91 -20.73
CA LYS A 1015 -8.45 -22.93 -20.58
C LYS A 1015 -9.14 -22.13 -21.68
N THR A 1016 -8.62 -20.95 -21.98
CA THR A 1016 -9.18 -20.12 -23.03
C THR A 1016 -9.12 -20.81 -24.38
N PHE A 1017 -7.99 -21.46 -24.69
CA PHE A 1017 -7.89 -22.13 -25.98
C PHE A 1017 -8.84 -23.32 -26.06
N GLU A 1018 -8.97 -24.08 -24.96
CA GLU A 1018 -9.95 -25.15 -24.97
C GLU A 1018 -11.34 -24.62 -25.29
N GLN A 1019 -11.75 -23.54 -24.63
CA GLN A 1019 -13.08 -23.01 -24.85
C GLN A 1019 -13.24 -22.50 -26.28
N ALA A 1020 -12.22 -21.82 -26.80
CA ALA A 1020 -12.31 -21.29 -28.16
C ALA A 1020 -12.42 -22.41 -29.20
N LEU A 1021 -11.62 -23.46 -29.03
CA LEU A 1021 -11.71 -24.58 -29.96
C LEU A 1021 -13.04 -25.30 -29.85
N THR A 1022 -13.58 -25.42 -28.64
CA THR A 1022 -14.92 -25.99 -28.48
C THR A 1022 -15.95 -25.15 -29.23
N GLY A 1023 -15.87 -23.84 -29.09
CA GLY A 1023 -16.81 -22.97 -29.78
C GLY A 1023 -16.70 -23.07 -31.28
N ALA A 1024 -15.49 -23.21 -31.82
CA ALA A 1024 -15.33 -23.36 -33.26
C ALA A 1024 -16.04 -24.60 -33.77
N PHE A 1025 -15.82 -25.74 -33.12
CA PHE A 1025 -16.56 -26.94 -33.47
C PHE A 1025 -18.06 -26.72 -33.38
N MET A 1026 -18.54 -26.16 -32.27
CA MET A 1026 -19.98 -25.91 -32.13
C MET A 1026 -20.50 -25.12 -33.30
N SER A 1027 -19.78 -24.08 -33.71
CA SER A 1027 -20.20 -23.30 -34.87
C SER A 1027 -20.22 -24.15 -36.13
N ALA A 1028 -19.31 -25.11 -36.25
CA ALA A 1028 -19.20 -25.88 -37.48
C ALA A 1028 -20.42 -26.77 -37.70
N VAL A 1029 -21.28 -26.94 -36.69
CA VAL A 1029 -22.42 -27.84 -36.85
C VAL A 1029 -23.73 -27.06 -36.94
N ILE A 1030 -23.68 -25.73 -36.83
CA ILE A 1030 -24.90 -24.95 -36.95
C ILE A 1030 -25.21 -24.70 -38.42
N LYS A 1031 -26.51 -24.75 -38.75
CA LYS A 1031 -26.90 -24.70 -40.15
C LYS A 1031 -26.51 -23.37 -40.79
N ASP A 1032 -26.68 -22.27 -40.07
CA ASP A 1032 -26.49 -20.95 -40.68
C ASP A 1032 -25.02 -20.62 -40.85
N LEU A 1033 -24.14 -21.26 -40.06
CA LEU A 1033 -22.73 -20.93 -40.04
C LEU A 1033 -21.84 -22.00 -40.66
N ARG A 1034 -22.39 -23.17 -40.98
CA ARG A 1034 -21.61 -24.26 -41.53
C ARG A 1034 -20.75 -23.84 -42.72
N PRO A 1035 -21.31 -23.13 -43.70
CA PRO A 1035 -20.58 -22.87 -44.95
C PRO A 1035 -19.26 -22.17 -44.75
N SER A 1036 -19.10 -21.38 -43.70
CA SER A 1036 -17.87 -20.65 -43.45
C SER A 1036 -17.00 -21.30 -42.39
N ALA A 1037 -17.58 -22.10 -41.51
CA ALA A 1037 -16.83 -22.70 -40.43
C ALA A 1037 -16.24 -24.06 -40.78
N LEU A 1038 -16.98 -24.90 -41.49
CA LEU A 1038 -16.51 -26.28 -41.70
C LEU A 1038 -15.13 -26.34 -42.34
N PRO A 1039 -14.88 -25.71 -43.50
CA PRO A 1039 -13.53 -25.75 -44.06
C PRO A 1039 -12.48 -25.11 -43.17
N PHE A 1040 -12.86 -24.05 -42.45
CA PHE A 1040 -11.93 -23.42 -41.52
C PHE A 1040 -11.49 -24.40 -40.45
N VAL A 1041 -12.44 -25.14 -39.88
CA VAL A 1041 -12.09 -26.11 -38.84
C VAL A 1041 -11.25 -27.23 -39.42
N ALA A 1042 -11.57 -27.70 -40.63
CA ALA A 1042 -10.76 -28.75 -41.23
C ALA A 1042 -9.31 -28.30 -41.39
N SER A 1043 -9.10 -27.11 -41.94
CA SER A 1043 -7.74 -26.63 -42.14
C SER A 1043 -7.03 -26.35 -40.82
N LEU A 1044 -7.75 -25.87 -39.81
CA LEU A 1044 -7.12 -25.64 -38.51
C LEU A 1044 -6.68 -26.95 -37.88
N ILE A 1045 -7.49 -27.99 -38.02
CA ILE A 1045 -7.11 -29.31 -37.52
C ILE A 1045 -5.86 -29.80 -38.25
N ARG A 1046 -5.82 -29.63 -39.57
CA ARG A 1046 -4.62 -29.98 -40.32
C ARG A 1046 -3.40 -29.26 -39.76
N HIS A 1047 -3.52 -27.96 -39.51
CA HIS A 1047 -2.41 -27.18 -38.97
C HIS A 1047 -1.92 -27.73 -37.65
N TYR A 1048 -2.85 -28.00 -36.73
CA TYR A 1048 -2.46 -28.49 -35.42
C TYR A 1048 -1.78 -29.86 -35.52
N THR A 1049 -2.32 -30.74 -36.35
CA THR A 1049 -1.72 -32.06 -36.51
C THR A 1049 -0.31 -31.96 -37.08
N MET A 1050 -0.12 -31.08 -38.07
CA MET A 1050 1.21 -30.92 -38.65
C MET A 1050 2.19 -30.36 -37.63
N VAL A 1051 1.76 -29.42 -36.81
CA VAL A 1051 2.65 -28.90 -35.77
C VAL A 1051 3.06 -30.00 -34.82
N ALA A 1052 2.10 -30.81 -34.37
CA ALA A 1052 2.42 -31.90 -33.44
C ALA A 1052 3.37 -32.91 -34.09
N VAL A 1053 3.13 -33.25 -35.35
CA VAL A 1053 3.98 -34.22 -36.03
C VAL A 1053 5.41 -33.70 -36.14
N ALA A 1054 5.56 -32.43 -36.53
CA ALA A 1054 6.89 -31.87 -36.62
C ALA A 1054 7.59 -31.89 -35.26
N GLN A 1055 6.86 -31.56 -34.19
CA GLN A 1055 7.47 -31.56 -32.87
C GLN A 1055 7.90 -32.97 -32.45
N GLN A 1056 7.08 -33.99 -32.77
CA GLN A 1056 7.28 -35.28 -32.14
C GLN A 1056 8.13 -36.25 -32.96
N CYS A 1057 8.23 -36.08 -34.28
CA CYS A 1057 9.08 -36.96 -35.06
C CYS A 1057 9.94 -36.13 -35.99
N GLY A 1058 10.69 -36.82 -36.85
CA GLY A 1058 11.51 -36.16 -37.83
C GLY A 1058 12.92 -35.91 -37.35
N PRO A 1059 13.66 -35.07 -38.06
CA PRO A 1059 15.05 -34.80 -37.67
C PRO A 1059 15.18 -33.85 -36.49
N PHE A 1060 14.29 -32.87 -36.39
CA PHE A 1060 14.32 -31.89 -35.29
C PHE A 1060 13.25 -32.27 -34.28
N LEU A 1061 13.57 -33.21 -33.40
CA LEU A 1061 12.71 -33.55 -32.28
C LEU A 1061 12.81 -32.48 -31.20
N LEU A 1062 11.87 -32.50 -30.26
CA LEU A 1062 12.05 -31.77 -29.03
C LEU A 1062 12.73 -32.67 -28.00
N PRO A 1063 13.46 -32.10 -27.05
CA PRO A 1063 14.22 -32.95 -26.12
C PRO A 1063 13.34 -33.88 -25.30
N CYS A 1064 12.06 -33.58 -25.15
CA CYS A 1064 11.17 -34.39 -24.33
C CYS A 1064 10.50 -35.52 -25.10
N TYR A 1065 10.84 -35.71 -26.38
CA TYR A 1065 10.26 -36.79 -27.18
C TYR A 1065 11.33 -37.75 -27.70
N GLN A 1066 12.53 -37.71 -27.14
CA GLN A 1066 13.62 -38.52 -27.66
C GLN A 1066 13.55 -39.92 -27.05
N VAL A 1067 14.40 -40.82 -27.55
CA VAL A 1067 14.34 -42.21 -27.14
C VAL A 1067 14.57 -42.34 -25.65
N GLY A 1068 13.86 -43.26 -25.01
CA GLY A 1068 14.04 -43.54 -23.61
C GLY A 1068 13.49 -42.50 -22.67
N SER A 1069 12.87 -41.44 -23.19
CA SER A 1069 12.30 -40.42 -22.33
C SER A 1069 10.98 -40.91 -21.76
N GLN A 1070 10.57 -40.29 -20.67
CA GLN A 1070 9.41 -40.72 -19.91
C GLN A 1070 8.32 -39.67 -19.95
N PRO A 1071 7.08 -40.05 -19.67
CA PRO A 1071 6.01 -39.03 -19.57
C PRO A 1071 6.39 -38.00 -18.52
N SER A 1072 6.13 -36.73 -18.83
CA SER A 1072 6.57 -35.63 -18.00
C SER A 1072 5.60 -34.48 -18.08
N THR A 1073 5.90 -33.42 -17.33
CA THR A 1073 5.07 -32.23 -17.36
C THR A 1073 5.44 -31.31 -18.50
N ALA A 1074 6.61 -31.50 -19.11
CA ALA A 1074 7.06 -30.61 -20.18
C ALA A 1074 6.26 -30.78 -21.45
N MET A 1075 5.41 -31.80 -21.53
CA MET A 1075 4.63 -32.02 -22.75
C MET A 1075 3.43 -31.09 -22.82
N PHE A 1076 3.12 -30.40 -21.72
CA PHE A 1076 1.97 -29.52 -21.67
C PHE A 1076 2.39 -28.10 -21.35
N HIS A 1077 1.49 -27.15 -21.61
CA HIS A 1077 1.73 -25.75 -21.29
C HIS A 1077 1.39 -25.53 -19.82
N SER A 1078 2.43 -25.57 -19.00
CA SER A 1078 2.26 -25.44 -17.56
C SER A 1078 2.79 -24.10 -17.07
N GLU A 1079 2.63 -23.87 -15.76
CA GLU A 1079 3.12 -22.65 -15.15
C GLU A 1079 4.61 -22.72 -14.83
N GLU A 1080 5.06 -23.87 -14.32
CA GLU A 1080 6.43 -23.96 -13.82
C GLU A 1080 7.41 -24.43 -14.89
N ASN A 1081 7.23 -25.65 -15.40
CA ASN A 1081 8.18 -26.20 -16.36
C ASN A 1081 7.63 -26.14 -17.78
N GLY A 1082 6.51 -26.82 -18.01
CA GLY A 1082 5.75 -26.65 -19.23
C GLY A 1082 6.57 -26.80 -20.50
N SER A 1083 5.90 -26.47 -21.60
CA SER A 1083 6.51 -26.39 -22.91
C SER A 1083 6.82 -24.94 -23.26
N LYS A 1084 7.52 -24.73 -24.37
CA LYS A 1084 7.96 -23.38 -24.71
C LYS A 1084 6.78 -22.50 -25.07
N GLY A 1085 5.91 -22.97 -25.95
CA GLY A 1085 4.70 -22.24 -26.26
C GLY A 1085 3.48 -23.03 -25.83
N MET A 1086 2.34 -22.79 -26.47
CA MET A 1086 1.21 -23.68 -26.30
C MET A 1086 1.53 -25.02 -26.97
N ASP A 1087 0.90 -26.05 -26.48
CA ASP A 1087 1.09 -27.36 -27.06
C ASP A 1087 -0.05 -27.69 -28.02
N PRO A 1088 0.22 -28.46 -29.07
CA PRO A 1088 -0.86 -28.83 -30.00
C PRO A 1088 -1.83 -29.86 -29.46
N LEU A 1089 -1.64 -30.33 -28.22
CA LEU A 1089 -2.47 -31.39 -27.68
C LEU A 1089 -3.80 -30.89 -27.14
N VAL A 1090 -3.98 -29.58 -26.99
CA VAL A 1090 -5.25 -29.06 -26.48
C VAL A 1090 -6.37 -29.32 -27.47
N LEU A 1091 -6.02 -29.60 -28.73
CA LEU A 1091 -7.04 -29.98 -29.71
C LEU A 1091 -7.75 -31.25 -29.29
N ILE A 1092 -7.00 -32.22 -28.74
CA ILE A 1092 -7.62 -33.46 -28.28
C ILE A 1092 -8.56 -33.18 -27.12
N ASP A 1093 -8.18 -32.27 -26.22
CA ASP A 1093 -9.06 -31.92 -25.12
C ASP A 1093 -10.35 -31.28 -25.62
N ALA A 1094 -10.25 -30.41 -26.61
CA ALA A 1094 -11.45 -29.80 -27.18
C ALA A 1094 -12.33 -30.86 -27.84
N ILE A 1095 -11.72 -31.80 -28.56
CA ILE A 1095 -12.47 -32.87 -29.18
C ILE A 1095 -13.19 -33.71 -28.14
N ALA A 1096 -12.52 -34.01 -27.03
CA ALA A 1096 -13.15 -34.77 -25.96
C ALA A 1096 -14.31 -34.00 -25.35
N ILE A 1097 -14.14 -32.69 -25.16
CA ILE A 1097 -15.25 -31.86 -24.68
C ILE A 1097 -16.45 -31.99 -25.61
N CYS A 1098 -16.23 -31.88 -26.91
CA CYS A 1098 -17.32 -32.00 -27.86
C CYS A 1098 -17.97 -33.37 -27.80
N MET A 1099 -17.16 -34.42 -27.68
CA MET A 1099 -17.70 -35.77 -27.58
C MET A 1099 -18.60 -35.92 -26.36
N ALA A 1100 -18.15 -35.42 -25.22
CA ALA A 1100 -18.87 -35.62 -23.96
C ALA A 1100 -20.02 -34.65 -23.76
N TYR A 1101 -20.10 -33.60 -24.56
CA TYR A 1101 -21.21 -32.65 -24.45
C TYR A 1101 -22.55 -33.38 -24.48
N GLU A 1102 -23.58 -32.73 -23.93
CA GLU A 1102 -24.86 -33.41 -23.76
C GLU A 1102 -25.73 -33.32 -25.00
N GLU A 1103 -25.24 -32.65 -26.05
CA GLU A 1103 -25.89 -32.67 -27.35
C GLU A 1103 -25.14 -33.63 -28.24
N LYS A 1104 -25.82 -34.64 -28.75
CA LYS A 1104 -25.13 -35.72 -29.43
C LYS A 1104 -24.86 -35.42 -30.89
N GLU A 1105 -25.18 -34.22 -31.36
CA GLU A 1105 -24.85 -33.86 -32.72
C GLU A 1105 -23.36 -33.64 -32.91
N LEU A 1106 -22.63 -33.35 -31.82
CA LEU A 1106 -21.23 -33.01 -31.92
C LEU A 1106 -20.32 -34.22 -32.06
N CYS A 1107 -20.82 -35.42 -31.78
CA CYS A 1107 -20.01 -36.61 -32.04
C CYS A 1107 -19.68 -36.73 -33.51
N LYS A 1108 -20.56 -36.25 -34.39
CA LYS A 1108 -20.30 -36.33 -35.82
C LYS A 1108 -19.10 -35.47 -36.21
N ILE A 1109 -19.06 -34.23 -35.71
CA ILE A 1109 -17.91 -33.38 -36.01
C ILE A 1109 -16.66 -33.93 -35.35
N GLY A 1110 -16.80 -34.57 -34.18
CA GLY A 1110 -15.65 -35.21 -33.58
C GLY A 1110 -15.07 -36.30 -34.46
N GLU A 1111 -15.94 -37.14 -35.03
CA GLU A 1111 -15.49 -38.17 -35.95
C GLU A 1111 -14.83 -37.57 -37.17
N VAL A 1112 -15.39 -36.48 -37.69
CA VAL A 1112 -14.79 -35.81 -38.84
C VAL A 1112 -13.37 -35.35 -38.51
N ALA A 1113 -13.20 -34.76 -37.32
CA ALA A 1113 -11.88 -34.28 -36.91
C ALA A 1113 -10.90 -35.42 -36.78
N LEU A 1114 -11.33 -36.53 -36.19
CA LEU A 1114 -10.45 -37.69 -36.05
C LEU A 1114 -10.02 -38.23 -37.41
N ALA A 1115 -10.96 -38.31 -38.35
CA ALA A 1115 -10.61 -38.76 -39.69
C ALA A 1115 -9.59 -37.83 -40.33
N VAL A 1116 -9.77 -36.52 -40.19
CA VAL A 1116 -8.82 -35.58 -40.75
C VAL A 1116 -7.44 -35.79 -40.13
N ILE A 1117 -7.37 -35.95 -38.82
CA ILE A 1117 -6.08 -36.12 -38.15
C ILE A 1117 -5.38 -37.36 -38.69
N PHE A 1118 -6.11 -38.47 -38.76
CA PHE A 1118 -5.50 -39.71 -39.23
C PHE A 1118 -5.02 -39.58 -40.67
N ASP A 1119 -5.81 -38.93 -41.53
CA ASP A 1119 -5.42 -38.78 -42.93
C ASP A 1119 -4.14 -37.95 -43.06
N VAL A 1120 -4.06 -36.83 -42.33
CA VAL A 1120 -2.87 -36.00 -42.42
C VAL A 1120 -1.64 -36.76 -41.93
N ALA A 1121 -1.76 -37.44 -40.79
CA ALA A 1121 -0.62 -38.19 -40.28
C ALA A 1121 -0.18 -39.27 -41.26
N SER A 1122 -1.13 -40.01 -41.83
CA SER A 1122 -0.78 -41.07 -42.76
C SER A 1122 -0.11 -40.50 -43.99
N ILE A 1123 -0.61 -39.39 -44.54
CA ILE A 1123 0.03 -38.82 -45.71
C ILE A 1123 1.47 -38.42 -45.38
N ILE A 1124 1.70 -37.77 -44.24
CA ILE A 1124 3.03 -37.27 -43.96
C ILE A 1124 4.01 -38.41 -43.73
N LEU A 1125 3.56 -39.50 -43.10
CA LEU A 1125 4.50 -40.55 -42.73
C LEU A 1125 4.58 -41.71 -43.73
N GLY A 1126 3.58 -41.88 -44.58
CA GLY A 1126 3.52 -43.05 -45.43
C GLY A 1126 3.12 -44.27 -44.61
N SER A 1127 2.44 -45.24 -45.21
CA SER A 1127 2.27 -46.52 -44.50
C SER A 1127 1.50 -46.36 -43.20
N LYS A 1128 0.17 -46.22 -43.26
CA LYS A 1128 -0.64 -46.01 -42.06
C LYS A 1128 -0.08 -46.72 -40.84
N GLU A 1129 0.43 -47.94 -41.00
CA GLU A 1129 1.10 -48.63 -39.91
C GLU A 1129 1.98 -47.66 -39.11
N ARG A 1130 2.84 -46.91 -39.78
CA ARG A 1130 3.71 -45.98 -39.07
C ARG A 1130 2.93 -44.85 -38.39
N ALA A 1131 1.78 -44.47 -38.95
CA ALA A 1131 1.07 -43.32 -38.43
C ALA A 1131 0.63 -43.53 -36.98
N CYS A 1132 0.03 -44.68 -36.69
CA CYS A 1132 -0.52 -44.92 -35.36
C CYS A 1132 0.57 -45.23 -34.34
N GLN A 1133 1.85 -45.14 -34.72
CA GLN A 1133 2.92 -45.36 -33.78
C GLN A 1133 3.36 -44.07 -33.08
N LEU A 1134 2.70 -42.96 -33.35
CA LEU A 1134 3.07 -41.69 -32.74
C LEU A 1134 2.45 -41.59 -31.34
N PRO A 1135 3.08 -40.82 -30.44
CA PRO A 1135 2.48 -40.60 -29.11
C PRO A 1135 1.14 -39.87 -29.16
N LEU A 1136 0.85 -39.15 -30.24
CA LEU A 1136 -0.43 -38.50 -30.36
C LEU A 1136 -1.57 -39.48 -30.17
N PHE A 1137 -1.44 -40.69 -30.73
CA PHE A 1137 -2.52 -41.65 -30.66
C PHE A 1137 -2.66 -42.25 -29.26
N SER A 1138 -1.54 -42.43 -28.56
CA SER A 1138 -1.63 -42.87 -27.17
C SER A 1138 -2.37 -41.84 -26.34
N TYR A 1139 -2.06 -40.56 -26.54
CA TYR A 1139 -2.78 -39.51 -25.82
C TYR A 1139 -4.25 -39.51 -26.20
N ILE A 1140 -4.56 -39.69 -27.48
CA ILE A 1140 -5.95 -39.75 -27.92
C ILE A 1140 -6.69 -40.87 -27.21
N VAL A 1141 -6.09 -42.06 -27.16
CA VAL A 1141 -6.73 -43.19 -26.51
C VAL A 1141 -7.00 -42.87 -25.05
N GLU A 1142 -5.98 -42.39 -24.34
CA GLU A 1142 -6.17 -42.10 -22.92
C GLU A 1142 -7.28 -41.08 -22.72
N ARG A 1143 -7.24 -39.97 -23.46
CA ARG A 1143 -8.16 -38.87 -23.20
C ARG A 1143 -9.58 -39.22 -23.61
N LEU A 1144 -9.75 -40.10 -24.59
CA LEU A 1144 -11.10 -40.47 -24.98
C LEU A 1144 -11.67 -41.55 -24.07
N CYS A 1145 -10.87 -42.53 -23.66
CA CYS A 1145 -11.36 -43.51 -22.70
C CYS A 1145 -11.63 -42.87 -21.35
N ALA A 1146 -11.00 -41.73 -21.07
CA ALA A 1146 -11.28 -41.02 -19.83
C ALA A 1146 -12.74 -40.61 -19.71
N CYS A 1147 -13.42 -40.39 -20.83
CA CYS A 1147 -14.81 -39.92 -20.76
C CYS A 1147 -15.73 -40.99 -20.23
N CYS A 1148 -15.35 -42.26 -20.33
CA CYS A 1148 -16.22 -43.33 -19.85
C CYS A 1148 -16.33 -43.32 -18.33
N TYR A 1149 -15.31 -42.85 -17.63
CA TYR A 1149 -15.34 -42.79 -16.17
C TYR A 1149 -16.02 -41.54 -15.64
N GLU A 1150 -16.51 -40.68 -16.52
CA GLU A 1150 -17.28 -39.53 -16.06
C GLU A 1150 -18.59 -40.02 -15.44
N GLN A 1151 -19.29 -39.09 -14.79
CA GLN A 1151 -20.50 -39.45 -14.07
C GLN A 1151 -21.73 -39.45 -14.97
N ALA A 1152 -21.77 -38.57 -15.96
CA ALA A 1152 -22.95 -38.39 -16.77
C ALA A 1152 -23.09 -39.48 -17.82
N TRP A 1153 -24.33 -39.95 -18.02
CA TRP A 1153 -24.57 -41.00 -19.00
C TRP A 1153 -24.22 -40.52 -20.40
N TYR A 1154 -24.41 -39.23 -20.69
CA TYR A 1154 -24.10 -38.73 -22.03
C TYR A 1154 -22.59 -38.63 -22.25
N ALA A 1155 -21.82 -38.27 -21.22
CA ALA A 1155 -20.37 -38.33 -21.34
C ALA A 1155 -19.92 -39.77 -21.57
N LYS A 1156 -20.51 -40.73 -20.85
CA LYS A 1156 -20.17 -42.13 -21.07
C LYS A 1156 -20.50 -42.55 -22.49
N LEU A 1157 -21.67 -42.14 -22.99
CA LEU A 1157 -22.08 -42.47 -24.35
C LEU A 1157 -21.10 -41.91 -25.37
N GLY A 1158 -20.66 -40.67 -25.16
CA GLY A 1158 -19.68 -40.09 -26.06
C GLY A 1158 -18.37 -40.87 -26.07
N GLY A 1159 -17.91 -41.26 -24.90
CA GLY A 1159 -16.71 -42.10 -24.83
C GLY A 1159 -16.90 -43.42 -25.58
N VAL A 1160 -18.07 -44.03 -25.41
CA VAL A 1160 -18.34 -45.30 -26.11
C VAL A 1160 -18.33 -45.11 -27.61
N VAL A 1161 -18.92 -44.01 -28.09
CA VAL A 1161 -18.95 -43.75 -29.52
C VAL A 1161 -17.54 -43.54 -30.06
N SER A 1162 -16.71 -42.82 -29.30
CA SER A 1162 -15.32 -42.62 -29.73
C SER A 1162 -14.59 -43.95 -29.82
N ILE A 1163 -14.79 -44.83 -28.84
CA ILE A 1163 -14.16 -46.14 -28.89
C ILE A 1163 -14.63 -46.90 -30.12
N LYS A 1164 -15.93 -46.85 -30.41
CA LYS A 1164 -16.44 -47.54 -31.59
C LYS A 1164 -15.78 -47.02 -32.86
N PHE A 1165 -15.67 -45.70 -33.01
CA PHE A 1165 -15.05 -45.15 -34.21
C PHE A 1165 -13.61 -45.62 -34.38
N LEU A 1166 -12.82 -45.49 -33.32
CA LEU A 1166 -11.41 -45.86 -33.39
C LEU A 1166 -11.23 -47.36 -33.60
N MET A 1167 -12.11 -48.18 -33.04
CA MET A 1167 -11.98 -49.63 -33.19
C MET A 1167 -12.04 -50.04 -34.66
N GLU A 1168 -12.76 -49.28 -35.48
CA GLU A 1168 -13.00 -49.71 -36.85
C GLU A 1168 -12.06 -49.01 -37.82
N ARG A 1169 -11.72 -47.74 -37.58
CA ARG A 1169 -10.95 -47.03 -38.59
C ARG A 1169 -9.49 -47.44 -38.61
N LEU A 1170 -8.88 -47.70 -37.45
CA LEU A 1170 -7.45 -47.88 -37.38
C LEU A 1170 -7.04 -49.34 -37.55
N PRO A 1171 -5.74 -49.62 -37.73
CA PRO A 1171 -5.33 -50.96 -38.11
C PRO A 1171 -5.38 -51.97 -36.97
N LEU A 1172 -5.25 -53.24 -37.38
CA LEU A 1172 -5.48 -54.36 -36.48
C LEU A 1172 -4.41 -54.46 -35.40
N THR A 1173 -3.14 -54.21 -35.74
CA THR A 1173 -2.09 -54.35 -34.73
C THR A 1173 -2.28 -53.34 -33.62
N TRP A 1174 -2.77 -52.14 -33.94
CA TRP A 1174 -3.02 -51.12 -32.93
C TRP A 1174 -4.27 -51.45 -32.12
N VAL A 1175 -5.32 -51.91 -32.80
CA VAL A 1175 -6.52 -52.33 -32.08
C VAL A 1175 -6.18 -53.43 -31.09
N LEU A 1176 -5.32 -54.37 -31.49
CA LEU A 1176 -4.95 -55.47 -30.60
C LEU A 1176 -4.25 -54.95 -29.36
N GLN A 1177 -3.36 -53.98 -29.53
CA GLN A 1177 -2.59 -53.47 -28.40
C GLN A 1177 -3.49 -52.70 -27.43
N ASN A 1178 -4.56 -52.08 -27.93
CA ASN A 1178 -5.45 -51.29 -27.07
C ASN A 1178 -6.73 -52.04 -26.67
N GLN A 1179 -6.87 -53.29 -27.09
CA GLN A 1179 -8.06 -54.07 -26.76
C GLN A 1179 -8.35 -54.11 -25.26
N GLN A 1180 -7.33 -54.29 -24.42
CA GLN A 1180 -7.60 -54.43 -23.00
C GLN A 1180 -8.13 -53.14 -22.39
N THR A 1181 -7.55 -52.00 -22.78
CA THR A 1181 -8.08 -50.71 -22.31
C THR A 1181 -9.52 -50.53 -22.74
N PHE A 1182 -9.83 -50.86 -23.98
CA PHE A 1182 -11.21 -50.72 -24.45
C PHE A 1182 -12.16 -51.62 -23.66
N LEU A 1183 -11.74 -52.86 -23.41
CA LEU A 1183 -12.56 -53.80 -22.65
C LEU A 1183 -12.85 -53.26 -21.26
N LYS A 1184 -11.82 -52.75 -20.59
CA LYS A 1184 -12.03 -52.24 -19.24
C LYS A 1184 -12.95 -51.03 -19.24
N ALA A 1185 -12.79 -50.13 -20.19
CA ALA A 1185 -13.69 -48.97 -20.25
C ALA A 1185 -15.14 -49.41 -20.44
N LEU A 1186 -15.38 -50.34 -21.37
CA LEU A 1186 -16.74 -50.77 -21.64
C LEU A 1186 -17.36 -51.45 -20.42
N LEU A 1187 -16.59 -52.31 -19.76
CA LEU A 1187 -17.11 -52.97 -18.57
C LEU A 1187 -17.40 -51.97 -17.47
N PHE A 1188 -16.56 -50.95 -17.29
CA PHE A 1188 -16.84 -49.94 -16.28
C PHE A 1188 -18.14 -49.21 -16.59
N VAL A 1189 -18.35 -48.85 -17.86
CA VAL A 1189 -19.60 -48.19 -18.22
C VAL A 1189 -20.78 -49.05 -17.83
N MET A 1190 -20.74 -50.33 -18.22
CA MET A 1190 -21.85 -51.22 -17.90
C MET A 1190 -22.08 -51.31 -16.40
N MET A 1191 -21.02 -51.52 -15.62
CA MET A 1191 -21.17 -51.67 -14.18
C MET A 1191 -21.72 -50.40 -13.54
N ASP A 1192 -21.23 -49.24 -13.95
CA ASP A 1192 -21.60 -48.00 -13.27
C ASP A 1192 -23.01 -47.55 -13.64
N LEU A 1193 -23.50 -47.88 -14.82
CA LEU A 1193 -24.83 -47.39 -15.21
C LEU A 1193 -25.96 -48.29 -14.73
N THR A 1194 -25.76 -49.10 -13.71
CA THR A 1194 -26.81 -50.02 -13.26
C THR A 1194 -27.74 -49.33 -12.28
N GLY A 1195 -29.05 -49.58 -12.44
CA GLY A 1195 -30.03 -49.01 -11.55
C GLY A 1195 -30.28 -47.54 -11.77
N GLU A 1196 -30.08 -47.05 -12.98
CA GLU A 1196 -30.19 -45.63 -13.28
C GLU A 1196 -30.70 -45.46 -14.70
N VAL A 1197 -31.26 -44.29 -14.99
CA VAL A 1197 -31.77 -43.98 -16.32
C VAL A 1197 -30.57 -43.76 -17.23
N SER A 1198 -30.25 -44.76 -18.05
CA SER A 1198 -29.17 -44.68 -19.03
C SER A 1198 -29.78 -44.86 -20.40
N ASN A 1199 -29.87 -43.78 -21.16
CA ASN A 1199 -30.69 -43.74 -22.37
C ASN A 1199 -29.97 -44.52 -23.47
N GLY A 1200 -30.00 -45.84 -23.35
CA GLY A 1200 -29.43 -46.71 -24.35
C GLY A 1200 -27.93 -46.86 -24.29
N ALA A 1201 -27.28 -46.24 -23.30
CA ALA A 1201 -25.83 -46.33 -23.19
C ALA A 1201 -25.39 -47.77 -22.93
N VAL A 1202 -26.11 -48.49 -22.08
CA VAL A 1202 -25.72 -49.87 -21.76
C VAL A 1202 -25.85 -50.75 -23.00
N ALA A 1203 -26.94 -50.60 -23.75
CA ALA A 1203 -27.08 -51.37 -24.99
C ALA A 1203 -25.98 -51.03 -25.99
N MET A 1204 -25.66 -49.74 -26.13
CA MET A 1204 -24.58 -49.35 -27.03
C MET A 1204 -23.27 -49.98 -26.61
N ALA A 1205 -22.99 -49.98 -25.31
CA ALA A 1205 -21.76 -50.59 -24.81
C ALA A 1205 -21.72 -52.09 -25.07
N LYS A 1206 -22.83 -52.79 -24.86
CA LYS A 1206 -22.85 -54.22 -25.14
C LYS A 1206 -22.55 -54.49 -26.61
N THR A 1207 -23.19 -53.74 -27.50
CA THR A 1207 -22.96 -53.95 -28.92
C THR A 1207 -21.51 -53.68 -29.29
N THR A 1208 -20.94 -52.60 -28.74
CA THR A 1208 -19.56 -52.28 -29.05
C THR A 1208 -18.60 -53.35 -28.53
N LEU A 1209 -18.85 -53.87 -27.34
CA LEU A 1209 -18.01 -54.94 -26.80
C LEU A 1209 -18.08 -56.18 -27.68
N GLU A 1210 -19.28 -56.57 -28.10
CA GLU A 1210 -19.40 -57.73 -28.97
C GLU A 1210 -18.62 -57.53 -30.26
N GLN A 1211 -18.76 -56.35 -30.89
CA GLN A 1211 -18.03 -56.10 -32.13
C GLN A 1211 -16.51 -56.10 -31.91
N LEU A 1212 -16.05 -55.51 -30.82
CA LEU A 1212 -14.61 -55.48 -30.55
C LEU A 1212 -14.06 -56.88 -30.40
N LEU A 1213 -14.69 -57.70 -29.56
CA LEU A 1213 -14.24 -59.07 -29.41
C LEU A 1213 -14.32 -59.86 -30.70
N MET A 1214 -15.36 -59.64 -31.51
CA MET A 1214 -15.45 -60.33 -32.79
C MET A 1214 -14.30 -59.95 -33.72
N ARG A 1215 -13.96 -58.66 -33.79
CA ARG A 1215 -12.92 -58.23 -34.72
C ARG A 1215 -11.54 -58.66 -34.28
N CYS A 1216 -11.27 -58.64 -32.97
CA CYS A 1216 -9.90 -58.87 -32.53
C CYS A 1216 -9.52 -60.35 -32.58
N ALA A 1217 -10.50 -61.24 -32.63
CA ALA A 1217 -10.24 -62.66 -32.43
C ALA A 1217 -10.33 -63.49 -33.71
N THR A 1218 -10.90 -62.97 -34.79
CA THR A 1218 -11.05 -63.78 -35.99
C THR A 1218 -9.68 -64.29 -36.43
N PRO A 1219 -9.55 -65.58 -36.75
CA PRO A 1219 -8.21 -66.11 -37.09
C PRO A 1219 -7.69 -65.53 -38.39
N LEU A 1220 -6.38 -65.38 -38.46
CA LEU A 1220 -5.73 -64.80 -39.63
C LEU A 1220 -5.46 -65.88 -40.67
N LYS A 1221 -5.52 -65.49 -41.94
CA LYS A 1221 -5.35 -66.42 -43.04
C LYS A 1221 -3.89 -66.49 -43.47
N ASP A 1222 -3.62 -67.35 -44.46
CA ASP A 1222 -2.25 -67.65 -44.84
C ASP A 1222 -1.54 -66.41 -45.41
N GLU A 1223 -2.26 -65.60 -46.19
CA GLU A 1223 -1.64 -64.43 -46.78
C GLU A 1223 -1.15 -63.48 -45.70
N GLU A 1224 -1.94 -63.27 -44.66
CA GLU A 1224 -1.64 -62.25 -43.66
C GLU A 1224 -0.92 -62.80 -42.43
N ARG A 1225 -0.70 -64.10 -42.33
CA ARG A 1225 0.04 -64.60 -41.17
C ARG A 1225 1.45 -64.06 -41.17
N ALA A 1226 1.73 -63.11 -40.28
CA ALA A 1226 3.04 -62.53 -40.12
C ALA A 1226 3.52 -62.66 -38.68
N GLU A 1227 4.85 -62.64 -38.52
CA GLU A 1227 5.44 -62.98 -37.23
C GLU A 1227 5.00 -62.04 -36.12
N GLU A 1228 5.01 -60.74 -36.37
CA GLU A 1228 4.68 -59.77 -35.35
C GLU A 1228 3.20 -59.80 -34.99
N ILE A 1229 2.33 -59.83 -35.99
CA ILE A 1229 0.91 -59.78 -35.72
C ILE A 1229 0.44 -61.04 -35.03
N VAL A 1230 1.05 -62.19 -35.33
CA VAL A 1230 0.64 -63.42 -34.66
C VAL A 1230 0.91 -63.32 -33.15
N ALA A 1231 2.10 -62.87 -32.78
CA ALA A 1231 2.42 -62.73 -31.36
C ALA A 1231 1.55 -61.66 -30.70
N ALA A 1232 1.26 -60.57 -31.42
CA ALA A 1232 0.38 -59.56 -30.86
C ALA A 1232 -0.99 -60.14 -30.54
N GLN A 1233 -1.54 -60.92 -31.48
CA GLN A 1233 -2.84 -61.53 -31.24
C GLN A 1233 -2.78 -62.49 -30.06
N GLU A 1234 -1.70 -63.26 -29.95
CA GLU A 1234 -1.58 -64.18 -28.82
C GLU A 1234 -1.61 -63.43 -27.49
N LYS A 1235 -0.81 -62.37 -27.37
CA LYS A 1235 -0.76 -61.61 -26.12
C LYS A 1235 -2.12 -60.98 -25.79
N SER A 1236 -2.76 -60.40 -26.81
CA SER A 1236 -4.04 -59.75 -26.57
C SER A 1236 -5.09 -60.76 -26.11
N PHE A 1237 -5.13 -61.93 -26.76
CA PHE A 1237 -6.07 -62.95 -26.35
C PHE A 1237 -5.82 -63.39 -24.92
N HIS A 1238 -4.55 -63.61 -24.56
CA HIS A 1238 -4.23 -64.00 -23.19
C HIS A 1238 -4.80 -63.01 -22.18
N HIS A 1239 -4.51 -61.72 -22.37
CA HIS A 1239 -4.97 -60.72 -21.40
C HIS A 1239 -6.50 -60.60 -21.37
N VAL A 1240 -7.14 -60.60 -22.54
CA VAL A 1240 -8.59 -60.43 -22.58
C VAL A 1240 -9.28 -61.60 -21.89
N THR A 1241 -8.81 -62.82 -22.15
CA THR A 1241 -9.43 -63.98 -21.53
C THR A 1241 -9.22 -63.97 -20.02
N HIS A 1242 -8.02 -63.56 -19.56
CA HIS A 1242 -7.83 -63.43 -18.12
C HIS A 1242 -8.87 -62.51 -17.51
N ASP A 1243 -9.08 -61.34 -18.11
CA ASP A 1243 -10.03 -60.39 -17.54
C ASP A 1243 -11.45 -60.94 -17.53
N LEU A 1244 -11.87 -61.55 -18.64
CA LEU A 1244 -13.24 -62.08 -18.69
C LEU A 1244 -13.45 -63.18 -17.65
N VAL A 1245 -12.47 -64.09 -17.53
CA VAL A 1245 -12.63 -65.16 -16.54
C VAL A 1245 -12.70 -64.57 -15.14
N ARG A 1246 -11.86 -63.57 -14.83
CA ARG A 1246 -11.96 -62.94 -13.53
C ARG A 1246 -13.36 -62.41 -13.28
N GLU A 1247 -13.94 -61.72 -14.26
CA GLU A 1247 -15.23 -61.09 -14.03
C GLU A 1247 -16.41 -62.07 -14.10
N VAL A 1248 -16.18 -63.32 -14.50
CA VAL A 1248 -17.30 -64.24 -14.63
C VAL A 1248 -18.07 -64.47 -13.34
N THR A 1249 -17.55 -64.05 -12.20
CA THR A 1249 -18.16 -64.35 -10.90
C THR A 1249 -18.52 -63.08 -10.13
N SER A 1250 -18.76 -62.01 -10.85
CA SER A 1250 -19.02 -60.73 -10.21
C SER A 1250 -20.39 -60.73 -9.53
N PRO A 1251 -20.63 -59.85 -8.55
CA PRO A 1251 -21.98 -59.69 -8.02
C PRO A 1251 -22.87 -58.82 -8.88
N ASN A 1252 -22.31 -58.11 -9.86
CA ASN A 1252 -23.12 -57.35 -10.79
C ASN A 1252 -23.69 -58.27 -11.85
N SER A 1253 -25.02 -58.34 -11.92
CA SER A 1253 -25.66 -59.30 -12.82
C SER A 1253 -25.35 -59.00 -14.27
N THR A 1254 -25.36 -57.72 -14.65
CA THR A 1254 -25.06 -57.36 -16.03
C THR A 1254 -23.66 -57.79 -16.42
N VAL A 1255 -22.67 -57.49 -15.57
CA VAL A 1255 -21.30 -57.86 -15.88
C VAL A 1255 -21.15 -59.37 -15.96
N ARG A 1256 -21.76 -60.10 -15.01
CA ARG A 1256 -21.62 -61.55 -15.00
C ARG A 1256 -22.20 -62.16 -16.27
N LYS A 1257 -23.43 -61.79 -16.62
CA LYS A 1257 -24.06 -62.37 -17.80
C LYS A 1257 -23.31 -61.98 -19.07
N GLN A 1258 -22.81 -60.75 -19.14
CA GLN A 1258 -22.08 -60.36 -20.33
C GLN A 1258 -20.75 -61.07 -20.44
N ALA A 1259 -20.07 -61.33 -19.32
CA ALA A 1259 -18.84 -62.11 -19.37
C ALA A 1259 -19.10 -63.52 -19.87
N MET A 1260 -20.18 -64.14 -19.39
CA MET A 1260 -20.53 -65.47 -19.89
C MET A 1260 -20.79 -65.43 -21.40
N HIS A 1261 -21.58 -64.46 -21.84
CA HIS A 1261 -21.89 -64.37 -23.27
C HIS A 1261 -20.63 -64.14 -24.09
N SER A 1262 -19.72 -63.30 -23.59
CA SER A 1262 -18.50 -63.01 -24.32
C SER A 1262 -17.61 -64.24 -24.43
N LEU A 1263 -17.52 -65.04 -23.36
CA LEU A 1263 -16.75 -66.28 -23.44
C LEU A 1263 -17.34 -67.21 -24.49
N GLN A 1264 -18.65 -67.35 -24.51
CA GLN A 1264 -19.27 -68.19 -25.54
C GLN A 1264 -19.02 -67.65 -26.94
N VAL A 1265 -19.10 -66.33 -27.11
CA VAL A 1265 -18.86 -65.72 -28.41
C VAL A 1265 -17.44 -65.99 -28.87
N LEU A 1266 -16.46 -65.83 -27.98
CA LEU A 1266 -15.08 -66.10 -28.34
C LEU A 1266 -14.88 -67.56 -28.72
N ALA A 1267 -15.48 -68.47 -27.96
CA ALA A 1267 -15.40 -69.87 -28.33
C ALA A 1267 -15.92 -70.09 -29.75
N GLN A 1268 -17.11 -69.57 -30.04
CA GLN A 1268 -17.67 -69.76 -31.37
C GLN A 1268 -16.79 -69.16 -32.46
N VAL A 1269 -16.26 -67.96 -32.24
CA VAL A 1269 -15.47 -67.30 -33.26
C VAL A 1269 -14.19 -68.09 -33.53
N THR A 1270 -13.45 -68.43 -32.47
CA THR A 1270 -12.14 -69.04 -32.67
C THR A 1270 -12.24 -70.52 -33.02
N GLY A 1271 -13.40 -71.15 -32.86
CA GLY A 1271 -13.49 -72.56 -33.15
C GLY A 1271 -12.76 -73.35 -32.08
N LYS A 1272 -13.23 -73.24 -30.85
CA LYS A 1272 -12.66 -73.94 -29.72
C LYS A 1272 -13.74 -74.11 -28.66
N SER A 1273 -13.43 -74.92 -27.66
CA SER A 1273 -14.34 -75.08 -26.54
C SER A 1273 -14.17 -73.93 -25.56
N VAL A 1274 -15.17 -73.76 -24.70
CA VAL A 1274 -15.03 -72.79 -23.61
C VAL A 1274 -14.01 -73.28 -22.60
N THR A 1275 -13.99 -74.59 -22.33
CA THR A 1275 -13.04 -75.14 -21.36
C THR A 1275 -11.61 -74.94 -21.82
N VAL A 1276 -11.32 -75.18 -23.08
CA VAL A 1276 -9.94 -75.04 -23.55
C VAL A 1276 -9.53 -73.58 -23.53
N ILE A 1277 -10.48 -72.67 -23.71
CA ILE A 1277 -10.18 -71.24 -23.60
C ILE A 1277 -9.86 -70.87 -22.16
N MET A 1278 -10.68 -71.31 -21.22
CA MET A 1278 -10.54 -70.89 -19.83
C MET A 1278 -9.47 -71.67 -19.06
N GLU A 1279 -8.98 -72.78 -19.60
CA GLU A 1279 -8.06 -73.63 -18.84
C GLU A 1279 -6.85 -72.89 -18.31
N PRO A 1280 -6.15 -72.11 -19.13
CA PRO A 1280 -4.90 -71.49 -18.65
C PRO A 1280 -5.12 -70.52 -17.50
N HIS A 1281 -6.32 -70.01 -17.31
CA HIS A 1281 -6.59 -68.96 -16.33
C HIS A 1281 -7.32 -69.47 -15.10
N LYS A 1282 -7.62 -70.77 -15.02
CA LYS A 1282 -8.46 -71.25 -13.93
C LYS A 1282 -7.75 -71.15 -12.58
N GLU A 1283 -6.46 -70.86 -12.55
CA GLU A 1283 -5.80 -70.55 -11.29
C GLU A 1283 -6.33 -69.26 -10.67
N VAL A 1284 -7.22 -68.57 -11.36
CA VAL A 1284 -7.78 -67.33 -10.82
C VAL A 1284 -9.06 -67.60 -10.04
N LEU A 1285 -9.69 -68.75 -10.28
CA LEU A 1285 -10.95 -69.06 -9.63
C LEU A 1285 -10.79 -70.10 -8.52
N GLN A 1286 -9.55 -70.35 -8.10
CA GLN A 1286 -9.32 -71.39 -7.10
C GLN A 1286 -10.00 -71.05 -5.78
N ASP A 1287 -9.94 -69.79 -5.35
CA ASP A 1287 -10.54 -69.36 -4.10
C ASP A 1287 -12.03 -69.12 -4.24
N MET A 1288 -12.56 -69.21 -5.45
CA MET A 1288 -13.93 -68.81 -5.75
C MET A 1288 -14.86 -69.98 -6.05
N VAL A 1289 -14.45 -70.90 -6.90
CA VAL A 1289 -15.36 -71.94 -7.38
C VAL A 1289 -15.78 -72.80 -6.18
N PRO A 1290 -14.88 -73.55 -5.55
CA PRO A 1290 -15.16 -73.99 -4.19
C PRO A 1290 -14.98 -72.83 -3.22
N PRO A 1291 -16.07 -72.28 -2.68
CA PRO A 1291 -15.99 -70.93 -2.09
C PRO A 1291 -15.08 -70.78 -0.89
N LYS A 1292 -14.34 -71.82 -0.51
CA LYS A 1292 -13.31 -71.68 0.51
C LYS A 1292 -13.89 -71.58 1.92
N LYS A 1293 -15.15 -71.98 2.09
CA LYS A 1293 -15.78 -72.05 3.42
C LYS A 1293 -15.86 -70.68 4.08
N HIS A 1294 -16.12 -69.65 3.27
CA HIS A 1294 -16.38 -68.34 3.85
C HIS A 1294 -17.75 -68.23 4.49
N LEU A 1295 -18.48 -69.35 4.62
CA LEU A 1295 -19.75 -69.31 5.34
C LEU A 1295 -20.67 -68.29 4.69
N LEU A 1296 -21.19 -68.62 3.49
CA LEU A 1296 -21.92 -67.66 2.69
C LEU A 1296 -22.86 -66.79 3.52
N ARG A 1297 -23.35 -67.30 4.65
CA ARG A 1297 -24.14 -66.45 5.54
C ARG A 1297 -23.44 -65.15 5.87
N HIS A 1298 -22.12 -65.07 5.65
CA HIS A 1298 -21.34 -63.86 5.88
C HIS A 1298 -21.19 -63.02 4.62
N GLN A 1299 -22.17 -63.08 3.73
CA GLN A 1299 -22.09 -62.41 2.43
C GLN A 1299 -23.41 -61.75 2.12
N PRO A 1300 -23.41 -60.70 1.30
CA PRO A 1300 -24.67 -60.15 0.81
C PRO A 1300 -25.32 -61.06 -0.22
N ALA A 1301 -26.63 -60.88 -0.38
CA ALA A 1301 -27.39 -61.77 -1.24
C ALA A 1301 -26.92 -61.70 -2.69
N ASN A 1302 -26.61 -60.50 -3.18
CA ASN A 1302 -26.16 -60.39 -4.55
C ASN A 1302 -24.84 -61.11 -4.78
N ALA A 1303 -23.91 -61.02 -3.83
CA ALA A 1303 -22.66 -61.77 -3.94
C ALA A 1303 -22.92 -63.27 -3.87
N GLN A 1304 -23.85 -63.70 -3.01
CA GLN A 1304 -24.20 -65.12 -2.96
C GLN A 1304 -24.69 -65.59 -4.31
N ILE A 1305 -25.58 -64.83 -4.93
CA ILE A 1305 -26.11 -65.22 -6.24
C ILE A 1305 -25.00 -65.23 -7.27
N GLY A 1306 -24.09 -64.25 -7.22
CA GLY A 1306 -22.99 -64.25 -8.15
C GLY A 1306 -22.15 -65.51 -8.06
N LEU A 1307 -21.80 -65.90 -6.84
CA LEU A 1307 -21.00 -67.12 -6.67
C LEU A 1307 -21.77 -68.35 -7.15
N MET A 1308 -23.05 -68.43 -6.82
CA MET A 1308 -23.84 -69.59 -7.24
C MET A 1308 -23.90 -69.69 -8.75
N GLU A 1309 -24.15 -68.57 -9.42
CA GLU A 1309 -24.22 -68.57 -10.88
C GLU A 1309 -22.87 -68.89 -11.50
N GLY A 1310 -21.78 -68.38 -10.92
CA GLY A 1310 -20.47 -68.73 -11.45
C GLY A 1310 -20.20 -70.21 -11.36
N ASN A 1311 -20.56 -70.83 -10.24
CA ASN A 1311 -20.35 -72.27 -10.11
C ASN A 1311 -21.23 -73.04 -11.06
N THR A 1312 -22.49 -72.63 -11.22
CA THR A 1312 -23.37 -73.27 -12.18
C THR A 1312 -22.77 -73.21 -13.57
N PHE A 1313 -22.24 -72.05 -13.97
CA PHE A 1313 -21.64 -71.91 -15.28
C PHE A 1313 -20.42 -72.82 -15.43
N CYS A 1314 -19.56 -72.87 -14.41
CA CYS A 1314 -18.28 -73.55 -14.58
C CYS A 1314 -18.40 -75.06 -14.39
N THR A 1315 -19.55 -75.53 -13.89
CA THR A 1315 -19.80 -76.96 -13.79
C THR A 1315 -20.89 -77.45 -14.74
N THR A 1316 -20.95 -76.89 -15.94
CA THR A 1316 -21.89 -77.38 -16.95
C THR A 1316 -21.31 -77.39 -18.35
N LEU A 1317 -19.98 -77.45 -18.48
CA LEU A 1317 -19.35 -77.48 -19.79
C LEU A 1317 -19.05 -78.92 -20.19
N GLN A 1318 -18.31 -79.05 -21.29
CA GLN A 1318 -18.00 -80.36 -21.87
C GLN A 1318 -16.62 -80.30 -22.53
N PRO A 1319 -15.56 -80.75 -21.85
CA PRO A 1319 -15.54 -81.30 -20.49
C PRO A 1319 -15.75 -80.25 -19.42
N ARG A 1320 -16.09 -80.68 -18.20
CA ARG A 1320 -16.22 -79.74 -17.11
C ARG A 1320 -14.86 -79.10 -16.80
N LEU A 1321 -14.92 -77.85 -16.34
CA LEU A 1321 -13.69 -77.15 -15.99
C LEU A 1321 -13.31 -77.44 -14.54
N PHE A 1322 -14.31 -77.56 -13.66
CA PHE A 1322 -14.13 -78.04 -12.30
C PHE A 1322 -15.13 -79.14 -12.01
N THR A 1323 -14.77 -80.02 -11.08
CA THR A 1323 -15.60 -81.15 -10.70
C THR A 1323 -15.78 -81.17 -9.20
N MET A 1324 -16.95 -81.59 -8.73
CA MET A 1324 -17.23 -81.69 -7.31
C MET A 1324 -16.85 -83.09 -6.82
N ASP A 1325 -15.93 -83.15 -5.85
CA ASP A 1325 -15.47 -84.45 -5.36
C ASP A 1325 -16.38 -84.97 -4.25
N LEU A 1326 -16.77 -84.11 -3.31
CA LEU A 1326 -17.64 -84.47 -2.20
C LEU A 1326 -16.91 -85.26 -1.12
N ASN A 1327 -15.58 -85.37 -1.24
CA ASN A 1327 -14.76 -85.92 -0.18
C ASN A 1327 -13.78 -84.89 0.36
N VAL A 1328 -14.17 -83.61 0.37
CA VAL A 1328 -13.33 -82.54 0.86
C VAL A 1328 -14.19 -81.63 1.74
N VAL A 1329 -13.54 -81.03 2.73
CA VAL A 1329 -14.25 -80.14 3.65
C VAL A 1329 -14.95 -79.03 2.89
N GLU A 1330 -14.22 -78.35 1.99
CA GLU A 1330 -14.80 -77.22 1.29
C GLU A 1330 -16.01 -77.64 0.47
N HIS A 1331 -15.92 -78.75 -0.27
CA HIS A 1331 -17.04 -79.19 -1.09
C HIS A 1331 -18.24 -79.59 -0.22
N LYS A 1332 -18.00 -80.27 0.89
CA LYS A 1332 -19.12 -80.79 1.67
C LYS A 1332 -19.95 -79.66 2.25
N VAL A 1333 -19.31 -78.64 2.81
CA VAL A 1333 -20.06 -77.56 3.42
C VAL A 1333 -20.84 -76.79 2.36
N PHE A 1334 -20.25 -76.58 1.19
CA PHE A 1334 -20.97 -75.88 0.12
C PHE A 1334 -22.19 -76.66 -0.32
N TYR A 1335 -22.05 -77.97 -0.51
CA TYR A 1335 -23.20 -78.78 -0.90
C TYR A 1335 -24.28 -78.75 0.18
N THR A 1336 -23.89 -78.88 1.45
CA THR A 1336 -24.87 -78.86 2.52
C THR A 1336 -25.58 -77.52 2.60
N GLU A 1337 -24.84 -76.42 2.43
CA GLU A 1337 -25.46 -75.10 2.46
C GLU A 1337 -26.46 -74.93 1.33
N LEU A 1338 -26.10 -75.36 0.12
CA LEU A 1338 -27.04 -75.25 -0.98
C LEU A 1338 -28.29 -76.07 -0.70
N LEU A 1339 -28.13 -77.30 -0.22
CA LEU A 1339 -29.30 -78.13 0.06
C LEU A 1339 -30.17 -77.50 1.14
N ASN A 1340 -29.55 -76.99 2.20
CA ASN A 1340 -30.30 -76.35 3.27
C ASN A 1340 -31.06 -75.13 2.77
N LEU A 1341 -30.42 -74.31 1.94
CA LEU A 1341 -31.10 -73.14 1.41
C LEU A 1341 -32.30 -73.54 0.57
N CYS A 1342 -32.15 -74.56 -0.26
CA CYS A 1342 -33.26 -74.98 -1.10
C CYS A 1342 -34.37 -75.65 -0.30
N GLU A 1343 -34.04 -76.20 0.86
CA GLU A 1343 -35.03 -76.97 1.62
C GLU A 1343 -35.76 -76.16 2.68
N ALA A 1344 -35.07 -75.22 3.34
CA ALA A 1344 -35.62 -74.60 4.54
C ALA A 1344 -36.85 -73.76 4.24
N GLU A 1345 -37.44 -73.22 5.30
CA GLU A 1345 -38.66 -72.44 5.20
C GLU A 1345 -38.34 -70.95 5.05
N ASP A 1346 -39.34 -70.21 4.58
CA ASP A 1346 -39.17 -68.77 4.42
C ASP A 1346 -38.88 -68.09 5.74
N SER A 1347 -39.61 -68.44 6.80
CA SER A 1347 -39.36 -67.83 8.11
C SER A 1347 -37.98 -68.22 8.64
N ALA A 1348 -37.60 -69.48 8.46
CA ALA A 1348 -36.28 -69.91 8.94
C ALA A 1348 -35.18 -69.13 8.24
N LEU A 1349 -35.32 -68.89 6.93
CA LEU A 1349 -34.34 -68.08 6.24
C LEU A 1349 -34.38 -66.63 6.69
N THR A 1350 -35.59 -66.09 6.88
CA THR A 1350 -35.70 -64.66 7.16
C THR A 1350 -35.24 -64.32 8.57
N LYS A 1351 -35.24 -65.29 9.49
CA LYS A 1351 -34.68 -65.02 10.80
C LYS A 1351 -33.18 -64.77 10.75
N LEU A 1352 -32.52 -65.15 9.66
CA LEU A 1352 -31.10 -64.91 9.53
C LEU A 1352 -30.83 -63.43 9.22
N PRO A 1353 -29.67 -62.91 9.62
CA PRO A 1353 -29.41 -61.48 9.39
C PRO A 1353 -29.24 -61.11 7.93
N CYS A 1354 -28.59 -61.97 7.14
CA CYS A 1354 -28.33 -61.61 5.74
C CYS A 1354 -29.62 -61.47 4.95
N TYR A 1355 -30.59 -62.35 5.20
CA TYR A 1355 -31.88 -62.30 4.52
C TYR A 1355 -32.93 -61.52 5.28
N LYS A 1356 -32.66 -60.27 5.65
CA LYS A 1356 -33.63 -59.43 6.36
C LYS A 1356 -34.19 -58.31 5.49
N SER A 1357 -33.32 -57.50 4.91
CA SER A 1357 -33.75 -56.40 4.06
C SER A 1357 -34.28 -56.87 2.71
N LEU A 1358 -34.02 -58.10 2.34
CA LEU A 1358 -34.42 -58.59 1.03
C LEU A 1358 -35.94 -58.46 0.87
N PRO A 1359 -36.41 -57.95 -0.27
CA PRO A 1359 -37.86 -57.83 -0.45
C PRO A 1359 -38.53 -59.12 -0.88
N SER A 1360 -37.85 -59.92 -1.70
CA SER A 1360 -38.53 -61.03 -2.38
C SER A 1360 -38.06 -62.40 -1.93
N LEU A 1361 -36.76 -62.68 -1.97
CA LEU A 1361 -36.17 -63.96 -1.59
C LEU A 1361 -36.33 -65.03 -2.67
N VAL A 1362 -37.00 -64.73 -3.78
CA VAL A 1362 -37.22 -65.72 -4.83
C VAL A 1362 -35.97 -65.91 -5.70
N PRO A 1363 -35.32 -64.84 -6.15
CA PRO A 1363 -34.12 -65.04 -6.98
C PRO A 1363 -33.05 -65.85 -6.30
N LEU A 1364 -32.88 -65.70 -4.99
CA LEU A 1364 -31.92 -66.52 -4.27
C LEU A 1364 -32.27 -68.00 -4.37
N ARG A 1365 -33.54 -68.32 -4.21
CA ARG A 1365 -33.96 -69.72 -4.33
C ARG A 1365 -33.73 -70.25 -5.73
N ILE A 1366 -34.03 -69.45 -6.74
CA ILE A 1366 -33.81 -69.91 -8.11
C ILE A 1366 -32.34 -70.17 -8.37
N ALA A 1367 -31.47 -69.26 -7.93
CA ALA A 1367 -30.04 -69.48 -8.11
C ALA A 1367 -29.57 -70.73 -7.39
N ALA A 1368 -30.02 -70.94 -6.16
CA ALA A 1368 -29.62 -72.12 -5.42
C ALA A 1368 -30.11 -73.40 -6.10
N LEU A 1369 -31.34 -73.37 -6.61
CA LEU A 1369 -31.88 -74.54 -7.30
C LEU A 1369 -31.09 -74.85 -8.56
N ASN A 1370 -30.72 -73.82 -9.32
CA ASN A 1370 -29.91 -74.05 -10.52
C ASN A 1370 -28.56 -74.64 -10.14
N ALA A 1371 -27.93 -74.10 -9.09
CA ALA A 1371 -26.63 -74.62 -8.67
C ALA A 1371 -26.73 -76.07 -8.24
N LEU A 1372 -27.81 -76.43 -7.56
CA LEU A 1372 -27.97 -77.81 -7.10
C LEU A 1372 -28.24 -78.74 -8.28
N ALA A 1373 -29.09 -78.32 -9.22
CA ALA A 1373 -29.36 -79.14 -10.39
C ALA A 1373 -28.12 -79.33 -11.25
N ALA A 1374 -27.19 -78.37 -11.22
CA ALA A 1374 -25.97 -78.51 -12.00
C ALA A 1374 -25.19 -79.75 -11.60
N CYS A 1375 -25.31 -80.19 -10.36
CA CYS A 1375 -24.50 -81.29 -9.82
C CYS A 1375 -25.27 -82.60 -9.92
N ASN A 1376 -25.41 -83.10 -11.14
CA ASN A 1376 -26.14 -84.33 -11.39
C ASN A 1376 -25.21 -85.41 -11.92
N TYR A 1377 -24.02 -85.51 -11.32
CA TYR A 1377 -23.05 -86.51 -11.76
C TYR A 1377 -22.37 -87.21 -10.58
N LEU A 1378 -22.98 -87.23 -9.40
CA LEU A 1378 -22.43 -87.86 -8.22
C LEU A 1378 -23.43 -88.89 -7.69
N PRO A 1379 -23.18 -90.18 -7.85
CA PRO A 1379 -24.25 -91.16 -7.58
C PRO A 1379 -24.84 -91.07 -6.18
N GLN A 1380 -24.00 -90.85 -5.17
CA GLN A 1380 -24.45 -90.99 -3.79
C GLN A 1380 -25.36 -89.87 -3.31
N SER A 1381 -25.73 -88.88 -4.12
CA SER A 1381 -26.55 -87.78 -3.63
C SER A 1381 -27.64 -87.40 -4.64
N ARG A 1382 -28.31 -88.39 -5.22
CA ARG A 1382 -29.38 -88.12 -6.17
C ARG A 1382 -30.75 -88.01 -5.51
N GLU A 1383 -30.97 -88.75 -4.42
CA GLU A 1383 -32.31 -88.80 -3.83
C GLU A 1383 -32.68 -87.46 -3.22
N LYS A 1384 -31.78 -86.87 -2.43
CA LYS A 1384 -32.07 -85.57 -1.84
C LYS A 1384 -32.28 -84.51 -2.90
N ILE A 1385 -31.47 -84.53 -3.95
CA ILE A 1385 -31.60 -83.54 -5.01
C ILE A 1385 -32.95 -83.68 -5.71
N ILE A 1386 -33.37 -84.91 -5.99
CA ILE A 1386 -34.67 -85.11 -6.62
C ILE A 1386 -35.79 -84.62 -5.72
N ALA A 1387 -35.68 -84.91 -4.42
CA ALA A 1387 -36.70 -84.45 -3.48
C ALA A 1387 -36.79 -82.93 -3.46
N ALA A 1388 -35.63 -82.27 -3.45
CA ALA A 1388 -35.62 -80.80 -3.46
C ALA A 1388 -36.22 -80.26 -4.76
N LEU A 1389 -35.86 -80.86 -5.89
CA LEU A 1389 -36.40 -80.39 -7.16
C LEU A 1389 -37.91 -80.51 -7.19
N PHE A 1390 -38.45 -81.63 -6.69
CA PHE A 1390 -39.90 -81.78 -6.67
C PHE A 1390 -40.56 -80.84 -5.69
N LYS A 1391 -39.96 -80.62 -4.51
CA LYS A 1391 -40.51 -79.64 -3.58
C LYS A 1391 -40.62 -78.27 -4.25
N ALA A 1392 -39.60 -77.91 -5.03
CA ALA A 1392 -39.67 -76.66 -5.78
C ALA A 1392 -40.72 -76.70 -6.87
N LEU A 1393 -40.81 -77.81 -7.60
CA LEU A 1393 -41.76 -77.91 -8.71
C LEU A 1393 -43.20 -77.81 -8.21
N ASN A 1394 -43.45 -78.18 -6.95
CA ASN A 1394 -44.79 -78.14 -6.40
C ASN A 1394 -45.06 -76.89 -5.58
N SER A 1395 -44.41 -75.77 -5.91
CA SER A 1395 -44.60 -74.53 -5.18
C SER A 1395 -45.97 -73.93 -5.47
N THR A 1396 -46.37 -72.99 -4.61
CA THR A 1396 -47.59 -72.22 -4.89
C THR A 1396 -47.25 -70.87 -5.49
N ASN A 1397 -45.96 -70.59 -5.69
CA ASN A 1397 -45.55 -69.37 -6.38
C ASN A 1397 -45.21 -69.71 -7.83
N SER A 1398 -45.78 -68.92 -8.76
CA SER A 1398 -45.64 -69.24 -10.17
C SER A 1398 -44.19 -69.18 -10.62
N GLU A 1399 -43.44 -68.18 -10.16
CA GLU A 1399 -42.05 -68.05 -10.59
C GLU A 1399 -41.23 -69.25 -10.15
N LEU A 1400 -41.40 -69.67 -8.89
CA LEU A 1400 -40.71 -70.86 -8.42
C LEU A 1400 -41.14 -72.11 -9.18
N GLN A 1401 -42.43 -72.22 -9.50
CA GLN A 1401 -42.89 -73.41 -10.20
C GLN A 1401 -42.27 -73.50 -11.60
N GLU A 1402 -42.23 -72.37 -12.30
CA GLU A 1402 -41.55 -72.33 -13.60
C GLU A 1402 -40.08 -72.66 -13.47
N ALA A 1403 -39.41 -72.07 -12.48
CA ALA A 1403 -37.98 -72.35 -12.31
C ALA A 1403 -37.74 -73.82 -12.03
N GLY A 1404 -38.58 -74.44 -11.21
CA GLY A 1404 -38.43 -75.84 -10.92
C GLY A 1404 -38.62 -76.72 -12.15
N GLU A 1405 -39.62 -76.40 -12.96
CA GLU A 1405 -39.77 -77.13 -14.23
C GLU A 1405 -38.50 -77.03 -15.07
N ALA A 1406 -37.98 -75.81 -15.24
CA ALA A 1406 -36.80 -75.63 -16.06
C ALA A 1406 -35.60 -76.38 -15.48
N CYS A 1407 -35.44 -76.35 -14.17
CA CYS A 1407 -34.32 -77.02 -13.54
C CYS A 1407 -34.42 -78.53 -13.69
N MET A 1408 -35.61 -79.09 -13.54
CA MET A 1408 -35.76 -80.53 -13.75
C MET A 1408 -35.42 -80.91 -15.18
N ARG A 1409 -35.87 -80.12 -16.16
CA ARG A 1409 -35.50 -80.41 -17.54
C ARG A 1409 -33.98 -80.41 -17.69
N LYS A 1410 -33.32 -79.38 -17.17
CA LYS A 1410 -31.87 -79.32 -17.31
C LYS A 1410 -31.19 -80.46 -16.56
N PHE A 1411 -31.82 -80.95 -15.49
CA PHE A 1411 -31.27 -82.06 -14.74
C PHE A 1411 -31.29 -83.34 -15.55
N LEU A 1412 -32.37 -83.57 -16.29
CA LEU A 1412 -32.53 -84.85 -16.97
C LEU A 1412 -31.59 -85.03 -18.16
N GLU A 1413 -30.85 -84.00 -18.60
CA GLU A 1413 -29.97 -84.18 -19.74
C GLU A 1413 -28.90 -85.22 -19.46
N GLY A 1414 -28.52 -85.39 -18.19
CA GLY A 1414 -27.50 -86.35 -17.83
C GLY A 1414 -27.92 -87.26 -16.69
N ALA A 1415 -29.21 -87.56 -16.60
CA ALA A 1415 -29.72 -88.38 -15.52
C ALA A 1415 -31.12 -88.88 -15.89
N THR A 1416 -31.66 -89.74 -15.05
CA THR A 1416 -32.98 -90.32 -15.24
C THR A 1416 -33.71 -90.47 -13.92
N ILE A 1417 -35.03 -90.49 -13.98
CA ILE A 1417 -35.88 -90.60 -12.79
C ILE A 1417 -36.85 -91.76 -13.00
N GLU A 1418 -36.93 -92.64 -12.02
CA GLU A 1418 -37.74 -93.83 -12.12
C GLU A 1418 -39.20 -93.54 -11.79
N VAL A 1419 -40.10 -94.38 -12.33
CA VAL A 1419 -41.54 -94.19 -12.15
C VAL A 1419 -41.92 -94.25 -10.68
N ASP A 1420 -41.26 -95.13 -9.92
CA ASP A 1420 -41.57 -95.24 -8.50
C ASP A 1420 -41.40 -93.90 -7.79
N GLN A 1421 -40.29 -93.21 -8.06
CA GLN A 1421 -40.04 -91.94 -7.39
C GLN A 1421 -41.06 -90.88 -7.80
N ILE A 1422 -41.44 -90.84 -9.06
CA ILE A 1422 -42.47 -89.88 -9.49
C ILE A 1422 -43.77 -90.14 -8.74
N HIS A 1423 -44.19 -91.40 -8.68
CA HIS A 1423 -45.40 -91.75 -7.95
C HIS A 1423 -45.28 -91.35 -6.49
N THR A 1424 -44.12 -91.60 -5.88
CA THR A 1424 -43.93 -91.27 -4.47
C THR A 1424 -44.05 -89.77 -4.24
N HIS A 1425 -43.47 -88.96 -5.13
CA HIS A 1425 -43.36 -87.53 -4.84
C HIS A 1425 -44.57 -86.75 -5.30
N MET A 1426 -45.41 -87.32 -6.16
CA MET A 1426 -46.62 -86.64 -6.60
C MET A 1426 -47.82 -86.88 -5.69
N ARG A 1427 -47.76 -87.89 -4.82
CA ARG A 1427 -48.97 -88.33 -4.12
C ARG A 1427 -49.70 -87.21 -3.38
N PRO A 1428 -49.03 -86.31 -2.66
CA PRO A 1428 -49.78 -85.32 -1.88
C PRO A 1428 -50.65 -84.42 -2.72
N LEU A 1429 -50.41 -84.35 -4.02
CA LEU A 1429 -51.26 -83.56 -4.90
C LEU A 1429 -52.27 -84.44 -5.62
N LEU A 1430 -51.88 -85.66 -5.97
CA LEU A 1430 -52.83 -86.59 -6.60
C LEU A 1430 -53.97 -86.93 -5.65
N MET A 1431 -53.74 -86.87 -4.35
CA MET A 1431 -54.78 -87.23 -3.39
C MET A 1431 -55.85 -86.17 -3.25
N MET A 1432 -55.55 -84.91 -3.57
CA MET A 1432 -56.58 -83.86 -3.48
C MET A 1432 -57.33 -83.69 -4.79
N LEU A 1433 -57.87 -84.78 -5.34
CA LEU A 1433 -58.54 -84.75 -6.64
C LEU A 1433 -59.95 -85.29 -6.56
N GLY A 1434 -60.45 -85.59 -5.36
CA GLY A 1434 -61.82 -86.04 -5.24
C GLY A 1434 -62.79 -84.92 -5.52
N ASP A 1435 -62.82 -83.93 -4.64
CA ASP A 1435 -63.68 -82.77 -4.80
C ASP A 1435 -63.23 -81.96 -6.01
N TYR A 1436 -64.20 -81.36 -6.71
CA TYR A 1436 -63.87 -80.52 -7.85
C TYR A 1436 -63.35 -79.16 -7.41
N ARG A 1437 -63.73 -78.69 -6.22
CA ARG A 1437 -63.38 -77.35 -5.78
C ARG A 1437 -61.93 -77.22 -5.34
N SER A 1438 -61.28 -78.32 -4.98
CA SER A 1438 -59.89 -78.24 -4.55
C SER A 1438 -58.97 -77.73 -5.64
N LEU A 1439 -59.31 -77.98 -6.90
CA LEU A 1439 -58.44 -77.67 -8.02
C LEU A 1439 -58.36 -76.16 -8.23
N THR A 1440 -57.25 -75.70 -8.81
CA THR A 1440 -57.09 -74.29 -9.16
C THR A 1440 -55.91 -74.15 -10.13
N LEU A 1441 -55.65 -72.90 -10.53
CA LEU A 1441 -54.66 -72.62 -11.55
C LEU A 1441 -53.27 -73.12 -11.17
N ASN A 1442 -52.94 -73.11 -9.89
CA ASN A 1442 -51.66 -73.67 -9.48
C ASN A 1442 -51.60 -75.17 -9.74
N VAL A 1443 -52.68 -75.88 -9.40
CA VAL A 1443 -52.68 -77.33 -9.56
C VAL A 1443 -52.66 -77.71 -11.03
N VAL A 1444 -53.44 -77.01 -11.85
CA VAL A 1444 -53.45 -77.34 -13.27
C VAL A 1444 -52.07 -77.12 -13.89
N ASN A 1445 -51.40 -76.04 -13.52
CA ASN A 1445 -50.06 -75.79 -14.04
C ASN A 1445 -49.07 -76.85 -13.57
N ARG A 1446 -49.17 -77.26 -12.31
CA ARG A 1446 -48.28 -78.31 -11.81
C ARG A 1446 -48.50 -79.61 -12.57
N LEU A 1447 -49.77 -79.98 -12.80
CA LEU A 1447 -50.07 -81.17 -13.58
C LEU A 1447 -49.52 -81.04 -15.00
N THR A 1448 -49.71 -79.88 -15.63
CA THR A 1448 -49.20 -79.70 -16.98
C THR A 1448 -47.69 -79.86 -17.04
N SER A 1449 -46.98 -79.30 -16.08
CA SER A 1449 -45.52 -79.40 -16.08
C SER A 1449 -45.07 -80.85 -15.90
N VAL A 1450 -45.66 -81.55 -14.94
CA VAL A 1450 -45.26 -82.94 -14.75
C VAL A 1450 -45.57 -83.76 -15.98
N THR A 1451 -46.73 -83.54 -16.61
CA THR A 1451 -47.05 -84.27 -17.84
C THR A 1451 -46.04 -83.98 -18.92
N ARG A 1452 -45.71 -82.71 -19.13
CA ARG A 1452 -44.78 -82.34 -20.20
C ARG A 1452 -43.40 -82.93 -19.95
N LEU A 1453 -43.03 -83.15 -18.68
CA LEU A 1453 -41.71 -83.70 -18.40
C LEU A 1453 -41.70 -85.23 -18.54
N PHE A 1454 -42.79 -85.89 -18.13
CA PHE A 1454 -42.85 -87.35 -18.11
C PHE A 1454 -44.12 -87.85 -18.78
N PRO A 1455 -44.19 -87.85 -20.12
CA PRO A 1455 -45.47 -88.19 -20.77
C PRO A 1455 -45.98 -89.58 -20.41
N ASN A 1456 -45.09 -90.57 -20.28
CA ASN A 1456 -45.51 -91.95 -20.02
C ASN A 1456 -45.80 -92.12 -18.53
N SER A 1457 -46.75 -91.32 -18.04
CA SER A 1457 -46.97 -91.24 -16.60
C SER A 1457 -48.44 -91.29 -16.22
N PHE A 1458 -49.34 -91.17 -17.19
CA PHE A 1458 -50.77 -91.09 -16.91
C PHE A 1458 -51.53 -92.11 -17.75
N ASN A 1459 -52.81 -92.28 -17.44
CA ASN A 1459 -53.64 -93.27 -18.09
C ASN A 1459 -55.06 -92.74 -18.32
N ASP A 1460 -55.94 -93.65 -18.72
CA ASP A 1460 -57.30 -93.27 -19.12
C ASP A 1460 -58.18 -92.90 -17.93
N LYS A 1461 -57.99 -93.57 -16.79
CA LYS A 1461 -58.83 -93.27 -15.64
C LYS A 1461 -58.64 -91.83 -15.18
N PHE A 1462 -57.40 -91.35 -15.18
CA PHE A 1462 -57.13 -89.96 -14.88
C PHE A 1462 -57.86 -89.04 -15.83
N CYS A 1463 -57.86 -89.39 -17.13
CA CYS A 1463 -58.55 -88.56 -18.11
C CYS A 1463 -60.05 -88.52 -17.84
N ASP A 1464 -60.65 -89.66 -17.50
CA ASP A 1464 -62.08 -89.67 -17.22
C ASP A 1464 -62.42 -88.85 -16.00
N GLN A 1465 -61.62 -88.96 -14.94
CA GLN A 1465 -61.87 -88.17 -13.74
C GLN A 1465 -61.73 -86.68 -14.04
N MET A 1466 -60.73 -86.32 -14.84
CA MET A 1466 -60.56 -84.92 -15.21
C MET A 1466 -61.71 -84.43 -16.08
N MET A 1467 -62.27 -85.31 -16.93
CA MET A 1467 -63.42 -84.91 -17.73
C MET A 1467 -64.63 -84.63 -16.87
N GLN A 1468 -64.88 -85.47 -15.86
CA GLN A 1468 -65.96 -85.17 -14.91
C GLN A 1468 -65.74 -83.83 -14.23
N HIS A 1469 -64.51 -83.60 -13.75
CA HIS A 1469 -64.17 -82.32 -13.14
C HIS A 1469 -64.44 -81.17 -14.09
N LEU A 1470 -64.03 -81.32 -15.36
CA LEU A 1470 -64.22 -80.27 -16.34
C LEU A 1470 -65.69 -79.98 -16.58
N ARG A 1471 -66.52 -81.02 -16.66
CA ARG A 1471 -67.95 -80.78 -16.83
C ARG A 1471 -68.51 -79.94 -15.70
N LYS A 1472 -68.16 -80.30 -14.46
CA LYS A 1472 -68.69 -79.53 -13.33
C LYS A 1472 -68.18 -78.09 -13.36
N TRP A 1473 -66.90 -77.91 -13.69
CA TRP A 1473 -66.33 -76.56 -13.72
C TRP A 1473 -66.93 -75.72 -14.83
N MET A 1474 -67.26 -76.34 -15.96
CA MET A 1474 -67.91 -75.61 -17.05
C MET A 1474 -69.33 -75.23 -16.69
N GLU A 1475 -70.05 -76.08 -15.97
CA GLU A 1475 -71.38 -75.70 -15.50
C GLU A 1475 -71.33 -74.50 -14.59
N VAL A 1476 -70.39 -74.49 -13.64
CA VAL A 1476 -70.32 -73.36 -12.72
C VAL A 1476 -69.98 -72.07 -13.45
N VAL A 1477 -69.26 -72.15 -14.58
CA VAL A 1477 -68.95 -70.95 -15.33
C VAL A 1477 -70.22 -70.30 -15.88
N VAL A 1478 -71.11 -71.10 -16.46
CA VAL A 1478 -72.39 -70.57 -16.91
C VAL A 1478 -73.18 -70.00 -15.75
N ILE A 1479 -73.19 -70.74 -14.63
CA ILE A 1479 -73.92 -70.24 -13.47
C ILE A 1479 -73.45 -68.85 -13.09
N THR A 1480 -72.14 -68.67 -12.95
CA THR A 1480 -71.62 -67.37 -12.55
C THR A 1480 -71.89 -66.31 -13.59
N HIS A 1481 -71.76 -66.64 -14.89
CA HIS A 1481 -72.00 -65.62 -15.91
C HIS A 1481 -73.46 -65.20 -15.94
N LYS A 1482 -74.38 -66.05 -15.49
CA LYS A 1482 -75.79 -65.66 -15.53
C LYS A 1482 -76.06 -64.49 -14.60
N GLY A 1483 -75.54 -64.54 -13.38
CA GLY A 1483 -75.83 -63.48 -12.42
C GLY A 1483 -75.32 -62.13 -12.87
N GLY A 1484 -74.35 -62.13 -13.77
CA GLY A 1484 -73.84 -60.89 -14.33
C GLY A 1484 -73.21 -59.97 -13.32
N GLN A 1485 -72.92 -60.47 -12.13
CA GLN A 1485 -72.39 -59.64 -11.06
C GLN A 1485 -70.89 -59.47 -11.21
N ARG A 1486 -70.38 -58.42 -10.58
CA ARG A 1486 -68.95 -58.11 -10.66
C ARG A 1486 -68.14 -59.20 -9.99
N SER A 1487 -67.46 -60.03 -10.78
CA SER A 1487 -66.69 -61.14 -10.25
C SER A 1487 -65.54 -61.47 -11.18
N ASP A 1488 -64.40 -61.81 -10.59
CA ASP A 1488 -63.22 -62.16 -11.36
C ASP A 1488 -63.48 -63.41 -12.21
N GLY A 1489 -62.72 -63.51 -13.30
CA GLY A 1489 -62.92 -64.57 -14.27
C GLY A 1489 -61.85 -65.64 -14.29
N ASN A 1490 -61.40 -66.07 -13.11
CA ASN A 1490 -60.40 -67.11 -13.03
C ASN A 1490 -60.93 -68.47 -13.46
N GLU A 1491 -62.22 -68.72 -13.25
CA GLU A 1491 -62.81 -70.01 -13.61
C GLU A 1491 -62.63 -70.32 -15.08
N MET A 1492 -62.74 -69.32 -15.95
CA MET A 1492 -62.53 -69.54 -17.37
C MET A 1492 -61.12 -70.05 -17.63
N LYS A 1493 -60.13 -69.45 -16.99
CA LYS A 1493 -58.75 -69.88 -17.16
C LYS A 1493 -58.57 -71.30 -16.64
N ILE A 1494 -59.21 -71.63 -15.51
CA ILE A 1494 -59.13 -72.97 -14.98
C ILE A 1494 -59.67 -73.97 -15.99
N CYS A 1495 -60.83 -73.67 -16.56
CA CYS A 1495 -61.44 -74.56 -17.54
C CYS A 1495 -60.53 -74.74 -18.75
N SER A 1496 -59.97 -73.65 -19.27
CA SER A 1496 -59.14 -73.75 -20.46
C SER A 1496 -57.87 -74.53 -20.19
N ALA A 1497 -57.27 -74.38 -19.01
CA ALA A 1497 -56.09 -75.19 -18.69
C ALA A 1497 -56.44 -76.67 -18.58
N ILE A 1498 -57.57 -76.99 -17.97
CA ILE A 1498 -57.98 -78.39 -17.89
C ILE A 1498 -58.10 -78.97 -19.30
N ILE A 1499 -58.65 -78.20 -20.23
CA ILE A 1499 -58.76 -78.67 -21.60
C ILE A 1499 -57.38 -78.85 -22.21
N ASN A 1500 -56.50 -77.86 -22.06
CA ASN A 1500 -55.17 -77.96 -22.66
C ASN A 1500 -54.42 -79.18 -22.18
N LEU A 1501 -54.71 -79.66 -20.97
CA LEU A 1501 -54.03 -80.86 -20.47
C LEU A 1501 -54.10 -82.02 -21.48
N PHE A 1502 -55.27 -82.21 -22.11
CA PHE A 1502 -55.45 -83.35 -23.00
C PHE A 1502 -54.50 -83.28 -24.19
N HIS A 1503 -54.38 -82.10 -24.81
CA HIS A 1503 -53.39 -81.89 -25.85
C HIS A 1503 -52.06 -82.57 -25.52
N LEU A 1504 -51.59 -82.42 -24.28
CA LEU A 1504 -50.29 -82.95 -23.92
C LEU A 1504 -50.31 -84.41 -23.55
N ILE A 1505 -51.35 -84.87 -22.85
CA ILE A 1505 -51.34 -86.26 -22.37
C ILE A 1505 -51.24 -87.19 -23.57
N PRO A 1506 -50.23 -88.08 -23.63
CA PRO A 1506 -50.03 -88.86 -24.86
C PRO A 1506 -50.95 -90.06 -24.96
N ALA A 1507 -51.25 -90.71 -23.85
CA ALA A 1507 -52.17 -91.85 -23.84
C ALA A 1507 -53.61 -91.38 -23.91
N ALA A 1508 -53.93 -90.57 -24.91
CA ALA A 1508 -55.25 -89.96 -25.02
C ALA A 1508 -56.18 -90.88 -25.77
N PRO A 1509 -57.24 -91.37 -25.14
CA PRO A 1509 -58.18 -92.23 -25.85
C PRO A 1509 -59.13 -91.41 -26.72
N GLN A 1510 -59.57 -92.03 -27.80
CA GLN A 1510 -60.71 -91.50 -28.54
C GLN A 1510 -61.96 -91.72 -27.71
N THR A 1511 -63.11 -91.37 -28.27
CA THR A 1511 -64.38 -91.53 -27.56
C THR A 1511 -64.56 -90.45 -26.52
N LEU A 1512 -63.54 -89.61 -26.32
CA LEU A 1512 -63.72 -88.39 -25.56
C LEU A 1512 -64.07 -87.21 -26.45
N VAL A 1513 -63.83 -87.32 -27.75
CA VAL A 1513 -64.14 -86.22 -28.66
C VAL A 1513 -65.60 -85.82 -28.54
N LYS A 1514 -66.51 -86.81 -28.55
CA LYS A 1514 -67.93 -86.49 -28.48
C LYS A 1514 -68.30 -85.76 -27.21
N PRO A 1515 -68.04 -86.28 -26.01
CA PRO A 1515 -68.46 -85.56 -24.80
C PRO A 1515 -67.83 -84.19 -24.67
N LEU A 1516 -66.56 -84.06 -25.05
CA LEU A 1516 -65.91 -82.77 -24.95
C LEU A 1516 -66.54 -81.75 -25.89
N LEU A 1517 -66.80 -82.14 -27.13
CA LEU A 1517 -67.48 -81.24 -28.06
C LEU A 1517 -68.88 -80.89 -27.57
N GLU A 1518 -69.61 -81.87 -27.05
CA GLU A 1518 -70.95 -81.62 -26.55
C GLU A 1518 -70.94 -80.58 -25.44
N VAL A 1519 -70.04 -80.75 -24.46
CA VAL A 1519 -70.02 -79.83 -23.32
C VAL A 1519 -69.54 -78.45 -23.76
N VAL A 1520 -68.57 -78.38 -24.68
CA VAL A 1520 -68.13 -77.09 -25.18
C VAL A 1520 -69.29 -76.37 -25.85
N MET A 1521 -70.06 -77.06 -26.68
CA MET A 1521 -71.20 -76.44 -27.34
C MET A 1521 -72.25 -76.02 -26.33
N LYS A 1522 -72.52 -76.87 -25.33
CA LYS A 1522 -73.48 -76.50 -24.31
C LYS A 1522 -73.10 -75.19 -23.65
N THR A 1523 -71.86 -75.09 -23.18
CA THR A 1523 -71.42 -73.88 -22.50
C THR A 1523 -71.44 -72.68 -23.43
N GLU A 1524 -70.93 -72.83 -24.65
CA GLU A 1524 -70.85 -71.69 -25.56
C GLU A 1524 -72.24 -71.17 -25.89
N ARG A 1525 -73.19 -72.06 -26.17
CA ARG A 1525 -74.54 -71.59 -26.44
C ARG A 1525 -75.19 -71.00 -25.20
N ALA A 1526 -74.96 -71.57 -24.03
CA ALA A 1526 -75.55 -71.01 -22.82
C ALA A 1526 -75.12 -69.56 -22.63
N MET A 1527 -73.84 -69.26 -22.86
CA MET A 1527 -73.39 -67.88 -22.73
C MET A 1527 -73.58 -67.05 -24.00
N LEU A 1528 -73.95 -67.66 -25.11
CA LEU A 1528 -74.14 -66.94 -26.36
C LEU A 1528 -72.83 -66.31 -26.81
N ILE A 1529 -71.74 -67.06 -26.71
CA ILE A 1529 -70.40 -66.55 -27.02
C ILE A 1529 -69.74 -67.48 -28.03
N GLU A 1530 -69.41 -66.95 -29.20
CA GLU A 1530 -68.63 -67.72 -30.18
C GLU A 1530 -67.42 -66.94 -30.65
N ALA A 1531 -67.57 -65.63 -30.82
CA ALA A 1531 -66.45 -64.82 -31.32
C ALA A 1531 -65.30 -64.79 -30.33
N GLY A 1532 -65.59 -64.46 -29.06
CA GLY A 1532 -64.55 -64.34 -28.06
C GLY A 1532 -64.50 -65.55 -27.14
N SER A 1533 -64.63 -66.74 -27.71
CA SER A 1533 -64.55 -67.96 -26.93
C SER A 1533 -63.09 -68.25 -26.60
N PRO A 1534 -62.72 -68.39 -25.33
CA PRO A 1534 -61.35 -68.78 -24.98
C PRO A 1534 -61.12 -70.28 -24.97
N PHE A 1535 -62.03 -71.09 -25.51
CA PHE A 1535 -61.89 -72.53 -25.52
C PHE A 1535 -61.35 -73.09 -26.83
N ARG A 1536 -61.52 -72.36 -27.93
CA ARG A 1536 -61.20 -72.92 -29.24
C ARG A 1536 -59.71 -73.23 -29.38
N GLU A 1537 -58.85 -72.35 -28.87
CA GLU A 1537 -57.41 -72.54 -29.08
C GLU A 1537 -56.90 -73.81 -28.42
N PRO A 1538 -57.18 -74.08 -27.14
CA PRO A 1538 -56.77 -75.38 -26.58
C PRO A 1538 -57.45 -76.58 -27.22
N LEU A 1539 -58.63 -76.39 -27.83
CA LEU A 1539 -59.39 -77.53 -28.33
C LEU A 1539 -58.92 -77.95 -29.71
N ILE A 1540 -58.60 -76.99 -30.58
CA ILE A 1540 -58.11 -77.35 -31.91
C ILE A 1540 -56.81 -78.13 -31.80
N LYS A 1541 -55.96 -77.75 -30.85
CA LYS A 1541 -54.69 -78.43 -30.70
C LYS A 1541 -54.89 -79.90 -30.37
N PHE A 1542 -55.90 -80.21 -29.55
CA PHE A 1542 -56.19 -81.59 -29.21
C PHE A 1542 -56.85 -82.32 -30.37
N LEU A 1543 -57.76 -81.63 -31.07
CA LEU A 1543 -58.47 -82.27 -32.17
C LEU A 1543 -57.52 -82.64 -33.31
N THR A 1544 -56.57 -81.77 -33.63
CA THR A 1544 -55.63 -82.06 -34.72
C THR A 1544 -54.92 -83.39 -34.54
N ARG A 1545 -54.94 -83.96 -33.33
CA ARG A 1545 -54.23 -85.20 -33.10
C ARG A 1545 -54.91 -86.37 -33.81
N HIS A 1546 -56.24 -86.36 -33.88
CA HIS A 1546 -57.03 -87.45 -34.45
C HIS A 1546 -57.95 -86.87 -35.52
N PRO A 1547 -57.43 -86.59 -36.71
CA PRO A 1547 -58.23 -85.86 -37.71
C PRO A 1547 -59.32 -86.71 -38.34
N SER A 1548 -59.03 -87.98 -38.62
CA SER A 1548 -60.04 -88.85 -39.22
C SER A 1548 -61.22 -89.04 -38.28
N GLN A 1549 -60.95 -89.44 -37.02
CA GLN A 1549 -62.03 -89.64 -36.07
C GLN A 1549 -62.75 -88.33 -35.76
N THR A 1550 -62.05 -87.19 -35.88
CA THR A 1550 -62.71 -85.91 -35.70
C THR A 1550 -63.70 -85.65 -36.82
N VAL A 1551 -63.23 -85.68 -38.07
CA VAL A 1551 -64.07 -85.30 -39.20
C VAL A 1551 -65.24 -86.26 -39.35
N GLU A 1552 -64.99 -87.58 -39.26
CA GLU A 1552 -66.05 -88.54 -39.51
C GLU A 1552 -67.19 -88.39 -38.51
N LEU A 1553 -67.03 -87.54 -37.50
CA LEU A 1553 -68.16 -87.23 -36.63
C LEU A 1553 -69.02 -86.12 -37.23
N PHE A 1554 -68.38 -85.06 -37.72
CA PHE A 1554 -69.13 -83.99 -38.36
C PHE A 1554 -69.82 -84.46 -39.63
N MET A 1555 -69.10 -85.23 -40.46
CA MET A 1555 -69.60 -85.61 -41.78
C MET A 1555 -70.64 -86.71 -41.61
N MET A 1556 -71.87 -86.29 -41.34
CA MET A 1556 -72.97 -87.21 -41.12
C MET A 1556 -74.29 -86.53 -41.47
N GLU A 1557 -75.31 -87.37 -41.66
CA GLU A 1557 -76.59 -86.91 -42.17
C GLU A 1557 -77.21 -85.86 -41.25
N ALA A 1558 -77.55 -86.25 -40.02
CA ALA A 1558 -78.15 -85.29 -39.09
C ALA A 1558 -77.19 -84.15 -38.80
N THR A 1559 -75.90 -84.43 -38.72
CA THR A 1559 -74.93 -83.41 -38.33
C THR A 1559 -74.93 -82.25 -39.31
N LEU A 1560 -74.58 -82.50 -40.56
CA LEU A 1560 -74.37 -81.38 -41.47
C LEU A 1560 -75.62 -80.56 -41.71
N ASN A 1561 -76.80 -81.17 -41.78
CA ASN A 1561 -78.03 -80.38 -41.86
C ASN A 1561 -78.36 -79.83 -40.48
N ASP A 1562 -77.47 -79.01 -39.94
CA ASP A 1562 -77.66 -78.39 -38.63
C ASP A 1562 -76.85 -77.10 -38.58
N PRO A 1563 -77.49 -75.94 -38.48
CA PRO A 1563 -76.73 -74.68 -38.55
C PRO A 1563 -75.66 -74.55 -37.50
N GLN A 1564 -75.95 -74.90 -36.25
CA GLN A 1564 -74.97 -74.72 -35.19
C GLN A 1564 -73.71 -75.54 -35.43
N TRP A 1565 -73.84 -76.86 -35.45
CA TRP A 1565 -72.68 -77.71 -35.69
C TRP A 1565 -71.99 -77.38 -37.00
N SER A 1566 -72.74 -76.97 -38.02
CA SER A 1566 -72.10 -76.54 -39.25
C SER A 1566 -71.21 -75.34 -39.01
N ARG A 1567 -71.68 -74.38 -38.20
CA ARG A 1567 -70.87 -73.21 -37.89
C ARG A 1567 -69.57 -73.60 -37.20
N MET A 1568 -69.67 -74.48 -36.20
CA MET A 1568 -68.46 -74.91 -35.50
C MET A 1568 -67.50 -75.60 -36.44
N PHE A 1569 -68.00 -76.47 -37.31
CA PHE A 1569 -67.11 -77.21 -38.20
C PHE A 1569 -66.43 -76.26 -39.18
N MET A 1570 -67.17 -75.29 -39.72
CA MET A 1570 -66.57 -74.31 -40.62
C MET A 1570 -65.52 -73.48 -39.89
N SER A 1571 -65.79 -73.08 -38.65
CA SER A 1571 -64.80 -72.30 -37.91
C SER A 1571 -63.53 -73.12 -37.68
N PHE A 1572 -63.69 -74.38 -37.28
CA PHE A 1572 -62.53 -75.22 -37.05
C PHE A 1572 -61.70 -75.42 -38.32
N LEU A 1573 -62.35 -75.71 -39.45
CA LEU A 1573 -61.59 -76.07 -40.64
C LEU A 1573 -60.69 -74.94 -41.12
N LYS A 1574 -61.17 -73.70 -41.05
CA LYS A 1574 -60.46 -72.59 -41.65
C LYS A 1574 -59.38 -72.01 -40.75
N HIS A 1575 -59.17 -72.58 -39.57
CA HIS A 1575 -58.12 -72.09 -38.68
C HIS A 1575 -56.77 -72.09 -39.40
N LYS A 1576 -55.82 -71.36 -38.82
CA LYS A 1576 -54.48 -71.27 -39.41
C LYS A 1576 -53.81 -72.63 -39.43
N ASP A 1577 -53.60 -73.22 -38.26
CA ASP A 1577 -52.91 -74.51 -38.15
C ASP A 1577 -53.93 -75.64 -37.97
N ALA A 1578 -54.48 -76.06 -39.10
CA ALA A 1578 -55.43 -77.18 -39.12
C ALA A 1578 -55.12 -78.06 -40.32
N ARG A 1579 -53.88 -78.04 -40.77
CA ARG A 1579 -53.48 -78.72 -42.00
C ARG A 1579 -53.87 -80.20 -42.02
N PRO A 1580 -53.68 -80.95 -40.93
CA PRO A 1580 -54.12 -82.34 -40.96
C PRO A 1580 -55.60 -82.49 -41.25
N LEU A 1581 -56.45 -81.63 -40.71
CA LEU A 1581 -57.87 -81.71 -40.99
C LEU A 1581 -58.16 -81.45 -42.47
N ARG A 1582 -57.51 -80.44 -43.05
CA ARG A 1582 -57.71 -80.17 -44.47
C ARG A 1582 -57.24 -81.33 -45.33
N ASP A 1583 -56.09 -81.91 -44.98
CA ASP A 1583 -55.57 -83.05 -45.74
C ASP A 1583 -56.52 -84.24 -45.66
N VAL A 1584 -57.08 -84.51 -44.48
CA VAL A 1584 -57.95 -85.67 -44.33
C VAL A 1584 -59.16 -85.53 -45.25
N LEU A 1585 -59.77 -84.35 -45.29
CA LEU A 1585 -60.91 -84.14 -46.18
C LEU A 1585 -60.48 -84.24 -47.65
N ALA A 1586 -59.40 -83.54 -48.02
CA ALA A 1586 -59.03 -83.49 -49.43
C ALA A 1586 -58.51 -84.81 -49.96
N ALA A 1587 -58.09 -85.74 -49.09
CA ALA A 1587 -57.51 -86.98 -49.57
C ALA A 1587 -58.55 -87.89 -50.22
N ASN A 1588 -59.83 -87.69 -49.88
CA ASN A 1588 -60.91 -88.55 -50.37
C ASN A 1588 -62.01 -87.67 -50.95
N PRO A 1589 -61.86 -87.22 -52.20
CA PRO A 1589 -62.89 -86.39 -52.82
C PRO A 1589 -64.11 -87.16 -53.30
N ASN A 1590 -64.24 -88.44 -52.92
CA ASN A 1590 -65.38 -89.23 -53.36
C ASN A 1590 -66.67 -88.85 -52.64
N ARG A 1591 -66.58 -88.33 -51.41
CA ARG A 1591 -67.79 -88.00 -50.67
C ARG A 1591 -68.51 -86.81 -51.28
N PHE A 1592 -67.77 -85.76 -51.63
CA PHE A 1592 -68.38 -84.55 -52.17
C PHE A 1592 -69.21 -84.82 -53.42
N ILE A 1593 -68.86 -85.84 -54.20
CA ILE A 1593 -69.64 -86.19 -55.38
C ILE A 1593 -71.10 -86.41 -55.01
N THR A 1594 -71.36 -87.38 -54.13
CA THR A 1594 -72.72 -87.79 -53.84
C THR A 1594 -73.49 -86.75 -53.03
N LEU A 1595 -72.90 -85.59 -52.77
CA LEU A 1595 -73.60 -84.57 -52.00
C LEU A 1595 -74.17 -83.47 -52.90
N LEU A 1596 -74.20 -83.69 -54.21
CA LEU A 1596 -74.62 -82.66 -55.15
C LEU A 1596 -75.67 -83.14 -56.14
N LEU A 1597 -75.73 -84.43 -56.44
CA LEU A 1597 -76.67 -84.90 -57.46
C LEU A 1597 -78.08 -84.59 -57.00
N PRO A 1598 -78.94 -83.99 -57.84
CA PRO A 1598 -80.28 -83.63 -57.37
C PRO A 1598 -81.08 -84.84 -56.90
N GLY A 1599 -81.40 -84.87 -55.62
CA GLY A 1599 -82.17 -85.95 -55.04
C GLY A 1599 -82.87 -85.54 -53.76
N MET A 1615 -86.32 -82.50 -45.88
CA MET A 1615 -85.60 -82.02 -47.05
C MET A 1615 -84.11 -81.88 -46.77
N ARG A 1616 -83.29 -82.19 -47.77
CA ARG A 1616 -81.84 -82.24 -47.60
C ARG A 1616 -81.12 -81.60 -48.79
N LEU A 1617 -81.66 -80.48 -49.29
CA LEU A 1617 -81.05 -79.80 -50.42
C LEU A 1617 -80.00 -78.77 -50.01
N ASP A 1618 -79.80 -78.55 -48.71
CA ASP A 1618 -78.81 -77.60 -48.24
C ASP A 1618 -77.39 -78.16 -48.30
N LEU A 1619 -77.24 -79.47 -48.44
CA LEU A 1619 -75.92 -80.09 -48.44
C LEU A 1619 -75.06 -79.51 -49.55
N GLN A 1620 -75.70 -79.00 -50.60
CA GLN A 1620 -74.97 -78.32 -51.68
C GLN A 1620 -74.08 -77.22 -51.10
N PHE A 1621 -74.66 -76.37 -50.25
CA PHE A 1621 -73.92 -75.22 -49.75
C PHE A 1621 -72.78 -75.67 -48.83
N GLN A 1622 -73.02 -76.70 -48.02
CA GLN A 1622 -71.95 -77.21 -47.17
C GLN A 1622 -70.79 -77.69 -48.04
N ALA A 1623 -71.10 -78.42 -49.11
CA ALA A 1623 -70.04 -78.90 -49.99
C ALA A 1623 -69.30 -77.74 -50.64
N ILE A 1624 -70.04 -76.74 -51.11
CA ILE A 1624 -69.43 -75.65 -51.86
C ILE A 1624 -68.63 -74.75 -50.93
N LYS A 1625 -68.94 -74.78 -49.65
CA LYS A 1625 -68.14 -74.03 -48.68
C LYS A 1625 -66.88 -74.79 -48.30
N ILE A 1626 -67.00 -76.11 -48.10
CA ILE A 1626 -65.84 -76.90 -47.72
C ILE A 1626 -64.81 -76.92 -48.83
N ILE A 1627 -65.27 -77.02 -50.08
CA ILE A 1627 -64.33 -77.05 -51.21
C ILE A 1627 -63.55 -75.75 -51.27
N SER A 1628 -64.25 -74.62 -51.12
CA SER A 1628 -63.59 -73.32 -51.11
C SER A 1628 -62.62 -73.21 -49.96
N ILE A 1629 -63.00 -73.70 -48.78
CA ILE A 1629 -62.11 -73.63 -47.62
C ILE A 1629 -60.83 -74.39 -47.91
N ILE A 1630 -60.94 -75.60 -48.46
CA ILE A 1630 -59.75 -76.39 -48.76
C ILE A 1630 -58.88 -75.66 -49.78
N VAL A 1631 -59.50 -75.16 -50.85
CA VAL A 1631 -58.72 -74.52 -51.91
C VAL A 1631 -57.98 -73.30 -51.37
N LYS A 1632 -58.66 -72.47 -50.57
CA LYS A 1632 -58.09 -71.22 -50.09
C LYS A 1632 -56.68 -71.39 -49.53
N ASN A 1633 -56.37 -72.57 -48.99
CA ASN A 1633 -55.03 -72.88 -48.53
C ASN A 1633 -54.24 -73.71 -49.52
N ASP A 1634 -54.83 -74.76 -50.09
CA ASP A 1634 -54.04 -75.66 -50.91
C ASP A 1634 -53.50 -74.96 -52.14
N ASP A 1635 -54.37 -74.30 -52.91
CA ASP A 1635 -53.94 -73.56 -54.11
C ASP A 1635 -53.41 -74.46 -55.21
N SER A 1636 -53.27 -75.77 -54.96
CA SER A 1636 -52.70 -76.67 -55.95
C SER A 1636 -53.33 -78.05 -55.89
N TRP A 1637 -54.65 -78.13 -55.73
CA TRP A 1637 -55.30 -79.40 -55.49
C TRP A 1637 -56.23 -79.87 -56.60
N LEU A 1638 -56.68 -78.98 -57.48
CA LEU A 1638 -57.68 -79.31 -58.49
C LEU A 1638 -57.06 -79.92 -59.75
N ALA A 1639 -55.75 -79.91 -59.88
CA ALA A 1639 -55.12 -80.45 -61.07
C ALA A 1639 -55.39 -81.95 -61.24
N SER A 1640 -55.81 -82.61 -60.17
CA SER A 1640 -56.11 -84.04 -60.24
C SER A 1640 -57.42 -84.36 -59.53
N GLN A 1641 -58.46 -83.57 -59.80
CA GLN A 1641 -59.78 -83.84 -59.23
C GLN A 1641 -60.79 -84.01 -60.36
N HIS A 1642 -60.36 -84.66 -61.43
CA HIS A 1642 -61.19 -84.81 -62.63
C HIS A 1642 -62.42 -85.65 -62.38
N SER A 1643 -62.43 -86.50 -61.35
CA SER A 1643 -63.59 -87.33 -61.09
C SER A 1643 -64.85 -86.50 -60.87
N LEU A 1644 -64.70 -85.28 -60.36
CA LEU A 1644 -65.84 -84.43 -60.06
C LEU A 1644 -65.66 -82.98 -60.48
N VAL A 1645 -64.55 -82.61 -61.12
CA VAL A 1645 -64.45 -81.26 -61.65
C VAL A 1645 -65.59 -81.01 -62.63
N SER A 1646 -65.89 -81.99 -63.48
CA SER A 1646 -67.06 -81.89 -64.35
C SER A 1646 -68.33 -81.68 -63.53
N GLN A 1647 -68.60 -82.60 -62.60
CA GLN A 1647 -69.74 -82.48 -61.71
C GLN A 1647 -69.87 -81.05 -61.17
N LEU A 1648 -68.73 -80.40 -60.94
CA LEU A 1648 -68.76 -79.08 -60.31
C LEU A 1648 -69.52 -78.08 -61.16
N ARG A 1649 -69.15 -77.95 -62.44
CA ARG A 1649 -69.89 -77.03 -63.30
C ARG A 1649 -71.22 -77.60 -63.75
N ARG A 1650 -71.35 -78.92 -63.79
CA ARG A 1650 -72.65 -79.52 -64.06
C ARG A 1650 -73.68 -79.07 -63.05
N VAL A 1651 -73.27 -78.89 -61.80
CA VAL A 1651 -74.26 -78.69 -60.75
C VAL A 1651 -74.69 -77.23 -60.62
N TRP A 1652 -74.17 -76.33 -61.46
CA TRP A 1652 -74.71 -74.98 -61.47
C TRP A 1652 -75.01 -74.44 -62.86
N VAL A 1653 -74.48 -75.04 -63.92
CA VAL A 1653 -74.86 -74.55 -65.24
C VAL A 1653 -76.34 -74.76 -65.48
N SER A 1654 -76.90 -75.84 -64.97
CA SER A 1654 -78.28 -76.21 -65.26
C SER A 1654 -79.23 -75.10 -64.82
N GLU A 1655 -80.49 -75.24 -65.26
CA GLU A 1655 -81.55 -74.32 -64.89
C GLU A 1655 -81.89 -74.36 -63.41
N ASN A 1656 -81.85 -75.54 -62.78
CA ASN A 1656 -82.26 -75.65 -61.39
C ASN A 1656 -81.52 -74.67 -60.51
N PHE A 1657 -80.32 -74.27 -60.92
CA PHE A 1657 -79.50 -73.40 -60.08
C PHE A 1657 -79.84 -71.93 -60.28
N GLN A 1658 -79.76 -71.45 -61.52
CA GLN A 1658 -79.98 -70.03 -61.80
C GLN A 1658 -81.39 -69.61 -61.42
N GLU A 1659 -82.38 -70.43 -61.76
CA GLU A 1659 -83.76 -70.05 -61.46
C GLU A 1659 -84.04 -70.09 -59.97
N ARG A 1660 -83.37 -70.98 -59.22
CA ARG A 1660 -83.59 -71.01 -57.78
C ARG A 1660 -82.88 -69.85 -57.10
N HIS A 1661 -81.70 -69.47 -57.58
CA HIS A 1661 -80.89 -68.48 -56.91
C HIS A 1661 -80.97 -67.10 -57.57
N ARG A 1662 -81.93 -66.90 -58.47
CA ARG A 1662 -82.31 -65.56 -58.92
C ARG A 1662 -83.55 -65.05 -58.21
N LYS A 1663 -84.33 -65.95 -57.62
CA LYS A 1663 -85.65 -65.62 -57.09
C LYS A 1663 -85.78 -66.07 -55.64
N GLU A 1664 -86.71 -65.43 -54.93
CA GLU A 1664 -86.89 -65.69 -53.51
C GLU A 1664 -85.57 -65.51 -52.78
N ASN A 1665 -85.05 -64.28 -52.77
CA ASN A 1665 -83.81 -63.96 -52.09
C ASN A 1665 -84.00 -62.73 -51.22
N MET A 1666 -85.24 -62.48 -50.79
CA MET A 1666 -85.48 -61.36 -49.90
C MET A 1666 -84.95 -61.64 -48.50
N ALA A 1667 -85.20 -62.83 -47.97
CA ALA A 1667 -84.62 -63.26 -46.71
C ALA A 1667 -84.21 -64.72 -46.80
N ALA A 1668 -83.71 -65.14 -47.97
CA ALA A 1668 -83.32 -66.51 -48.19
C ALA A 1668 -81.86 -66.72 -47.84
N THR A 1669 -81.61 -67.58 -46.86
CA THR A 1669 -80.25 -67.89 -46.47
C THR A 1669 -79.52 -68.59 -47.61
N ASN A 1670 -78.22 -68.84 -47.39
CA ASN A 1670 -77.41 -69.63 -48.31
C ASN A 1670 -77.15 -68.86 -49.61
N TRP A 1671 -77.18 -67.53 -49.52
CA TRP A 1671 -77.23 -66.71 -50.72
C TRP A 1671 -75.86 -66.41 -51.31
N LYS A 1672 -74.77 -66.75 -50.63
CA LYS A 1672 -73.43 -66.52 -51.17
C LYS A 1672 -72.89 -67.72 -51.92
N GLU A 1673 -73.70 -68.75 -52.15
CA GLU A 1673 -73.24 -69.95 -52.83
C GLU A 1673 -72.53 -69.60 -54.13
N PRO A 1674 -73.09 -68.72 -54.97
CA PRO A 1674 -72.42 -68.41 -56.24
C PRO A 1674 -71.05 -67.82 -56.09
N LYS A 1675 -70.79 -66.99 -55.08
CA LYS A 1675 -69.46 -66.41 -54.93
C LYS A 1675 -68.43 -67.48 -54.67
N LEU A 1676 -68.72 -68.38 -53.73
CA LEU A 1676 -67.81 -69.49 -53.45
C LEU A 1676 -67.61 -70.36 -54.67
N LEU A 1677 -68.70 -70.67 -55.38
CA LEU A 1677 -68.59 -71.54 -56.54
C LEU A 1677 -67.75 -70.89 -57.63
N ALA A 1678 -67.91 -69.58 -57.83
CA ALA A 1678 -67.11 -68.86 -58.80
C ALA A 1678 -65.65 -68.89 -58.42
N TYR A 1679 -65.34 -68.66 -57.14
CA TYR A 1679 -63.94 -68.75 -56.71
C TYR A 1679 -63.36 -70.13 -57.01
N CYS A 1680 -64.08 -71.18 -56.62
CA CYS A 1680 -63.59 -72.53 -56.83
C CYS A 1680 -63.35 -72.81 -58.31
N LEU A 1681 -64.30 -72.43 -59.17
CA LEU A 1681 -64.16 -72.72 -60.59
C LEU A 1681 -63.04 -71.91 -61.22
N LEU A 1682 -62.92 -70.62 -60.85
CA LEU A 1682 -61.83 -69.82 -61.38
C LEU A 1682 -60.49 -70.38 -60.95
N ASN A 1683 -60.45 -71.05 -59.78
CA ASN A 1683 -59.20 -71.69 -59.40
C ASN A 1683 -58.72 -72.66 -60.47
N TYR A 1684 -59.59 -73.59 -60.90
CA TYR A 1684 -59.22 -74.53 -61.95
C TYR A 1684 -58.95 -73.81 -63.26
N CYS A 1685 -59.76 -72.80 -63.57
CA CYS A 1685 -59.55 -72.04 -64.80
C CYS A 1685 -58.14 -71.47 -64.86
N LYS A 1686 -57.71 -70.81 -63.79
CA LYS A 1686 -56.36 -70.27 -63.76
C LYS A 1686 -55.31 -71.38 -63.78
N ARG A 1687 -55.58 -72.49 -63.09
CA ARG A 1687 -54.60 -73.56 -63.02
C ARG A 1687 -54.31 -74.13 -64.40
N ASN A 1688 -55.35 -74.33 -65.19
CA ASN A 1688 -55.21 -74.96 -66.50
C ASN A 1688 -54.98 -73.92 -67.60
N UNK A 1991 -63.65 -74.11 -72.83
CA UNK A 1991 -65.01 -74.44 -72.44
C UNK A 1991 -65.27 -73.94 -71.02
N UNK A 1992 -64.26 -74.03 -70.18
CA UNK A 1992 -64.33 -73.59 -68.79
C UNK A 1992 -64.84 -72.16 -68.72
N UNK A 1993 -63.94 -71.20 -68.85
CA UNK A 1993 -64.28 -69.78 -68.75
C UNK A 1993 -65.52 -69.45 -69.58
N UNK A 1994 -65.68 -70.15 -70.70
CA UNK A 1994 -66.82 -69.93 -71.57
C UNK A 1994 -68.11 -70.13 -70.79
N UNK A 1995 -68.30 -71.32 -70.23
CA UNK A 1995 -69.52 -71.62 -69.48
C UNK A 1995 -69.57 -70.79 -68.20
N UNK A 1996 -68.38 -70.49 -67.67
CA UNK A 1996 -68.25 -69.79 -66.40
C UNK A 1996 -68.76 -68.36 -66.47
N UNK A 1997 -68.53 -67.70 -67.59
CA UNK A 1997 -68.90 -66.29 -67.76
C UNK A 1997 -70.37 -66.05 -67.49
N UNK A 1998 -71.14 -67.13 -67.33
CA UNK A 1998 -72.56 -67.02 -67.05
C UNK A 1998 -72.85 -66.41 -65.68
N UNK A 1999 -71.80 -65.87 -65.04
CA UNK A 1999 -71.94 -65.28 -63.72
C UNK A 1999 -72.65 -63.93 -63.80
N UNK A 2000 -71.89 -62.87 -64.03
CA UNK A 2000 -72.44 -61.52 -64.11
C UNK A 2000 -73.59 -61.47 -65.12
N UNK A 2001 -74.68 -62.16 -64.79
CA UNK A 2001 -75.85 -62.24 -65.66
C UNK A 2001 -76.96 -62.97 -64.92
N UNK A 2002 -78.21 -62.61 -65.25
CA UNK A 2002 -79.38 -63.08 -64.51
C UNK A 2002 -79.55 -62.22 -63.27
N UNK A 2003 -79.38 -62.83 -62.11
CA UNK A 2003 -79.40 -62.09 -60.86
C UNK A 2003 -78.12 -61.27 -60.73
N UNK A 2004 -77.59 -61.19 -59.52
CA UNK A 2004 -76.36 -60.48 -59.24
C UNK A 2004 -76.18 -60.34 -57.74
N UNK A 2005 -76.78 -61.26 -56.99
CA UNK A 2005 -76.79 -61.19 -55.53
C UNK A 2005 -75.43 -60.82 -54.96
N UNK A 2006 -74.61 -61.84 -54.68
CA UNK A 2006 -73.27 -61.60 -54.17
C UNK A 2006 -72.50 -60.74 -55.16
N UNK A 2007 -71.50 -60.01 -54.68
CA UNK A 2007 -70.69 -59.17 -55.55
C UNK A 2007 -69.61 -59.99 -56.23
N UNK A 2008 -68.84 -59.34 -57.10
CA UNK A 2008 -67.79 -60.02 -57.84
C UNK A 2008 -66.93 -59.04 -58.61
N UNK A 2009 -65.88 -58.54 -57.97
CA UNK A 2009 -64.89 -57.72 -58.64
C UNK A 2009 -63.66 -58.57 -58.88
N UNK A 2010 -63.63 -59.70 -58.17
CA UNK A 2010 -62.58 -60.70 -58.34
C UNK A 2010 -62.40 -60.97 -59.82
N UNK A 2011 -63.24 -61.86 -60.36
CA UNK A 2011 -63.19 -62.23 -61.76
C UNK A 2011 -63.02 -61.01 -62.66
N UNK A 2012 -63.75 -59.94 -62.34
CA UNK A 2012 -63.67 -58.71 -63.11
C UNK A 2012 -62.22 -58.29 -63.35
N UNK A 2013 -61.47 -58.11 -62.28
CA UNK A 2013 -60.09 -57.65 -62.39
C UNK A 2013 -59.15 -58.77 -62.85
N UNK A 2014 -59.44 -59.99 -62.40
CA UNK A 2014 -58.56 -61.13 -62.65
C UNK A 2014 -58.57 -61.51 -64.13
N UNK A 2015 -59.63 -61.15 -64.84
CA UNK A 2015 -59.71 -61.38 -66.27
C UNK A 2015 -59.41 -60.09 -67.02
N UNK A 2016 -59.26 -59.00 -66.28
CA UNK A 2016 -58.86 -57.73 -66.88
C UNK A 2016 -57.51 -57.92 -67.56
N UNK A 2017 -56.52 -58.34 -66.78
CA UNK A 2017 -55.20 -58.66 -67.33
C UNK A 2017 -55.30 -59.94 -68.15
N UNK A 2018 -54.22 -60.26 -68.88
CA UNK A 2018 -54.21 -61.46 -69.70
C UNK A 2018 -52.81 -62.04 -69.87
N UNK A 2019 -51.80 -61.23 -69.55
CA UNK A 2019 -50.42 -61.67 -69.63
C UNK A 2019 -50.20 -62.89 -68.76
N UNK A 2020 -47.66 -65.45 -79.47
CA UNK A 2020 -47.30 -66.20 -78.28
C UNK A 2020 -48.09 -67.50 -78.24
N UNK A 2021 -47.70 -68.42 -77.35
CA UNK A 2021 -48.44 -69.66 -77.17
C UNK A 2021 -49.78 -69.37 -76.51
N UNK A 2022 -49.77 -68.44 -75.57
CA UNK A 2022 -51.00 -67.98 -74.95
C UNK A 2022 -51.88 -67.37 -76.03
N UNK A 2023 -51.26 -66.70 -77.00
CA UNK A 2023 -52.02 -66.12 -78.11
C UNK A 2023 -52.57 -67.21 -79.02
N UNK A 2024 -51.82 -68.30 -79.16
CA UNK A 2024 -52.30 -69.44 -79.94
C UNK A 2024 -53.56 -69.99 -79.28
N UNK A 2025 -53.50 -70.08 -77.96
CA UNK A 2025 -54.65 -70.53 -77.17
C UNK A 2025 -55.82 -69.55 -77.33
N UNK A 2026 -55.49 -68.26 -77.35
CA UNK A 2026 -56.48 -67.21 -77.53
C UNK A 2026 -57.17 -67.38 -78.89
N UNK A 2027 -56.38 -67.74 -79.90
CA UNK A 2027 -56.89 -67.95 -81.25
C UNK A 2027 -57.82 -69.16 -81.26
N UNK A 2028 -57.38 -70.21 -80.57
CA UNK A 2028 -58.18 -71.41 -80.42
C UNK A 2028 -59.52 -71.04 -79.82
N UNK A 2029 -59.47 -70.16 -78.83
CA UNK A 2029 -60.67 -69.72 -78.14
C UNK A 2029 -61.56 -68.89 -79.06
N UNK A 2030 -60.93 -68.05 -79.86
CA UNK A 2030 -61.62 -67.24 -80.84
C UNK A 2030 -62.45 -68.16 -81.73
N UNK A 2031 -61.80 -69.24 -82.17
CA UNK A 2031 -62.47 -70.25 -82.98
C UNK A 2031 -63.65 -70.83 -82.22
N UNK A 2032 -63.33 -71.40 -81.07
CA UNK A 2032 -64.31 -72.08 -80.22
C UNK A 2032 -65.54 -71.20 -79.99
N UNK A 2033 -65.33 -69.89 -79.96
CA UNK A 2033 -66.41 -68.94 -79.79
C UNK A 2033 -67.55 -69.23 -80.75
N UNK A 2034 -67.35 -68.87 -82.02
CA UNK A 2034 -68.36 -69.07 -83.04
C UNK A 2034 -68.57 -70.56 -83.32
N UNK A 2035 -67.67 -71.40 -82.86
CA UNK A 2035 -67.83 -72.83 -83.06
C UNK A 2035 -68.97 -73.40 -82.21
N UNK A 2036 -68.84 -73.22 -80.90
CA UNK A 2036 -69.78 -73.79 -79.95
C UNK A 2036 -71.09 -73.02 -79.92
N UNK A 2037 -72.17 -73.71 -80.25
CA UNK A 2037 -73.51 -73.17 -80.17
C UNK A 2037 -74.46 -74.31 -79.89
N UNK A 2038 -74.30 -74.91 -78.72
CA UNK A 2038 -74.99 -76.16 -78.38
C UNK A 2038 -76.50 -76.00 -78.33
N UNK A 2039 -77.11 -76.50 -77.25
CA UNK A 2039 -78.55 -76.41 -77.06
C UNK A 2039 -78.92 -75.04 -76.52
N UNK A 2040 -78.35 -74.68 -75.37
CA UNK A 2040 -78.58 -73.38 -74.77
C UNK A 2040 -77.24 -72.73 -74.45
N UNK A 2041 -76.27 -72.94 -75.32
CA UNK A 2041 -74.91 -72.46 -75.11
C UNK A 2041 -74.87 -70.94 -74.95
N UNK A 2042 -73.65 -70.41 -74.95
CA UNK A 2042 -73.43 -68.99 -74.78
C UNK A 2042 -74.33 -68.16 -75.70
N UNK A 2043 -75.27 -67.44 -75.10
CA UNK A 2043 -76.15 -66.56 -75.84
C UNK A 2043 -75.33 -65.37 -76.38
N UNK A 2044 -75.80 -64.16 -76.16
CA UNK A 2044 -75.07 -62.96 -76.60
C UNK A 2044 -74.48 -62.25 -75.40
N UNK A 2045 -73.46 -62.87 -74.79
CA UNK A 2045 -72.88 -62.33 -73.57
C UNK A 2045 -71.36 -62.45 -73.58
N UNK A 2046 -70.83 -63.03 -74.66
CA UNK A 2046 -69.39 -63.25 -74.77
C UNK A 2046 -68.64 -61.93 -74.85
N UNK A 2047 -69.34 -60.87 -75.24
CA UNK A 2047 -68.73 -59.57 -75.51
C UNK A 2047 -67.83 -59.08 -74.39
N UNK A 2048 -68.38 -58.95 -73.18
CA UNK A 2048 -67.65 -58.37 -72.07
C UNK A 2048 -66.40 -59.17 -71.68
N UNK A 2049 -66.06 -60.19 -72.47
CA UNK A 2049 -64.85 -60.97 -72.28
C UNK A 2049 -64.01 -60.93 -73.55
N UNK A 2050 -64.67 -61.13 -74.69
CA UNK A 2050 -64.01 -61.10 -75.99
C UNK A 2050 -63.38 -59.73 -76.25
N UNK A 2051 -64.21 -58.69 -76.18
CA UNK A 2051 -63.75 -57.33 -76.40
C UNK A 2051 -62.71 -56.95 -75.34
N UNK A 2052 -62.88 -57.50 -74.15
CA UNK A 2052 -61.94 -57.23 -73.06
C UNK A 2052 -60.55 -57.75 -73.42
N UNK A 2053 -60.51 -59.01 -73.83
CA UNK A 2053 -59.26 -59.62 -74.30
C UNK A 2053 -58.68 -58.79 -75.43
N UNK A 2054 -59.56 -58.35 -76.33
CA UNK A 2054 -59.16 -57.52 -77.45
C UNK A 2054 -58.39 -56.30 -76.96
N UNK A 2055 -59.02 -55.56 -76.05
CA UNK A 2055 -58.45 -54.36 -75.47
C UNK A 2055 -57.12 -54.68 -74.81
N UNK A 2056 -57.04 -55.86 -74.21
CA UNK A 2056 -55.83 -56.31 -73.53
C UNK A 2056 -54.61 -56.15 -74.43
N UNK A 2057 -54.72 -56.56 -75.69
CA UNK A 2057 -53.64 -56.42 -76.65
C UNK A 2057 -53.38 -54.94 -76.91
N UNK A 2058 -52.74 -54.27 -75.96
CA UNK A 2058 -52.45 -52.85 -76.09
C UNK A 2058 -51.14 -52.64 -76.85
N UNK A 2059 -50.35 -53.70 -76.97
CA UNK A 2059 -49.07 -53.62 -77.69
C UNK A 2059 -49.28 -53.17 -79.13
N UNK A 2060 -58.24 -67.96 -89.17
CA UNK A 2060 -58.61 -67.32 -90.43
C UNK A 2060 -59.42 -66.06 -90.17
N UNK A 2061 -58.78 -64.90 -90.27
CA UNK A 2061 -59.49 -63.63 -90.15
C UNK A 2061 -60.47 -63.53 -91.33
N UNK A 2062 -60.07 -64.12 -92.44
CA UNK A 2062 -60.93 -64.20 -93.61
C UNK A 2062 -62.16 -65.02 -93.27
N UNK A 2063 -61.99 -66.15 -92.59
CA UNK A 2063 -63.11 -66.99 -92.20
C UNK A 2063 -63.99 -66.27 -91.19
N UNK A 2064 -63.36 -65.44 -90.36
CA UNK A 2064 -64.07 -64.62 -89.39
C UNK A 2064 -65.03 -63.69 -90.12
N UNK A 2065 -64.46 -62.98 -91.09
CA UNK A 2065 -65.23 -62.08 -91.93
C UNK A 2065 -66.36 -62.85 -92.62
N UNK A 2066 -66.03 -64.03 -93.12
CA UNK A 2066 -66.98 -64.87 -93.84
C UNK A 2066 -68.17 -65.27 -92.96
N UNK A 2067 -67.88 -65.64 -91.72
CA UNK A 2067 -68.91 -66.02 -90.77
C UNK A 2067 -69.80 -64.82 -90.47
N UNK A 2068 -69.16 -63.68 -90.23
CA UNK A 2068 -69.89 -62.44 -89.96
C UNK A 2068 -70.85 -62.14 -91.11
N UNK A 2069 -70.37 -62.37 -92.33
CA UNK A 2069 -71.15 -62.06 -93.53
C UNK A 2069 -72.29 -63.05 -93.74
N UNK A 2070 -72.02 -64.32 -93.49
CA UNK A 2070 -73.05 -65.35 -93.60
C UNK A 2070 -74.17 -65.07 -92.61
N UNK A 2071 -73.79 -64.66 -91.41
CA UNK A 2071 -74.77 -64.28 -90.40
C UNK A 2071 -75.51 -63.02 -90.83
N UNK A 2072 -74.88 -61.86 -90.63
CA UNK A 2072 -75.49 -60.59 -90.97
C UNK A 2072 -76.76 -60.35 -90.15
N UNK A 2073 -78.95 -57.24 -77.13
CA UNK A 2073 -79.25 -56.53 -78.37
C UNK A 2073 -78.15 -55.54 -78.72
N UNK A 2074 -78.02 -54.48 -77.92
CA UNK A 2074 -77.04 -53.44 -78.19
C UNK A 2074 -75.63 -53.99 -78.08
N UNK A 2075 -75.50 -55.10 -77.38
CA UNK A 2075 -74.20 -55.70 -77.11
C UNK A 2075 -73.49 -56.14 -78.37
N UNK A 2076 -74.20 -56.87 -79.24
CA UNK A 2076 -73.60 -57.37 -80.46
C UNK A 2076 -73.06 -56.22 -81.31
N UNK A 2077 -73.89 -55.19 -81.46
CA UNK A 2077 -73.53 -54.02 -82.25
C UNK A 2077 -72.32 -53.31 -81.67
N UNK A 2078 -72.34 -53.11 -80.36
CA UNK A 2078 -71.23 -52.44 -79.69
C UNK A 2078 -69.95 -53.23 -79.87
N UNK A 2079 -70.06 -54.54 -79.77
CA UNK A 2079 -68.91 -55.42 -79.89
C UNK A 2079 -68.32 -55.32 -81.28
N UNK A 2080 -69.18 -55.37 -82.29
CA UNK A 2080 -68.74 -55.25 -83.67
C UNK A 2080 -68.06 -53.91 -83.91
N UNK A 2081 -68.63 -52.84 -83.35
CA UNK A 2081 -68.08 -51.50 -83.54
C UNK A 2081 -66.70 -51.40 -82.90
N UNK A 2082 -66.55 -51.99 -81.72
CA UNK A 2082 -65.27 -52.00 -81.04
C UNK A 2082 -64.27 -52.77 -81.88
N UNK A 2083 -64.71 -53.90 -82.41
CA UNK A 2083 -63.88 -54.73 -83.25
C UNK A 2083 -63.36 -53.93 -84.43
N UNK A 2084 -64.24 -53.16 -85.04
CA UNK A 2084 -63.89 -52.35 -86.20
C UNK A 2084 -62.89 -51.25 -85.84
N UNK A 2085 -63.19 -50.51 -84.77
CA UNK A 2085 -62.36 -49.39 -84.35
C UNK A 2085 -61.00 -49.86 -83.87
N UNK A 2086 -60.92 -51.15 -83.54
CA UNK A 2086 -59.64 -51.75 -83.18
C UNK A 2086 -58.88 -52.23 -84.41
N UNK A 2087 -59.58 -52.93 -85.31
CA UNK A 2087 -58.96 -53.51 -86.49
C UNK A 2087 -58.48 -52.43 -87.45
N UNK A 2088 -59.04 -51.23 -87.31
CA UNK A 2088 -58.61 -50.12 -88.14
C UNK A 2088 -57.30 -49.53 -87.63
N UNK A 2089 -56.50 -50.37 -86.97
CA UNK A 2089 -55.24 -49.94 -86.38
C UNK A 2089 -54.08 -50.79 -86.89
N UNK A 2090 -57.26 -59.70 -99.94
CA UNK A 2090 -58.22 -59.20 -98.96
C UNK A 2090 -58.42 -57.70 -99.12
N UNK A 2091 -58.80 -57.04 -98.02
CA UNK A 2091 -59.03 -55.60 -98.01
C UNK A 2091 -60.31 -55.24 -98.75
N UNK A 2092 -60.50 -55.81 -99.93
CA UNK A 2092 -61.66 -55.52 -100.77
C UNK A 2092 -62.97 -55.84 -100.06
N UNK A 2093 -63.25 -57.14 -99.94
CA UNK A 2093 -64.44 -57.62 -99.25
C UNK A 2093 -64.47 -57.05 -97.84
N UNK A 2094 -63.28 -56.80 -97.29
CA UNK A 2094 -63.15 -56.15 -96.00
C UNK A 2094 -63.98 -54.88 -95.98
N UNK A 2095 -63.50 -53.88 -96.72
CA UNK A 2095 -64.18 -52.58 -96.80
C UNK A 2095 -65.64 -52.78 -97.19
N UNK A 2096 -65.89 -53.68 -98.13
CA UNK A 2096 -67.23 -53.92 -98.63
C UNK A 2096 -68.18 -54.19 -97.46
N UNK A 2097 -67.94 -55.30 -96.78
CA UNK A 2097 -68.76 -55.69 -95.63
C UNK A 2097 -68.61 -54.69 -94.47
N UNK A 2098 -67.61 -53.80 -94.57
CA UNK A 2098 -67.38 -52.80 -93.53
C UNK A 2098 -68.46 -51.72 -93.45
N UNK A 2099 -69.31 -51.65 -94.47
CA UNK A 2099 -70.42 -50.71 -94.46
C UNK A 2099 -71.69 -51.44 -94.09
N UNK A 2100 -71.63 -52.76 -94.12
CA UNK A 2100 -72.75 -53.60 -93.72
C UNK A 2100 -72.77 -53.74 -92.20
N UNK A 2101 -74.40 -22.53 -88.60
CA UNK A 2101 -74.67 -21.10 -88.67
C UNK A 2101 -76.14 -20.85 -89.01
N UNK A 2102 -76.55 -21.26 -90.20
CA UNK A 2102 -77.94 -21.08 -90.63
C UNK A 2102 -78.90 -21.54 -89.55
N UNK A 2103 -78.89 -22.84 -89.27
CA UNK A 2103 -79.76 -23.41 -88.25
C UNK A 2103 -79.13 -23.26 -86.88
N UNK A 2104 -77.88 -22.82 -86.82
CA UNK A 2104 -77.23 -22.56 -85.54
C UNK A 2104 -77.92 -21.38 -84.85
N UNK A 2105 -78.30 -20.40 -85.65
CA UNK A 2105 -79.08 -19.26 -85.18
C UNK A 2105 -80.37 -19.75 -84.51
N UNK A 2106 -81.05 -20.67 -85.19
CA UNK A 2106 -82.29 -21.24 -84.68
C UNK A 2106 -82.05 -22.04 -83.40
N UNK A 2107 -80.95 -22.80 -83.38
CA UNK A 2107 -80.59 -23.59 -82.22
C UNK A 2107 -80.42 -22.66 -81.01
N UNK A 2108 -79.74 -21.55 -81.23
CA UNK A 2108 -79.52 -20.57 -80.16
C UNK A 2108 -80.85 -19.97 -79.72
N UNK A 2109 -81.68 -19.60 -80.70
CA UNK A 2109 -82.99 -19.04 -80.42
C UNK A 2109 -83.79 -19.99 -79.53
N UNK A 2110 -83.71 -21.28 -79.83
CA UNK A 2110 -84.45 -22.29 -79.08
C UNK A 2110 -83.88 -22.45 -77.68
N UNK A 2111 -82.57 -22.57 -77.58
CA UNK A 2111 -81.91 -22.73 -76.29
C UNK A 2111 -82.21 -21.54 -75.40
N UNK A 2112 -82.54 -20.41 -76.02
CA UNK A 2112 -82.94 -19.22 -75.30
C UNK A 2112 -84.41 -19.29 -74.86
N UNK A 2113 -85.30 -19.42 -75.84
CA UNK A 2113 -86.73 -19.34 -75.60
C UNK A 2113 -87.23 -20.52 -74.78
N UNK A 2114 -86.39 -21.53 -74.58
CA UNK A 2114 -86.76 -22.64 -73.71
C UNK A 2114 -86.43 -22.30 -72.26
N UNK A 2115 -82.41 -24.99 -71.54
CA UNK A 2115 -81.46 -23.98 -71.08
C UNK A 2115 -80.04 -24.40 -71.44
N UNK A 2116 -79.56 -25.50 -70.85
CA UNK A 2116 -78.19 -25.96 -71.03
C UNK A 2116 -77.81 -26.06 -72.52
N UNK A 2117 -78.81 -26.21 -73.37
CA UNK A 2117 -78.58 -26.19 -74.81
C UNK A 2117 -77.96 -24.85 -75.18
N UNK A 2118 -78.34 -23.80 -74.46
CA UNK A 2118 -77.79 -22.47 -74.70
C UNK A 2118 -76.30 -22.42 -74.37
N UNK A 2119 -75.94 -23.01 -73.22
CA UNK A 2119 -74.55 -23.08 -72.82
C UNK A 2119 -73.77 -23.87 -73.88
N UNK A 2120 -74.38 -24.94 -74.37
CA UNK A 2120 -73.74 -25.77 -75.39
C UNK A 2120 -73.52 -24.97 -76.68
N UNK A 2121 -74.50 -24.17 -77.05
CA UNK A 2121 -74.41 -23.33 -78.24
C UNK A 2121 -73.27 -22.33 -78.09
N UNK A 2122 -73.19 -21.73 -76.92
CA UNK A 2122 -72.12 -20.78 -76.62
C UNK A 2122 -70.77 -21.46 -76.71
N UNK A 2123 -70.70 -22.69 -76.19
CA UNK A 2123 -69.47 -23.45 -76.20
C UNK A 2123 -69.04 -23.74 -77.63
N UNK A 2124 -70.01 -24.09 -78.47
CA UNK A 2124 -69.74 -24.38 -79.87
C UNK A 2124 -69.21 -23.12 -80.56
N UNK A 2125 -69.82 -21.99 -80.24
CA UNK A 2125 -69.39 -20.71 -80.80
C UNK A 2125 -67.94 -20.43 -80.41
N UNK A 2126 -67.62 -20.71 -79.15
CA UNK A 2126 -66.27 -20.48 -78.62
C UNK A 2126 -65.26 -21.40 -79.30
N UNK A 2127 -65.68 -22.64 -79.57
CA UNK A 2127 -64.83 -23.60 -80.26
C UNK A 2127 -64.54 -23.12 -81.68
N UNK A 2128 -65.59 -22.62 -82.34
CA UNK A 2128 -65.48 -22.07 -83.68
C UNK A 2128 -64.53 -20.87 -83.70
N UNK A 2129 -64.61 -20.05 -82.66
CA UNK A 2129 -63.72 -18.90 -82.51
C UNK A 2129 -62.26 -19.35 -82.33
N UNK A 2130 -62.06 -20.33 -81.48
CA UNK A 2130 -60.74 -20.92 -81.27
C UNK A 2130 -60.17 -21.39 -82.60
N UNK A 2131 -61.06 -21.98 -83.40
CA UNK A 2131 -60.70 -22.49 -84.72
C UNK A 2131 -60.27 -21.39 -85.68
N UNK A 2132 -61.14 -20.39 -85.85
CA UNK A 2132 -60.96 -19.35 -86.86
C UNK A 2132 -59.70 -18.51 -86.68
N UNK A 2133 -58.74 -19.03 -85.91
CA UNK A 2133 -57.50 -18.31 -85.63
C UNK A 2133 -56.80 -17.88 -86.92
N UNK A 2134 -73.37 -12.07 -80.89
CA UNK A 2134 -74.74 -12.38 -80.48
C UNK A 2134 -74.75 -12.95 -79.07
N UNK A 2135 -73.64 -12.79 -78.35
CA UNK A 2135 -73.60 -13.18 -76.95
C UNK A 2135 -74.15 -12.05 -76.10
N UNK A 2136 -74.65 -11.01 -76.77
CA UNK A 2136 -75.25 -9.88 -76.08
C UNK A 2136 -76.49 -10.34 -75.31
N UNK A 2137 -77.44 -10.91 -76.04
CA UNK A 2137 -78.65 -11.44 -75.41
C UNK A 2137 -78.28 -12.60 -74.49
N UNK A 2138 -77.18 -13.28 -74.81
CA UNK A 2138 -76.71 -14.36 -73.96
C UNK A 2138 -76.40 -13.83 -72.57
N UNK A 2139 -75.65 -12.73 -72.51
CA UNK A 2139 -75.30 -12.11 -71.25
C UNK A 2139 -76.55 -11.55 -70.57
N UNK A 2140 -77.42 -10.95 -71.38
CA UNK A 2140 -78.69 -10.43 -70.88
C UNK A 2140 -79.43 -11.54 -70.12
N UNK A 2141 -79.43 -12.73 -70.70
CA UNK A 2141 -80.12 -13.88 -70.11
C UNK A 2141 -79.36 -14.43 -68.91
N UNK A 2142 -78.04 -14.44 -68.99
CA UNK A 2142 -77.22 -14.87 -67.87
C UNK A 2142 -77.54 -14.02 -66.65
N UNK A 2143 -77.89 -12.76 -66.94
CA UNK A 2143 -78.29 -11.83 -65.88
C UNK A 2143 -79.73 -12.09 -65.43
N UNK A 2144 -80.64 -12.18 -66.39
CA UNK A 2144 -82.07 -12.31 -66.11
C UNK A 2144 -82.44 -13.67 -65.54
N UNK A 2145 -81.48 -14.58 -65.49
CA UNK A 2145 -81.69 -15.91 -64.91
C UNK A 2145 -82.34 -15.81 -63.52
N UNK A 2146 -76.66 -20.63 -58.66
CA UNK A 2146 -75.89 -21.81 -59.02
C UNK A 2146 -76.29 -22.31 -60.40
N UNK A 2147 -76.80 -21.40 -61.22
CA UNK A 2147 -77.12 -21.67 -62.61
C UNK A 2147 -76.79 -20.42 -63.42
N UNK A 2148 -77.35 -19.30 -62.97
CA UNK A 2148 -76.95 -17.99 -63.48
C UNK A 2148 -75.46 -17.81 -63.21
N UNK A 2149 -74.98 -18.46 -62.15
CA UNK A 2149 -73.56 -18.45 -61.83
C UNK A 2149 -72.76 -19.04 -62.99
N UNK A 2150 -73.14 -20.23 -63.43
CA UNK A 2150 -72.47 -20.90 -64.53
C UNK A 2150 -72.60 -20.08 -65.81
N UNK A 2151 -73.77 -19.48 -65.99
CA UNK A 2151 -74.02 -18.63 -67.15
C UNK A 2151 -72.98 -17.50 -67.19
N UNK A 2152 -72.84 -16.81 -66.06
CA UNK A 2152 -71.92 -15.69 -65.94
C UNK A 2152 -70.48 -16.16 -66.14
N UNK A 2153 -70.16 -17.32 -65.60
CA UNK A 2153 -68.81 -17.87 -65.74
C UNK A 2153 -68.50 -18.09 -67.20
N UNK A 2154 -69.46 -18.67 -67.92
CA UNK A 2154 -69.28 -18.93 -69.34
C UNK A 2154 -69.09 -17.63 -70.08
N UNK A 2155 -69.97 -16.66 -69.79
CA UNK A 2155 -69.91 -15.36 -70.45
C UNK A 2155 -68.53 -14.75 -70.27
N UNK A 2156 -68.03 -14.74 -69.05
CA UNK A 2156 -66.72 -14.16 -68.74
C UNK A 2156 -65.59 -14.90 -69.46
N UNK A 2157 -65.50 -16.20 -69.25
CA UNK A 2157 -64.40 -16.99 -69.81
C UNK A 2157 -64.42 -16.99 -71.34
N UNK A 2158 -65.58 -16.70 -71.92
CA UNK A 2158 -65.70 -16.66 -73.38
C UNK A 2158 -65.51 -15.24 -73.90
N UNK A 2159 -65.60 -14.26 -73.00
CA UNK A 2159 -65.34 -12.87 -73.34
C UNK A 2159 -64.24 -12.72 -74.39
N UNK A 2160 -62.99 -12.83 -73.96
CA UNK A 2160 -61.85 -12.65 -74.86
C UNK A 2160 -61.93 -13.60 -76.04
N UNK A 2161 -61.53 -13.11 -77.21
CA UNK A 2161 -61.57 -13.89 -78.45
C UNK A 2161 -60.31 -13.68 -79.28
N UNK A 2162 -59.15 -13.88 -78.67
CA UNK A 2162 -57.87 -13.69 -79.35
C UNK A 2162 -57.68 -12.22 -79.70
N UNK A 2163 -58.47 -11.35 -79.08
CA UNK A 2163 -58.41 -9.91 -79.33
C UNK A 2163 -58.52 -9.63 -80.83
N UNK A 2164 -59.46 -10.32 -81.49
CA UNK A 2164 -59.67 -10.13 -82.91
C UNK A 2164 -61.12 -9.73 -83.17
N UNK A 2165 -61.97 -9.89 -82.17
CA UNK A 2165 -63.38 -9.52 -82.29
C UNK A 2165 -63.59 -8.08 -81.86
N UNK A 2166 -64.39 -7.34 -82.63
CA UNK A 2166 -64.62 -5.93 -82.34
C UNK A 2166 -65.93 -5.42 -82.93
N UNK A 2167 -65.83 -4.71 -84.05
CA UNK A 2167 -66.95 -4.02 -84.68
C UNK A 2167 -68.31 -4.67 -84.46
N UNK A 2168 -68.50 -5.86 -85.01
CA UNK A 2168 -69.79 -6.55 -84.91
C UNK A 2168 -70.19 -6.74 -83.46
N UNK A 2169 -69.21 -6.87 -82.58
CA UNK A 2169 -69.47 -7.01 -81.15
C UNK A 2169 -70.08 -5.72 -80.60
N UNK A 2170 -69.90 -4.63 -81.34
CA UNK A 2170 -70.46 -3.35 -80.96
C UNK A 2170 -71.90 -3.22 -81.45
N UNK A 2171 -72.49 -4.35 -81.81
CA UNK A 2171 -73.85 -4.37 -82.33
C UNK A 2171 -74.87 -4.19 -81.21
N UNK A 2172 -75.76 -3.21 -81.38
CA UNK A 2172 -76.87 -3.00 -80.46
C UNK A 2172 -76.40 -2.55 -79.07
N UNK A 2173 -77.29 -1.86 -78.37
CA UNK A 2173 -77.01 -1.36 -77.03
C UNK A 2173 -78.26 -1.47 -76.16
N UNK A 2174 -78.34 -2.54 -75.38
CA UNK A 2174 -79.49 -2.79 -74.51
C UNK A 2174 -79.20 -2.37 -73.08
N UNK A 2175 -79.29 -1.08 -72.82
CA UNK A 2175 -78.99 -0.55 -71.49
C UNK A 2175 -80.26 -0.43 -70.65
N UNK A 2176 -81.41 -0.67 -71.27
CA UNK A 2176 -82.67 -0.63 -70.55
C UNK A 2176 -82.66 -1.66 -69.43
N UNK A 2177 -81.80 -2.67 -69.56
CA UNK A 2177 -81.71 -3.74 -68.59
C UNK A 2177 -81.56 -3.22 -67.17
N UNK A 2178 -80.36 -2.73 -66.85
CA UNK A 2178 -80.08 -2.24 -65.51
C UNK A 2178 -80.99 -1.06 -65.17
N UNK A 2179 -81.37 -0.29 -66.18
CA UNK A 2179 -82.24 0.87 -65.97
C UNK A 2179 -83.55 0.44 -65.31
N UNK A 2180 -84.16 -0.61 -65.84
CA UNK A 2180 -85.42 -1.12 -65.30
C UNK A 2180 -85.17 -1.98 -64.06
N UNK A 2181 -84.00 -2.60 -63.99
CA UNK A 2181 -83.64 -3.36 -62.80
C UNK A 2181 -83.60 -2.44 -61.59
N UNK A 2182 -83.22 -1.19 -61.85
CA UNK A 2182 -83.19 -0.17 -60.80
C UNK A 2182 -84.53 -0.13 -60.07
N UNK A 2183 -85.51 0.54 -60.66
CA UNK A 2183 -86.83 0.63 -60.08
C UNK A 2183 -87.32 -0.76 -59.69
N UNK A 2184 -86.89 -1.20 -58.50
CA UNK A 2184 -87.28 -2.50 -57.98
C UNK A 2184 -88.00 -2.33 -56.63
N UNK A 2185 -89.10 -3.05 -56.46
CA UNK A 2185 -89.92 -2.92 -55.25
C UNK A 2185 -89.75 -4.14 -54.34
N UNK A 2186 -89.56 -5.30 -54.96
CA UNK A 2186 -89.39 -6.54 -54.21
C UNK A 2186 -88.11 -6.48 -53.39
N UNK A 2187 -87.33 -7.56 -53.47
CA UNK A 2187 -86.00 -7.58 -52.88
C UNK A 2187 -84.97 -7.45 -53.99
N UNK A 2188 -85.45 -7.65 -55.23
CA UNK A 2188 -84.62 -7.53 -56.42
C UNK A 2188 -83.25 -8.17 -56.24
N UNK A 2189 -83.22 -9.49 -56.24
CA UNK A 2189 -81.97 -10.22 -56.02
C UNK A 2189 -81.22 -10.43 -57.33
N UNK A 2190 -81.84 -11.18 -58.25
CA UNK A 2190 -81.21 -11.50 -59.53
C UNK A 2190 -80.62 -10.26 -60.17
N UNK A 2191 -81.40 -9.59 -61.02
CA UNK A 2191 -80.95 -8.35 -61.64
C UNK A 2191 -80.47 -7.40 -60.56
N UNK A 2192 -79.28 -7.67 -60.05
CA UNK A 2192 -78.69 -6.89 -58.96
C UNK A 2192 -77.22 -7.25 -58.78
N UNK A 2193 -69.87 -7.26 -61.88
CA UNK A 2193 -69.83 -8.39 -62.80
C UNK A 2193 -70.25 -7.95 -64.20
N UNK A 2194 -71.29 -7.13 -64.27
CA UNK A 2194 -71.79 -6.62 -65.54
C UNK A 2194 -70.84 -5.55 -66.07
N UNK A 2195 -70.43 -4.65 -65.19
CA UNK A 2195 -69.50 -3.60 -65.58
C UNK A 2195 -68.18 -4.22 -65.97
N UNK A 2196 -67.95 -5.45 -65.53
CA UNK A 2196 -66.77 -6.20 -65.94
C UNK A 2196 -66.80 -6.38 -67.45
N UNK A 2197 -68.00 -6.58 -67.98
CA UNK A 2197 -68.17 -6.75 -69.43
C UNK A 2197 -67.80 -5.46 -70.14
N UNK A 2198 -68.30 -4.34 -69.64
CA UNK A 2198 -67.99 -3.03 -70.21
C UNK A 2198 -66.48 -2.84 -70.22
N UNK A 2199 -65.85 -3.11 -69.08
CA UNK A 2199 -64.41 -2.99 -68.95
C UNK A 2199 -63.70 -3.82 -70.01
N UNK A 2200 -63.91 -5.14 -69.94
CA UNK A 2200 -63.27 -6.07 -70.87
C UNK A 2200 -63.43 -5.63 -72.32
N UNK A 2201 -64.62 -5.19 -72.69
CA UNK A 2201 -64.89 -4.84 -74.07
C UNK A 2201 -64.29 -3.50 -74.44
N UNK A 2202 -64.02 -2.67 -73.43
CA UNK A 2202 -63.40 -1.37 -73.66
C UNK A 2202 -62.29 -1.46 -74.70
N UNK A 2203 -62.60 -1.06 -75.92
CA UNK A 2203 -61.63 -1.07 -77.01
C UNK A 2203 -61.89 0.09 -77.95
N UNK A 2204 -60.83 0.79 -78.33
CA UNK A 2204 -60.91 1.94 -79.20
C UNK A 2204 -61.44 3.16 -78.44
N UNK A 2205 -62.03 2.91 -77.27
CA UNK A 2205 -62.62 3.97 -76.48
C UNK A 2205 -63.74 4.64 -77.25
N UNK A 2206 -64.40 3.85 -78.09
CA UNK A 2206 -65.47 4.36 -78.94
C UNK A 2206 -66.83 4.17 -78.28
N UNK A 2207 -66.84 3.52 -77.11
CA UNK A 2207 -68.08 3.25 -76.39
C UNK A 2207 -68.65 4.53 -75.76
N UNK A 2208 -68.11 5.66 -76.21
CA UNK A 2208 -68.57 6.96 -75.75
C UNK A 2208 -70.06 7.10 -75.99
N UNK A 2209 -70.52 6.67 -77.16
CA UNK A 2209 -71.94 6.76 -77.49
C UNK A 2209 -72.76 6.00 -76.45
N UNK A 2210 -72.48 4.70 -76.31
CA UNK A 2210 -73.21 3.85 -75.38
C UNK A 2210 -73.22 4.47 -74.00
N UNK A 2211 -72.11 5.06 -73.60
CA UNK A 2211 -72.05 5.72 -72.31
C UNK A 2211 -73.01 6.91 -72.30
N UNK A 2212 -73.14 7.57 -73.46
CA UNK A 2212 -73.97 8.75 -73.58
C UNK A 2212 -75.46 8.40 -73.53
N UNK A 2213 -75.76 7.11 -73.54
CA UNK A 2213 -77.14 6.65 -73.42
C UNK A 2213 -77.33 6.01 -72.05
N UNK A 2214 -76.22 5.53 -71.50
CA UNK A 2214 -76.23 4.95 -70.17
C UNK A 2214 -76.36 6.04 -69.10
N UNK A 2215 -75.79 7.20 -69.38
CA UNK A 2215 -75.73 8.28 -68.41
C UNK A 2215 -77.10 8.67 -67.87
N UNK A 2216 -78.12 8.60 -68.73
CA UNK A 2216 -79.46 9.05 -68.36
C UNK A 2216 -80.11 8.14 -67.32
N UNK A 2217 -79.47 7.02 -67.01
CA UNK A 2217 -79.98 6.08 -66.02
C UNK A 2217 -78.88 5.73 -65.03
N UNK A 2218 -77.70 6.29 -65.28
CA UNK A 2218 -76.54 6.14 -64.38
C UNK A 2218 -76.93 6.10 -62.90
N UNK A 2219 -77.90 6.92 -62.52
CA UNK A 2219 -78.39 6.94 -61.13
C UNK A 2219 -78.76 5.53 -60.69
N UNK A 2220 -78.46 5.21 -59.44
CA UNK A 2220 -78.75 3.88 -58.91
C UNK A 2220 -78.31 3.78 -57.45
N UNK A 2221 -71.74 -3.61 -53.42
CA UNK A 2221 -71.23 -2.25 -53.47
C UNK A 2221 -69.80 -2.22 -54.00
N UNK A 2222 -69.06 -3.30 -53.79
CA UNK A 2222 -67.67 -3.40 -54.21
C UNK A 2222 -67.55 -3.28 -55.72
N UNK A 2223 -68.32 -4.09 -56.43
CA UNK A 2223 -68.32 -4.06 -57.89
C UNK A 2223 -68.76 -2.68 -58.38
N UNK A 2224 -69.75 -2.12 -57.70
CA UNK A 2224 -70.26 -0.80 -58.05
C UNK A 2224 -69.13 0.22 -58.01
N UNK A 2225 -68.41 0.24 -56.90
CA UNK A 2225 -67.32 1.18 -56.69
C UNK A 2225 -66.23 0.96 -57.72
N UNK A 2226 -65.90 -0.30 -57.97
CA UNK A 2226 -64.84 -0.64 -58.92
C UNK A 2226 -65.18 -0.09 -60.30
N UNK A 2227 -66.40 -0.36 -60.73
CA UNK A 2227 -66.85 0.08 -62.03
C UNK A 2227 -66.84 1.60 -62.11
N UNK A 2228 -67.29 2.24 -61.04
CA UNK A 2228 -67.38 3.69 -61.02
C UNK A 2228 -65.99 4.29 -61.17
N UNK A 2229 -65.03 3.77 -60.39
CA UNK A 2229 -63.67 4.27 -60.43
C UNK A 2229 -63.05 4.04 -61.80
N UNK A 2230 -63.29 2.87 -62.38
CA UNK A 2230 -62.74 2.57 -63.70
C UNK A 2230 -63.27 3.57 -64.72
N UNK A 2231 -64.58 3.77 -64.73
CA UNK A 2231 -65.23 4.60 -65.72
C UNK A 2231 -64.92 6.07 -65.50
N UNK A 2232 -64.50 6.42 -64.28
CA UNK A 2232 -64.12 7.79 -63.98
C UNK A 2232 -62.66 8.07 -64.31
N UNK A 2233 -61.81 7.06 -64.14
CA UNK A 2233 -60.38 7.22 -64.39
C UNK A 2233 -60.07 7.18 -65.89
N UNK A 2234 -60.96 6.56 -66.65
CA UNK A 2234 -60.81 6.51 -68.09
C UNK A 2234 -61.54 7.70 -68.71
N UNK A 2235 -61.74 8.74 -67.92
CA UNK A 2235 -62.43 9.94 -68.38
C UNK A 2235 -61.77 11.19 -67.82
N UNK A 2236 -61.18 11.04 -66.63
CA UNK A 2236 -60.47 12.16 -66.01
C UNK A 2236 -61.46 13.25 -65.59
N UNK A 2237 -70.88 13.99 -69.71
CA UNK A 2237 -70.33 14.85 -68.66
C UNK A 2237 -71.36 15.12 -67.58
N UNK A 2238 -72.37 14.25 -67.49
CA UNK A 2238 -73.45 14.41 -66.52
C UNK A 2238 -73.16 13.62 -65.25
N UNK A 2239 -72.43 12.54 -65.41
CA UNK A 2239 -72.00 11.72 -64.28
C UNK A 2239 -71.29 12.62 -63.27
N UNK A 2240 -70.64 13.65 -63.79
CA UNK A 2240 -69.99 14.67 -62.97
C UNK A 2240 -70.92 15.08 -61.84
N UNK A 2241 -71.91 15.90 -62.18
CA UNK A 2241 -72.85 16.44 -61.21
C UNK A 2241 -73.62 15.33 -60.52
N UNK A 2242 -73.87 14.22 -61.21
CA UNK A 2242 -74.55 13.09 -60.59
C UNK A 2242 -73.84 12.68 -59.30
N UNK A 2243 -72.60 12.21 -59.48
CA UNK A 2243 -71.79 11.76 -58.37
C UNK A 2243 -71.51 12.89 -57.38
N UNK A 2244 -71.37 14.12 -57.88
CA UNK A 2244 -71.09 15.25 -56.99
C UNK A 2244 -72.22 15.40 -55.98
N UNK A 2245 -73.45 15.45 -56.48
CA UNK A 2245 -74.61 15.58 -55.62
C UNK A 2245 -74.74 14.34 -54.73
N UNK A 2246 -74.41 13.17 -55.26
CA UNK A 2246 -74.47 11.95 -54.47
C UNK A 2246 -73.59 12.06 -53.24
N UNK A 2247 -72.36 12.53 -53.47
CA UNK A 2247 -71.36 12.68 -52.42
C UNK A 2247 -71.80 13.75 -51.43
N UNK A 2248 -72.33 14.85 -51.96
CA UNK A 2248 -72.80 15.93 -51.11
C UNK A 2248 -73.87 15.40 -50.17
N UNK A 2249 -74.80 14.63 -50.71
CA UNK A 2249 -75.89 14.09 -49.94
C UNK A 2249 -75.40 13.11 -48.88
N UNK A 2250 -74.45 12.26 -49.26
CA UNK A 2250 -73.90 11.31 -48.32
C UNK A 2250 -73.26 12.05 -47.15
N UNK A 2251 -72.45 13.06 -47.47
CA UNK A 2251 -71.77 13.84 -46.45
C UNK A 2251 -72.77 14.57 -45.58
N UNK A 2252 -73.85 15.04 -46.18
CA UNK A 2252 -74.86 15.79 -45.44
C UNK A 2252 -75.54 14.87 -44.45
N UNK A 2253 -75.88 13.67 -44.90
CA UNK A 2253 -76.49 12.67 -44.03
C UNK A 2253 -75.55 12.40 -42.85
N UNK A 2254 -74.28 12.21 -43.17
CA UNK A 2254 -73.28 11.94 -42.15
C UNK A 2254 -73.26 13.06 -41.11
N UNK A 2255 -73.04 14.29 -41.58
CA UNK A 2255 -72.95 15.46 -40.72
C UNK A 2255 -74.21 15.63 -39.87
N UNK A 2256 -75.36 15.29 -40.44
CA UNK A 2256 -76.62 15.34 -39.72
C UNK A 2256 -76.59 14.34 -38.57
N UNK A 2257 -76.30 14.84 -37.36
CA UNK A 2257 -76.20 14.00 -36.19
C UNK A 2257 -77.39 13.04 -36.08
N UNK A 2258 -71.64 2.77 -41.85
CA UNK A 2258 -71.58 2.35 -43.24
C UNK A 2258 -70.29 2.82 -43.89
N UNK A 2259 -69.33 1.91 -44.02
CA UNK A 2259 -68.04 2.24 -44.61
C UNK A 2259 -68.17 2.51 -46.11
N UNK A 2260 -69.26 2.04 -46.69
CA UNK A 2260 -69.51 2.21 -48.10
C UNK A 2260 -69.42 3.68 -48.49
N UNK A 2261 -69.83 4.55 -47.57
CA UNK A 2261 -69.77 5.98 -47.81
C UNK A 2261 -68.39 6.34 -48.35
N UNK A 2262 -67.38 6.13 -47.52
CA UNK A 2262 -66.01 6.47 -47.89
C UNK A 2262 -65.50 5.57 -49.01
N UNK A 2263 -65.87 4.30 -48.98
CA UNK A 2263 -65.44 3.35 -50.00
C UNK A 2263 -65.75 3.89 -51.38
N UNK A 2264 -66.85 4.62 -51.46
CA UNK A 2264 -67.26 5.25 -52.70
C UNK A 2264 -66.59 6.61 -52.88
N UNK A 2265 -66.67 7.43 -51.83
CA UNK A 2265 -66.14 8.79 -51.87
C UNK A 2265 -64.69 8.82 -52.35
N UNK A 2266 -63.97 7.74 -52.06
CA UNK A 2266 -62.57 7.65 -52.44
C UNK A 2266 -62.42 7.66 -53.94
N UNK A 2267 -63.07 6.70 -54.60
CA UNK A 2267 -63.02 6.59 -56.05
C UNK A 2267 -63.34 7.93 -56.70
N UNK A 2268 -64.19 8.70 -56.03
CA UNK A 2268 -64.59 10.01 -56.54
C UNK A 2268 -63.36 10.89 -56.75
N UNK A 2269 -62.70 11.25 -55.65
CA UNK A 2269 -61.52 12.11 -55.71
C UNK A 2269 -60.30 11.30 -56.12
N UNK A 2270 -60.53 10.15 -56.75
CA UNK A 2270 -59.45 9.28 -57.19
C UNK A 2270 -58.43 10.04 -58.04
N UNK A 2271 -58.81 10.30 -59.28
CA UNK A 2271 -57.88 10.87 -60.25
C UNK A 2271 -57.48 12.30 -59.89
N UNK A 2272 -58.43 13.06 -59.34
CA UNK A 2272 -58.18 14.47 -59.04
C UNK A 2272 -57.94 14.68 -57.55
N UNK A 2273 -57.05 15.63 -57.24
CA UNK A 2273 -56.72 15.94 -55.85
C UNK A 2273 -57.58 17.08 -55.33
N UNK A 2274 -57.63 18.17 -56.09
CA UNK A 2274 -58.37 19.37 -55.68
C UNK A 2274 -59.87 19.08 -55.61
N UNK A 2275 -60.27 17.91 -56.09
CA UNK A 2275 -61.69 17.56 -56.16
C UNK A 2275 -62.40 17.71 -54.83
N UNK A 2276 -61.65 17.68 -53.74
CA UNK A 2276 -62.23 17.73 -52.41
C UNK A 2276 -62.51 19.17 -51.99
N UNK A 2277 -61.59 20.07 -52.29
CA UNK A 2277 -61.62 21.46 -51.83
C UNK A 2277 -63.02 21.99 -51.55
N UNK A 2278 -63.95 21.71 -52.46
CA UNK A 2278 -65.31 22.21 -52.32
C UNK A 2278 -66.03 21.61 -51.12
N UNK A 2279 -66.37 20.32 -51.21
CA UNK A 2279 -67.15 19.65 -50.18
C UNK A 2279 -66.38 19.53 -48.87
N UNK A 2280 -65.05 19.64 -48.95
CA UNK A 2280 -64.19 19.49 -47.80
C UNK A 2280 -63.98 20.83 -47.09
N UNK A 2281 -65.07 21.36 -46.54
CA UNK A 2281 -65.03 22.54 -45.69
C UNK A 2281 -65.88 22.24 -44.48
N UNK A 2282 -66.53 21.07 -44.53
CA UNK A 2282 -67.32 20.56 -43.42
C UNK A 2282 -66.82 19.17 -43.06
N UNK A 2283 -66.27 18.48 -44.06
CA UNK A 2283 -65.74 17.13 -43.88
C UNK A 2283 -64.96 17.02 -42.59
N UNK A 2284 -64.27 18.10 -42.24
CA UNK A 2284 -63.51 18.18 -41.00
C UNK A 2284 -64.42 17.90 -39.81
N UNK A 2285 -65.66 18.38 -39.89
CA UNK A 2285 -66.62 18.17 -38.80
C UNK A 2285 -66.91 16.68 -38.61
N UNK A 2286 -67.24 16.03 -39.72
CA UNK A 2286 -67.53 14.60 -39.68
C UNK A 2286 -66.30 13.84 -39.21
N UNK A 2287 -65.13 14.33 -39.59
CA UNK A 2287 -63.87 13.68 -39.24
C UNK A 2287 -63.68 13.75 -37.74
N UNK A 2288 -63.93 14.92 -37.18
CA UNK A 2288 -63.83 15.12 -35.74
C UNK A 2288 -64.78 14.19 -35.04
N UNK A 2289 -65.98 14.07 -35.57
CA UNK A 2289 -66.98 13.18 -34.99
C UNK A 2289 -66.47 11.73 -34.98
N UNK A 2290 -65.98 11.29 -36.14
CA UNK A 2290 -65.51 9.92 -36.31
C UNK A 2290 -64.33 9.62 -35.38
N UNK A 2291 -63.45 10.61 -35.23
CA UNK A 2291 -62.27 10.44 -34.41
C UNK A 2291 -62.63 10.42 -32.93
N UNK A 2292 -63.62 11.22 -32.55
CA UNK A 2292 -64.11 11.22 -31.18
C UNK A 2292 -64.76 9.88 -30.87
N UNK A 2293 -65.43 9.33 -31.88
CA UNK A 2293 -66.04 8.01 -31.74
C UNK A 2293 -64.96 6.97 -31.50
N UNK A 2294 -63.91 7.02 -32.30
CA UNK A 2294 -62.79 6.09 -32.16
C UNK A 2294 -62.19 6.22 -30.78
N UNK A 2295 -61.48 7.32 -30.56
CA UNK A 2295 -60.88 7.58 -29.26
C UNK A 2295 -61.97 7.88 -28.25
N UNK A 2296 -61.57 8.36 -27.08
CA UNK A 2296 -62.54 8.78 -26.07
C UNK A 2296 -63.50 7.66 -25.69
N UNK A 2297 -64.75 7.82 -26.11
CA UNK A 2297 -65.80 6.89 -25.76
C UNK A 2297 -65.46 5.45 -26.13
N UNK A 2298 -65.88 4.51 -25.28
CA UNK A 2298 -65.82 3.10 -25.59
C UNK A 2298 -67.20 2.65 -26.03
N UNK A 2299 -68.19 3.45 -25.68
CA UNK A 2299 -69.58 3.17 -26.02
C UNK A 2299 -70.02 4.08 -27.17
N ALA A 2300 -66.19 -4.68 -36.55
CA ALA A 2300 -65.91 -3.76 -35.46
C ALA A 2300 -64.90 -2.71 -35.89
N GLY A 2301 -63.93 -3.12 -36.72
CA GLY A 2301 -62.84 -2.28 -37.14
C GLY A 2301 -63.18 -1.28 -38.22
N THR A 2302 -64.45 -1.18 -38.61
CA THR A 2302 -64.84 -0.17 -39.59
C THR A 2302 -64.41 1.22 -39.16
N SER A 2303 -64.44 1.49 -37.85
CA SER A 2303 -63.91 2.75 -37.34
C SER A 2303 -62.48 2.96 -37.78
N GLU A 2304 -61.64 1.92 -37.66
CA GLU A 2304 -60.25 2.05 -38.08
C GLU A 2304 -60.15 2.41 -39.56
N LEU A 2305 -60.84 1.64 -40.41
CA LEU A 2305 -60.66 1.79 -41.85
C LEU A 2305 -61.21 3.10 -42.37
N VAL A 2306 -62.33 3.58 -41.80
CA VAL A 2306 -62.86 4.87 -42.24
C VAL A 2306 -61.87 5.98 -41.92
N MET A 2307 -61.31 5.96 -40.71
CA MET A 2307 -60.31 6.96 -40.35
C MET A 2307 -59.10 6.87 -41.27
N LEU A 2308 -58.64 5.66 -41.55
CA LEU A 2308 -57.47 5.49 -42.41
C LEU A 2308 -57.73 6.03 -43.81
N SER A 2309 -58.92 5.78 -44.36
CA SER A 2309 -59.20 6.20 -45.73
C SER A 2309 -59.56 7.67 -45.80
N LEU A 2310 -59.91 8.28 -44.67
CA LEU A 2310 -60.12 9.72 -44.67
C LEU A 2310 -58.81 10.48 -44.52
N GLU A 2311 -57.92 9.99 -43.64
CA GLU A 2311 -56.61 10.60 -43.49
C GLU A 2311 -55.84 10.56 -44.80
N LEU A 2312 -55.83 9.40 -45.46
CA LEU A 2312 -55.15 9.31 -46.74
C LEU A 2312 -55.60 10.40 -47.70
N VAL A 2313 -56.92 10.61 -47.81
CA VAL A 2313 -57.44 11.53 -48.80
C VAL A 2313 -57.12 12.96 -48.44
N LYS A 2314 -57.27 13.34 -47.17
CA LYS A 2314 -57.22 14.75 -46.84
C LYS A 2314 -55.80 15.29 -46.67
N THR A 2315 -54.79 14.49 -47.04
CA THR A 2315 -53.39 14.91 -46.89
C THR A 2315 -52.92 15.86 -47.97
N ARG A 2316 -53.18 15.55 -49.25
CA ARG A 2316 -52.53 16.28 -50.33
C ARG A 2316 -52.93 17.75 -50.32
N LEU A 2317 -54.03 18.10 -49.67
CA LEU A 2317 -54.50 19.48 -49.64
C LEU A 2317 -53.96 20.20 -48.41
N ALA A 2318 -53.34 21.35 -48.63
CA ALA A 2318 -52.84 22.19 -47.55
C ALA A 2318 -53.61 23.49 -47.40
N VAL A 2319 -54.12 24.07 -48.49
CA VAL A 2319 -54.81 25.35 -48.44
C VAL A 2319 -56.23 25.14 -47.92
N MET A 2320 -56.43 25.39 -46.64
CA MET A 2320 -57.75 25.35 -46.01
C MET A 2320 -57.89 26.60 -45.16
N SER A 2321 -59.09 26.78 -44.61
CA SER A 2321 -59.30 27.86 -43.66
C SER A 2321 -58.20 27.83 -42.60
N MET A 2322 -57.85 29.01 -42.09
CA MET A 2322 -56.85 29.05 -41.02
C MET A 2322 -57.32 28.24 -39.82
N GLU A 2323 -58.58 28.38 -39.43
CA GLU A 2323 -59.09 27.64 -38.28
C GLU A 2323 -59.03 26.14 -38.55
N MET A 2324 -59.42 25.71 -39.74
CA MET A 2324 -59.39 24.28 -40.06
C MET A 2324 -57.96 23.74 -40.07
N ARG A 2325 -57.04 24.50 -40.65
CA ARG A 2325 -55.63 24.11 -40.63
C ARG A 2325 -55.14 23.91 -39.21
N LYS A 2326 -55.36 24.90 -38.34
CA LYS A 2326 -54.92 24.75 -36.96
C LYS A 2326 -55.61 23.57 -36.29
N ASN A 2327 -56.92 23.42 -36.47
CA ASN A 2327 -57.64 22.35 -35.80
C ASN A 2327 -57.07 20.99 -36.17
N PHE A 2328 -56.95 20.73 -37.47
CA PHE A 2328 -56.43 19.44 -37.93
C PHE A 2328 -55.17 19.07 -37.17
N ILE A 2329 -54.11 19.84 -37.36
CA ILE A 2329 -52.79 19.49 -36.83
C ILE A 2329 -52.80 19.49 -35.31
N GLN A 2330 -53.35 20.54 -34.69
CA GLN A 2330 -53.29 20.62 -33.23
C GLN A 2330 -54.04 19.46 -32.58
N ALA A 2331 -55.28 19.22 -32.97
CA ALA A 2331 -56.16 18.33 -32.23
C ALA A 2331 -56.25 16.93 -32.81
N ILE A 2332 -56.56 16.80 -34.10
CA ILE A 2332 -56.91 15.49 -34.63
C ILE A 2332 -55.71 14.57 -34.58
N LEU A 2333 -54.56 15.03 -35.08
CA LEU A 2333 -53.37 14.19 -35.08
C LEU A 2333 -52.92 13.88 -33.67
N THR A 2334 -52.91 14.87 -32.79
CA THR A 2334 -52.46 14.64 -31.42
C THR A 2334 -53.35 13.64 -30.69
N SER A 2335 -54.67 13.71 -30.89
CA SER A 2335 -55.57 12.81 -30.18
C SER A 2335 -55.29 11.36 -30.55
N LEU A 2336 -55.08 11.08 -31.84
CA LEU A 2336 -54.77 9.72 -32.25
C LEU A 2336 -53.45 9.26 -31.67
N ILE A 2337 -52.40 10.08 -31.79
CA ILE A 2337 -51.11 9.69 -31.25
C ILE A 2337 -51.23 9.40 -29.76
N GLU A 2338 -52.09 10.14 -29.06
CA GLU A 2338 -52.18 9.97 -27.61
C GLU A 2338 -52.98 8.72 -27.22
N LYS A 2339 -54.21 8.59 -27.71
CA LYS A 2339 -55.16 7.62 -27.17
C LYS A 2339 -55.87 6.84 -28.27
N SER A 2340 -55.10 6.30 -29.21
CA SER A 2340 -55.66 5.46 -30.27
C SER A 2340 -55.04 4.06 -30.19
N PRO A 2341 -55.68 3.10 -29.51
CA PRO A 2341 -55.05 1.78 -29.34
C PRO A 2341 -55.13 0.93 -30.60
N ASP A 2342 -54.43 1.38 -31.63
CA ASP A 2342 -54.42 0.69 -32.92
C ASP A 2342 -53.11 0.97 -33.63
N ALA A 2343 -52.27 -0.06 -33.74
CA ALA A 2343 -50.96 0.11 -34.35
C ALA A 2343 -51.05 0.61 -35.79
N LYS A 2344 -52.04 0.11 -36.54
CA LYS A 2344 -52.11 0.44 -37.96
C LYS A 2344 -52.45 1.91 -38.17
N ILE A 2345 -53.16 2.53 -37.23
CA ILE A 2345 -53.46 3.96 -37.33
C ILE A 2345 -52.18 4.77 -37.17
N LEU A 2346 -51.40 4.45 -36.14
CA LEU A 2346 -50.13 5.13 -35.93
C LEU A 2346 -49.19 4.92 -37.11
N ARG A 2347 -49.22 3.73 -37.72
CA ARG A 2347 -48.36 3.49 -38.87
C ARG A 2347 -48.65 4.47 -40.00
N ALA A 2348 -49.92 4.66 -40.34
CA ALA A 2348 -50.26 5.59 -41.42
C ALA A 2348 -49.96 7.03 -41.02
N VAL A 2349 -50.20 7.38 -39.75
CA VAL A 2349 -49.88 8.73 -39.31
C VAL A 2349 -48.38 9.01 -39.48
N VAL A 2350 -47.54 8.05 -39.08
CA VAL A 2350 -46.10 8.23 -39.20
C VAL A 2350 -45.71 8.28 -40.67
N LYS A 2351 -46.36 7.48 -41.52
CA LYS A 2351 -46.05 7.53 -42.95
C LYS A 2351 -46.33 8.91 -43.53
N ILE A 2352 -47.47 9.50 -43.19
CA ILE A 2352 -47.80 10.82 -43.75
C ILE A 2352 -46.85 11.87 -43.19
N VAL A 2353 -46.47 11.76 -41.92
CA VAL A 2353 -45.51 12.72 -41.37
C VAL A 2353 -44.17 12.60 -42.07
N GLU A 2354 -43.73 11.37 -42.35
CA GLU A 2354 -42.49 11.17 -43.09
C GLU A 2354 -42.57 11.80 -44.46
N GLU A 2355 -43.69 11.58 -45.16
CA GLU A 2355 -43.87 12.20 -46.47
C GLU A 2355 -43.72 13.71 -46.38
N TRP A 2356 -44.37 14.33 -45.39
CA TRP A 2356 -44.25 15.78 -45.25
C TRP A 2356 -42.80 16.18 -45.00
N VAL A 2357 -42.10 15.49 -44.10
CA VAL A 2357 -40.79 15.96 -43.67
C VAL A 2357 -39.76 15.80 -44.78
N LYS A 2358 -39.85 14.72 -45.56
CA LYS A 2358 -38.89 14.47 -46.63
C LYS A 2358 -39.31 15.23 -47.89
N ASN A 2359 -39.55 16.53 -47.71
CA ASN A 2359 -40.13 17.36 -48.76
C ASN A 2359 -39.11 17.64 -49.86
N ASN A 2360 -39.62 18.20 -50.95
CA ASN A 2360 -38.81 18.68 -52.06
C ASN A 2360 -38.85 20.20 -52.10
N SER A 2361 -38.24 20.76 -53.14
CA SER A 2361 -38.27 22.20 -53.35
C SER A 2361 -39.59 22.68 -53.93
N PRO A 2362 -40.18 21.97 -54.91
CA PRO A 2362 -41.46 22.45 -55.47
C PRO A 2362 -42.50 22.79 -54.42
N MET A 2363 -42.62 21.98 -53.36
CA MET A 2363 -43.47 22.35 -52.24
C MET A 2363 -44.93 22.54 -52.65
N ALA A 2364 -45.59 21.46 -53.08
CA ALA A 2364 -46.97 21.54 -53.54
C ALA A 2364 -47.83 22.35 -52.58
N ALA A 2365 -48.82 23.04 -53.16
CA ALA A 2365 -49.70 23.94 -52.42
C ALA A 2365 -48.96 25.19 -51.95
N ASN A 2366 -47.73 25.36 -52.43
CA ASN A 2366 -46.89 26.50 -52.10
C ASN A 2366 -46.36 26.40 -50.67
N GLN A 2367 -46.80 25.41 -49.91
CA GLN A 2367 -46.32 25.25 -48.54
C GLN A 2367 -46.88 23.97 -47.94
N THR A 2368 -46.02 23.25 -47.22
CA THR A 2368 -46.39 22.15 -46.34
C THR A 2368 -46.26 22.68 -44.92
N PRO A 2369 -46.68 21.93 -43.90
CA PRO A 2369 -46.73 22.50 -42.55
C PRO A 2369 -45.39 23.08 -42.14
N THR A 2370 -45.44 24.14 -41.34
CA THR A 2370 -44.22 24.83 -40.95
C THR A 2370 -43.48 24.06 -39.85
N LEU A 2371 -42.34 24.61 -39.46
CA LEU A 2371 -41.50 23.94 -38.49
C LEU A 2371 -42.19 23.82 -37.14
N ARG A 2372 -43.06 24.76 -36.78
CA ARG A 2372 -43.78 24.62 -35.52
C ARG A 2372 -44.64 23.36 -35.50
N GLU A 2373 -45.40 23.15 -36.58
CA GLU A 2373 -46.23 21.94 -36.66
C GLU A 2373 -45.37 20.69 -36.70
N LYS A 2374 -44.29 20.73 -37.48
CA LYS A 2374 -43.41 19.56 -37.54
C LYS A 2374 -42.85 19.24 -36.16
N SER A 2375 -42.39 20.26 -35.45
CA SER A 2375 -41.85 20.06 -34.11
C SER A 2375 -42.89 19.49 -33.17
N ILE A 2376 -44.11 20.02 -33.20
CA ILE A 2376 -45.14 19.53 -32.29
C ILE A 2376 -45.42 18.05 -32.57
N LEU A 2377 -45.57 17.70 -33.85
CA LEU A 2377 -45.86 16.31 -34.18
C LEU A 2377 -44.73 15.39 -33.73
N LEU A 2378 -43.48 15.77 -34.02
CA LEU A 2378 -42.36 14.92 -33.68
C LEU A 2378 -42.21 14.78 -32.17
N VAL A 2379 -42.43 15.86 -31.42
CA VAL A 2379 -42.33 15.77 -29.97
C VAL A 2379 -43.40 14.86 -29.41
N LYS A 2380 -44.64 14.98 -29.91
CA LYS A 2380 -45.69 14.10 -29.41
C LYS A 2380 -45.36 12.64 -29.70
N MET A 2381 -44.87 12.35 -30.90
CA MET A 2381 -44.50 10.98 -31.23
C MET A 2381 -43.40 10.48 -30.30
N MET A 2382 -42.33 11.26 -30.16
CA MET A 2382 -41.24 10.87 -29.27
C MET A 2382 -41.77 10.53 -27.89
N THR A 2383 -42.65 11.36 -27.36
CA THR A 2383 -43.15 11.13 -26.01
C THR A 2383 -43.98 9.85 -25.92
N TYR A 2384 -44.93 9.63 -26.83
CA TYR A 2384 -45.95 8.62 -26.58
C TYR A 2384 -45.74 7.28 -27.28
N ILE A 2385 -45.08 7.23 -28.45
CA ILE A 2385 -45.09 6.00 -29.24
C ILE A 2385 -44.49 4.85 -28.44
N GLU A 2386 -43.22 4.97 -28.07
CA GLU A 2386 -42.55 3.88 -27.37
C GLU A 2386 -43.13 3.64 -25.98
N LYS A 2387 -43.67 4.68 -25.36
CA LYS A 2387 -44.30 4.51 -24.05
C LYS A 2387 -45.52 3.60 -24.15
N ARG A 2388 -46.32 3.74 -25.21
CA ARG A 2388 -47.56 2.99 -25.28
C ARG A 2388 -47.39 1.65 -25.99
N PHE A 2389 -46.39 1.51 -26.86
CA PHE A 2389 -46.19 0.30 -27.65
C PHE A 2389 -44.75 -0.16 -27.51
N PRO A 2390 -44.38 -0.75 -26.37
CA PRO A 2390 -43.00 -1.20 -26.20
C PRO A 2390 -42.65 -2.44 -27.00
N GLU A 2391 -43.63 -3.12 -27.60
CA GLU A 2391 -43.34 -4.42 -28.21
C GLU A 2391 -43.48 -4.39 -29.73
N ASP A 2392 -44.17 -3.39 -30.28
CA ASP A 2392 -44.36 -3.31 -31.73
C ASP A 2392 -43.06 -2.88 -32.39
N LEU A 2393 -42.42 -3.79 -33.12
CA LEU A 2393 -41.11 -3.49 -33.67
C LEU A 2393 -41.19 -2.58 -34.89
N GLU A 2394 -42.17 -2.78 -35.76
CA GLU A 2394 -42.18 -2.09 -37.03
C GLU A 2394 -42.48 -0.60 -36.87
N LEU A 2395 -43.43 -0.26 -35.98
CA LEU A 2395 -43.74 1.13 -35.74
C LEU A 2395 -42.53 1.88 -35.18
N ASN A 2396 -41.84 1.25 -34.23
CA ASN A 2396 -40.63 1.85 -33.69
C ASN A 2396 -39.56 2.00 -34.76
N ALA A 2397 -39.41 0.99 -35.62
CA ALA A 2397 -38.43 1.08 -36.69
C ALA A 2397 -38.73 2.25 -37.62
N GLN A 2398 -40.00 2.43 -37.99
CA GLN A 2398 -40.36 3.54 -38.86
C GLN A 2398 -40.07 4.87 -38.21
N PHE A 2399 -40.46 5.03 -36.94
CA PHE A 2399 -40.22 6.30 -36.28
C PHE A 2399 -38.73 6.59 -36.15
N LEU A 2400 -37.94 5.57 -35.81
CA LEU A 2400 -36.50 5.77 -35.68
C LEU A 2400 -35.87 6.08 -37.04
N ASP A 2401 -36.36 5.47 -38.13
CA ASP A 2401 -35.81 5.79 -39.44
C ASP A 2401 -36.10 7.23 -39.82
N LEU A 2402 -37.31 7.72 -39.51
CA LEU A 2402 -37.62 9.10 -39.79
C LEU A 2402 -36.71 10.05 -39.01
N VAL A 2403 -36.55 9.80 -37.70
CA VAL A 2403 -35.69 10.68 -36.91
C VAL A 2403 -34.25 10.58 -37.36
N ASN A 2404 -33.82 9.40 -37.84
CA ASN A 2404 -32.47 9.27 -38.34
C ASN A 2404 -32.28 10.10 -39.60
N TYR A 2405 -33.24 10.06 -40.52
CA TYR A 2405 -33.16 10.95 -41.67
C TYR A 2405 -33.02 12.39 -41.20
N VAL A 2406 -33.86 12.80 -40.25
CA VAL A 2406 -33.81 14.16 -39.74
C VAL A 2406 -32.39 14.52 -39.29
N TYR A 2407 -31.86 13.76 -38.33
CA TYR A 2407 -30.55 14.09 -37.77
C TYR A 2407 -29.44 14.01 -38.82
N ARG A 2408 -29.51 13.03 -39.72
CA ARG A 2408 -28.41 12.73 -40.62
C ARG A 2408 -28.39 13.66 -41.83
N ASP A 2409 -29.41 13.59 -42.66
CA ASP A 2409 -29.43 14.33 -43.90
C ASP A 2409 -30.06 15.69 -43.70
N GLU A 2410 -30.34 16.37 -44.81
CA GLU A 2410 -31.10 17.60 -44.78
C GLU A 2410 -30.41 18.65 -43.93
N THR A 2411 -29.28 19.16 -44.41
CA THR A 2411 -28.60 20.27 -43.76
C THR A 2411 -29.56 21.40 -43.40
N LEU A 2412 -30.67 21.53 -44.12
CA LEU A 2412 -31.63 22.60 -43.85
C LEU A 2412 -32.39 22.35 -42.56
N SER A 2413 -32.57 21.08 -42.19
CA SER A 2413 -33.35 20.75 -41.00
C SER A 2413 -32.49 20.79 -39.73
N GLY A 2414 -31.23 20.37 -39.82
CA GLY A 2414 -30.40 20.29 -38.64
C GLY A 2414 -29.95 21.65 -38.14
N SER A 2415 -30.90 22.54 -37.85
CA SER A 2415 -30.57 23.86 -37.34
C SER A 2415 -31.20 24.13 -35.99
N GLU A 2416 -32.49 23.78 -35.84
CA GLU A 2416 -33.20 24.09 -34.61
C GLU A 2416 -34.01 22.90 -34.10
N LEU A 2417 -34.42 22.01 -35.01
CA LEU A 2417 -35.27 20.89 -34.62
C LEU A 2417 -34.56 19.97 -33.64
N THR A 2418 -33.27 19.70 -33.85
CA THR A 2418 -32.57 18.65 -33.13
C THR A 2418 -32.64 18.80 -31.62
N ALA A 2419 -32.74 20.02 -31.09
CA ALA A 2419 -32.63 20.21 -29.65
C ALA A 2419 -33.74 19.47 -28.91
N LYS A 2420 -34.96 19.49 -29.43
CA LYS A 2420 -36.07 18.89 -28.69
C LYS A 2420 -36.09 17.37 -28.85
N LEU A 2421 -35.27 16.82 -29.74
CA LEU A 2421 -35.31 15.37 -30.02
C LEU A 2421 -34.09 14.63 -29.53
N GLU A 2422 -33.43 15.11 -28.48
CA GLU A 2422 -32.30 14.39 -27.91
C GLU A 2422 -32.76 13.04 -27.36
N PRO A 2423 -33.85 12.99 -26.59
CA PRO A 2423 -34.28 11.69 -26.04
C PRO A 2423 -34.61 10.66 -27.11
N ALA A 2424 -35.22 11.09 -28.22
CA ALA A 2424 -35.46 10.16 -29.32
C ALA A 2424 -34.15 9.65 -29.90
N PHE A 2425 -33.17 10.54 -30.05
CA PHE A 2425 -31.88 10.12 -30.58
C PHE A 2425 -31.24 9.09 -29.67
N LEU A 2426 -31.33 9.29 -28.35
CA LEU A 2426 -30.75 8.31 -27.43
C LEU A 2426 -31.50 6.99 -27.46
N SER A 2427 -32.83 7.04 -27.49
CA SER A 2427 -33.60 5.81 -27.64
C SER A 2427 -33.13 5.03 -28.86
N GLY A 2428 -32.95 5.72 -29.98
CA GLY A 2428 -32.40 5.05 -31.15
C GLY A 2428 -31.01 4.51 -30.91
N LEU A 2429 -30.15 5.31 -30.29
CA LEU A 2429 -28.78 4.89 -30.06
C LEU A 2429 -28.69 3.61 -29.24
N ARG A 2430 -29.68 3.34 -28.41
CA ARG A 2430 -29.67 2.12 -27.60
C ARG A 2430 -30.67 1.07 -28.10
N CYS A 2431 -31.40 1.39 -29.17
CA CYS A 2431 -32.39 0.46 -29.69
C CYS A 2431 -31.84 -0.96 -29.76
N ALA A 2432 -32.73 -1.93 -29.50
CA ALA A 2432 -32.30 -3.33 -29.46
C ALA A 2432 -32.23 -3.94 -30.84
N GLN A 2433 -32.60 -3.18 -31.87
CA GLN A 2433 -32.49 -3.66 -33.24
C GLN A 2433 -31.14 -3.24 -33.83
N PRO A 2434 -30.25 -4.17 -34.15
CA PRO A 2434 -28.88 -3.77 -34.52
C PRO A 2434 -28.80 -2.87 -35.74
N LEU A 2435 -29.67 -3.06 -36.73
CA LEU A 2435 -29.57 -2.26 -37.94
C LEU A 2435 -29.84 -0.79 -37.65
N ILE A 2436 -30.84 -0.50 -36.82
CA ILE A 2436 -31.11 0.88 -36.41
C ILE A 2436 -30.00 1.40 -35.52
N ARG A 2437 -29.50 0.54 -34.62
CA ARG A 2437 -28.45 0.97 -33.72
C ARG A 2437 -27.22 1.43 -34.49
N ALA A 2438 -26.84 0.68 -35.53
CA ALA A 2438 -25.65 1.02 -36.30
C ALA A 2438 -25.83 2.35 -37.03
N LYS A 2439 -27.00 2.58 -37.63
CA LYS A 2439 -27.27 3.85 -38.26
C LYS A 2439 -27.07 4.99 -37.27
N PHE A 2440 -27.68 4.88 -36.09
CA PHE A 2440 -27.56 5.97 -35.12
C PHE A 2440 -26.11 6.18 -34.70
N PHE A 2441 -25.40 5.09 -34.41
CA PHE A 2441 -24.02 5.22 -33.97
C PHE A 2441 -23.13 5.83 -35.04
N GLU A 2442 -23.46 5.63 -36.31
CA GLU A 2442 -22.63 6.23 -37.36
C GLU A 2442 -22.55 7.74 -37.20
N VAL A 2443 -23.70 8.41 -37.07
CA VAL A 2443 -23.72 9.85 -36.88
C VAL A 2443 -23.11 10.22 -35.53
N PHE A 2444 -23.47 9.48 -34.49
CA PHE A 2444 -22.91 9.78 -33.17
C PHE A 2444 -21.39 9.80 -33.22
N ASP A 2445 -20.80 8.84 -33.94
CA ASP A 2445 -19.34 8.78 -34.04
C ASP A 2445 -18.80 9.92 -34.89
N ASN A 2446 -19.39 10.15 -36.07
CA ASN A 2446 -18.81 11.14 -36.96
C ASN A 2446 -18.99 12.56 -36.43
N SER A 2447 -19.78 12.74 -35.37
CA SER A 2447 -19.91 14.08 -34.80
C SER A 2447 -18.88 14.40 -33.71
N MET A 2448 -17.70 13.78 -33.72
CA MET A 2448 -16.69 14.08 -32.71
C MET A 2448 -15.31 13.78 -33.27
N LYS A 2449 -14.30 14.45 -32.74
CA LYS A 2449 -12.92 14.13 -33.08
C LYS A 2449 -12.58 12.71 -32.65
N ARG A 2450 -11.66 12.09 -33.39
CA ARG A 2450 -11.24 10.72 -33.12
C ARG A 2450 -9.98 10.74 -32.26
N ARG A 2451 -10.19 11.00 -30.97
CA ARG A 2451 -9.11 11.08 -30.00
C ARG A 2451 -9.65 10.65 -28.63
N VAL A 2452 -8.77 10.08 -27.82
CA VAL A 2452 -9.21 9.49 -26.55
C VAL A 2452 -9.65 10.56 -25.58
N TYR A 2453 -8.87 11.64 -25.46
CA TYR A 2453 -9.12 12.63 -24.43
C TYR A 2453 -10.47 13.31 -24.62
N GLU A 2454 -10.82 13.65 -25.86
CA GLU A 2454 -12.08 14.34 -26.09
C GLU A 2454 -13.28 13.43 -25.91
N ARG A 2455 -13.17 12.15 -26.28
CA ARG A 2455 -14.26 11.23 -25.99
C ARG A 2455 -14.45 11.06 -24.49
N LEU A 2456 -13.35 10.94 -23.74
CA LEU A 2456 -13.48 10.87 -22.29
C LEU A 2456 -14.13 12.11 -21.71
N LEU A 2457 -13.73 13.30 -22.20
CA LEU A 2457 -14.36 14.52 -21.74
C LEU A 2457 -15.84 14.57 -22.08
N TYR A 2458 -16.22 14.12 -23.27
CA TYR A 2458 -17.62 14.10 -23.65
C TYR A 2458 -18.42 13.21 -22.71
N VAL A 2459 -17.86 12.06 -22.34
CA VAL A 2459 -18.60 11.14 -21.49
C VAL A 2459 -18.98 11.80 -20.17
N THR A 2460 -18.05 12.52 -19.54
CA THR A 2460 -18.26 13.04 -18.20
C THR A 2460 -18.95 14.41 -18.20
N CYS A 2461 -18.57 15.30 -19.10
CA CYS A 2461 -19.04 16.68 -19.02
C CYS A 2461 -20.24 16.92 -19.92
N SER A 2462 -20.09 16.69 -21.22
CA SER A 2462 -21.07 17.14 -22.19
C SER A 2462 -22.39 16.40 -22.07
N GLN A 2463 -22.36 15.08 -22.21
CA GLN A 2463 -23.59 14.32 -22.33
C GLN A 2463 -24.41 14.38 -21.04
N ASN A 2464 -25.73 14.29 -21.19
CA ASN A 2464 -26.66 14.18 -20.07
C ASN A 2464 -27.46 12.89 -20.27
N TRP A 2465 -27.22 11.90 -19.41
CA TRP A 2465 -27.75 10.56 -19.59
C TRP A 2465 -29.09 10.34 -18.92
N GLU A 2466 -29.74 11.38 -18.41
CA GLU A 2466 -31.00 11.16 -17.72
C GLU A 2466 -32.07 10.60 -18.65
N ALA A 2467 -31.95 10.86 -19.96
CA ALA A 2467 -32.92 10.35 -20.92
C ALA A 2467 -32.77 8.86 -21.19
N MET A 2468 -31.70 8.23 -20.70
CA MET A 2468 -31.51 6.81 -20.96
C MET A 2468 -32.33 5.95 -19.99
N GLY A 2469 -32.92 6.56 -18.99
CA GLY A 2469 -33.75 5.83 -18.04
C GLY A 2469 -32.91 4.84 -17.24
N ASN A 2470 -33.33 3.58 -17.25
CA ASN A 2470 -32.70 2.53 -16.47
C ASN A 2470 -31.91 1.58 -17.36
N HIS A 2471 -31.23 2.14 -18.35
CA HIS A 2471 -30.43 1.36 -19.30
C HIS A 2471 -28.96 1.48 -18.93
N PHE A 2472 -28.24 0.36 -19.08
CA PHE A 2472 -26.82 0.30 -18.75
C PHE A 2472 -26.02 1.00 -19.83
N TRP A 2473 -25.88 2.31 -19.70
CA TRP A 2473 -25.27 3.11 -20.76
C TRP A 2473 -23.75 3.00 -20.79
N ILE A 2474 -23.13 2.09 -20.04
CA ILE A 2474 -21.70 1.86 -20.18
C ILE A 2474 -21.40 1.21 -21.51
N LYS A 2475 -22.39 0.54 -22.12
CA LYS A 2475 -22.20 -0.02 -23.44
C LYS A 2475 -21.88 1.05 -24.45
N GLN A 2476 -22.58 2.18 -24.37
CA GLN A 2476 -22.33 3.28 -25.29
C GLN A 2476 -20.92 3.81 -25.13
N CYS A 2477 -20.44 3.95 -23.90
CA CYS A 2477 -19.07 4.42 -23.68
C CYS A 2477 -18.06 3.45 -24.26
N ILE A 2478 -18.28 2.14 -24.04
CA ILE A 2478 -17.35 1.16 -24.60
C ILE A 2478 -17.31 1.27 -26.12
N GLU A 2479 -18.48 1.35 -26.75
CA GLU A 2479 -18.53 1.45 -28.21
C GLU A 2479 -17.84 2.72 -28.69
N LEU A 2480 -18.08 3.85 -28.01
CA LEU A 2480 -17.48 5.10 -28.42
C LEU A 2480 -15.96 5.06 -28.31
N LEU A 2481 -15.45 4.51 -27.21
CA LEU A 2481 -14.00 4.55 -26.99
C LEU A 2481 -13.27 3.54 -27.84
N LEU A 2482 -13.89 2.40 -28.15
CA LEU A 2482 -13.19 1.43 -29.00
C LEU A 2482 -13.26 1.81 -30.47
N ALA A 2483 -13.95 2.89 -30.80
CA ALA A 2483 -14.08 3.29 -32.20
C ALA A 2483 -12.90 4.13 -32.67
N VAL A 2484 -12.01 4.52 -31.76
CA VAL A 2484 -10.87 5.36 -32.13
C VAL A 2484 -9.63 4.56 -32.49
N CYS A 2485 -9.59 3.28 -32.16
CA CYS A 2485 -8.41 2.48 -32.38
C CYS A 2485 -8.14 2.34 -33.88
N GLU A 2486 -6.88 2.16 -34.23
CA GLU A 2486 -6.51 1.95 -35.62
C GLU A 2486 -6.88 0.53 -36.02
N LYS A 2487 -7.69 0.38 -37.07
CA LYS A 2487 -8.30 -0.90 -37.37
C LYS A 2487 -7.97 -1.40 -38.78
N SER A 2488 -6.74 -1.24 -39.22
CA SER A 2488 -6.30 -1.81 -40.48
C SER A 2488 -4.91 -2.41 -40.35
N THR A 2489 -4.66 -3.10 -39.25
CA THR A 2489 -3.34 -3.68 -38.99
C THR A 2489 -3.45 -5.18 -38.76
N PRO A 2490 -2.43 -5.96 -39.09
CA PRO A 2490 -2.50 -7.40 -38.83
C PRO A 2490 -2.65 -7.67 -37.35
N ILE A 2491 -3.67 -8.47 -37.02
CA ILE A 2491 -3.99 -8.73 -35.62
C ILE A 2491 -2.85 -9.46 -34.95
N GLY A 2492 -2.62 -9.15 -33.68
CA GLY A 2492 -1.53 -9.76 -32.94
C GLY A 2492 -1.70 -9.52 -31.46
N THR A 2493 -0.65 -9.87 -30.71
CA THR A 2493 -0.67 -9.72 -29.26
C THR A 2493 0.76 -9.73 -28.74
N SER A 2494 0.89 -9.61 -27.42
CA SER A 2494 2.20 -9.58 -26.77
C SER A 2494 2.45 -10.81 -25.91
N CYS A 2495 1.66 -11.88 -26.05
CA CYS A 2495 1.83 -13.08 -25.24
C CYS A 2495 2.54 -14.14 -26.08
N GLN A 2496 3.86 -14.00 -26.17
CA GLN A 2496 4.65 -14.92 -26.98
C GLN A 2496 4.68 -16.31 -26.36
N GLY A 2497 4.86 -16.38 -25.04
CA GLY A 2497 4.89 -17.68 -24.39
C GLY A 2497 3.57 -18.42 -24.48
N ALA A 2498 2.48 -17.69 -24.68
CA ALA A 2498 1.17 -18.31 -24.83
C ALA A 2498 0.84 -18.65 -26.28
N MET A 2499 1.39 -17.90 -27.24
CA MET A 2499 1.10 -18.18 -28.63
C MET A 2499 1.49 -19.60 -29.02
N LEU A 2500 0.80 -20.13 -30.02
CA LEU A 2500 1.16 -21.43 -30.58
C LEU A 2500 2.33 -21.28 -31.54
N PRO A 2501 3.36 -22.11 -31.43
CA PRO A 2501 4.52 -21.97 -32.32
C PRO A 2501 4.16 -22.30 -33.76
N SER A 2502 5.10 -22.01 -34.66
CA SER A 2502 4.93 -22.36 -36.06
C SER A 2502 5.38 -23.80 -36.28
N ILE A 2503 5.02 -24.34 -37.45
CA ILE A 2503 5.35 -25.73 -37.75
C ILE A 2503 6.85 -25.92 -37.84
N THR A 2504 7.57 -24.91 -38.33
CA THR A 2504 9.01 -25.00 -38.54
C THR A 2504 9.82 -24.30 -37.45
N ASN A 2505 9.21 -24.04 -36.29
CA ASN A 2505 9.94 -23.45 -35.19
C ASN A 2505 11.02 -24.40 -34.66
N VAL A 2506 10.91 -25.68 -34.98
CA VAL A 2506 11.87 -26.67 -34.51
C VAL A 2506 13.25 -26.42 -35.08
N ILE A 2507 13.33 -25.90 -36.30
CA ILE A 2507 14.63 -25.60 -36.89
C ILE A 2507 15.31 -24.47 -36.11
N ASN A 2508 14.55 -23.45 -35.74
CA ASN A 2508 15.11 -22.39 -34.91
C ASN A 2508 15.56 -22.93 -33.56
N LEU A 2509 14.76 -23.81 -32.97
CA LEU A 2509 15.11 -24.31 -31.64
C LEU A 2509 16.31 -25.24 -31.66
N ALA A 2510 16.77 -25.64 -32.84
CA ALA A 2510 17.91 -26.55 -32.92
C ALA A 2510 19.22 -25.78 -33.06
N ASP A 2511 20.33 -26.47 -32.85
CA ASP A 2511 21.63 -25.84 -32.89
C ASP A 2511 22.24 -25.92 -34.28
N SER A 2512 23.28 -25.11 -34.49
CA SER A 2512 23.95 -25.05 -35.79
C SER A 2512 24.43 -26.42 -36.24
N HIS A 2513 24.85 -27.28 -35.31
CA HIS A 2513 25.33 -28.61 -35.68
C HIS A 2513 24.35 -29.32 -36.60
N ASP A 2514 23.07 -29.35 -36.22
CA ASP A 2514 22.08 -30.00 -37.06
C ASP A 2514 21.57 -29.07 -38.15
N ARG A 2515 21.49 -27.77 -37.89
CA ARG A 2515 20.94 -26.86 -38.88
C ARG A 2515 21.79 -26.84 -40.16
N ALA A 2516 23.11 -26.79 -40.02
CA ALA A 2516 23.97 -26.78 -41.20
C ALA A 2516 23.85 -28.07 -41.98
N ALA A 2517 23.82 -29.21 -41.29
CA ALA A 2517 23.67 -30.48 -41.98
C ALA A 2517 22.34 -30.54 -42.72
N PHE A 2518 21.27 -30.06 -42.10
CA PHE A 2518 19.97 -30.05 -42.76
C PHE A 2518 19.99 -29.17 -44.00
N ALA A 2519 20.52 -27.95 -43.88
CA ALA A 2519 20.57 -27.06 -45.03
C ALA A 2519 21.51 -27.60 -46.10
N MET A 2520 22.42 -28.49 -45.74
CA MET A 2520 23.33 -29.09 -46.72
C MET A 2520 22.57 -29.94 -47.73
N VAL A 2521 21.73 -30.86 -47.27
CA VAL A 2521 21.01 -31.75 -48.16
C VAL A 2521 19.90 -30.98 -48.86
N GLY A 2567 5.72 -37.85 -54.89
CA GLY A 2567 5.74 -36.69 -54.02
C GLY A 2567 4.57 -35.76 -54.26
N ASN A 2568 3.54 -36.28 -54.94
CA ASN A 2568 2.38 -35.46 -55.26
C ASN A 2568 1.53 -35.17 -54.03
N GLN A 2569 1.30 -36.18 -53.19
CA GLN A 2569 0.40 -35.99 -52.05
C GLN A 2569 0.92 -34.90 -51.12
N LEU A 2570 2.19 -35.02 -50.72
CA LEU A 2570 2.78 -34.03 -49.83
C LEU A 2570 2.82 -32.65 -50.45
N HIS A 2571 3.15 -32.58 -51.74
CA HIS A 2571 3.21 -31.29 -52.42
C HIS A 2571 1.84 -30.62 -52.42
N MET A 2572 0.79 -31.38 -52.73
CA MET A 2572 -0.57 -30.83 -52.71
C MET A 2572 -0.96 -30.39 -51.31
N LEU A 2573 -0.61 -31.18 -50.30
CA LEU A 2573 -0.89 -30.78 -48.93
C LEU A 2573 -0.25 -29.43 -48.61
N THR A 2574 1.03 -29.27 -48.95
CA THR A 2574 1.71 -28.02 -48.67
C THR A 2574 1.10 -26.85 -49.42
N ASN A 2575 0.74 -27.05 -50.68
CA ASN A 2575 0.15 -25.95 -51.45
C ASN A 2575 -1.18 -25.51 -50.84
N ARG A 2576 -2.04 -26.47 -50.52
CA ARG A 2576 -3.34 -26.13 -49.94
C ARG A 2576 -3.16 -25.42 -48.60
N HIS A 2577 -2.21 -25.89 -47.79
CA HIS A 2577 -1.98 -25.25 -46.51
C HIS A 2577 -1.45 -23.83 -46.67
N ASP A 2578 -0.59 -23.61 -47.67
CA ASP A 2578 -0.09 -22.26 -47.90
C ASP A 2578 -1.23 -21.33 -48.29
N LYS A 2579 -2.15 -21.79 -49.13
CA LYS A 2579 -3.29 -20.95 -49.45
C LYS A 2579 -4.13 -20.66 -48.21
N PHE A 2580 -4.33 -21.64 -47.34
CA PHE A 2580 -5.04 -21.38 -46.08
C PHE A 2580 -4.35 -20.30 -45.27
N LEU A 2581 -3.02 -20.39 -45.14
CA LEU A 2581 -2.29 -19.41 -44.35
C LEU A 2581 -2.38 -18.02 -44.96
N ASP A 2582 -2.30 -17.93 -46.29
CA ASP A 2582 -2.44 -16.62 -46.93
C ASP A 2582 -3.83 -16.06 -46.70
N THR A 2583 -4.84 -16.92 -46.65
CA THR A 2583 -6.17 -16.46 -46.28
C THR A 2583 -6.17 -15.89 -44.87
N LEU A 2584 -5.47 -16.53 -43.94
CA LEU A 2584 -5.47 -16.05 -42.56
C LEU A 2584 -4.66 -14.76 -42.40
N ARG A 2585 -3.71 -14.49 -43.29
CA ARG A 2585 -2.91 -13.29 -43.14
C ARG A 2585 -3.68 -12.00 -43.39
N GLU A 2586 -4.90 -12.08 -43.90
CA GLU A 2586 -5.68 -10.87 -44.22
C GLU A 2586 -6.71 -10.54 -43.15
N VAL A 2587 -6.49 -10.86 -41.89
CA VAL A 2587 -7.44 -10.58 -40.83
C VAL A 2587 -6.96 -9.36 -40.04
N LYS A 2588 -7.85 -8.40 -39.83
CA LYS A 2588 -7.50 -7.12 -39.23
C LYS A 2588 -8.13 -6.98 -37.85
N THR A 2589 -7.58 -6.04 -37.07
CA THR A 2589 -8.05 -5.82 -35.71
C THR A 2589 -9.46 -5.26 -35.67
N GLY A 2590 -9.85 -4.50 -36.70
CA GLY A 2590 -11.21 -4.01 -36.75
C GLY A 2590 -12.22 -5.13 -36.82
N ALA A 2591 -11.88 -6.22 -37.50
CA ALA A 2591 -12.78 -7.37 -37.56
C ALA A 2591 -13.09 -7.89 -36.17
N LEU A 2592 -12.09 -7.94 -35.29
CA LEU A 2592 -12.33 -8.37 -33.92
C LEU A 2592 -13.10 -7.32 -33.13
N LEU A 2593 -12.71 -6.05 -33.25
CA LEU A 2593 -13.29 -5.01 -32.41
C LEU A 2593 -14.78 -4.80 -32.71
N SER A 2594 -15.15 -4.81 -33.99
CA SER A 2594 -16.55 -4.59 -34.33
C SER A 2594 -17.44 -5.62 -33.69
N ALA A 2595 -17.06 -6.90 -33.77
CA ALA A 2595 -17.84 -7.96 -33.16
C ALA A 2595 -17.76 -7.95 -31.64
N PHE A 2596 -16.62 -7.57 -31.08
CA PHE A 2596 -16.51 -7.45 -29.63
C PHE A 2596 -17.51 -6.45 -29.08
N VAL A 2597 -17.67 -5.32 -29.77
CA VAL A 2597 -18.63 -4.31 -29.32
C VAL A 2597 -20.04 -4.87 -29.37
N GLN A 2598 -20.41 -5.52 -30.48
CA GLN A 2598 -21.76 -6.05 -30.58
C GLN A 2598 -22.01 -7.11 -29.52
N LEU A 2599 -21.00 -7.91 -29.20
CA LEU A 2599 -21.19 -8.95 -28.19
C LEU A 2599 -21.33 -8.34 -26.81
N CYS A 2600 -20.62 -7.24 -26.53
CA CYS A 2600 -20.82 -6.54 -25.27
C CYS A 2600 -22.18 -5.89 -25.19
N HIS A 2601 -22.77 -5.55 -26.34
CA HIS A 2601 -24.07 -4.89 -26.33
C HIS A 2601 -25.17 -5.78 -25.75
N ILE A 2602 -24.94 -7.09 -25.67
CA ILE A 2602 -26.03 -7.99 -25.34
C ILE A 2602 -25.89 -8.53 -23.92
N SER A 2603 -24.67 -8.54 -23.39
CA SER A 2603 -24.41 -9.03 -22.04
C SER A 2603 -23.90 -7.90 -21.16
N THR A 2604 -24.53 -7.73 -20.02
CA THR A 2604 -24.17 -6.65 -19.09
C THR A 2604 -22.94 -6.99 -18.27
N THR A 2605 -22.78 -8.25 -17.86
CA THR A 2605 -21.61 -8.62 -17.08
C THR A 2605 -20.33 -8.47 -17.90
N LEU A 2606 -20.38 -8.85 -19.17
CA LEU A 2606 -19.21 -8.67 -20.03
C LEU A 2606 -18.84 -7.20 -20.14
N ALA A 2607 -19.83 -6.32 -20.36
CA ALA A 2607 -19.54 -4.90 -20.45
C ALA A 2607 -18.98 -4.36 -19.14
N GLU A 2608 -19.56 -4.77 -18.01
CA GLU A 2608 -19.05 -4.33 -16.71
C GLU A 2608 -17.58 -4.70 -16.55
N LYS A 2609 -17.25 -5.96 -16.79
CA LYS A 2609 -15.87 -6.40 -16.62
C LYS A 2609 -14.94 -5.70 -17.61
N THR A 2610 -15.37 -5.53 -18.86
CA THR A 2610 -14.51 -4.88 -19.84
C THR A 2610 -14.24 -3.44 -19.46
N TRP A 2611 -15.26 -2.72 -18.99
CA TRP A 2611 -15.04 -1.33 -18.60
C TRP A 2611 -14.10 -1.24 -17.41
N VAL A 2612 -14.28 -2.13 -16.42
CA VAL A 2612 -13.39 -2.08 -15.26
C VAL A 2612 -11.97 -2.40 -15.66
N GLN A 2613 -11.78 -3.26 -16.66
CA GLN A 2613 -10.43 -3.56 -17.15
C GLN A 2613 -9.88 -2.45 -18.02
N LEU A 2614 -10.73 -1.72 -18.73
CA LEU A 2614 -10.26 -0.81 -19.76
C LEU A 2614 -10.00 0.59 -19.24
N PHE A 2615 -10.77 1.07 -18.26
CA PHE A 2615 -10.58 2.46 -17.83
C PHE A 2615 -9.18 2.72 -17.29
N PRO A 2616 -8.63 1.91 -16.38
CA PRO A 2616 -7.24 2.17 -15.93
C PRO A 2616 -6.23 2.10 -17.06
N ARG A 2617 -6.41 1.18 -18.00
CA ARG A 2617 -5.45 1.04 -19.09
C ARG A 2617 -5.40 2.32 -19.93
N LEU A 2618 -6.57 2.85 -20.30
CA LEU A 2618 -6.61 4.12 -21.01
C LEU A 2618 -6.07 5.26 -20.18
N TRP A 2619 -6.43 5.31 -18.89
CA TRP A 2619 -5.94 6.36 -18.02
C TRP A 2619 -4.42 6.40 -18.00
N LYS A 2620 -3.78 5.23 -18.11
CA LYS A 2620 -2.33 5.18 -18.04
C LYS A 2620 -1.68 5.91 -19.19
N ILE A 2621 -2.26 5.85 -20.39
CA ILE A 2621 -1.57 6.35 -21.58
C ILE A 2621 -1.82 7.84 -21.82
N LEU A 2622 -2.64 8.48 -20.99
CA LEU A 2622 -2.78 9.93 -21.07
C LEU A 2622 -1.56 10.62 -20.47
N SER A 2623 -1.35 11.88 -20.85
CA SER A 2623 -0.28 12.66 -20.28
C SER A 2623 -0.68 13.18 -18.90
N ASP A 2624 0.31 13.70 -18.17
CA ASP A 2624 0.06 14.14 -16.80
C ASP A 2624 -0.94 15.30 -16.76
N ARG A 2625 -0.80 16.26 -17.66
CA ARG A 2625 -1.69 17.41 -17.66
C ARG A 2625 -3.11 17.00 -17.98
N GLN A 2626 -3.28 16.10 -18.96
CA GLN A 2626 -4.60 15.59 -19.27
C GLN A 2626 -5.19 14.81 -18.10
N GLN A 2627 -4.35 14.03 -17.41
CA GLN A 2627 -4.84 13.28 -16.25
C GLN A 2627 -5.34 14.23 -15.18
N HIS A 2628 -4.58 15.29 -14.90
CA HIS A 2628 -5.02 16.27 -13.91
C HIS A 2628 -6.32 16.94 -14.33
N ALA A 2629 -6.43 17.33 -15.60
CA ALA A 2629 -7.64 17.98 -16.07
C ALA A 2629 -8.85 17.06 -15.96
N LEU A 2630 -8.68 15.78 -16.28
CA LEU A 2630 -9.79 14.85 -16.20
C LEU A 2630 -10.17 14.56 -14.76
N ALA A 2631 -9.17 14.44 -13.88
CA ALA A 2631 -9.46 14.18 -12.47
C ALA A 2631 -10.23 15.32 -11.85
N GLY A 2632 -9.89 16.56 -12.24
CA GLY A 2632 -10.65 17.69 -11.74
C GLY A 2632 -12.13 17.64 -12.08
N GLU A 2633 -12.47 17.25 -13.31
CA GLU A 2633 -13.84 17.19 -13.75
C GLU A 2633 -14.59 15.97 -13.25
N ILE A 2634 -13.90 14.86 -13.01
CA ILE A 2634 -14.61 13.61 -12.71
C ILE A 2634 -15.44 13.73 -11.44
N SER A 2635 -14.91 14.32 -10.39
CA SER A 2635 -15.57 14.26 -9.09
C SER A 2635 -16.98 14.83 -9.13
N PRO A 2636 -17.23 16.05 -9.61
CA PRO A 2636 -18.61 16.54 -9.64
C PRO A 2636 -19.52 15.77 -10.58
N PHE A 2637 -18.96 15.01 -11.52
CA PHE A 2637 -19.79 14.25 -12.44
C PHE A 2637 -20.56 13.15 -11.72
N LEU A 2638 -19.98 12.61 -10.66
CA LEU A 2638 -20.62 11.50 -9.95
C LEU A 2638 -21.82 11.95 -9.15
N CYS A 2639 -21.81 13.18 -8.65
CA CYS A 2639 -22.87 13.71 -7.80
C CYS A 2639 -23.95 14.42 -8.60
N SER A 2640 -23.89 14.34 -9.93
CA SER A 2640 -24.90 14.93 -10.77
C SER A 2640 -26.27 14.32 -10.46
N GLY A 2641 -27.30 15.16 -10.58
CA GLY A 2641 -28.64 14.73 -10.28
C GLY A 2641 -29.28 13.90 -11.36
N SER A 2642 -28.57 13.66 -12.46
CA SER A 2642 -29.09 12.86 -13.55
C SER A 2642 -29.07 11.37 -13.26
N HIS A 2643 -28.37 10.94 -12.22
CA HIS A 2643 -28.24 9.53 -11.90
C HIS A 2643 -29.31 9.03 -10.95
N GLN A 2644 -30.28 9.87 -10.57
CA GLN A 2644 -31.29 9.45 -9.62
C GLN A 2644 -32.13 8.29 -10.15
N VAL A 2645 -32.11 8.06 -11.46
CA VAL A 2645 -32.96 7.02 -12.03
C VAL A 2645 -32.29 5.66 -11.92
N GLN A 2646 -30.97 5.64 -11.74
CA GLN A 2646 -30.24 4.37 -11.67
C GLN A 2646 -30.15 3.81 -10.28
N ARG A 2647 -30.81 4.38 -9.27
CA ARG A 2647 -30.73 3.81 -7.93
C ARG A 2647 -31.35 2.43 -7.89
N ASP A 2648 -32.46 2.23 -8.60
CA ASP A 2648 -33.15 0.95 -8.62
C ASP A 2648 -32.71 0.12 -9.84
N CYS A 2649 -31.39 -0.12 -9.89
CA CYS A 2649 -30.80 -0.87 -10.99
C CYS A 2649 -29.66 -1.71 -10.45
N GLN A 2650 -29.56 -2.94 -10.94
CA GLN A 2650 -28.54 -3.88 -10.48
C GLN A 2650 -27.85 -4.54 -11.67
N PRO A 2651 -26.59 -4.19 -11.96
CA PRO A 2651 -25.76 -3.12 -11.39
C PRO A 2651 -26.02 -1.78 -12.06
N SER A 2652 -25.78 -0.69 -11.35
CA SER A 2652 -25.95 0.63 -11.94
C SER A 2652 -24.68 1.03 -12.69
N ALA A 2653 -24.84 1.96 -13.62
CA ALA A 2653 -23.69 2.44 -14.38
C ALA A 2653 -22.70 3.17 -13.49
N LEU A 2654 -23.21 3.95 -12.52
CA LEU A 2654 -22.32 4.69 -11.65
C LEU A 2654 -21.53 3.75 -10.73
N ASN A 2655 -22.16 2.66 -10.28
CA ASN A 2655 -21.43 1.66 -9.51
C ASN A 2655 -20.23 1.14 -10.27
N CYS A 2656 -20.45 0.71 -11.52
CA CYS A 2656 -19.35 0.22 -12.34
C CYS A 2656 -18.32 1.30 -12.58
N PHE A 2657 -18.75 2.54 -12.83
CA PHE A 2657 -17.81 3.60 -13.09
C PHE A 2657 -16.88 3.83 -11.89
N VAL A 2658 -17.45 3.87 -10.69
CA VAL A 2658 -16.62 4.09 -9.50
C VAL A 2658 -15.70 2.90 -9.28
N GLU A 2659 -16.21 1.68 -9.46
CA GLU A 2659 -15.35 0.52 -9.29
C GLU A 2659 -14.17 0.57 -10.23
N ALA A 2660 -14.40 0.94 -11.49
CA ALA A 2660 -13.30 1.09 -12.43
C ALA A 2660 -12.35 2.19 -12.00
N MET A 2661 -12.90 3.31 -11.52
CA MET A 2661 -12.07 4.47 -11.17
C MET A 2661 -11.16 4.15 -9.98
N SER A 2662 -11.56 3.18 -9.16
CA SER A 2662 -10.78 2.91 -7.95
C SER A 2662 -9.48 2.17 -8.25
N GLN A 2663 -9.26 1.76 -9.49
CA GLN A 2663 -8.11 0.92 -9.85
C GLN A 2663 -6.97 1.71 -10.47
N CYS A 2664 -7.10 3.02 -10.63
CA CYS A 2664 -6.17 3.78 -11.44
C CYS A 2664 -4.85 4.03 -10.71
N VAL A 2665 -3.81 4.31 -11.50
CA VAL A 2665 -2.50 4.68 -10.99
C VAL A 2665 -1.94 5.78 -11.87
N PRO A 2666 -1.71 7.00 -11.34
CA PRO A 2666 -1.92 7.44 -9.96
C PRO A 2666 -3.39 7.59 -9.61
N PRO A 2667 -3.72 7.51 -8.31
CA PRO A 2667 -5.12 7.48 -7.91
C PRO A 2667 -5.82 8.81 -8.16
N ILE A 2668 -7.14 8.78 -8.14
CA ILE A 2668 -7.93 9.99 -8.34
C ILE A 2668 -8.49 10.45 -7.00
N PRO A 2669 -8.11 11.62 -6.49
CA PRO A 2669 -8.59 12.03 -5.17
C PRO A 2669 -10.09 12.30 -5.18
N ILE A 2670 -10.71 12.11 -4.02
CA ILE A 2670 -12.15 12.24 -3.88
C ILE A 2670 -12.47 12.53 -2.42
N ARG A 2671 -13.56 13.27 -2.20
CA ARG A 2671 -13.91 13.70 -0.86
C ARG A 2671 -14.49 12.53 -0.04
N PRO A 2672 -14.15 12.47 1.26
CA PRO A 2672 -14.75 11.41 2.09
C PRO A 2672 -16.25 11.49 2.17
N CYS A 2673 -16.82 12.68 2.35
CA CYS A 2673 -18.27 12.80 2.40
C CYS A 2673 -18.90 12.34 1.09
N VAL A 2674 -18.24 12.65 -0.03
CA VAL A 2674 -18.73 12.18 -1.32
C VAL A 2674 -18.69 10.66 -1.38
N LEU A 2675 -17.63 10.05 -0.88
CA LEU A 2675 -17.55 8.59 -0.89
C LEU A 2675 -18.66 7.97 -0.04
N LYS A 2676 -18.94 8.57 1.13
CA LYS A 2676 -20.02 8.07 1.96
C LYS A 2676 -21.36 8.18 1.25
N TYR A 2677 -21.61 9.31 0.61
CA TYR A 2677 -22.84 9.47 -0.16
C TYR A 2677 -22.96 8.40 -1.23
N LEU A 2678 -21.89 8.19 -2.00
CA LEU A 2678 -21.91 7.19 -3.05
C LEU A 2678 -22.18 5.81 -2.50
N GLY A 2679 -21.46 5.43 -1.44
CA GLY A 2679 -21.66 4.11 -0.85
C GLY A 2679 -23.09 3.90 -0.39
N LYS A 2680 -23.66 4.90 0.29
CA LYS A 2680 -25.02 4.74 0.80
C LYS A 2680 -26.04 4.67 -0.33
N THR A 2681 -25.89 5.50 -1.36
CA THR A 2681 -26.93 5.61 -2.37
C THR A 2681 -26.83 4.49 -3.40
N HIS A 2682 -25.66 4.30 -4.01
CA HIS A 2682 -25.42 3.19 -4.91
C HIS A 2682 -24.70 2.09 -4.15
N ASN A 2683 -24.87 0.87 -4.62
CA ASN A 2683 -24.47 -0.29 -3.83
C ASN A 2683 -22.95 -0.43 -3.82
N LEU A 2684 -22.27 0.47 -3.11
CA LEU A 2684 -20.82 0.50 -3.07
C LEU A 2684 -20.32 0.47 -1.63
N TRP A 2685 -21.05 -0.23 -0.76
CA TRP A 2685 -20.82 -0.10 0.68
C TRP A 2685 -19.38 -0.43 1.04
N PHE A 2686 -18.91 -1.60 0.64
CA PHE A 2686 -17.62 -2.07 1.13
C PHE A 2686 -16.47 -1.44 0.38
N ARG A 2687 -16.64 -1.16 -0.91
CA ARG A 2687 -15.61 -0.42 -1.63
C ARG A 2687 -15.37 0.94 -0.97
N SER A 2688 -16.45 1.64 -0.61
CA SER A 2688 -16.31 2.93 0.03
C SER A 2688 -15.60 2.81 1.37
N THR A 2689 -15.97 1.82 2.17
CA THR A 2689 -15.34 1.67 3.49
C THR A 2689 -13.86 1.34 3.35
N LEU A 2690 -13.51 0.47 2.40
CA LEU A 2690 -12.10 0.14 2.22
C LEU A 2690 -11.30 1.37 1.81
N MET A 2691 -11.83 2.17 0.88
CA MET A 2691 -11.13 3.39 0.49
C MET A 2691 -10.98 4.34 1.67
N LEU A 2692 -12.05 4.51 2.45
CA LEU A 2692 -11.99 5.45 3.56
C LEU A 2692 -10.98 5.02 4.60
N GLU A 2693 -10.90 3.73 4.92
CA GLU A 2693 -9.93 3.30 5.92
C GLU A 2693 -8.52 3.32 5.37
N HIS A 2694 -8.35 3.10 4.06
CA HIS A 2694 -7.03 3.30 3.47
C HIS A 2694 -6.57 4.74 3.65
N GLN A 2695 -7.47 5.70 3.42
CA GLN A 2695 -7.14 7.08 3.73
C GLN A 2695 -6.85 7.27 5.21
N ALA A 2696 -7.63 6.63 6.08
CA ALA A 2696 -7.47 6.82 7.52
C ALA A 2696 -6.08 6.41 7.99
N PHE A 2697 -5.52 5.34 7.43
CA PHE A 2697 -4.24 4.84 7.90
C PHE A 2697 -3.05 5.37 7.11
N GLU A 2698 -3.08 6.63 6.69
CA GLU A 2698 -1.87 7.28 6.16
C GLU A 2698 -1.27 8.21 7.21
N LYS A 2699 -0.64 7.58 8.21
CA LYS A 2699 0.19 8.27 9.19
C LYS A 2699 -0.60 9.36 9.92
N GLY A 2700 -1.72 8.95 10.49
CA GLY A 2700 -2.53 9.85 11.30
C GLY A 2700 -2.94 9.24 12.61
N LEU A 2701 -2.64 9.92 13.72
CA LEU A 2701 -3.08 9.46 15.01
C LEU A 2701 -4.58 9.65 15.14
N SER A 2702 -5.27 8.59 15.58
CA SER A 2702 -6.72 8.63 15.68
C SER A 2702 -7.21 9.36 16.92
N LEU A 2703 -6.31 9.70 17.85
CA LEU A 2703 -6.72 10.48 19.02
C LEU A 2703 -7.25 11.83 18.57
N GLN A 2704 -8.20 12.36 19.34
CA GLN A 2704 -8.75 13.67 18.99
C GLN A 2704 -7.89 14.79 19.58
N ILE A 2705 -7.71 14.79 20.90
CA ILE A 2705 -6.82 15.73 21.57
C ILE A 2705 -5.82 14.89 22.35
N LYS A 2706 -4.68 14.60 21.73
CA LYS A 2706 -3.66 13.74 22.30
C LYS A 2706 -3.15 14.27 23.64
N PRO A 2707 -2.88 15.57 23.76
CA PRO A 2707 -2.39 16.10 25.04
C PRO A 2707 -3.47 16.07 26.12
N LYS A 2708 -3.10 16.61 27.28
CA LYS A 2708 -4.08 16.80 28.35
C LYS A 2708 -4.66 18.21 28.30
N GLN A 2709 -3.82 19.21 28.09
CA GLN A 2709 -4.26 20.58 27.92
C GLN A 2709 -3.43 21.26 26.83
N THR A 2710 -3.97 22.34 26.28
CA THR A 2710 -3.33 23.07 25.20
C THR A 2710 -1.98 23.64 25.62
N THR A 2711 -1.89 24.22 26.81
CA THR A 2711 -0.72 25.00 27.23
C THR A 2711 0.58 24.22 27.19
N GLU A 2712 0.54 22.91 26.94
CA GLU A 2712 1.76 22.12 26.93
C GLU A 2712 2.76 22.62 25.89
N PHE A 2713 2.28 23.26 24.82
CA PHE A 2713 3.12 23.66 23.71
C PHE A 2713 3.00 25.16 23.45
N TYR A 2714 4.06 25.73 22.90
CA TYR A 2714 4.05 27.13 22.51
C TYR A 2714 3.25 27.35 21.22
N GLU A 2715 3.38 26.44 20.27
CA GLU A 2715 2.67 26.60 19.00
C GLU A 2715 1.20 26.23 19.15
N GLN A 2716 0.39 26.71 18.22
CA GLN A 2716 -1.04 26.52 18.25
C GLN A 2716 -1.46 25.49 17.21
N GLU A 2717 -2.44 24.67 17.54
CA GLU A 2717 -2.95 23.68 16.61
C GLU A 2717 -4.28 24.15 16.02
N SER A 2718 -4.54 23.75 14.78
CA SER A 2718 -5.73 24.20 14.08
C SER A 2718 -6.98 23.95 14.91
N ILE A 2719 -8.03 24.72 14.63
CA ILE A 2719 -9.25 24.62 15.42
C ILE A 2719 -9.88 23.24 15.22
N THR A 2720 -9.76 22.69 14.02
CA THR A 2720 -10.35 21.40 13.69
C THR A 2720 -9.26 20.45 13.23
N PRO A 2721 -9.23 19.20 13.70
CA PRO A 2721 -8.19 18.28 13.29
C PRO A 2721 -8.32 17.92 11.82
N PRO A 2722 -7.22 17.54 11.17
CA PRO A 2722 -7.28 17.32 9.72
C PRO A 2722 -8.05 16.07 9.30
N GLN A 2723 -8.09 15.04 10.14
CA GLN A 2723 -8.66 13.75 9.77
C GLN A 2723 -10.11 13.59 10.23
N GLN A 2724 -10.71 14.67 10.74
CA GLN A 2724 -12.05 14.57 11.32
C GLN A 2724 -13.07 14.15 10.27
N GLU A 2725 -12.98 14.70 9.06
CA GLU A 2725 -13.93 14.34 8.02
C GLU A 2725 -13.86 12.85 7.70
N ILE A 2726 -12.64 12.33 7.53
CA ILE A 2726 -12.47 10.92 7.20
C ILE A 2726 -13.02 10.05 8.33
N LEU A 2727 -12.70 10.39 9.57
CA LEU A 2727 -13.16 9.57 10.68
C LEU A 2727 -14.68 9.61 10.81
N ASP A 2728 -15.29 10.78 10.61
CA ASP A 2728 -16.74 10.87 10.71
C ASP A 2728 -17.42 10.04 9.64
N SER A 2729 -16.91 10.12 8.40
CA SER A 2729 -17.46 9.30 7.33
C SER A 2729 -17.34 7.82 7.65
N LEU A 2730 -16.16 7.38 8.11
CA LEU A 2730 -15.98 5.97 8.42
C LEU A 2730 -16.89 5.52 9.55
N ALA A 2731 -17.04 6.33 10.60
CA ALA A 2731 -17.88 5.96 11.72
C ALA A 2731 -19.33 5.81 11.29
N GLU A 2732 -19.83 6.76 10.49
CA GLU A 2732 -21.23 6.64 10.10
C GLU A 2732 -21.45 5.50 9.11
N LEU A 2733 -20.47 5.21 8.24
CA LEU A 2733 -20.61 4.04 7.38
C LEU A 2733 -20.67 2.76 8.19
N TYR A 2734 -19.81 2.62 9.21
CA TYR A 2734 -19.89 1.45 10.07
C TYR A 2734 -21.22 1.37 10.80
N SER A 2735 -21.72 2.50 11.30
CA SER A 2735 -22.99 2.49 12.00
C SER A 2735 -24.12 2.06 11.07
N LEU A 2736 -24.11 2.52 9.83
CA LEU A 2736 -25.14 2.11 8.88
C LEU A 2736 -25.01 0.63 8.53
N LEU A 2737 -23.78 0.12 8.46
CA LEU A 2737 -23.58 -1.28 8.13
C LEU A 2737 -23.83 -2.21 9.29
N GLN A 2738 -23.97 -1.69 10.50
CA GLN A 2738 -24.26 -2.51 11.68
C GLN A 2738 -23.05 -3.29 12.15
N GLU A 2739 -21.85 -2.77 11.91
CA GLU A 2739 -20.62 -3.38 12.39
C GLU A 2739 -20.30 -2.76 13.74
N GLU A 2740 -20.99 -3.26 14.77
CA GLU A 2740 -20.90 -2.66 16.09
C GLU A 2740 -19.49 -2.76 16.65
N ASP A 2741 -18.81 -3.88 16.46
CA ASP A 2741 -17.48 -4.04 17.01
C ASP A 2741 -16.49 -3.11 16.31
N MET A 2742 -16.56 -3.02 14.99
CA MET A 2742 -15.68 -2.09 14.29
C MET A 2742 -15.95 -0.65 14.72
N TRP A 2743 -17.22 -0.30 14.86
CA TRP A 2743 -17.57 1.07 15.27
C TRP A 2743 -17.02 1.37 16.66
N ALA A 2744 -17.20 0.44 17.60
CA ALA A 2744 -16.67 0.64 18.94
C ALA A 2744 -15.15 0.72 18.94
N GLY A 2745 -14.49 -0.11 18.13
CA GLY A 2745 -13.05 -0.05 18.06
C GLY A 2745 -12.56 1.28 17.55
N LEU A 2746 -13.20 1.81 16.51
CA LEU A 2746 -12.82 3.13 16.01
C LEU A 2746 -13.00 4.20 17.07
N TRP A 2747 -14.15 4.19 17.75
CA TRP A 2747 -14.43 5.25 18.71
C TRP A 2747 -13.56 5.14 19.96
N GLN A 2748 -13.15 3.93 20.34
CA GLN A 2748 -12.29 3.81 21.52
C GLN A 2748 -10.98 4.56 21.33
N LYS A 2749 -10.42 4.52 20.12
CA LYS A 2749 -9.22 5.29 19.84
C LYS A 2749 -9.54 6.76 19.60
N ARG A 2750 -10.67 7.06 18.98
CA ARG A 2750 -11.01 8.46 18.71
C ARG A 2750 -11.43 9.23 19.96
N CYS A 2751 -11.70 8.53 21.06
CA CYS A 2751 -12.32 9.13 22.22
C CYS A 2751 -11.45 10.20 22.87
N LYS A 2752 -12.12 11.15 23.53
CA LYS A 2752 -11.46 12.15 24.39
C LYS A 2752 -11.72 11.88 25.86
N TYR A 2753 -12.98 11.77 26.27
CA TYR A 2753 -13.32 11.57 27.68
C TYR A 2753 -13.27 10.10 28.04
N SER A 2754 -12.54 9.77 29.10
CA SER A 2754 -12.40 8.38 29.51
C SER A 2754 -13.74 7.74 29.83
N GLU A 2755 -14.76 8.54 30.13
CA GLU A 2755 -16.07 7.97 30.42
C GLU A 2755 -16.74 7.42 29.17
N THR A 2756 -16.55 8.07 28.02
CA THR A 2756 -17.13 7.58 26.78
C THR A 2756 -16.62 6.18 26.45
N ALA A 2757 -15.34 5.92 26.68
CA ALA A 2757 -14.78 4.60 26.38
C ALA A 2757 -15.45 3.52 27.21
N THR A 2758 -15.57 3.75 28.52
CA THR A 2758 -16.20 2.77 29.39
C THR A 2758 -17.68 2.61 29.04
N ALA A 2759 -18.36 3.70 28.70
CA ALA A 2759 -19.76 3.59 28.30
C ALA A 2759 -19.91 2.73 27.06
N ILE A 2760 -19.06 2.94 26.05
CA ILE A 2760 -19.12 2.13 24.84
C ILE A 2760 -18.81 0.66 25.15
N ALA A 2761 -17.80 0.42 26.00
CA ALA A 2761 -17.47 -0.95 26.36
C ALA A 2761 -18.64 -1.63 27.02
N TYR A 2762 -19.32 -0.95 27.95
CA TYR A 2762 -20.50 -1.53 28.58
C TYR A 2762 -21.60 -1.77 27.55
N GLU A 2763 -21.78 -0.83 26.62
CA GLU A 2763 -22.85 -0.96 25.64
C GLU A 2763 -22.66 -2.20 24.77
N GLN A 2764 -21.43 -2.44 24.32
CA GLN A 2764 -21.22 -3.53 23.37
C GLN A 2764 -21.24 -4.91 24.03
N HIS A 2765 -21.69 -5.01 25.28
CA HIS A 2765 -21.76 -6.29 25.97
C HIS A 2765 -23.07 -6.43 26.75
N GLY A 2766 -24.03 -5.55 26.49
CA GLY A 2766 -25.36 -5.67 27.05
C GLY A 2766 -25.56 -5.12 28.45
N PHE A 2767 -24.61 -4.35 28.98
CA PHE A 2767 -24.74 -3.77 30.32
C PHE A 2767 -25.31 -2.37 30.18
N PHE A 2768 -26.60 -2.33 29.83
CA PHE A 2768 -27.23 -1.08 29.46
C PHE A 2768 -27.50 -0.20 30.67
N GLU A 2769 -27.85 -0.80 31.79
CA GLU A 2769 -28.10 -0.02 32.99
C GLU A 2769 -26.83 0.73 33.42
N GLN A 2770 -25.67 0.10 33.23
CA GLN A 2770 -24.41 0.77 33.55
C GLN A 2770 -24.03 1.78 32.48
N ALA A 2771 -24.30 1.47 31.21
CA ALA A 2771 -23.96 2.39 30.15
C ALA A 2771 -24.74 3.70 30.28
N GLN A 2772 -26.00 3.62 30.69
CA GLN A 2772 -26.80 4.83 30.84
C GLN A 2772 -26.20 5.75 31.90
N GLU A 2773 -25.80 5.18 33.04
CA GLU A 2773 -25.16 5.97 34.08
C GLU A 2773 -23.85 6.57 33.59
N SER A 2774 -23.08 5.80 32.82
CA SER A 2774 -21.83 6.33 32.31
C SER A 2774 -22.07 7.53 31.40
N TYR A 2775 -23.07 7.43 30.53
CA TYR A 2775 -23.39 8.55 29.65
C TYR A 2775 -23.79 9.78 30.46
N GLU A 2776 -24.62 9.59 31.48
CA GLU A 2776 -25.04 10.73 32.31
C GLU A 2776 -23.85 11.37 33.01
N LYS A 2777 -22.93 10.55 33.54
CA LYS A 2777 -21.77 11.11 34.22
C LYS A 2777 -20.88 11.87 33.25
N ALA A 2778 -20.72 11.35 32.03
CA ALA A 2778 -19.95 12.08 31.03
C ALA A 2778 -20.59 13.43 30.72
N MET A 2779 -21.92 13.46 30.59
CA MET A 2779 -22.60 14.72 30.35
C MET A 2779 -22.36 15.71 31.48
N ASP A 2780 -22.43 15.24 32.73
CA ASP A 2780 -22.19 16.14 33.86
C ASP A 2780 -20.78 16.72 33.82
N LYS A 2781 -19.79 15.87 33.59
CA LYS A 2781 -18.41 16.34 33.54
C LYS A 2781 -18.23 17.36 32.42
N ALA A 2782 -18.83 17.10 31.26
CA ALA A 2782 -18.74 18.05 30.15
C ALA A 2782 -19.41 19.37 30.50
N LYS A 2783 -20.55 19.32 31.21
CA LYS A 2783 -21.23 20.55 31.59
C LYS A 2783 -20.35 21.40 32.49
N LYS A 2784 -19.69 20.78 33.47
CA LYS A 2784 -18.79 21.55 34.32
C LYS A 2784 -17.62 22.14 33.54
N GLU A 2785 -17.04 21.37 32.61
CA GLU A 2785 -15.95 21.93 31.80
C GLU A 2785 -16.44 23.11 30.97
N HIS A 2786 -17.61 22.97 30.34
CA HIS A 2786 -18.16 24.08 29.57
C HIS A 2786 -18.39 25.29 30.44
N GLU A 2787 -18.87 25.07 31.66
CA GLU A 2787 -19.07 26.18 32.59
C GLU A 2787 -17.76 26.94 32.82
N ARG A 2788 -16.70 26.22 33.19
CA ARG A 2788 -15.42 26.90 33.38
C ARG A 2788 -15.01 27.63 32.10
N SER A 2789 -15.31 27.06 30.94
CA SER A 2789 -15.03 27.72 29.68
C SER A 2789 -15.73 26.99 28.54
N ASN A 2790 -16.12 27.74 27.51
CA ASN A 2790 -16.85 27.14 26.39
C ASN A 2790 -16.01 26.08 25.69
N ALA A 2791 -16.69 25.09 25.13
CA ALA A 2791 -16.01 23.95 24.52
C ALA A 2791 -15.88 24.14 23.01
N SER A 2792 -14.80 23.60 22.45
CA SER A 2792 -14.56 23.69 21.02
C SER A 2792 -15.67 22.97 20.26
N PRO A 2793 -15.95 23.40 19.02
CA PRO A 2793 -16.93 22.67 18.22
C PRO A 2793 -16.42 21.35 17.69
N ALA A 2794 -15.14 21.03 17.91
CA ALA A 2794 -14.59 19.76 17.45
C ALA A 2794 -15.06 18.58 18.27
N ILE A 2795 -15.76 18.81 19.38
CA ILE A 2795 -16.12 17.74 20.30
C ILE A 2795 -17.61 17.48 20.26
N PHE A 2796 -18.30 18.06 19.29
CA PHE A 2796 -19.75 17.94 19.20
C PHE A 2796 -20.20 16.57 18.73
N PRO A 2797 -19.44 15.89 17.86
CA PRO A 2797 -19.81 14.50 17.54
C PRO A 2797 -19.88 13.61 18.76
N GLU A 2798 -19.00 13.80 19.73
CA GLU A 2798 -19.08 13.01 20.96
C GLU A 2798 -20.35 13.29 21.74
N TYR A 2799 -20.77 14.55 21.79
CA TYR A 2799 -22.04 14.88 22.44
C TYR A 2799 -23.20 14.21 21.72
N GLN A 2800 -23.18 14.22 20.38
CA GLN A 2800 -24.24 13.57 19.64
C GLN A 2800 -24.24 12.07 19.87
N LEU A 2801 -23.06 11.47 19.98
CA LEU A 2801 -22.96 10.06 20.30
C LEU A 2801 -23.60 9.76 21.65
N TRP A 2802 -23.29 10.58 22.66
CA TRP A 2802 -23.93 10.39 23.96
C TRP A 2802 -25.44 10.45 23.84
N GLU A 2803 -25.94 11.46 23.15
CA GLU A 2803 -27.39 11.60 23.01
C GLU A 2803 -28.01 10.38 22.36
N ASP A 2804 -27.43 9.92 21.25
CA ASP A 2804 -28.01 8.80 20.51
C ASP A 2804 -28.01 7.52 21.35
N HIS A 2805 -26.88 7.22 21.98
CA HIS A 2805 -26.78 5.94 22.66
C HIS A 2805 -27.50 5.94 24.00
N TRP A 2806 -27.71 7.10 24.63
CA TRP A 2806 -28.59 7.12 25.79
C TRP A 2806 -29.99 6.68 25.39
N ILE A 2807 -30.48 7.17 24.25
CA ILE A 2807 -31.81 6.79 23.78
C ILE A 2807 -31.84 5.31 23.43
N ARG A 2808 -30.78 4.81 22.80
CA ARG A 2808 -30.74 3.38 22.50
C ARG A 2808 -30.84 2.54 23.77
N CYS A 2809 -30.02 2.85 24.77
CA CYS A 2809 -30.06 2.10 26.02
C CYS A 2809 -31.41 2.25 26.71
N SER A 2810 -32.04 3.41 26.59
CA SER A 2810 -33.38 3.59 27.15
C SER A 2810 -34.38 2.68 26.48
N LYS A 2811 -34.33 2.58 25.14
CA LYS A 2811 -35.18 1.63 24.44
C LYS A 2811 -34.95 0.22 24.97
N GLU A 2812 -33.69 -0.17 25.14
CA GLU A 2812 -33.39 -1.51 25.62
C GLU A 2812 -33.87 -1.74 27.05
N LEU A 2813 -33.92 -0.70 27.87
CA LEU A 2813 -34.35 -0.85 29.25
C LEU A 2813 -35.86 -0.72 29.43
N ASN A 2814 -36.62 -0.57 28.35
CA ASN A 2814 -38.07 -0.62 28.42
C ASN A 2814 -38.65 0.60 29.15
N GLN A 2815 -38.21 1.79 28.76
CA GLN A 2815 -38.68 3.03 29.38
C GLN A 2815 -39.36 3.88 28.30
N TRP A 2816 -40.59 3.51 27.98
CA TRP A 2816 -41.25 4.08 26.81
C TRP A 2816 -42.03 5.33 27.17
N GLU A 2817 -42.62 5.38 28.36
CA GLU A 2817 -43.21 6.63 28.82
C GLU A 2817 -42.14 7.72 28.93
N ALA A 2818 -40.98 7.38 29.48
CA ALA A 2818 -39.90 8.34 29.58
C ALA A 2818 -39.44 8.80 28.20
N LEU A 2819 -39.26 7.86 27.27
CA LEU A 2819 -38.84 8.27 25.93
C LEU A 2819 -39.88 9.15 25.25
N THR A 2820 -41.16 8.83 25.39
CA THR A 2820 -42.20 9.67 24.78
C THR A 2820 -42.22 11.06 25.39
N GLU A 2821 -42.09 11.14 26.71
CA GLU A 2821 -42.04 12.46 27.35
C GLU A 2821 -40.86 13.26 26.82
N TYR A 2822 -39.69 12.64 26.73
CA TYR A 2822 -38.53 13.35 26.21
C TYR A 2822 -38.74 13.77 24.76
N GLY A 2823 -39.45 12.96 23.99
CA GLY A 2823 -39.70 13.31 22.60
C GLY A 2823 -40.62 14.51 22.47
N GLN A 2824 -41.64 14.59 23.31
CA GLN A 2824 -42.54 15.75 23.30
C GLN A 2824 -41.98 16.88 24.16
N SER A 2825 -40.74 17.28 23.90
CA SER A 2825 -40.13 18.36 24.63
C SER A 2825 -40.36 19.67 23.89
N LYS A 2826 -40.77 20.70 24.65
CA LYS A 2826 -41.29 21.91 24.03
C LYS A 2826 -40.23 22.60 23.19
N GLY A 2827 -39.01 22.73 23.70
CA GLY A 2827 -37.95 23.33 22.91
C GLY A 2827 -37.56 22.53 21.69
N HIS A 2828 -37.40 21.22 21.85
CA HIS A 2828 -36.88 20.37 20.79
C HIS A 2828 -37.82 19.18 20.66
N ILE A 2829 -38.34 18.96 19.46
CA ILE A 2829 -39.29 17.88 19.22
C ILE A 2829 -38.65 16.86 18.29
N ASN A 2830 -38.80 15.59 18.60
CA ASN A 2830 -38.20 14.50 17.82
C ASN A 2830 -39.31 13.65 17.25
N PRO A 2831 -39.82 13.96 16.06
CA PRO A 2831 -40.95 13.20 15.51
C PRO A 2831 -40.63 11.73 15.31
N TYR A 2832 -39.43 11.39 14.87
CA TYR A 2832 -39.10 9.98 14.65
C TYR A 2832 -39.09 9.20 15.95
N LEU A 2833 -38.51 9.79 17.00
CA LEU A 2833 -38.54 9.14 18.31
C LEU A 2833 -39.98 8.95 18.79
N VAL A 2834 -40.79 10.00 18.68
CA VAL A 2834 -42.16 9.90 19.17
C VAL A 2834 -42.94 8.86 18.36
N LEU A 2835 -42.65 8.76 17.06
CA LEU A 2835 -43.38 7.82 16.21
C LEU A 2835 -43.14 6.39 16.66
N GLU A 2836 -41.91 6.04 16.99
CA GLU A 2836 -41.57 4.70 17.43
C GLU A 2836 -41.88 4.45 18.90
N CYS A 2837 -42.10 5.50 19.68
CA CYS A 2837 -42.39 5.32 21.10
C CYS A 2837 -43.86 5.36 21.47
N ALA A 2838 -44.69 6.13 20.77
CA ALA A 2838 -46.02 6.44 21.30
C ALA A 2838 -46.91 5.21 21.38
N TRP A 2839 -47.02 4.45 20.29
CA TRP A 2839 -48.04 3.41 20.22
C TRP A 2839 -47.84 2.33 21.27
N ARG A 2840 -46.61 2.15 21.77
CA ARG A 2840 -46.37 1.10 22.75
C ARG A 2840 -47.11 1.35 24.05
N VAL A 2841 -47.49 2.60 24.33
CA VAL A 2841 -48.18 2.95 25.57
C VAL A 2841 -49.56 3.52 25.25
N SER A 2842 -50.02 3.32 24.02
CA SER A 2842 -51.37 3.71 23.64
C SER A 2842 -51.59 5.20 23.74
N ASN A 2843 -50.77 5.98 23.04
CA ASN A 2843 -50.94 7.43 22.94
C ASN A 2843 -51.16 7.75 21.46
N TRP A 2844 -52.40 7.57 21.01
CA TRP A 2844 -52.71 7.67 19.60
C TRP A 2844 -52.76 9.11 19.10
N THR A 2845 -53.10 10.06 19.96
CA THR A 2845 -53.04 11.46 19.55
C THR A 2845 -51.62 11.84 19.16
N ALA A 2846 -50.65 11.54 20.01
CA ALA A 2846 -49.26 11.84 19.70
C ALA A 2846 -48.78 11.02 18.51
N MET A 2847 -49.22 9.76 18.39
CA MET A 2847 -48.85 8.97 17.23
C MET A 2847 -49.29 9.65 15.95
N LYS A 2848 -50.54 10.11 15.90
CA LYS A 2848 -51.06 10.78 14.72
C LYS A 2848 -50.31 12.08 14.43
N GLU A 2849 -50.05 12.87 15.47
CA GLU A 2849 -49.33 14.11 15.26
C GLU A 2849 -47.95 13.85 14.69
N ALA A 2850 -47.29 12.77 15.11
CA ALA A 2850 -45.96 12.47 14.59
C ALA A 2850 -46.03 11.95 13.16
N LEU A 2851 -47.04 11.13 12.86
CA LEU A 2851 -47.22 10.65 11.49
C LEU A 2851 -47.34 11.82 10.53
N VAL A 2852 -48.13 12.82 10.92
CA VAL A 2852 -48.35 13.96 10.04
C VAL A 2852 -47.03 14.67 9.73
N GLN A 2853 -46.19 14.86 10.74
CA GLN A 2853 -44.96 15.61 10.54
C GLN A 2853 -43.88 14.78 9.87
N VAL A 2854 -44.02 13.45 9.90
CA VAL A 2854 -43.01 12.61 9.26
C VAL A 2854 -43.29 12.46 7.77
N GLU A 2855 -44.58 12.29 7.41
CA GLU A 2855 -44.91 11.96 6.03
C GLU A 2855 -44.30 12.94 5.02
N VAL A 2856 -43.88 14.12 5.45
CA VAL A 2856 -43.42 15.12 4.49
C VAL A 2856 -41.96 14.93 4.10
N SER A 2857 -41.12 14.43 5.00
CA SER A 2857 -39.69 14.33 4.74
C SER A 2857 -39.15 12.95 5.12
N CYS A 2858 -40.05 11.97 5.21
CA CYS A 2858 -39.48 10.64 5.41
C CYS A 2858 -38.56 10.30 4.25
N PRO A 2859 -37.31 9.94 4.46
CA PRO A 2859 -36.46 9.52 3.35
C PRO A 2859 -36.94 8.18 2.79
N LYS A 2860 -36.58 7.93 1.53
CA LYS A 2860 -37.07 6.74 0.85
C LYS A 2860 -36.70 5.45 1.57
N GLU A 2861 -35.64 5.46 2.38
CA GLU A 2861 -35.21 4.24 3.03
C GLU A 2861 -36.28 3.71 3.97
N MET A 2862 -36.90 4.59 4.76
CA MET A 2862 -37.85 4.19 5.77
C MET A 2862 -39.29 4.46 5.36
N ALA A 2863 -39.59 4.36 4.07
CA ALA A 2863 -40.96 4.59 3.62
C ALA A 2863 -41.90 3.52 4.13
N TRP A 2864 -41.48 2.26 4.09
CA TRP A 2864 -42.38 1.16 4.46
C TRP A 2864 -42.81 1.25 5.91
N LYS A 2865 -41.94 1.77 6.79
CA LYS A 2865 -42.36 1.98 8.17
C LYS A 2865 -43.52 2.96 8.24
N VAL A 2866 -43.55 3.94 7.35
CA VAL A 2866 -44.67 4.88 7.33
C VAL A 2866 -45.96 4.14 7.05
N ASN A 2867 -45.95 3.24 6.07
CA ASN A 2867 -47.17 2.50 5.74
C ASN A 2867 -47.58 1.59 6.90
N MET A 2868 -46.62 0.93 7.53
CA MET A 2868 -46.98 0.05 8.64
C MET A 2868 -47.56 0.84 9.80
N TYR A 2869 -47.00 2.01 10.11
CA TYR A 2869 -47.55 2.83 11.18
C TYR A 2869 -48.92 3.38 10.81
N ARG A 2870 -49.12 3.72 9.53
CA ARG A 2870 -50.44 4.17 9.10
C ARG A 2870 -51.46 3.07 9.29
N GLY A 2871 -51.11 1.83 8.96
CA GLY A 2871 -52.01 0.71 9.22
C GLY A 2871 -52.26 0.51 10.70
N TYR A 2872 -51.21 0.59 11.52
CA TYR A 2872 -51.38 0.51 12.97
C TYR A 2872 -52.42 1.50 13.44
N LEU A 2873 -52.29 2.76 13.03
CA LEU A 2873 -53.23 3.78 13.46
C LEU A 2873 -54.63 3.47 12.95
N ALA A 2874 -54.76 3.16 11.66
CA ALA A 2874 -56.07 2.89 11.09
C ALA A 2874 -56.76 1.74 11.79
N ILE A 2875 -56.01 0.82 12.37
CA ILE A 2875 -56.62 -0.30 13.09
C ILE A 2875 -56.96 0.08 14.52
N CYS A 2876 -56.05 0.74 15.23
CA CYS A 2876 -56.16 0.84 16.68
C CYS A 2876 -56.68 2.18 17.19
N HIS A 2877 -56.88 3.18 16.34
CA HIS A 2877 -57.43 4.43 16.84
C HIS A 2877 -58.86 4.19 17.34
N PRO A 2878 -59.23 4.70 18.52
CA PRO A 2878 -60.59 4.43 19.01
C PRO A 2878 -61.69 4.98 18.13
N GLU A 2879 -61.38 5.95 17.25
CA GLU A 2879 -62.40 6.62 16.45
C GLU A 2879 -62.05 6.67 14.96
N GLU A 2880 -61.21 5.76 14.47
CA GLU A 2880 -60.85 5.72 13.06
C GLU A 2880 -60.79 4.28 12.57
N GLN A 2881 -61.74 3.45 12.99
CA GLN A 2881 -61.79 2.07 12.53
C GLN A 2881 -62.24 2.04 11.07
N GLN A 2882 -61.28 1.95 10.16
CA GLN A 2882 -61.58 1.80 8.73
C GLN A 2882 -60.70 0.66 8.20
N LEU A 2883 -61.21 -0.56 8.30
CA LEU A 2883 -60.48 -1.73 7.85
C LEU A 2883 -60.78 -2.08 6.41
N SER A 2884 -60.69 -1.12 5.50
CA SER A 2884 -60.91 -1.39 4.09
C SER A 2884 -59.63 -1.32 3.28
N PHE A 2885 -58.67 -0.49 3.69
CA PHE A 2885 -57.42 -0.31 2.97
C PHE A 2885 -56.24 -0.80 3.78
N ILE A 2886 -56.40 -1.93 4.47
CA ILE A 2886 -55.27 -2.57 5.14
C ILE A 2886 -54.50 -3.45 4.17
N GLU A 2887 -55.19 -4.15 3.27
CA GLU A 2887 -54.50 -4.99 2.31
C GLU A 2887 -53.62 -4.16 1.39
N ARG A 2888 -54.12 -3.01 0.95
CA ARG A 2888 -53.31 -2.14 0.10
C ARG A 2888 -52.08 -1.62 0.83
N LEU A 2889 -52.24 -1.25 2.11
CA LEU A 2889 -51.11 -0.80 2.90
C LEU A 2889 -50.08 -1.92 3.06
N VAL A 2890 -50.54 -3.14 3.31
CA VAL A 2890 -49.63 -4.26 3.46
C VAL A 2890 -48.87 -4.51 2.16
N GLU A 2891 -49.57 -4.46 1.03
CA GLU A 2891 -48.91 -4.64 -0.25
C GLU A 2891 -47.85 -3.56 -0.47
N MET A 2892 -48.18 -2.31 -0.15
CA MET A 2892 -47.22 -1.24 -0.32
C MET A 2892 -46.00 -1.45 0.57
N ALA A 2893 -46.22 -1.84 1.82
CA ALA A 2893 -45.11 -2.05 2.74
C ALA A 2893 -44.20 -3.17 2.24
N SER A 2894 -44.80 -4.27 1.78
CA SER A 2894 -44.00 -5.38 1.27
C SER A 2894 -43.20 -4.97 0.04
N SER A 2895 -43.83 -4.21 -0.87
CA SER A 2895 -43.11 -3.79 -2.07
C SER A 2895 -41.94 -2.89 -1.70
N LEU A 2896 -42.14 -1.95 -0.78
CA LEU A 2896 -41.05 -1.05 -0.42
C LEU A 2896 -39.95 -1.78 0.35
N ALA A 2897 -40.32 -2.77 1.17
CA ALA A 2897 -39.30 -3.57 1.84
C ALA A 2897 -38.46 -4.34 0.83
N ILE A 2898 -39.08 -4.91 -0.18
CA ILE A 2898 -38.33 -5.62 -1.21
C ILE A 2898 -37.42 -4.66 -1.97
N ARG A 2899 -37.94 -3.47 -2.31
CA ARG A 2899 -37.12 -2.45 -2.95
C ARG A 2899 -35.89 -2.13 -2.13
N GLU A 2900 -36.07 -1.90 -0.84
CA GLU A 2900 -34.92 -1.64 0.04
C GLU A 2900 -33.97 -2.83 0.09
N TRP A 2901 -34.50 -4.04 0.14
CA TRP A 2901 -33.65 -5.23 0.18
C TRP A 2901 -32.72 -5.26 -1.02
N ARG A 2902 -33.24 -5.00 -2.22
CA ARG A 2902 -32.41 -5.16 -3.40
C ARG A 2902 -31.22 -4.22 -3.40
N ARG A 2903 -31.22 -3.21 -2.52
CA ARG A 2903 -30.17 -2.20 -2.55
C ARG A 2903 -29.02 -2.51 -1.60
N LEU A 2904 -29.02 -3.67 -0.95
CA LEU A 2904 -27.96 -4.04 -0.03
C LEU A 2904 -26.98 -4.98 -0.72
N PRO A 2905 -25.86 -5.30 -0.06
CA PRO A 2905 -24.88 -6.20 -0.67
C PRO A 2905 -25.45 -7.61 -0.84
N HIS A 2906 -24.83 -8.34 -1.77
N HIS A 2906 -24.81 -8.38 -1.73
CA HIS A 2906 -25.30 -9.67 -2.12
CA HIS A 2906 -25.38 -9.66 -2.09
C HIS A 2906 -25.08 -10.66 -0.99
C HIS A 2906 -24.99 -10.76 -1.09
N VAL A 2907 -24.00 -10.51 -0.24
CA VAL A 2907 -23.69 -11.43 0.85
C VAL A 2907 -24.49 -11.00 2.07
N VAL A 2908 -25.30 -11.91 2.60
CA VAL A 2908 -26.17 -11.56 3.72
C VAL A 2908 -25.36 -11.42 5.00
N SER A 2909 -25.62 -10.36 5.74
CA SER A 2909 -24.86 -10.04 6.94
C SER A 2909 -25.79 -9.33 7.92
N HIS A 2910 -25.21 -8.70 8.93
CA HIS A 2910 -26.03 -8.00 9.93
C HIS A 2910 -26.81 -6.85 9.32
N VAL A 2911 -26.33 -6.29 8.21
CA VAL A 2911 -27.02 -5.15 7.61
C VAL A 2911 -28.42 -5.55 7.16
N HIS A 2912 -28.67 -6.84 6.94
CA HIS A 2912 -29.97 -7.32 6.51
C HIS A 2912 -30.93 -7.61 7.66
N THR A 2913 -30.44 -7.62 8.90
CA THR A 2913 -31.29 -8.04 10.01
C THR A 2913 -32.57 -7.23 10.15
N PRO A 2914 -32.57 -5.91 10.05
CA PRO A 2914 -33.83 -5.17 10.25
C PRO A 2914 -34.94 -5.57 9.28
N LEU A 2915 -34.60 -5.86 8.01
CA LEU A 2915 -35.63 -6.24 7.07
C LEU A 2915 -36.13 -7.66 7.32
N LEU A 2916 -35.22 -8.56 7.68
CA LEU A 2916 -35.64 -9.89 8.09
C LEU A 2916 -36.58 -9.82 9.29
N GLN A 2917 -36.37 -8.84 10.17
CA GLN A 2917 -37.25 -8.70 11.33
C GLN A 2917 -38.59 -8.11 10.94
N ALA A 2918 -38.60 -7.10 10.06
CA ALA A 2918 -39.86 -6.51 9.64
C ALA A 2918 -40.70 -7.48 8.82
N ALA A 2919 -40.06 -8.51 8.27
CA ALA A 2919 -40.80 -9.56 7.58
C ALA A 2919 -41.93 -10.10 8.46
N GLN A 2920 -41.64 -10.36 9.74
CA GLN A 2920 -42.65 -10.91 10.62
C GLN A 2920 -43.69 -9.86 11.00
N GLN A 2921 -43.25 -8.61 11.17
CA GLN A 2921 -44.18 -7.55 11.57
C GLN A 2921 -45.25 -7.33 10.52
N ILE A 2922 -44.88 -7.38 9.24
CA ILE A 2922 -45.88 -7.16 8.20
C ILE A 2922 -46.96 -8.24 8.23
N ILE A 2923 -46.56 -9.50 8.33
CA ILE A 2923 -47.53 -10.58 8.33
C ILE A 2923 -48.39 -10.52 9.59
N GLU A 2924 -47.81 -10.13 10.72
CA GLU A 2924 -48.61 -10.05 11.93
C GLU A 2924 -49.59 -8.88 11.87
N LEU A 2925 -49.22 -7.79 11.20
CA LEU A 2925 -50.18 -6.72 10.95
C LEU A 2925 -51.37 -7.25 10.15
N GLN A 2926 -51.08 -8.00 9.08
CA GLN A 2926 -52.16 -8.57 8.29
C GLN A 2926 -53.06 -9.47 9.13
N GLU A 2927 -52.47 -10.35 9.93
CA GLU A 2927 -53.25 -11.25 10.77
C GLU A 2927 -54.09 -10.49 11.81
N ALA A 2928 -53.53 -9.44 12.40
CA ALA A 2928 -54.27 -8.65 13.36
C ALA A 2928 -55.48 -7.99 12.71
N ALA A 2929 -55.30 -7.45 11.50
CA ALA A 2929 -56.44 -6.90 10.78
C ALA A 2929 -57.48 -7.96 10.52
N GLN A 2930 -57.05 -9.17 10.15
CA GLN A 2930 -57.98 -10.27 9.95
C GLN A 2930 -58.80 -10.54 11.19
N ILE A 2931 -58.15 -10.59 12.36
CA ILE A 2931 -58.88 -10.85 13.61
C ILE A 2931 -59.88 -9.73 13.89
N ASN A 2932 -59.42 -8.48 13.80
CA ASN A 2932 -60.31 -7.37 14.09
C ASN A 2932 -61.53 -7.37 13.18
N ALA A 2933 -61.36 -7.73 11.92
CA ALA A 2933 -62.51 -7.84 11.03
C ALA A 2933 -63.57 -8.77 11.62
N GLY A 2934 -63.16 -9.98 12.01
CA GLY A 2934 -64.11 -10.91 12.59
C GLY A 2934 -64.67 -10.47 13.93
N LEU A 2935 -64.02 -9.53 14.61
CA LEU A 2935 -64.54 -9.05 15.88
C LEU A 2935 -65.70 -8.07 15.74
N GLN A 2936 -66.16 -7.75 14.52
CA GLN A 2936 -67.20 -6.75 14.36
C GLN A 2936 -68.56 -7.27 14.80
N PRO A 2937 -69.51 -6.37 15.09
CA PRO A 2937 -70.78 -6.81 15.70
C PRO A 2937 -71.52 -7.85 14.90
N THR A 2938 -71.39 -7.85 13.58
CA THR A 2938 -72.16 -8.78 12.75
C THR A 2938 -71.60 -10.20 12.85
N ASN A 2939 -70.35 -10.34 13.29
CA ASN A 2939 -69.62 -11.60 13.17
C ASN A 2939 -69.25 -12.20 14.52
N LEU A 2940 -69.92 -11.83 15.60
CA LEU A 2940 -69.68 -12.42 16.90
C LEU A 2940 -70.38 -13.77 17.01
N GLY A 2941 -69.70 -14.73 17.61
CA GLY A 2941 -70.29 -16.01 17.91
C GLY A 2941 -70.42 -16.96 16.75
N ARG A 2942 -70.06 -16.56 15.54
CA ARG A 2942 -70.07 -17.47 14.41
C ARG A 2942 -68.95 -18.49 14.55
N ASN A 2943 -69.25 -19.72 14.15
CA ASN A 2943 -68.28 -20.80 14.31
C ASN A 2943 -67.02 -20.52 13.51
N ASN A 2944 -67.18 -20.06 12.27
CA ASN A 2944 -66.01 -19.75 11.45
C ASN A 2944 -65.18 -18.64 12.05
N SER A 2945 -65.82 -17.58 12.55
CA SER A 2945 -65.08 -16.48 13.16
C SER A 2945 -64.30 -16.94 14.39
N LEU A 2946 -64.94 -17.70 15.27
CA LEU A 2946 -64.25 -18.17 16.45
C LEU A 2946 -63.11 -19.12 16.09
N HIS A 2947 -63.31 -19.97 15.09
CA HIS A 2947 -62.25 -20.86 14.66
C HIS A 2947 -61.06 -20.07 14.13
N ASP A 2948 -61.32 -19.02 13.35
CA ASP A 2948 -60.22 -18.19 12.85
C ASP A 2948 -59.48 -17.50 13.99
N MET A 2949 -60.22 -16.98 14.97
CA MET A 2949 -59.58 -16.34 16.12
C MET A 2949 -58.66 -17.33 16.83
N LYS A 2950 -59.17 -18.53 17.13
CA LYS A 2950 -58.36 -19.52 17.82
C LYS A 2950 -57.14 -19.92 17.02
N THR A 2951 -57.30 -20.09 15.70
CA THR A 2951 -56.16 -20.45 14.86
C THR A 2951 -55.08 -19.39 14.91
N VAL A 2952 -55.46 -18.12 14.79
CA VAL A 2952 -54.45 -17.06 14.80
C VAL A 2952 -53.76 -16.99 16.15
N VAL A 2953 -54.52 -17.12 17.24
CA VAL A 2953 -53.91 -17.08 18.56
C VAL A 2953 -52.89 -18.20 18.72
N LYS A 2954 -53.27 -19.41 18.33
CA LYS A 2954 -52.36 -20.54 18.45
C LYS A 2954 -51.10 -20.32 17.62
N THR A 2955 -51.26 -19.84 16.38
CA THR A 2955 -50.09 -19.60 15.54
C THR A 2955 -49.15 -18.58 16.18
N TRP A 2956 -49.71 -17.49 16.72
CA TRP A 2956 -48.87 -16.48 17.35
C TRP A 2956 -48.13 -17.06 18.55
N ARG A 2957 -48.78 -17.95 19.30
CA ARG A 2957 -48.13 -18.48 20.50
C ARG A 2957 -46.79 -19.12 20.18
N ASN A 2958 -46.62 -19.62 18.95
CA ASN A 2958 -45.43 -20.42 18.65
C ASN A 2958 -44.50 -19.73 17.65
N ARG A 2959 -44.98 -18.72 16.93
CA ARG A 2959 -44.07 -18.00 16.04
C ARG A 2959 -43.32 -16.92 16.82
N LEU A 2960 -42.00 -17.09 17.00
CA LEU A 2960 -41.21 -16.26 17.89
C LEU A 2960 -39.88 -15.88 17.26
N PRO A 2961 -39.27 -14.76 17.72
CA PRO A 2961 -37.89 -14.46 17.31
C PRO A 2961 -36.86 -15.19 18.17
N ILE A 2962 -35.59 -14.85 18.01
CA ILE A 2962 -34.51 -15.59 18.64
C ILE A 2962 -33.84 -14.74 19.71
N VAL A 2963 -32.98 -15.38 20.51
CA VAL A 2963 -32.38 -14.72 21.67
C VAL A 2963 -31.44 -13.60 21.26
N SER A 2964 -30.71 -13.76 20.15
CA SER A 2964 -29.72 -12.76 19.79
C SER A 2964 -30.35 -11.42 19.44
N ASP A 2965 -31.66 -11.39 19.24
CA ASP A 2965 -32.33 -10.14 18.90
C ASP A 2965 -32.39 -9.21 20.11
N ASP A 2966 -32.91 -8.01 19.88
CA ASP A 2966 -32.95 -7.01 20.94
C ASP A 2966 -34.31 -7.02 21.64
N LEU A 2967 -34.27 -6.66 22.93
CA LEU A 2967 -35.50 -6.51 23.69
C LEU A 2967 -36.46 -5.53 23.02
N SER A 2968 -35.94 -4.53 22.32
CA SER A 2968 -36.81 -3.61 21.60
C SER A 2968 -37.59 -4.32 20.51
N HIS A 2969 -36.93 -5.20 19.74
CA HIS A 2969 -37.66 -5.94 18.72
C HIS A 2969 -38.66 -6.89 19.35
N TRP A 2970 -38.31 -7.48 20.49
CA TRP A 2970 -39.26 -8.35 21.18
C TRP A 2970 -40.51 -7.57 21.60
N SER A 2971 -40.31 -6.37 22.12
CA SER A 2971 -41.44 -5.50 22.47
C SER A 2971 -42.28 -5.18 21.25
N SER A 2972 -41.62 -4.88 20.13
CA SER A 2972 -42.36 -4.52 18.93
C SER A 2972 -43.42 -5.56 18.59
N ILE A 2973 -43.16 -6.82 18.90
CA ILE A 2973 -44.10 -7.89 18.60
C ILE A 2973 -45.11 -8.05 19.72
N PHE A 2974 -44.62 -8.08 20.97
CA PHE A 2974 -45.51 -8.43 22.07
C PHE A 2974 -46.54 -7.33 22.34
N MET A 2975 -46.16 -6.07 22.21
CA MET A 2975 -47.14 -5.00 22.42
C MET A 2975 -48.24 -5.04 21.36
N TRP A 2976 -47.86 -5.29 20.12
CA TRP A 2976 -48.83 -5.36 19.04
C TRP A 2976 -49.81 -6.51 19.29
N ARG A 2977 -49.31 -7.64 19.79
CA ARG A 2977 -50.21 -8.74 20.11
C ARG A 2977 -51.09 -8.43 21.33
N GLN A 2978 -50.52 -7.68 22.30
CA GLN A 2978 -51.26 -7.32 23.49
C GLN A 2978 -52.49 -6.49 23.14
N HIS A 2979 -52.32 -5.54 22.21
CA HIS A 2979 -53.45 -4.70 21.82
C HIS A 2979 -54.65 -5.55 21.41
N HIS A 2980 -54.43 -6.62 20.65
CA HIS A 2980 -55.56 -7.36 20.11
C HIS A 2980 -56.07 -8.40 21.09
N TYR A 2981 -55.21 -8.92 21.98
CA TYR A 2981 -55.74 -9.68 23.10
C TYR A 2981 -56.72 -8.82 23.91
N GLN A 2982 -56.32 -7.57 24.19
CA GLN A 2982 -57.20 -6.68 24.92
C GLN A 2982 -58.47 -6.39 24.14
N ALA A 2983 -58.36 -6.23 22.83
CA ALA A 2983 -59.56 -5.99 22.01
C ALA A 2983 -60.53 -7.16 22.12
N ILE A 2984 -60.02 -8.39 22.06
CA ILE A 2984 -60.89 -9.56 22.21
C ILE A 2984 -61.59 -9.53 23.56
N VAL A 2985 -60.81 -9.27 24.62
CA VAL A 2985 -61.39 -9.24 25.97
C VAL A 2985 -62.49 -8.19 26.05
N THR A 2986 -62.19 -6.98 25.58
CA THR A 2986 -63.16 -5.90 25.65
C THR A 2986 -64.43 -6.22 24.87
N ALA A 2987 -64.29 -6.78 23.68
CA ALA A 2987 -65.48 -7.11 22.89
C ALA A 2987 -66.36 -8.10 23.63
N TYR A 2988 -65.79 -9.22 24.07
CA TYR A 2988 -66.64 -10.29 24.58
C TYR A 2988 -67.20 -9.95 25.97
N GLU A 2989 -66.37 -9.41 26.87
CA GLU A 2989 -66.90 -9.03 28.17
C GLU A 2989 -68.04 -8.03 28.04
N ASN A 2990 -67.84 -7.01 27.20
CA ASN A 2990 -68.86 -5.98 27.03
C ASN A 2990 -70.13 -6.56 26.43
N SER A 2991 -70.01 -7.40 25.40
CA SER A 2991 -71.19 -7.97 24.79
C SER A 2991 -71.95 -8.80 25.82
N SER A 2992 -71.36 -9.93 26.24
CA SER A 2992 -71.96 -10.76 27.28
C SER A 2992 -73.39 -11.18 26.96
N GLN A 2993 -73.82 -11.03 25.70
CA GLN A 2993 -75.18 -11.44 25.32
C GLN A 2993 -75.28 -12.94 25.12
N HIS A 2994 -74.34 -13.51 24.37
CA HIS A 2994 -74.21 -14.94 24.19
C HIS A 2994 -72.86 -15.37 24.74
N ASP A 2995 -72.50 -16.62 24.51
CA ASP A 2995 -71.31 -17.20 25.12
C ASP A 2995 -71.48 -17.19 26.64
N PRO A 2996 -72.53 -17.83 27.17
CA PRO A 2996 -72.71 -17.87 28.62
C PRO A 2996 -71.60 -18.61 29.35
N SER A 2997 -70.84 -19.48 28.66
CA SER A 2997 -69.76 -20.19 29.32
C SER A 2997 -68.56 -19.28 29.57
N SER A 2998 -68.57 -18.08 28.99
CA SER A 2998 -67.54 -17.08 29.25
C SER A 2998 -66.15 -17.60 28.90
N ASN A 2999 -66.07 -18.34 27.79
CA ASN A 2999 -64.80 -18.93 27.36
C ASN A 2999 -63.94 -17.98 26.55
N ASN A 3000 -64.55 -17.00 25.89
CA ASN A 3000 -63.81 -16.19 24.93
C ASN A 3000 -63.00 -15.10 25.62
N ALA A 3001 -63.61 -14.41 26.58
CA ALA A 3001 -62.84 -13.48 27.39
C ALA A 3001 -61.72 -14.21 28.11
N MET A 3002 -61.95 -15.46 28.52
CA MET A 3002 -60.90 -16.22 29.18
C MET A 3002 -59.77 -16.57 28.22
N LEU A 3003 -60.10 -16.92 26.98
CA LEU A 3003 -59.06 -17.11 25.98
C LEU A 3003 -58.20 -15.87 25.83
N GLY A 3004 -58.83 -14.71 25.73
CA GLY A 3004 -58.08 -13.46 25.61
C GLY A 3004 -57.20 -13.19 26.81
N VAL A 3005 -57.73 -13.39 28.01
CA VAL A 3005 -56.98 -13.15 29.23
C VAL A 3005 -55.77 -14.08 29.31
N HIS A 3006 -55.97 -15.36 28.98
CA HIS A 3006 -54.88 -16.31 29.02
C HIS A 3006 -53.79 -15.92 28.04
N ALA A 3007 -54.17 -15.52 26.82
CA ALA A 3007 -53.17 -15.10 25.85
C ALA A 3007 -52.37 -13.91 26.36
N SER A 3008 -53.03 -12.91 26.93
CA SER A 3008 -52.33 -11.74 27.42
C SER A 3008 -51.36 -12.10 28.54
N ALA A 3009 -51.81 -12.92 29.49
CA ALA A 3009 -50.94 -13.30 30.59
C ALA A 3009 -49.72 -14.06 30.09
N SER A 3010 -49.92 -14.99 29.16
CA SER A 3010 -48.79 -15.77 28.65
C SER A 3010 -47.81 -14.87 27.91
N ALA A 3011 -48.32 -13.90 27.15
CA ALA A 3011 -47.42 -12.99 26.45
C ALA A 3011 -46.57 -12.21 27.44
N ILE A 3012 -47.18 -11.73 28.52
CA ILE A 3012 -46.41 -10.98 29.53
C ILE A 3012 -45.34 -11.87 30.15
N ILE A 3013 -45.69 -13.11 30.48
CA ILE A 3013 -44.72 -14.01 31.09
C ILE A 3013 -43.56 -14.26 30.14
N GLN A 3014 -43.85 -14.49 28.86
CA GLN A 3014 -42.79 -14.72 27.89
C GLN A 3014 -41.87 -13.51 27.79
N TYR A 3015 -42.46 -12.31 27.73
CA TYR A 3015 -41.64 -11.11 27.62
C TYR A 3015 -40.71 -10.98 28.82
N GLY A 3016 -41.20 -11.27 30.01
CA GLY A 3016 -40.35 -11.24 31.19
C GLY A 3016 -39.24 -12.27 31.14
N LYS A 3017 -39.59 -13.50 30.75
CA LYS A 3017 -38.61 -14.56 30.68
C LYS A 3017 -37.45 -14.20 29.77
N ILE A 3018 -37.75 -13.55 28.65
CA ILE A 3018 -36.72 -13.27 27.67
C ILE A 3018 -35.73 -12.25 28.20
N ALA A 3019 -36.24 -11.22 28.88
CA ALA A 3019 -35.35 -10.27 29.54
C ALA A 3019 -34.49 -10.95 30.59
N ARG A 3020 -35.08 -11.87 31.36
CA ARG A 3020 -34.29 -12.62 32.31
C ARG A 3020 -33.15 -13.34 31.61
N LYS A 3021 -33.45 -14.01 30.49
CA LYS A 3021 -32.42 -14.75 29.77
C LYS A 3021 -31.31 -13.83 29.28
N GLN A 3022 -31.67 -12.68 28.73
CA GLN A 3022 -30.65 -11.77 28.22
C GLN A 3022 -29.87 -11.11 29.34
N GLY A 3023 -30.40 -11.12 30.57
CA GLY A 3023 -29.60 -10.72 31.72
C GLY A 3023 -30.11 -9.51 32.47
N LEU A 3024 -31.25 -8.98 32.08
CA LEU A 3024 -31.82 -7.80 32.73
C LEU A 3024 -32.79 -8.25 33.80
N VAL A 3025 -32.26 -8.64 34.96
CA VAL A 3025 -33.09 -9.19 36.02
C VAL A 3025 -34.05 -8.15 36.56
N ASN A 3026 -33.58 -6.92 36.77
CA ASN A 3026 -34.45 -5.88 37.28
C ASN A 3026 -35.59 -5.59 36.32
N VAL A 3027 -35.29 -5.51 35.02
CA VAL A 3027 -36.33 -5.29 34.03
C VAL A 3027 -37.31 -6.47 34.03
N ALA A 3028 -36.80 -7.69 34.14
CA ALA A 3028 -37.67 -8.86 34.13
C ALA A 3028 -38.61 -8.85 35.32
N LEU A 3029 -38.11 -8.47 36.50
CA LEU A 3029 -38.96 -8.41 37.67
C LEU A 3029 -40.06 -7.37 37.51
N ASP A 3030 -39.71 -6.18 36.99
CA ASP A 3030 -40.74 -5.18 36.73
C ASP A 3030 -41.78 -5.71 35.75
N ILE A 3031 -41.35 -6.38 34.69
CA ILE A 3031 -42.30 -6.93 33.73
C ILE A 3031 -43.22 -7.92 34.41
N LEU A 3032 -42.66 -8.86 35.17
CA LEU A 3032 -43.47 -9.87 35.83
C LEU A 3032 -44.44 -9.26 36.83
N SER A 3033 -44.09 -8.13 37.44
CA SER A 3033 -44.97 -7.54 38.43
C SER A 3033 -46.32 -7.12 37.84
N ARG A 3034 -46.42 -6.98 36.52
CA ARG A 3034 -47.66 -6.52 35.92
C ARG A 3034 -48.77 -7.57 35.96
N ILE A 3035 -48.46 -8.82 36.29
CA ILE A 3035 -49.49 -9.85 36.31
C ILE A 3035 -50.49 -9.58 37.42
N HIS A 3036 -50.06 -8.96 38.52
CA HIS A 3036 -50.93 -8.78 39.68
C HIS A 3036 -52.11 -7.87 39.40
N THR A 3037 -52.00 -6.97 38.43
CA THR A 3037 -53.05 -5.99 38.21
C THR A 3037 -54.27 -6.59 37.53
N ILE A 3038 -54.17 -7.81 37.01
CA ILE A 3038 -55.27 -8.41 36.26
C ILE A 3038 -56.28 -8.98 37.25
N PRO A 3039 -57.57 -8.67 37.10
CA PRO A 3039 -58.54 -9.09 38.14
C PRO A 3039 -58.52 -10.57 38.45
N THR A 3040 -58.37 -11.43 37.45
CA THR A 3040 -58.36 -12.86 37.68
C THR A 3040 -57.59 -13.54 36.56
N VAL A 3041 -56.73 -14.48 36.93
CA VAL A 3041 -55.83 -15.13 35.97
C VAL A 3041 -55.91 -16.63 36.14
N PRO A 3042 -55.54 -17.36 35.08
CA PRO A 3042 -55.51 -18.82 35.19
C PRO A 3042 -54.35 -19.32 36.05
N ILE A 3043 -54.57 -20.51 36.60
CA ILE A 3043 -53.60 -21.12 37.50
C ILE A 3043 -52.30 -21.43 36.77
N VAL A 3044 -52.36 -21.81 35.50
CA VAL A 3044 -51.14 -22.11 34.75
C VAL A 3044 -50.24 -20.89 34.69
N ASP A 3045 -50.83 -19.73 34.42
CA ASP A 3045 -50.04 -18.51 34.35
C ASP A 3045 -49.55 -18.07 35.72
N CYS A 3046 -50.37 -18.25 36.77
CA CYS A 3046 -49.87 -18.00 38.11
C CYS A 3046 -48.60 -18.80 38.38
N PHE A 3047 -48.64 -20.10 38.07
CA PHE A 3047 -47.49 -20.96 38.32
C PHE A 3047 -46.30 -20.53 37.47
N GLN A 3048 -46.53 -20.18 36.21
CA GLN A 3048 -45.41 -19.77 35.36
C GLN A 3048 -44.76 -18.50 35.86
N LYS A 3049 -45.56 -17.54 36.35
CA LYS A 3049 -44.97 -16.33 36.92
C LYS A 3049 -44.12 -16.67 38.13
N ILE A 3050 -44.62 -17.53 39.01
CA ILE A 3050 -43.84 -17.91 40.18
C ILE A 3050 -42.53 -18.55 39.76
N ARG A 3051 -42.58 -19.44 38.78
CA ARG A 3051 -41.38 -20.13 38.31
C ARG A 3051 -40.34 -19.16 37.77
N GLN A 3052 -40.77 -18.20 36.95
CA GLN A 3052 -39.83 -17.23 36.40
C GLN A 3052 -39.24 -16.36 37.51
N GLN A 3053 -40.06 -15.99 38.50
CA GLN A 3053 -39.55 -15.20 39.61
C GLN A 3053 -38.47 -15.94 40.37
N VAL A 3054 -38.70 -17.22 40.63
CA VAL A 3054 -37.71 -18.01 41.36
C VAL A 3054 -36.43 -18.15 40.54
N LYS A 3055 -36.57 -18.30 39.22
CA LYS A 3055 -35.38 -18.35 38.38
C LYS A 3055 -34.57 -17.06 38.48
N CYS A 3056 -35.25 -15.91 38.49
CA CYS A 3056 -34.56 -14.64 38.63
C CYS A 3056 -33.80 -14.57 39.95
N TYR A 3057 -34.45 -14.96 41.04
CA TYR A 3057 -33.77 -14.96 42.33
C TYR A 3057 -32.58 -15.91 42.34
N LEU A 3058 -32.72 -17.10 41.74
CA LEU A 3058 -31.58 -18.00 41.68
C LEU A 3058 -30.42 -17.39 40.91
N GLN A 3059 -30.72 -16.64 39.84
CA GLN A 3059 -29.66 -15.94 39.13
C GLN A 3059 -28.96 -14.94 40.04
N LEU A 3060 -29.72 -14.20 40.84
CA LEU A 3060 -29.12 -13.19 41.71
C LEU A 3060 -28.41 -13.76 42.93
N ALA A 3061 -28.70 -15.02 43.28
CA ALA A 3061 -28.19 -15.56 44.53
C ALA A 3061 -26.67 -15.50 44.62
N GLY A 3062 -25.98 -15.47 43.48
CA GLY A 3062 -24.54 -15.44 43.51
C GLY A 3062 -23.95 -14.21 44.16
N VAL A 3063 -24.62 -13.07 44.04
CA VAL A 3063 -24.08 -11.80 44.52
C VAL A 3063 -25.00 -11.16 45.55
N MET A 3064 -26.14 -11.80 45.84
CA MET A 3064 -27.00 -11.34 46.92
C MET A 3064 -26.28 -11.48 48.25
N GLY A 3065 -26.61 -10.61 49.19
CA GLY A 3065 -26.12 -10.69 50.55
C GLY A 3065 -27.00 -11.55 51.42
N LYS A 3066 -26.65 -11.60 52.72
CA LYS A 3066 -27.36 -12.47 53.64
C LYS A 3066 -28.80 -12.01 53.88
N ASN A 3067 -28.99 -10.72 54.16
CA ASN A 3067 -30.34 -10.20 54.33
C ASN A 3067 -31.17 -10.37 53.08
N GLU A 3068 -30.58 -10.13 51.91
CA GLU A 3068 -31.29 -10.30 50.66
C GLU A 3068 -31.71 -11.76 50.46
N CYS A 3069 -30.81 -12.69 50.77
CA CYS A 3069 -31.16 -14.10 50.66
C CYS A 3069 -32.31 -14.46 51.57
N MET A 3070 -32.29 -13.97 52.82
CA MET A 3070 -33.39 -14.26 53.72
C MET A 3070 -34.72 -13.69 53.23
N GLN A 3071 -34.69 -12.46 52.70
CA GLN A 3071 -35.91 -11.86 52.19
C GLN A 3071 -36.45 -12.65 51.00
N GLY A 3072 -35.56 -13.07 50.10
CA GLY A 3072 -35.98 -13.88 48.97
C GLY A 3072 -36.54 -15.22 49.40
N LEU A 3073 -35.91 -15.85 50.40
CA LEU A 3073 -36.43 -17.11 50.92
C LEU A 3073 -37.83 -16.93 51.48
N GLU A 3074 -38.06 -15.83 52.20
CA GLU A 3074 -39.40 -15.57 52.73
C GLU A 3074 -40.42 -15.42 51.61
N VAL A 3075 -40.06 -14.65 50.58
CA VAL A 3075 -41.00 -14.46 49.47
C VAL A 3075 -41.26 -15.77 48.75
N ILE A 3076 -40.26 -16.65 48.71
CA ILE A 3076 -40.46 -17.98 48.11
C ILE A 3076 -41.42 -18.81 48.96
N GLU A 3077 -41.18 -18.84 50.27
CA GLU A 3077 -41.94 -19.72 51.14
C GLU A 3077 -43.39 -19.30 51.21
N SER A 3078 -43.66 -18.01 51.28
CA SER A 3078 -45.01 -17.51 51.52
C SER A 3078 -45.81 -17.50 50.21
N THR A 3079 -46.05 -18.71 49.69
CA THR A 3079 -46.80 -18.89 48.45
C THR A 3079 -47.88 -19.93 48.66
N ASN A 3080 -48.99 -19.77 47.94
CA ASN A 3080 -50.14 -20.66 48.08
C ASN A 3080 -50.09 -21.75 47.01
N LEU A 3081 -50.08 -23.01 47.43
CA LEU A 3081 -49.97 -24.13 46.52
C LEU A 3081 -51.17 -25.06 46.63
N LYS A 3082 -52.38 -24.50 46.68
CA LYS A 3082 -53.57 -25.32 46.84
C LYS A 3082 -54.06 -25.90 45.53
N TYR A 3083 -54.08 -25.10 44.47
CA TYR A 3083 -54.68 -25.51 43.21
C TYR A 3083 -53.67 -25.98 42.19
N PHE A 3084 -52.39 -26.01 42.54
CA PHE A 3084 -51.36 -26.50 41.64
C PHE A 3084 -51.55 -28.00 41.43
N THR A 3085 -51.04 -28.51 40.31
CA THR A 3085 -51.04 -29.94 40.10
C THR A 3085 -49.80 -30.56 40.74
N LYS A 3086 -49.71 -31.89 40.64
CA LYS A 3086 -48.58 -32.59 41.22
C LYS A 3086 -47.28 -32.23 40.51
N GLU A 3087 -47.31 -32.12 39.17
CA GLU A 3087 -46.11 -31.73 38.44
C GLU A 3087 -45.65 -30.34 38.83
N MET A 3088 -46.59 -29.40 38.94
CA MET A 3088 -46.23 -28.04 39.34
C MET A 3088 -45.63 -28.04 40.74
N THR A 3089 -46.23 -28.79 41.66
CA THR A 3089 -45.71 -28.84 43.02
C THR A 3089 -44.32 -29.45 43.06
N ALA A 3090 -44.09 -30.50 42.26
CA ALA A 3090 -42.77 -31.11 42.21
C ALA A 3090 -41.72 -30.14 41.69
N GLU A 3091 -42.05 -29.42 40.61
CA GLU A 3091 -41.11 -28.43 40.09
C GLU A 3091 -40.85 -27.32 41.11
N PHE A 3092 -41.90 -26.89 41.81
CA PHE A 3092 -41.71 -25.88 42.84
C PHE A 3092 -40.77 -26.35 43.93
N TYR A 3093 -40.96 -27.58 44.40
CA TYR A 3093 -40.07 -28.10 45.44
C TYR A 3093 -38.66 -28.26 44.92
N ALA A 3094 -38.48 -28.67 43.67
CA ALA A 3094 -37.13 -28.78 43.12
C ALA A 3094 -36.45 -27.42 43.10
N LEU A 3095 -37.14 -26.39 42.64
CA LEU A 3095 -36.55 -25.06 42.64
C LEU A 3095 -36.27 -24.56 44.06
N LYS A 3096 -37.19 -24.81 44.99
CA LYS A 3096 -36.96 -24.41 46.38
C LYS A 3096 -35.73 -25.10 46.94
N GLY A 3097 -35.57 -26.39 46.68
CA GLY A 3097 -34.39 -27.09 47.16
C GLY A 3097 -33.11 -26.55 46.56
N MET A 3098 -33.14 -26.25 45.26
CA MET A 3098 -31.95 -25.68 44.63
C MET A 3098 -31.59 -24.34 45.26
N PHE A 3099 -32.59 -23.50 45.51
CA PHE A 3099 -32.33 -22.22 46.16
C PHE A 3099 -31.78 -22.42 47.56
N LEU A 3100 -32.38 -23.31 48.35
CA LEU A 3100 -31.87 -23.60 49.67
C LEU A 3100 -30.44 -24.08 49.62
N ALA A 3101 -30.10 -24.90 48.62
CA ALA A 3101 -28.74 -25.42 48.51
C ALA A 3101 -27.75 -24.32 48.15
N GLN A 3102 -28.19 -23.33 47.37
CA GLN A 3102 -27.29 -22.23 47.03
C GLN A 3102 -26.72 -21.59 48.29
N ILE A 3103 -27.57 -21.29 49.26
CA ILE A 3103 -27.12 -20.86 50.59
C ILE A 3103 -26.97 -22.10 51.45
N ASN A 3104 -26.35 -21.96 52.62
CA ASN A 3104 -26.04 -23.12 53.46
C ASN A 3104 -27.28 -23.54 54.26
N LYS A 3105 -28.14 -24.32 53.61
CA LYS A 3105 -29.21 -24.98 54.37
C LYS A 3105 -29.38 -26.40 53.81
N SER A 3106 -28.55 -27.31 54.31
CA SER A 3106 -28.42 -28.64 53.74
C SER A 3106 -29.58 -29.55 54.16
N GLU A 3107 -29.92 -29.54 55.45
CA GLU A 3107 -31.02 -30.36 55.91
C GLU A 3107 -32.30 -30.01 55.18
N GLU A 3108 -32.52 -28.73 54.91
CA GLU A 3108 -33.73 -28.31 54.24
C GLU A 3108 -33.70 -28.64 52.75
N ALA A 3109 -32.55 -28.46 52.10
CA ALA A 3109 -32.47 -28.80 50.68
C ALA A 3109 -32.71 -30.29 50.47
N ASN A 3110 -32.16 -31.13 51.36
CA ASN A 3110 -32.35 -32.57 51.23
C ASN A 3110 -33.83 -32.93 51.28
N LYS A 3111 -34.55 -32.39 52.25
CA LYS A 3111 -35.97 -32.69 52.37
C LYS A 3111 -36.76 -32.15 51.20
N ALA A 3112 -36.40 -30.97 50.69
CA ALA A 3112 -37.11 -30.44 49.53
C ALA A 3112 -36.94 -31.35 48.33
N PHE A 3113 -35.71 -31.81 48.08
CA PHE A 3113 -35.50 -32.74 46.96
C PHE A 3113 -36.26 -34.03 47.15
N SER A 3114 -36.25 -34.56 48.38
CA SER A 3114 -36.96 -35.81 48.64
C SER A 3114 -38.45 -35.64 48.38
N ALA A 3115 -39.03 -34.53 48.83
CA ALA A 3115 -40.44 -34.28 48.59
C ALA A 3115 -40.74 -34.13 47.11
N ALA A 3116 -39.87 -33.45 46.37
CA ALA A 3116 -40.09 -33.30 44.94
C ALA A 3116 -40.14 -34.67 44.24
N VAL A 3117 -39.19 -35.54 44.57
CA VAL A 3117 -39.19 -36.87 43.96
C VAL A 3117 -40.42 -37.66 44.38
N GLN A 3118 -40.77 -37.62 45.66
CA GLN A 3118 -41.97 -38.31 46.11
C GLN A 3118 -43.20 -37.83 45.35
N MET A 3119 -43.28 -36.54 45.07
CA MET A 3119 -44.44 -36.02 44.35
C MET A 3119 -44.45 -36.49 42.90
N HIS A 3120 -43.34 -36.30 42.17
CA HIS A 3120 -43.29 -36.71 40.76
C HIS A 3120 -42.01 -37.49 40.51
N ASP A 3121 -42.05 -38.79 40.81
CA ASP A 3121 -41.00 -39.73 40.49
C ASP A 3121 -40.35 -39.47 39.12
N VAL A 3122 -41.12 -39.11 38.10
CA VAL A 3122 -40.57 -39.02 36.75
C VAL A 3122 -39.90 -37.69 36.46
N LEU A 3123 -40.09 -36.68 37.30
CA LEU A 3123 -39.52 -35.36 37.03
C LEU A 3123 -38.00 -35.44 36.94
N VAL A 3124 -37.43 -34.74 35.95
CA VAL A 3124 -36.01 -34.86 35.68
C VAL A 3124 -35.19 -33.84 36.47
N LYS A 3125 -35.72 -32.63 36.64
CA LYS A 3125 -34.99 -31.59 37.34
C LYS A 3125 -34.70 -31.98 38.79
N ALA A 3126 -35.68 -32.59 39.45
CA ALA A 3126 -35.48 -33.03 40.82
C ALA A 3126 -34.30 -33.98 40.91
N TRP A 3127 -34.29 -35.02 40.07
CA TRP A 3127 -33.18 -35.96 40.09
C TRP A 3127 -31.85 -35.26 39.82
N ALA A 3128 -31.81 -34.40 38.80
CA ALA A 3128 -30.55 -33.78 38.43
C ALA A 3128 -30.00 -32.91 39.57
N MET A 3129 -30.86 -32.10 40.18
CA MET A 3129 -30.38 -31.21 41.22
C MET A 3129 -30.02 -31.97 42.49
N TRP A 3130 -30.79 -33.01 42.84
CA TRP A 3130 -30.40 -33.82 43.98
C TRP A 3130 -29.06 -34.47 43.75
N GLY A 3131 -28.80 -34.94 42.52
CA GLY A 3131 -27.52 -35.53 42.23
C GLY A 3131 -26.38 -34.54 42.36
N ASP A 3132 -26.57 -33.34 41.84
CA ASP A 3132 -25.53 -32.32 41.99
C ASP A 3132 -25.26 -32.02 43.46
N TYR A 3133 -26.32 -31.89 44.24
CA TYR A 3133 -26.19 -31.61 45.67
C TYR A 3133 -25.40 -32.71 46.37
N LEU A 3134 -25.73 -33.97 46.08
CA LEU A 3134 -25.03 -35.08 46.73
C LEU A 3134 -23.60 -35.19 46.27
N GLU A 3135 -23.33 -34.91 45.00
CA GLU A 3135 -21.95 -34.99 44.50
C GLU A 3135 -21.06 -33.94 45.17
N ASN A 3136 -21.60 -32.74 45.39
CA ASN A 3136 -20.79 -31.72 46.05
C ASN A 3136 -20.32 -32.19 47.42
N ILE A 3137 -21.19 -32.86 48.18
CA ILE A 3137 -20.80 -33.37 49.49
C ILE A 3137 -19.83 -34.54 49.36
N PHE A 3138 -20.11 -35.46 48.42
CA PHE A 3138 -19.27 -36.65 48.29
C PHE A 3138 -17.84 -36.28 47.96
N VAL A 3139 -17.65 -35.34 47.04
CA VAL A 3139 -16.28 -35.04 46.58
C VAL A 3139 -15.41 -34.58 47.73
N LYS A 3140 -16.02 -34.13 48.84
CA LYS A 3140 -15.23 -33.61 49.95
C LYS A 3140 -15.28 -34.52 51.18
N GLU A 3141 -16.18 -35.51 51.20
CA GLU A 3141 -16.22 -36.39 52.36
C GLU A 3141 -15.73 -37.80 52.05
N ARG A 3142 -15.68 -38.19 50.77
CA ARG A 3142 -15.18 -39.49 50.37
C ARG A 3142 -15.87 -40.62 51.14
N GLN A 3143 -17.18 -40.52 51.26
CA GLN A 3143 -18.00 -41.57 51.86
C GLN A 3143 -18.68 -42.32 50.73
N LEU A 3144 -18.29 -43.57 50.52
CA LEU A 3144 -18.75 -44.31 49.34
C LEU A 3144 -20.26 -44.45 49.30
N HIS A 3145 -20.93 -44.30 50.43
CA HIS A 3145 -22.39 -44.50 50.43
C HIS A 3145 -23.11 -43.29 49.87
N LEU A 3146 -22.41 -42.18 49.60
CA LEU A 3146 -23.03 -41.03 48.97
C LEU A 3146 -22.78 -41.00 47.47
N GLY A 3147 -21.65 -41.53 47.01
CA GLY A 3147 -21.41 -41.62 45.59
C GLY A 3147 -22.42 -42.49 44.89
N VAL A 3148 -22.82 -43.59 45.53
CA VAL A 3148 -23.82 -44.45 44.94
C VAL A 3148 -25.11 -43.68 44.73
N SER A 3149 -25.53 -42.89 45.72
CA SER A 3149 -26.76 -42.13 45.59
C SER A 3149 -26.64 -41.06 44.52
N ALA A 3150 -25.50 -40.38 44.45
CA ALA A 3150 -25.32 -39.37 43.41
C ALA A 3150 -25.41 -40.00 42.02
N ILE A 3151 -24.75 -41.14 41.82
CA ILE A 3151 -24.77 -41.77 40.52
C ILE A 3151 -26.17 -42.30 40.20
N THR A 3152 -26.87 -42.81 41.21
CA THR A 3152 -28.24 -43.26 40.99
C THR A 3152 -29.12 -42.11 40.53
N CYS A 3153 -29.02 -40.96 41.18
CA CYS A 3153 -29.81 -39.81 40.79
C CYS A 3153 -29.48 -39.36 39.38
N TYR A 3154 -28.19 -39.32 39.03
CA TYR A 3154 -27.82 -38.92 37.68
C TYR A 3154 -28.38 -39.88 36.64
N LEU A 3155 -28.26 -41.19 36.88
CA LEU A 3155 -28.77 -42.16 35.93
C LEU A 3155 -30.28 -42.06 35.79
N HIS A 3156 -30.98 -41.85 36.90
CA HIS A 3156 -32.43 -41.64 36.82
C HIS A 3156 -32.75 -40.42 35.99
N ALA A 3157 -31.97 -39.35 36.16
CA ALA A 3157 -32.20 -38.14 35.37
C ALA A 3157 -32.05 -38.42 33.89
N CYS A 3158 -31.03 -39.19 33.50
CA CYS A 3158 -30.76 -39.37 32.08
C CYS A 3158 -31.74 -40.29 31.37
N ARG A 3159 -32.73 -40.85 32.06
CA ARG A 3159 -33.68 -41.74 31.39
C ARG A 3159 -34.73 -40.98 30.60
N HIS A 3160 -35.22 -39.85 31.12
CA HIS A 3160 -36.42 -39.20 30.61
C HIS A 3160 -36.15 -37.83 30.01
N GLN A 3161 -35.06 -37.69 29.27
CA GLN A 3161 -34.81 -36.42 28.60
C GLN A 3161 -33.99 -36.65 27.34
N ASN A 3162 -33.53 -35.54 26.77
CA ASN A 3162 -32.93 -35.55 25.45
C ASN A 3162 -31.43 -35.86 25.51
N GLU A 3163 -30.92 -36.29 24.36
CA GLU A 3163 -29.51 -36.65 24.26
C GLU A 3163 -28.60 -35.46 24.54
N SER A 3164 -28.96 -34.29 24.04
CA SER A 3164 -28.14 -33.10 24.27
C SER A 3164 -28.15 -32.69 25.73
N LYS A 3165 -29.29 -32.87 26.41
CA LYS A 3165 -29.38 -32.44 27.80
C LYS A 3165 -28.68 -33.42 28.74
N SER A 3166 -28.65 -34.71 28.39
CA SER A 3166 -28.08 -35.70 29.30
C SER A 3166 -26.57 -35.67 29.34
N ARG A 3167 -25.94 -34.85 28.50
CA ARG A 3167 -24.51 -34.96 28.26
C ARG A 3167 -23.68 -34.55 29.48
N LYS A 3168 -24.02 -33.42 30.10
CA LYS A 3168 -23.22 -32.92 31.21
C LYS A 3168 -23.34 -33.84 32.42
N TYR A 3169 -24.49 -34.50 32.58
CA TYR A 3169 -24.63 -35.44 33.69
C TYR A 3169 -23.91 -36.75 33.40
N LEU A 3170 -23.91 -37.20 32.15
CA LEU A 3170 -23.12 -38.38 31.82
C LEU A 3170 -21.64 -38.13 32.06
N ALA A 3171 -21.19 -36.90 31.81
CA ALA A 3171 -19.81 -36.56 32.10
C ALA A 3171 -19.50 -36.72 33.57
N LYS A 3172 -20.37 -36.22 34.45
CA LYS A 3172 -20.16 -36.38 35.89
C LYS A 3172 -20.16 -37.84 36.28
N VAL A 3173 -21.07 -38.62 35.70
CA VAL A 3173 -21.13 -40.05 36.04
C VAL A 3173 -19.82 -40.73 35.68
N LEU A 3174 -19.28 -40.44 34.50
CA LEU A 3174 -18.00 -41.03 34.11
C LEU A 3174 -16.87 -40.54 35.00
N TRP A 3175 -16.90 -39.28 35.41
CA TRP A 3175 -15.84 -38.75 36.27
C TRP A 3175 -15.85 -39.43 37.63
N LEU A 3176 -17.02 -39.75 38.15
CA LEU A 3176 -17.08 -40.31 39.50
C LEU A 3176 -16.55 -41.75 39.58
N LEU A 3177 -16.33 -42.42 38.45
CA LEU A 3177 -15.84 -43.79 38.50
C LEU A 3177 -14.40 -43.89 38.98
N SER A 3178 -13.70 -42.77 39.11
CA SER A 3178 -12.30 -42.82 39.51
C SER A 3178 -12.14 -42.74 41.02
N PHE A 3179 -13.24 -42.59 41.76
CA PHE A 3179 -13.22 -42.53 43.20
C PHE A 3179 -13.49 -43.88 43.85
N ASP A 3180 -13.46 -44.95 43.08
CA ASP A 3180 -13.95 -46.23 43.56
C ASP A 3180 -12.86 -46.99 44.31
N ASP A 3181 -13.30 -47.98 45.07
CA ASP A 3181 -12.43 -48.77 45.92
C ASP A 3181 -12.16 -50.13 45.29
N ASP A 3182 -11.52 -51.01 46.06
CA ASP A 3182 -11.17 -52.33 45.56
C ASP A 3182 -12.42 -53.17 45.28
N LYS A 3183 -13.54 -52.85 45.93
CA LYS A 3183 -14.73 -53.66 45.79
C LYS A 3183 -15.60 -53.22 44.62
N ASN A 3184 -15.27 -52.09 43.99
CA ASN A 3184 -15.98 -51.61 42.82
C ASN A 3184 -17.45 -51.32 43.11
N THR A 3185 -17.72 -50.62 44.20
CA THR A 3185 -19.10 -50.27 44.55
C THR A 3185 -19.72 -49.32 43.51
N LEU A 3186 -18.97 -48.31 43.08
CA LEU A 3186 -19.50 -47.36 42.12
C LEU A 3186 -19.79 -48.06 40.79
N ALA A 3187 -18.89 -48.92 40.35
CA ALA A 3187 -19.14 -49.67 39.12
C ALA A 3187 -20.34 -50.60 39.29
N ASP A 3188 -20.52 -51.20 40.46
CA ASP A 3188 -21.70 -52.03 40.69
C ASP A 3188 -22.97 -51.22 40.54
N ALA A 3189 -22.99 -50.01 41.12
CA ALA A 3189 -24.16 -49.16 40.99
C ALA A 3189 -24.43 -48.78 39.54
N VAL A 3190 -23.38 -48.41 38.81
CA VAL A 3190 -23.54 -48.03 37.41
C VAL A 3190 -24.09 -49.21 36.62
N ASP A 3191 -23.54 -50.41 36.82
CA ASP A 3191 -24.04 -51.59 36.15
C ASP A 3191 -25.51 -51.85 36.48
N LYS A 3192 -25.88 -51.69 37.75
CA LYS A 3192 -27.27 -51.91 38.14
C LYS A 3192 -28.21 -50.97 37.43
N TYR A 3193 -27.91 -49.68 37.42
CA TYR A 3193 -28.91 -48.69 37.03
C TYR A 3193 -28.75 -48.15 35.62
N CYS A 3194 -27.70 -48.49 34.89
CA CYS A 3194 -27.59 -48.01 33.52
C CYS A 3194 -28.66 -48.60 32.62
N ILE A 3195 -29.28 -49.69 33.02
CA ILE A 3195 -30.33 -50.33 32.22
C ILE A 3195 -31.50 -49.37 32.07
N GLY A 3196 -31.88 -49.08 30.83
CA GLY A 3196 -33.00 -48.21 30.58
C GLY A 3196 -32.60 -46.91 29.94
N VAL A 3197 -31.36 -46.49 30.16
CA VAL A 3197 -30.86 -45.27 29.52
C VAL A 3197 -30.61 -45.56 28.04
N PRO A 3198 -31.17 -44.79 27.11
CA PRO A 3198 -31.02 -45.12 25.69
C PRO A 3198 -29.56 -45.14 25.29
N PRO A 3199 -29.18 -46.02 24.36
CA PRO A 3199 -27.76 -46.15 24.02
C PRO A 3199 -27.23 -45.05 23.12
N ILE A 3200 -28.10 -44.21 22.56
CA ILE A 3200 -27.63 -43.10 21.73
C ILE A 3200 -26.89 -42.06 22.56
N GLN A 3201 -27.13 -42.01 23.87
CA GLN A 3201 -26.56 -40.96 24.69
C GLN A 3201 -25.10 -41.20 25.02
N TRP A 3202 -24.63 -42.45 24.87
CA TRP A 3202 -23.23 -42.76 25.10
C TRP A 3202 -22.36 -42.55 23.86
N LEU A 3203 -22.94 -42.19 22.73
CA LEU A 3203 -22.16 -42.05 21.50
C LEU A 3203 -21.10 -40.97 21.64
N ALA A 3204 -21.35 -39.97 22.48
CA ALA A 3204 -20.39 -38.88 22.64
C ALA A 3204 -19.23 -39.23 23.55
N TRP A 3205 -19.34 -40.29 24.33
CA TRP A 3205 -18.34 -40.62 25.35
C TRP A 3205 -17.73 -42.00 25.10
N ILE A 3206 -17.45 -42.33 23.85
CA ILE A 3206 -16.95 -43.66 23.51
C ILE A 3206 -15.47 -43.80 23.87
N PRO A 3207 -14.61 -42.83 23.55
CA PRO A 3207 -13.21 -42.97 23.95
C PRO A 3207 -13.03 -43.11 25.46
N GLN A 3208 -13.81 -42.37 26.23
CA GLN A 3208 -13.73 -42.47 27.68
C GLN A 3208 -14.17 -43.85 28.14
N LEU A 3209 -15.22 -44.39 27.53
CA LEU A 3209 -15.66 -45.73 27.88
C LEU A 3209 -14.60 -46.77 27.55
N LEU A 3210 -13.91 -46.63 26.42
CA LEU A 3210 -12.82 -47.57 26.11
C LEU A 3210 -11.68 -47.46 27.11
N THR A 3211 -11.32 -46.23 27.49
CA THR A 3211 -10.27 -46.05 28.47
C THR A 3211 -10.64 -46.72 29.79
N CYS A 3212 -11.90 -46.59 30.20
CA CYS A 3212 -12.34 -47.28 31.40
C CYS A 3212 -12.43 -48.79 31.19
N LEU A 3213 -12.70 -49.23 29.96
CA LEU A 3213 -12.80 -50.67 29.69
C LEU A 3213 -11.46 -51.36 29.87
N VAL A 3214 -10.38 -50.73 29.42
CA VAL A 3214 -9.08 -51.40 29.47
C VAL A 3214 -8.49 -51.31 30.88
N GLY A 3215 -9.27 -50.82 31.82
CA GLY A 3215 -8.92 -50.80 33.22
C GLY A 3215 -9.52 -51.94 33.99
N SER A 3216 -9.25 -51.98 35.29
CA SER A 3216 -9.72 -53.08 36.12
C SER A 3216 -11.24 -53.16 36.15
N GLU A 3217 -11.91 -52.01 36.16
CA GLU A 3217 -13.36 -51.96 36.23
C GLU A 3217 -14.04 -52.45 34.96
N GLY A 3218 -13.28 -52.86 33.95
CA GLY A 3218 -13.85 -53.27 32.69
C GLY A 3218 -14.76 -54.49 32.76
N LYS A 3219 -14.70 -55.24 33.85
CA LYS A 3219 -15.57 -56.41 33.97
C LYS A 3219 -17.04 -56.00 33.96
N LEU A 3220 -17.34 -54.79 34.43
CA LEU A 3220 -18.73 -54.38 34.64
C LEU A 3220 -19.25 -53.50 33.51
N LEU A 3221 -18.37 -52.92 32.70
CA LEU A 3221 -18.81 -52.07 31.59
C LEU A 3221 -18.99 -52.84 30.29
N LEU A 3222 -18.71 -54.13 30.30
CA LEU A 3222 -18.94 -54.96 29.11
C LEU A 3222 -20.38 -54.89 28.66
N ASN A 3223 -21.32 -55.03 29.59
CA ASN A 3223 -22.73 -54.98 29.22
C ASN A 3223 -23.08 -53.66 28.54
N LEU A 3224 -22.64 -52.54 29.10
CA LEU A 3224 -22.98 -51.24 28.53
C LEU A 3224 -22.38 -51.09 27.13
N ILE A 3225 -21.10 -51.42 26.99
CA ILE A 3225 -20.46 -51.24 25.68
C ILE A 3225 -21.11 -52.15 24.64
N SER A 3226 -21.41 -53.39 25.01
CA SER A 3226 -22.01 -54.31 24.05
C SER A 3226 -23.44 -53.88 23.70
N GLN A 3227 -24.19 -53.35 24.66
CA GLN A 3227 -25.53 -52.85 24.34
C GLN A 3227 -25.44 -51.69 23.36
N VAL A 3228 -24.49 -50.79 23.56
CA VAL A 3228 -24.33 -49.69 22.61
C VAL A 3228 -23.95 -50.21 21.23
N GLY A 3229 -23.04 -51.19 21.19
CA GLY A 3229 -22.59 -51.74 19.92
C GLY A 3229 -23.68 -52.46 19.16
N ARG A 3230 -24.58 -53.14 19.87
CA ARG A 3230 -25.66 -53.85 19.20
C ARG A 3230 -26.51 -52.90 18.37
N VAL A 3231 -26.60 -51.64 18.77
CA VAL A 3231 -27.49 -50.70 18.11
C VAL A 3231 -26.73 -49.81 17.12
N TYR A 3232 -25.47 -49.46 17.43
CA TYR A 3232 -24.69 -48.55 16.60
C TYR A 3232 -23.35 -49.22 16.32
N PRO A 3233 -23.34 -50.33 15.58
CA PRO A 3233 -22.09 -51.07 15.41
C PRO A 3233 -21.01 -50.28 14.69
N GLN A 3234 -21.37 -49.42 13.74
CA GLN A 3234 -20.36 -48.67 13.01
C GLN A 3234 -19.74 -47.59 13.89
N ALA A 3235 -20.47 -47.12 14.90
CA ALA A 3235 -19.93 -46.12 15.80
C ALA A 3235 -18.87 -46.71 16.72
N VAL A 3236 -18.92 -48.02 16.96
CA VAL A 3236 -18.07 -48.66 17.96
C VAL A 3236 -16.99 -49.54 17.35
N TYR A 3237 -17.17 -49.98 16.09
CA TYR A 3237 -16.23 -50.96 15.55
C TYR A 3237 -14.83 -50.39 15.39
N PHE A 3238 -14.70 -49.24 14.74
CA PHE A 3238 -13.38 -48.72 14.40
C PHE A 3238 -12.55 -48.38 15.63
N PRO A 3239 -13.10 -47.69 16.63
CA PRO A 3239 -12.31 -47.40 17.83
C PRO A 3239 -11.82 -48.64 18.55
N ILE A 3240 -12.68 -49.65 18.72
CA ILE A 3240 -12.23 -50.87 19.40
C ILE A 3240 -11.22 -51.62 18.55
N ARG A 3241 -11.38 -51.58 17.23
CA ARG A 3241 -10.36 -52.18 16.36
C ARG A 3241 -9.00 -51.53 16.58
N THR A 3242 -8.97 -50.21 16.58
CA THR A 3242 -7.71 -49.50 16.81
C THR A 3242 -7.14 -49.83 18.18
N LEU A 3243 -7.99 -49.87 19.20
CA LEU A 3243 -7.55 -50.19 20.55
C LEU A 3243 -6.96 -51.60 20.63
N TYR A 3244 -7.64 -52.57 20.03
CA TYR A 3244 -7.16 -53.93 20.01
C TYR A 3244 -5.80 -54.03 19.34
N LEU A 3245 -5.63 -53.38 18.19
CA LEU A 3245 -4.35 -53.46 17.51
C LEU A 3245 -3.25 -52.76 18.28
N THR A 3246 -3.55 -51.63 18.92
CA THR A 3246 -2.56 -50.97 19.75
C THR A 3246 -2.10 -51.87 20.88
N LEU A 3247 -3.04 -52.53 21.55
CA LEU A 3247 -2.67 -53.44 22.64
C LEU A 3247 -1.85 -54.61 22.13
N LYS A 3248 -2.22 -55.17 20.98
CA LYS A 3248 -1.46 -56.26 20.39
C LYS A 3248 -0.02 -55.84 20.12
N ILE A 3249 0.15 -54.65 19.55
CA ILE A 3249 1.49 -54.15 19.23
C ILE A 3249 2.30 -53.93 20.50
N GLU A 3250 1.66 -53.39 21.54
CA GLU A 3250 2.36 -53.18 22.80
C GLU A 3250 2.84 -54.49 23.39
N GLN A 3251 1.99 -55.52 23.35
CA GLN A 3251 2.40 -56.83 23.84
C GLN A 3251 3.58 -57.37 23.03
N ARG A 3252 3.52 -57.22 21.71
CA ARG A 3252 4.59 -57.71 20.86
C ARG A 3252 5.91 -57.00 21.17
N GLU A 3253 5.84 -55.70 21.46
CA GLU A 3253 7.05 -54.97 21.84
C GLU A 3253 7.55 -55.40 23.21
N ARG A 3254 6.65 -55.64 24.16
CA ARG A 3254 7.08 -56.10 25.47
C ARG A 3254 7.86 -57.40 25.36
N TYR A 3255 7.35 -58.35 24.58
CA TYR A 3255 8.03 -59.63 24.43
C TYR A 3255 8.98 -59.62 23.22
N LYS A 3256 9.91 -58.67 23.25
CA LYS A 3256 10.85 -58.51 22.15
C LYS A 3256 11.76 -59.74 22.06
N PRO A 3279 4.20 -66.99 18.95
CA PRO A 3279 2.87 -66.81 19.52
C PRO A 3279 2.92 -66.45 21.01
N ILE A 3280 1.98 -65.63 21.46
CA ILE A 3280 1.92 -65.22 22.86
C ILE A 3280 0.47 -65.17 23.30
N ARG A 3281 0.24 -65.49 24.57
CA ARG A 3281 -1.12 -65.51 25.09
C ARG A 3281 -1.67 -64.10 25.23
N ALA A 3282 -3.00 -63.99 25.23
CA ALA A 3282 -3.66 -62.70 25.28
C ALA A 3282 -3.82 -62.21 26.72
N THR A 3283 -4.04 -60.91 26.85
CA THR A 3283 -4.34 -60.30 28.14
C THR A 3283 -5.84 -60.05 28.27
N ALA A 3284 -6.26 -59.74 29.50
CA ALA A 3284 -7.69 -59.57 29.75
C ALA A 3284 -8.31 -58.44 28.94
N PRO A 3285 -7.72 -57.24 28.83
CA PRO A 3285 -8.32 -56.21 27.97
C PRO A 3285 -8.41 -56.65 26.52
N MET A 3286 -7.40 -57.35 26.01
CA MET A 3286 -7.47 -57.89 24.67
C MET A 3286 -8.63 -58.87 24.54
N TRP A 3287 -8.82 -59.71 25.55
CA TRP A 3287 -9.92 -60.65 25.54
C TRP A 3287 -11.26 -59.91 25.48
N ARG A 3288 -11.41 -58.85 26.27
CA ARG A 3288 -12.66 -58.11 26.27
C ARG A 3288 -12.94 -57.44 24.93
N CYS A 3289 -11.91 -56.83 24.34
CA CYS A 3289 -12.08 -56.21 23.03
C CYS A 3289 -12.47 -57.25 21.98
N SER A 3290 -11.80 -58.40 21.99
CA SER A 3290 -12.13 -59.45 21.03
C SER A 3290 -13.54 -59.99 21.26
N ARG A 3291 -13.96 -60.09 22.52
CA ARG A 3291 -15.31 -60.53 22.80
C ARG A 3291 -16.34 -59.58 22.20
N ILE A 3292 -16.13 -58.27 22.37
CA ILE A 3292 -17.06 -57.32 21.79
C ILE A 3292 -17.09 -57.45 20.27
N MET A 3293 -15.90 -57.56 19.66
CA MET A 3293 -15.84 -57.66 18.20
C MET A 3293 -16.55 -58.91 17.70
N HIS A 3294 -16.29 -60.06 18.33
CA HIS A 3294 -16.93 -61.30 17.92
C HIS A 3294 -18.44 -61.24 18.13
N MET A 3295 -18.90 -60.62 19.21
CA MET A 3295 -20.34 -60.50 19.42
C MET A 3295 -20.98 -59.67 18.33
N GLN A 3296 -20.33 -58.58 17.92
CA GLN A 3296 -20.86 -57.79 16.82
C GLN A 3296 -20.85 -58.56 15.51
N ARG A 3297 -19.83 -59.39 15.30
CA ARG A 3297 -19.69 -60.08 14.02
C ARG A 3297 -20.86 -61.02 13.75
N GLU A 3298 -21.34 -61.74 14.77
CA GLU A 3298 -22.46 -62.64 14.58
C GLU A 3298 -23.74 -61.88 14.22
N LEU A 3299 -23.95 -60.72 14.85
CA LEU A 3299 -25.23 -60.03 14.69
C LEU A 3299 -25.27 -59.21 13.42
N HIS A 3300 -24.13 -58.67 12.97
CA HIS A 3300 -24.07 -57.79 11.80
C HIS A 3300 -22.94 -58.27 10.88
N PRO A 3301 -23.11 -59.41 10.23
CA PRO A 3301 -21.98 -59.98 9.46
C PRO A 3301 -21.63 -59.17 8.22
N THR A 3302 -22.62 -58.80 7.42
CA THR A 3302 -22.33 -58.10 6.17
C THR A 3302 -21.73 -56.72 6.43
N LEU A 3303 -22.26 -55.99 7.43
CA LEU A 3303 -21.72 -54.69 7.75
C LEU A 3303 -20.24 -54.76 8.08
N LEU A 3304 -19.87 -55.66 9.00
CA LEU A 3304 -18.48 -55.77 9.39
C LEU A 3304 -17.61 -56.29 8.25
N SER A 3305 -18.13 -57.19 7.42
CA SER A 3305 -17.33 -57.66 6.28
C SER A 3305 -17.03 -56.53 5.32
N SER A 3306 -18.02 -55.68 5.03
CA SER A 3306 -17.77 -54.56 4.14
C SER A 3306 -16.80 -53.57 4.76
N LEU A 3307 -16.93 -53.29 6.06
CA LEU A 3307 -16.01 -52.38 6.72
C LEU A 3307 -14.59 -52.93 6.66
N GLU A 3308 -14.42 -54.22 6.91
CA GLU A 3308 -13.08 -54.81 6.87
C GLU A 3308 -12.54 -54.82 5.45
N GLY A 3309 -13.40 -55.00 4.46
CA GLY A 3309 -12.94 -54.90 3.08
C GLY A 3309 -12.42 -53.52 2.75
N ILE A 3310 -13.14 -52.48 3.19
CA ILE A 3310 -12.64 -51.12 3.01
C ILE A 3310 -11.28 -50.97 3.66
N VAL A 3311 -11.16 -51.40 4.92
CA VAL A 3311 -9.90 -51.23 5.64
C VAL A 3311 -8.77 -51.95 4.93
N ASP A 3312 -9.03 -53.17 4.46
CA ASP A 3312 -8.00 -53.93 3.74
C ASP A 3312 -7.59 -53.20 2.47
N GLN A 3313 -8.55 -52.67 1.72
CA GLN A 3313 -8.20 -51.91 0.53
C GLN A 3313 -7.36 -50.68 0.84
N MET A 3314 -7.48 -50.11 2.05
CA MET A 3314 -6.75 -48.88 2.34
C MET A 3314 -5.23 -49.03 2.28
N VAL A 3315 -4.70 -50.22 2.00
CA VAL A 3315 -3.25 -50.36 2.05
C VAL A 3315 -2.60 -49.99 0.73
N TRP A 3316 -3.39 -49.74 -0.32
CA TRP A 3316 -2.82 -49.28 -1.58
C TRP A 3316 -2.64 -47.78 -1.62
N PHE A 3317 -2.60 -47.12 -0.47
CA PHE A 3317 -2.45 -45.67 -0.40
C PHE A 3317 -1.13 -45.25 0.25
N ARG A 3318 -0.25 -46.20 0.56
CA ARG A 3318 1.09 -45.87 1.02
C ARG A 3318 1.80 -45.05 -0.05
N GLU A 3319 2.54 -44.04 0.39
CA GLU A 3319 2.94 -43.00 -0.54
C GLU A 3319 3.87 -43.50 -1.64
N ASN A 3320 5.15 -43.66 -1.32
CA ASN A 3320 6.14 -44.34 -2.16
C ASN A 3320 7.51 -44.10 -1.54
N TRP A 3321 8.56 -44.71 -2.08
CA TRP A 3321 9.86 -44.55 -1.46
C TRP A 3321 10.43 -43.15 -1.68
N HIS A 3322 10.05 -42.49 -2.77
CA HIS A 3322 10.50 -41.11 -2.97
C HIS A 3322 9.99 -40.21 -1.86
N GLU A 3323 8.73 -40.35 -1.50
CA GLU A 3323 8.09 -39.44 -0.55
C GLU A 3323 8.31 -39.85 0.89
N GLU A 3324 8.52 -41.14 1.16
CA GLU A 3324 8.84 -41.55 2.52
C GLU A 3324 10.12 -40.90 3.00
N VAL A 3325 11.15 -40.90 2.16
CA VAL A 3325 12.43 -40.30 2.55
C VAL A 3325 12.27 -38.81 2.78
N LEU A 3326 11.51 -38.14 1.92
CA LEU A 3326 11.31 -36.70 2.07
C LEU A 3326 10.60 -36.38 3.38
N ARG A 3327 9.57 -37.15 3.72
CA ARG A 3327 8.88 -36.91 4.99
C ARG A 3327 9.81 -37.13 6.18
N GLN A 3328 10.60 -38.21 6.14
CA GLN A 3328 11.54 -38.46 7.23
C GLN A 3328 12.53 -37.31 7.37
N LEU A 3329 13.04 -36.83 6.24
CA LEU A 3329 14.04 -35.78 6.25
C LEU A 3329 13.45 -34.47 6.80
N GLN A 3330 12.20 -34.17 6.43
CA GLN A 3330 11.55 -32.99 6.96
C GLN A 3330 11.41 -33.07 8.49
N GLN A 3331 10.97 -34.22 8.99
CA GLN A 3331 10.84 -34.38 10.43
C GLN A 3331 12.19 -34.23 11.12
N GLY A 3332 13.24 -34.80 10.53
CA GLY A 3332 14.57 -34.66 11.10
C GLY A 3332 15.02 -33.21 11.19
N LEU A 3333 14.78 -32.45 10.11
CA LEU A 3333 15.16 -31.04 10.12
C LEU A 3333 14.39 -30.28 11.20
N ALA A 3334 13.10 -30.56 11.35
CA ALA A 3334 12.33 -29.89 12.40
C ALA A 3334 12.90 -30.20 13.78
N LYS A 3335 13.25 -31.46 14.03
CA LYS A 3335 13.83 -31.83 15.31
C LYS A 3335 15.16 -31.13 15.53
N CYS A 3336 15.97 -31.02 14.48
CA CYS A 3336 17.25 -30.34 14.60
C CYS A 3336 17.06 -28.88 14.99
N TYR A 3337 16.10 -28.19 14.37
CA TYR A 3337 15.85 -26.80 14.75
C TYR A 3337 15.37 -26.69 16.19
N SER A 3338 14.49 -27.59 16.62
CA SER A 3338 14.06 -27.59 18.01
C SER A 3338 15.26 -27.71 18.94
N VAL A 3339 16.14 -28.67 18.68
CA VAL A 3339 17.32 -28.83 19.52
C VAL A 3339 18.21 -27.60 19.45
N ALA A 3340 18.31 -26.98 18.28
CA ALA A 3340 19.20 -25.83 18.12
C ALA A 3340 18.75 -24.66 18.98
N PHE A 3341 17.46 -24.46 19.14
CA PHE A 3341 17.03 -23.33 19.96
C PHE A 3341 17.46 -23.49 21.42
N GLU A 3342 17.49 -24.72 21.94
CA GLU A 3342 17.90 -24.91 23.33
C GLU A 3342 19.35 -24.51 23.55
N LYS A 3343 20.18 -24.62 22.51
CA LYS A 3343 21.61 -24.34 22.60
C LYS A 3343 21.93 -22.97 22.00
N SER A 3344 20.89 -22.29 21.50
CA SER A 3344 21.09 -21.08 20.73
C SER A 3344 22.12 -20.15 21.36
N GLY A 3345 21.84 -19.67 22.57
CA GLY A 3345 22.75 -18.76 23.24
C GLY A 3345 23.97 -19.43 23.81
N ALA A 3346 23.88 -20.70 24.21
CA ALA A 3346 24.99 -21.34 24.88
C ALA A 3346 26.25 -21.29 24.03
N VAL A 3347 26.24 -21.97 22.89
CA VAL A 3347 27.47 -22.12 22.10
C VAL A 3347 27.21 -21.67 20.66
N SER A 3348 26.20 -22.26 20.03
CA SER A 3348 26.03 -22.18 18.58
C SER A 3348 27.12 -23.00 17.91
N ASP A 3349 27.79 -23.85 18.68
CA ASP A 3349 28.67 -24.89 18.16
C ASP A 3349 28.46 -26.16 19.00
N ALA A 3350 27.19 -26.46 19.27
CA ALA A 3350 26.85 -27.58 20.15
C ALA A 3350 26.92 -28.90 19.39
N LYS A 3351 26.81 -29.99 20.16
CA LYS A 3351 26.92 -31.32 19.61
C LYS A 3351 25.54 -31.92 19.38
N ILE A 3352 25.45 -32.82 18.40
CA ILE A 3352 24.18 -33.45 18.07
C ILE A 3352 23.81 -34.46 19.15
N THR A 3353 22.52 -34.54 19.46
CA THR A 3353 22.06 -35.40 20.53
C THR A 3353 21.97 -36.86 20.05
N PRO A 3354 21.99 -37.80 21.00
CA PRO A 3354 21.85 -39.21 20.61
C PRO A 3354 20.57 -39.52 19.90
N HIS A 3355 19.47 -38.84 20.24
CA HIS A 3355 18.21 -39.07 19.54
C HIS A 3355 18.38 -38.83 18.05
N THR A 3356 18.93 -37.67 17.68
CA THR A 3356 19.16 -37.36 16.28
C THR A 3356 20.17 -38.29 15.63
N LEU A 3357 21.24 -38.64 16.35
CA LEU A 3357 22.21 -39.56 15.77
C LEU A 3357 21.56 -40.88 15.40
N ASN A 3358 20.76 -41.43 16.33
CA ASN A 3358 20.06 -42.68 16.06
C ASN A 3358 19.08 -42.53 14.91
N PHE A 3359 18.35 -41.43 14.87
CA PHE A 3359 17.41 -41.20 13.77
C PHE A 3359 18.11 -41.24 12.43
N VAL A 3360 19.23 -40.51 12.31
CA VAL A 3360 19.92 -40.44 11.03
C VAL A 3360 20.53 -41.79 10.67
N LYS A 3361 21.07 -42.51 11.65
CA LYS A 3361 21.61 -43.83 11.36
C LYS A 3361 20.52 -44.77 10.87
N LYS A 3362 19.35 -44.73 11.51
CA LYS A 3362 18.24 -45.58 11.07
C LYS A 3362 17.81 -45.22 9.65
N LEU A 3363 17.79 -43.93 9.31
CA LEU A 3363 17.44 -43.54 7.96
C LEU A 3363 18.45 -44.09 6.95
N VAL A 3364 19.73 -43.88 7.20
CA VAL A 3364 20.71 -44.38 6.24
C VAL A 3364 20.62 -45.91 6.15
N SER A 3365 20.19 -46.57 7.22
CA SER A 3365 20.06 -48.02 7.15
C SER A 3365 18.85 -48.43 6.31
N THR A 3366 17.65 -48.10 6.76
CA THR A 3366 16.46 -48.50 6.02
C THR A 3366 15.99 -47.40 5.08
N PHE A 3367 16.92 -46.83 4.32
CA PHE A 3367 16.58 -45.95 3.21
C PHE A 3367 15.48 -46.55 2.35
N GLY A 3368 14.44 -45.77 2.10
CA GLY A 3368 13.41 -46.14 1.16
C GLY A 3368 12.38 -47.10 1.71
N VAL A 3369 12.73 -48.38 1.83
CA VAL A 3369 11.80 -49.40 2.29
C VAL A 3369 11.86 -49.47 3.80
N GLY A 3370 11.09 -48.61 4.46
CA GLY A 3370 11.06 -48.54 5.91
C GLY A 3370 10.10 -49.48 6.59
N LEU A 3371 9.27 -50.20 5.83
CA LEU A 3371 8.33 -51.12 6.46
C LEU A 3371 9.06 -52.25 7.16
N GLU A 3372 10.15 -52.75 6.56
CA GLU A 3372 10.95 -53.83 7.14
C GLU A 3372 10.08 -55.05 7.41
N ASN A 3373 9.13 -55.31 6.52
CA ASN A 3373 8.21 -56.43 6.68
C ASN A 3373 7.36 -56.25 7.93
N PHE A 3381 -4.98 -60.77 10.76
CA PHE A 3381 -6.25 -60.86 10.05
C PHE A 3381 -6.14 -61.77 8.83
N SER A 3382 -5.01 -62.46 8.69
CA SER A 3382 -4.74 -63.24 7.49
C SER A 3382 -5.11 -62.43 6.25
N SER A 3383 -4.47 -61.26 6.12
CA SER A 3383 -4.76 -60.34 5.04
C SER A 3383 -3.72 -60.53 3.93
N ALA A 3384 -4.19 -60.82 2.72
CA ALA A 3384 -3.29 -61.18 1.63
C ALA A 3384 -2.80 -59.97 0.84
N ALA A 3385 -3.54 -58.86 0.86
CA ALA A 3385 -3.15 -57.71 0.06
C ALA A 3385 -1.86 -57.07 0.56
N SER A 3386 -1.63 -57.09 1.87
CA SER A 3386 -0.44 -56.47 2.41
C SER A 3386 0.82 -57.18 1.93
N GLU A 3387 0.76 -58.50 1.81
CA GLU A 3387 1.92 -59.24 1.30
C GLU A 3387 2.23 -58.89 -0.14
N SER A 3388 1.20 -58.78 -0.97
CA SER A 3388 1.44 -58.37 -2.36
C SER A 3388 1.98 -56.95 -2.41
N LEU A 3389 1.48 -56.07 -1.54
CA LEU A 3389 2.02 -54.71 -1.48
C LEU A 3389 3.51 -54.72 -1.13
N ALA A 3390 3.89 -55.48 -0.10
CA ALA A 3390 5.29 -55.53 0.29
C ALA A 3390 6.15 -56.12 -0.81
N ARG A 3391 5.66 -57.19 -1.46
CA ARG A 3391 6.42 -57.78 -2.56
C ARG A 3391 6.62 -56.79 -3.70
N ARG A 3392 5.57 -56.07 -4.08
CA ARG A 3392 5.69 -55.10 -5.15
C ARG A 3392 6.65 -53.98 -4.78
N ALA A 3393 6.58 -53.49 -3.55
CA ALA A 3393 7.51 -52.45 -3.12
C ALA A 3393 8.95 -52.95 -3.21
N GLN A 3394 9.23 -54.14 -2.67
CA GLN A 3394 10.58 -54.67 -2.71
C GLN A 3394 11.05 -54.86 -4.15
N ALA A 3395 10.21 -55.43 -5.02
CA ALA A 3395 10.60 -55.63 -6.40
C ALA A 3395 10.94 -54.30 -7.07
N THR A 3396 10.02 -53.34 -7.00
CA THR A 3396 10.28 -52.05 -7.66
C THR A 3396 11.46 -51.33 -7.02
N ALA A 3397 11.83 -51.69 -5.80
CA ALA A 3397 12.99 -51.06 -5.17
C ALA A 3397 14.31 -51.52 -5.78
N GLN A 3398 14.29 -52.27 -6.88
CA GLN A 3398 15.52 -52.73 -7.52
C GLN A 3398 15.94 -51.89 -8.72
N ASP A 3399 15.23 -50.79 -8.99
CA ASP A 3399 15.62 -49.93 -10.10
C ASP A 3399 16.95 -49.25 -9.79
N PRO A 3400 17.68 -48.85 -10.83
CA PRO A 3400 19.02 -48.26 -10.60
C PRO A 3400 18.98 -46.92 -9.89
N VAL A 3401 18.14 -45.98 -10.33
CA VAL A 3401 18.14 -44.64 -9.75
C VAL A 3401 18.08 -44.72 -8.23
N PHE A 3402 17.43 -45.76 -7.69
CA PHE A 3402 17.40 -45.96 -6.26
C PHE A 3402 18.81 -46.20 -5.71
N GLN A 3403 19.61 -46.98 -6.44
CA GLN A 3403 20.94 -47.35 -5.95
C GLN A 3403 21.89 -46.15 -5.94
N LYS A 3404 21.87 -45.34 -6.99
CA LYS A 3404 22.74 -44.17 -7.03
C LYS A 3404 22.48 -43.26 -5.84
N LEU A 3405 21.22 -42.95 -5.58
CA LEU A 3405 20.88 -42.08 -4.47
C LEU A 3405 21.21 -42.72 -3.14
N LYS A 3406 20.95 -44.02 -2.97
CA LYS A 3406 21.30 -44.66 -1.71
C LYS A 3406 22.79 -44.61 -1.45
N GLY A 3407 23.60 -44.86 -2.49
CA GLY A 3407 25.04 -44.79 -2.31
C GLY A 3407 25.51 -43.41 -1.93
N GLN A 3408 25.03 -42.39 -2.66
CA GLN A 3408 25.43 -41.03 -2.32
C GLN A 3408 24.99 -40.64 -0.92
N PHE A 3409 23.77 -41.04 -0.53
CA PHE A 3409 23.28 -40.73 0.80
C PHE A 3409 24.14 -41.36 1.88
N THR A 3410 24.51 -42.63 1.71
CA THR A 3410 25.36 -43.29 2.68
C THR A 3410 26.73 -42.63 2.73
N THR A 3411 27.26 -42.20 1.59
CA THR A 3411 28.53 -41.50 1.60
C THR A 3411 28.44 -40.17 2.35
N ASP A 3412 27.34 -39.44 2.15
CA ASP A 3412 27.26 -38.08 2.64
C ASP A 3412 26.65 -37.98 4.03
N PHE A 3413 26.24 -39.09 4.65
CA PHE A 3413 25.76 -39.10 6.02
C PHE A 3413 26.60 -40.08 6.85
N ASP A 3414 27.90 -39.96 6.73
CA ASP A 3414 28.86 -40.82 7.42
C ASP A 3414 29.43 -40.06 8.61
N PHE A 3415 29.17 -40.56 9.83
CA PHE A 3415 29.65 -39.92 11.05
C PHE A 3415 31.00 -40.51 11.47
N SER A 3416 31.95 -40.42 10.56
CA SER A 3416 33.32 -40.84 10.86
C SER A 3416 34.31 -39.84 10.29
N VAL A 3417 34.03 -38.54 10.43
CA VAL A 3417 34.89 -37.51 9.85
C VAL A 3417 34.99 -36.35 10.83
N PRO A 3418 36.01 -35.51 10.66
CA PRO A 3418 36.19 -34.38 11.58
C PRO A 3418 35.12 -33.31 11.34
N GLY A 3419 34.26 -33.14 12.34
CA GLY A 3419 33.28 -32.07 12.32
C GLY A 3419 31.92 -32.44 11.79
N SER A 3420 31.61 -33.73 11.66
CA SER A 3420 30.30 -34.13 11.18
C SER A 3420 29.27 -34.24 12.29
N MET A 3421 29.68 -34.07 13.55
CA MET A 3421 28.73 -34.03 14.65
C MET A 3421 28.24 -32.62 14.93
N LYS A 3422 28.64 -31.64 14.14
CA LYS A 3422 28.18 -30.27 14.35
C LYS A 3422 26.72 -30.14 13.92
N LEU A 3423 25.93 -29.51 14.78
CA LEU A 3423 24.50 -29.41 14.54
C LEU A 3423 24.20 -28.66 13.26
N HIS A 3424 24.92 -27.57 13.00
CA HIS A 3424 24.60 -26.76 11.83
C HIS A 3424 25.16 -27.36 10.55
N ASN A 3425 26.25 -28.13 10.65
CA ASN A 3425 26.66 -28.94 9.51
C ASN A 3425 25.57 -29.93 9.14
N LEU A 3426 25.00 -30.61 10.13
CA LEU A 3426 23.90 -31.52 9.85
C LEU A 3426 22.72 -30.78 9.24
N ILE A 3427 22.43 -29.59 9.74
CA ILE A 3427 21.31 -28.80 9.22
C ILE A 3427 21.53 -28.48 7.75
N SER A 3428 22.74 -28.04 7.40
CA SER A 3428 23.03 -27.73 6.00
C SER A 3428 22.89 -28.97 5.11
N LYS A 3429 23.38 -30.11 5.58
CA LYS A 3429 23.24 -31.33 4.79
C LYS A 3429 21.77 -31.67 4.56
N LEU A 3430 20.96 -31.57 5.61
CA LEU A 3430 19.54 -31.89 5.46
C LEU A 3430 18.85 -30.92 4.52
N LYS A 3431 19.16 -29.63 4.62
CA LYS A 3431 18.56 -28.66 3.71
C LYS A 3431 18.94 -28.95 2.26
N LYS A 3432 20.17 -29.40 2.03
CA LYS A 3432 20.57 -29.77 0.67
C LYS A 3432 19.75 -30.95 0.15
N TRP A 3433 19.68 -32.01 0.94
CA TRP A 3433 19.01 -33.21 0.47
C TRP A 3433 17.51 -33.00 0.33
N ILE A 3434 16.94 -32.08 1.11
CA ILE A 3434 15.51 -31.79 0.96
C ILE A 3434 15.25 -31.19 -0.41
N LYS A 3435 16.06 -30.24 -0.84
CA LYS A 3435 15.90 -29.68 -2.18
C LYS A 3435 16.11 -30.76 -3.23
N ILE A 3436 17.10 -31.61 -3.05
CA ILE A 3436 17.34 -32.66 -4.03
C ILE A 3436 16.09 -33.52 -4.21
N LEU A 3437 15.48 -33.96 -3.11
CA LEU A 3437 14.31 -34.82 -3.21
C LEU A 3437 13.05 -34.08 -3.64
N GLU A 3438 12.89 -32.82 -3.26
CA GLU A 3438 11.72 -32.07 -3.68
C GLU A 3438 11.76 -31.82 -5.18
N ALA A 3439 12.95 -31.70 -5.75
CA ALA A 3439 13.06 -31.66 -7.20
C ALA A 3439 12.58 -32.95 -7.83
N LYS A 3440 12.97 -34.09 -7.26
CA LYS A 3440 12.58 -35.38 -7.84
C LYS A 3440 11.07 -35.59 -7.76
N THR A 3441 10.45 -35.17 -6.66
CA THR A 3441 9.05 -35.56 -6.44
C THR A 3441 8.09 -34.89 -7.42
N LYS A 3442 8.53 -33.84 -8.12
CA LYS A 3442 7.62 -33.19 -9.06
C LYS A 3442 7.50 -33.97 -10.36
N GLN A 3443 8.29 -35.03 -10.54
CA GLN A 3443 8.24 -35.85 -11.74
C GLN A 3443 7.43 -37.13 -11.55
N LEU A 3444 6.36 -37.07 -10.77
CA LEU A 3444 5.57 -38.24 -10.45
C LEU A 3444 4.10 -38.00 -10.80
N PRO A 3445 3.33 -39.05 -11.02
CA PRO A 3445 1.92 -38.85 -11.40
C PRO A 3445 1.16 -38.10 -10.32
N LYS A 3446 0.05 -37.49 -10.71
CA LYS A 3446 -0.74 -36.69 -9.79
C LYS A 3446 -2.07 -37.33 -9.42
N PHE A 3447 -2.38 -38.49 -9.99
CA PHE A 3447 -3.55 -39.26 -9.56
C PHE A 3447 -3.47 -40.64 -10.17
N PHE A 3448 -4.38 -41.50 -9.75
CA PHE A 3448 -4.46 -42.86 -10.26
C PHE A 3448 -5.89 -43.33 -10.18
N LEU A 3449 -6.20 -44.37 -10.94
CA LEU A 3449 -7.57 -44.89 -10.97
C LEU A 3449 -7.77 -45.95 -9.91
N ILE A 3450 -8.87 -45.84 -9.17
CA ILE A 3450 -9.13 -46.76 -8.07
C ILE A 3450 -9.32 -48.18 -8.59
N GLU A 3451 -9.74 -48.34 -9.84
CA GLU A 3451 -9.98 -49.67 -10.37
C GLU A 3451 -8.71 -50.43 -10.69
N GLU A 3452 -7.56 -49.76 -10.72
CA GLU A 3452 -6.32 -50.44 -11.05
C GLU A 3452 -5.99 -51.50 -10.00
N LYS A 3453 -6.21 -51.20 -8.72
CA LYS A 3453 -5.94 -52.14 -7.66
C LYS A 3453 -7.13 -52.41 -6.76
N CYS A 3454 -7.90 -51.39 -6.39
CA CYS A 3454 -8.95 -51.60 -5.39
C CYS A 3454 -10.21 -52.06 -6.10
N ARG A 3455 -10.38 -53.39 -6.20
CA ARG A 3455 -11.57 -53.94 -6.83
C ARG A 3455 -12.80 -53.75 -5.96
N PHE A 3456 -12.66 -53.97 -4.66
CA PHE A 3456 -13.80 -53.82 -3.75
C PHE A 3456 -14.34 -52.40 -3.80
N LEU A 3457 -13.45 -51.41 -3.76
CA LEU A 3457 -13.92 -50.02 -3.80
C LEU A 3457 -14.62 -49.71 -5.11
N SER A 3458 -14.05 -50.15 -6.23
CA SER A 3458 -14.65 -49.87 -7.53
C SER A 3458 -16.03 -50.51 -7.64
N ASN A 3459 -16.18 -51.73 -7.13
CA ASN A 3459 -17.42 -52.48 -7.29
C ASN A 3459 -18.42 -52.22 -6.16
N PHE A 3460 -18.05 -51.47 -5.13
CA PHE A 3460 -18.98 -51.18 -4.05
C PHE A 3460 -20.23 -50.47 -4.57
N SER A 3461 -21.35 -50.68 -3.89
CA SER A 3461 -22.58 -50.00 -4.23
C SER A 3461 -23.57 -50.17 -3.09
N ALA A 3462 -24.77 -49.60 -3.28
CA ALA A 3462 -25.78 -49.62 -2.24
C ALA A 3462 -26.21 -51.04 -1.88
N GLN A 3463 -26.38 -51.92 -2.86
CA GLN A 3463 -26.75 -53.29 -2.57
C GLN A 3463 -25.71 -54.01 -1.74
N THR A 3464 -24.46 -53.58 -1.79
CA THR A 3464 -23.41 -54.24 -1.02
C THR A 3464 -23.71 -54.19 0.46
N ALA A 3465 -24.09 -53.02 0.97
CA ALA A 3465 -24.48 -52.86 2.37
C ALA A 3465 -24.89 -51.42 2.60
N GLU A 3466 -25.60 -51.18 3.71
CA GLU A 3466 -25.95 -49.83 4.13
C GLU A 3466 -24.86 -49.34 5.07
N VAL A 3467 -23.94 -48.57 4.51
CA VAL A 3467 -22.82 -48.01 5.25
C VAL A 3467 -22.93 -46.50 5.25
N GLU A 3468 -22.72 -45.89 6.41
CA GLU A 3468 -22.75 -44.45 6.53
C GLU A 3468 -21.36 -43.88 6.34
N ILE A 3469 -21.30 -42.64 5.86
CA ILE A 3469 -20.03 -42.01 5.53
C ILE A 3469 -19.23 -41.85 6.82
N PRO A 3470 -17.90 -41.86 6.76
CA PRO A 3470 -17.11 -41.82 8.00
C PRO A 3470 -17.39 -40.56 8.80
N GLY A 3471 -17.39 -40.71 10.12
CA GLY A 3471 -17.56 -39.57 11.01
C GLY A 3471 -18.99 -39.15 11.26
N GLU A 3472 -19.96 -40.01 10.96
CA GLU A 3472 -21.36 -39.63 11.12
C GLU A 3472 -21.82 -39.76 12.57
N PHE A 3473 -21.03 -40.41 13.42
CA PHE A 3473 -21.44 -40.66 14.79
C PHE A 3473 -20.54 -39.98 15.80
N LEU A 3474 -19.65 -39.09 15.37
CA LEU A 3474 -18.82 -38.37 16.33
C LEU A 3474 -19.68 -37.51 17.24
N MET A 3475 -20.69 -36.85 16.69
CA MET A 3475 -21.64 -36.07 17.47
C MET A 3475 -23.05 -36.40 16.99
N PRO A 3476 -23.87 -37.05 17.81
CA PRO A 3476 -25.19 -37.49 17.32
C PRO A 3476 -26.05 -36.34 16.82
N LYS A 3477 -26.88 -36.65 15.83
CA LYS A 3477 -27.78 -35.66 15.23
C LYS A 3477 -29.14 -35.71 15.90
N PRO A 3478 -29.96 -34.67 15.73
CA PRO A 3478 -31.27 -34.64 16.38
C PRO A 3478 -32.18 -35.75 15.91
N THR A 3479 -32.41 -35.84 14.61
CA THR A 3479 -33.24 -36.89 14.04
C THR A 3479 -32.37 -38.06 13.60
N HIS A 3480 -33.01 -39.22 13.47
CA HIS A 3480 -32.30 -40.45 13.10
C HIS A 3480 -32.22 -40.54 11.58
N TYR A 3481 -31.51 -39.58 10.99
CA TYR A 3481 -31.35 -39.47 9.55
C TYR A 3481 -29.88 -39.28 9.23
N TYR A 3482 -29.29 -40.23 8.53
CA TYR A 3482 -27.85 -40.25 8.28
C TYR A 3482 -27.59 -40.39 6.78
N ILE A 3483 -26.37 -40.05 6.39
CA ILE A 3483 -25.98 -40.11 4.99
C ILE A 3483 -25.24 -41.41 4.73
N LYS A 3484 -25.71 -42.17 3.75
CA LYS A 3484 -25.14 -43.46 3.43
C LYS A 3484 -24.32 -43.37 2.14
N ILE A 3485 -23.41 -44.31 1.98
CA ILE A 3485 -22.48 -44.26 0.85
C ILE A 3485 -23.16 -44.74 -0.41
N ALA A 3486 -22.91 -44.06 -1.52
CA ALA A 3486 -23.39 -44.48 -2.83
C ALA A 3486 -22.29 -45.16 -3.64
N ARG A 3487 -21.12 -44.54 -3.71
CA ARG A 3487 -19.94 -45.20 -4.28
C ARG A 3487 -18.69 -44.33 -4.18
N PHE A 3488 -17.54 -44.94 -4.44
CA PHE A 3488 -16.27 -44.22 -4.43
C PHE A 3488 -15.91 -43.80 -5.85
N MET A 3489 -15.70 -42.50 -6.02
CA MET A 3489 -15.41 -42.00 -7.35
C MET A 3489 -14.07 -42.53 -7.85
N PRO A 3490 -13.90 -42.68 -9.16
CA PRO A 3490 -12.73 -43.38 -9.68
C PRO A 3490 -11.39 -42.68 -9.46
N ARG A 3491 -11.32 -41.38 -9.73
CA ARG A 3491 -10.05 -40.68 -9.61
C ARG A 3491 -9.63 -40.52 -8.16
N VAL A 3492 -8.35 -40.73 -7.89
CA VAL A 3492 -7.77 -40.55 -6.56
C VAL A 3492 -6.63 -39.55 -6.73
N GLU A 3493 -6.75 -38.39 -6.10
CA GLU A 3493 -5.78 -37.33 -6.29
C GLU A 3493 -4.65 -37.43 -5.26
N ILE A 3494 -3.53 -36.81 -5.60
CA ILE A 3494 -2.36 -36.72 -4.72
C ILE A 3494 -2.07 -35.25 -4.50
N VAL A 3495 -2.07 -34.83 -3.25
CA VAL A 3495 -1.88 -33.43 -2.90
C VAL A 3495 -0.78 -33.31 -1.87
N GLN A 3496 -0.15 -32.14 -1.82
CA GLN A 3496 0.87 -31.83 -0.83
C GLN A 3496 0.18 -31.12 0.33
N LYS A 3497 0.06 -31.81 1.47
CA LYS A 3497 -0.57 -31.23 2.64
C LYS A 3497 0.05 -31.83 3.89
N HIS A 3498 0.30 -30.99 4.89
CA HIS A 3498 0.87 -31.43 6.15
C HIS A 3498 2.28 -31.98 5.97
N ASN A 3499 3.04 -31.37 5.05
CA ASN A 3499 4.39 -31.83 4.75
C ASN A 3499 4.42 -33.30 4.37
N THR A 3500 3.51 -33.70 3.47
CA THR A 3500 3.50 -35.06 2.96
C THR A 3500 2.63 -35.11 1.72
N ALA A 3501 2.76 -36.19 0.95
CA ALA A 3501 1.91 -36.40 -0.20
C ALA A 3501 0.68 -37.20 0.21
N ALA A 3502 -0.42 -36.51 0.50
CA ALA A 3502 -1.60 -37.18 0.98
C ALA A 3502 -2.42 -37.73 -0.18
N ARG A 3503 -3.39 -38.58 0.15
CA ARG A 3503 -4.27 -39.19 -0.83
C ARG A 3503 -5.68 -38.67 -0.59
N ARG A 3504 -6.28 -38.06 -1.61
CA ARG A 3504 -7.63 -37.55 -1.53
C ARG A 3504 -8.58 -38.55 -2.18
N LEU A 3505 -9.65 -38.87 -1.47
CA LEU A 3505 -10.64 -39.85 -1.92
C LEU A 3505 -12.01 -39.20 -1.87
N TYR A 3506 -12.76 -39.33 -2.96
CA TYR A 3506 -14.10 -38.74 -3.01
C TYR A 3506 -15.15 -39.83 -2.90
N ILE A 3507 -16.12 -39.61 -2.02
CA ILE A 3507 -17.20 -40.55 -1.77
C ILE A 3507 -18.51 -39.87 -2.12
N ARG A 3508 -19.36 -40.56 -2.87
CA ARG A 3508 -20.66 -40.04 -3.23
C ARG A 3508 -21.72 -40.59 -2.27
N GLY A 3509 -22.53 -39.70 -1.71
CA GLY A 3509 -23.60 -40.08 -0.83
C GLY A 3509 -24.89 -40.36 -1.59
N HIS A 3510 -25.81 -41.02 -0.90
CA HIS A 3510 -27.08 -41.35 -1.53
C HIS A 3510 -27.91 -40.11 -1.81
N ASN A 3511 -27.52 -38.96 -1.24
CA ASN A 3511 -28.22 -37.71 -1.52
C ASN A 3511 -27.61 -36.98 -2.72
N GLY A 3512 -26.54 -37.52 -3.29
CA GLY A 3512 -25.99 -36.97 -4.51
C GLY A 3512 -24.77 -36.08 -4.32
N LYS A 3513 -24.49 -35.68 -3.08
CA LYS A 3513 -23.31 -34.87 -2.82
C LYS A 3513 -22.05 -35.70 -2.90
N ILE A 3514 -20.90 -35.03 -2.87
CA ILE A 3514 -19.59 -35.67 -2.94
C ILE A 3514 -18.73 -35.14 -1.80
N TYR A 3515 -18.27 -36.05 -0.96
CA TYR A 3515 -17.50 -35.71 0.24
C TYR A 3515 -16.07 -36.18 0.07
N PRO A 3516 -15.08 -35.30 0.02
CA PRO A 3516 -13.68 -35.77 -0.05
C PRO A 3516 -13.11 -36.06 1.32
N TYR A 3517 -12.13 -36.97 1.34
CA TYR A 3517 -11.45 -37.38 2.55
C TYR A 3517 -9.98 -37.56 2.26
N LEU A 3518 -9.15 -37.36 3.27
CA LEU A 3518 -7.71 -37.61 3.17
C LEU A 3518 -7.38 -38.91 3.87
N VAL A 3519 -6.38 -39.61 3.35
CA VAL A 3519 -5.88 -40.85 3.92
C VAL A 3519 -4.44 -40.61 4.34
N MET A 3520 -4.14 -40.80 5.62
CA MET A 3520 -2.88 -40.42 6.20
C MET A 3520 -2.24 -41.60 6.92
N ASN A 3521 -0.94 -41.51 7.14
CA ASN A 3521 -0.17 -42.52 7.87
C ASN A 3521 0.57 -41.81 9.00
N ASP A 3522 0.50 -42.36 10.20
CA ASP A 3522 1.07 -41.69 11.37
C ASP A 3522 2.44 -42.24 11.72
N ALA A 3523 2.54 -43.54 11.99
CA ALA A 3523 3.76 -44.18 12.47
C ALA A 3523 4.14 -43.71 13.88
N CYS A 3524 3.35 -42.83 14.47
CA CYS A 3524 3.58 -42.39 15.85
C CYS A 3524 2.24 -42.44 16.57
N LEU A 3525 1.91 -43.60 17.13
CA LEU A 3525 0.58 -43.84 17.66
C LEU A 3525 0.21 -42.89 18.77
N THR A 3526 1.18 -42.45 19.58
CA THR A 3526 0.87 -41.65 20.75
C THR A 3526 0.21 -40.33 20.38
N GLU A 3527 0.71 -39.66 19.35
CA GLU A 3527 0.30 -38.28 19.10
C GLU A 3527 -1.13 -38.20 18.55
N SER A 3528 -1.51 -39.17 17.73
CA SER A 3528 -2.82 -39.13 17.09
C SER A 3528 -3.94 -39.14 18.12
N ARG A 3529 -3.80 -39.97 19.15
CA ARG A 3529 -4.84 -40.07 20.16
C ARG A 3529 -5.00 -38.75 20.92
N ARG A 3530 -3.89 -38.10 21.25
CA ARG A 3530 -3.95 -36.80 21.91
C ARG A 3530 -4.62 -35.75 21.02
N GLU A 3531 -4.29 -35.74 19.73
CA GLU A 3531 -4.91 -34.79 18.82
C GLU A 3531 -6.41 -35.03 18.74
N GLU A 3532 -6.83 -36.28 18.65
CA GLU A 3532 -8.26 -36.60 18.61
C GLU A 3532 -8.94 -36.22 19.91
N ARG A 3533 -8.26 -36.38 21.05
CA ARG A 3533 -8.84 -35.97 22.32
C ARG A 3533 -9.10 -34.46 22.35
N VAL A 3534 -8.16 -33.68 21.84
CA VAL A 3534 -8.36 -32.23 21.80
C VAL A 3534 -9.54 -31.89 20.88
N LEU A 3535 -9.62 -32.58 19.73
CA LEU A 3535 -10.75 -32.35 18.84
C LEU A 3535 -12.08 -32.67 19.52
N GLN A 3536 -12.13 -33.78 20.27
CA GLN A 3536 -13.33 -34.14 21.00
C GLN A 3536 -13.70 -33.06 22.01
N LEU A 3537 -12.71 -32.53 22.74
CA LEU A 3537 -13.01 -31.48 23.70
C LEU A 3537 -13.63 -30.28 23.03
N LEU A 3538 -13.05 -29.85 21.90
CA LEU A 3538 -13.61 -28.70 21.21
C LEU A 3538 -15.04 -28.98 20.74
N ARG A 3539 -15.28 -30.17 20.20
CA ARG A 3539 -16.64 -30.49 19.75
C ARG A 3539 -17.62 -30.55 20.90
N LEU A 3540 -17.16 -30.95 22.09
CA LEU A 3540 -18.06 -30.98 23.24
C LEU A 3540 -18.37 -29.58 23.75
N LEU A 3541 -17.40 -28.68 23.72
CA LEU A 3541 -17.64 -27.30 24.12
C LEU A 3541 -18.50 -26.53 23.12
N ASN A 3542 -18.43 -26.90 21.84
CA ASN A 3542 -19.03 -26.04 20.81
C ASN A 3542 -20.51 -25.76 21.06
N PRO A 3543 -21.35 -26.70 21.45
CA PRO A 3543 -22.79 -26.40 21.54
C PRO A 3543 -23.17 -25.40 22.62
N CYS A 3544 -22.26 -25.06 23.53
CA CYS A 3544 -22.60 -24.10 24.58
C CYS A 3544 -22.66 -22.67 24.05
N LEU A 3545 -22.02 -22.41 22.91
CA LEU A 3545 -21.95 -21.05 22.39
C LEU A 3545 -23.24 -20.61 21.73
N GLU A 3546 -24.20 -21.51 21.50
CA GLU A 3546 -25.40 -21.16 20.77
C GLU A 3546 -26.56 -20.78 21.67
N LYS A 3547 -26.38 -20.77 22.98
CA LYS A 3547 -27.45 -20.49 23.92
C LYS A 3547 -27.30 -19.15 24.62
N ARG A 3548 -26.31 -18.35 24.24
CA ARG A 3548 -26.08 -17.06 24.87
C ARG A 3548 -25.96 -15.96 23.82
N LYS A 3549 -26.63 -14.85 24.14
CA LYS A 3549 -26.46 -13.62 23.40
C LYS A 3549 -25.00 -13.17 23.46
N GLU A 3550 -24.66 -12.32 22.50
CA GLU A 3550 -23.29 -11.87 22.20
C GLU A 3550 -22.50 -12.96 21.50
N THR A 3551 -22.84 -14.22 21.76
CA THR A 3551 -22.18 -15.31 21.06
C THR A 3551 -22.97 -15.69 19.83
N THR A 3552 -24.25 -15.98 20.01
CA THR A 3552 -25.13 -16.07 18.85
C THR A 3552 -25.17 -14.76 18.09
N LYS A 3553 -24.83 -13.65 18.74
CA LYS A 3553 -24.83 -12.36 18.07
C LYS A 3553 -23.61 -12.21 17.16
N ARG A 3554 -22.45 -12.67 17.61
CA ARG A 3554 -21.24 -12.57 16.78
C ARG A 3554 -21.00 -13.80 15.91
N HIS A 3555 -21.85 -14.82 15.99
CA HIS A 3555 -21.66 -16.02 15.16
C HIS A 3555 -20.34 -16.70 15.44
N LEU A 3556 -20.16 -17.19 16.66
CA LEU A 3556 -18.92 -17.82 17.07
C LEU A 3556 -19.10 -19.33 17.11
N PHE A 3557 -18.06 -20.05 16.68
CA PHE A 3557 -18.08 -21.51 16.71
C PHE A 3557 -16.70 -22.02 16.31
N PHE A 3558 -16.40 -23.25 16.69
CA PHE A 3558 -15.15 -23.88 16.31
C PHE A 3558 -15.32 -24.68 15.03
N THR A 3559 -14.40 -24.51 14.09
CA THR A 3559 -14.38 -25.30 12.86
C THR A 3559 -13.60 -26.58 13.16
N VAL A 3560 -14.33 -27.67 13.37
CA VAL A 3560 -13.73 -28.94 13.77
C VAL A 3560 -14.01 -29.95 12.66
N PRO A 3561 -13.03 -30.30 11.83
CA PRO A 3561 -13.24 -31.35 10.84
C PRO A 3561 -13.27 -32.74 11.46
N ARG A 3562 -14.02 -33.63 10.82
CA ARG A 3562 -14.11 -35.00 11.29
C ARG A 3562 -12.78 -35.72 11.04
N VAL A 3563 -12.42 -36.60 11.97
CA VAL A 3563 -11.28 -37.49 11.81
C VAL A 3563 -11.63 -38.83 12.42
N VAL A 3564 -11.44 -39.90 11.64
CA VAL A 3564 -11.78 -41.26 12.07
C VAL A 3564 -10.54 -42.11 11.90
N ALA A 3565 -10.15 -42.80 12.95
CA ALA A 3565 -8.98 -43.68 12.93
C ALA A 3565 -9.47 -45.10 12.69
N VAL A 3566 -8.99 -45.71 11.61
CA VAL A 3566 -9.41 -47.06 11.28
C VAL A 3566 -8.36 -48.07 11.74
N SER A 3567 -7.17 -47.59 12.09
CA SER A 3567 -6.12 -48.46 12.59
C SER A 3567 -5.12 -47.58 13.33
N PRO A 3568 -4.13 -48.17 13.99
CA PRO A 3568 -3.15 -47.34 14.72
C PRO A 3568 -2.41 -46.38 13.83
N GLN A 3569 -2.14 -46.73 12.56
CA GLN A 3569 -1.40 -45.88 11.64
C GLN A 3569 -2.22 -45.56 10.39
N MET A 3570 -3.48 -45.23 10.57
CA MET A 3570 -4.34 -44.92 9.43
C MET A 3570 -5.61 -44.27 9.93
N ARG A 3571 -6.03 -43.21 9.25
CA ARG A 3571 -7.22 -42.49 9.64
C ARG A 3571 -7.72 -41.66 8.47
N LEU A 3572 -9.04 -41.52 8.38
CA LEU A 3572 -9.68 -40.74 7.34
C LEU A 3572 -9.98 -39.35 7.90
N VAL A 3573 -9.77 -38.33 7.07
CA VAL A 3573 -9.88 -36.94 7.52
C VAL A 3573 -10.73 -36.16 6.53
N GLU A 3574 -11.85 -35.64 7.00
CA GLU A 3574 -12.63 -34.67 6.24
C GLU A 3574 -11.77 -33.47 5.88
N ASP A 3575 -11.96 -32.95 4.68
CA ASP A 3575 -11.27 -31.72 4.29
C ASP A 3575 -12.05 -31.05 3.17
N ASN A 3576 -11.71 -29.78 2.94
CA ASN A 3576 -12.13 -29.09 1.74
C ASN A 3576 -10.93 -28.85 0.84
N PRO A 3577 -11.04 -29.13 -0.47
CA PRO A 3577 -9.85 -29.06 -1.31
C PRO A 3577 -9.24 -27.67 -1.40
N SER A 3578 -10.01 -26.62 -1.13
CA SER A 3578 -9.53 -25.25 -1.30
C SER A 3578 -9.04 -24.66 0.01
N SER A 3579 -7.89 -25.11 0.49
CA SER A 3579 -7.33 -24.53 1.70
C SER A 3579 -5.81 -24.57 1.60
N LEU A 3580 -5.17 -23.63 2.29
CA LEU A 3580 -3.72 -23.49 2.27
C LEU A 3580 -3.24 -23.24 3.68
N SER A 3581 -1.92 -23.27 3.86
CA SER A 3581 -1.34 -22.93 5.14
C SER A 3581 -0.76 -21.52 5.13
N LEU A 3582 -0.68 -20.94 6.32
CA LEU A 3582 -0.06 -19.64 6.46
C LEU A 3582 1.39 -19.68 6.01
N VAL A 3583 2.05 -20.83 6.15
CA VAL A 3583 3.42 -20.96 5.66
C VAL A 3583 3.43 -21.25 4.17
N GLU A 3584 2.40 -21.90 3.64
CA GLU A 3584 2.33 -22.08 2.19
C GLU A 3584 2.22 -20.74 1.47
N ILE A 3585 1.41 -19.83 1.99
CA ILE A 3585 1.30 -18.50 1.39
C ILE A 3585 2.67 -17.82 1.39
N TYR A 3586 3.37 -17.90 2.52
CA TYR A 3586 4.70 -17.31 2.63
C TYR A 3586 5.67 -17.92 1.63
N LYS A 3587 5.64 -19.24 1.49
CA LYS A 3587 6.53 -19.91 0.54
C LYS A 3587 6.23 -19.47 -0.89
N GLN A 3588 4.95 -19.34 -1.24
CA GLN A 3588 4.61 -18.88 -2.59
C GLN A 3588 5.13 -17.47 -2.84
N ARG A 3589 4.93 -16.58 -1.86
CA ARG A 3589 5.43 -15.22 -2.02
C ARG A 3589 6.93 -15.20 -2.20
N CYS A 3590 7.65 -16.01 -1.41
CA CYS A 3590 9.10 -16.07 -1.54
C CYS A 3590 9.52 -16.66 -2.89
N ALA A 3591 8.82 -17.69 -3.36
CA ALA A 3591 9.17 -18.29 -4.64
C ALA A 3591 8.98 -17.31 -5.79
N LYS A 3592 7.97 -16.44 -5.70
CA LYS A 3592 7.80 -15.45 -6.75
C LYS A 3592 9.05 -14.57 -6.88
N LYS A 3593 9.59 -14.12 -5.75
CA LYS A 3593 10.78 -13.27 -5.79
C LYS A 3593 12.06 -14.08 -5.95
N GLY A 3594 11.97 -15.40 -5.88
CA GLY A 3594 13.12 -16.25 -6.11
C GLY A 3594 14.16 -16.15 -5.01
N ILE A 3595 13.71 -16.12 -3.76
CA ILE A 3595 14.59 -16.13 -2.61
C ILE A 3595 14.24 -17.31 -1.72
N GLU A 3596 15.27 -18.04 -1.30
CA GLU A 3596 15.07 -19.14 -0.37
C GLU A 3596 14.22 -18.67 0.81
N HIS A 3597 13.38 -19.57 1.33
CA HIS A 3597 12.41 -19.16 2.34
C HIS A 3597 12.89 -19.45 3.75
N ASP A 3598 14.10 -19.95 3.90
CA ASP A 3598 14.70 -20.21 5.21
C ASP A 3598 15.86 -19.27 5.52
N ASN A 3599 16.04 -18.25 4.70
CA ASN A 3599 17.11 -17.27 4.91
C ASN A 3599 17.05 -16.66 6.30
N PRO A 3600 15.87 -16.32 6.82
CA PRO A 3600 15.81 -15.66 8.13
C PRO A 3600 16.41 -16.47 9.27
N ILE A 3601 16.19 -17.79 9.30
CA ILE A 3601 16.74 -18.59 10.39
C ILE A 3601 18.26 -18.64 10.29
N SER A 3602 18.78 -18.81 9.08
CA SER A 3602 20.21 -18.80 8.88
C SER A 3602 20.81 -17.48 9.34
N ARG A 3603 20.17 -16.36 9.00
CA ARG A 3603 20.68 -15.07 9.42
C ARG A 3603 20.61 -14.89 10.93
N TYR A 3604 19.53 -15.33 11.55
CA TYR A 3604 19.43 -15.30 13.01
C TYR A 3604 20.64 -15.99 13.63
N TYR A 3605 20.94 -17.20 13.18
CA TYR A 3605 22.03 -17.94 13.81
C TYR A 3605 23.39 -17.39 13.42
N ASP A 3606 23.53 -16.82 12.22
CA ASP A 3606 24.79 -16.17 11.87
C ASP A 3606 25.06 -14.99 12.79
N ARG A 3607 24.05 -14.18 13.06
CA ARG A 3607 24.24 -13.05 13.96
C ARG A 3607 24.54 -13.52 15.38
N LEU A 3608 23.85 -14.56 15.84
CA LEU A 3608 24.17 -15.10 17.16
C LEU A 3608 25.63 -15.56 17.22
N ALA A 3609 26.10 -16.27 16.21
CA ALA A 3609 27.48 -16.76 16.21
C ALA A 3609 28.47 -15.60 16.17
N THR A 3610 28.22 -14.60 15.33
CA THR A 3610 29.07 -13.43 15.30
C THR A 3610 29.19 -12.81 16.69
N VAL A 3611 28.07 -12.56 17.35
CA VAL A 3611 28.14 -11.95 18.67
C VAL A 3611 28.87 -12.86 19.65
N GLN A 3612 28.55 -14.16 19.67
CA GLN A 3612 29.15 -15.07 20.62
C GLN A 3612 30.65 -15.24 20.42
N ALA A 3613 31.15 -15.00 19.21
CA ALA A 3613 32.58 -15.18 18.99
C ALA A 3613 33.41 -14.32 19.93
N ARG A 3614 33.01 -13.06 20.13
CA ARG A 3614 33.80 -12.14 20.93
C ARG A 3614 33.95 -12.61 22.38
N GLY A 3615 32.97 -13.35 22.88
CA GLY A 3615 33.03 -13.80 24.26
C GLY A 3615 31.85 -13.29 25.07
N THR A 3616 31.25 -12.20 24.60
CA THR A 3616 30.05 -11.68 25.24
C THR A 3616 28.88 -12.62 25.02
N GLN A 3617 27.73 -12.24 25.57
CA GLN A 3617 26.50 -12.95 25.33
C GLN A 3617 25.49 -12.01 24.68
N ALA A 3618 24.62 -12.58 23.86
CA ALA A 3618 23.63 -11.79 23.13
C ALA A 3618 22.65 -11.18 24.12
N SER A 3619 22.18 -9.97 23.81
CA SER A 3619 21.31 -9.26 24.74
C SER A 3619 19.94 -9.00 24.12
N HIS A 3620 19.05 -8.45 24.94
CA HIS A 3620 17.72 -8.08 24.46
C HIS A 3620 17.83 -7.10 23.30
N GLN A 3621 18.80 -6.18 23.34
CA GLN A 3621 18.95 -5.23 22.25
C GLN A 3621 19.42 -5.91 20.98
N VAL A 3622 20.33 -6.89 21.08
CA VAL A 3622 20.75 -7.62 19.90
C VAL A 3622 19.59 -8.38 19.30
N LEU A 3623 18.76 -9.00 20.15
CA LEU A 3623 17.58 -9.70 19.64
C LEU A 3623 16.64 -8.75 18.92
N ARG A 3624 16.38 -7.57 19.51
CA ARG A 3624 15.52 -6.59 18.85
C ARG A 3624 16.12 -6.16 17.52
N ASP A 3625 17.44 -5.97 17.47
CA ASP A 3625 18.06 -5.51 16.24
C ASP A 3625 17.95 -6.58 15.15
N ILE A 3626 18.12 -7.85 15.52
CA ILE A 3626 17.97 -8.91 14.53
C ILE A 3626 16.55 -8.95 14.00
N LEU A 3627 15.57 -8.87 14.89
CA LEU A 3627 14.18 -8.88 14.45
C LEU A 3627 13.88 -7.69 13.54
N LYS A 3628 14.42 -6.52 13.86
CA LYS A 3628 14.21 -5.35 13.02
C LYS A 3628 14.89 -5.50 11.67
N GLU A 3629 16.09 -6.07 11.63
CA GLU A 3629 16.79 -6.26 10.37
C GLU A 3629 16.03 -7.18 9.44
N VAL A 3630 15.46 -8.26 9.98
CA VAL A 3630 14.74 -9.20 9.13
C VAL A 3630 13.57 -8.50 8.43
N GLN A 3631 12.80 -7.72 9.18
CA GLN A 3631 11.57 -7.14 8.64
C GLN A 3631 11.83 -6.08 7.59
N SER A 3632 13.07 -5.62 7.44
CA SER A 3632 13.37 -4.54 6.51
C SER A 3632 13.89 -5.05 5.18
N ASN A 3633 14.28 -6.32 5.12
CA ASN A 3633 14.88 -6.87 3.92
C ASN A 3633 14.26 -8.18 3.43
N MET A 3634 13.73 -9.02 4.32
CA MET A 3634 13.35 -10.37 3.90
C MET A 3634 11.86 -10.63 4.05
N VAL A 3635 11.19 -9.91 4.95
CA VAL A 3635 9.81 -10.22 5.28
C VAL A 3635 9.05 -8.93 5.59
N PRO A 3636 8.56 -8.21 4.59
CA PRO A 3636 7.74 -7.03 4.87
C PRO A 3636 6.43 -7.40 5.54
N ARG A 3637 5.86 -6.42 6.24
CA ARG A 3637 4.61 -6.65 6.97
C ARG A 3637 3.42 -6.80 6.05
N SER A 3638 3.59 -6.50 4.76
CA SER A 3638 2.47 -6.42 3.82
C SER A 3638 2.26 -7.69 3.02
N MET A 3639 3.00 -8.75 3.32
CA MET A 3639 2.97 -9.94 2.48
C MET A 3639 1.60 -10.61 2.49
N LEU A 3640 1.00 -10.75 3.67
CA LEU A 3640 -0.31 -11.40 3.75
C LEU A 3640 -1.43 -10.49 3.25
N LYS A 3641 -1.29 -9.18 3.43
CA LYS A 3641 -2.29 -8.25 2.92
C LYS A 3641 -2.29 -8.25 1.40
N GLU A 3642 -1.11 -8.29 0.78
CA GLU A 3642 -1.03 -8.28 -0.67
C GLU A 3642 -1.60 -9.56 -1.27
N TRP A 3643 -1.33 -10.71 -0.64
CA TRP A 3643 -1.94 -11.94 -1.10
C TRP A 3643 -3.45 -11.84 -1.12
N ALA A 3644 -4.04 -11.33 -0.04
CA ALA A 3644 -5.48 -11.19 0.03
C ALA A 3644 -6.00 -10.21 -1.01
N LEU A 3645 -5.30 -9.09 -1.21
CA LEU A 3645 -5.76 -8.12 -2.21
C LEU A 3645 -5.79 -8.73 -3.59
N HIS A 3646 -4.76 -9.49 -3.95
CA HIS A 3646 -4.76 -10.11 -5.27
C HIS A 3646 -5.69 -11.31 -5.34
N THR A 3647 -6.05 -11.89 -4.19
CA THR A 3647 -6.87 -13.10 -4.21
C THR A 3647 -8.35 -12.79 -4.22
N PHE A 3648 -8.75 -11.66 -3.63
CA PHE A 3648 -10.16 -11.29 -3.49
C PHE A 3648 -10.35 -9.91 -4.10
N PRO A 3649 -10.34 -9.80 -5.43
CA PRO A 3649 -10.52 -8.49 -6.05
C PRO A 3649 -11.90 -7.88 -5.79
N ASN A 3650 -12.87 -8.68 -5.36
CA ASN A 3650 -14.19 -8.14 -5.06
C ASN A 3650 -14.24 -7.61 -3.63
N ALA A 3651 -14.81 -6.43 -3.46
CA ALA A 3651 -14.79 -5.76 -2.17
C ALA A 3651 -15.61 -6.51 -1.12
N THR A 3652 -16.81 -6.95 -1.49
CA THR A 3652 -17.64 -7.69 -0.55
C THR A 3652 -16.95 -8.97 -0.09
N ASP A 3653 -16.37 -9.70 -1.03
CA ASP A 3653 -15.65 -10.92 -0.67
C ASP A 3653 -14.47 -10.63 0.22
N TYR A 3654 -13.69 -9.60 -0.10
CA TYR A 3654 -12.55 -9.26 0.74
C TYR A 3654 -13.00 -8.96 2.16
N TRP A 3655 -14.03 -8.14 2.31
CA TRP A 3655 -14.51 -7.78 3.64
C TRP A 3655 -14.99 -9.01 4.40
N THR A 3656 -15.79 -9.86 3.76
CA THR A 3656 -16.32 -11.03 4.45
C THR A 3656 -15.20 -11.96 4.88
N PHE A 3657 -14.24 -12.20 3.99
CA PHE A 3657 -13.12 -13.07 4.33
C PHE A 3657 -12.35 -12.53 5.51
N ARG A 3658 -12.06 -11.22 5.51
CA ARG A 3658 -11.28 -10.65 6.59
C ARG A 3658 -12.02 -10.75 7.93
N LYS A 3659 -13.33 -10.47 7.93
CA LYS A 3659 -14.07 -10.53 9.18
C LYS A 3659 -14.13 -11.96 9.72
N MET A 3660 -14.37 -12.93 8.84
CA MET A 3660 -14.39 -14.31 9.30
C MET A 3660 -13.02 -14.73 9.84
N PHE A 3661 -11.96 -14.34 9.14
CA PHE A 3661 -10.62 -14.61 9.64
C PHE A 3661 -10.43 -14.05 11.03
N THR A 3662 -10.85 -12.80 11.24
CA THR A 3662 -10.63 -12.16 12.53
C THR A 3662 -11.33 -12.92 13.65
N ILE A 3663 -12.61 -13.24 13.45
CA ILE A 3663 -13.35 -13.88 14.54
C ILE A 3663 -12.86 -15.30 14.78
N GLN A 3664 -12.53 -16.04 13.72
CA GLN A 3664 -12.01 -17.38 13.91
C GLN A 3664 -10.67 -17.35 14.63
N LEU A 3665 -9.82 -16.39 14.31
CA LEU A 3665 -8.54 -16.28 15.00
C LEU A 3665 -8.73 -15.90 16.45
N ALA A 3666 -9.71 -15.05 16.76
CA ALA A 3666 -10.02 -14.75 18.15
C ALA A 3666 -10.34 -16.03 18.91
N LEU A 3667 -11.23 -16.86 18.35
CA LEU A 3667 -11.59 -18.09 19.04
C LEU A 3667 -10.39 -19.01 19.21
N ILE A 3668 -9.56 -19.12 18.16
CA ILE A 3668 -8.40 -20.02 18.22
C ILE A 3668 -7.43 -19.56 19.29
N GLY A 3669 -7.17 -18.25 19.36
CA GLY A 3669 -6.26 -17.73 20.36
C GLY A 3669 -6.77 -17.93 21.77
N PHE A 3670 -8.07 -17.67 21.98
CA PHE A 3670 -8.65 -17.94 23.30
C PHE A 3670 -8.44 -19.39 23.69
N ALA A 3671 -8.74 -20.31 22.77
CA ALA A 3671 -8.55 -21.72 23.08
C ALA A 3671 -7.11 -22.01 23.46
N GLU A 3672 -6.16 -21.58 22.62
CA GLU A 3672 -4.76 -21.86 22.90
C GLU A 3672 -4.34 -21.35 24.27
N PHE A 3673 -4.72 -20.12 24.61
CA PHE A 3673 -4.24 -19.56 25.88
C PHE A 3673 -4.91 -20.21 27.07
N VAL A 3674 -6.24 -20.41 27.02
CA VAL A 3674 -6.96 -20.87 28.20
C VAL A 3674 -6.69 -22.36 28.43
N LEU A 3675 -6.86 -23.18 27.40
CA LEU A 3675 -6.44 -24.58 27.50
C LEU A 3675 -4.95 -24.64 27.20
N HIS A 3676 -4.17 -25.15 28.14
CA HIS A 3676 -2.73 -25.06 27.99
C HIS A 3676 -2.26 -25.98 26.87
N LEU A 3677 -2.17 -25.44 25.67
CA LEU A 3677 -1.85 -26.19 24.47
C LEU A 3677 -0.52 -25.74 23.89
N ASN A 3678 0.15 -26.66 23.19
CA ASN A 3678 1.40 -26.33 22.55
C ASN A 3678 1.21 -25.16 21.58
N ARG A 3679 2.33 -24.58 21.16
CA ARG A 3679 2.27 -23.34 20.41
C ARG A 3679 1.72 -23.56 19.01
N LEU A 3680 1.16 -22.50 18.44
CA LEU A 3680 0.57 -22.53 17.10
C LEU A 3680 1.64 -22.19 16.08
N ASN A 3681 2.15 -23.20 15.40
CA ASN A 3681 3.13 -22.95 14.35
C ASN A 3681 2.43 -22.53 13.06
N PRO A 3682 3.12 -21.79 12.19
CA PRO A 3682 2.47 -21.34 10.94
C PRO A 3682 2.01 -22.49 10.07
N GLU A 3683 2.73 -23.61 10.06
CA GLU A 3683 2.33 -24.74 9.24
C GLU A 3683 1.13 -25.48 9.81
N MET A 3684 0.74 -25.18 11.04
CA MET A 3684 -0.42 -25.83 11.65
C MET A 3684 -1.73 -25.10 11.37
N LEU A 3685 -1.68 -23.93 10.73
CA LEU A 3685 -2.87 -23.12 10.51
C LEU A 3685 -3.38 -23.36 9.09
N GLN A 3686 -4.67 -23.69 8.98
CA GLN A 3686 -5.31 -23.95 7.70
C GLN A 3686 -6.33 -22.88 7.42
N ILE A 3687 -6.37 -22.40 6.18
CA ILE A 3687 -7.23 -21.28 5.78
C ILE A 3687 -8.04 -21.73 4.57
N ALA A 3688 -9.35 -21.72 4.70
CA ALA A 3688 -10.23 -22.09 3.61
C ALA A 3688 -10.48 -20.89 2.71
N GLN A 3689 -9.99 -20.95 1.48
CA GLN A 3689 -10.08 -19.79 0.60
C GLN A 3689 -11.52 -19.45 0.25
N ASP A 3690 -12.43 -20.41 0.39
CA ASP A 3690 -13.80 -20.18 -0.06
C ASP A 3690 -14.68 -19.58 1.03
N THR A 3691 -14.26 -19.68 2.29
CA THR A 3691 -15.10 -19.25 3.40
C THR A 3691 -14.41 -18.32 4.39
N GLY A 3692 -13.10 -18.43 4.59
CA GLY A 3692 -12.46 -17.73 5.67
C GLY A 3692 -12.37 -18.53 6.94
N LYS A 3693 -12.97 -19.71 6.98
CA LYS A 3693 -12.90 -20.57 8.15
C LYS A 3693 -11.49 -21.09 8.35
N LEU A 3694 -11.13 -21.33 9.61
CA LEU A 3694 -9.79 -21.73 9.99
C LEU A 3694 -9.84 -22.93 10.91
N ASN A 3695 -8.78 -23.73 10.90
CA ASN A 3695 -8.65 -24.83 11.83
C ASN A 3695 -7.17 -25.15 11.97
N VAL A 3696 -6.82 -25.80 13.07
CA VAL A 3696 -5.42 -26.10 13.36
C VAL A 3696 -5.20 -27.59 13.22
N ALA A 3697 -3.96 -27.97 12.87
CA ALA A 3697 -3.58 -29.35 12.71
C ALA A 3697 -2.14 -29.51 13.22
N TYR A 3698 -1.95 -29.88 14.49
CA TYR A 3698 -3.01 -30.16 15.46
C TYR A 3698 -2.57 -29.69 16.84
N PHE A 3699 -3.52 -29.23 17.66
CA PHE A 3699 -3.25 -28.91 19.05
C PHE A 3699 -3.06 -30.17 19.88
N ARG A 3700 -2.33 -30.01 20.98
CA ARG A 3700 -2.16 -31.06 21.98
C ARG A 3700 -2.06 -30.38 23.33
N PHE A 3701 -2.34 -31.13 24.39
CA PHE A 3701 -2.17 -30.58 25.73
C PHE A 3701 -0.69 -30.51 26.06
N ASP A 3702 -0.25 -29.34 26.52
CA ASP A 3702 1.18 -29.09 26.75
C ASP A 3702 1.51 -29.58 28.15
N ILE A 3703 1.72 -30.89 28.25
CA ILE A 3703 1.98 -31.55 29.52
C ILE A 3703 3.48 -31.60 29.76
N ASN A 3704 3.86 -31.66 31.04
CA ASN A 3704 5.26 -31.67 31.41
C ASN A 3704 5.71 -33.08 31.73
N ASP A 3705 6.67 -33.58 30.96
CA ASP A 3705 7.14 -34.95 31.15
C ASP A 3705 7.69 -35.17 32.55
N ALA A 3706 8.36 -34.16 33.11
CA ALA A 3706 8.91 -34.30 34.45
C ALA A 3706 7.82 -34.61 35.46
N THR A 3707 6.88 -33.67 35.65
CA THR A 3707 5.96 -33.71 36.77
C THR A 3707 4.60 -34.31 36.42
N GLY A 3708 4.00 -33.91 35.30
CA GLY A 3708 2.66 -34.34 34.98
C GLY A 3708 1.63 -33.26 35.21
N ASP A 3709 1.94 -32.04 34.79
CA ASP A 3709 1.05 -30.92 34.97
C ASP A 3709 1.21 -29.96 33.79
N LEU A 3710 0.18 -29.16 33.55
CA LEU A 3710 0.15 -28.28 32.41
C LEU A 3710 1.21 -27.19 32.54
N ASP A 3711 1.79 -26.80 31.40
CA ASP A 3711 2.75 -25.71 31.36
C ASP A 3711 2.74 -24.99 30.03
N ALA A 3712 2.05 -23.86 29.95
CA ALA A 3712 1.99 -23.04 28.75
C ALA A 3712 2.51 -21.64 29.03
N ASN A 3713 3.64 -21.56 29.73
CA ASN A 3713 4.21 -20.27 30.13
C ASN A 3713 5.28 -19.85 29.11
N ARG A 3714 4.80 -19.44 27.96
CA ARG A 3714 5.66 -18.96 26.89
C ARG A 3714 5.72 -17.44 26.90
N PRO A 3715 6.71 -16.85 26.21
CA PRO A 3715 6.80 -15.38 26.20
C PRO A 3715 5.57 -14.71 25.63
N VAL A 3716 4.87 -15.35 24.71
CA VAL A 3716 3.71 -14.78 24.04
C VAL A 3716 2.51 -15.68 24.32
N PRO A 3717 1.31 -15.13 24.55
CA PRO A 3717 0.16 -15.98 24.88
C PRO A 3717 -0.45 -16.69 23.67
N PHE A 3718 -0.31 -16.09 22.48
CA PHE A 3718 -0.84 -16.66 21.26
C PHE A 3718 -0.31 -15.88 20.08
N ARG A 3719 -0.64 -16.35 18.87
CA ARG A 3719 -0.02 -15.84 17.65
C ARG A 3719 -0.75 -14.62 17.11
N LEU A 3720 -0.10 -13.46 17.19
CA LEU A 3720 -0.62 -12.21 16.64
C LEU A 3720 0.52 -11.47 15.93
N THR A 3721 1.22 -12.20 15.06
CA THR A 3721 2.47 -11.71 14.47
C THR A 3721 2.23 -10.46 13.62
N PRO A 3722 3.31 -9.77 13.23
CA PRO A 3722 3.16 -8.50 12.52
C PRO A 3722 2.35 -8.59 11.23
N ASN A 3723 2.52 -9.65 10.45
CA ASN A 3723 1.72 -9.79 9.24
C ASN A 3723 0.24 -9.90 9.56
N ILE A 3724 -0.09 -10.71 10.56
CA ILE A 3724 -1.49 -10.89 10.94
C ILE A 3724 -2.07 -9.56 11.40
N SER A 3725 -1.35 -8.83 12.23
CA SER A 3725 -1.85 -7.54 12.70
C SER A 3725 -1.97 -6.52 11.56
N GLU A 3726 -1.02 -6.50 10.63
CA GLU A 3726 -1.12 -5.59 9.50
C GLU A 3726 -2.32 -5.90 8.64
N PHE A 3727 -2.64 -7.18 8.46
CA PHE A 3727 -3.80 -7.56 7.70
C PHE A 3727 -5.09 -7.28 8.47
N LEU A 3728 -5.03 -7.38 9.79
CA LEU A 3728 -6.25 -7.27 10.59
C LEU A 3728 -6.53 -5.84 11.03
N THR A 3729 -5.66 -4.89 10.69
CA THR A 3729 -6.12 -3.50 10.84
C THR A 3729 -6.37 -3.07 12.27
N THR A 3730 -5.37 -2.44 12.89
CA THR A 3730 -5.46 -2.05 14.30
C THR A 3730 -6.89 -1.81 14.76
N ILE A 3731 -7.74 -1.16 13.95
CA ILE A 3731 -9.13 -1.01 14.35
C ILE A 3731 -9.77 -2.38 14.57
N GLY A 3732 -9.65 -3.29 13.60
CA GLY A 3732 -10.23 -4.60 13.78
C GLY A 3732 -9.56 -5.38 14.90
N VAL A 3733 -8.26 -5.16 15.09
CA VAL A 3733 -7.54 -5.80 16.18
C VAL A 3733 -8.12 -5.38 17.51
N SER A 3734 -8.45 -4.11 17.67
CA SER A 3734 -8.95 -3.61 18.95
C SER A 3734 -10.45 -3.79 19.09
N GLY A 3735 -11.16 -4.12 18.02
CA GLY A 3735 -12.59 -4.29 18.08
C GLY A 3735 -13.01 -5.74 18.17
N PRO A 3736 -13.42 -6.33 17.05
CA PRO A 3736 -13.96 -7.71 17.11
C PRO A 3736 -13.02 -8.71 17.74
N LEU A 3737 -11.71 -8.59 17.51
CA LEU A 3737 -10.79 -9.56 18.07
C LEU A 3737 -10.85 -9.58 19.59
N THR A 3738 -10.97 -8.40 20.21
CA THR A 3738 -11.07 -8.33 21.66
C THR A 3738 -12.46 -8.69 22.15
N ALA A 3739 -13.49 -8.21 21.46
CA ALA A 3739 -14.84 -8.44 21.92
C ALA A 3739 -15.20 -9.91 21.88
N SER A 3740 -14.76 -10.63 20.85
CA SER A 3740 -15.07 -12.04 20.75
C SER A 3740 -14.44 -12.83 21.89
N MET A 3741 -13.19 -12.51 22.23
CA MET A 3741 -12.56 -13.19 23.36
C MET A 3741 -13.29 -12.89 24.65
N ILE A 3742 -13.68 -11.64 24.87
CA ILE A 3742 -14.42 -11.31 26.09
C ILE A 3742 -15.72 -12.11 26.14
N ALA A 3743 -16.45 -12.14 25.04
CA ALA A 3743 -17.74 -12.82 25.03
C ALA A 3743 -17.60 -14.32 25.26
N VAL A 3744 -16.61 -14.95 24.64
CA VAL A 3744 -16.44 -16.39 24.82
C VAL A 3744 -16.04 -16.70 26.24
N ALA A 3745 -15.15 -15.89 26.84
CA ALA A 3745 -14.81 -16.12 28.23
C ALA A 3745 -16.04 -16.01 29.12
N ARG A 3746 -16.83 -14.96 28.94
CA ARG A 3746 -18.03 -14.81 29.76
C ARG A 3746 -18.99 -15.97 29.56
N CYS A 3747 -19.09 -16.49 28.34
CA CYS A 3747 -20.01 -17.57 28.07
C CYS A 3747 -19.58 -18.85 28.78
N PHE A 3748 -18.31 -19.21 28.68
CA PHE A 3748 -17.87 -20.43 29.34
C PHE A 3748 -17.80 -20.27 30.85
N ALA A 3749 -17.77 -19.05 31.35
CA ALA A 3749 -17.73 -18.86 32.80
C ALA A 3749 -19.05 -19.20 33.48
N GLN A 3750 -20.12 -19.41 32.72
CA GLN A 3750 -21.43 -19.61 33.34
C GLN A 3750 -21.44 -20.90 34.16
N PRO A 3751 -22.08 -20.90 35.33
CA PRO A 3751 -22.06 -22.12 36.16
C PRO A 3751 -23.08 -23.16 35.75
N ASN A 3752 -23.93 -22.88 34.76
CA ASN A 3752 -24.94 -23.87 34.38
C ASN A 3752 -24.47 -24.74 33.23
N PHE A 3753 -23.46 -24.28 32.48
CA PHE A 3753 -22.92 -25.11 31.42
C PHE A 3753 -22.04 -26.21 31.99
N LYS A 3754 -21.43 -25.96 33.15
CA LYS A 3754 -20.62 -26.96 33.85
C LYS A 3754 -19.50 -27.47 32.97
N VAL A 3755 -18.61 -26.55 32.58
CA VAL A 3755 -17.49 -26.94 31.74
C VAL A 3755 -16.41 -27.62 32.56
N ASP A 3756 -16.34 -27.34 33.86
CA ASP A 3756 -15.32 -27.98 34.69
C ASP A 3756 -15.55 -29.48 34.78
N GLY A 3757 -16.81 -29.91 34.90
CA GLY A 3757 -17.09 -31.33 34.92
C GLY A 3757 -16.67 -32.02 33.64
N ILE A 3758 -16.90 -31.39 32.50
CA ILE A 3758 -16.50 -31.95 31.23
C ILE A 3758 -14.99 -32.00 31.11
N LEU A 3759 -14.32 -30.95 31.55
CA LEU A 3759 -12.86 -30.90 31.51
C LEU A 3759 -12.25 -32.00 32.35
N LYS A 3760 -12.86 -32.32 33.49
CA LYS A 3760 -12.32 -33.38 34.33
C LYS A 3760 -12.29 -34.71 33.58
N THR A 3761 -13.40 -35.08 32.96
CA THR A 3761 -13.45 -36.33 32.20
C THR A 3761 -12.48 -36.30 31.04
N VAL A 3762 -12.36 -35.16 30.37
CA VAL A 3762 -11.45 -35.08 29.23
C VAL A 3762 -10.00 -35.28 29.68
N LEU A 3763 -9.61 -34.62 30.76
CA LEU A 3763 -8.21 -34.64 31.19
C LEU A 3763 -7.82 -35.93 31.91
N ARG A 3764 -8.81 -36.70 32.40
CA ARG A 3764 -8.48 -37.96 33.03
C ARG A 3764 -7.68 -38.86 32.09
N ASP A 3765 -8.12 -38.96 30.83
CA ASP A 3765 -7.43 -39.82 29.88
C ASP A 3765 -6.04 -39.28 29.56
N GLU A 3766 -5.88 -37.97 29.48
CA GLU A 3766 -4.55 -37.41 29.24
C GLU A 3766 -3.60 -37.77 30.37
N ILE A 3767 -4.07 -37.68 31.62
CA ILE A 3767 -3.23 -38.05 32.75
C ILE A 3767 -2.86 -39.52 32.69
N ILE A 3768 -3.84 -40.37 32.37
CA ILE A 3768 -3.56 -41.79 32.25
C ILE A 3768 -2.50 -42.06 31.19
N ALA A 3769 -2.61 -41.38 30.05
CA ALA A 3769 -1.65 -41.55 28.98
C ALA A 3769 -0.26 -41.09 29.40
N TRP A 3770 -0.17 -39.97 30.11
CA TRP A 3770 1.12 -39.51 30.61
C TRP A 3770 1.76 -40.57 31.51
N HIS A 3771 0.97 -41.13 32.43
CA HIS A 3771 1.53 -42.13 33.34
C HIS A 3771 1.98 -43.37 32.59
N LYS A 3772 1.17 -43.82 31.62
CA LYS A 3772 1.56 -44.99 30.83
C LYS A 3772 2.82 -44.72 30.02
N LYS A 3773 2.98 -43.51 29.51
CA LYS A 3773 4.19 -43.16 28.78
C LYS A 3773 5.42 -43.21 29.69
N THR A 3774 5.29 -42.69 30.91
CA THR A 3774 6.47 -42.60 31.78
C THR A 3774 6.87 -43.97 32.34
N GLN A 3775 5.88 -44.78 32.76
CA GLN A 3775 6.25 -46.05 33.39
C GLN A 3775 6.54 -47.15 32.37
N GLU A 3776 6.24 -46.92 31.10
CA GLU A 3776 6.61 -47.89 30.08
C GLU A 3776 8.12 -47.97 29.92
N ASP A 3777 8.82 -46.84 30.06
CA ASP A 3777 10.27 -46.87 30.00
C ASP A 3777 10.85 -47.79 31.06
N THR A 3778 10.34 -47.70 32.29
CA THR A 3778 10.85 -48.56 33.36
C THR A 3778 10.42 -50.01 33.17
N SER A 3779 9.11 -50.25 33.21
CA SER A 3779 8.55 -51.60 33.18
C SER A 3779 7.16 -51.56 33.82
N GLY A 3786 -3.43 -56.30 35.64
CA GLY A 3786 -2.03 -56.27 36.00
C GLY A 3786 -1.73 -55.23 37.06
N GLN A 3787 -0.75 -55.53 37.90
CA GLN A 3787 -0.38 -54.66 39.02
C GLN A 3787 -0.32 -53.20 38.57
N PRO A 3788 0.54 -52.84 37.62
CA PRO A 3788 0.60 -51.46 37.15
C PRO A 3788 -0.62 -51.04 36.33
N GLU A 3789 -1.48 -51.97 35.91
CA GLU A 3789 -2.50 -51.64 34.92
C GLU A 3789 -3.43 -50.55 35.43
N ASN A 3790 -3.32 -50.18 36.70
CA ASN A 3790 -3.99 -48.98 37.18
C ASN A 3790 -2.96 -48.04 37.81
N MET A 3791 -3.13 -46.74 37.56
CA MET A 3791 -2.13 -45.76 37.96
C MET A 3791 -2.09 -45.61 39.47
N ASP A 3792 -3.17 -45.06 40.03
CA ASP A 3792 -3.38 -45.04 41.47
C ASP A 3792 -4.72 -44.34 41.70
N SER A 3793 -5.35 -44.68 42.82
CA SER A 3793 -6.67 -44.12 43.09
C SER A 3793 -6.61 -42.61 43.35
N GLN A 3794 -5.60 -42.15 44.08
CA GLN A 3794 -5.54 -40.78 44.55
C GLN A 3794 -4.68 -39.87 43.68
N GLN A 3795 -3.58 -40.41 43.13
CA GLN A 3795 -2.71 -39.60 42.28
C GLN A 3795 -3.44 -39.09 41.04
N LEU A 3796 -4.26 -39.95 40.43
CA LEU A 3796 -5.06 -39.51 39.29
C LEU A 3796 -5.93 -38.32 39.65
N VAL A 3797 -6.67 -38.42 40.76
CA VAL A 3797 -7.57 -37.35 41.17
C VAL A 3797 -6.79 -36.08 41.44
N SER A 3798 -5.67 -36.19 42.14
CA SER A 3798 -4.88 -35.01 42.47
C SER A 3798 -4.41 -34.29 41.21
N LEU A 3799 -3.85 -35.05 40.26
CA LEU A 3799 -3.33 -34.41 39.06
C LEU A 3799 -4.46 -33.78 38.24
N VAL A 3800 -5.59 -34.48 38.12
CA VAL A 3800 -6.70 -33.92 37.35
C VAL A 3800 -7.20 -32.64 37.99
N GLN A 3801 -7.34 -32.63 39.32
CA GLN A 3801 -7.81 -31.43 39.99
C GLN A 3801 -6.83 -30.28 39.82
N LYS A 3802 -5.53 -30.55 39.91
CA LYS A 3802 -4.55 -29.49 39.67
C LYS A 3802 -4.72 -28.87 38.30
N ALA A 3803 -4.82 -29.71 37.28
CA ALA A 3803 -4.94 -29.20 35.91
C ALA A 3803 -6.22 -28.40 35.75
N VAL A 3804 -7.33 -28.91 36.26
CA VAL A 3804 -8.61 -28.21 36.10
C VAL A 3804 -8.59 -26.89 36.84
N THR A 3805 -7.96 -26.84 38.01
CA THR A 3805 -7.88 -25.59 38.76
C THR A 3805 -7.07 -24.55 37.99
N ALA A 3806 -5.93 -24.96 37.42
CA ALA A 3806 -5.15 -24.02 36.63
C ALA A 3806 -5.97 -23.47 35.46
N ILE A 3807 -6.65 -24.37 34.75
CA ILE A 3807 -7.44 -23.95 33.60
C ILE A 3807 -8.54 -22.98 34.04
N MET A 3808 -9.23 -23.28 35.13
CA MET A 3808 -10.37 -22.46 35.54
C MET A 3808 -9.90 -21.10 36.05
N THR A 3809 -8.75 -21.04 36.72
CA THR A 3809 -8.24 -19.73 37.13
C THR A 3809 -7.92 -18.88 35.91
N ARG A 3810 -7.26 -19.47 34.91
CA ARG A 3810 -6.97 -18.71 33.70
C ARG A 3810 -8.25 -18.25 33.03
N LEU A 3811 -9.29 -19.09 33.04
CA LEU A 3811 -10.55 -18.71 32.42
C LEU A 3811 -11.22 -17.56 33.18
N HIS A 3812 -11.27 -17.66 34.51
CA HIS A 3812 -11.95 -16.63 35.30
C HIS A 3812 -11.26 -15.29 35.20
N ASN A 3813 -9.93 -15.27 35.15
CA ASN A 3813 -9.23 -13.99 35.01
C ASN A 3813 -9.72 -13.23 33.79
N LEU A 3814 -9.85 -13.91 32.65
CA LEU A 3814 -10.36 -13.26 31.45
C LEU A 3814 -11.86 -13.01 31.52
N ALA A 3815 -12.60 -13.84 32.24
CA ALA A 3815 -14.04 -13.65 32.32
C ALA A 3815 -14.43 -12.43 33.14
N GLN A 3816 -13.63 -12.05 34.14
CA GLN A 3816 -13.99 -10.90 34.97
C GLN A 3816 -14.06 -9.63 34.14
N PHE A 3817 -15.13 -8.85 34.32
CA PHE A 3817 -15.39 -7.64 33.55
C PHE A 3817 -15.93 -6.52 34.42
N GLU A 3818 -15.35 -6.31 35.60
CA GLU A 3818 -15.85 -5.32 36.53
C GLU A 3818 -15.27 -3.94 36.19
N GLY A 3819 -16.14 -2.93 36.17
CA GLY A 3819 -15.68 -1.57 35.96
C GLY A 3819 -15.36 -1.24 34.52
N GLY A 3820 -15.63 -2.15 33.59
CA GLY A 3820 -15.40 -1.89 32.18
C GLY A 3820 -14.04 -2.33 31.72
N GLU A 3821 -13.10 -2.50 32.65
CA GLU A 3821 -11.78 -2.96 32.29
C GLU A 3821 -11.79 -4.46 32.05
N SER A 3822 -10.77 -4.93 31.34
CA SER A 3822 -10.61 -6.35 31.06
C SER A 3822 -9.14 -6.67 30.89
N LYS A 3823 -8.75 -7.84 31.39
CA LYS A 3823 -7.39 -8.33 31.19
C LYS A 3823 -7.17 -8.81 29.78
N VAL A 3824 -8.22 -8.90 28.96
CA VAL A 3824 -8.05 -9.27 27.57
C VAL A 3824 -7.25 -8.21 26.82
N ASN A 3825 -7.42 -6.94 27.18
CA ASN A 3825 -6.64 -5.88 26.56
C ASN A 3825 -5.16 -6.06 26.86
N THR A 3826 -4.82 -6.35 28.12
CA THR A 3826 -3.44 -6.60 28.47
C THR A 3826 -2.89 -7.83 27.75
N LEU A 3827 -3.69 -8.88 27.64
CA LEU A 3827 -3.28 -10.07 26.92
C LEU A 3827 -2.96 -9.76 25.47
N VAL A 3828 -3.84 -9.00 24.80
CA VAL A 3828 -3.61 -8.64 23.40
C VAL A 3828 -2.36 -7.79 23.26
N ALA A 3829 -2.19 -6.82 24.15
CA ALA A 3829 -1.02 -5.95 24.07
C ALA A 3829 0.25 -6.74 24.25
N ALA A 3830 0.26 -7.70 25.18
CA ALA A 3830 1.43 -8.55 25.36
C ALA A 3830 1.64 -9.45 24.16
N ALA A 3831 0.56 -9.83 23.48
CA ALA A 3831 0.68 -10.73 22.34
C ALA A 3831 1.30 -10.03 21.14
N ASN A 3832 0.98 -8.75 20.94
CA ASN A 3832 1.49 -8.02 19.78
C ASN A 3832 2.61 -7.06 20.16
N SER A 3833 3.50 -7.48 21.07
CA SER A 3833 4.60 -6.64 21.52
C SER A 3833 5.92 -7.15 20.96
N LEU A 3834 6.72 -6.24 20.42
CA LEU A 3834 8.03 -6.61 19.87
C LEU A 3834 8.96 -7.12 20.94
N ASP A 3835 8.88 -6.57 22.14
CA ASP A 3835 9.81 -6.97 23.20
C ASP A 3835 9.53 -8.40 23.66
N ASN A 3836 8.31 -8.89 23.44
CA ASN A 3836 8.02 -10.29 23.70
C ASN A 3836 8.27 -11.15 22.48
N LEU A 3837 8.00 -10.62 21.29
CA LEU A 3837 8.22 -11.40 20.07
C LEU A 3837 9.69 -11.73 19.86
N CYS A 3838 10.58 -10.79 20.14
CA CYS A 3838 11.99 -11.04 19.88
C CYS A 3838 12.53 -12.21 20.69
N ARG A 3839 11.93 -12.50 21.84
CA ARG A 3839 12.36 -13.60 22.69
C ARG A 3839 11.59 -14.88 22.38
N MET A 3840 11.55 -15.27 21.11
CA MET A 3840 10.77 -16.43 20.68
C MET A 3840 11.61 -17.27 19.72
N ASP A 3841 11.26 -18.55 19.65
CA ASP A 3841 11.98 -19.47 18.79
C ASP A 3841 11.91 -18.99 17.34
N PRO A 3842 13.03 -18.88 16.63
CA PRO A 3842 12.96 -18.44 15.22
C PRO A 3842 12.18 -19.39 14.33
N ALA A 3843 12.21 -20.69 14.60
CA ALA A 3843 11.42 -21.62 13.81
C ALA A 3843 9.93 -21.31 13.89
N TRP A 3844 9.53 -20.59 14.92
CA TRP A 3844 8.13 -20.19 15.06
C TRP A 3844 7.77 -19.04 14.13
N HIS A 3845 8.75 -18.43 13.46
CA HIS A 3845 8.52 -17.36 12.51
C HIS A 3845 7.84 -16.16 13.16
N PRO A 3846 8.52 -15.48 14.11
CA PRO A 3846 7.89 -14.30 14.72
C PRO A 3846 7.59 -13.20 13.73
N TRP A 3847 8.43 -13.03 12.71
CA TRP A 3847 8.22 -11.96 11.74
C TRP A 3847 6.92 -12.15 10.97
N LEU A 3848 6.65 -13.37 10.54
CA LEU A 3848 5.45 -13.63 9.75
C LEU A 3848 4.22 -13.44 10.59
N MET B 1 6.73 88.95 29.75
CA MET B 1 6.37 88.00 28.67
C MET B 1 7.42 88.05 27.57
N LYS B 2 8.62 87.57 27.90
CA LYS B 2 9.76 87.73 27.02
C LYS B 2 10.55 86.42 26.98
N ARG B 3 11.23 86.20 25.86
CA ARG B 3 12.01 84.99 25.70
C ARG B 3 13.09 84.89 26.77
N VAL B 4 13.20 83.71 27.37
CA VAL B 4 14.18 83.50 28.43
C VAL B 4 15.58 83.69 27.87
N ARG B 5 16.53 83.88 28.77
CA ARG B 5 17.92 84.10 28.39
C ARG B 5 18.72 82.80 28.47
N THR B 6 19.94 82.85 27.94
CA THR B 6 20.80 81.67 27.94
C THR B 6 21.09 81.18 29.34
N GLU B 7 21.43 82.10 30.25
CA GLU B 7 21.77 81.70 31.61
C GLU B 7 20.56 81.14 32.36
N GLN B 8 19.38 81.72 32.16
CA GLN B 8 18.20 81.23 32.86
C GLN B 8 17.99 79.74 32.65
N ILE B 9 18.37 79.23 31.48
CA ILE B 9 18.24 77.80 31.22
C ILE B 9 19.13 77.00 32.16
N GLN B 10 20.40 77.41 32.29
CA GLN B 10 21.29 76.77 33.24
C GLN B 10 20.75 76.89 34.66
N MET B 11 20.12 78.02 34.96
CA MET B 11 19.55 78.22 36.30
C MET B 11 18.47 77.20 36.58
N ALA B 12 17.54 77.02 35.64
CA ALA B 12 16.48 76.02 35.82
C ALA B 12 17.05 74.61 35.88
N VAL B 13 18.08 74.33 35.08
CA VAL B 13 18.70 73.00 35.10
C VAL B 13 19.29 72.74 36.48
N SER B 14 20.01 73.72 37.04
CA SER B 14 20.58 73.55 38.37
C SER B 14 19.49 73.38 39.42
N CYS B 15 18.39 74.15 39.31
CA CYS B 15 17.31 73.98 40.26
C CYS B 15 16.74 72.58 40.22
N TYR B 16 16.52 72.05 39.02
CA TYR B 16 16.06 70.67 38.88
C TYR B 16 17.04 69.70 39.54
N LEU B 17 18.33 69.83 39.21
CA LEU B 17 19.32 68.90 39.74
C LEU B 17 19.35 68.93 41.25
N LYS B 18 19.28 70.13 41.85
CA LYS B 18 19.26 70.21 43.30
C LYS B 18 18.02 69.57 43.89
N ARG B 19 16.84 69.89 43.33
CA ARG B 19 15.61 69.33 43.88
C ARG B 19 15.64 67.81 43.86
N ARG B 20 16.07 67.22 42.75
CA ARG B 20 16.07 65.76 42.67
C ARG B 20 17.28 65.13 43.35
N GLN B 21 18.10 65.90 44.04
CA GLN B 21 19.26 65.36 44.75
C GLN B 21 20.18 64.60 43.82
N TYR B 22 20.75 65.29 42.84
CA TYR B 22 21.78 64.69 42.00
C TYR B 22 23.17 65.17 42.38
N VAL B 23 23.29 66.39 42.91
CA VAL B 23 24.57 66.99 43.22
C VAL B 23 24.60 67.36 44.70
N ASP B 24 25.79 67.68 45.18
CA ASP B 24 25.98 68.01 46.58
C ASP B 24 25.25 69.29 46.94
N SER B 25 25.32 69.65 48.22
CA SER B 25 24.62 70.84 48.71
C SER B 25 25.46 72.10 48.49
N ASP B 26 25.90 72.30 47.25
CA ASP B 26 26.64 73.50 46.88
C ASP B 26 26.79 73.48 45.37
N GLY B 27 27.51 74.47 44.84
CA GLY B 27 27.77 74.54 43.43
C GLY B 27 28.67 73.41 42.98
N PRO B 28 28.13 72.43 42.22
CA PRO B 28 28.91 71.26 41.82
C PRO B 28 29.77 71.50 40.58
N LEU B 29 30.46 72.64 40.56
CA LEU B 29 31.34 72.95 39.45
C LEU B 29 32.47 71.94 39.36
N LYS B 30 32.82 71.32 40.49
CA LYS B 30 33.71 70.16 40.46
C LYS B 30 33.08 69.03 39.65
N GLN B 31 31.79 68.80 39.84
CA GLN B 31 31.10 67.70 39.19
C GLN B 31 30.81 68.02 37.73
N GLY B 32 30.57 66.97 36.95
CA GLY B 32 30.32 67.13 35.53
C GLY B 32 31.44 66.56 34.68
N LEU B 33 32.14 65.55 35.22
CA LEU B 33 33.22 64.87 34.51
C LEU B 33 32.84 63.49 34.01
N ARG B 34 31.97 62.77 34.72
CA ARG B 34 31.70 61.36 34.43
C ARG B 34 30.82 61.27 33.18
N LEU B 35 31.46 61.52 32.03
CA LEU B 35 30.80 61.48 30.74
C LEU B 35 31.39 60.43 29.81
N SER B 36 32.03 59.41 30.36
CA SER B 36 32.58 58.33 29.56
C SER B 36 33.15 57.29 30.51
N GLN B 37 33.51 56.13 29.97
CA GLN B 37 34.05 55.06 30.79
C GLN B 37 34.60 53.97 29.87
N THR B 38 35.34 53.05 30.47
CA THR B 38 35.90 51.94 29.72
C THR B 38 35.02 50.70 29.86
N ALA B 39 35.44 49.62 29.20
CA ALA B 39 34.62 48.41 29.16
C ALA B 39 34.45 47.79 30.54
N GLU B 40 35.54 47.58 31.27
CA GLU B 40 35.45 46.90 32.55
C GLU B 40 34.59 47.67 33.53
N GLU B 41 34.75 48.99 33.59
CA GLU B 41 33.94 49.77 34.53
C GLU B 41 32.50 49.89 34.09
N MET B 42 32.22 49.86 32.77
CA MET B 42 30.83 49.73 32.34
C MET B 42 30.24 48.42 32.84
N ALA B 43 31.00 47.33 32.72
CA ALA B 43 30.52 46.05 33.23
C ALA B 43 30.25 46.13 34.72
N ALA B 44 31.14 46.80 35.47
CA ALA B 44 30.92 46.96 36.90
C ALA B 44 29.66 47.75 37.19
N ASN B 45 29.46 48.87 36.48
CA ASN B 45 28.25 49.66 36.68
C ASN B 45 27.00 48.84 36.42
N LEU B 46 26.99 48.09 35.31
CA LEU B 46 25.81 47.32 34.96
C LEU B 46 25.58 46.17 35.93
N THR B 47 26.65 45.59 36.47
CA THR B 47 26.49 44.54 37.46
C THR B 47 25.96 45.09 38.77
N VAL B 48 26.39 46.29 39.16
CA VAL B 48 25.88 46.91 40.37
C VAL B 48 24.41 47.25 40.20
N GLN B 49 24.03 47.79 39.04
CA GLN B 49 22.63 48.12 38.82
C GLN B 49 21.77 46.88 38.61
N SER B 50 22.36 45.76 38.21
CA SER B 50 21.58 44.55 38.00
C SER B 50 21.09 43.95 39.32
N GLU B 51 21.89 44.06 40.37
CA GLU B 51 21.55 43.49 41.67
C GLU B 51 21.01 44.54 42.64
N SER B 52 20.75 45.75 42.15
CA SER B 52 20.23 46.83 42.99
C SER B 52 18.71 46.81 43.07
N GLY B 53 18.09 45.68 42.79
CA GLY B 53 16.64 45.58 42.85
C GLY B 53 16.17 44.23 42.40
N CYS B 54 14.86 44.04 42.44
CA CYS B 54 14.22 42.80 42.03
C CYS B 54 13.37 43.07 40.80
N ALA B 55 13.56 42.24 39.77
CA ALA B 55 12.89 42.49 38.49
C ALA B 55 11.38 42.30 38.56
N ASN B 56 10.90 41.46 39.47
CA ASN B 56 9.48 41.12 39.48
C ASN B 56 9.10 40.64 40.87
N ILE B 57 8.15 41.34 41.50
CA ILE B 57 7.70 40.99 42.84
C ILE B 57 6.20 40.82 42.84
N VAL B 58 5.47 41.85 42.41
CA VAL B 58 4.03 41.90 42.64
C VAL B 58 3.34 40.73 41.96
N SER B 59 3.70 40.45 40.71
CA SER B 59 3.00 39.42 39.95
C SER B 59 3.69 38.07 40.07
N ALA B 60 5.00 38.05 40.32
CA ALA B 60 5.73 36.80 40.37
C ALA B 60 5.34 35.91 41.53
N ALA B 61 4.62 36.44 42.53
CA ALA B 61 4.34 35.69 43.73
C ALA B 61 2.87 35.27 43.79
N PRO B 62 2.55 34.16 44.45
CA PRO B 62 1.15 33.74 44.54
C PRO B 62 0.37 34.61 45.52
N CYS B 63 -0.93 34.71 45.29
CA CYS B 63 -1.81 35.52 46.12
C CYS B 63 -2.80 34.69 46.92
N GLN B 64 -3.24 33.55 46.39
CA GLN B 64 -4.13 32.68 47.13
C GLN B 64 -3.45 32.20 48.40
N ALA B 65 -4.23 32.09 49.48
CA ALA B 65 -3.72 31.61 50.76
C ALA B 65 -4.15 30.15 50.92
N GLU B 66 -3.30 29.25 50.42
CA GLU B 66 -3.58 27.82 50.43
C GLU B 66 -2.26 27.08 50.61
N PRO B 67 -1.84 26.89 51.87
CA PRO B 67 -0.51 26.32 52.10
C PRO B 67 -0.35 24.89 51.58
N GLN B 68 -1.43 24.19 51.31
CA GLN B 68 -1.34 22.83 50.78
C GLN B 68 -0.56 22.75 49.47
N GLN B 69 -0.52 23.83 48.69
CA GLN B 69 0.06 23.80 47.35
C GLN B 69 1.56 23.55 47.36
N TYR B 70 2.29 24.09 48.34
CA TYR B 70 3.74 23.98 48.32
C TYR B 70 4.17 22.53 48.14
N GLU B 71 3.41 21.60 48.69
CA GLU B 71 3.69 20.18 48.46
C GLU B 71 3.43 19.80 47.02
N VAL B 72 2.29 20.19 46.47
CA VAL B 72 1.88 19.73 45.14
C VAL B 72 2.86 20.20 44.08
N GLN B 73 3.25 21.48 44.14
CA GLN B 73 4.15 22.00 43.12
C GLN B 73 5.46 21.24 43.10
N PHE B 74 6.09 21.09 44.27
CA PHE B 74 7.36 20.40 44.33
C PHE B 74 7.22 18.94 43.94
N GLY B 75 6.10 18.30 44.29
CA GLY B 75 5.91 16.91 43.90
C GLY B 75 5.78 16.74 42.41
N ARG B 76 4.99 17.60 41.76
CA ARG B 76 4.88 17.54 40.30
C ARG B 76 6.23 17.78 39.65
N LEU B 77 6.99 18.76 40.14
CA LEU B 77 8.29 19.01 39.56
C LEU B 77 9.21 17.81 39.70
N ARG B 78 9.23 17.17 40.87
CA ARG B 78 10.07 15.99 41.05
C ARG B 78 9.65 14.86 40.13
N ASN B 79 8.36 14.59 40.05
CA ASN B 79 7.90 13.55 39.14
C ASN B 79 8.33 13.83 37.71
N PHE B 80 8.16 15.07 37.24
CA PHE B 80 8.53 15.38 35.87
C PHE B 80 10.04 15.22 35.66
N LEU B 81 10.85 15.71 36.60
CA LEU B 81 12.29 15.61 36.42
C LEU B 81 12.78 14.17 36.54
N THR B 82 11.98 13.28 37.13
CA THR B 82 12.42 11.90 37.26
C THR B 82 12.20 11.11 35.97
N ASP B 83 10.95 11.03 35.50
CA ASP B 83 10.65 10.17 34.36
C ASP B 83 11.31 10.68 33.08
N SER B 84 11.80 11.91 33.09
CA SER B 84 12.50 12.44 31.92
C SER B 84 13.76 11.62 31.65
N ASP B 85 14.04 11.41 30.37
CA ASP B 85 15.18 10.61 29.94
C ASP B 85 15.97 11.41 28.90
N SER B 86 16.18 12.70 29.19
CA SER B 86 16.88 13.60 28.30
C SER B 86 18.20 14.01 28.93
N GLN B 87 19.06 14.60 28.10
CA GLN B 87 20.31 15.17 28.62
C GLN B 87 20.07 16.47 29.35
N HIS B 88 18.92 17.12 29.12
CA HIS B 88 18.58 18.30 29.90
C HIS B 88 18.17 17.94 31.32
N SER B 89 17.33 16.90 31.48
CA SER B 89 16.94 16.47 32.82
C SER B 89 18.16 16.36 33.73
N HIS B 90 19.30 15.97 33.17
CA HIS B 90 20.55 16.07 33.90
C HIS B 90 20.84 17.50 34.34
N GLU B 91 21.01 18.41 33.37
CA GLU B 91 21.55 19.72 33.69
C GLU B 91 20.61 20.53 34.58
N VAL B 92 19.33 20.18 34.61
CA VAL B 92 18.35 20.95 35.38
C VAL B 92 18.03 20.21 36.67
N MET B 93 18.86 19.24 37.04
CA MET B 93 18.68 18.50 38.28
C MET B 93 19.20 19.26 39.49
N PRO B 94 20.39 19.86 39.43
CA PRO B 94 20.96 20.49 40.63
C PRO B 94 20.04 21.49 41.32
N LEU B 95 19.04 22.02 40.63
CA LEU B 95 18.22 23.08 41.21
C LEU B 95 17.39 22.60 42.39
N LEU B 96 17.15 21.28 42.50
CA LEU B 96 16.22 20.78 43.50
C LEU B 96 16.67 21.13 44.92
N TYR B 97 17.97 21.06 45.19
CA TYR B 97 18.45 21.31 46.55
C TYR B 97 18.17 22.73 47.02
N PRO B 98 18.62 23.79 46.33
CA PRO B 98 18.21 25.14 46.76
C PRO B 98 16.72 25.33 46.80
N LEU B 99 15.99 24.73 45.86
CA LEU B 99 14.54 24.85 45.87
C LEU B 99 13.97 24.33 47.18
N PHE B 100 14.36 23.13 47.59
CA PHE B 100 13.84 22.56 48.82
C PHE B 100 14.23 23.40 50.03
N VAL B 101 15.51 23.77 50.14
CA VAL B 101 15.92 24.52 51.32
C VAL B 101 15.14 25.81 51.42
N TYR B 102 15.01 26.55 50.31
CA TYR B 102 14.37 27.85 50.36
C TYR B 102 12.87 27.73 50.57
N LEU B 103 12.23 26.74 49.95
CA LEU B 103 10.81 26.54 50.18
C LEU B 103 10.53 26.21 51.64
N HIS B 104 11.36 25.35 52.24
CA HIS B 104 11.18 25.04 53.66
C HIS B 104 11.38 26.28 54.52
N LEU B 105 12.45 27.03 54.25
CA LEU B 105 12.74 28.20 55.06
C LEU B 105 11.63 29.23 54.95
N ASN B 106 11.00 29.35 53.77
CA ASN B 106 9.91 30.31 53.63
C ASN B 106 8.64 29.79 54.26
N LEU B 107 8.42 28.48 54.22
CA LEU B 107 7.31 27.89 54.98
C LEU B 107 7.42 28.26 56.45
N VAL B 108 8.63 28.14 57.00
CA VAL B 108 8.81 28.39 58.44
C VAL B 108 8.31 29.79 58.80
N GLN B 109 8.69 30.81 58.04
CA GLN B 109 8.34 32.17 58.42
C GLN B 109 6.83 32.43 58.35
N ASN B 110 6.09 31.68 57.55
CA ASN B 110 4.63 31.76 57.60
C ASN B 110 4.01 30.42 57.25
N SER B 111 3.74 29.59 58.25
CA SER B 111 3.04 28.34 58.02
C SER B 111 2.65 27.72 59.36
N PRO B 112 1.38 27.32 59.56
CA PRO B 112 1.03 26.64 60.80
C PRO B 112 1.71 25.28 60.89
N LYS B 113 1.88 24.79 62.12
CA LYS B 113 2.81 23.69 62.38
C LYS B 113 2.49 22.45 61.55
N SER B 114 1.25 22.25 61.14
CA SER B 114 0.89 21.01 60.46
C SER B 114 1.71 20.81 59.19
N THR B 115 1.86 21.87 58.38
CA THR B 115 2.39 21.73 57.04
C THR B 115 3.88 21.35 57.00
N VAL B 116 4.69 22.02 57.82
CA VAL B 116 6.15 21.92 57.67
C VAL B 116 6.61 20.49 57.89
N GLU B 117 6.02 19.80 58.88
CA GLU B 117 6.46 18.43 59.17
C GLU B 117 6.14 17.49 58.02
N SER B 118 4.92 17.56 57.50
CA SER B 118 4.59 16.75 56.33
C SER B 118 5.55 17.04 55.19
N PHE B 119 5.86 18.32 54.98
CA PHE B 119 6.81 18.68 53.92
C PHE B 119 8.15 18.00 54.14
N TYR B 120 8.71 18.12 55.33
CA TYR B 120 10.03 17.52 55.58
C TYR B 120 9.99 16.02 55.36
N SER B 121 8.93 15.37 55.84
CA SER B 121 8.83 13.93 55.69
C SER B 121 8.76 13.51 54.24
N ARG B 122 8.05 14.27 53.40
CA ARG B 122 7.69 13.77 52.08
C ARG B 122 8.86 13.72 51.11
N PHE B 123 9.93 14.51 51.32
CA PHE B 123 10.98 14.64 50.31
C PHE B 123 12.40 14.59 50.87
N HIS B 124 12.57 14.68 52.19
CA HIS B 124 13.91 14.88 52.75
C HIS B 124 14.91 13.82 52.33
N GLY B 125 14.47 12.61 52.02
CA GLY B 125 15.38 11.52 51.76
C GLY B 125 15.98 11.49 50.37
N MET B 126 16.48 12.63 49.89
CA MET B 126 17.25 12.64 48.65
C MET B 126 18.45 13.57 48.68
N PHE B 127 18.73 14.21 49.82
CA PHE B 127 19.87 15.11 49.92
C PHE B 127 20.87 14.61 50.95
N LEU B 128 21.12 13.30 50.95
CA LEU B 128 21.98 12.68 51.95
C LEU B 128 23.30 12.18 51.39
N GLN B 129 23.32 11.62 50.17
CA GLN B 129 24.52 10.94 49.69
C GLN B 129 25.72 11.88 49.69
N ASN B 130 25.55 13.10 49.19
CA ASN B 130 26.63 14.08 49.24
C ASN B 130 26.90 14.43 50.70
N ALA B 131 28.15 14.74 51.01
CA ALA B 131 28.50 15.11 52.37
C ALA B 131 28.30 16.60 52.64
N SER B 132 28.70 17.45 51.70
CA SER B 132 28.68 18.88 51.96
C SER B 132 27.28 19.38 52.28
N GLN B 133 26.25 18.65 51.85
CA GLN B 133 24.88 19.12 51.98
C GLN B 133 24.07 18.35 53.00
N LYS B 134 24.60 17.23 53.52
CA LYS B 134 23.91 16.53 54.60
C LYS B 134 23.87 17.37 55.86
N ASP B 135 24.92 18.14 56.13
CA ASP B 135 24.97 18.98 57.31
C ASP B 135 23.71 19.82 57.47
N VAL B 136 23.44 20.71 56.50
CA VAL B 136 22.34 21.63 56.66
C VAL B 136 21.00 20.93 56.54
N ILE B 137 20.92 19.90 55.69
CA ILE B 137 19.69 19.15 55.59
C ILE B 137 19.29 18.59 56.94
N GLU B 138 20.26 18.09 57.71
CA GLU B 138 19.95 17.61 59.05
C GLU B 138 19.66 18.77 59.99
N GLN B 139 20.49 19.82 59.95
CA GLN B 139 20.28 20.98 60.81
C GLN B 139 18.85 21.50 60.74
N LEU B 140 18.27 21.56 59.54
CA LEU B 140 16.92 22.09 59.40
C LEU B 140 15.92 21.32 60.24
N GLN B 141 16.16 20.03 60.48
CA GLN B 141 15.18 19.18 61.14
C GLN B 141 14.72 19.81 62.46
N THR B 142 15.65 20.42 63.20
CA THR B 142 15.31 21.08 64.46
C THR B 142 15.19 22.58 64.20
N THR B 143 14.02 22.98 63.72
CA THR B 143 13.76 24.38 63.39
C THR B 143 12.27 24.60 63.28
N GLN B 144 11.72 25.41 64.18
CA GLN B 144 10.31 25.79 64.08
C GLN B 144 10.09 27.28 63.91
N THR B 145 10.65 28.08 64.81
CA THR B 145 10.31 29.51 64.84
C THR B 145 11.39 30.33 64.16
N ILE B 146 11.07 31.60 63.90
CA ILE B 146 11.99 32.47 63.17
C ILE B 146 13.31 32.58 63.89
N GLN B 147 13.31 32.58 65.21
CA GLN B 147 14.57 32.67 65.95
C GLN B 147 15.52 31.56 65.55
N ASP B 148 14.98 30.43 65.09
CA ASP B 148 15.82 29.37 64.57
C ASP B 148 16.72 29.87 63.45
N ILE B 149 16.13 30.56 62.47
CA ILE B 149 16.87 30.94 61.27
C ILE B 149 17.87 32.05 61.58
N LEU B 150 17.45 33.07 62.33
CA LEU B 150 18.37 34.14 62.68
C LEU B 150 19.50 33.64 63.58
N SER B 151 19.16 32.86 64.61
CA SER B 151 20.17 32.32 65.50
C SER B 151 21.20 31.51 64.75
N ASN B 152 20.77 30.43 64.12
CA ASN B 152 21.71 29.51 63.47
C ASN B 152 22.65 30.27 62.56
N PHE B 153 23.83 29.70 62.32
CA PHE B 153 24.85 30.38 61.54
C PHE B 153 24.78 29.98 60.07
N LYS B 154 24.51 28.71 59.78
CA LYS B 154 24.50 28.27 58.39
C LYS B 154 23.25 28.74 57.66
N LEU B 155 22.10 28.72 58.35
CA LEU B 155 20.87 29.22 57.74
C LEU B 155 21.01 30.66 57.30
N ARG B 156 21.82 31.45 58.00
CA ARG B 156 21.85 32.89 57.76
C ARG B 156 22.34 33.20 56.35
N ALA B 157 23.54 32.73 56.00
CA ALA B 157 24.10 33.06 54.69
C ALA B 157 23.13 32.65 53.57
N PHE B 158 22.40 31.57 53.76
CA PHE B 158 21.34 31.23 52.81
C PHE B 158 20.27 32.30 52.79
N LEU B 159 19.78 32.70 53.95
CA LEU B 159 18.67 33.63 54.01
C LEU B 159 19.04 34.98 53.39
N ASP B 160 20.25 35.46 53.65
CA ASP B 160 20.61 36.82 53.26
C ASP B 160 21.46 36.84 51.99
N ASN B 161 21.62 35.69 51.34
CA ASN B 161 22.30 35.64 50.07
C ASN B 161 21.61 34.68 49.11
N LYS B 162 22.02 34.74 47.85
CA LYS B 162 21.43 33.93 46.80
C LYS B 162 22.34 32.75 46.47
N TYR B 163 21.70 31.66 46.04
CA TYR B 163 22.39 30.47 45.59
C TYR B 163 22.66 30.58 44.10
N VAL B 164 23.84 30.15 43.68
CA VAL B 164 24.23 30.24 42.28
C VAL B 164 24.02 28.89 41.60
N VAL B 165 23.58 28.93 40.35
CA VAL B 165 23.47 27.76 39.50
C VAL B 165 23.87 28.17 38.10
N ARG B 166 24.44 27.25 37.34
CA ARG B 166 24.91 27.53 35.99
C ARG B 166 24.14 26.64 35.01
N LEU B 167 23.61 27.25 33.95
CA LEU B 167 22.84 26.51 32.96
C LEU B 167 23.23 26.96 31.56
N GLN B 168 23.00 26.08 30.60
CA GLN B 168 23.02 26.47 29.20
C GLN B 168 21.68 27.12 28.83
N GLU B 169 21.65 27.73 27.65
CA GLU B 169 20.41 28.32 27.17
C GLU B 169 19.34 27.25 26.95
N ASP B 170 19.73 26.12 26.35
CA ASP B 170 18.77 25.05 26.09
C ASP B 170 18.17 24.54 27.40
N SER B 171 19.01 24.36 28.42
CA SER B 171 18.51 23.90 29.70
C SER B 171 17.56 24.90 30.33
N TYR B 172 17.88 26.19 30.28
CA TYR B 172 16.99 27.19 30.86
C TYR B 172 15.65 27.21 30.15
N ASN B 173 15.66 27.11 28.82
CA ASN B 173 14.39 27.00 28.11
C ASN B 173 13.65 25.73 28.47
N TYR B 174 14.40 24.67 28.80
CA TYR B 174 13.76 23.44 29.27
C TYR B 174 12.97 23.70 30.55
N LEU B 175 13.53 24.50 31.46
CA LEU B 175 12.83 24.82 32.69
C LEU B 175 11.66 25.75 32.44
N ILE B 176 11.82 26.70 31.51
CA ILE B 176 10.75 27.67 31.26
C ILE B 176 9.55 27.01 30.61
N ARG B 177 9.78 26.09 29.67
CA ARG B 177 8.67 25.37 29.05
C ARG B 177 7.80 24.71 30.11
N TYR B 178 8.42 24.06 31.10
CA TYR B 178 7.65 23.43 32.16
C TYR B 178 6.99 24.48 33.04
N LEU B 179 7.73 25.50 33.46
CA LEU B 179 7.18 26.49 34.38
C LEU B 179 5.91 27.10 33.83
N GLN B 180 5.86 27.36 32.52
CA GLN B 180 4.68 28.01 31.97
C GLN B 180 3.53 27.03 31.74
N SER B 181 3.78 25.72 31.82
CA SER B 181 2.75 24.75 31.46
C SER B 181 1.55 24.80 32.39
N ASP B 182 1.74 25.23 33.64
CA ASP B 182 0.66 25.21 34.62
C ASP B 182 1.09 26.07 35.80
N ASN B 183 0.16 26.27 36.74
CA ASN B 183 0.43 27.09 37.90
C ASN B 183 1.64 26.55 38.66
N ASN B 184 2.72 27.32 38.67
CA ASN B 184 3.90 26.99 39.46
C ASN B 184 4.41 28.26 40.11
N THR B 185 3.49 29.06 40.62
CA THR B 185 3.81 30.41 41.08
C THR B 185 4.80 30.41 42.24
N ALA B 186 4.60 29.54 43.24
CA ALA B 186 5.49 29.53 44.38
C ALA B 186 6.93 29.34 43.96
N LEU B 187 7.19 28.38 43.07
CA LEU B 187 8.54 28.17 42.58
C LEU B 187 9.06 29.42 41.87
N CYS B 188 8.20 30.12 41.13
CA CYS B 188 8.62 31.34 40.47
C CYS B 188 9.05 32.40 41.47
N LYS B 189 8.34 32.52 42.60
CA LYS B 189 8.75 33.45 43.64
C LYS B 189 10.13 33.11 44.17
N VAL B 190 10.37 31.82 44.44
CA VAL B 190 11.66 31.40 44.97
C VAL B 190 12.77 31.72 43.97
N LEU B 191 12.55 31.39 42.69
CA LEU B 191 13.56 31.68 41.69
C LEU B 191 13.80 33.18 41.57
N THR B 192 12.73 33.98 41.68
CA THR B 192 12.87 35.42 41.55
C THR B 192 13.69 36.03 42.67
N LEU B 193 13.39 35.65 43.92
CA LEU B 193 13.98 36.36 45.05
C LEU B 193 15.31 35.77 45.49
N HIS B 194 15.41 34.45 45.57
CA HIS B 194 16.51 33.80 46.28
C HIS B 194 17.52 33.13 45.37
N ILE B 195 17.11 32.32 44.41
CA ILE B 195 18.04 31.63 43.52
C ILE B 195 18.52 32.61 42.48
N HIS B 196 19.73 32.38 41.97
CA HIS B 196 20.34 33.24 40.95
C HIS B 196 20.87 32.34 39.84
N LEU B 197 20.02 32.02 38.87
CA LEU B 197 20.47 31.29 37.70
C LEU B 197 21.37 32.18 36.85
N ASP B 198 22.29 31.57 36.13
CA ASP B 198 23.23 32.29 35.26
C ASP B 198 23.28 31.56 33.93
N VAL B 199 22.81 32.22 32.89
CA VAL B 199 22.75 31.63 31.56
C VAL B 199 23.80 32.30 30.69
N GLN B 200 24.54 31.48 29.95
CA GLN B 200 25.54 31.95 29.01
C GLN B 200 25.42 31.11 27.75
N PRO B 201 25.87 31.64 26.61
CA PRO B 201 25.64 30.93 25.35
C PRO B 201 26.41 29.63 25.28
N ALA B 202 25.81 28.66 24.61
CA ALA B 202 26.45 27.36 24.44
C ALA B 202 27.63 27.47 23.48
N LYS B 203 28.42 26.41 23.41
CA LYS B 203 29.59 26.38 22.54
C LYS B 203 29.25 25.80 21.17
N SER B 255 50.88 59.16 -4.38
CA SER B 255 49.98 58.16 -3.85
C SER B 255 48.62 58.75 -3.50
N LEU B 256 48.04 59.48 -4.44
CA LEU B 256 46.74 60.10 -4.22
C LEU B 256 45.61 59.14 -4.59
N THR B 257 44.42 59.42 -4.09
CA THR B 257 43.31 58.49 -4.19
C THR B 257 42.85 58.34 -5.64
N THR B 258 42.01 57.34 -5.85
CA THR B 258 41.44 57.04 -7.17
C THR B 258 39.94 56.81 -7.02
N ILE B 259 39.17 57.39 -7.93
CA ILE B 259 37.72 57.36 -7.88
C ILE B 259 37.20 56.41 -8.94
N CYS B 260 36.34 55.49 -8.54
CA CYS B 260 35.57 54.65 -9.46
C CYS B 260 34.14 55.20 -9.50
N PHE B 261 33.67 55.54 -10.68
CA PHE B 261 32.39 56.20 -10.87
C PHE B 261 31.46 55.34 -11.69
N TYR B 262 30.16 55.47 -11.43
CA TYR B 262 29.14 54.72 -12.15
C TYR B 262 28.05 55.68 -12.61
N ALA B 263 27.44 55.38 -13.74
CA ALA B 263 26.42 56.23 -14.33
C ALA B 263 25.29 55.38 -14.88
N PHE B 264 24.05 55.83 -14.63
CA PHE B 264 22.85 55.20 -15.16
C PHE B 264 22.27 56.11 -16.22
N TYR B 265 21.96 55.53 -17.39
CA TYR B 265 21.55 56.34 -18.55
C TYR B 265 20.04 56.45 -18.66
N ASN B 266 19.36 55.32 -18.79
CA ASN B 266 17.93 55.31 -19.09
C ASN B 266 17.15 55.08 -17.81
N THR B 267 16.94 56.16 -17.07
CA THR B 267 16.17 56.12 -15.82
C THR B 267 14.91 56.96 -15.90
N GLU B 268 15.01 58.21 -16.34
CA GLU B 268 13.85 59.05 -16.58
C GLU B 268 13.09 59.34 -15.29
N GLN B 269 13.80 59.92 -14.32
CA GLN B 269 13.19 60.45 -13.11
C GLN B 269 12.56 59.34 -12.27
N LEU B 270 13.18 58.16 -12.30
CA LEU B 270 12.69 57.03 -11.54
C LEU B 270 13.71 56.44 -10.59
N LEU B 271 14.99 56.54 -10.90
CA LEU B 271 16.02 56.06 -9.99
C LEU B 271 15.99 56.85 -8.70
N ASN B 272 16.05 56.15 -7.57
CA ASN B 272 15.95 56.77 -6.26
C ASN B 272 17.20 56.58 -5.40
N THR B 273 17.86 55.43 -5.49
CA THR B 273 19.01 55.15 -4.65
C THR B 273 19.77 53.97 -5.23
N ALA B 274 21.00 53.78 -4.76
CA ALA B 274 21.83 52.67 -5.19
C ALA B 274 22.93 52.42 -4.18
N GLU B 275 23.52 51.23 -4.23
CA GLU B 275 24.51 50.81 -3.24
C GLU B 275 25.39 49.72 -3.84
N ILE B 276 26.53 49.49 -3.20
CA ILE B 276 27.46 48.43 -3.57
C ILE B 276 27.78 47.61 -2.34
N SER B 277 27.92 46.30 -2.53
CA SER B 277 28.17 45.40 -1.43
C SER B 277 29.60 45.53 -0.94
N PRO B 278 29.88 45.11 0.30
CA PRO B 278 31.23 45.26 0.83
C PRO B 278 32.29 44.58 -0.01
N ASP B 279 32.05 43.35 -0.45
CA ASP B 279 33.03 42.65 -1.27
C ASP B 279 33.06 43.12 -2.72
N SER B 280 32.34 44.20 -3.03
CA SER B 280 32.43 44.85 -4.33
C SER B 280 32.23 43.84 -5.47
N LYS B 281 31.05 43.22 -5.47
CA LYS B 281 30.67 42.33 -6.55
C LYS B 281 29.25 42.56 -7.05
N LEU B 282 28.45 43.40 -6.40
CA LEU B 282 27.06 43.59 -6.77
C LEU B 282 26.70 45.06 -6.69
N LEU B 283 25.66 45.44 -7.43
CA LEU B 283 25.20 46.83 -7.51
C LEU B 283 23.67 46.80 -7.57
N ALA B 284 23.04 47.44 -6.59
CA ALA B 284 21.58 47.42 -6.48
C ALA B 284 21.03 48.84 -6.48
N ALA B 285 19.82 48.99 -7.01
CA ALA B 285 19.18 50.30 -7.11
C ALA B 285 17.68 50.15 -6.93
N GLY B 286 17.04 51.19 -6.42
CA GLY B 286 15.60 51.23 -6.26
C GLY B 286 14.99 52.34 -7.10
N PHE B 287 13.69 52.23 -7.35
CA PHE B 287 13.02 53.07 -8.32
C PHE B 287 11.68 53.56 -7.79
N ASP B 288 11.19 54.67 -8.36
CA ASP B 288 9.91 55.22 -7.94
C ASP B 288 8.78 54.25 -8.25
N ASN B 289 8.74 53.73 -9.47
CA ASN B 289 7.92 52.57 -9.76
C ASN B 289 8.51 51.40 -9.00
N SER B 290 7.70 50.75 -8.18
CA SER B 290 8.25 49.77 -7.24
C SER B 290 9.00 48.67 -7.97
N CYS B 291 10.32 48.65 -7.82
CA CYS B 291 11.14 47.55 -8.33
C CYS B 291 12.59 47.81 -7.95
N ILE B 292 13.37 46.75 -7.85
CA ILE B 292 14.78 46.82 -7.53
C ILE B 292 15.53 46.04 -8.60
N LYS B 293 16.58 46.63 -9.15
CA LYS B 293 17.40 45.99 -10.18
C LYS B 293 18.80 45.76 -9.65
N LEU B 294 19.39 44.63 -10.03
CA LEU B 294 20.68 44.20 -9.53
C LEU B 294 21.61 43.91 -10.70
N TRP B 295 22.87 44.34 -10.56
CA TRP B 295 23.89 44.13 -11.58
C TRP B 295 25.09 43.41 -10.99
N SER B 296 25.76 42.63 -11.82
CA SER B 296 26.99 41.95 -11.41
C SER B 296 28.17 42.78 -11.86
N LEU B 297 28.97 43.25 -10.91
CA LEU B 297 30.16 44.03 -11.25
C LEU B 297 31.23 43.16 -11.90
N ARG B 298 31.36 41.91 -11.48
CA ARG B 298 32.38 41.03 -11.98
C ARG B 298 32.03 40.54 -13.38
N SER B 299 32.82 39.60 -13.89
CA SER B 299 32.58 39.04 -15.21
C SER B 299 31.63 37.86 -15.17
N LYS B 300 31.24 37.39 -13.99
CA LYS B 300 30.33 36.25 -13.89
C LYS B 300 28.90 36.69 -14.17
N LYS B 301 28.04 35.72 -14.44
CA LYS B 301 26.63 35.97 -14.65
C LYS B 301 25.83 35.63 -13.40
N LEU B 302 24.60 36.11 -13.35
CA LEU B 302 23.70 35.81 -12.25
C LEU B 302 22.64 34.81 -12.73
N LYS B 303 22.57 33.67 -12.05
CA LYS B 303 21.57 32.66 -12.36
C LYS B 303 20.94 32.19 -11.06
N SER B 304 19.63 32.01 -11.08
CA SER B 304 18.90 31.57 -9.90
C SER B 304 18.91 30.05 -9.83
N GLU B 305 18.53 29.52 -8.69
CA GLU B 305 18.46 28.08 -8.49
C GLU B 305 17.02 27.66 -8.21
N PRO B 306 16.73 26.36 -8.27
CA PRO B 306 15.33 25.93 -8.17
C PRO B 306 14.67 26.43 -6.89
N HIS B 307 13.42 26.86 -7.02
CA HIS B 307 12.64 27.32 -5.89
C HIS B 307 11.17 27.21 -6.25
N GLN B 308 10.38 26.62 -5.36
CA GLN B 308 9.01 26.28 -5.70
C GLN B 308 8.10 27.51 -5.64
N VAL B 309 8.38 28.44 -4.75
CA VAL B 309 7.44 29.51 -4.43
C VAL B 309 8.03 30.86 -4.81
N ASP B 310 7.17 31.71 -5.37
CA ASP B 310 7.54 33.08 -5.69
C ASP B 310 6.32 33.97 -5.46
N VAL B 311 6.52 35.09 -4.77
CA VAL B 311 5.38 35.95 -4.46
C VAL B 311 5.07 36.91 -5.60
N SER B 312 6.03 37.14 -6.49
CA SER B 312 5.79 37.99 -7.65
C SER B 312 5.19 37.18 -8.79
N ARG B 313 4.13 36.44 -8.49
CA ARG B 313 3.51 35.55 -9.45
C ARG B 313 2.14 35.17 -8.93
N ILE B 314 1.23 34.86 -9.85
CA ILE B 314 -0.15 34.56 -9.52
C ILE B 314 -0.53 33.27 -10.23
N HIS B 315 -1.16 32.36 -9.50
CA HIS B 315 -1.62 31.09 -10.03
C HIS B 315 -3.13 30.99 -9.84
N LEU B 316 -3.80 30.31 -10.75
CA LEU B 316 -5.22 30.03 -10.60
C LEU B 316 -5.43 28.65 -10.00
N ALA B 317 -6.67 28.36 -9.65
CA ALA B 317 -6.98 27.08 -9.03
C ALA B 317 -6.64 25.90 -9.94
N CYS B 318 -6.52 26.14 -11.24
CA CYS B 318 -6.33 25.07 -12.22
C CYS B 318 -4.88 24.96 -12.67
N ASP B 319 -3.92 25.15 -11.78
CA ASP B 319 -2.51 25.15 -12.14
C ASP B 319 -1.77 24.01 -11.46
N ILE B 320 -0.58 23.72 -11.97
CA ILE B 320 0.29 22.67 -11.46
C ILE B 320 1.63 23.29 -11.12
N LEU B 321 2.11 23.04 -9.89
CA LEU B 321 3.43 23.48 -9.48
C LEU B 321 4.44 22.49 -10.06
N GLU B 322 5.18 22.96 -11.06
CA GLU B 322 6.18 22.15 -11.74
C GLU B 322 7.44 22.97 -11.93
N GLU B 323 8.59 22.36 -11.61
CA GLU B 323 9.88 23.02 -11.80
C GLU B 323 10.28 22.92 -13.26
N GLU B 324 10.25 24.06 -13.95
CA GLU B 324 10.54 24.07 -15.38
C GLU B 324 11.91 23.48 -15.66
N ASP B 325 11.97 22.64 -16.69
CA ASP B 325 13.23 22.02 -17.08
C ASP B 325 13.89 22.77 -18.22
N ASP B 326 13.11 23.53 -18.99
CA ASP B 326 13.65 24.36 -20.06
C ASP B 326 14.29 25.59 -19.43
N GLU B 327 15.44 25.35 -18.77
CA GLU B 327 16.12 26.37 -18.01
C GLU B 327 17.59 26.54 -18.34
N ASP B 328 18.30 25.45 -18.66
CA ASP B 328 19.72 25.57 -19.00
C ASP B 328 19.91 26.48 -20.21
N ASP B 329 18.87 26.63 -21.03
CA ASP B 329 18.90 27.57 -22.13
C ASP B 329 19.31 28.97 -21.68
N ASN B 330 19.14 29.29 -20.40
CA ASN B 330 19.42 30.63 -19.90
C ASN B 330 20.85 30.73 -19.39
N ALA B 331 21.21 29.85 -18.45
CA ALA B 331 22.60 29.69 -18.02
C ALA B 331 23.24 31.02 -17.62
N GLY B 332 22.41 31.95 -17.15
CA GLY B 332 22.90 33.18 -16.56
C GLY B 332 22.54 34.43 -17.35
N THR B 333 22.75 35.56 -16.70
CA THR B 333 22.50 36.88 -17.27
C THR B 333 23.19 37.92 -16.40
N GLU B 334 23.32 39.13 -16.92
CA GLU B 334 24.02 40.18 -16.20
C GLU B 334 23.12 41.05 -15.36
N MET B 335 21.81 40.82 -15.29
CA MET B 335 20.93 41.74 -14.58
C MET B 335 19.68 40.99 -14.15
N LYS B 336 19.08 41.45 -13.05
CA LYS B 336 17.89 40.83 -12.48
C LYS B 336 16.96 41.92 -11.95
N ILE B 337 15.66 41.69 -12.06
CA ILE B 337 14.64 42.59 -11.54
C ILE B 337 14.00 41.91 -10.34
N LEU B 338 14.09 42.54 -9.18
CA LEU B 338 13.42 42.08 -7.98
C LEU B 338 12.09 42.78 -7.84
N ARG B 339 11.02 42.01 -7.67
CA ARG B 339 9.67 42.53 -7.64
C ARG B 339 8.98 42.10 -6.34
N GLY B 340 8.03 42.90 -5.88
CA GLY B 340 7.31 42.55 -4.66
C GLY B 340 6.88 43.70 -3.77
N HIS B 341 7.56 44.84 -3.81
CA HIS B 341 7.02 46.01 -3.14
C HIS B 341 5.92 46.63 -4.00
N CYS B 342 4.97 47.28 -3.34
CA CYS B 342 3.82 47.89 -4.01
C CYS B 342 3.85 49.39 -3.83
N GLY B 343 5.04 49.95 -3.67
CA GLY B 343 5.21 51.37 -3.54
C GLY B 343 6.63 51.79 -3.85
N PRO B 344 6.86 53.09 -3.99
CA PRO B 344 8.23 53.55 -4.27
C PRO B 344 9.20 53.08 -3.20
N VAL B 345 10.38 52.68 -3.64
CA VAL B 345 11.41 52.17 -2.75
C VAL B 345 12.32 53.31 -2.34
N TYR B 346 12.88 53.21 -1.14
CA TYR B 346 13.66 54.32 -0.58
C TYR B 346 14.98 53.90 0.02
N SER B 347 15.27 52.60 0.13
CA SER B 347 16.56 52.19 0.63
C SER B 347 16.77 50.71 0.36
N THR B 348 18.00 50.35 0.01
CA THR B 348 18.41 48.97 -0.21
C THR B 348 19.80 48.84 0.42
N ARG B 349 19.95 47.86 1.29
CA ARG B 349 21.20 47.65 2.00
C ARG B 349 21.62 46.19 1.89
N PHE B 350 22.93 45.98 1.86
CA PHE B 350 23.50 44.64 1.78
C PHE B 350 23.85 44.15 3.17
N LEU B 351 23.94 42.83 3.30
CA LEU B 351 24.44 42.26 4.54
C LEU B 351 25.95 42.39 4.60
N ALA B 352 26.50 42.12 5.79
CA ALA B 352 27.94 42.26 5.98
C ALA B 352 28.71 41.34 5.05
N ASP B 353 28.22 40.11 4.87
CA ASP B 353 28.88 39.13 4.02
C ASP B 353 28.24 38.98 2.65
N SER B 354 27.47 39.97 2.20
CA SER B 354 26.93 39.98 0.84
C SER B 354 26.02 38.78 0.58
N SER B 355 25.53 38.13 1.62
CA SER B 355 24.65 36.99 1.46
C SER B 355 23.29 37.37 0.90
N GLY B 356 22.68 38.43 1.43
CA GLY B 356 21.34 38.81 1.02
C GLY B 356 21.19 40.30 1.01
N LEU B 357 19.98 40.74 0.65
CA LEU B 357 19.66 42.16 0.54
C LEU B 357 18.43 42.48 1.37
N LEU B 358 18.34 43.72 1.84
CA LEU B 358 17.22 44.19 2.64
C LEU B 358 16.80 45.54 2.08
N SER B 359 15.50 45.82 2.10
CA SER B 359 14.98 47.04 1.50
C SER B 359 13.72 47.49 2.22
N CYS B 360 13.41 48.77 2.08
CA CYS B 360 12.23 49.39 2.67
C CYS B 360 11.54 50.22 1.60
N SER B 361 10.23 50.41 1.77
CA SER B 361 9.40 50.97 0.70
C SER B 361 8.31 51.84 1.29
N GLU B 362 7.65 52.60 0.41
CA GLU B 362 6.55 53.47 0.79
C GLU B 362 5.36 52.70 1.37
N ASP B 363 5.24 51.42 1.04
CA ASP B 363 4.13 50.61 1.50
C ASP B 363 4.33 50.10 2.92
N MET B 364 5.18 50.77 3.70
CA MET B 364 5.39 50.48 5.12
C MET B 364 5.69 48.99 5.34
N SER B 365 6.61 48.45 4.54
CA SER B 365 7.06 47.08 4.69
C SER B 365 8.56 47.01 4.47
N ILE B 366 9.17 45.97 5.02
CA ILE B 366 10.60 45.71 4.89
C ILE B 366 10.77 44.27 4.44
N ARG B 367 11.56 44.06 3.40
CA ARG B 367 11.68 42.76 2.77
C ARG B 367 13.14 42.35 2.67
N TYR B 368 13.40 41.06 2.92
CA TYR B 368 14.72 40.47 2.78
C TYR B 368 14.76 39.64 1.51
N TRP B 369 15.77 39.90 0.67
CA TRP B 369 15.88 39.24 -0.62
C TRP B 369 17.01 38.22 -0.56
N ASP B 370 16.72 37.00 -0.99
CA ASP B 370 17.72 35.93 -1.00
C ASP B 370 18.41 35.90 -2.35
N LEU B 371 19.74 36.04 -2.34
CA LEU B 371 20.49 36.07 -3.58
C LEU B 371 20.77 34.66 -4.11
N GLY B 372 20.31 33.62 -3.43
CA GLY B 372 20.32 32.31 -4.02
C GLY B 372 19.34 32.20 -5.17
N SER B 373 18.19 32.87 -5.05
CA SER B 373 17.15 32.82 -6.06
C SER B 373 16.63 34.20 -6.45
N PHE B 374 17.12 35.27 -5.82
CA PHE B 374 16.72 36.63 -6.16
C PHE B 374 15.22 36.82 -5.94
N THR B 375 14.76 36.36 -4.79
CA THR B 375 13.34 36.37 -4.49
C THR B 375 13.15 36.79 -3.03
N ASN B 376 12.09 37.54 -2.80
CA ASN B 376 11.73 37.95 -1.45
C ASN B 376 11.25 36.72 -0.68
N THR B 377 11.88 36.45 0.47
CA THR B 377 11.58 35.26 1.25
C THR B 377 11.14 35.56 2.67
N VAL B 378 11.38 36.77 3.17
CA VAL B 378 10.96 37.18 4.49
C VAL B 378 10.33 38.57 4.38
N LEU B 379 9.40 38.86 5.29
CA LEU B 379 8.68 40.12 5.27
C LEU B 379 8.46 40.58 6.71
N TYR B 380 9.00 41.75 7.05
CA TYR B 380 8.87 42.32 8.38
C TYR B 380 7.81 43.42 8.35
N GLN B 381 6.78 43.27 9.18
CA GLN B 381 5.68 44.23 9.26
C GLN B 381 5.67 44.82 10.67
N GLY B 382 6.11 46.06 10.80
CA GLY B 382 6.07 46.72 12.09
C GLY B 382 5.77 48.21 12.04
N HIS B 383 5.10 48.67 10.98
CA HIS B 383 4.84 50.09 10.82
C HIS B 383 3.45 50.29 10.23
N ALA B 384 2.84 51.43 10.57
CA ALA B 384 1.57 51.84 10.02
C ALA B 384 1.69 53.07 9.14
N TYR B 385 2.91 53.55 8.90
CA TYR B 385 3.17 54.70 8.06
C TYR B 385 4.38 54.41 7.19
N PRO B 386 4.59 55.16 6.12
CA PRO B 386 5.71 54.87 5.22
C PRO B 386 7.04 54.91 5.97
N VAL B 387 7.92 53.98 5.61
CA VAL B 387 9.25 53.88 6.19
C VAL B 387 10.23 54.66 5.32
N TRP B 388 11.01 55.53 5.95
CA TRP B 388 11.97 56.35 5.23
C TRP B 388 13.32 55.68 5.05
N ASP B 389 13.97 55.28 6.15
CA ASP B 389 15.37 54.86 6.11
C ASP B 389 15.52 53.47 6.70
N LEU B 390 16.71 52.92 6.53
CA LEU B 390 17.05 51.60 7.02
C LEU B 390 18.56 51.56 7.26
N ASP B 391 19.00 50.59 8.06
CA ASP B 391 20.41 50.46 8.37
C ASP B 391 20.67 49.13 9.07
N ILE B 392 21.87 48.60 8.89
CA ILE B 392 22.24 47.29 9.40
C ILE B 392 23.47 47.44 10.29
N SER B 393 23.55 46.59 11.31
CA SER B 393 24.62 46.69 12.29
C SER B 393 25.91 46.11 11.71
N PRO B 394 27.06 46.45 12.31
CA PRO B 394 28.34 46.11 11.69
C PRO B 394 28.51 44.65 11.30
N TYR B 395 28.08 43.71 12.15
CA TYR B 395 28.26 42.29 11.86
C TYR B 395 26.92 41.62 11.59
N SER B 396 25.96 42.39 11.08
CA SER B 396 24.66 41.85 10.69
C SER B 396 23.98 41.19 11.87
N LEU B 397 23.92 41.88 13.01
CA LEU B 397 23.21 41.39 14.18
C LEU B 397 21.85 42.05 14.34
N TYR B 398 21.76 43.33 13.99
CA TYR B 398 20.51 44.07 14.07
C TYR B 398 20.33 44.93 12.83
N PHE B 399 19.15 45.52 12.72
CA PHE B 399 18.88 46.57 11.75
C PHE B 399 17.71 47.39 12.25
N ALA B 400 17.81 48.71 12.05
CA ALA B 400 16.79 49.64 12.51
C ALA B 400 16.20 50.38 11.32
N SER B 401 15.14 51.14 11.59
CA SER B 401 14.39 51.78 10.52
C SER B 401 13.72 53.04 11.05
N GLY B 402 13.92 54.16 10.36
CA GLY B 402 13.15 55.34 10.66
C GLY B 402 11.87 55.38 9.84
N SER B 403 10.88 56.10 10.34
CA SER B 403 9.56 56.06 9.74
C SER B 403 8.87 57.41 9.90
N HIS B 404 7.81 57.60 9.11
CA HIS B 404 7.02 58.81 9.16
C HIS B 404 6.25 58.95 10.47
N ASP B 405 6.20 57.89 11.27
CA ASP B 405 5.43 57.89 12.50
C ASP B 405 6.20 58.43 13.69
N ARG B 406 7.28 59.16 13.43
CA ARG B 406 8.04 59.89 14.44
C ARG B 406 8.91 58.98 15.31
N THR B 407 9.14 57.74 14.89
CA THR B 407 9.86 56.79 15.73
C THR B 407 10.73 55.86 14.89
N ALA B 408 11.71 55.25 15.55
CA ALA B 408 12.54 54.21 14.97
C ALA B 408 12.37 52.93 15.78
N ARG B 409 12.73 51.80 15.19
CA ARG B 409 12.47 50.50 15.79
C ARG B 409 13.64 49.56 15.50
N LEU B 410 13.92 48.70 16.47
CA LEU B 410 15.01 47.74 16.37
C LEU B 410 14.48 46.37 15.96
N TRP B 411 15.26 45.68 15.14
CA TRP B 411 14.85 44.38 14.62
C TRP B 411 16.00 43.39 14.73
N SER B 412 15.63 42.12 14.72
CA SER B 412 16.56 41.01 14.59
C SER B 412 16.26 40.27 13.29
N PHE B 413 17.29 39.70 12.70
CA PHE B 413 17.07 38.97 11.46
C PHE B 413 16.34 37.67 11.66
N ASP B 414 15.96 37.27 12.87
CA ASP B 414 15.28 36.00 13.08
C ASP B 414 13.94 36.15 13.78
N ARG B 415 13.41 37.36 13.89
CA ARG B 415 12.05 37.57 14.37
C ARG B 415 11.38 38.62 13.50
N THR B 416 10.16 38.33 13.07
CA THR B 416 9.40 39.22 12.21
C THR B 416 8.50 40.15 13.02
N TYR B 417 9.08 40.86 13.98
CA TYR B 417 8.35 41.86 14.73
C TYR B 417 9.34 42.69 15.53
N PRO B 418 9.11 43.98 15.69
CA PRO B 418 10.13 44.85 16.28
C PRO B 418 10.42 44.44 17.73
N LEU B 419 11.59 44.88 18.20
CA LEU B 419 12.09 44.51 19.51
C LEU B 419 12.22 45.69 20.45
N ARG B 420 12.55 46.87 19.94
CA ARG B 420 12.69 48.07 20.74
C ARG B 420 12.19 49.26 19.95
N ILE B 421 11.68 50.26 20.66
CA ILE B 421 11.10 51.45 20.06
C ILE B 421 11.74 52.68 20.68
N TYR B 422 12.25 53.57 19.84
CA TYR B 422 12.92 54.79 20.30
C TYR B 422 12.06 56.01 19.99
N ALA B 423 11.16 56.32 20.92
CA ALA B 423 10.33 57.50 20.79
C ALA B 423 11.04 58.70 21.40
N GLY B 424 10.64 59.90 20.98
CA GLY B 424 11.21 61.11 21.51
C GLY B 424 11.41 62.22 20.49
N HIS B 425 11.60 61.85 19.22
CA HIS B 425 11.68 62.87 18.19
C HIS B 425 10.32 63.53 18.02
N LEU B 426 10.32 64.77 17.53
CA LEU B 426 9.09 65.52 17.34
C LEU B 426 8.50 65.37 15.94
N ALA B 427 9.20 64.73 15.01
CA ALA B 427 8.73 64.65 13.64
C ALA B 427 9.37 63.43 12.99
N ASP B 428 9.28 63.39 11.66
CA ASP B 428 9.76 62.27 10.88
C ASP B 428 11.22 61.96 11.18
N VAL B 429 11.54 60.68 11.35
CA VAL B 429 12.91 60.23 11.56
C VAL B 429 13.45 59.84 10.19
N ASP B 430 14.30 60.70 9.63
CA ASP B 430 14.73 60.55 8.24
C ASP B 430 16.01 59.76 8.09
N CYS B 431 16.91 59.81 9.06
CA CYS B 431 18.21 59.16 8.95
C CYS B 431 18.45 58.31 10.19
N VAL B 432 19.26 57.26 10.01
CA VAL B 432 19.61 56.35 11.11
C VAL B 432 20.95 55.72 10.78
N LYS B 433 21.79 55.56 11.80
CA LYS B 433 23.09 54.91 11.63
C LYS B 433 23.49 54.22 12.92
N PHE B 434 24.06 53.03 12.78
CA PHE B 434 24.60 52.28 13.91
C PHE B 434 25.98 52.81 14.27
N HIS B 435 26.37 52.55 15.50
CA HIS B 435 27.73 52.84 15.93
C HIS B 435 28.66 51.72 15.49
N PRO B 436 29.95 52.00 15.32
CA PRO B 436 30.88 50.91 14.95
C PRO B 436 30.86 49.73 15.89
N ASN B 437 30.67 49.96 17.19
CA ASN B 437 30.56 48.86 18.13
C ASN B 437 29.16 48.26 18.19
N SER B 438 28.19 48.86 17.51
CA SER B 438 26.84 48.31 17.41
C SER B 438 26.13 48.35 18.76
N ASN B 439 26.36 49.41 19.52
CA ASN B 439 25.72 49.58 20.82
C ASN B 439 25.03 50.91 21.00
N TYR B 440 25.18 51.84 20.05
CA TYR B 440 24.51 53.13 20.11
C TYR B 440 23.95 53.45 18.74
N LEU B 441 22.96 54.34 18.72
CA LEU B 441 22.18 54.60 17.52
C LEU B 441 21.94 56.09 17.40
N ALA B 442 22.25 56.64 16.23
CA ALA B 442 21.97 58.04 15.94
C ALA B 442 20.85 58.13 14.92
N THR B 443 20.05 59.19 15.02
CA THR B 443 18.89 59.36 14.15
C THR B 443 18.69 60.85 13.87
N GLY B 444 18.59 61.21 12.59
CA GLY B 444 18.24 62.56 12.22
C GLY B 444 16.77 62.72 11.96
N SER B 445 16.28 63.95 12.15
CA SER B 445 14.86 64.24 12.06
C SER B 445 14.65 65.61 11.44
N THR B 446 13.43 65.85 10.96
CA THR B 446 13.10 67.12 10.37
C THR B 446 13.00 68.24 11.40
N ASP B 447 13.00 67.92 12.68
CA ASP B 447 12.97 68.93 13.73
C ASP B 447 14.36 69.48 14.04
N LYS B 448 15.34 69.23 13.18
CA LYS B 448 16.65 69.85 13.28
C LYS B 448 17.45 69.32 14.47
N THR B 449 17.10 68.12 14.94
CA THR B 449 17.72 67.56 16.12
C THR B 449 18.26 66.17 15.81
N VAL B 450 19.24 65.77 16.60
CA VAL B 450 19.89 64.46 16.45
C VAL B 450 20.00 63.84 17.84
N ARG B 451 19.63 62.57 17.96
CA ARG B 451 19.62 61.87 19.23
C ARG B 451 20.44 60.59 19.13
N LEU B 452 21.31 60.39 20.11
CA LEU B 452 22.04 59.14 20.26
C LEU B 452 21.27 58.27 21.26
N TRP B 453 21.08 57.00 20.93
CA TRP B 453 20.27 56.11 21.73
C TRP B 453 21.11 54.97 22.27
N SER B 454 20.63 54.36 23.36
CA SER B 454 21.23 53.14 23.88
C SER B 454 20.50 51.94 23.30
N ALA B 455 21.19 51.19 22.44
CA ALA B 455 20.54 50.11 21.72
C ALA B 455 19.83 49.15 22.66
N GLN B 456 20.56 48.49 23.55
CA GLN B 456 19.97 47.44 24.37
C GLN B 456 18.87 47.98 25.26
N GLN B 457 19.09 49.12 25.90
CA GLN B 457 18.11 49.63 26.86
C GLN B 457 17.02 50.44 26.16
N GLY B 458 17.41 51.39 25.32
CA GLY B 458 16.45 52.10 24.50
C GLY B 458 15.98 53.42 25.07
N ASN B 459 16.92 54.25 25.51
CA ASN B 459 16.59 55.60 25.96
C ASN B 459 17.61 56.55 25.37
N SER B 460 17.21 57.81 25.22
CA SER B 460 18.06 58.82 24.61
C SER B 460 19.15 59.23 25.57
N VAL B 461 20.39 59.17 25.12
CA VAL B 461 21.54 59.53 25.95
C VAL B 461 22.14 60.87 25.58
N ARG B 462 21.85 61.41 24.39
CA ARG B 462 22.38 62.68 23.96
C ARG B 462 21.37 63.36 23.06
N LEU B 463 21.49 64.68 22.93
CA LEU B 463 20.57 65.45 22.09
C LEU B 463 21.30 66.72 21.65
N PHE B 464 21.75 66.73 20.40
CA PHE B 464 22.46 67.87 19.85
C PHE B 464 21.49 68.81 19.15
N THR B 465 21.82 70.10 19.17
CA THR B 465 21.02 71.11 18.51
C THR B 465 21.96 72.08 17.81
N GLY B 466 21.43 72.80 16.84
CA GLY B 466 22.23 73.80 16.15
C GLY B 466 21.93 73.87 14.67
N HIS B 467 21.40 72.80 14.10
CA HIS B 467 21.03 72.82 12.70
C HIS B 467 19.92 73.84 12.47
N ARG B 468 19.92 74.44 11.28
CA ARG B 468 18.88 75.42 10.96
C ARG B 468 17.73 74.77 10.20
N GLY B 469 17.98 73.65 9.53
CA GLY B 469 16.97 72.95 8.78
C GLY B 469 17.04 71.45 9.00
N PRO B 470 16.12 70.72 8.37
CA PRO B 470 16.07 69.27 8.58
C PRO B 470 17.41 68.61 8.27
N VAL B 471 17.62 67.43 8.86
CA VAL B 471 18.86 66.67 8.69
C VAL B 471 18.62 65.54 7.71
N LEU B 472 19.68 65.12 7.02
CA LEU B 472 19.54 64.16 5.93
C LEU B 472 20.57 63.03 5.94
N SER B 473 21.63 63.12 6.73
CA SER B 473 22.65 62.08 6.70
C SER B 473 23.39 62.04 8.02
N LEU B 474 24.10 60.93 8.23
CA LEU B 474 24.89 60.72 9.43
C LEU B 474 26.06 59.80 9.09
N ALA B 475 27.09 59.83 9.92
CA ALA B 475 28.25 58.98 9.71
C ALA B 475 29.11 58.96 10.96
N PHE B 476 29.57 57.78 11.33
CA PHE B 476 30.51 57.59 12.43
C PHE B 476 31.89 57.35 11.89
N SER B 477 32.89 57.87 12.58
CA SER B 477 34.27 57.52 12.25
C SER B 477 34.61 56.16 12.85
N PRO B 478 35.40 55.36 12.14
CA PRO B 478 35.61 53.97 12.60
C PRO B 478 36.40 53.87 13.89
N ASN B 479 36.95 54.98 14.39
CA ASN B 479 37.57 54.96 15.70
C ASN B 479 36.56 55.19 16.82
N GLY B 480 35.29 55.43 16.47
CA GLY B 480 34.26 55.61 17.45
C GLY B 480 34.46 56.84 18.33
N LYS B 481 34.77 57.97 17.72
CA LYS B 481 35.03 59.19 18.48
C LYS B 481 34.08 60.32 18.08
N TYR B 482 33.82 60.47 16.78
CA TYR B 482 33.04 61.59 16.27
C TYR B 482 31.81 61.08 15.54
N LEU B 483 30.90 62.02 15.27
CA LEU B 483 29.68 61.75 14.52
C LEU B 483 29.42 62.96 13.63
N ALA B 484 29.31 62.74 12.33
CA ALA B 484 29.03 63.83 11.41
C ALA B 484 27.56 63.83 11.03
N SER B 485 27.08 65.00 10.58
CA SER B 485 25.70 65.13 10.18
C SER B 485 25.58 66.30 9.22
N ALA B 486 24.66 66.19 8.26
CA ALA B 486 24.47 67.24 7.28
C ALA B 486 22.99 67.32 6.95
N GLY B 487 22.58 68.49 6.45
CA GLY B 487 21.18 68.71 6.12
C GLY B 487 20.97 69.82 5.12
N GLU B 488 19.75 70.35 5.07
CA GLU B 488 19.42 71.40 4.11
C GLU B 488 20.17 72.70 4.40
N ASP B 489 20.67 72.87 5.62
CA ASP B 489 21.36 74.11 5.99
C ASP B 489 22.65 74.32 5.21
N GLN B 490 23.20 73.28 4.60
CA GLN B 490 24.45 73.38 3.85
C GLN B 490 25.64 73.61 4.76
N ARG B 491 25.60 73.01 5.95
CA ARG B 491 26.73 73.03 6.87
C ARG B 491 26.99 71.62 7.34
N LEU B 492 28.26 71.25 7.49
CA LEU B 492 28.65 69.90 7.88
C LEU B 492 29.27 69.96 9.27
N LYS B 493 28.59 69.38 10.25
CA LYS B 493 28.99 69.43 11.64
C LYS B 493 29.49 68.07 12.09
N LEU B 494 30.66 68.07 12.73
CA LEU B 494 31.16 66.89 13.44
C LEU B 494 30.97 67.13 14.93
N TRP B 495 30.39 66.15 15.61
CA TRP B 495 30.14 66.25 17.04
C TRP B 495 31.12 65.37 17.79
N ASP B 496 31.48 65.79 18.99
CA ASP B 496 32.32 64.98 19.88
C ASP B 496 31.42 64.22 20.84
N LEU B 497 31.34 62.91 20.67
CA LEU B 497 30.39 62.12 21.44
C LEU B 497 30.64 62.20 22.94
N ALA B 498 31.90 62.06 23.38
CA ALA B 498 32.17 62.04 24.81
C ALA B 498 31.68 63.31 25.49
N SER B 499 32.10 64.47 24.98
CA SER B 499 31.70 65.73 25.56
C SER B 499 30.32 66.17 25.09
N GLY B 500 29.86 65.64 23.96
CA GLY B 500 28.58 66.05 23.42
C GLY B 500 28.51 67.51 23.05
N THR B 501 29.52 68.02 22.35
CA THR B 501 29.60 69.43 21.96
C THR B 501 30.17 69.53 20.56
N LEU B 502 29.85 70.64 19.90
CA LEU B 502 30.36 70.89 18.56
C LEU B 502 31.89 70.80 18.55
N TYR B 503 32.42 70.08 17.57
CA TYR B 503 33.86 69.89 17.43
C TYR B 503 34.43 70.57 16.19
N LYS B 504 33.67 70.65 15.12
CA LYS B 504 34.16 71.22 13.88
C LYS B 504 32.98 71.56 12.99
N GLU B 505 33.12 72.62 12.20
CA GLU B 505 32.09 73.04 11.26
C GLU B 505 32.75 73.32 9.91
N LEU B 506 32.17 72.77 8.86
CA LEU B 506 32.69 72.93 7.50
C LEU B 506 31.61 73.53 6.62
N ARG B 507 32.02 74.42 5.72
CA ARG B 507 31.10 75.10 4.81
C ARG B 507 31.62 74.99 3.39
N GLY B 508 30.79 75.39 2.43
CA GLY B 508 31.21 75.44 1.05
C GLY B 508 30.19 74.88 0.07
N HIS B 509 29.46 73.85 0.46
CA HIS B 509 28.40 73.32 -0.39
C HIS B 509 27.30 74.35 -0.51
N THR B 510 26.64 74.39 -1.67
CA THR B 510 25.63 75.40 -1.96
C THR B 510 24.24 74.82 -2.10
N ASP B 511 24.05 73.53 -1.82
CA ASP B 511 22.74 72.91 -1.90
C ASP B 511 22.73 71.69 -0.99
N ASN B 512 21.57 71.05 -0.91
CA ASN B 512 21.33 70.02 0.10
C ASN B 512 22.40 68.95 0.05
N ILE B 513 22.98 68.64 1.21
CA ILE B 513 23.93 67.55 1.34
C ILE B 513 23.16 66.29 1.69
N THR B 514 23.45 65.19 1.00
CA THR B 514 22.63 63.99 1.06
C THR B 514 23.42 62.70 1.24
N SER B 515 24.70 62.77 1.60
CA SER B 515 25.46 61.56 1.88
C SER B 515 26.77 61.93 2.55
N LEU B 516 27.30 60.98 3.31
CA LEU B 516 28.54 61.17 4.05
C LEU B 516 29.22 59.83 4.21
N THR B 517 30.53 59.86 4.50
CA THR B 517 31.26 58.64 4.77
C THR B 517 32.67 58.99 5.23
N PHE B 518 33.22 58.13 6.08
CA PHE B 518 34.58 58.24 6.58
C PHE B 518 35.48 57.24 5.88
N SER B 519 36.77 57.51 5.90
CA SER B 519 37.77 56.54 5.47
C SER B 519 38.03 55.55 6.59
N PRO B 520 38.54 54.35 6.26
CA PRO B 520 38.73 53.34 7.31
C PRO B 520 39.75 53.74 8.36
N ASP B 521 40.35 54.92 8.26
CA ASP B 521 41.28 55.43 9.27
C ASP B 521 40.92 56.84 9.71
N SER B 522 39.64 57.18 9.68
CA SER B 522 39.16 58.50 10.11
C SER B 522 40.01 59.61 9.52
N GLY B 523 40.56 59.36 8.33
CA GLY B 523 41.41 60.34 7.69
C GLY B 523 40.61 61.43 7.01
N LEU B 524 39.71 61.03 6.12
CA LEU B 524 38.97 61.95 5.29
C LEU B 524 37.48 61.67 5.38
N ILE B 525 36.68 62.70 5.15
CA ILE B 525 35.23 62.61 5.16
C ILE B 525 34.71 63.18 3.85
N ALA B 526 33.98 62.36 3.10
CA ALA B 526 33.48 62.73 1.78
C ALA B 526 32.00 63.06 1.86
N SER B 527 31.58 64.03 1.06
CA SER B 527 30.20 64.50 1.06
C SER B 527 29.70 64.69 -0.37
N ALA B 528 28.41 64.43 -0.57
CA ALA B 528 27.74 64.66 -1.83
C ALA B 528 26.59 65.63 -1.60
N SER B 529 26.39 66.56 -2.54
CA SER B 529 25.40 67.60 -2.39
C SER B 529 24.46 67.61 -3.58
N MET B 530 23.41 68.42 -3.48
CA MET B 530 22.45 68.56 -4.56
C MET B 530 22.95 69.47 -5.65
N ASP B 531 24.09 70.14 -5.44
CA ASP B 531 24.72 70.94 -6.47
C ASP B 531 25.46 70.10 -7.49
N ASN B 532 25.36 68.77 -7.39
CA ASN B 532 26.06 67.86 -8.29
C ASN B 532 27.56 67.98 -8.12
N SER B 533 28.00 67.84 -6.87
CA SER B 533 29.41 67.96 -6.54
C SER B 533 29.78 66.92 -5.48
N VAL B 534 31.04 66.52 -5.49
CA VAL B 534 31.59 65.61 -4.48
C VAL B 534 32.83 66.29 -3.93
N ARG B 535 32.86 66.49 -2.61
CA ARG B 535 33.98 67.14 -1.94
C ARG B 535 34.49 66.25 -0.82
N VAL B 536 35.78 65.94 -0.85
CA VAL B 536 36.44 65.23 0.22
C VAL B 536 37.09 66.25 1.14
N TRP B 537 37.24 65.89 2.40
CA TRP B 537 37.70 66.80 3.44
C TRP B 537 38.76 66.10 4.29
N ASP B 538 39.60 66.89 4.95
CA ASP B 538 40.55 66.37 5.92
C ASP B 538 40.48 67.22 7.17
N ILE B 539 40.37 66.55 8.32
CA ILE B 539 40.21 67.25 9.60
C ILE B 539 41.48 67.12 10.41
N ARG B 540 42.32 66.15 10.08
CA ARG B 540 43.52 65.87 10.85
C ARG B 540 44.44 67.10 10.80
N ASN B 541 45.27 67.23 11.84
CA ASN B 541 45.99 68.46 12.12
C ASN B 541 46.61 69.10 10.89
N THR B 542 46.93 68.33 9.85
CA THR B 542 47.64 68.87 8.70
C THR B 542 46.87 70.10 8.20
N TYR B 543 47.51 71.26 8.30
CA TYR B 543 46.86 72.52 8.02
C TYR B 543 47.23 73.01 6.63
N CYS B 544 46.47 73.97 6.11
CA CYS B 544 46.71 74.51 4.79
C CYS B 544 46.21 75.95 4.75
N SER B 545 46.51 76.65 3.65
CA SER B 545 46.05 78.03 3.44
C SER B 545 45.45 78.10 2.03
N ALA B 546 44.18 77.76 1.91
CA ALA B 546 43.50 77.81 0.62
C ALA B 546 42.09 78.38 0.79
N PRO B 547 41.95 79.55 1.40
CA PRO B 547 40.61 80.08 1.67
C PRO B 547 39.91 80.62 0.44
N ALA B 548 39.41 79.72 -0.42
CA ALA B 548 38.55 80.12 -1.53
C ALA B 548 37.13 80.41 -1.05
N ASP B 549 36.70 79.76 0.03
CA ASP B 549 35.41 80.05 0.64
C ASP B 549 35.58 79.96 2.16
N GLY B 550 34.48 79.86 2.89
CA GLY B 550 34.55 79.78 4.33
C GLY B 550 35.57 78.79 4.83
N SER B 551 35.37 77.50 4.57
CA SER B 551 36.34 76.50 4.97
C SER B 551 37.55 76.55 4.06
N SER B 552 38.73 76.59 4.67
CA SER B 552 39.95 76.79 3.91
C SER B 552 40.89 75.58 3.97
N SER B 553 41.29 75.18 5.17
CA SER B 553 42.39 74.23 5.28
C SER B 553 41.91 72.78 5.23
N GLU B 554 40.60 72.57 5.29
CA GLU B 554 40.08 71.20 5.28
C GLU B 554 39.72 70.76 3.87
N LEU B 555 39.14 71.66 3.08
CA LEU B 555 38.74 71.31 1.73
C LEU B 555 39.94 70.84 0.93
N VAL B 556 39.97 69.56 0.59
CA VAL B 556 41.08 68.97 -0.14
C VAL B 556 40.83 68.94 -1.64
N GLY B 557 39.79 68.23 -2.07
CA GLY B 557 39.52 68.09 -3.48
C GLY B 557 38.05 68.26 -3.78
N VAL B 558 37.77 68.69 -5.01
CA VAL B 558 36.42 68.91 -5.49
C VAL B 558 36.28 68.24 -6.85
N TYR B 559 35.14 67.61 -7.09
CA TYR B 559 34.88 66.88 -8.33
C TYR B 559 33.47 67.18 -8.79
N THR B 560 33.34 68.00 -9.82
CA THR B 560 32.04 68.40 -10.35
C THR B 560 32.01 68.19 -11.86
N GLY B 561 32.47 67.03 -12.33
CA GLY B 561 32.52 66.77 -13.75
C GLY B 561 31.14 66.73 -14.38
N GLN B 562 31.05 66.20 -15.59
CA GLN B 562 29.77 66.09 -16.29
C GLN B 562 28.95 65.05 -15.55
N MET B 563 28.00 65.51 -14.75
CA MET B 563 27.23 64.60 -13.90
C MET B 563 26.02 65.31 -13.34
N SER B 564 24.87 64.66 -13.46
CA SER B 564 23.64 65.14 -12.84
C SER B 564 23.56 64.58 -11.42
N ASN B 565 22.37 64.65 -10.82
CA ASN B 565 22.19 64.28 -9.43
C ASN B 565 23.04 63.08 -9.04
N VAL B 566 23.67 63.18 -7.86
CA VAL B 566 24.50 62.12 -7.30
C VAL B 566 23.63 61.20 -6.47
N LEU B 567 24.13 59.99 -6.22
CA LEU B 567 23.39 59.00 -5.45
C LEU B 567 24.12 58.59 -4.18
N SER B 568 25.37 58.15 -4.26
CA SER B 568 26.02 57.51 -3.14
C SER B 568 27.51 57.80 -3.16
N VAL B 569 28.15 57.57 -2.03
CA VAL B 569 29.60 57.63 -1.90
C VAL B 569 30.03 56.56 -0.90
N GLN B 570 31.15 55.90 -1.18
CA GLN B 570 31.67 54.87 -0.30
C GLN B 570 33.18 55.00 -0.19
N PHE B 571 33.76 54.11 0.60
CA PHE B 571 35.20 53.92 0.69
C PHE B 571 35.48 52.44 0.75
N MET B 572 36.69 52.07 0.38
CA MET B 572 37.11 50.67 0.39
C MET B 572 38.50 50.57 1.00
N ALA B 573 39.10 49.38 0.83
CA ALA B 573 40.33 49.07 1.56
C ALA B 573 41.42 50.12 1.37
N CYS B 574 41.76 50.48 0.13
CA CYS B 574 42.96 51.28 -0.14
C CYS B 574 42.61 52.48 -1.03
N ASN B 575 42.22 53.58 -0.39
CA ASN B 575 42.14 54.88 -1.06
C ASN B 575 41.15 54.86 -2.22
N LEU B 576 40.14 53.99 -2.11
CA LEU B 576 39.11 53.87 -3.12
C LEU B 576 37.86 54.62 -2.67
N LEU B 577 37.19 55.26 -3.62
CA LEU B 577 36.01 56.07 -3.32
C LEU B 577 35.00 55.82 -4.44
N LEU B 578 34.09 54.88 -4.22
CA LEU B 578 33.07 54.58 -5.22
C LEU B 578 31.96 55.62 -5.17
N VAL B 579 31.47 55.99 -6.35
CA VAL B 579 30.42 56.99 -6.49
C VAL B 579 29.35 56.43 -7.42
N THR B 580 28.14 56.97 -7.33
CA THR B 580 27.06 56.62 -8.23
C THR B 580 26.20 57.84 -8.51
N GLY B 581 25.53 57.82 -9.64
CA GLY B 581 24.65 58.91 -10.02
C GLY B 581 24.32 58.82 -11.49
N ILE B 582 23.43 59.72 -11.91
CA ILE B 582 22.95 59.74 -13.29
C ILE B 582 23.60 60.90 -14.01
N THR B 583 23.70 60.77 -15.33
CA THR B 583 24.31 61.80 -16.15
C THR B 583 23.58 61.91 -17.47
N GLN B 584 23.97 62.91 -18.26
CA GLN B 584 23.32 63.18 -19.53
C GLN B 584 24.27 64.02 -20.38
N GLU B 585 24.69 63.48 -21.52
CA GLU B 585 25.50 64.22 -22.48
C GLU B 585 25.73 63.40 -23.75
N MET C 1 34.49 35.73 9.66
CA MET C 1 33.40 36.31 10.49
C MET C 1 33.27 35.54 11.81
N GLN C 2 32.87 34.28 11.72
CA GLN C 2 32.72 33.45 12.90
C GLN C 2 33.90 33.61 13.85
N GLN C 3 35.11 33.75 13.29
CA GLN C 3 36.29 33.92 14.12
C GLN C 3 36.22 35.24 14.89
N ALA C 4 35.82 36.33 14.22
CA ALA C 4 35.73 37.61 14.88
C ALA C 4 34.69 37.56 16.01
N LEU C 5 33.56 36.91 15.76
CA LEU C 5 32.56 36.78 16.81
C LEU C 5 33.09 35.99 17.99
N GLU C 6 33.83 34.90 17.72
CA GLU C 6 34.38 34.12 18.83
C GLU C 6 35.38 34.95 19.63
N LEU C 7 36.22 35.73 18.94
CA LEU C 7 37.13 36.63 19.65
C LEU C 7 36.37 37.60 20.53
N ALA C 8 35.32 38.22 19.99
CA ALA C 8 34.56 39.19 20.78
C ALA C 8 33.91 38.54 21.98
N LEU C 9 33.35 37.34 21.79
CA LEU C 9 32.72 36.64 22.91
C LEU C 9 33.72 36.27 23.98
N ASP C 10 34.93 35.83 23.58
CA ASP C 10 35.96 35.56 24.57
C ASP C 10 36.33 36.82 25.34
N ARG C 11 36.48 37.93 24.63
CA ARG C 11 36.79 39.19 25.31
C ARG C 11 35.70 39.55 26.32
N ALA C 12 34.44 39.41 25.91
CA ALA C 12 33.34 39.75 26.81
C ALA C 12 33.32 38.84 28.03
N GLU C 13 33.54 37.55 27.83
CA GLU C 13 33.58 36.63 28.96
C GLU C 13 34.69 37.02 29.93
N TYR C 14 35.87 37.33 29.40
CA TYR C 14 36.97 37.73 30.28
C TYR C 14 36.63 38.98 31.05
N VAL C 15 36.04 39.98 30.39
CA VAL C 15 35.72 41.23 31.06
C VAL C 15 34.69 40.99 32.16
N ILE C 16 33.67 40.17 31.87
CA ILE C 16 32.67 39.86 32.88
C ILE C 16 33.31 39.20 34.08
N GLU C 17 34.14 38.19 33.84
CA GLU C 17 34.80 37.48 34.94
C GLU C 17 35.62 38.45 35.78
N SER C 18 36.48 39.24 35.15
CA SER C 18 37.36 40.13 35.90
C SER C 18 36.56 41.17 36.67
N ALA C 19 35.52 41.74 36.03
CA ALA C 19 34.71 42.74 36.72
C ALA C 19 33.99 42.13 37.91
N ARG C 20 33.58 40.86 37.79
CA ARG C 20 32.95 40.20 38.94
C ARG C 20 33.95 40.01 40.07
N GLN C 21 35.20 39.66 39.75
CA GLN C 21 36.16 39.34 40.79
C GLN C 21 36.96 40.56 41.23
N ARG C 22 37.52 41.31 40.28
CA ARG C 22 38.46 42.39 40.57
C ARG C 22 37.85 43.74 40.22
N PRO C 23 36.90 44.22 41.02
CA PRO C 23 36.34 45.54 40.76
C PRO C 23 37.42 46.61 40.89
N PRO C 24 37.38 47.65 40.06
CA PRO C 24 38.26 48.80 40.28
C PRO C 24 37.62 49.78 41.25
N LYS C 25 38.47 50.47 42.02
CA LYS C 25 37.99 51.58 42.84
C LYS C 25 37.98 52.85 42.01
N ARG C 26 36.90 53.61 42.09
CA ARG C 26 36.75 54.81 41.27
C ARG C 26 37.66 55.92 41.75
N SER C 31 34.14 64.61 49.31
CA SER C 31 32.75 65.04 49.22
C SER C 31 32.08 65.07 50.59
N GLY C 32 31.18 66.02 50.78
CA GLY C 32 30.39 66.06 51.99
C GLY C 32 29.29 65.02 51.95
N ARG C 33 28.55 65.00 50.85
CA ARG C 33 27.47 64.04 50.63
C ARG C 33 27.95 62.98 49.66
N LYS C 34 27.75 61.72 50.01
CA LYS C 34 28.07 60.61 49.13
C LYS C 34 26.78 59.99 48.60
N SER C 35 26.72 59.84 47.28
CA SER C 35 25.47 59.48 46.62
C SER C 35 24.99 58.10 47.07
N VAL C 36 23.67 57.92 47.02
CA VAL C 36 23.11 56.61 47.32
C VAL C 36 23.69 55.56 46.38
N PHE C 37 23.87 55.92 45.12
CA PHE C 37 24.53 55.00 44.19
C PHE C 37 25.99 54.82 44.53
N GLN C 38 26.64 55.87 45.03
CA GLN C 38 28.01 55.71 45.50
C GLN C 38 28.08 54.71 46.65
N LYS C 39 27.15 54.83 47.61
CA LYS C 39 27.14 53.88 48.72
C LYS C 39 26.87 52.46 48.23
N LEU C 40 25.98 52.31 47.24
CA LEU C 40 25.74 51.00 46.67
C LEU C 40 27.01 50.44 46.05
N TYR C 41 27.72 51.26 45.27
CA TYR C 41 28.95 50.80 44.64
C TYR C 41 29.99 50.41 45.69
N ASP C 42 30.05 51.16 46.79
CA ASP C 42 31.03 50.87 47.83
C ASP C 42 30.68 49.57 48.56
N LEU C 43 29.41 49.39 48.92
CA LEU C 43 29.00 48.14 49.54
C LEU C 43 29.21 46.96 48.60
N TYR C 44 29.15 47.20 47.29
CA TYR C 44 29.52 46.14 46.36
C TYR C 44 31.02 45.86 46.39
N ILE C 45 31.83 46.91 46.41
CA ILE C 45 33.27 46.73 46.46
C ILE C 45 33.66 45.90 47.67
N GLU C 46 33.11 46.23 48.84
CA GLU C 46 33.44 45.48 50.04
C GLU C 46 33.11 44.01 49.89
N GLU C 47 31.90 43.69 49.44
CA GLU C 47 31.45 42.31 49.40
C GLU C 47 32.34 41.43 48.53
N CYS C 48 33.05 42.04 47.56
CA CYS C 48 33.95 41.24 46.74
C CYS C 48 35.12 40.71 47.55
N GLU C 49 35.72 41.56 48.39
CA GLU C 49 36.90 41.15 49.15
C GLU C 49 36.64 39.88 49.95
N LYS C 50 35.50 39.82 50.64
CA LYS C 50 35.22 38.72 51.53
C LYS C 50 35.23 37.39 50.78
N GLU C 51 35.23 36.31 51.56
CA GLU C 51 34.98 34.98 51.03
C GLU C 51 33.63 34.47 51.52
N PRO C 52 32.97 33.59 50.77
CA PRO C 52 31.74 32.99 51.29
C PRO C 52 32.04 31.85 52.24
N GLU C 53 30.99 31.34 52.87
CA GLU C 53 31.11 30.19 53.75
C GLU C 53 30.80 28.90 53.02
N VAL C 54 29.66 28.85 52.37
CA VAL C 54 29.22 27.65 51.67
C VAL C 54 29.79 27.67 50.26
N LYS C 55 30.22 26.50 49.79
CA LYS C 55 30.57 26.36 48.38
C LYS C 55 29.29 26.41 47.54
N LYS C 56 29.42 26.98 46.34
CA LYS C 56 28.28 27.19 45.45
C LYS C 56 27.31 28.23 46.02
N LEU C 57 27.86 29.36 46.47
CA LEU C 57 27.03 30.47 46.92
C LEU C 57 27.85 31.75 46.80
N ARG C 58 27.15 32.89 46.72
CA ARG C 58 27.77 34.19 46.61
C ARG C 58 27.25 35.14 47.67
N ARG C 59 28.01 36.21 47.92
CA ARG C 59 27.72 37.19 48.95
C ARG C 59 27.06 38.44 48.38
N ASN C 60 27.68 39.07 47.38
CA ASN C 60 27.19 40.30 46.80
C ASN C 60 25.99 39.98 45.91
N VAL C 61 24.83 39.84 46.55
CA VAL C 61 23.63 39.42 45.82
C VAL C 61 22.47 40.38 46.06
N ASN C 62 22.44 41.04 47.21
CA ASN C 62 21.37 42.00 47.53
C ASN C 62 22.04 43.26 48.06
N LEU C 63 22.43 44.14 47.15
CA LEU C 63 23.11 45.36 47.54
C LEU C 63 22.15 46.37 48.18
N LEU C 64 20.88 46.37 47.75
CA LEU C 64 19.92 47.29 48.35
C LEU C 64 19.44 46.79 49.69
N GLU C 65 18.87 45.58 49.73
CA GLU C 65 18.27 45.09 50.97
C GLU C 65 19.26 45.09 52.12
N LYS C 66 20.55 44.89 51.82
CA LYS C 66 21.56 45.00 52.86
C LYS C 66 21.85 46.45 53.21
N LEU C 67 21.90 47.33 52.21
CA LEU C 67 22.22 48.74 52.49
C LEU C 67 21.03 49.48 53.10
N VAL C 68 19.95 48.78 53.42
CA VAL C 68 18.84 49.42 54.10
C VAL C 68 19.12 49.50 55.60
N MET C 69 19.38 48.35 56.23
CA MET C 69 19.63 48.34 57.66
C MET C 69 20.80 49.23 58.06
N GLN C 70 21.75 49.45 57.16
CA GLN C 70 22.97 50.15 57.55
C GLN C 70 22.72 51.63 57.85
N GLU C 71 21.49 52.10 57.64
CA GLU C 71 21.08 53.42 58.10
C GLU C 71 19.61 53.65 57.80
N THR C 72 19.09 54.76 58.30
CA THR C 72 17.73 55.16 58.00
C THR C 72 17.65 55.76 56.61
N LEU C 73 16.62 55.38 55.86
CA LEU C 73 16.36 55.93 54.53
C LEU C 73 14.86 56.14 54.39
N SER C 74 14.46 57.27 53.82
CA SER C 74 13.04 57.55 53.65
C SER C 74 12.52 56.81 52.41
N CYS C 75 11.53 55.94 52.62
CA CYS C 75 11.02 55.09 51.56
C CYS C 75 9.53 55.35 51.37
N LEU C 76 9.00 54.74 50.31
CA LEU C 76 7.56 54.73 50.04
C LEU C 76 7.07 53.30 50.20
N VAL C 77 6.04 53.10 51.00
CA VAL C 77 5.62 51.76 51.36
C VAL C 77 4.34 51.40 50.62
N VAL C 78 4.22 50.12 50.28
CA VAL C 78 3.07 49.59 49.56
C VAL C 78 2.52 48.43 50.38
N ASN C 79 1.21 48.43 50.60
CA ASN C 79 0.56 47.40 51.39
C ASN C 79 -0.32 46.58 50.46
N LEU C 80 -0.09 45.26 50.43
CA LEU C 80 -0.80 44.35 49.54
C LEU C 80 -1.60 43.39 50.41
N TYR C 81 -2.81 43.78 50.77
CA TYR C 81 -3.63 42.98 51.66
C TYR C 81 -4.16 41.74 50.93
N PRO C 82 -4.55 40.71 51.67
CA PRO C 82 -4.88 39.43 51.04
C PRO C 82 -6.32 39.39 50.53
N GLY C 83 -6.69 38.21 50.03
CA GLY C 83 -8.02 38.03 49.50
C GLY C 83 -8.32 39.04 48.40
N ASN C 84 -9.53 39.61 48.45
CA ASN C 84 -9.91 40.70 47.58
C ASN C 84 -9.86 42.05 48.29
N GLU C 85 -8.92 42.21 49.21
CA GLU C 85 -8.85 43.45 49.99
C GLU C 85 -8.40 44.62 49.14
N GLY C 86 -7.35 44.43 48.36
CA GLY C 86 -6.80 45.48 47.53
C GLY C 86 -5.37 45.80 47.90
N TYR C 87 -4.99 47.06 47.66
CA TYR C 87 -3.68 47.57 48.02
C TYR C 87 -3.81 49.02 48.45
N SER C 88 -2.77 49.51 49.13
CA SER C 88 -2.78 50.87 49.64
C SER C 88 -1.35 51.36 49.78
N LEU C 89 -1.19 52.68 49.83
CA LEU C 89 0.10 53.33 49.92
C LEU C 89 0.22 54.07 51.24
N MET C 90 1.40 54.01 51.84
CA MET C 90 1.70 54.71 53.08
C MET C 90 2.85 55.67 52.85
N LEU C 91 2.91 56.72 53.66
CA LEU C 91 3.96 57.73 53.58
C LEU C 91 4.35 58.15 54.98
N ARG C 92 5.46 57.61 55.48
CA ARG C 92 5.91 57.93 56.82
C ARG C 92 6.15 59.42 56.96
N GLY C 93 5.73 59.98 58.08
CA GLY C 93 5.87 61.40 58.34
C GLY C 93 7.13 61.74 59.12
N LYS C 94 7.39 63.05 59.22
CA LYS C 94 8.52 63.56 59.97
C LYS C 94 8.36 63.39 61.48
N ASN C 95 7.13 63.15 61.93
CA ASN C 95 6.81 63.21 63.35
C ASN C 95 6.46 61.85 63.93
N GLY C 96 7.09 60.79 63.45
CA GLY C 96 6.72 59.45 63.85
C GLY C 96 5.26 59.17 63.54
N SER C 97 4.74 59.90 62.57
CA SER C 97 3.34 59.82 62.17
C SER C 97 3.24 58.98 60.91
N ASP C 98 2.04 58.92 60.33
CA ASP C 98 1.87 58.20 59.09
C ASP C 98 0.58 58.65 58.42
N SER C 99 0.42 58.25 57.17
CA SER C 99 -0.80 58.45 56.41
C SER C 99 -0.96 57.30 55.44
N GLU C 100 -2.21 56.96 55.13
CA GLU C 100 -2.50 55.85 54.25
C GLU C 100 -3.71 56.17 53.39
N THR C 101 -3.87 55.42 52.31
CA THR C 101 -4.86 55.73 51.29
C THR C 101 -6.01 54.73 51.33
N ILE C 102 -7.04 55.04 50.54
CA ILE C 102 -8.13 54.11 50.33
C ILE C 102 -7.57 52.81 49.79
N ARG C 103 -8.32 51.72 49.97
CA ARG C 103 -7.90 50.42 49.46
C ARG C 103 -8.43 50.26 48.04
N LEU C 104 -7.53 50.24 47.07
CA LEU C 104 -7.95 50.09 45.68
C LEU C 104 -8.02 48.62 45.31
N PRO C 105 -8.97 48.23 44.46
CA PRO C 105 -9.17 46.82 44.16
C PRO C 105 -8.01 46.24 43.35
N TYR C 106 -8.02 44.93 43.23
CA TYR C 106 -6.94 44.23 42.54
C TYR C 106 -7.18 44.14 41.04
N GLU C 107 -8.25 44.76 40.53
CA GLU C 107 -8.47 44.74 39.09
C GLU C 107 -7.73 45.88 38.41
N GLU C 108 -7.72 47.06 39.03
CA GLU C 108 -7.08 48.24 38.45
C GLU C 108 -5.57 48.14 38.65
N GLY C 109 -4.97 47.17 37.96
CA GLY C 109 -3.55 46.92 38.10
C GLY C 109 -2.68 47.82 37.26
N GLU C 110 -3.00 49.11 37.21
CA GLU C 110 -2.19 50.05 36.45
C GLU C 110 -0.88 50.36 37.16
N LEU C 111 -0.94 50.58 38.48
CA LEU C 111 0.27 50.86 39.24
C LEU C 111 1.13 49.62 39.41
N LEU C 112 0.51 48.46 39.62
CA LEU C 112 1.30 47.26 39.85
C LEU C 112 2.19 46.95 38.67
N GLU C 113 1.75 47.27 37.45
CA GLU C 113 2.60 47.10 36.29
C GLU C 113 3.88 47.93 36.43
N TYR C 114 3.74 49.18 36.88
CA TYR C 114 4.93 50.00 37.11
C TYR C 114 5.81 49.40 38.19
N LEU C 115 5.22 48.98 39.30
CA LEU C 115 6.00 48.32 40.33
C LEU C 115 6.64 47.04 39.83
N ASP C 116 5.96 46.31 38.94
CA ASP C 116 6.46 45.03 38.49
C ASP C 116 7.74 45.17 37.68
N ALA C 117 8.05 46.38 37.20
CA ALA C 117 9.18 46.61 36.32
C ALA C 117 10.22 47.53 36.92
N GLU C 118 9.95 48.11 38.10
CA GLU C 118 10.87 49.04 38.75
C GLU C 118 11.00 50.33 37.94
N GLU C 119 9.85 50.86 37.52
CA GLU C 119 9.80 52.10 36.77
C GLU C 119 8.97 53.11 37.54
N LEU C 120 9.49 54.32 37.66
CA LEU C 120 8.81 55.37 38.42
C LEU C 120 7.60 55.87 37.64
N PRO C 121 6.39 55.73 38.17
CA PRO C 121 5.24 56.30 37.47
C PRO C 121 5.32 57.82 37.46
N PRO C 122 4.80 58.46 36.41
CA PRO C 122 4.88 59.93 36.34
C PRO C 122 3.82 60.63 37.17
N ILE C 123 2.69 59.98 37.47
CA ILE C 123 1.71 60.59 38.36
C ILE C 123 2.27 60.75 39.76
N LEU C 124 3.11 59.82 40.20
CA LEU C 124 3.63 59.84 41.55
C LEU C 124 4.45 61.10 41.80
N VAL C 125 5.36 61.42 40.87
CA VAL C 125 6.33 62.49 41.10
C VAL C 125 5.66 63.85 41.23
N ASP C 126 4.65 64.12 40.41
CA ASP C 126 4.01 65.43 40.45
C ASP C 126 3.49 65.75 41.85
N LEU C 127 3.06 64.73 42.58
CA LEU C 127 2.58 64.95 43.94
C LEU C 127 3.72 64.85 44.95
N LEU C 128 4.59 63.85 44.83
CA LEU C 128 5.68 63.70 45.77
C LEU C 128 6.51 64.97 45.86
N GLU C 129 6.63 65.72 44.77
CA GLU C 129 7.29 67.01 44.85
C GLU C 129 6.49 68.00 45.70
N LYS C 130 5.16 68.01 45.54
CA LYS C 130 4.34 68.89 46.36
C LYS C 130 4.49 68.56 47.84
N SER C 131 4.47 67.28 48.19
CA SER C 131 4.77 66.89 49.56
C SER C 131 6.24 67.12 49.84
N GLN C 132 6.53 68.15 50.64
CA GLN C 132 7.91 68.59 50.82
C GLN C 132 8.64 67.55 51.66
N VAL C 133 9.13 66.52 50.98
CA VAL C 133 10.01 65.52 51.59
C VAL C 133 11.11 65.21 50.59
N ASN C 134 12.23 64.71 51.11
CA ASN C 134 13.44 64.48 50.32
C ASN C 134 13.62 63.01 49.97
N ILE C 135 12.53 62.32 49.64
CA ILE C 135 12.58 60.89 49.42
C ILE C 135 13.30 60.52 48.12
N PHE C 136 13.63 61.50 47.27
CA PHE C 136 14.38 61.22 46.06
C PHE C 136 15.84 60.98 46.40
N HIS C 137 16.49 60.11 45.63
CA HIS C 137 17.91 59.82 45.77
C HIS C 137 18.47 59.58 44.37
N CYS C 138 19.06 60.62 43.78
CA CYS C 138 19.55 60.55 42.40
C CYS C 138 18.45 60.08 41.46
N GLY C 139 17.37 60.85 41.41
CA GLY C 139 16.25 60.54 40.54
C GLY C 139 15.40 59.41 41.05
N CYS C 140 16.02 58.31 41.43
CA CYS C 140 15.31 57.11 41.83
C CYS C 140 14.66 57.29 43.19
N VAL C 141 13.59 56.52 43.42
CA VAL C 141 12.85 56.53 44.68
C VAL C 141 12.82 55.09 45.19
N ILE C 142 13.32 54.87 46.40
CA ILE C 142 13.28 53.55 46.99
C ILE C 142 11.90 53.29 47.56
N ALA C 143 11.40 52.08 47.39
CA ALA C 143 10.06 51.71 47.84
C ALA C 143 10.10 50.37 48.55
N GLU C 144 9.22 50.21 49.53
CA GLU C 144 9.12 48.98 50.31
C GLU C 144 7.77 48.34 50.06
N ILE C 145 7.77 47.03 49.82
CA ILE C 145 6.57 46.31 49.43
C ILE C 145 6.26 45.32 50.53
N ARG C 146 5.22 45.62 51.31
CA ARG C 146 4.70 44.70 52.31
C ARG C 146 3.47 44.01 51.74
N ASP C 147 3.39 42.69 51.91
CA ASP C 147 2.29 41.91 51.37
C ASP C 147 1.85 40.88 52.40
N TYR C 148 0.58 40.96 52.80
CA TYR C 148 -0.04 39.95 53.63
C TYR C 148 -0.81 38.93 52.78
N ARG C 149 -0.39 38.74 51.54
CA ARG C 149 -1.14 37.88 50.62
C ARG C 149 -1.19 36.45 51.13
N GLN C 150 -0.09 35.95 51.67
CA GLN C 150 0.02 34.54 52.08
C GLN C 150 0.60 34.51 53.49
N SER C 151 -0.26 34.23 54.48
CA SER C 151 0.20 34.04 55.85
C SER C 151 -0.97 33.54 56.68
N SER C 152 -0.70 32.60 57.59
CA SER C 152 -1.69 32.11 58.54
C SER C 152 -1.06 31.87 59.91
N ASN C 153 -0.14 32.75 60.29
CA ASN C 153 0.56 32.63 61.57
C ASN C 153 0.04 33.61 62.61
N MET C 154 -0.72 34.62 62.20
CA MET C 154 -1.28 35.57 63.14
C MET C 154 -0.19 36.12 64.03
N LYS C 155 0.78 36.82 63.45
CA LYS C 155 1.91 37.38 64.17
C LYS C 155 1.87 38.89 64.04
N SER C 156 2.90 39.55 64.59
CA SER C 156 3.00 40.99 64.41
C SER C 156 3.54 41.36 63.03
N PRO C 157 4.70 40.87 62.59
CA PRO C 157 5.21 41.27 61.28
C PRO C 157 4.35 40.77 60.13
N GLY C 158 4.17 39.45 60.06
CA GLY C 158 3.28 38.87 59.05
C GLY C 158 3.44 39.39 57.65
N TYR C 159 4.62 39.91 57.29
CA TYR C 159 4.87 40.35 55.93
C TYR C 159 6.35 40.23 55.64
N GLN C 160 6.69 40.26 54.34
CA GLN C 160 8.06 40.11 53.88
C GLN C 160 8.49 41.43 53.26
N SER C 161 9.22 42.23 54.03
CA SER C 161 9.63 43.56 53.57
C SER C 161 10.65 43.41 52.44
N ARG C 162 10.20 43.66 51.21
CA ARG C 162 11.08 43.74 50.06
C ARG C 162 11.32 45.20 49.71
N HIS C 163 12.53 45.50 49.24
CA HIS C 163 12.88 46.83 48.79
C HIS C 163 13.25 46.78 47.32
N ILE C 164 12.90 47.84 46.60
CA ILE C 164 13.19 47.94 45.18
C ILE C 164 13.46 49.41 44.85
N LEU C 165 14.12 49.63 43.73
CA LEU C 165 14.50 50.97 43.29
C LEU C 165 13.68 51.31 42.05
N LEU C 166 12.90 52.39 42.14
CA LEU C 166 12.07 52.84 41.02
C LEU C 166 12.87 53.84 40.20
N ARG C 167 13.57 53.36 39.19
CA ARG C 167 14.38 54.25 38.38
C ARG C 167 13.48 55.18 37.55
N PRO C 168 13.93 56.41 37.30
CA PRO C 168 13.17 57.29 36.42
C PRO C 168 13.34 56.87 34.97
N THR C 169 12.36 57.21 34.14
CA THR C 169 12.33 56.80 32.74
C THR C 169 12.09 58.00 31.84
N MET C 170 12.14 57.75 30.54
CA MET C 170 12.00 58.84 29.57
C MET C 170 10.67 59.55 29.71
N GLN C 171 9.64 58.86 30.20
CA GLN C 171 8.38 59.55 30.48
C GLN C 171 8.58 60.65 31.51
N THR C 172 9.31 60.33 32.58
CA THR C 172 9.53 61.31 33.64
C THR C 172 10.28 62.52 33.13
N LEU C 173 11.27 62.30 32.26
CA LEU C 173 12.05 63.43 31.74
C LEU C 173 11.19 64.36 30.89
N ILE C 174 10.32 63.79 30.05
CA ILE C 174 9.44 64.63 29.25
C ILE C 174 8.46 65.37 30.14
N CYS C 175 7.93 64.72 31.17
CA CYS C 175 7.07 65.43 32.12
C CYS C 175 7.82 66.57 32.78
N ASP C 176 9.09 66.34 33.15
CA ASP C 176 9.88 67.40 33.75
C ASP C 176 10.07 68.56 32.79
N VAL C 177 10.37 68.27 31.53
CA VAL C 177 10.51 69.32 30.53
C VAL C 177 9.22 70.12 30.44
N HIS C 178 8.08 69.43 30.41
CA HIS C 178 6.79 70.12 30.41
C HIS C 178 6.63 71.00 31.64
N SER C 179 7.08 70.52 32.80
CA SER C 179 6.84 71.24 34.05
C SER C 179 7.70 72.49 34.14
N ILE C 180 8.98 72.39 33.79
CA ILE C 180 9.88 73.53 33.95
C ILE C 180 9.47 74.67 33.03
N THR C 181 8.99 74.35 31.82
CA THR C 181 8.68 75.38 30.84
C THR C 181 7.38 76.10 31.11
N SER C 182 6.60 75.67 32.10
CA SER C 182 5.29 76.26 32.35
C SER C 182 5.41 77.52 33.20
N ASP C 183 6.58 78.13 33.23
CA ASP C 183 6.80 79.35 33.99
C ASP C 183 6.31 80.57 33.20
N ASN C 184 6.25 81.71 33.87
CA ASN C 184 5.66 82.90 33.29
C ASN C 184 6.34 83.33 32.00
N HIS C 185 7.60 82.96 31.81
CA HIS C 185 8.34 83.41 30.64
C HIS C 185 7.73 82.82 29.37
N LYS C 186 8.26 83.27 28.23
CA LYS C 186 8.00 82.60 26.96
C LYS C 186 9.09 81.58 26.68
N TRP C 187 8.74 80.56 25.90
CA TRP C 187 9.68 79.53 25.49
C TRP C 187 9.47 79.26 24.02
N THR C 188 10.54 79.29 23.24
CA THR C 188 10.46 78.92 21.84
C THR C 188 10.99 77.50 21.66
N GLN C 189 10.59 76.89 20.54
CA GLN C 189 10.93 75.49 20.31
C GLN C 189 12.41 75.23 20.50
N GLU C 190 13.26 76.08 19.90
CA GLU C 190 14.69 75.94 20.07
C GLU C 190 15.08 75.92 21.55
N ASP C 191 14.46 76.80 22.35
CA ASP C 191 14.80 76.87 23.76
C ASP C 191 14.38 75.61 24.50
N LYS C 192 13.19 75.08 24.20
CA LYS C 192 12.78 73.83 24.82
C LYS C 192 13.75 72.71 24.49
N LEU C 193 14.19 72.64 23.25
CA LEU C 193 15.16 71.62 22.88
C LEU C 193 16.49 71.82 23.61
N LEU C 194 16.92 73.07 23.77
CA LEU C 194 18.15 73.32 24.52
C LEU C 194 18.01 72.83 25.97
N LEU C 195 16.90 73.17 26.62
CA LEU C 195 16.67 72.70 27.98
C LEU C 195 16.72 71.18 28.05
N GLU C 196 16.01 70.51 27.14
CA GLU C 196 16.00 69.05 27.15
C GLU C 196 17.40 68.49 26.94
N SER C 197 18.17 69.10 26.03
CA SER C 197 19.52 68.62 25.77
C SER C 197 20.38 68.74 27.02
N GLN C 198 20.30 69.87 27.70
CA GLN C 198 21.06 70.02 28.95
C GLN C 198 20.66 68.98 29.97
N LEU C 199 19.35 68.79 30.18
CA LEU C 199 18.90 67.82 31.16
C LEU C 199 19.41 66.43 30.82
N ILE C 200 19.31 66.03 29.55
CA ILE C 200 19.78 64.70 29.16
C ILE C 200 21.28 64.57 29.40
N LEU C 201 22.04 65.60 29.03
CA LEU C 201 23.48 65.55 29.22
C LEU C 201 23.84 65.37 30.69
N ALA C 202 23.12 66.07 31.58
CA ALA C 202 23.49 66.05 32.99
C ALA C 202 23.31 64.66 33.60
N THR C 203 22.14 64.04 33.40
CA THR C 203 21.75 62.86 34.15
C THR C 203 21.87 61.57 33.35
N ALA C 204 22.70 61.54 32.32
CA ALA C 204 22.82 60.35 31.48
C ALA C 204 23.95 59.45 31.97
N GLU C 205 23.78 58.15 31.73
CA GLU C 205 24.81 57.18 32.06
C GLU C 205 26.06 57.43 31.23
N PRO C 206 27.26 57.17 31.76
CA PRO C 206 28.47 57.40 30.96
C PRO C 206 28.50 56.49 29.73
N LEU C 207 29.16 56.96 28.68
CA LEU C 207 29.19 56.25 27.42
C LEU C 207 30.52 55.52 27.24
N CYS C 208 30.41 54.27 26.78
CA CYS C 208 31.59 53.41 26.58
C CYS C 208 32.01 53.46 25.11
N LEU C 209 32.40 54.65 24.66
CA LEU C 209 32.73 54.87 23.25
C LEU C 209 34.02 54.12 22.94
N ASP C 210 33.88 53.01 22.23
CA ASP C 210 35.03 52.19 21.86
C ASP C 210 34.69 51.29 20.68
N PRO C 211 35.47 51.34 19.58
CA PRO C 211 35.12 50.54 18.41
C PRO C 211 35.52 49.07 18.53
N SER C 212 34.71 48.27 19.20
CA SER C 212 34.92 46.84 19.24
C SER C 212 33.67 46.18 19.79
N ILE C 213 33.20 45.14 19.10
CA ILE C 213 31.90 44.57 19.39
C ILE C 213 31.96 43.69 20.64
N ALA C 214 33.11 43.64 21.31
CA ALA C 214 33.13 43.06 22.63
C ALA C 214 32.20 43.81 23.58
N VAL C 215 32.13 45.14 23.43
CA VAL C 215 31.27 45.94 24.27
C VAL C 215 29.82 45.48 24.17
N THR C 216 29.31 45.35 22.95
CA THR C 216 27.91 44.98 22.78
C THR C 216 27.66 43.55 23.25
N CYS C 217 28.63 42.65 23.08
CA CYS C 217 28.45 41.29 23.59
C CYS C 217 28.31 41.30 25.11
N THR C 218 29.19 42.04 25.80
CA THR C 218 29.07 42.14 27.25
C THR C 218 27.72 42.72 27.65
N ALA C 219 27.32 43.82 27.00
CA ALA C 219 26.06 44.46 27.35
C ALA C 219 24.89 43.52 27.14
N ASN C 220 24.88 42.79 26.02
CA ASN C 220 23.79 41.86 25.76
C ASN C 220 23.75 40.77 26.81
N ARG C 221 24.90 40.20 27.18
CA ARG C 221 24.89 39.16 28.19
C ARG C 221 24.32 39.68 29.50
N LEU C 222 24.81 40.83 29.96
CA LEU C 222 24.36 41.34 31.25
C LEU C 222 22.88 41.67 31.23
N LEU C 223 22.40 42.36 30.20
CA LEU C 223 20.98 42.70 30.15
C LEU C 223 20.11 41.46 30.03
N TYR C 224 20.47 40.53 29.15
CA TYR C 224 19.72 39.29 29.03
C TYR C 224 19.56 38.62 30.38
N ASN C 225 20.67 38.46 31.10
CA ASN C 225 20.57 37.85 32.43
C ASN C 225 19.74 38.69 33.37
N LYS C 226 19.75 40.02 33.22
CA LYS C 226 18.92 40.87 34.07
C LYS C 226 17.45 40.55 33.89
N GLN C 227 17.01 40.37 32.64
CA GLN C 227 15.57 40.28 32.34
C GLN C 227 15.20 39.03 31.55
N LYS C 228 15.81 37.89 31.88
CA LYS C 228 15.61 36.70 31.04
C LYS C 228 14.28 36.01 31.32
N MET C 229 13.49 36.53 32.26
CA MET C 229 12.24 35.88 32.65
C MET C 229 11.02 36.74 32.38
N ASN C 230 11.04 37.57 31.34
CA ASN C 230 9.90 38.37 30.95
C ASN C 230 9.34 37.97 29.59
N THR C 231 9.55 36.71 29.20
CA THR C 231 9.00 36.24 27.94
C THR C 231 7.48 36.34 27.96
N ARG C 232 6.89 36.41 26.77
CA ARG C 232 5.46 36.59 26.67
C ARG C 232 4.71 35.44 27.33
N PRO C 233 5.11 34.19 27.09
CA PRO C 233 4.41 33.08 27.77
C PRO C 233 4.49 33.16 29.29
N MET C 234 5.63 33.59 29.85
CA MET C 234 5.71 33.79 31.29
C MET C 234 4.64 34.75 31.78
N LYS C 235 4.55 35.92 31.15
CA LYS C 235 3.58 36.91 31.60
C LYS C 235 2.16 36.41 31.41
N ARG C 236 1.89 35.70 30.32
CA ARG C 236 0.57 35.12 30.15
C ARG C 236 0.24 34.14 31.28
N CYS C 237 1.22 33.31 31.66
CA CYS C 237 0.97 32.35 32.72
C CYS C 237 0.71 33.04 34.05
N PHE C 238 1.53 34.04 34.40
CA PHE C 238 1.24 34.82 35.60
C PHE C 238 -0.16 35.40 35.54
N LYS C 239 -0.52 36.03 34.42
CA LYS C 239 -1.81 36.69 34.33
C LYS C 239 -2.95 35.69 34.37
N ARG C 240 -2.69 34.42 34.04
CA ARG C 240 -3.78 33.45 33.94
C ARG C 240 -4.32 33.07 35.31
N TYR C 241 -3.52 33.20 36.36
CA TYR C 241 -3.92 32.78 37.70
C TYR C 241 -4.01 33.96 38.67
N SER C 242 -3.74 35.17 38.22
CA SER C 242 -3.82 36.32 39.10
C SER C 242 -5.23 36.44 39.68
N ARG C 243 -5.35 37.30 40.69
CA ARG C 243 -6.57 37.32 41.49
C ARG C 243 -7.78 37.73 40.66
N SER C 244 -7.62 38.73 39.78
CA SER C 244 -8.74 39.19 38.98
C SER C 244 -9.25 38.08 38.07
N SER C 245 -8.36 37.24 37.55
CA SER C 245 -8.81 36.11 36.76
C SER C 245 -9.69 35.17 37.57
N LEU C 246 -9.29 34.86 38.80
CA LEU C 246 -10.11 34.02 39.66
C LEU C 246 -11.47 34.67 39.92
N ASN C 247 -11.49 35.95 40.26
CA ASN C 247 -12.76 36.61 40.49
C ASN C 247 -13.68 36.50 39.29
N ARG C 248 -13.12 36.53 38.07
CA ARG C 248 -13.94 36.34 36.88
C ARG C 248 -14.44 34.91 36.78
N GLN C 249 -13.59 33.93 37.12
CA GLN C 249 -14.02 32.54 36.99
C GLN C 249 -15.23 32.23 37.86
N GLN C 250 -15.28 32.72 39.09
CA GLN C 250 -16.40 32.40 39.98
C GLN C 250 -17.73 32.75 39.31
N ASP C 251 -17.79 33.87 38.58
CA ASP C 251 -19.03 34.28 37.97
C ASP C 251 -19.53 33.28 36.95
N LEU C 252 -18.63 32.47 36.38
CA LEU C 252 -19.02 31.61 35.28
C LEU C 252 -19.86 30.41 35.72
N SER C 253 -19.89 30.11 37.01
CA SER C 253 -20.61 28.93 37.47
C SER C 253 -22.11 29.02 37.23
N HIS C 254 -22.63 30.20 36.95
CA HIS C 254 -24.07 30.41 36.86
C HIS C 254 -24.57 30.51 35.43
N CYS C 255 -23.69 30.48 34.44
CA CYS C 255 -24.18 30.49 33.07
C CYS C 255 -24.82 29.13 32.75
N PRO C 256 -25.80 29.12 31.85
CA PRO C 256 -26.55 27.89 31.60
C PRO C 256 -25.74 26.93 30.73
N PRO C 257 -26.27 25.75 30.43
CA PRO C 257 -25.55 24.81 29.58
C PRO C 257 -25.85 25.04 28.11
N PRO C 258 -25.03 24.51 27.22
CA PRO C 258 -25.27 24.69 25.78
C PRO C 258 -26.36 23.75 25.30
N PRO C 259 -26.62 23.72 23.99
CA PRO C 259 -27.49 22.68 23.45
C PRO C 259 -26.81 21.32 23.47
N GLN C 260 -27.58 20.30 23.11
CA GLN C 260 -27.14 18.92 23.09
C GLN C 260 -26.99 18.34 24.49
N LEU C 261 -27.12 19.19 25.51
CA LEU C 261 -27.07 18.74 26.90
C LEU C 261 -28.39 18.97 27.62
N ARG C 262 -29.40 19.44 26.90
CA ARG C 262 -30.74 19.58 27.44
C ARG C 262 -31.25 18.30 28.08
N LEU C 263 -30.66 17.15 27.75
CA LEU C 263 -31.04 15.91 28.41
C LEU C 263 -30.83 15.99 29.91
N LEU C 264 -29.79 16.68 30.36
CA LEU C 264 -29.62 16.89 31.79
C LEU C 264 -30.80 17.64 32.38
N ASP C 265 -31.27 18.67 31.68
CA ASP C 265 -32.44 19.40 32.15
C ASP C 265 -33.65 18.49 32.25
N PHE C 266 -33.89 17.70 31.20
CA PHE C 266 -35.02 16.78 31.22
C PHE C 266 -34.93 15.83 32.41
N LEU C 267 -33.77 15.22 32.62
CA LEU C 267 -33.62 14.27 33.71
C LEU C 267 -33.80 14.93 35.07
N GLN C 268 -33.17 16.09 35.27
CA GLN C 268 -33.30 16.79 36.55
C GLN C 268 -34.76 17.10 36.85
N LYS C 269 -35.47 17.68 35.89
CA LYS C 269 -36.87 18.01 36.14
C LYS C 269 -37.72 16.76 36.33
N ARG C 270 -37.39 15.66 35.64
CA ARG C 270 -38.19 14.46 35.76
C ARG C 270 -38.04 13.80 37.12
N LYS C 271 -36.81 13.72 37.63
CA LYS C 271 -36.58 12.96 38.86
C LYS C 271 -37.50 13.40 39.99
N GLU C 272 -37.75 14.70 40.11
CA GLU C 272 -38.49 15.24 41.24
C GLU C 272 -39.93 14.74 41.32
N ARG C 273 -40.52 14.33 40.19
CA ARG C 273 -41.95 14.09 40.14
C ARG C 273 -42.41 13.16 41.24
N LYS C 274 -41.97 11.91 41.22
CA LYS C 274 -42.32 10.94 42.25
C LYS C 274 -41.64 9.62 41.93
N ALA C 275 -41.65 8.72 42.92
CA ALA C 275 -41.19 7.36 42.75
C ALA C 275 -42.19 6.44 43.43
N GLY C 276 -42.64 5.41 42.73
CA GLY C 276 -43.55 4.47 43.31
C GLY C 276 -43.89 3.35 42.34
N GLN C 277 -44.27 2.22 42.91
CA GLN C 277 -44.72 1.08 42.12
C GLN C 277 -45.37 0.09 43.08
N HIS C 278 -46.56 -0.38 42.75
CA HIS C 278 -47.19 -1.41 43.55
C HIS C 278 -46.69 -2.78 43.12
N TYR C 279 -46.76 -3.74 44.04
CA TYR C 279 -46.31 -5.10 43.78
C TYR C 279 -44.87 -5.10 43.29
N ASP C 280 -44.00 -4.44 44.04
CA ASP C 280 -42.58 -4.36 43.71
C ASP C 280 -41.92 -5.67 44.11
N LEU C 281 -41.51 -6.45 43.11
CA LEU C 281 -40.96 -7.77 43.37
C LEU C 281 -39.44 -7.78 43.54
N LYS C 282 -38.78 -6.65 43.34
CA LYS C 282 -37.34 -6.59 43.53
C LYS C 282 -36.98 -6.69 45.01
N ILE C 283 -35.89 -7.39 45.30
CA ILE C 283 -35.41 -7.51 46.68
C ILE C 283 -33.92 -7.18 46.73
N SER C 284 -33.40 -6.52 45.69
CA SER C 284 -31.96 -6.28 45.61
C SER C 284 -31.71 -4.88 45.10
N LYS C 285 -30.89 -4.11 45.82
CA LYS C 285 -30.38 -2.86 45.27
C LYS C 285 -29.16 -3.11 44.39
N ALA C 286 -28.29 -4.03 44.80
CA ALA C 286 -27.10 -4.37 44.03
C ALA C 286 -27.36 -5.42 42.97
N GLY C 287 -28.63 -5.63 42.59
CA GLY C 287 -28.93 -6.55 41.51
C GLY C 287 -28.32 -6.13 40.19
N ASN C 288 -27.88 -4.89 40.08
CA ASN C 288 -27.19 -4.41 38.88
C ASN C 288 -25.69 -4.57 39.01
N CYS C 289 -25.23 -5.81 39.21
CA CYS C 289 -23.82 -6.12 39.17
C CYS C 289 -23.48 -6.78 37.85
N VAL C 290 -22.18 -6.94 37.58
CA VAL C 290 -21.74 -7.44 36.29
C VAL C 290 -21.36 -8.92 36.39
N ASP C 291 -20.37 -9.25 37.21
CA ASP C 291 -19.87 -10.62 37.30
C ASP C 291 -20.82 -11.47 38.14
N MET C 292 -22.02 -11.66 37.59
CA MET C 292 -23.04 -12.45 38.29
C MET C 292 -22.69 -13.93 38.30
N TRP C 293 -21.68 -14.33 37.52
CA TRP C 293 -21.33 -15.74 37.42
C TRP C 293 -20.52 -16.23 38.61
N LYS C 294 -19.97 -15.33 39.41
CA LYS C 294 -19.12 -15.74 40.53
C LYS C 294 -19.96 -16.46 41.58
N ARG C 295 -19.37 -17.47 42.20
CA ARG C 295 -20.02 -18.22 43.26
C ARG C 295 -19.02 -18.43 44.38
N SER C 296 -19.41 -18.10 45.60
CA SER C 296 -18.52 -18.27 46.73
C SER C 296 -18.34 -19.77 47.02
N PRO C 297 -17.16 -20.19 47.47
CA PRO C 297 -17.00 -21.61 47.82
C PRO C 297 -17.85 -21.97 49.02
N CYS C 298 -18.80 -22.87 48.82
CA CYS C 298 -19.80 -23.18 49.84
C CYS C 298 -19.58 -24.58 50.36
N ASN C 299 -19.48 -24.71 51.68
CA ASN C 299 -19.30 -26.00 52.34
C ASN C 299 -20.64 -26.39 52.94
N LEU C 300 -21.20 -27.48 52.44
CA LEU C 300 -22.47 -27.98 52.96
C LEU C 300 -22.22 -28.97 54.08
N ALA C 301 -23.14 -28.99 55.05
CA ALA C 301 -23.07 -29.97 56.11
C ALA C 301 -23.74 -31.27 55.68
N ILE C 302 -23.19 -32.37 56.15
CA ILE C 302 -23.65 -33.70 55.73
C ILE C 302 -25.09 -33.91 56.19
N PRO C 303 -26.02 -34.27 55.31
CA PRO C 303 -27.38 -34.54 55.75
C PRO C 303 -27.44 -35.78 56.63
N SER C 304 -28.38 -35.75 57.58
CA SER C 304 -28.48 -36.85 58.54
C SER C 304 -28.82 -38.17 57.87
N GLU C 305 -29.76 -38.15 56.92
CA GLU C 305 -30.28 -39.40 56.36
C GLU C 305 -30.79 -39.14 54.95
N VAL C 306 -30.23 -39.85 53.97
CA VAL C 306 -30.63 -39.73 52.57
C VAL C 306 -31.51 -40.92 52.22
N ASP C 307 -32.63 -40.65 51.55
CA ASP C 307 -33.63 -41.67 51.30
C ASP C 307 -33.89 -41.88 49.81
N VAL C 308 -32.82 -41.97 49.02
CA VAL C 308 -33.00 -42.10 47.58
C VAL C 308 -33.57 -43.46 47.19
N GLU C 309 -33.18 -44.53 47.90
CA GLU C 309 -33.53 -45.86 47.44
C GLU C 309 -35.01 -46.15 47.56
N LYS C 310 -35.75 -45.36 48.35
CA LYS C 310 -37.19 -45.55 48.41
C LYS C 310 -37.83 -45.30 47.06
N TYR C 311 -37.20 -44.46 46.24
CA TYR C 311 -37.81 -44.03 44.98
C TYR C 311 -37.06 -44.55 43.77
N ALA C 312 -35.81 -44.96 43.92
CA ALA C 312 -35.10 -45.57 42.83
C ALA C 312 -35.80 -46.86 42.41
N LYS C 313 -35.78 -47.14 41.10
CA LYS C 313 -36.32 -48.38 40.59
C LYS C 313 -35.44 -48.88 39.46
N VAL C 314 -35.36 -50.20 39.34
CA VAL C 314 -34.63 -50.86 38.27
C VAL C 314 -35.63 -51.38 37.26
N GLU C 315 -35.23 -51.44 36.00
CA GLU C 315 -36.09 -51.98 34.96
C GLU C 315 -35.70 -53.41 34.64
N LYS C 316 -36.71 -54.20 34.27
CA LYS C 316 -36.47 -55.61 33.97
C LYS C 316 -35.57 -55.76 32.76
N SER C 317 -34.76 -56.82 32.79
CA SER C 317 -33.85 -57.11 31.70
C SER C 317 -33.76 -58.61 31.53
N ILE C 318 -33.38 -59.05 30.33
CA ILE C 318 -33.17 -60.46 30.09
C ILE C 318 -31.79 -60.84 30.59
N LYS C 319 -31.75 -61.57 31.70
CA LYS C 319 -30.47 -61.89 32.34
C LYS C 319 -29.57 -62.61 31.35
N SER C 320 -28.27 -62.58 31.63
CA SER C 320 -27.27 -63.04 30.68
C SER C 320 -26.70 -64.39 31.08
N ASP C 321 -26.58 -65.27 30.09
CA ASP C 321 -25.77 -66.46 30.22
C ASP C 321 -24.31 -66.06 30.05
N ASP C 322 -23.43 -67.06 29.96
CA ASP C 322 -22.00 -66.78 29.89
C ASP C 322 -21.52 -66.47 28.47
N SER C 323 -22.42 -66.43 27.49
CA SER C 323 -22.03 -66.19 26.12
C SER C 323 -22.57 -64.88 25.57
N GLN C 324 -23.72 -64.44 26.09
CA GLN C 324 -24.35 -63.22 25.60
C GLN C 324 -24.51 -62.21 26.72
N PRO C 325 -24.65 -60.93 26.39
CA PRO C 325 -24.79 -59.90 27.42
C PRO C 325 -26.26 -59.69 27.77
N THR C 326 -26.50 -58.88 28.80
CA THR C 326 -27.85 -58.54 29.17
C THR C 326 -28.53 -57.75 28.05
N VAL C 327 -29.85 -57.88 27.97
CA VAL C 327 -30.65 -57.26 26.93
C VAL C 327 -31.93 -56.76 27.58
N TRP C 328 -32.03 -55.45 27.76
CA TRP C 328 -32.95 -54.99 28.80
C TRP C 328 -34.42 -54.95 28.40
N PRO C 329 -34.79 -54.53 27.19
CA PRO C 329 -36.23 -54.51 26.87
C PRO C 329 -36.83 -55.88 27.08
N ALA C 330 -37.70 -56.02 28.08
CA ALA C 330 -38.07 -57.34 28.56
C ALA C 330 -39.21 -57.95 27.75
N HIS C 331 -40.07 -57.11 27.17
N HIS C 331 -40.09 -57.10 27.21
CA HIS C 331 -41.12 -57.60 26.30
CA HIS C 331 -41.21 -57.52 26.38
C HIS C 331 -41.45 -56.53 25.28
C HIS C 331 -41.38 -56.54 25.24
N ASP C 332 -42.08 -56.96 24.19
CA ASP C 332 -42.50 -56.04 23.14
C ASP C 332 -43.46 -55.04 23.76
N VAL C 333 -43.29 -53.76 23.44
CA VAL C 333 -44.15 -52.71 23.97
C VAL C 333 -44.90 -52.12 22.78
N LYS C 334 -46.22 -52.25 22.81
CA LYS C 334 -47.07 -51.82 21.72
C LYS C 334 -48.01 -50.72 22.20
N ASP C 335 -48.20 -49.70 21.35
CA ASP C 335 -49.14 -48.62 21.66
C ASP C 335 -49.85 -48.27 20.36
N ASP C 336 -51.18 -48.19 20.42
CA ASP C 336 -51.98 -47.90 19.25
C ASP C 336 -52.86 -46.68 19.48
N TYR C 337 -53.10 -45.92 18.42
CA TYR C 337 -53.95 -44.76 18.47
C TYR C 337 -54.86 -44.78 17.26
N VAL C 338 -56.12 -44.42 17.45
CA VAL C 338 -57.11 -44.42 16.38
C VAL C 338 -57.79 -43.06 16.35
N PHE C 339 -58.17 -42.63 15.16
CA PHE C 339 -58.81 -41.34 14.96
C PHE C 339 -60.02 -41.52 14.05
N GLU C 340 -61.10 -40.81 14.33
CA GLU C 340 -62.33 -40.98 13.59
C GLU C 340 -63.22 -39.76 13.81
N CYS C 341 -63.99 -39.43 12.77
CA CYS C 341 -64.94 -38.32 12.85
C CYS C 341 -66.19 -38.71 13.64
N GLU C 342 -66.58 -39.98 13.56
CA GLU C 342 -67.72 -40.51 14.31
C GLU C 342 -69.04 -40.06 13.71
N ALA C 343 -68.99 -39.15 12.73
CA ALA C 343 -70.20 -38.75 12.04
C ALA C 343 -70.67 -39.87 11.13
N GLY C 344 -71.77 -39.61 10.44
CA GLY C 344 -72.21 -40.52 9.39
C GLY C 344 -71.33 -40.37 8.17
N THR C 345 -70.56 -39.29 8.12
CA THR C 345 -69.65 -39.04 7.01
C THR C 345 -68.71 -40.22 6.82
N GLN C 346 -68.19 -40.34 5.59
CA GLN C 346 -67.14 -41.32 5.33
C GLN C 346 -65.80 -40.70 5.65
N TYR C 347 -65.14 -41.19 6.70
CA TYR C 347 -63.88 -40.61 7.14
C TYR C 347 -62.73 -41.60 7.14
N GLN C 348 -63.02 -42.90 6.95
CA GLN C 348 -61.96 -43.90 6.85
C GLN C 348 -61.03 -43.78 8.05
N LYS C 349 -61.52 -44.10 9.24
CA LYS C 349 -60.72 -43.93 10.43
C LYS C 349 -59.39 -44.65 10.28
N THR C 350 -58.30 -43.97 10.64
CA THR C 350 -56.96 -44.49 10.49
C THR C 350 -56.33 -44.76 11.85
N LYS C 351 -55.22 -45.48 11.84
CA LYS C 351 -54.57 -45.94 13.06
C LYS C 351 -53.08 -45.67 13.01
N LEU C 352 -52.51 -45.38 14.16
CA LEU C 352 -51.07 -45.19 14.33
C LEU C 352 -50.60 -46.15 15.40
N THR C 353 -49.40 -46.70 15.23
CA THR C 353 -48.90 -47.77 16.10
C THR C 353 -47.42 -47.58 16.35
N ILE C 354 -47.08 -47.13 17.55
CA ILE C 354 -45.69 -47.10 18.00
C ILE C 354 -45.34 -48.47 18.56
N LEU C 355 -44.10 -48.89 18.34
CA LEU C 355 -43.66 -50.21 18.78
C LEU C 355 -42.22 -50.15 19.26
N GLN C 356 -41.95 -50.93 20.31
CA GLN C 356 -40.59 -51.19 20.79
C GLN C 356 -40.53 -52.70 21.05
N SER C 357 -39.79 -53.41 20.21
CA SER C 357 -39.82 -54.86 20.26
C SER C 357 -38.89 -55.39 21.35
N LEU C 358 -38.91 -56.70 21.51
CA LEU C 358 -38.12 -57.36 22.55
C LEU C 358 -36.64 -57.24 22.23
N GLY C 359 -35.86 -56.86 23.23
CA GLY C 359 -34.42 -56.78 23.09
C GLY C 359 -33.94 -55.84 22.00
N ASP C 360 -34.63 -54.72 21.83
CA ASP C 360 -34.24 -53.72 20.85
C ASP C 360 -34.74 -52.36 21.30
N PRO C 361 -33.87 -51.45 21.76
CA PRO C 361 -34.35 -50.19 22.33
C PRO C 361 -34.71 -49.13 21.29
N LEU C 362 -34.81 -49.48 20.01
CA LEU C 362 -35.25 -48.52 19.02
C LEU C 362 -36.77 -48.48 18.96
N TYR C 363 -37.30 -47.35 18.53
CA TYR C 363 -38.74 -47.19 18.35
C TYR C 363 -39.10 -47.19 16.86
N TYR C 364 -40.37 -47.46 16.59
CA TYR C 364 -40.86 -47.58 15.22
C TYR C 364 -42.31 -47.12 15.16
N GLY C 365 -42.80 -46.93 13.94
CA GLY C 365 -44.16 -46.47 13.74
C GLY C 365 -44.75 -47.01 12.45
N LYS C 366 -46.06 -46.88 12.34
CA LYS C 366 -46.80 -47.34 11.16
C LYS C 366 -48.16 -46.66 11.15
N ILE C 367 -48.62 -46.28 9.96
CA ILE C 367 -49.81 -45.44 9.83
C ILE C 367 -50.86 -46.04 8.89
N GLN C 368 -50.93 -47.35 8.83
CA GLN C 368 -51.89 -47.95 7.92
C GLN C 368 -53.32 -47.56 8.29
N PRO C 369 -54.24 -47.55 7.32
CA PRO C 369 -55.62 -47.21 7.62
C PRO C 369 -56.40 -48.39 8.17
N CYS C 370 -57.10 -48.15 9.28
CA CYS C 370 -57.79 -49.23 9.97
C CYS C 370 -58.87 -49.84 9.10
N LYS C 371 -59.07 -51.14 9.27
CA LYS C 371 -60.05 -51.86 8.46
C LYS C 371 -61.47 -51.43 8.81
N ALA C 372 -62.40 -51.69 7.89
CA ALA C 372 -63.81 -51.43 8.12
C ALA C 372 -64.62 -52.69 7.86
N HIS C 390 -47.87 -53.55 3.72
CA HIS C 390 -48.15 -54.30 4.94
C HIS C 390 -47.07 -54.07 5.99
N SER C 391 -45.82 -54.10 5.55
CA SER C 391 -44.66 -53.99 6.44
C SER C 391 -43.94 -52.66 6.28
N ASN C 392 -44.69 -51.57 6.11
CA ASN C 392 -44.09 -50.25 5.93
C ASN C 392 -43.84 -49.61 7.29
N TRP C 393 -42.82 -50.12 7.97
CA TRP C 393 -42.33 -49.53 9.20
C TRP C 393 -41.29 -48.47 8.90
N PHE C 394 -41.12 -47.53 9.82
CA PHE C 394 -40.06 -46.54 9.73
C PHE C 394 -39.47 -46.33 11.11
N ILE C 395 -38.17 -46.04 11.14
CA ILE C 395 -37.45 -45.90 12.39
C ILE C 395 -37.83 -44.59 13.06
N ILE C 396 -38.28 -44.68 14.31
CA ILE C 396 -38.45 -43.53 15.18
C ILE C 396 -37.37 -43.62 16.26
N GLY C 397 -36.75 -42.49 16.55
CA GLY C 397 -35.56 -42.50 17.38
C GLY C 397 -35.77 -43.05 18.78
N SER C 398 -36.53 -42.34 19.61
CA SER C 398 -36.65 -42.70 21.02
C SER C 398 -37.99 -42.28 21.61
N LYS C 399 -38.15 -42.42 22.92
CA LYS C 399 -39.43 -42.16 23.55
C LYS C 399 -39.88 -40.73 23.35
N THR C 400 -38.96 -39.77 23.55
CA THR C 400 -39.31 -38.37 23.34
C THR C 400 -39.70 -38.12 21.88
N ASP C 401 -38.94 -38.70 20.95
CA ASP C 401 -39.28 -38.60 19.54
C ASP C 401 -40.65 -39.20 19.26
N ALA C 402 -40.96 -40.33 19.89
CA ALA C 402 -42.27 -40.94 19.69
C ALA C 402 -43.39 -40.00 20.15
N GLU C 403 -43.21 -39.37 21.31
CA GLU C 403 -44.22 -38.42 21.77
C GLU C 403 -44.36 -37.25 20.80
N ARG C 404 -43.25 -36.75 20.29
CA ARG C 404 -43.32 -35.67 19.30
C ARG C 404 -44.12 -36.09 18.09
N VAL C 405 -43.83 -37.28 17.56
CA VAL C 405 -44.52 -37.77 16.37
C VAL C 405 -46.01 -37.91 16.65
N VAL C 406 -46.37 -38.44 17.82
CA VAL C 406 -47.79 -38.60 18.15
C VAL C 406 -48.48 -37.25 18.16
N ASN C 407 -47.88 -36.26 18.82
CA ASN C 407 -48.50 -34.93 18.87
C ASN C 407 -48.67 -34.35 17.47
N GLN C 408 -47.62 -34.43 16.65
CA GLN C 408 -47.70 -33.85 15.32
C GLN C 408 -48.78 -34.53 14.49
N TYR C 409 -48.85 -35.85 14.53
CA TYR C 409 -49.86 -36.55 13.77
C TYR C 409 -51.26 -36.17 14.23
N GLN C 410 -51.48 -36.05 15.54
CA GLN C 410 -52.80 -35.66 16.03
C GLN C 410 -53.18 -34.28 15.51
N GLU C 411 -52.25 -33.33 15.58
CA GLU C 411 -52.54 -31.99 15.08
C GLU C 411 -52.88 -32.03 13.59
N LEU C 412 -52.09 -32.76 12.81
CA LEU C 412 -52.35 -32.83 11.37
C LEU C 412 -53.73 -33.41 11.08
N VAL C 413 -54.07 -34.51 11.75
CA VAL C 413 -55.37 -35.14 11.52
C VAL C 413 -56.49 -34.16 11.83
N GLN C 414 -56.41 -33.47 12.97
CA GLN C 414 -57.46 -32.53 13.31
C GLN C 414 -57.55 -31.40 12.29
N ASN C 415 -56.41 -30.86 11.86
CA ASN C 415 -56.45 -29.74 10.91
C ASN C 415 -56.95 -30.19 9.55
N GLU C 416 -56.82 -31.47 9.21
CA GLU C 416 -57.29 -31.93 7.92
C GLU C 416 -58.77 -32.30 7.97
N ALA C 417 -59.26 -32.72 9.14
CA ALA C 417 -60.66 -33.14 9.24
C ALA C 417 -61.61 -31.97 8.98
N LYS C 418 -61.32 -30.80 9.55
CA LYS C 418 -62.22 -29.65 9.49
C LYS C 418 -63.58 -30.00 10.13
N CYS C 419 -63.54 -30.90 11.10
CA CYS C 419 -64.74 -31.30 11.84
C CYS C 419 -64.28 -32.08 13.06
N PRO C 420 -65.19 -32.46 13.96
CA PRO C 420 -64.75 -33.13 15.19
C PRO C 420 -64.03 -34.44 14.90
N VAL C 421 -63.00 -34.71 15.69
CA VAL C 421 -62.20 -35.93 15.57
C VAL C 421 -61.76 -36.34 16.97
N LYS C 422 -61.76 -37.65 17.23
CA LYS C 422 -61.49 -38.17 18.56
C LYS C 422 -60.30 -39.12 18.54
N MET C 423 -59.65 -39.23 19.69
CA MET C 423 -58.45 -40.06 19.85
C MET C 423 -58.78 -41.17 20.83
N SER C 424 -58.57 -42.41 20.40
CA SER C 424 -58.83 -43.60 21.21
C SER C 424 -57.51 -44.30 21.49
N HIS C 425 -56.99 -44.13 22.70
CA HIS C 425 -55.68 -44.67 23.06
C HIS C 425 -55.81 -46.07 23.64
N SER C 426 -54.83 -46.92 23.32
CA SER C 426 -54.83 -48.30 23.77
C SER C 426 -53.41 -48.69 24.16
N SER C 427 -53.28 -49.80 24.87
CA SER C 427 -51.99 -50.26 25.38
C SER C 427 -51.77 -51.72 25.02
N SER C 428 -50.49 -52.12 25.00
CA SER C 428 -50.05 -53.48 24.66
C SER C 428 -51.10 -54.29 23.90
N UNK D 37 42.57 47.37 -16.88
CA UNK D 37 41.28 47.72 -17.46
C UNK D 37 40.16 47.51 -16.43
N UNK D 38 39.16 48.40 -16.47
CA UNK D 38 38.00 48.30 -15.59
C UNK D 38 37.35 46.92 -15.74
N UNK D 39 36.73 46.70 -16.89
CA UNK D 39 36.25 45.37 -17.28
C UNK D 39 34.94 44.97 -16.63
N UNK D 40 34.36 43.89 -17.16
CA UNK D 40 33.16 43.28 -16.60
C UNK D 40 31.98 44.25 -16.56
N UNK D 41 31.97 45.21 -17.48
CA UNK D 41 30.89 46.18 -17.56
C UNK D 41 29.66 45.61 -18.25
N UNK D 42 29.03 46.41 -19.11
CA UNK D 42 27.84 45.99 -19.85
C UNK D 42 27.96 46.38 -21.31
N UNK D 43 28.13 45.39 -22.19
CA UNK D 43 28.32 45.65 -23.62
C UNK D 43 27.03 46.15 -24.26
N UNK D 44 27.11 47.30 -24.90
CA UNK D 44 25.96 47.93 -25.53
C UNK D 44 25.29 46.98 -26.52
N UNK D 45 24.12 47.38 -27.02
CA UNK D 45 23.33 46.55 -27.93
C UNK D 45 23.59 46.93 -29.38
N UNK D 46 23.17 46.06 -30.29
CA UNK D 46 23.38 46.26 -31.72
C UNK D 46 22.14 46.88 -32.38
N UNK D 47 20.99 46.66 -31.77
CA UNK D 47 19.73 47.21 -32.29
C UNK D 47 19.33 48.45 -31.50
N UNK D 48 19.82 48.54 -30.27
CA UNK D 48 19.53 49.63 -29.33
C UNK D 48 19.00 50.89 -29.99
N UNK D 49 17.73 50.86 -30.38
CA UNK D 49 17.09 52.00 -31.02
C UNK D 49 15.61 51.73 -31.27
N UNK D 50 14.85 52.79 -31.49
CA UNK D 50 13.42 52.67 -31.71
C UNK D 50 12.77 51.89 -30.57
N UNK D 51 12.97 52.36 -29.35
CA UNK D 51 12.40 51.72 -28.17
C UNK D 51 10.90 51.58 -28.31
N MET D 52 4.03 48.56 -29.31
CA MET D 52 3.54 48.07 -30.59
C MET D 52 2.01 48.01 -30.57
N LEU D 53 1.43 47.82 -31.76
CA LEU D 53 -0.01 47.91 -31.91
C LEU D 53 -0.73 46.87 -31.07
N ASP D 54 -1.91 47.23 -30.60
CA ASP D 54 -2.83 46.32 -29.94
C ASP D 54 -4.13 46.29 -30.73
N ILE D 55 -4.67 45.10 -30.96
CA ILE D 55 -5.86 44.94 -31.79
C ILE D 55 -7.09 45.41 -31.03
N PRO D 56 -7.85 46.37 -31.54
CA PRO D 56 -9.07 46.79 -30.85
C PRO D 56 -10.18 45.76 -30.95
N SER D 57 -11.14 45.87 -30.05
CA SER D 57 -12.30 44.98 -30.06
C SER D 57 -13.14 45.26 -31.29
N GLU D 58 -13.64 44.19 -31.93
CA GLU D 58 -14.41 44.38 -33.15
C GLU D 58 -15.83 44.84 -32.88
N PRO D 59 -16.63 44.14 -32.05
CA PRO D 59 -18.02 44.56 -31.87
C PRO D 59 -18.15 45.97 -31.30
N CYS D 60 -17.22 46.43 -30.50
CA CYS D 60 -17.30 47.79 -29.98
C CYS D 60 -17.20 48.81 -31.10
N SER D 61 -16.18 48.68 -31.94
CA SER D 61 -16.04 49.58 -33.08
C SER D 61 -17.26 49.51 -34.00
N LEU D 62 -17.71 48.30 -34.32
CA LEU D 62 -18.84 48.20 -35.23
C LEU D 62 -20.11 48.75 -34.61
N THR D 63 -20.27 48.65 -33.29
CA THR D 63 -21.44 49.22 -32.64
C THR D 63 -21.41 50.75 -32.69
N ILE D 64 -20.24 51.34 -32.48
CA ILE D 64 -20.14 52.79 -32.65
C ILE D 64 -20.50 53.18 -34.07
N HIS D 65 -19.98 52.44 -35.04
CA HIS D 65 -20.32 52.69 -36.44
C HIS D 65 -21.82 52.62 -36.66
N THR D 66 -22.47 51.59 -36.13
CA THR D 66 -23.89 51.40 -36.33
C THR D 66 -24.69 52.53 -35.68
N ILE D 67 -24.24 53.02 -34.53
CA ILE D 67 -24.92 54.15 -33.90
C ILE D 67 -24.84 55.38 -34.80
N GLN D 68 -23.66 55.64 -35.38
CA GLN D 68 -23.56 56.76 -36.31
C GLN D 68 -24.49 56.59 -37.49
N LEU D 69 -24.50 55.40 -38.10
CA LEU D 69 -25.36 55.16 -39.25
C LEU D 69 -26.83 55.38 -38.89
N ILE D 70 -27.25 54.90 -37.71
CA ILE D 70 -28.65 55.03 -37.32
C ILE D 70 -29.02 56.50 -37.13
N GLN D 71 -28.14 57.28 -36.50
CA GLN D 71 -28.42 58.70 -36.36
C GLN D 71 -28.56 59.37 -37.73
N HIS D 72 -27.62 59.07 -38.63
CA HIS D 72 -27.69 59.61 -39.98
C HIS D 72 -29.03 59.28 -40.64
N ASN D 73 -29.44 58.01 -40.54
CA ASN D 73 -30.68 57.57 -41.17
C ASN D 73 -31.88 58.28 -40.59
N ARG D 74 -31.92 58.45 -39.26
CA ARG D 74 -33.05 59.15 -38.67
C ARG D 74 -33.11 60.61 -39.12
N ARG D 75 -31.94 61.27 -39.24
CA ARG D 75 -31.95 62.63 -39.75
C ARG D 75 -32.55 62.68 -41.16
N LEU D 76 -32.10 61.81 -42.04
CA LEU D 76 -32.64 61.77 -43.40
C LEU D 76 -34.14 61.50 -43.38
N ARG D 77 -34.56 60.54 -42.57
CA ARG D 77 -35.98 60.18 -42.52
C ARG D 77 -36.83 61.35 -42.08
N ASN D 78 -36.41 62.06 -41.03
CA ASN D 78 -37.23 63.16 -40.55
C ASN D 78 -37.29 64.29 -41.56
N LEU D 79 -36.15 64.66 -42.14
CA LEU D 79 -36.18 65.70 -43.16
C LEU D 79 -37.13 65.33 -44.30
N ILE D 80 -36.97 64.12 -44.86
CA ILE D 80 -37.79 63.75 -46.02
C ILE D 80 -39.26 63.70 -45.64
N ALA D 81 -39.59 63.05 -44.52
CA ALA D 81 -40.97 62.91 -44.13
C ALA D 81 -41.62 64.26 -43.90
N THR D 82 -40.94 65.17 -43.19
CA THR D 82 -41.54 66.49 -42.95
C THR D 82 -41.71 67.25 -44.25
N ALA D 83 -40.69 67.28 -45.10
CA ALA D 83 -40.77 68.06 -46.32
C ALA D 83 -41.94 67.59 -47.18
N GLN D 84 -42.09 66.28 -47.35
CA GLN D 84 -43.15 65.80 -48.25
C GLN D 84 -44.48 65.62 -47.53
N ALA D 85 -44.51 65.81 -46.21
CA ALA D 85 -45.77 66.04 -45.53
C ALA D 85 -46.27 67.45 -45.80
N GLN D 86 -45.37 68.44 -45.77
CA GLN D 86 -45.76 69.80 -46.13
C GLN D 86 -46.22 69.87 -47.58
N ASN D 87 -45.47 69.22 -48.48
CA ASN D 87 -45.80 69.22 -49.90
C ASN D 87 -45.72 67.82 -50.47
N UNK D 97 -31.54 69.52 -54.70
CA UNK D 97 -32.69 69.00 -55.43
C UNK D 97 -33.84 68.69 -54.47
N UNK D 98 -34.91 69.47 -54.57
CA UNK D 98 -36.08 69.26 -53.73
C UNK D 98 -36.96 68.18 -54.34
N UNK D 99 -36.56 67.69 -55.51
CA UNK D 99 -37.28 66.63 -56.20
C UNK D 99 -36.46 65.35 -56.18
N UNK D 100 -35.16 65.48 -55.93
CA UNK D 100 -34.26 64.34 -55.87
C UNK D 100 -33.85 64.06 -54.43
N UNK D 101 -34.53 63.10 -53.79
CA UNK D 101 -34.18 62.69 -52.44
C UNK D 101 -32.74 62.25 -52.41
N UNK D 102 -32.16 62.16 -51.23
CA UNK D 102 -30.74 61.84 -51.08
C UNK D 102 -30.33 60.62 -51.89
N UNK D 103 -30.28 59.46 -51.22
CA UNK D 103 -29.86 58.21 -51.85
C UNK D 103 -29.57 57.19 -50.76
N UNK D 104 -29.68 55.91 -51.10
CA UNK D 104 -29.36 54.85 -50.15
C UNK D 104 -27.97 55.08 -49.59
N UNK D 105 -27.88 55.26 -48.28
CA UNK D 105 -26.61 55.58 -47.64
C UNK D 105 -25.56 54.52 -47.93
N UNK D 106 -25.34 53.61 -46.98
CA UNK D 106 -24.35 52.55 -47.14
C UNK D 106 -24.13 51.83 -45.82
N UNK D 107 -24.21 50.51 -45.85
CA UNK D 107 -23.96 49.71 -44.67
C UNK D 107 -22.53 49.92 -44.19
N UNK D 108 -22.32 49.84 -42.88
CA UNK D 108 -20.99 49.93 -42.33
C UNK D 108 -20.35 48.55 -42.37
N UNK D 109 -19.54 48.30 -43.40
CA UNK D 109 -18.95 46.99 -43.66
C UNK D 109 -18.69 46.20 -42.38
N UNK D 110 -19.34 45.04 -42.27
CA UNK D 110 -19.16 44.18 -41.10
C UNK D 110 -17.68 43.81 -40.95
N UNK D 111 -17.29 43.46 -39.73
CA UNK D 111 -15.90 43.19 -39.42
C UNK D 111 -15.32 42.08 -40.29
N UNK D 112 -14.02 41.83 -40.12
CA UNK D 112 -13.33 40.83 -40.93
C UNK D 112 -13.18 39.52 -40.18
N UNK D 113 -13.92 39.37 -39.09
CA UNK D 113 -13.91 38.15 -38.30
C UNK D 113 -15.34 37.72 -38.00
N UNK D 114 -16.09 38.64 -37.41
CA UNK D 114 -17.50 38.43 -37.13
C UNK D 114 -18.21 38.02 -38.41
N UNK D 115 -17.75 38.57 -39.53
CA UNK D 115 -18.30 38.25 -40.83
C UNK D 115 -18.24 36.75 -41.06
N UNK D 116 -17.02 36.24 -41.24
CA UNK D 116 -16.80 34.83 -41.49
C UNK D 116 -17.55 33.97 -40.47
N UNK D 117 -17.53 34.42 -39.21
CA UNK D 117 -18.21 33.67 -38.16
C UNK D 117 -19.73 33.72 -38.36
N UNK D 118 -20.20 34.77 -39.03
CA UNK D 118 -21.63 34.94 -39.26
C UNK D 118 -22.20 33.79 -40.08
N ASP D 119 -16.98 29.14 -40.26
CA ASP D 119 -17.12 28.62 -41.61
C ASP D 119 -18.40 27.76 -41.74
N CYS D 120 -18.33 26.71 -42.56
CA CYS D 120 -19.50 25.89 -42.86
C CYS D 120 -19.98 25.04 -41.70
N LYS D 121 -19.36 25.06 -40.53
CA LYS D 121 -19.72 24.10 -39.49
C LYS D 121 -21.00 24.49 -38.76
N ASN D 122 -21.42 25.75 -38.87
CA ASN D 122 -22.66 26.20 -38.24
C ASN D 122 -22.69 25.73 -36.80
N PRO D 123 -21.99 26.42 -35.89
CA PRO D 123 -21.63 25.80 -34.60
C PRO D 123 -22.82 25.48 -33.70
N ASN D 124 -24.06 25.69 -34.14
CA ASN D 124 -25.21 25.33 -33.33
C ASN D 124 -25.59 23.86 -33.46
N ALA D 125 -24.63 23.00 -33.90
CA ALA D 125 -24.86 21.57 -34.13
C ALA D 125 -25.00 20.82 -32.82
N PRO D 126 -25.56 19.62 -32.86
CA PRO D 126 -25.65 18.79 -31.66
C PRO D 126 -24.47 17.85 -31.51
N PHE D 127 -24.32 17.31 -30.32
CA PHE D 127 -23.20 16.44 -29.95
C PHE D 127 -21.87 17.11 -30.19
N GLN D 128 -21.80 18.43 -29.99
CA GLN D 128 -20.56 19.16 -30.14
C GLN D 128 -20.01 19.54 -28.78
N ILE D 129 -18.73 19.29 -28.59
CA ILE D 129 -18.03 19.64 -27.36
C ILE D 129 -16.84 20.52 -27.72
N ARG D 130 -16.66 21.59 -26.95
CA ARG D 130 -15.49 22.46 -27.11
C ARG D 130 -14.87 22.63 -25.74
N HIS D 131 -13.57 22.43 -25.66
CA HIS D 131 -12.85 22.47 -24.40
C HIS D 131 -11.45 22.99 -24.67
N SER D 132 -10.80 23.51 -23.63
CA SER D 132 -9.48 24.08 -23.80
C SER D 132 -8.43 22.98 -23.71
N ASP D 133 -7.50 22.98 -24.65
CA ASP D 133 -6.41 22.03 -24.59
C ASP D 133 -5.52 22.36 -23.39
N PRO D 134 -5.29 21.43 -22.47
CA PRO D 134 -4.48 21.78 -21.29
C PRO D 134 -3.02 22.01 -21.62
N GLU D 135 -2.56 21.67 -22.82
CA GLU D 135 -1.20 21.94 -23.25
C GLU D 135 -1.06 23.31 -23.89
N SER D 136 -2.15 23.98 -24.20
CA SER D 136 -2.10 25.28 -24.84
C SER D 136 -1.37 26.29 -23.97
N ASP D 137 -0.70 27.23 -24.63
CA ASP D 137 -0.01 28.29 -23.89
C ASP D 137 -0.98 29.14 -23.09
N PHE D 138 -2.10 29.55 -23.70
CA PHE D 138 -3.05 30.38 -22.98
C PHE D 138 -3.56 29.70 -21.73
N TYR D 139 -3.99 28.44 -21.85
CA TYR D 139 -4.51 27.73 -20.69
C TYR D 139 -3.45 27.59 -19.61
N ARG D 140 -2.24 27.18 -20.00
CA ARG D 140 -1.16 27.08 -19.03
C ARG D 140 -0.75 28.43 -18.47
N GLY D 141 -1.14 29.52 -19.12
CA GLY D 141 -0.78 30.85 -18.65
C GLY D 141 0.66 31.18 -18.95
N LYS D 142 1.04 31.09 -20.22
CA LYS D 142 2.41 31.31 -20.65
C LYS D 142 2.45 32.36 -21.75
N GLY D 143 3.51 33.16 -21.73
CA GLY D 143 3.64 34.22 -22.73
C GLY D 143 4.93 34.98 -22.52
N GLU D 144 4.94 36.21 -23.03
CA GLU D 144 6.11 37.07 -22.97
C GLU D 144 5.77 38.34 -22.22
N PRO D 145 6.70 38.87 -21.43
CA PRO D 145 6.42 40.11 -20.71
C PRO D 145 5.95 41.19 -21.66
N VAL D 146 4.90 41.90 -21.25
CA VAL D 146 4.34 42.96 -22.08
C VAL D 146 5.37 44.08 -22.21
N THR D 147 5.14 44.96 -23.18
CA THR D 147 6.08 46.06 -23.42
C THR D 147 5.98 47.09 -22.30
N GLU D 148 7.14 47.43 -21.73
CA GLU D 148 7.18 48.50 -20.76
C GLU D 148 6.94 49.85 -21.44
N LEU D 149 6.33 50.76 -20.69
CA LEU D 149 6.07 52.09 -21.20
C LEU D 149 5.85 53.03 -20.03
N SER D 150 6.35 54.25 -20.18
CA SER D 150 6.35 55.21 -19.09
C SER D 150 4.93 55.64 -18.74
N TRP D 151 4.83 56.47 -17.70
CA TRP D 151 3.54 56.98 -17.26
C TRP D 151 2.95 57.95 -18.28
N HIS D 152 3.81 58.75 -18.93
CA HIS D 152 3.36 59.73 -19.90
C HIS D 152 2.51 59.09 -20.98
N SER D 153 2.94 57.92 -21.47
CA SER D 153 2.21 57.25 -22.55
C SER D 153 1.09 56.36 -22.03
N CYS D 154 1.30 55.74 -20.86
CA CYS D 154 0.22 54.98 -20.25
C CYS D 154 -1.03 55.84 -20.09
N ARG D 155 -0.85 57.09 -19.64
CA ARG D 155 -2.01 57.94 -19.46
C ARG D 155 -2.70 58.26 -20.77
N GLN D 156 -1.95 58.46 -21.85
CA GLN D 156 -2.58 58.68 -23.15
C GLN D 156 -3.38 57.47 -23.58
N LEU D 157 -2.83 56.27 -23.43
CA LEU D 157 -3.55 55.07 -23.84
C LEU D 157 -4.83 54.89 -23.02
N LEU D 158 -4.75 55.11 -21.70
CA LEU D 158 -5.95 55.00 -20.88
C LEU D 158 -6.96 56.07 -21.25
N TYR D 159 -6.49 57.27 -21.59
CA TYR D 159 -7.37 58.34 -22.05
C TYR D 159 -8.15 57.89 -23.28
N GLN D 160 -7.46 57.32 -24.26
CA GLN D 160 -8.14 56.84 -25.46
C GLN D 160 -9.12 55.73 -25.12
N ALA D 161 -8.75 54.82 -24.23
CA ALA D 161 -9.67 53.75 -23.86
C ALA D 161 -10.93 54.31 -23.22
N VAL D 162 -10.79 55.31 -22.36
CA VAL D 162 -11.96 55.91 -21.72
C VAL D 162 -12.84 56.60 -22.76
N ALA D 163 -12.21 57.28 -23.72
CA ALA D 163 -12.99 57.88 -24.80
C ALA D 163 -13.77 56.82 -25.57
N THR D 164 -13.12 55.68 -25.87
CA THR D 164 -13.80 54.61 -26.59
C THR D 164 -14.99 54.09 -25.79
N ILE D 165 -14.82 53.90 -24.48
CA ILE D 165 -15.93 53.41 -23.67
C ILE D 165 -17.07 54.42 -23.67
N LEU D 166 -16.76 55.71 -23.54
CA LEU D 166 -17.80 56.72 -23.57
C LEU D 166 -18.56 56.69 -24.88
N ALA D 167 -17.84 56.60 -26.00
CA ALA D 167 -18.51 56.52 -27.29
C ALA D 167 -19.41 55.30 -27.37
N HIS D 168 -18.90 54.14 -26.95
CA HIS D 168 -19.71 52.93 -26.96
C HIS D 168 -20.98 53.12 -26.13
N ALA D 169 -20.89 53.89 -25.06
CA ALA D 169 -22.06 54.05 -24.18
C ALA D 169 -23.23 54.69 -24.90
N GLY D 170 -22.98 55.67 -25.76
CA GLY D 170 -24.04 56.37 -26.44
C GLY D 170 -23.75 57.83 -26.63
N PHE D 171 -22.82 58.38 -25.85
CA PHE D 171 -22.41 59.75 -26.06
C PHE D 171 -21.58 59.86 -27.33
N ASP D 172 -21.41 61.10 -27.80
CA ASP D 172 -20.56 61.37 -28.95
C ASP D 172 -19.66 62.57 -28.78
N CYS D 173 -19.87 63.40 -27.78
CA CYS D 173 -18.96 64.49 -27.46
C CYS D 173 -19.04 64.76 -25.97
N ALA D 174 -18.11 65.56 -25.46
CA ALA D 174 -18.08 65.86 -24.04
C ALA D 174 -17.12 67.00 -23.78
N ASN D 175 -17.01 67.36 -22.51
CA ASN D 175 -16.09 68.40 -22.09
C ASN D 175 -14.74 67.79 -21.71
N GLU D 176 -13.68 68.57 -21.94
CA GLU D 176 -12.33 68.07 -21.65
C GLU D 176 -12.19 67.71 -20.18
N SER D 177 -12.79 68.50 -19.29
CA SER D 177 -12.67 68.24 -17.86
C SER D 177 -13.27 66.89 -17.49
N VAL D 178 -14.45 66.57 -18.04
CA VAL D 178 -15.09 65.31 -17.71
C VAL D 178 -14.21 64.13 -18.08
N LEU D 179 -13.66 64.16 -19.30
CA LEU D 179 -12.82 63.06 -19.76
C LEU D 179 -11.55 62.95 -18.95
N GLU D 180 -10.87 64.08 -18.72
CA GLU D 180 -9.65 64.07 -17.94
C GLU D 180 -9.89 63.66 -16.49
N THR D 181 -11.11 63.81 -15.99
CA THR D 181 -11.43 63.37 -14.64
C THR D 181 -11.74 61.89 -14.58
N LEU D 182 -12.49 61.37 -15.56
CA LEU D 182 -12.75 59.95 -15.61
C LEU D 182 -11.45 59.17 -15.75
N THR D 183 -10.49 59.71 -16.49
CA THR D 183 -9.19 59.03 -16.59
C THR D 183 -8.57 58.80 -15.22
N ASP D 184 -8.55 59.83 -14.38
CA ASP D 184 -7.97 59.71 -13.05
C ASP D 184 -8.78 58.81 -12.14
N VAL D 185 -10.11 58.84 -12.25
CA VAL D 185 -10.91 57.89 -11.48
C VAL D 185 -10.51 56.46 -11.81
N ALA D 186 -10.34 56.16 -13.11
CA ALA D 186 -9.90 54.84 -13.50
C ALA D 186 -8.52 54.52 -12.95
N HIS D 187 -7.62 55.51 -12.98
CA HIS D 187 -6.30 55.34 -12.39
C HIS D 187 -6.40 54.85 -10.94
N GLU D 188 -7.22 55.55 -10.15
CA GLU D 188 -7.36 55.19 -8.74
C GLU D 188 -7.90 53.78 -8.59
N TYR D 189 -8.92 53.45 -9.38
CA TYR D 189 -9.52 52.11 -9.27
C TYR D 189 -8.49 51.03 -9.56
N CYS D 190 -7.69 51.21 -10.60
CA CYS D 190 -6.68 50.21 -10.94
C CYS D 190 -5.66 50.05 -9.83
N LEU D 191 -5.18 51.17 -9.28
CA LEU D 191 -4.21 51.08 -8.18
C LEU D 191 -4.78 50.27 -7.02
N LYS D 192 -6.01 50.58 -6.61
CA LYS D 192 -6.57 49.87 -5.47
C LYS D 192 -6.75 48.38 -5.76
N PHE D 193 -7.23 48.03 -6.95
CA PHE D 193 -7.39 46.62 -7.30
C PHE D 193 -6.06 45.88 -7.18
N THR D 194 -5.01 46.44 -7.76
CA THR D 194 -3.71 45.76 -7.71
C THR D 194 -3.16 45.68 -6.29
N LYS D 195 -3.43 46.67 -5.44
CA LYS D 195 -2.95 46.58 -4.06
C LYS D 195 -3.66 45.48 -3.29
N LEU D 196 -4.98 45.36 -3.48
CA LEU D 196 -5.69 44.22 -2.89
C LEU D 196 -5.04 42.92 -3.31
N LEU D 197 -4.74 42.80 -4.61
CA LEU D 197 -4.10 41.59 -5.11
C LEU D 197 -2.77 41.33 -4.41
N ARG D 198 -1.95 42.38 -4.26
CA ARG D 198 -0.67 42.26 -3.58
C ARG D 198 -0.83 41.68 -2.18
N PHE D 199 -1.71 42.27 -1.39
CA PHE D 199 -1.85 41.83 0.00
C PHE D 199 -2.36 40.40 0.09
N ALA D 200 -3.35 40.04 -0.73
CA ALA D 200 -3.83 38.67 -0.71
C ALA D 200 -2.73 37.68 -1.06
N VAL D 201 -1.93 38.01 -2.08
CA VAL D 201 -0.85 37.11 -2.48
C VAL D 201 0.13 36.91 -1.34
N ASP D 202 0.52 37.98 -0.66
CA ASP D 202 1.47 37.85 0.44
C ASP D 202 0.89 36.98 1.55
N ARG D 203 -0.37 37.21 1.92
CA ARG D 203 -0.96 36.42 2.99
C ARG D 203 -0.96 34.95 2.63
N GLU D 204 -1.35 34.61 1.40
CA GLU D 204 -1.34 33.22 0.99
C GLU D 204 0.07 32.65 1.05
N ALA D 205 1.04 33.39 0.51
CA ALA D 205 2.41 32.89 0.52
C ALA D 205 2.88 32.56 1.93
N ARG D 206 2.37 33.28 2.93
CA ARG D 206 2.77 32.95 4.30
C ARG D 206 2.00 31.76 4.84
N LEU D 207 0.67 31.82 4.83
CA LEU D 207 -0.13 30.79 5.48
C LEU D 207 -0.26 29.53 4.63
N GLY D 208 0.01 29.64 3.33
CA GLY D 208 -0.05 28.49 2.45
C GLY D 208 -1.46 28.01 2.14
N GLN D 209 -2.45 28.91 2.21
CA GLN D 209 -3.80 28.54 1.80
C GLN D 209 -4.59 29.83 1.58
N THR D 210 -5.76 29.68 0.95
CA THR D 210 -6.58 30.81 0.57
C THR D 210 -8.02 30.59 1.02
N PRO D 211 -8.76 31.65 1.34
CA PRO D 211 -10.19 31.47 1.61
C PRO D 211 -10.96 30.92 0.42
N PHE D 212 -10.76 31.50 -0.74
CA PHE D 212 -11.38 31.04 -1.98
C PHE D 212 -10.43 30.13 -2.73
N PRO D 213 -10.87 29.52 -3.83
CA PRO D 213 -9.96 28.66 -4.60
C PRO D 213 -8.69 29.35 -5.03
N ASP D 214 -8.73 30.64 -5.35
CA ASP D 214 -7.52 31.38 -5.69
C ASP D 214 -7.71 32.83 -5.31
N VAL D 215 -6.62 33.59 -5.40
CA VAL D 215 -6.61 34.97 -4.94
C VAL D 215 -7.51 35.84 -5.81
N MET D 216 -7.57 35.54 -7.11
CA MET D 216 -8.38 36.36 -8.01
C MET D 216 -9.84 36.34 -7.60
N GLU D 217 -10.36 35.16 -7.21
CA GLU D 217 -11.72 35.09 -6.72
C GLU D 217 -11.92 35.94 -5.48
N GLN D 218 -10.96 35.90 -4.55
CA GLN D 218 -11.05 36.74 -3.37
C GLN D 218 -11.15 38.21 -3.75
N VAL D 219 -10.24 38.68 -4.60
CA VAL D 219 -10.22 40.09 -4.93
C VAL D 219 -11.48 40.49 -5.68
N PHE D 220 -12.00 39.61 -6.53
CA PHE D 220 -13.26 39.90 -7.20
C PHE D 220 -14.40 40.02 -6.19
N HIS D 221 -14.39 39.20 -5.16
CA HIS D 221 -15.42 39.31 -4.14
C HIS D 221 -15.29 40.61 -3.35
N GLU D 222 -14.07 41.07 -3.10
CA GLU D 222 -13.86 42.22 -2.22
C GLU D 222 -14.14 43.56 -2.88
N VAL D 223 -14.44 43.61 -4.18
CA VAL D 223 -14.64 44.88 -4.87
C VAL D 223 -16.04 44.93 -5.47
N GLY D 224 -16.99 44.25 -4.83
CA GLY D 224 -18.37 44.30 -5.24
C GLY D 224 -18.78 43.26 -6.27
N ILE D 225 -17.95 42.99 -7.27
CA ILE D 225 -18.27 41.96 -8.23
C ILE D 225 -18.54 40.65 -7.49
N GLY D 226 -19.48 39.87 -8.00
CA GLY D 226 -19.81 38.62 -7.33
C GLY D 226 -18.72 37.58 -7.49
N SER D 227 -18.51 37.12 -8.72
CA SER D 227 -17.51 36.10 -9.01
C SER D 227 -17.07 36.27 -10.44
N VAL D 228 -15.94 35.64 -10.78
CA VAL D 228 -15.45 35.73 -12.14
C VAL D 228 -16.50 35.21 -13.12
N LEU D 229 -17.33 34.26 -12.69
CA LEU D 229 -18.35 33.71 -13.56
C LEU D 229 -19.49 34.68 -13.82
N SER D 230 -19.45 35.88 -13.22
CA SER D 230 -20.41 36.92 -13.57
C SER D 230 -19.97 37.70 -14.80
N LEU D 231 -18.70 37.61 -15.18
CA LEU D 231 -18.23 38.31 -16.36
C LEU D 231 -18.86 37.79 -17.62
N GLN D 232 -19.17 36.50 -17.69
CA GLN D 232 -19.81 35.97 -18.89
C GLN D 232 -21.20 36.55 -19.06
N LYS D 233 -21.99 36.63 -17.99
CA LYS D 233 -23.29 37.27 -18.09
C LYS D 233 -23.16 38.74 -18.44
N PHE D 234 -22.21 39.42 -17.79
CA PHE D 234 -21.99 40.83 -18.12
C PHE D 234 -21.71 41.02 -19.60
N TRP D 235 -20.80 40.21 -20.15
CA TRP D 235 -20.46 40.32 -21.56
C TRP D 235 -21.67 40.04 -22.44
N GLN D 236 -22.33 38.91 -22.21
CA GLN D 236 -23.54 38.57 -22.94
C GLN D 236 -24.47 39.78 -23.03
N HIS D 237 -24.92 40.28 -21.87
CA HIS D 237 -25.93 41.32 -21.88
C HIS D 237 -25.41 42.64 -22.46
N ARG D 238 -24.17 43.02 -22.13
CA ARG D 238 -23.74 44.38 -22.40
C ARG D 238 -23.06 44.56 -23.75
N ILE D 239 -22.60 43.49 -24.40
CA ILE D 239 -21.83 43.61 -25.63
C ILE D 239 -22.50 42.87 -26.79
N LYS D 240 -22.63 41.55 -26.67
CA LYS D 240 -23.12 40.74 -27.78
C LYS D 240 -24.57 41.11 -28.12
N ASP D 241 -25.44 41.10 -27.11
CA ASP D 241 -26.83 41.44 -27.35
C ASP D 241 -26.99 42.89 -27.78
N TYR D 242 -26.16 43.78 -27.26
CA TYR D 242 -26.22 45.18 -27.67
C TYR D 242 -25.90 45.30 -29.16
N HIS D 243 -24.89 44.59 -29.63
CA HIS D 243 -24.56 44.60 -31.05
C HIS D 243 -25.69 44.04 -31.88
N SER D 244 -26.28 42.93 -31.45
CA SER D 244 -27.38 42.35 -32.21
C SER D 244 -28.57 43.31 -32.29
N TYR D 245 -28.90 43.95 -31.17
CA TYR D 245 -29.95 44.96 -31.14
C TYR D 245 -29.68 46.08 -32.12
N MET D 246 -28.44 46.58 -32.14
CA MET D 246 -28.11 47.66 -33.05
C MET D 246 -28.26 47.21 -34.51
N LEU D 247 -27.82 46.00 -34.82
CA LEU D 247 -27.97 45.51 -36.20
C LEU D 247 -29.44 45.40 -36.60
N GLN D 248 -30.27 44.84 -35.72
CA GLN D 248 -31.69 44.75 -36.05
C GLN D 248 -32.29 46.13 -36.30
N ILE D 249 -31.98 47.09 -35.44
CA ILE D 249 -32.54 48.43 -35.62
C ILE D 249 -32.05 49.03 -36.93
N SER D 250 -30.77 48.86 -37.24
CA SER D 250 -30.23 49.41 -38.48
C SER D 250 -30.94 48.83 -39.69
N LYS D 251 -31.12 47.52 -39.72
CA LYS D 251 -31.81 46.89 -40.85
C LYS D 251 -33.24 47.41 -40.96
N GLN D 252 -33.96 47.50 -39.84
CA GLN D 252 -35.34 47.95 -39.89
C GLN D 252 -35.43 49.38 -40.44
N LEU D 253 -34.61 50.29 -39.93
CA LEU D 253 -34.67 51.66 -40.41
C LEU D 253 -34.22 51.78 -41.85
N SER D 254 -33.22 50.99 -42.27
CA SER D 254 -32.82 50.99 -43.67
C SER D 254 -33.96 50.52 -44.56
N GLU D 255 -34.68 49.49 -44.16
CA GLU D 255 -35.82 49.04 -44.95
C GLU D 255 -36.90 50.12 -45.03
N GLU D 256 -37.15 50.82 -43.92
CA GLU D 256 -38.13 51.90 -43.98
C GLU D 256 -37.68 52.97 -44.98
N TYR D 257 -36.41 53.36 -44.93
CA TYR D 257 -35.93 54.36 -45.88
C TYR D 257 -36.05 53.87 -47.31
N GLU D 258 -35.75 52.59 -47.54
CA GLU D 258 -35.89 52.03 -48.88
C GLU D 258 -37.34 52.08 -49.34
N ARG D 259 -38.28 51.79 -48.44
CA ARG D 259 -39.68 51.79 -48.83
C ARG D 259 -40.17 53.20 -49.10
N ILE D 260 -39.55 54.20 -48.49
CA ILE D 260 -40.06 55.56 -48.65
C ILE D 260 -39.38 56.28 -49.81
N VAL D 261 -38.15 55.93 -50.14
CA VAL D 261 -37.46 56.62 -51.23
C VAL D 261 -38.10 56.28 -52.57
N ASN D 262 -38.34 54.99 -52.81
CA ASN D 262 -38.80 54.49 -54.11
C ASN D 262 -40.06 53.67 -53.90
N PRO D 263 -41.22 54.32 -53.76
CA PRO D 263 -42.45 53.55 -53.59
C PRO D 263 -42.70 52.65 -54.78
N GLU D 264 -43.24 51.46 -54.52
CA GLU D 264 -43.57 50.52 -55.58
C GLU D 264 -44.94 50.83 -56.15
N LYS E 10 -1.36 90.61 -14.53
CA LYS E 10 -0.90 90.02 -15.77
C LYS E 10 -1.80 88.83 -16.15
N ASN E 11 -1.21 87.78 -16.70
CA ASN E 11 -2.00 86.62 -17.12
C ASN E 11 -2.71 85.98 -15.94
N ALA E 12 -2.01 85.81 -14.83
CA ALA E 12 -2.53 84.98 -13.75
C ALA E 12 -3.52 85.74 -12.87
N PRO E 13 -4.44 85.04 -12.22
CA PRO E 13 -5.22 85.64 -11.14
C PRO E 13 -4.44 85.58 -9.82
N ARG E 14 -5.04 86.19 -8.79
CA ARG E 14 -4.32 86.37 -7.53
C ARG E 14 -4.10 85.04 -6.82
N ASP E 15 -5.07 84.13 -6.92
CA ASP E 15 -4.98 82.86 -6.21
C ASP E 15 -3.80 82.03 -6.70
N ALA E 16 -3.56 82.03 -8.01
CA ALA E 16 -2.40 81.32 -8.54
C ALA E 16 -1.11 81.86 -7.95
N LEU E 17 -1.01 83.19 -7.82
CA LEU E 17 0.16 83.77 -7.19
C LEU E 17 0.28 83.35 -5.73
N VAL E 18 -0.83 83.30 -5.01
CA VAL E 18 -0.80 82.84 -3.62
C VAL E 18 -0.24 81.42 -3.54
N MET E 19 -0.77 80.52 -4.38
CA MET E 19 -0.31 79.13 -4.33
C MET E 19 1.16 79.02 -4.70
N ALA E 20 1.60 79.75 -5.72
CA ALA E 20 3.01 79.73 -6.09
C ALA E 20 3.87 80.23 -4.93
N GLN E 21 3.41 81.26 -4.23
CA GLN E 21 4.17 81.76 -3.09
C GLN E 21 4.26 80.71 -1.98
N ILE E 22 3.18 79.98 -1.76
CA ILE E 22 3.23 78.91 -0.76
C ILE E 22 4.26 77.86 -1.15
N LEU E 23 4.20 77.40 -2.39
CA LEU E 23 5.16 76.41 -2.86
C LEU E 23 6.59 76.93 -2.70
N LYS E 24 6.81 78.20 -3.00
CA LYS E 24 8.13 78.79 -2.78
C LYS E 24 8.50 78.73 -1.30
N ASP E 25 7.55 79.06 -0.43
CA ASP E 25 7.83 79.08 1.00
C ASP E 25 8.31 77.72 1.48
N MET E 26 7.64 76.65 1.08
CA MET E 26 8.08 75.32 1.52
C MET E 26 9.43 74.92 0.93
N GLY E 27 9.92 75.62 -0.08
CA GLY E 27 11.21 75.30 -0.64
C GLY E 27 11.16 74.55 -1.94
N ILE E 28 10.09 74.69 -2.71
CA ILE E 28 9.92 73.99 -3.97
C ILE E 28 10.48 74.91 -5.06
N THR E 29 11.49 74.43 -5.77
CA THR E 29 12.09 75.23 -6.83
C THR E 29 11.24 75.18 -8.09
N GLU E 30 10.98 73.98 -8.60
CA GLU E 30 10.23 73.78 -9.83
C GLU E 30 9.16 72.72 -9.60
N TYR E 31 8.24 72.61 -10.55
CA TYR E 31 7.08 71.74 -10.38
C TYR E 31 6.29 71.70 -11.67
N GLU E 32 5.43 70.70 -11.78
CA GLU E 32 4.53 70.60 -12.91
C GLU E 32 3.49 71.72 -12.83
N PRO E 33 3.09 72.28 -13.97
CA PRO E 33 2.17 73.44 -13.92
C PRO E 33 0.84 73.16 -13.25
N ARG E 34 0.15 72.09 -13.61
CA ARG E 34 -1.21 71.87 -13.15
C ARG E 34 -1.32 71.62 -11.64
N VAL E 35 -0.20 71.56 -10.94
CA VAL E 35 -0.24 71.41 -9.48
C VAL E 35 -1.03 72.55 -8.86
N ILE E 36 -0.90 73.76 -9.40
CA ILE E 36 -1.59 74.91 -8.84
C ILE E 36 -3.10 74.75 -9.02
N ASN E 37 -3.53 74.27 -10.19
CA ASN E 37 -4.94 73.99 -10.39
C ASN E 37 -5.43 72.95 -9.38
N GLN E 38 -4.62 71.91 -9.15
CA GLN E 38 -4.99 70.91 -8.14
C GLN E 38 -5.21 71.56 -6.78
N MET E 39 -4.28 72.43 -6.37
CA MET E 39 -4.42 73.09 -5.08
C MET E 39 -5.67 73.97 -5.01
N LEU E 40 -5.97 74.68 -6.09
CA LEU E 40 -7.18 75.49 -6.11
C LEU E 40 -8.42 74.63 -5.92
N GLU E 41 -8.50 73.50 -6.63
CA GLU E 41 -9.65 72.62 -6.44
C GLU E 41 -9.71 72.09 -5.01
N PHE E 42 -8.55 71.75 -4.44
CA PHE E 42 -8.52 71.29 -3.07
C PHE E 42 -9.16 72.31 -2.12
N ALA E 43 -8.71 73.57 -2.20
CA ALA E 43 -9.25 74.58 -1.32
C ALA E 43 -10.75 74.77 -1.55
N PHE E 44 -11.17 74.82 -2.80
CA PHE E 44 -12.59 75.02 -3.09
C PHE E 44 -13.44 73.91 -2.48
N ARG E 45 -13.03 72.65 -2.67
CA ARG E 45 -13.79 71.54 -2.14
C ARG E 45 -13.85 71.58 -0.62
N TYR E 46 -12.72 71.87 0.02
CA TYR E 46 -12.70 71.91 1.48
C TYR E 46 -13.69 72.94 2.00
N VAL E 47 -13.66 74.15 1.42
CA VAL E 47 -14.55 75.21 1.89
C VAL E 47 -16.01 74.82 1.68
N THR E 48 -16.33 74.33 0.48
CA THR E 48 -17.73 73.99 0.20
C THR E 48 -18.25 72.91 1.14
N THR E 49 -17.46 71.87 1.39
CA THR E 49 -17.91 70.81 2.29
C THR E 49 -18.09 71.33 3.71
N ILE E 50 -17.18 72.18 4.18
CA ILE E 50 -17.33 72.74 5.52
C ILE E 50 -18.64 73.51 5.63
N LEU E 51 -18.94 74.35 4.62
CA LEU E 51 -20.20 75.10 4.67
C LEU E 51 -21.41 74.17 4.66
N ASP E 52 -21.38 73.13 3.82
CA ASP E 52 -22.52 72.22 3.77
C ASP E 52 -22.75 71.55 5.11
N ASP E 53 -21.67 71.14 5.79
CA ASP E 53 -21.83 70.54 7.11
C ASP E 53 -22.38 71.55 8.12
N ALA E 54 -21.90 72.79 8.04
CA ALA E 54 -22.39 73.82 8.94
C ALA E 54 -23.90 74.01 8.78
N LYS E 55 -24.39 73.94 7.54
CA LYS E 55 -25.83 74.06 7.35
C LYS E 55 -26.60 73.03 8.17
N ILE E 56 -26.16 71.78 8.10
CA ILE E 56 -26.86 70.72 8.84
C ILE E 56 -26.77 70.97 10.34
N TYR E 57 -25.58 71.32 10.83
CA TYR E 57 -25.44 71.50 12.27
C TYR E 57 -26.26 72.69 12.77
N SER E 58 -26.42 73.72 11.95
CA SER E 58 -27.28 74.82 12.36
C SER E 58 -28.75 74.40 12.35
N SER E 59 -29.21 73.77 11.27
CA SER E 59 -30.60 73.34 11.21
C SER E 59 -30.94 72.36 12.34
N HIS E 60 -29.93 71.70 12.90
CA HIS E 60 -30.16 70.86 14.06
C HIS E 60 -30.50 71.71 15.29
N ALA E 61 -29.95 72.91 15.36
CA ALA E 61 -30.17 73.79 16.51
C ALA E 61 -31.39 74.69 16.34
N LYS E 62 -32.17 74.53 15.28
CA LYS E 62 -33.41 75.28 15.12
C LYS E 62 -33.15 76.78 15.23
N LYS E 63 -32.39 77.35 14.32
CA LYS E 63 -32.05 78.76 14.39
C LYS E 63 -31.94 79.31 12.98
N PRO E 64 -31.88 80.64 12.84
CA PRO E 64 -31.73 81.25 11.51
C PRO E 64 -30.32 81.11 10.97
N ASN E 65 -29.99 81.87 9.92
CA ASN E 65 -28.75 81.73 9.17
C ASN E 65 -27.53 81.49 10.07
N VAL E 66 -26.55 80.78 9.54
CA VAL E 66 -25.48 80.19 10.35
C VAL E 66 -24.58 81.29 10.90
N ASP E 67 -23.73 80.89 11.86
CA ASP E 67 -22.85 81.81 12.56
C ASP E 67 -21.54 81.10 12.87
N ALA E 68 -20.73 81.72 13.74
CA ALA E 68 -19.42 81.18 14.03
C ALA E 68 -19.49 79.78 14.65
N ASP E 69 -20.35 79.59 15.64
CA ASP E 69 -20.33 78.34 16.40
C ASP E 69 -20.61 77.13 15.51
N ASP E 70 -21.59 77.25 14.62
CA ASP E 70 -21.89 76.15 13.72
C ASP E 70 -20.68 75.80 12.87
N VAL E 71 -20.00 76.80 12.32
CA VAL E 71 -18.84 76.55 11.48
C VAL E 71 -17.75 75.86 12.27
N ARG E 72 -17.47 76.35 13.49
CA ARG E 72 -16.41 75.75 14.28
C ARG E 72 -16.74 74.29 14.62
N LEU E 73 -18.01 74.01 14.93
CA LEU E 73 -18.41 72.63 15.20
C LEU E 73 -18.21 71.76 13.96
N ALA E 74 -18.61 72.26 12.79
CA ALA E 74 -18.42 71.49 11.57
C ALA E 74 -16.95 71.21 11.31
N ILE E 75 -16.10 72.21 11.53
CA ILE E 75 -14.66 72.02 11.32
C ILE E 75 -14.12 70.98 12.29
N GLN E 76 -14.55 71.02 13.55
CA GLN E 76 -14.11 70.02 14.51
C GLN E 76 -14.50 68.63 14.06
N CYS E 77 -15.76 68.45 13.64
CA CYS E 77 -16.19 67.14 13.18
C CYS E 77 -15.39 66.69 11.98
N ARG E 78 -15.11 67.59 11.05
CA ARG E 78 -14.32 67.23 9.88
C ARG E 78 -12.90 66.81 10.27
N ALA E 79 -12.28 67.53 11.20
CA ALA E 79 -10.90 67.24 11.55
C ALA E 79 -10.80 65.96 12.37
N ASP E 80 -11.87 65.60 13.08
CA ASP E 80 -11.86 64.33 13.79
C ASP E 80 -11.85 63.13 12.85
N GLN E 81 -12.08 63.34 11.56
CA GLN E 81 -12.12 62.28 10.57
C GLN E 81 -11.00 62.35 9.55
N SER E 82 -10.85 63.48 8.85
CA SER E 82 -10.17 63.47 7.56
C SER E 82 -8.71 63.90 7.64
N PHE E 83 -8.45 65.11 8.11
CA PHE E 83 -7.09 65.64 8.07
C PHE E 83 -6.32 65.12 9.26
N THR E 84 -5.56 64.04 9.06
CA THR E 84 -4.98 63.28 10.16
C THR E 84 -3.46 63.40 10.14
N SER E 85 -2.85 62.78 11.15
CA SER E 85 -1.40 62.77 11.30
C SER E 85 -1.08 61.84 12.46
N PRO E 86 0.16 61.38 12.58
CA PRO E 86 0.49 60.35 13.57
C PRO E 86 0.31 60.86 14.99
N PRO E 87 0.08 59.96 15.94
CA PRO E 87 -0.12 60.39 17.34
C PRO E 87 1.09 61.13 17.86
N PRO E 88 0.96 61.81 18.99
CA PRO E 88 2.07 62.63 19.50
C PRO E 88 3.09 61.81 20.26
N ARG E 89 4.10 62.53 20.76
CA ARG E 89 5.23 61.89 21.42
C ARG E 89 4.82 61.24 22.73
N ASP E 90 3.86 61.82 23.44
CA ASP E 90 3.50 61.33 24.78
C ASP E 90 3.01 59.89 24.72
N PHE E 91 2.03 59.61 23.85
CA PHE E 91 1.48 58.26 23.73
C PHE E 91 2.55 57.26 23.30
N LEU E 92 3.39 57.68 22.36
CA LEU E 92 4.45 56.80 21.88
C LEU E 92 5.41 56.45 23.00
N LEU E 93 5.71 57.39 23.88
CA LEU E 93 6.59 57.09 25.00
C LEU E 93 6.00 56.03 25.92
N ASP E 94 4.70 56.11 26.21
CA ASP E 94 4.07 55.09 27.03
C ASP E 94 4.17 53.71 26.39
N ILE E 95 3.80 53.61 25.11
CA ILE E 95 3.87 52.30 24.49
C ILE E 95 5.31 51.81 24.41
N ALA E 96 6.26 52.71 24.17
CA ALA E 96 7.66 52.32 24.15
C ALA E 96 8.10 51.75 25.50
N ARG E 97 7.73 52.43 26.59
CA ARG E 97 8.06 51.89 27.91
C ARG E 97 7.50 50.49 28.06
N GLN E 98 6.24 50.29 27.65
CA GLN E 98 5.63 48.98 27.86
C GLN E 98 6.26 47.93 26.94
N LYS E 99 6.95 48.36 25.89
CA LYS E 99 7.50 47.40 24.93
C LYS E 99 8.91 46.97 25.31
N ASN E 100 9.74 47.89 25.78
CA ASN E 100 11.17 47.64 25.92
C ASN E 100 11.50 46.67 27.06
N GLN E 101 10.54 46.33 27.90
CA GLN E 101 10.82 45.48 29.05
C GLN E 101 11.18 44.05 28.65
N THR E 102 10.80 43.61 27.46
CA THR E 102 11.02 42.22 27.10
C THR E 102 12.48 41.97 26.76
N PRO E 103 12.95 40.73 26.91
CA PRO E 103 14.36 40.41 26.68
C PRO E 103 14.69 40.28 25.20
N LEU E 104 15.97 40.49 24.89
CA LEU E 104 16.51 40.34 23.56
C LEU E 104 17.21 39.00 23.40
N PRO E 105 17.43 38.56 22.17
CA PRO E 105 18.08 37.26 21.97
C PRO E 105 19.50 37.26 22.49
N LEU E 106 19.98 36.07 22.85
CA LEU E 106 21.34 35.92 23.34
C LEU E 106 22.29 35.63 22.18
N ILE E 107 23.26 36.51 21.97
CA ILE E 107 24.15 36.39 20.82
C ILE E 107 24.93 35.09 20.91
N LYS E 108 25.35 34.58 19.76
CA LYS E 108 26.23 33.43 19.68
C LYS E 108 26.90 33.44 18.32
N PRO E 109 28.01 32.73 18.16
CA PRO E 109 28.68 32.68 16.85
C PRO E 109 27.76 32.11 15.79
N TYR E 110 27.73 32.77 14.63
CA TYR E 110 26.88 32.37 13.53
C TYR E 110 27.70 32.22 12.26
N ALA E 111 27.32 31.25 11.44
CA ALA E 111 27.84 31.16 10.08
C ALA E 111 26.99 32.02 9.16
N GLY E 112 26.80 33.27 9.53
CA GLY E 112 25.89 34.15 8.83
C GLY E 112 24.62 34.36 9.62
N PRO E 113 23.90 35.45 9.36
CA PRO E 113 22.72 35.77 10.16
C PRO E 113 21.67 34.66 10.04
N ARG E 114 20.98 34.40 11.16
CA ARG E 114 19.97 33.35 11.20
C ARG E 114 18.62 33.93 10.80
N LEU E 115 17.95 33.28 9.87
CA LEU E 115 16.61 33.67 9.47
C LEU E 115 15.58 33.06 10.42
N PRO E 116 14.36 33.61 10.44
CA PRO E 116 13.35 33.08 11.35
C PRO E 116 12.84 31.72 10.90
N PRO E 117 12.00 31.08 11.71
CA PRO E 117 11.53 29.74 11.35
C PRO E 117 10.68 29.76 10.08
N ASP E 118 10.60 28.60 9.44
CA ASP E 118 9.91 28.49 8.15
C ASP E 118 8.43 28.81 8.26
N ARG E 119 7.77 28.38 9.35
CA ARG E 119 6.33 28.57 9.46
C ARG E 119 5.95 30.06 9.40
N TYR E 120 6.93 30.94 9.50
CA TYR E 120 6.69 32.39 9.48
C TYR E 120 7.52 33.06 8.41
N CYS E 121 7.66 32.35 7.28
CA CYS E 121 8.40 32.87 6.14
C CYS E 121 7.58 32.61 4.88
N LEU E 122 7.83 33.43 3.87
CA LEU E 122 7.12 33.31 2.59
C LEU E 122 7.65 32.14 1.77
N THR E 123 7.49 30.92 2.28
CA THR E 123 8.01 29.73 1.62
C THR E 123 7.03 28.58 1.75
N ALA E 124 5.74 28.86 1.54
CA ALA E 124 4.70 27.85 1.68
C ALA E 124 3.84 27.84 0.42
N PRO E 125 3.79 26.73 -0.32
CA PRO E 125 2.93 26.69 -1.51
C PRO E 125 1.49 26.37 -1.15
N ASN E 126 0.58 26.90 -1.95
CA ASN E 126 -0.84 26.63 -1.73
C ASN E 126 -1.09 25.14 -1.71
N TYR E 127 -1.86 24.67 -0.74
CA TYR E 127 -2.06 23.24 -0.57
C TYR E 127 -3.02 22.67 -1.60
N ARG E 128 -3.92 23.50 -2.15
CA ARG E 128 -4.81 23.03 -3.20
C ARG E 128 -4.03 22.62 -4.43
N LEU E 129 -3.00 23.39 -4.80
CA LEU E 129 -2.27 23.15 -6.03
C LEU E 129 -1.61 21.78 -6.00
N LYS E 130 -1.55 21.13 -7.16
CA LYS E 130 -0.88 19.84 -7.29
C LYS E 130 0.53 20.04 -7.79
N SER E 131 1.44 19.19 -7.34
CA SER E 131 2.82 19.23 -7.79
C SER E 131 3.09 18.08 -8.74
N LEU E 132 4.10 18.27 -9.59
CA LEU E 132 4.39 17.32 -10.66
C LEU E 132 5.87 16.96 -10.64
N ILE E 133 6.17 15.74 -11.05
CA ILE E 133 7.54 15.25 -11.10
C ILE E 133 8.06 15.25 -12.52
N GLU F 5 13.14 89.13 12.45
CA GLU F 5 12.06 88.94 13.41
C GLU F 5 10.70 89.28 12.80
N GLU F 6 10.72 90.14 11.79
CA GLU F 6 9.51 90.43 11.05
C GLU F 6 9.38 89.45 9.88
N ARG F 7 8.19 88.90 9.71
CA ARG F 7 7.96 87.83 8.74
C ARG F 7 6.55 87.93 8.19
N ARG F 8 6.33 87.29 7.05
CA ARG F 8 5.10 87.43 6.29
C ARG F 8 4.58 86.07 5.85
N PHE F 9 3.28 85.98 5.61
CA PHE F 9 2.64 84.74 5.21
C PHE F 9 1.43 85.11 4.35
N VAL F 10 1.56 84.94 3.03
CA VAL F 10 0.46 85.29 2.15
C VAL F 10 -0.79 84.49 2.52
N GLU F 11 -1.93 85.16 2.53
CA GLU F 11 -3.20 84.53 2.81
C GLU F 11 -4.23 85.00 1.80
N ILE F 12 -5.22 84.14 1.54
CA ILE F 12 -6.23 84.47 0.52
C ILE F 12 -7.10 85.60 1.03
N PRO F 13 -7.76 86.36 0.16
CA PRO F 13 -8.61 87.45 0.62
C PRO F 13 -9.97 86.95 1.08
N ARG F 14 -10.61 87.77 1.93
CA ARG F 14 -11.99 87.49 2.33
C ARG F 14 -12.88 87.30 1.11
N GLU F 15 -12.62 88.05 0.04
CA GLU F 15 -13.49 88.02 -1.13
C GLU F 15 -13.51 86.64 -1.76
N SER F 16 -12.36 85.96 -1.82
CA SER F 16 -12.33 84.62 -2.42
C SER F 16 -13.20 83.65 -1.64
N VAL F 17 -13.12 83.69 -0.30
CA VAL F 17 -13.96 82.84 0.52
C VAL F 17 -15.42 83.16 0.33
N ARG F 18 -15.79 84.44 0.29
CA ARG F 18 -17.19 84.79 0.05
C ARG F 18 -17.65 84.33 -1.32
N LEU F 19 -16.79 84.44 -2.33
CA LEU F 19 -17.16 83.99 -3.67
C LEU F 19 -17.39 82.49 -3.71
N MET F 20 -16.52 81.72 -3.05
CA MET F 20 -16.77 80.29 -2.93
C MET F 20 -18.11 80.03 -2.24
N ALA F 21 -18.31 80.64 -1.07
CA ALA F 21 -19.54 80.39 -0.32
C ALA F 21 -20.77 80.76 -1.13
N GLU F 22 -20.65 81.72 -2.05
CA GLU F 22 -21.79 82.10 -2.87
C GLU F 22 -22.36 80.91 -3.63
N SER F 23 -21.48 80.14 -4.28
CA SER F 23 -21.92 78.98 -5.04
C SER F 23 -22.77 78.05 -4.17
N THR F 24 -22.42 77.93 -2.90
CA THR F 24 -23.22 77.13 -1.99
C THR F 24 -24.62 77.71 -1.85
N GLY F 25 -24.71 79.04 -1.82
CA GLY F 25 -25.99 79.69 -1.61
C GLY F 25 -26.14 80.22 -0.20
N LEU F 26 -25.07 80.81 0.33
CA LEU F 26 -25.10 81.37 1.67
C LEU F 26 -24.36 82.71 1.65
N GLU F 27 -24.93 83.67 2.36
CA GLU F 27 -24.34 84.99 2.52
C GLU F 27 -23.60 84.98 3.85
N LEU F 28 -22.28 85.18 3.81
CA LEU F 28 -21.46 85.04 4.99
C LEU F 28 -21.13 86.40 5.59
N SER F 29 -20.98 86.41 6.92
CA SER F 29 -20.67 87.61 7.67
C SER F 29 -19.18 87.92 7.58
N ASP F 30 -18.72 88.80 8.46
CA ASP F 30 -17.35 89.31 8.36
C ASP F 30 -16.36 88.41 9.09
N GLU F 31 -16.64 88.10 10.37
CA GLU F 31 -15.70 87.29 11.15
C GLU F 31 -15.54 85.90 10.56
N VAL F 32 -16.64 85.31 10.10
CA VAL F 32 -16.61 83.95 9.59
C VAL F 32 -15.66 83.84 8.40
N ALA F 33 -15.68 84.83 7.52
CA ALA F 33 -14.80 84.78 6.35
C ALA F 33 -13.35 84.67 6.74
N ALA F 34 -12.89 85.51 7.68
CA ALA F 34 -11.50 85.46 8.10
C ALA F 34 -11.18 84.15 8.80
N LEU F 35 -12.11 83.66 9.63
CA LEU F 35 -11.91 82.35 10.26
C LEU F 35 -11.64 81.28 9.20
N LEU F 36 -12.51 81.20 8.20
CA LEU F 36 -12.34 80.19 7.16
C LEU F 36 -11.06 80.40 6.38
N ALA F 37 -10.71 81.66 6.10
CA ALA F 37 -9.50 81.92 5.33
C ALA F 37 -8.28 81.38 6.06
N GLU F 38 -8.17 81.67 7.37
CA GLU F 38 -7.02 81.18 8.11
C GLU F 38 -7.01 79.66 8.17
N ASP F 39 -8.18 79.04 8.38
CA ASP F 39 -8.21 77.58 8.42
C ASP F 39 -7.73 76.97 7.11
N VAL F 40 -8.22 77.51 6.00
CA VAL F 40 -7.85 76.98 4.68
C VAL F 40 -6.36 77.16 4.44
N CYS F 41 -5.81 78.31 4.82
CA CYS F 41 -4.37 78.50 4.66
C CYS F 41 -3.58 77.48 5.46
N TYR F 42 -4.00 77.20 6.69
CA TYR F 42 -3.29 76.22 7.49
C TYR F 42 -3.34 74.84 6.83
N ARG F 43 -4.51 74.45 6.32
CA ARG F 43 -4.59 73.15 5.66
C ARG F 43 -3.73 73.09 4.39
N LEU F 44 -3.72 74.16 3.61
CA LEU F 44 -2.88 74.18 2.41
C LEU F 44 -1.42 73.99 2.77
N ARG F 45 -0.94 74.71 3.79
CA ARG F 45 0.46 74.58 4.15
C ARG F 45 0.78 73.20 4.70
N GLU F 46 -0.11 72.62 5.50
CA GLU F 46 0.11 71.25 5.97
C GLU F 46 0.24 70.28 4.80
N ALA F 47 -0.71 70.34 3.87
CA ALA F 47 -0.67 69.43 2.73
C ALA F 47 0.58 69.63 1.90
N THR F 48 1.02 70.88 1.73
CA THR F 48 2.21 71.12 0.92
C THR F 48 3.46 70.56 1.60
N GLN F 49 3.57 70.72 2.92
CA GLN F 49 4.69 70.11 3.63
C GLN F 49 4.70 68.59 3.46
N ASN F 50 3.53 67.97 3.62
CA ASN F 50 3.45 66.53 3.46
C ASN F 50 3.87 66.11 2.06
N SER F 51 3.41 66.82 1.04
CA SER F 51 3.79 66.49 -0.33
C SER F 51 5.30 66.61 -0.52
N SER F 52 5.89 67.70 -0.03
CA SER F 52 7.34 67.87 -0.16
C SER F 52 8.11 66.75 0.53
N GLN F 53 7.56 66.20 1.61
CA GLN F 53 8.26 65.12 2.31
C GLN F 53 8.53 63.93 1.41
N PHE F 54 7.53 63.54 0.60
CA PHE F 54 7.73 62.41 -0.30
C PHE F 54 8.78 62.71 -1.34
N MET F 55 8.79 63.94 -1.88
CA MET F 55 9.78 64.30 -2.88
C MET F 55 11.18 64.32 -2.30
N LYS F 56 11.30 64.61 -1.00
CA LYS F 56 12.63 64.70 -0.38
C LYS F 56 13.43 63.41 -0.56
N HIS F 57 12.75 62.26 -0.59
CA HIS F 57 13.42 60.98 -0.59
C HIS F 57 13.54 60.35 -1.97
N THR F 58 13.69 61.17 -3.02
CA THR F 58 13.80 60.66 -4.37
C THR F 58 14.92 61.31 -5.17
N LYS F 59 15.53 62.37 -4.67
CA LYS F 59 16.59 63.04 -5.41
C LYS F 59 16.07 63.53 -6.76
N ARG F 60 15.03 64.35 -6.71
CA ARG F 60 14.52 65.03 -7.90
C ARG F 60 13.85 66.31 -7.44
N ARG F 61 13.95 67.35 -8.25
CA ARG F 61 13.51 68.67 -7.81
C ARG F 61 12.07 68.98 -8.20
N LYS F 62 11.62 68.56 -9.37
CA LYS F 62 10.25 68.87 -9.78
C LYS F 62 9.26 68.11 -8.92
N LEU F 63 8.16 68.77 -8.56
CA LEU F 63 7.09 68.16 -7.78
C LEU F 63 5.92 67.84 -8.71
N THR F 64 5.51 66.58 -8.72
CA THR F 64 4.45 66.14 -9.61
C THR F 64 3.10 66.16 -8.90
N VAL F 65 2.05 65.86 -9.68
CA VAL F 65 0.71 65.74 -9.11
C VAL F 65 0.57 64.43 -8.37
N GLU F 66 1.33 63.41 -8.79
CA GLU F 66 1.32 62.14 -8.08
C GLU F 66 1.78 62.30 -6.64
N ASP F 67 2.80 63.12 -6.40
CA ASP F 67 3.25 63.36 -5.03
C ASP F 67 2.15 63.98 -4.19
N PHE F 68 1.47 64.99 -4.74
CA PHE F 68 0.39 65.63 -4.00
C PHE F 68 -0.71 64.64 -3.67
N ASN F 69 -1.11 63.82 -4.64
CA ASN F 69 -2.19 62.87 -4.38
C ASN F 69 -1.75 61.80 -3.39
N ARG F 70 -0.49 61.38 -3.45
CA ARG F 70 0.01 60.42 -2.47
C ARG F 70 -0.04 60.98 -1.06
N ALA F 71 0.44 62.21 -0.88
CA ALA F 71 0.41 62.82 0.44
C ALA F 71 -1.02 62.97 0.92
N LEU F 72 -1.94 63.34 0.04
CA LEU F 72 -3.34 63.42 0.43
C LEU F 72 -3.86 62.06 0.86
N ARG F 73 -3.49 61.00 0.13
CA ARG F 73 -4.00 59.68 0.45
C ARG F 73 -3.53 59.21 1.82
N TRP F 74 -2.27 59.47 2.16
CA TRP F 74 -1.79 59.05 3.46
C TRP F 74 -2.45 59.83 4.59
N SER F 75 -2.77 61.08 4.35
CA SER F 75 -3.44 61.89 5.36
C SER F 75 -4.94 61.64 5.41
N SER F 76 -5.44 60.56 4.81
CA SER F 76 -6.85 60.22 4.87
C SER F 76 -7.72 61.34 4.29
N VAL F 77 -7.46 61.70 3.04
CA VAL F 77 -8.25 62.71 2.35
C VAL F 77 -8.46 62.25 0.91
N GLU F 78 -9.69 62.37 0.44
CA GLU F 78 -10.00 62.03 -0.94
C GLU F 78 -9.06 62.77 -1.88
N ALA F 79 -8.83 62.19 -3.06
CA ALA F 79 -7.81 62.70 -3.97
C ALA F 79 -8.45 63.60 -5.03
N VAL F 80 -7.61 64.41 -5.69
CA VAL F 80 -8.06 65.32 -6.72
C VAL F 80 -7.80 64.72 -8.09
N CYS F 81 -8.83 64.64 -8.91
CA CYS F 81 -8.77 63.97 -10.21
C CYS F 81 -8.91 64.97 -11.34
N GLY F 82 -8.06 64.81 -12.36
CA GLY F 82 -8.19 65.57 -13.58
C GLY F 82 -7.05 66.50 -13.91
N TYR F 83 -5.88 66.34 -13.29
CA TYR F 83 -4.78 67.27 -13.49
C TYR F 83 -3.45 66.57 -13.71
N GLY F 84 -3.47 65.35 -14.24
CA GLY F 84 -2.25 64.60 -14.43
C GLY F 84 -1.75 64.55 -15.86
N SER F 85 -1.81 65.66 -16.59
CA SER F 85 -1.57 65.63 -18.03
C SER F 85 -0.15 65.99 -18.41
N GLN F 86 0.63 66.60 -17.51
CA GLN F 86 1.98 67.04 -17.84
C GLN F 86 1.98 68.05 -18.98
N GLU F 87 0.91 68.82 -19.11
CA GLU F 87 0.85 69.87 -20.12
C GLU F 87 0.11 71.07 -19.53
N ALA F 88 0.57 72.26 -19.89
CA ALA F 88 0.09 73.49 -19.29
C ALA F 88 -1.38 73.70 -19.60
N LEU F 89 -2.10 74.30 -18.65
CA LEU F 89 -3.50 74.63 -18.84
C LEU F 89 -3.65 76.14 -18.74
N PRO F 90 -3.57 76.89 -19.84
CA PRO F 90 -3.61 78.36 -19.75
C PRO F 90 -4.95 78.84 -19.21
N MET F 91 -4.91 79.97 -18.51
CA MET F 91 -6.12 80.60 -17.98
C MET F 91 -6.61 81.68 -18.94
N ARG F 92 -7.88 82.05 -18.77
CA ARG F 92 -8.53 83.01 -19.67
C ARG F 92 -9.22 84.10 -18.86
N PRO F 93 -8.94 85.37 -19.12
CA PRO F 93 -9.73 86.45 -18.51
C PRO F 93 -10.97 86.75 -19.32
N ALA F 94 -12.02 87.12 -18.59
CA ALA F 94 -13.27 87.52 -19.23
C ALA F 94 -13.17 88.93 -19.77
N ARG F 95 -14.31 89.48 -20.18
CA ARG F 95 -14.30 90.78 -20.85
C ARG F 95 -13.94 91.89 -19.87
N GLU F 96 -14.55 91.91 -18.68
CA GLU F 96 -14.30 93.00 -17.75
C GLU F 96 -12.84 93.06 -17.32
N GLY F 97 -12.24 91.93 -17.00
CA GLY F 97 -10.84 91.87 -16.63
C GLY F 97 -10.57 91.54 -15.18
N GLU F 98 -11.50 90.91 -14.48
CA GLU F 98 -11.34 90.52 -13.09
C GLU F 98 -11.64 89.05 -12.84
N LEU F 99 -12.50 88.45 -13.65
CA LEU F 99 -12.81 87.03 -13.53
C LEU F 99 -11.97 86.23 -14.50
N TYR F 100 -11.51 85.07 -14.04
CA TYR F 100 -10.73 84.15 -14.85
C TYR F 100 -11.41 82.79 -14.85
N PHE F 101 -11.03 81.97 -15.82
CA PHE F 101 -11.57 80.61 -15.91
C PHE F 101 -10.62 79.79 -16.77
N PRO F 102 -10.70 78.46 -16.68
CA PRO F 102 -9.83 77.62 -17.49
C PRO F 102 -10.50 77.21 -18.79
N GLU F 103 -9.70 77.10 -19.84
CA GLU F 103 -10.21 76.70 -21.14
C GLU F 103 -10.68 75.25 -21.09
N ASP F 104 -11.91 75.01 -21.54
CA ASP F 104 -12.50 73.66 -21.53
C ASP F 104 -13.20 73.46 -22.87
N ARG F 105 -12.46 72.93 -23.83
CA ARG F 105 -12.97 72.80 -25.19
C ARG F 105 -13.75 71.49 -25.35
N GLU F 106 -14.90 71.59 -26.02
CA GLU F 106 -15.68 70.42 -26.37
C GLU F 106 -14.85 69.54 -27.28
N VAL F 107 -15.00 68.22 -27.15
CA VAL F 107 -14.20 67.28 -27.91
C VAL F 107 -15.10 66.20 -28.50
N ASN F 108 -14.90 65.93 -29.79
CA ASN F 108 -15.68 64.93 -30.50
C ASN F 108 -15.09 63.55 -30.23
N LEU F 109 -15.85 62.73 -29.51
CA LEU F 109 -15.32 61.45 -29.05
C LEU F 109 -15.02 60.48 -30.19
N VAL F 110 -15.90 60.38 -31.18
CA VAL F 110 -15.77 59.31 -32.17
C VAL F 110 -14.44 59.40 -32.90
N GLU F 111 -13.92 60.61 -33.08
CA GLU F 111 -12.63 60.76 -33.75
C GLU F 111 -11.52 60.07 -32.97
N LEU F 112 -11.44 60.32 -31.65
CA LEU F 112 -10.44 59.66 -30.83
C LEU F 112 -10.73 58.17 -30.72
N ALA F 113 -12.00 57.78 -30.68
CA ALA F 113 -12.34 56.37 -30.57
C ALA F 113 -11.85 55.61 -31.79
N LEU F 114 -12.02 56.18 -32.98
CA LEU F 114 -11.59 55.55 -34.23
C LEU F 114 -10.28 56.19 -34.68
N ALA F 115 -9.19 55.68 -34.13
CA ALA F 115 -7.87 56.19 -34.48
C ALA F 115 -6.82 55.25 -33.93
N THR F 116 -5.80 54.99 -34.74
CA THR F 116 -4.68 54.14 -34.34
C THR F 116 -3.49 55.03 -34.01
N ASN F 117 -3.00 54.92 -32.77
CA ASN F 117 -1.84 55.68 -32.33
C ASN F 117 -0.95 54.72 -31.54
N ILE F 118 -0.04 54.06 -32.25
CA ILE F 118 0.92 53.15 -31.64
C ILE F 118 1.86 53.93 -30.74
N PRO F 119 2.10 53.49 -29.50
CA PRO F 119 3.05 54.19 -28.65
C PRO F 119 4.45 53.59 -28.75
N LYS F 120 5.44 54.40 -28.36
CA LYS F 120 6.82 53.96 -28.31
C LYS F 120 7.16 53.50 -26.90
N GLY F 121 7.60 52.26 -26.78
CA GLY F 121 8.02 51.73 -25.50
C GLY F 121 9.17 52.54 -24.93
N CYS F 122 9.68 52.06 -23.80
CA CYS F 122 10.82 52.67 -23.16
C CYS F 122 12.07 51.84 -23.43
N ALA F 123 13.23 52.44 -23.13
CA ALA F 123 14.49 51.76 -23.31
C ALA F 123 14.99 51.18 -21.98
N GLU F 124 15.77 50.12 -22.08
CA GLU F 124 16.26 49.44 -20.89
C GLU F 124 17.37 50.24 -20.22
N THR F 125 17.52 50.04 -18.91
CA THR F 125 18.57 50.71 -18.17
C THR F 125 19.89 49.97 -18.30
N ALA F 126 20.98 50.73 -18.29
CA ALA F 126 22.32 50.18 -18.38
C ALA F 126 23.29 51.13 -17.70
N VAL F 127 24.44 50.59 -17.29
CA VAL F 127 25.40 51.33 -16.48
C VAL F 127 26.79 51.15 -17.08
N ARG F 128 27.47 52.27 -17.33
CA ARG F 128 28.83 52.30 -17.83
C ARG F 128 29.77 52.72 -16.71
N VAL F 129 30.90 52.06 -16.62
CA VAL F 129 31.89 52.37 -15.59
C VAL F 129 32.83 53.42 -16.15
N HIS F 130 33.34 54.28 -15.27
CA HIS F 130 34.07 55.48 -15.69
C HIS F 130 35.07 55.82 -14.59
N VAL F 131 36.31 55.39 -14.78
CA VAL F 131 37.35 55.60 -13.78
C VAL F 131 38.05 56.92 -14.04
N SER F 132 38.74 57.43 -13.02
CA SER F 132 39.56 58.62 -13.19
C SER F 132 40.54 58.72 -12.03
N TYR F 133 41.62 59.46 -12.24
CA TYR F 133 42.62 59.72 -11.23
C TYR F 133 42.72 61.22 -10.94
N LEU F 134 43.10 61.55 -9.72
CA LEU F 134 43.37 62.93 -9.34
C LEU F 134 44.31 62.96 -8.14
N UNK F 154 67.37 64.13 -2.32
CA UNK F 154 68.34 65.01 -1.67
C UNK F 154 69.71 64.41 -1.92
N UNK F 155 70.79 65.22 -1.83
CA UNK F 155 72.16 64.71 -1.87
C UNK F 155 72.42 63.67 -0.78
N UNK F 156 71.91 63.92 0.45
CA UNK F 156 71.93 63.00 1.56
C UNK F 156 71.25 61.67 1.26
N UNK F 157 70.03 61.66 0.71
CA UNK F 157 69.35 60.41 0.40
C UNK F 157 69.89 59.76 -0.87
N UNK F 158 70.48 60.51 -1.82
CA UNK F 158 71.24 59.87 -2.89
C UNK F 158 72.51 59.18 -2.39
N UNK F 159 73.26 59.80 -1.46
CA UNK F 159 74.37 59.13 -0.81
C UNK F 159 73.97 57.92 0.03
N UNK F 160 72.82 57.98 0.73
CA UNK F 160 72.17 56.83 1.33
C UNK F 160 71.85 55.73 0.30
N UNK F 161 71.32 56.09 -0.88
CA UNK F 161 71.16 55.19 -2.00
C UNK F 161 72.48 54.59 -2.49
N UNK F 162 73.57 55.37 -2.57
CA UNK F 162 74.90 54.85 -2.85
C UNK F 162 75.42 53.88 -1.80
N UNK F 163 75.10 54.09 -0.51
CA UNK F 163 75.31 53.09 0.52
C UNK F 163 74.46 51.84 0.30
N UNK F 164 73.17 51.97 -0.06
CA UNK F 164 72.34 50.83 -0.44
C UNK F 164 72.91 50.08 -1.63
N UNK F 165 73.31 50.74 -2.73
CA UNK F 165 73.89 50.06 -3.90
C UNK F 165 75.22 49.37 -3.61
N UNK F 166 76.14 50.00 -2.86
CA UNK F 166 77.40 49.36 -2.54
C UNK F 166 77.30 48.37 -1.40
N UNK F 167 76.23 48.40 -0.58
CA UNK F 167 75.92 47.31 0.32
C UNK F 167 75.17 46.17 -0.36
N UNK F 168 74.46 46.46 -1.49
CA UNK F 168 74.03 45.40 -2.41
C UNK F 168 75.22 44.74 -3.01
N UNK F 169 76.26 45.40 -3.49
CA UNK F 169 77.55 44.82 -3.87
C UNK F 169 78.24 44.04 -2.74
N UNK F 170 78.18 44.59 -1.51
CA UNK F 170 78.90 44.16 -0.30
C UNK F 170 79.26 42.72 -0.06
N UNK F 171 80.57 42.46 0.06
CA UNK F 171 81.15 41.18 0.46
C UNK F 171 80.85 40.76 1.90
N UNK F 172 80.91 41.69 2.89
CA UNK F 172 80.59 41.40 4.28
C UNK F 172 79.11 41.05 4.45
N UNK F 173 78.73 39.86 4.94
CA UNK F 173 77.34 39.50 5.06
C UNK F 173 76.68 40.21 6.22
N UNK F 174 77.41 40.93 7.10
CA UNK F 174 76.79 41.90 7.98
C UNK F 174 76.27 43.11 7.23
N UNK F 175 77.06 43.68 6.30
CA UNK F 175 76.64 44.75 5.42
C UNK F 175 75.50 44.34 4.49
N UNK F 176 75.54 43.10 3.95
CA UNK F 176 74.41 42.55 3.21
C UNK F 176 73.13 42.46 4.02
N UNK F 177 73.17 41.91 5.24
CA UNK F 177 72.00 41.83 6.09
C UNK F 177 71.48 43.18 6.58
N UNK F 178 72.38 44.14 6.85
CA UNK F 178 72.02 45.53 7.09
C UNK F 178 71.25 46.13 5.92
N UNK F 179 71.76 45.98 4.68
CA UNK F 179 71.05 46.42 3.48
C UNK F 179 69.70 45.77 3.26
N UNK F 180 69.59 44.44 3.49
CA UNK F 180 68.33 43.74 3.45
C UNK F 180 67.34 44.22 4.51
N UNK F 181 67.79 44.49 5.76
CA UNK F 181 66.95 45.07 6.78
C UNK F 181 66.49 46.49 6.48
N UNK F 182 67.39 47.33 5.97
CA UNK F 182 67.08 48.67 5.52
C UNK F 182 66.07 48.68 4.35
N UNK F 183 66.25 47.83 3.32
CA UNK F 183 65.28 47.66 2.24
C UNK F 183 63.90 47.20 2.69
N UNK F 184 63.81 46.22 3.63
CA UNK F 184 62.51 45.70 4.05
C UNK F 184 61.81 46.53 5.11
N UNK F 185 62.52 47.43 5.82
CA UNK F 185 61.92 48.18 6.92
C UNK F 185 62.34 49.64 6.85
N UNK F 186 62.37 50.25 5.66
CA UNK F 186 62.25 51.69 5.56
C UNK F 186 60.94 51.99 4.86
N UNK F 187 59.82 51.97 5.59
CA UNK F 187 58.58 52.55 5.10
C UNK F 187 58.69 54.05 4.91
N UNK F 188 57.92 54.62 3.95
CA UNK F 188 57.94 56.03 3.61
C UNK F 188 59.16 56.49 2.81
N UNK F 189 59.97 55.56 2.25
CA UNK F 189 61.01 55.91 1.29
C UNK F 189 60.40 56.37 -0.01
N UNK F 190 59.84 55.47 -0.86
CA UNK F 190 58.91 55.78 -1.97
C UNK F 190 59.40 56.64 -3.11
N UNK F 191 60.55 57.30 -2.93
CA UNK F 191 61.06 58.38 -3.72
C UNK F 191 62.50 58.09 -4.09
N UNK F 192 63.16 57.21 -3.30
CA UNK F 192 64.24 56.35 -3.77
C UNK F 192 63.66 55.03 -4.29
N UNK F 193 62.41 55.10 -4.79
CA UNK F 193 61.79 54.15 -5.67
C UNK F 193 61.92 54.76 -7.06
N UNK F 194 61.16 54.42 -8.08
CA UNK F 194 61.65 53.69 -9.26
C UNK F 194 63.07 53.83 -9.79
N UNK F 195 63.79 54.95 -9.68
CA UNK F 195 65.15 55.11 -10.23
C UNK F 195 66.08 53.99 -9.76
N UNK F 196 66.01 53.69 -8.44
CA UNK F 196 66.54 52.51 -7.80
C UNK F 196 66.18 51.21 -8.50
N UNK F 197 64.88 50.86 -8.59
CA UNK F 197 64.48 49.61 -9.23
C UNK F 197 64.80 49.54 -10.72
N UNK F 198 64.71 50.66 -11.45
CA UNK F 198 64.86 50.73 -12.89
C UNK F 198 66.24 50.34 -13.41
N UNK F 199 67.35 50.81 -12.81
CA UNK F 199 68.67 50.36 -13.24
C UNK F 199 69.23 49.29 -12.32
N UNK F 200 68.48 48.89 -11.26
CA UNK F 200 68.51 47.53 -10.74
C UNK F 200 68.03 46.53 -11.80
N UNK F 201 66.96 46.84 -12.56
CA UNK F 201 66.46 46.02 -13.66
C UNK F 201 67.39 45.98 -14.85
N UNK F 202 68.49 46.77 -14.80
CA UNK F 202 69.66 46.64 -15.66
C UNK F 202 70.52 45.45 -15.29
N UNK F 203 70.09 44.58 -14.34
CA UNK F 203 70.57 43.20 -14.12
C UNK F 203 70.68 42.39 -15.41
N UNK F 204 69.91 42.79 -16.45
CA UNK F 204 70.05 42.37 -17.82
C UNK F 204 71.46 42.51 -18.43
N UNK F 205 72.28 43.47 -17.95
CA UNK F 205 73.70 43.54 -18.31
C UNK F 205 74.52 42.42 -17.69
N UNK F 206 74.06 41.90 -16.54
CA UNK F 206 74.72 40.86 -15.79
C UNK F 206 74.10 39.51 -16.12
N UNK F 207 74.45 38.97 -17.28
CA UNK F 207 73.90 37.72 -17.78
C UNK F 207 74.42 36.46 -17.10
N UNK F 208 75.73 36.39 -16.78
CA UNK F 208 76.35 35.14 -16.37
C UNK F 208 77.03 35.15 -15.00
N UNK F 209 76.77 36.15 -14.13
CA UNK F 209 77.35 36.22 -12.80
C UNK F 209 76.29 35.81 -11.76
N UNK F 210 76.47 34.64 -11.10
CA UNK F 210 75.57 34.16 -10.07
C UNK F 210 75.51 35.01 -8.83
N UNK F 211 76.62 35.66 -8.47
CA UNK F 211 76.70 36.41 -7.24
C UNK F 211 75.85 37.65 -7.31
N UNK F 212 75.94 38.39 -8.42
CA UNK F 212 75.09 39.54 -8.62
C UNK F 212 73.61 39.18 -8.68
N UNK F 213 73.28 38.04 -9.30
CA UNK F 213 71.94 37.48 -9.29
C UNK F 213 71.40 37.11 -7.90
N UNK F 214 72.15 36.41 -7.01
CA UNK F 214 71.65 36.08 -5.67
C UNK F 214 71.42 37.31 -4.82
N UNK F 215 72.34 38.28 -4.91
CA UNK F 215 72.22 39.58 -4.27
C UNK F 215 70.97 40.32 -4.73
N UNK F 216 70.73 40.45 -6.05
CA UNK F 216 69.57 41.12 -6.61
C UNK F 216 68.24 40.42 -6.37
N UNK F 217 68.17 39.08 -6.43
CA UNK F 217 66.97 38.36 -6.04
C UNK F 217 66.63 38.47 -4.55
N UNK F 218 67.62 38.43 -3.63
CA UNK F 218 67.36 38.77 -2.24
C UNK F 218 66.98 40.25 -2.02
N UNK F 219 67.56 41.19 -2.78
CA UNK F 219 67.09 42.58 -2.83
C UNK F 219 65.64 42.71 -3.28
N UNK F 220 65.22 41.98 -4.32
CA UNK F 220 63.82 41.91 -4.72
C UNK F 220 62.91 41.34 -3.63
N UNK F 221 63.36 40.28 -2.92
CA UNK F 221 62.64 39.74 -1.77
C UNK F 221 62.43 40.73 -0.64
N UNK F 222 63.47 41.47 -0.24
CA UNK F 222 63.38 42.51 0.77
C UNK F 222 62.50 43.66 0.33
N UNK F 223 62.57 44.04 -0.96
CA UNK F 223 61.64 44.97 -1.55
C UNK F 223 60.19 44.54 -1.46
N UNK F 224 59.89 43.25 -1.72
CA UNK F 224 58.53 42.74 -1.67
C UNK F 224 57.94 42.66 -0.27
N UNK F 225 58.76 42.73 0.79
CA UNK F 225 58.26 42.71 2.16
C UNK F 225 58.27 44.07 2.86
N UNK F 226 58.60 45.18 2.17
CA UNK F 226 58.47 46.50 2.77
C UNK F 226 57.08 47.06 2.53
N UNK F 227 56.17 47.06 3.50
CA UNK F 227 54.75 46.86 3.19
C UNK F 227 54.09 48.12 2.68
N UNK F 228 54.69 49.30 2.93
CA UNK F 228 54.11 50.58 2.51
C UNK F 228 54.47 50.93 1.08
N UNK F 229 55.49 50.28 0.50
CA UNK F 229 55.98 50.69 -0.79
C UNK F 229 55.26 49.95 -1.88
N UNK F 230 54.00 50.36 -2.17
CA UNK F 230 53.15 49.63 -3.08
C UNK F 230 53.69 49.45 -4.50
N UNK F 231 53.71 48.18 -4.92
CA UNK F 231 54.38 47.72 -6.11
C UNK F 231 53.70 48.13 -7.41
N UNK F 232 52.35 48.16 -7.42
CA UNK F 232 51.48 48.27 -8.60
C UNK F 232 51.87 49.15 -9.77
N UNK F 233 52.19 50.44 -9.65
CA UNK F 233 52.54 51.26 -10.80
C UNK F 233 53.93 50.94 -11.29
N UNK F 234 54.78 50.33 -10.45
CA UNK F 234 56.18 50.15 -10.75
C UNK F 234 56.53 48.68 -11.00
N UNK F 235 55.52 47.77 -11.04
CA UNK F 235 55.63 46.33 -11.32
C UNK F 235 56.32 46.04 -12.64
N UNK F 236 56.00 46.82 -13.68
CA UNK F 236 56.06 46.35 -15.05
C UNK F 236 57.42 46.56 -15.70
N UNK F 237 58.44 46.97 -14.92
CA UNK F 237 59.83 46.88 -15.35
C UNK F 237 60.61 45.94 -14.45
N UNK F 238 59.94 45.20 -13.53
CA UNK F 238 60.60 44.35 -12.55
C UNK F 238 60.41 42.88 -12.80
N UNK F 239 59.16 42.46 -13.04
CA UNK F 239 58.76 41.06 -13.17
C UNK F 239 59.46 40.35 -14.31
N UNK F 240 59.69 41.04 -15.44
CA UNK F 240 60.47 40.48 -16.54
C UNK F 240 61.93 40.24 -16.25
N UNK F 241 62.54 41.01 -15.34
CA UNK F 241 63.88 40.72 -14.84
C UNK F 241 63.89 39.47 -13.98
N UNK F 242 62.86 39.27 -13.13
CA UNK F 242 62.69 38.04 -12.36
C UNK F 242 62.53 36.83 -13.27
N UNK F 243 61.69 36.92 -14.31
CA UNK F 243 61.54 35.87 -15.30
C UNK F 243 62.80 35.59 -16.11
N UNK F 244 63.58 36.61 -16.50
CA UNK F 244 64.87 36.39 -17.14
C UNK F 244 65.84 35.59 -16.26
N UNK F 245 65.88 35.89 -14.94
CA UNK F 245 66.55 35.05 -13.96
C UNK F 245 65.97 33.64 -13.81
N UNK F 246 64.65 33.43 -13.99
CA UNK F 246 64.09 32.09 -14.01
C UNK F 246 64.56 31.23 -15.18
N UNK F 247 64.48 31.79 -16.41
CA UNK F 247 64.52 31.00 -17.63
C UNK F 247 65.77 30.13 -17.90
N UNK F 248 66.94 30.68 -18.25
CA UNK F 248 67.79 30.00 -19.24
C UNK F 248 69.26 30.51 -19.12
N UNK F 249 70.35 30.12 -19.88
CA UNK F 249 71.76 30.37 -19.61
C UNK F 249 72.40 30.96 -18.38
N UNK F 250 71.94 30.79 -17.14
CA UNK F 250 72.77 31.10 -15.99
C UNK F 250 73.96 30.16 -15.82
N UNK F 251 75.06 30.43 -16.56
CA UNK F 251 76.15 29.49 -16.76
C UNK F 251 77.50 30.16 -16.49
N UNK F 252 77.81 30.41 -15.21
CA UNK F 252 79.14 30.87 -14.79
C UNK F 252 80.25 29.87 -15.11
N UNK F 253 79.95 28.57 -14.94
CA UNK F 253 80.79 27.47 -15.36
C UNK F 253 79.91 26.25 -15.34
N UNK F 254 80.25 25.24 -16.14
CA UNK F 254 79.44 24.04 -16.32
C UNK F 254 79.37 23.14 -15.09
N UNK F 255 80.49 22.85 -14.40
CA UNK F 255 80.41 22.13 -13.14
C UNK F 255 79.67 22.94 -12.04
N UNK F 256 79.91 24.24 -11.81
CA UNK F 256 79.04 25.06 -11.00
C UNK F 256 77.70 25.44 -11.58
N UNK F 257 76.95 24.58 -12.30
CA UNK F 257 75.57 24.92 -12.58
C UNK F 257 74.67 24.73 -11.35
N UNK F 258 75.20 24.03 -10.31
CA UNK F 258 74.51 23.68 -9.08
C UNK F 258 73.76 24.80 -8.37
N UNK F 259 74.42 25.95 -8.10
CA UNK F 259 73.82 27.04 -7.33
C UNK F 259 72.71 27.73 -8.10
N UNK F 260 72.73 27.63 -9.44
CA UNK F 260 71.74 28.24 -10.27
C UNK F 260 70.40 27.51 -10.26
N UNK F 261 70.35 26.22 -9.87
CA UNK F 261 69.07 25.57 -9.61
C UNK F 261 68.39 26.19 -8.38
N UNK F 262 69.14 26.37 -7.29
CA UNK F 262 68.71 27.08 -6.08
C UNK F 262 68.32 28.54 -6.33
N UNK F 263 69.02 29.26 -7.23
CA UNK F 263 68.60 30.57 -7.70
C UNK F 263 67.24 30.56 -8.39
N UNK F 264 66.96 29.59 -9.28
CA UNK F 264 65.67 29.42 -9.92
C UNK F 264 64.56 29.06 -8.94
N UNK F 265 64.83 28.17 -7.96
CA UNK F 265 63.92 27.86 -6.88
C UNK F 265 63.56 29.10 -6.08
N UNK F 266 64.56 29.89 -5.64
CA UNK F 266 64.36 31.19 -5.01
C UNK F 266 63.59 32.18 -5.85
N UNK F 267 63.90 32.29 -7.15
CA UNK F 267 63.20 33.15 -8.09
C UNK F 267 61.72 32.79 -8.26
N UNK F 268 61.39 31.50 -8.39
CA UNK F 268 60.02 31.02 -8.45
C UNK F 268 59.25 31.17 -7.15
N UNK F 269 59.91 30.97 -6.00
CA UNK F 269 59.35 31.30 -4.69
C UNK F 269 59.01 32.78 -4.60
N UNK F 270 59.86 33.68 -5.14
CA UNK F 270 59.51 35.08 -5.30
C UNK F 270 58.32 35.34 -6.21
N UNK F 271 58.20 34.65 -7.38
CA UNK F 271 57.02 34.72 -8.23
C UNK F 271 55.74 34.27 -7.53
N UNK F 272 55.80 33.22 -6.68
CA UNK F 272 54.71 32.84 -5.78
C UNK F 272 54.31 33.95 -4.81
N UNK F 273 55.29 34.61 -4.15
CA UNK F 273 55.05 35.80 -3.32
C UNK F 273 54.40 36.97 -4.09
N UNK F 274 54.84 37.25 -5.34
CA UNK F 274 54.20 38.21 -6.24
C UNK F 274 52.78 37.83 -6.63
N UNK F 275 52.49 36.55 -6.90
CA UNK F 275 51.23 36.12 -7.48
C UNK F 275 50.01 36.43 -6.62
N UNK F 276 50.13 36.32 -5.29
CA UNK F 276 49.00 36.46 -4.41
C UNK F 276 48.50 37.89 -4.14
N UNK F 277 48.87 38.89 -4.96
CA UNK F 277 48.53 40.29 -4.68
C UNK F 277 47.97 41.08 -5.86
N UNK F 278 48.31 40.76 -7.13
CA UNK F 278 47.98 41.69 -8.21
C UNK F 278 47.17 41.09 -9.36
N UNK F 279 46.76 39.80 -9.28
CA UNK F 279 46.05 39.13 -10.36
C UNK F 279 44.56 39.36 -10.41
N UNK F 280 44.02 40.08 -9.42
CA UNK F 280 42.63 40.52 -9.32
C UNK F 280 42.21 41.46 -10.45
N UNK F 281 43.17 42.29 -10.91
CA UNK F 281 43.03 43.24 -11.98
C UNK F 281 43.12 42.58 -13.36
N UNK F 282 43.69 43.33 -14.33
CA UNK F 282 44.31 42.82 -15.54
C UNK F 282 45.21 41.62 -15.27
N UNK F 283 44.92 40.47 -15.89
CA UNK F 283 45.45 39.18 -15.47
C UNK F 283 46.85 38.87 -15.96
N UNK F 284 47.72 39.90 -16.09
CA UNK F 284 49.12 39.84 -16.52
C UNK F 284 49.97 38.89 -15.72
N UNK F 285 49.63 38.73 -14.44
CA UNK F 285 50.21 37.77 -13.52
C UNK F 285 49.80 36.35 -13.84
N UNK F 286 48.55 35.94 -13.57
CA UNK F 286 48.15 34.55 -13.73
C UNK F 286 48.19 34.09 -15.17
N UNK F 287 47.50 34.79 -16.09
CA UNK F 287 47.30 34.29 -17.42
C UNK F 287 48.55 34.33 -18.25
N UNK F 288 49.25 35.47 -18.29
CA UNK F 288 50.48 35.57 -19.04
C UNK F 288 51.61 34.76 -18.47
N UNK F 289 51.85 34.73 -17.13
CA UNK F 289 52.89 33.85 -16.58
C UNK F 289 52.55 32.37 -16.77
N UNK F 290 51.30 31.92 -16.53
CA UNK F 290 50.91 30.55 -16.82
C UNK F 290 51.01 30.17 -18.28
N UNK F 291 50.51 31.01 -19.21
CA UNK F 291 50.64 30.75 -20.64
C UNK F 291 52.06 30.86 -21.16
N UNK F 292 52.88 31.76 -20.58
CA UNK F 292 54.33 31.80 -20.81
C UNK F 292 54.96 30.46 -20.48
N UNK F 293 54.81 30.00 -19.23
CA UNK F 293 55.33 28.73 -18.75
C UNK F 293 54.75 27.52 -19.49
N UNK F 294 53.44 27.53 -19.84
CA UNK F 294 52.81 26.52 -20.68
C UNK F 294 53.41 26.35 -22.07
N UNK F 295 53.68 27.45 -22.80
CA UNK F 295 54.32 27.38 -24.09
C UNK F 295 55.81 27.11 -23.96
N UNK F 296 56.47 27.65 -22.94
CA UNK F 296 57.85 27.33 -22.61
C UNK F 296 58.08 25.83 -22.34
N UNK F 297 57.17 25.18 -21.61
CA UNK F 297 57.17 23.73 -21.47
C UNK F 297 56.92 22.97 -22.78
N UNK F 298 56.07 23.53 -23.65
CA UNK F 298 55.84 23.00 -24.98
C UNK F 298 57.06 23.09 -25.88
N UNK F 299 57.89 24.15 -25.76
CA UNK F 299 59.07 24.39 -26.57
C UNK F 299 60.09 23.23 -26.55
N UNK F 300 60.18 22.42 -27.61
CA UNK F 300 61.13 21.33 -27.66
C UNK F 300 62.46 21.88 -28.13
N UNK F 301 63.56 21.14 -27.86
CA UNK F 301 64.91 21.50 -28.29
C UNK F 301 65.40 22.80 -27.64
N UNK F 302 65.15 22.91 -26.32
CA UNK F 302 65.59 24.01 -25.48
C UNK F 302 66.45 23.42 -24.35
N UNK F 303 67.42 24.13 -23.76
CA UNK F 303 68.13 23.67 -22.58
C UNK F 303 67.23 23.39 -21.39
N UNK F 304 67.58 22.38 -20.58
CA UNK F 304 66.74 21.90 -19.49
C UNK F 304 66.66 22.86 -18.31
N UNK F 305 67.51 23.90 -18.31
CA UNK F 305 67.34 25.07 -17.46
C UNK F 305 66.00 25.76 -17.66
N UNK F 306 65.56 25.87 -18.93
CA UNK F 306 64.26 26.40 -19.28
C UNK F 306 63.12 25.56 -18.71
N UNK F 307 63.23 24.25 -18.93
CA UNK F 307 62.27 23.27 -18.45
C UNK F 307 62.15 23.27 -16.93
N UNK F 308 63.29 23.29 -16.21
CA UNK F 308 63.28 23.42 -14.76
C UNK F 308 62.69 24.73 -14.28
N UNK F 309 63.13 25.87 -14.84
CA UNK F 309 62.61 27.16 -14.40
C UNK F 309 61.13 27.32 -14.66
N UNK F 310 60.65 26.72 -15.77
CA UNK F 310 59.25 26.66 -16.10
C UNK F 310 58.40 25.82 -15.18
N UNK F 311 58.80 24.56 -14.97
CA UNK F 311 58.07 23.63 -14.12
C UNK F 311 58.11 24.04 -12.66
N UNK F 312 59.26 24.54 -12.17
CA UNK F 312 59.40 25.11 -10.83
C UNK F 312 58.54 26.35 -10.62
N UNK F 313 58.43 27.25 -11.64
CA UNK F 313 57.50 28.38 -11.55
C UNK F 313 56.06 27.99 -11.44
N UNK F 314 55.63 26.94 -12.16
CA UNK F 314 54.31 26.37 -12.04
C UNK F 314 54.07 25.64 -10.73
N UNK F 315 55.08 24.93 -10.19
CA UNK F 315 55.05 24.32 -8.87
C UNK F 315 54.80 25.33 -7.77
N UNK F 316 55.42 26.51 -7.89
CA UNK F 316 55.29 27.56 -6.91
C UNK F 316 53.93 28.28 -6.94
N UNK F 317 53.16 28.17 -8.05
CA UNK F 317 51.84 28.76 -8.18
C UNK F 317 50.76 28.06 -7.37
N UNK F 318 50.99 26.81 -6.90
CA UNK F 318 50.09 26.19 -5.93
C UNK F 318 49.60 24.81 -6.31
N UNK F 319 48.93 24.16 -5.34
CA UNK F 319 48.43 22.80 -5.43
C UNK F 319 47.47 22.56 -6.59
N UNK F 320 46.46 23.44 -6.77
CA UNK F 320 45.50 23.28 -7.86
C UNK F 320 46.03 23.72 -9.21
N UNK F 321 47.13 24.52 -9.24
CA UNK F 321 47.81 24.82 -10.47
C UNK F 321 48.49 23.58 -11.02
N UNK F 322 49.21 22.88 -10.15
CA UNK F 322 49.86 21.63 -10.47
C UNK F 322 48.86 20.52 -10.75
N UNK F 323 47.69 20.49 -10.07
CA UNK F 323 46.61 19.55 -10.36
C UNK F 323 46.13 19.60 -11.80
N UNK F 324 45.94 20.81 -12.35
CA UNK F 324 45.63 20.99 -13.75
C UNK F 324 46.79 20.65 -14.69
N UNK F 325 48.00 21.16 -14.40
CA UNK F 325 49.11 21.07 -15.31
C UNK F 325 49.76 19.70 -15.34
N UNK F 326 50.06 19.10 -14.18
CA UNK F 326 50.89 17.92 -14.15
C UNK F 326 50.04 16.66 -14.02
N UNK F 327 48.71 16.77 -14.25
CA UNK F 327 47.88 15.60 -14.56
C UNK F 327 48.20 14.93 -15.91
N UNK F 328 48.34 15.57 -17.07
CA UNK F 328 48.82 14.87 -18.27
C UNK F 328 50.32 14.92 -18.30
N UNK F 329 50.94 15.95 -17.69
CA UNK F 329 52.39 16.08 -17.73
C UNK F 329 53.09 15.13 -16.78
N UNK F 330 52.38 14.43 -15.87
CA UNK F 330 52.92 13.29 -15.13
C UNK F 330 53.55 12.22 -16.02
N UNK F 331 52.78 11.67 -16.98
CA UNK F 331 53.32 10.68 -17.88
C UNK F 331 54.02 11.27 -19.07
N UNK F 332 53.62 12.47 -19.55
CA UNK F 332 54.38 13.19 -20.57
C UNK F 332 55.79 13.59 -20.11
N UNK F 333 55.98 14.01 -18.85
CA UNK F 333 57.33 14.28 -18.35
C UNK F 333 58.02 13.05 -17.84
N UNK F 334 57.30 11.95 -17.61
CA UNK F 334 57.92 10.63 -17.57
C UNK F 334 58.44 10.19 -18.94
N UNK F 335 57.72 10.47 -20.04
CA UNK F 335 58.23 10.30 -21.40
C UNK F 335 59.45 11.16 -21.63
N UNK F 336 59.48 12.44 -21.19
CA UNK F 336 60.71 13.22 -21.17
C UNK F 336 61.81 12.65 -20.27
N UNK F 337 61.49 12.09 -19.07
CA UNK F 337 62.43 11.43 -18.20
C UNK F 337 63.09 10.25 -18.86
N UNK F 338 62.33 9.36 -19.52
CA UNK F 338 62.89 8.19 -20.18
C UNK F 338 63.21 8.48 -21.65
N UNK F 339 63.14 9.77 -22.04
CA UNK F 339 63.84 10.30 -23.19
C UNK F 339 65.09 11.04 -22.76
N UNK F 340 65.48 11.03 -21.47
CA UNK F 340 66.77 11.51 -21.03
C UNK F 340 67.51 10.39 -20.29
N UNK F 341 66.77 9.52 -19.61
CA UNK F 341 67.31 8.34 -19.01
C UNK F 341 67.14 7.20 -19.98
N UNK F 342 68.18 6.37 -20.14
CA UNK F 342 68.33 5.35 -21.15
C UNK F 342 68.25 5.89 -22.59
N UNK F 343 68.77 7.13 -22.75
CA UNK F 343 68.72 7.96 -23.93
C UNK F 343 70.07 8.02 -24.69
N UNK F 344 70.82 9.12 -24.51
CA UNK F 344 71.90 9.53 -25.37
C UNK F 344 73.16 8.74 -25.15
N UNK F 345 74.08 8.86 -26.12
CA UNK F 345 75.42 8.33 -26.02
C UNK F 345 76.22 8.93 -24.89
N UNK F 346 77.23 8.18 -24.42
CA UNK F 346 78.06 8.55 -23.28
C UNK F 346 79.04 9.67 -23.61
N UNK F 347 78.49 10.87 -23.84
CA UNK F 347 79.25 12.08 -24.12
C UNK F 347 78.56 13.32 -23.59
N UNK F 348 77.20 13.35 -23.50
CA UNK F 348 76.48 14.52 -23.01
C UNK F 348 76.30 14.50 -21.49
N UNK F 349 77.41 14.33 -20.73
CA UNK F 349 77.37 14.15 -19.29
C UNK F 349 76.76 15.30 -18.50
N UNK F 350 77.07 16.55 -18.89
CA UNK F 350 76.48 17.73 -18.29
C UNK F 350 74.96 17.79 -18.38
N UNK F 351 74.40 17.65 -19.60
CA UNK F 351 72.97 17.64 -19.84
C UNK F 351 72.28 16.48 -19.15
N UNK F 352 72.92 15.29 -19.14
CA UNK F 352 72.43 14.15 -18.40
C UNK F 352 72.33 14.39 -16.90
N UNK F 353 73.38 14.91 -16.25
CA UNK F 353 73.36 15.18 -14.82
C UNK F 353 72.44 16.32 -14.42
N UNK F 354 72.46 17.43 -15.19
CA UNK F 354 71.56 18.54 -15.01
C UNK F 354 70.11 18.10 -15.12
N UNK F 355 69.75 17.39 -16.21
CA UNK F 355 68.38 16.96 -16.44
C UNK F 355 67.90 15.92 -15.49
N UNK F 356 68.75 14.97 -15.10
CA UNK F 356 68.44 13.94 -14.12
C UNK F 356 68.11 14.50 -12.74
N UNK F 357 68.95 15.42 -12.22
CA UNK F 357 68.65 16.07 -10.96
C UNK F 357 67.47 17.01 -11.03
N UNK F 358 67.29 17.74 -12.15
CA UNK F 358 66.09 18.52 -12.43
C UNK F 358 64.84 17.66 -12.41
N UNK F 359 64.84 16.51 -13.10
CA UNK F 359 63.73 15.59 -13.07
C UNK F 359 63.49 14.98 -11.70
N UNK F 360 64.54 14.59 -10.95
CA UNK F 360 64.37 14.10 -9.59
C UNK F 360 63.85 15.13 -8.63
N UNK F 361 64.32 16.38 -8.73
CA UNK F 361 63.82 17.49 -7.93
C UNK F 361 62.37 17.80 -8.19
N UNK F 362 61.97 17.93 -9.47
CA UNK F 362 60.60 18.22 -9.85
C UNK F 362 59.67 17.06 -9.52
N UNK F 363 60.12 15.80 -9.63
CA UNK F 363 59.39 14.61 -9.22
C UNK F 363 59.02 14.59 -7.74
N UNK F 364 59.95 14.80 -6.81
CA UNK F 364 59.61 14.75 -5.39
C UNK F 364 59.01 16.06 -4.91
N UNK F 365 59.29 17.17 -5.62
CA UNK F 365 58.52 18.37 -5.43
C UNK F 365 57.07 18.26 -5.86
N UNK F 366 56.76 17.64 -7.02
CA UNK F 366 55.41 17.41 -7.52
C UNK F 366 54.63 16.42 -6.68
N UNK F 367 55.31 15.47 -6.03
CA UNK F 367 54.72 14.33 -5.35
C UNK F 367 53.65 14.67 -4.34
N UNK F 368 53.81 15.76 -3.55
CA UNK F 368 52.84 16.17 -2.55
C UNK F 368 51.46 16.46 -3.09
N UNK F 369 51.33 16.91 -4.36
CA UNK F 369 50.04 17.01 -5.00
C UNK F 369 49.33 15.67 -5.13
N UNK F 370 49.98 14.66 -5.76
CA UNK F 370 49.32 13.41 -6.01
C UNK F 370 49.17 12.61 -4.73
N UNK F 371 50.02 12.88 -3.74
CA UNK F 371 49.88 12.42 -2.36
C UNK F 371 48.65 12.97 -1.63
N UNK F 372 48.25 14.22 -1.91
CA UNK F 372 47.01 14.76 -1.35
C UNK F 372 45.80 14.37 -2.20
N UNK F 373 46.00 14.03 -3.48
CA UNK F 373 44.93 13.58 -4.36
C UNK F 373 44.60 12.10 -4.26
N UNK F 374 45.62 11.24 -4.20
CA UNK F 374 45.45 9.81 -4.30
C UNK F 374 45.94 9.08 -3.03
N THR G 59 -28.86 40.27 31.98
CA THR G 59 -28.07 39.24 31.32
C THR G 59 -26.60 39.63 31.22
N LYS G 60 -25.73 38.62 31.23
CA LYS G 60 -24.30 38.85 31.09
C LYS G 60 -23.92 38.75 29.63
N LYS G 61 -22.95 39.56 29.21
CA LYS G 61 -22.52 39.60 27.83
C LYS G 61 -21.00 39.45 27.76
N LYS G 62 -20.57 38.60 26.83
CA LYS G 62 -19.16 38.33 26.61
C LYS G 62 -18.88 38.45 25.12
N LEU G 63 -17.60 38.59 24.78
CA LEU G 63 -17.24 38.74 23.37
C LEU G 63 -17.68 37.54 22.56
N GLN G 64 -17.50 36.33 23.09
CA GLN G 64 -17.91 35.14 22.35
C GLN G 64 -19.39 35.18 22.01
N ASP G 65 -20.20 35.84 22.83
CA ASP G 65 -21.62 35.98 22.51
C ASP G 65 -21.82 36.76 21.22
N LEU G 66 -21.06 37.85 21.05
CA LEU G 66 -21.10 38.57 19.78
C LEU G 66 -20.52 37.74 18.65
N VAL G 67 -19.41 37.06 18.90
CA VAL G 67 -18.77 36.26 17.87
C VAL G 67 -19.74 35.24 17.30
N ARG G 68 -20.53 34.61 18.17
CA ARG G 68 -21.48 33.61 17.70
C ARG G 68 -22.45 34.19 16.68
N GLU G 69 -22.91 35.43 16.89
CA GLU G 69 -23.78 36.05 15.91
C GLU G 69 -23.14 36.09 14.53
N VAL G 70 -21.86 36.41 14.45
CA VAL G 70 -21.17 36.52 13.17
C VAL G 70 -20.82 35.15 12.61
N ASP G 71 -20.13 34.32 13.39
CA ASP G 71 -19.80 32.97 12.95
C ASP G 71 -19.62 32.06 14.17
N PRO G 72 -20.47 31.05 14.34
CA PRO G 72 -20.36 30.21 15.55
C PRO G 72 -19.04 29.48 15.70
N ASN G 73 -18.42 29.06 14.58
CA ASN G 73 -17.35 28.08 14.67
C ASN G 73 -15.99 28.70 14.91
N GLU G 74 -15.89 30.03 14.95
CA GLU G 74 -14.59 30.67 15.11
C GLU G 74 -14.33 30.99 16.58
N GLN G 75 -13.06 31.14 16.93
CA GLN G 75 -12.67 31.45 18.29
C GLN G 75 -11.35 32.19 18.29
N LEU G 76 -11.20 33.13 19.20
CA LEU G 76 -10.07 34.03 19.25
C LEU G 76 -9.04 33.59 20.27
N ASP G 77 -7.86 34.21 20.19
CA ASP G 77 -6.86 34.10 21.23
C ASP G 77 -7.18 35.09 22.35
N GLU G 78 -6.37 35.04 23.42
CA GLU G 78 -6.64 35.89 24.58
C GLU G 78 -6.25 37.34 24.32
N ASP G 79 -5.11 37.55 23.66
CA ASP G 79 -4.66 38.90 23.38
C ASP G 79 -5.68 39.65 22.53
N VAL G 80 -6.27 38.96 21.55
CA VAL G 80 -7.29 39.59 20.73
C VAL G 80 -8.48 39.99 21.59
N GLU G 81 -8.84 39.16 22.56
CA GLU G 81 -9.94 39.49 23.45
C GLU G 81 -9.63 40.75 24.25
N GLU G 82 -8.41 40.87 24.76
CA GLU G 82 -8.04 42.09 25.47
C GLU G 82 -8.12 43.31 24.55
N MET G 83 -7.58 43.18 23.34
CA MET G 83 -7.52 44.31 22.43
C MET G 83 -8.91 44.79 22.03
N LEU G 84 -9.84 43.87 21.78
CA LEU G 84 -11.17 44.29 21.35
C LEU G 84 -11.87 45.09 22.46
N LEU G 85 -11.72 44.65 23.71
CA LEU G 85 -12.32 45.40 24.81
C LEU G 85 -11.67 46.78 24.96
N GLN G 86 -10.36 46.86 24.79
CA GLN G 86 -9.71 48.17 24.83
C GLN G 86 -10.29 49.09 23.75
N ILE G 87 -10.48 48.55 22.54
CA ILE G 87 -11.03 49.35 21.45
C ILE G 87 -12.44 49.80 21.77
N ALA G 88 -13.25 48.92 22.38
CA ALA G 88 -14.59 49.30 22.77
C ALA G 88 -14.58 50.44 23.79
N ASP G 89 -13.67 50.38 24.76
CA ASP G 89 -13.53 51.48 25.71
C ASP G 89 -13.27 52.79 24.98
N ASP G 90 -12.31 52.79 24.06
CA ASP G 90 -12.02 54.02 23.33
C ASP G 90 -13.23 54.50 22.52
N PHE G 91 -13.94 53.55 21.89
CA PHE G 91 -15.12 53.90 21.11
C PHE G 91 -16.15 54.64 21.95
N ILE G 92 -16.47 54.08 23.12
CA ILE G 92 -17.45 54.74 24.00
C ILE G 92 -16.95 56.11 24.41
N GLU G 93 -15.68 56.19 24.83
CA GLU G 93 -15.15 57.46 25.31
C GLU G 93 -15.24 58.54 24.24
N SER G 94 -15.12 58.17 22.97
CA SER G 94 -15.24 59.18 21.92
C SER G 94 -16.70 59.53 21.63
N VAL G 95 -17.55 58.50 21.49
CA VAL G 95 -18.92 58.75 21.06
C VAL G 95 -19.66 59.60 22.09
N VAL G 96 -19.53 59.27 23.37
CA VAL G 96 -20.28 60.00 24.38
C VAL G 96 -19.84 61.46 24.42
N THR G 97 -18.54 61.71 24.36
CA THR G 97 -18.07 63.09 24.34
C THR G 97 -18.63 63.85 23.17
N ALA G 98 -18.63 63.24 21.98
CA ALA G 98 -19.16 63.94 20.81
C ALA G 98 -20.64 64.28 21.01
N ALA G 99 -21.41 63.32 21.52
CA ALA G 99 -22.83 63.58 21.75
C ALA G 99 -23.02 64.70 22.78
N CYS G 100 -22.20 64.71 23.82
CA CYS G 100 -22.31 65.75 24.84
C CYS G 100 -22.05 67.12 24.24
N GLN G 101 -21.04 67.24 23.37
CA GLN G 101 -20.81 68.53 22.73
C GLN G 101 -21.98 68.93 21.83
N LEU G 102 -22.55 67.97 21.10
CA LEU G 102 -23.70 68.30 20.27
C LEU G 102 -24.86 68.80 21.13
N ALA G 103 -25.05 68.22 22.31
CA ALA G 103 -26.06 68.73 23.22
C ALA G 103 -25.71 70.14 23.70
N ARG G 104 -24.44 70.34 24.07
CA ARG G 104 -24.00 71.66 24.51
C ARG G 104 -24.25 72.73 23.46
N HIS G 105 -24.29 72.34 22.19
CA HIS G 105 -24.45 73.34 21.13
C HIS G 105 -25.74 74.13 21.31
N ARG G 106 -26.86 73.44 21.55
CA ARG G 106 -28.17 74.07 21.56
C ARG G 106 -28.64 74.46 22.97
N LYS G 107 -27.70 74.73 23.88
CA LYS G 107 -28.02 75.23 25.22
C LYS G 107 -28.93 74.29 26.00
N SER G 108 -29.15 73.08 25.49
CA SER G 108 -30.05 72.15 26.13
C SER G 108 -29.47 71.72 27.46
N SER G 109 -30.34 71.28 28.36
CA SER G 109 -29.94 70.88 29.70
C SER G 109 -29.74 69.38 29.84
N THR G 110 -30.27 68.58 28.92
CA THR G 110 -30.27 67.13 29.04
C THR G 110 -29.75 66.52 27.75
N LEU G 111 -29.04 65.39 27.88
CA LEU G 111 -28.47 64.70 26.74
C LEU G 111 -29.54 63.83 26.07
N GLU G 112 -30.25 64.39 25.09
CA GLU G 112 -31.33 63.67 24.43
C GLU G 112 -30.75 62.65 23.45
N VAL G 113 -31.61 61.70 23.05
CA VAL G 113 -31.16 60.63 22.16
C VAL G 113 -30.86 61.18 20.77
N LYS G 114 -31.65 62.16 20.30
CA LYS G 114 -31.45 62.67 18.95
C LYS G 114 -30.04 63.20 18.73
N ASP G 115 -29.36 63.67 19.79
CA ASP G 115 -27.96 64.03 19.65
C ASP G 115 -27.13 62.82 19.25
N VAL G 116 -27.33 61.69 19.93
CA VAL G 116 -26.59 60.48 19.58
C VAL G 116 -26.95 60.03 18.17
N GLN G 117 -28.23 60.09 17.82
CA GLN G 117 -28.62 59.71 16.47
C GLN G 117 -27.88 60.53 15.42
N LEU G 118 -27.90 61.86 15.58
CA LEU G 118 -27.20 62.71 14.62
C LEU G 118 -25.72 62.36 14.54
N HIS G 119 -25.06 62.22 15.69
CA HIS G 119 -23.62 61.96 15.66
C HIS G 119 -23.33 60.63 14.99
N LEU G 120 -24.05 59.58 15.38
CA LEU G 120 -23.82 58.26 14.79
C LEU G 120 -24.04 58.28 13.29
N GLU G 121 -25.12 58.92 12.83
CA GLU G 121 -25.39 58.98 11.40
C GLU G 121 -24.29 59.72 10.66
N ARG G 122 -23.80 60.83 11.21
CA ARG G 122 -22.90 61.69 10.45
C ARG G 122 -21.47 61.15 10.45
N GLN G 123 -21.00 60.63 11.58
CA GLN G 123 -19.60 60.21 11.64
C GLN G 123 -19.43 58.73 11.31
N TRP G 124 -20.08 57.85 12.08
CA TRP G 124 -19.87 56.42 11.93
C TRP G 124 -20.83 55.78 10.95
N ASN G 125 -21.68 56.57 10.29
CA ASN G 125 -22.57 56.03 9.27
C ASN G 125 -23.43 54.90 9.83
N MET G 126 -23.81 55.03 11.10
CA MET G 126 -24.58 54.02 11.79
C MET G 126 -25.99 54.52 12.03
N TRP G 127 -26.96 53.66 11.73
CA TRP G 127 -28.37 53.99 11.93
C TRP G 127 -29.00 52.91 12.79
N ILE G 128 -29.26 53.23 14.06
CA ILE G 128 -29.94 52.32 14.97
C ILE G 128 -31.43 52.48 14.75
N PRO G 129 -32.18 51.40 14.52
CA PRO G 129 -33.48 51.53 13.83
C PRO G 129 -34.68 51.79 14.71
N GLY G 130 -34.61 51.49 16.01
CA GLY G 130 -35.81 51.45 16.81
C GLY G 130 -36.11 52.67 17.67
N PHE G 131 -35.84 53.87 17.16
CA PHE G 131 -36.01 55.08 17.95
C PHE G 131 -36.74 56.16 17.17
N GLY G 132 -37.61 55.75 16.25
CA GLY G 132 -38.51 56.70 15.63
C GLY G 132 -37.86 57.54 14.54
N SER G 133 -38.68 58.47 14.01
CA SER G 133 -38.28 59.28 12.88
C SER G 133 -38.64 60.74 13.14
N GLU G 134 -38.56 61.16 14.40
CA GLU G 134 -38.92 62.53 14.73
C GLU G 134 -37.96 63.53 14.10
N GLU G 135 -36.72 63.11 13.83
CA GLU G 135 -35.70 63.99 13.28
C GLU G 135 -35.19 63.40 11.97
N ILE G 136 -35.88 63.73 10.88
CA ILE G 136 -35.38 63.50 9.53
C ILE G 136 -35.53 64.81 8.77
N ARG G 137 -34.42 65.36 8.33
CA ARG G 137 -34.46 66.62 7.61
C ARG G 137 -35.25 66.45 6.32
N PRO G 138 -36.21 67.33 6.04
CA PRO G 138 -36.89 67.24 4.75
C PRO G 138 -36.07 67.89 3.66
N TYR G 139 -35.93 67.17 2.55
CA TYR G 139 -35.09 67.61 1.44
C TYR G 139 -35.51 68.99 0.97
N LYS G 140 -34.54 69.85 0.71
CA LYS G 140 -34.79 71.19 0.22
C LYS G 140 -34.53 71.29 -1.27
N LYS G 141 -34.67 72.52 -1.79
CA LYS G 141 -34.39 72.75 -3.21
C LYS G 141 -32.91 73.02 -3.43
N ALA G 142 -32.23 73.60 -2.45
CA ALA G 142 -30.81 73.95 -2.58
C ALA G 142 -30.59 74.89 -3.77
N CYS G 143 -31.17 76.08 -3.68
CA CYS G 143 -31.17 77.01 -4.79
C CYS G 143 -29.96 77.94 -4.74
N THR G 144 -29.62 78.50 -5.90
CA THR G 144 -28.49 79.38 -6.02
C THR G 144 -28.92 80.84 -5.99
N THR G 145 -27.94 81.74 -5.89
CA THR G 145 -28.21 83.14 -5.69
C THR G 145 -28.08 83.92 -7.00
N GLU G 146 -28.44 85.20 -6.94
CA GLU G 146 -28.43 86.04 -8.13
C GLU G 146 -27.02 86.21 -8.69
N ALA G 147 -26.07 86.60 -7.85
CA ALA G 147 -24.73 86.91 -8.34
C ALA G 147 -24.10 85.71 -9.02
N HIS G 148 -24.25 84.53 -8.43
CA HIS G 148 -23.66 83.33 -9.02
C HIS G 148 -24.15 83.12 -10.44
N LYS G 149 -25.46 82.97 -10.62
CA LYS G 149 -26.02 82.84 -11.95
C LYS G 149 -25.56 83.97 -12.85
N GLN G 150 -25.38 85.16 -12.29
CA GLN G 150 -24.92 86.29 -13.09
C GLN G 150 -23.55 86.02 -13.70
N ARG G 151 -22.58 85.60 -12.88
CA ARG G 151 -21.25 85.32 -13.40
C ARG G 151 -21.27 84.13 -14.35
N MET G 152 -22.10 83.13 -14.07
CA MET G 152 -22.17 81.98 -14.97
C MET G 152 -22.68 82.40 -16.35
N ALA G 153 -23.71 83.25 -16.37
CA ALA G 153 -24.19 83.78 -17.64
C ALA G 153 -23.12 84.61 -18.33
N LEU G 154 -22.39 85.42 -17.56
CA LEU G 154 -21.31 86.22 -18.14
C LEU G 154 -20.27 85.32 -18.81
N ILE G 155 -19.85 84.25 -18.14
CA ILE G 155 -18.85 83.37 -18.72
C ILE G 155 -19.41 82.66 -19.94
N ARG G 156 -20.68 82.25 -19.89
CA ARG G 156 -21.29 81.65 -21.07
C ARG G 156 -21.25 82.62 -22.25
N LYS G 157 -21.58 83.89 -22.02
CA LYS G 157 -21.51 84.87 -23.09
C LYS G 157 -20.08 84.99 -23.63
N THR G 158 -19.11 85.19 -22.74
CA THR G 158 -17.73 85.36 -23.18
C THR G 158 -17.26 84.15 -23.98
N THR G 159 -17.80 82.97 -23.68
CA THR G 159 -17.44 81.79 -24.46
C THR G 159 -18.16 81.76 -25.80
N LYS G 160 -19.41 82.23 -25.85
CA LYS G 160 -20.18 82.14 -27.09
C LYS G 160 -19.45 82.82 -28.24
N LYS G 161 -19.04 84.07 -28.06
CA LYS G 161 -18.23 84.76 -29.04
C LYS G 161 -16.81 84.95 -28.51
N THR H 114 -26.09 28.77 -27.53
CA THR H 114 -26.27 27.36 -27.81
C THR H 114 -25.21 26.51 -27.10
N PRO H 115 -23.94 26.90 -27.15
CA PRO H 115 -22.90 26.15 -26.45
C PRO H 115 -22.67 26.70 -25.05
N LEU H 116 -22.04 25.88 -24.23
CA LEU H 116 -21.78 26.23 -22.83
C LEU H 116 -20.34 25.82 -22.46
N VAL H 117 -19.38 26.21 -23.29
CA VAL H 117 -17.99 25.84 -23.07
C VAL H 117 -17.54 26.36 -21.71
N ASP H 118 -16.47 25.77 -21.18
CA ASP H 118 -15.97 26.15 -19.86
C ASP H 118 -15.40 27.58 -19.91
N PHE H 119 -15.16 28.12 -18.72
CA PHE H 119 -14.88 29.55 -18.60
C PHE H 119 -13.61 29.95 -19.34
N LEU H 120 -12.55 29.15 -19.23
CA LEU H 120 -11.30 29.53 -19.86
C LEU H 120 -11.40 29.52 -21.38
N MET H 121 -12.27 28.67 -21.94
CA MET H 121 -12.52 28.72 -23.37
C MET H 121 -13.21 30.01 -23.75
N GLN H 122 -14.18 30.45 -22.95
CA GLN H 122 -14.86 31.71 -23.22
C GLN H 122 -13.91 32.90 -23.09
N LEU H 123 -13.10 32.92 -22.02
CA LEU H 123 -12.27 34.08 -21.74
C LEU H 123 -11.35 34.41 -22.91
N GLU H 124 -10.94 33.39 -23.68
CA GLU H 124 -10.02 33.65 -24.78
C GLU H 124 -10.70 34.43 -25.90
N ASP H 125 -12.03 34.56 -25.85
CA ASP H 125 -12.73 35.29 -26.90
C ASP H 125 -13.07 36.71 -26.47
N TYR H 126 -13.17 36.97 -25.18
CA TYR H 126 -13.45 38.31 -24.70
C TYR H 126 -12.24 39.20 -24.95
N THR H 127 -12.39 40.19 -25.84
CA THR H 127 -11.33 41.14 -26.10
C THR H 127 -11.58 42.39 -25.26
N PRO H 128 -10.61 42.85 -24.47
CA PRO H 128 -10.83 44.07 -23.68
C PRO H 128 -10.46 45.31 -24.46
N THR H 129 -11.23 46.38 -24.20
CA THR H 129 -10.91 47.68 -24.79
C THR H 129 -9.58 48.20 -24.26
N ILE H 130 -9.32 48.02 -22.96
CA ILE H 130 -8.09 48.49 -22.34
C ILE H 130 -6.92 47.71 -22.91
N PRO H 131 -5.87 48.37 -23.41
CA PRO H 131 -4.71 47.63 -23.92
C PRO H 131 -4.04 46.82 -22.83
N ASP H 132 -3.21 45.87 -23.26
CA ASP H 132 -2.50 45.02 -22.32
C ASP H 132 -1.38 45.76 -21.62
N ALA H 133 -0.72 46.69 -22.32
CA ALA H 133 0.41 47.38 -21.72
C ALA H 133 -0.01 48.21 -20.52
N VAL H 134 -1.22 48.76 -20.53
CA VAL H 134 -1.70 49.52 -19.38
C VAL H 134 -1.83 48.61 -18.17
N THR H 135 -2.44 47.44 -18.35
CA THR H 135 -2.57 46.49 -17.25
C THR H 135 -1.20 46.03 -16.77
N GLY H 136 -0.25 45.87 -17.68
CA GLY H 136 1.09 45.55 -17.26
C GLY H 136 1.72 46.66 -16.43
N TYR H 137 1.56 47.90 -16.86
CA TYR H 137 2.03 49.03 -16.07
C TYR H 137 1.48 48.97 -14.65
N TYR H 138 0.19 48.69 -14.53
CA TYR H 138 -0.42 48.70 -13.20
C TYR H 138 -0.02 47.48 -12.39
N LEU H 139 0.22 46.34 -13.04
CA LEU H 139 0.67 45.17 -12.30
C LEU H 139 2.09 45.34 -11.81
N ASN H 140 2.93 46.05 -12.57
CA ASN H 140 4.32 46.24 -12.16
C ASN H 140 4.42 47.12 -10.93
N ARG H 141 3.49 48.05 -10.74
CA ARG H 141 3.52 48.88 -9.54
C ARG H 141 3.40 48.04 -8.29
N ALA H 142 2.50 47.05 -8.31
CA ALA H 142 2.27 46.19 -7.16
C ALA H 142 3.28 45.06 -7.07
N GLY H 143 4.22 44.96 -8.00
CA GLY H 143 5.27 43.97 -7.91
C GLY H 143 4.87 42.60 -8.43
N PHE H 144 4.41 42.55 -9.67
CA PHE H 144 4.09 41.29 -10.32
C PHE H 144 4.71 41.28 -11.71
N GLU H 145 5.13 40.11 -12.16
CA GLU H 145 5.62 39.96 -13.52
C GLU H 145 4.42 39.89 -14.46
N ALA H 146 4.36 40.80 -15.42
CA ALA H 146 3.22 40.91 -16.32
C ALA H 146 3.50 40.10 -17.59
N SER H 147 3.26 38.80 -17.49
CA SER H 147 3.40 37.88 -18.61
C SER H 147 2.24 36.93 -18.78
N ASP H 148 1.45 36.70 -17.73
CA ASP H 148 0.31 35.79 -17.83
C ASP H 148 -0.84 36.49 -18.55
N PRO H 149 -1.27 35.99 -19.71
CA PRO H 149 -2.38 36.66 -20.42
C PRO H 149 -3.70 36.61 -19.68
N ARG H 150 -3.96 35.55 -18.92
CA ARG H 150 -5.25 35.41 -18.24
C ARG H 150 -5.46 36.53 -17.23
N ILE H 151 -4.44 36.82 -16.43
CA ILE H 151 -4.56 37.85 -15.41
C ILE H 151 -4.78 39.22 -16.05
N ILE H 152 -4.02 39.51 -17.10
CA ILE H 152 -4.20 40.78 -17.81
C ILE H 152 -5.62 40.90 -18.31
N ARG H 153 -6.13 39.86 -18.97
CA ARG H 153 -7.50 39.89 -19.46
C ARG H 153 -8.48 40.19 -18.33
N LEU H 154 -8.39 39.45 -17.22
CA LEU H 154 -9.37 39.60 -16.16
C LEU H 154 -9.34 40.99 -15.55
N ILE H 155 -8.14 41.52 -15.28
CA ILE H 155 -8.05 42.85 -14.70
C ILE H 155 -8.63 43.89 -15.66
N SER H 156 -8.28 43.79 -16.94
CA SER H 156 -8.81 44.75 -17.90
C SER H 156 -10.33 44.68 -17.97
N LEU H 157 -10.90 43.48 -17.94
CA LEU H 157 -12.35 43.34 -17.98
C LEU H 157 -13.00 43.96 -16.75
N ALA H 158 -12.41 43.78 -15.57
CA ALA H 158 -12.97 44.41 -14.38
C ALA H 158 -12.97 45.93 -14.51
N ALA H 159 -11.85 46.50 -14.97
CA ALA H 159 -11.81 47.95 -15.17
C ALA H 159 -12.88 48.40 -16.17
N GLN H 160 -13.03 47.64 -17.26
CA GLN H 160 -14.02 48.01 -18.27
C GLN H 160 -15.42 48.02 -17.69
N LYS H 161 -15.76 47.00 -16.90
CA LYS H 161 -17.08 46.99 -16.25
C LYS H 161 -17.25 48.23 -15.37
N PHE H 162 -16.21 48.55 -14.59
CA PHE H 162 -16.31 49.71 -13.71
C PHE H 162 -16.63 50.98 -14.50
N ILE H 163 -15.93 51.22 -15.60
CA ILE H 163 -16.21 52.42 -16.38
C ILE H 163 -17.57 52.35 -17.07
N SER H 164 -17.97 51.18 -17.55
CA SER H 164 -19.22 51.05 -18.28
C SER H 164 -20.42 51.40 -17.40
N ASP H 165 -20.39 50.97 -16.14
CA ASP H 165 -21.52 51.28 -15.27
C ASP H 165 -21.70 52.78 -15.11
N ILE H 166 -20.60 53.51 -14.91
CA ILE H 166 -20.67 54.95 -14.78
C ILE H 166 -21.22 55.57 -16.06
N ALA H 167 -20.75 55.10 -17.21
CA ALA H 167 -21.23 55.65 -18.48
C ALA H 167 -22.73 55.45 -18.62
N ASN H 168 -23.24 54.26 -18.30
CA ASN H 168 -24.67 54.01 -18.39
C ASN H 168 -25.45 54.94 -17.49
N ASP H 169 -25.04 55.07 -16.23
CA ASP H 169 -25.77 55.94 -15.32
C ASP H 169 -25.74 57.38 -15.80
N ALA H 170 -24.61 57.84 -16.31
CA ALA H 170 -24.52 59.20 -16.80
C ALA H 170 -25.47 59.43 -17.97
N LEU H 171 -25.54 58.49 -18.90
CA LEU H 171 -26.45 58.68 -20.03
C LEU H 171 -27.90 58.69 -19.59
N GLN H 172 -28.28 57.82 -18.66
CA GLN H 172 -29.66 57.86 -18.18
C GLN H 172 -29.97 59.19 -17.50
N HIS H 173 -29.07 59.66 -16.63
CA HIS H 173 -29.30 60.96 -15.98
C HIS H 173 -29.42 62.06 -17.01
N CYS H 174 -28.60 62.01 -18.07
CA CYS H 174 -28.71 63.01 -19.12
C CYS H 174 -30.07 62.95 -19.81
N LYS H 175 -30.55 61.74 -20.10
CA LYS H 175 -31.88 61.63 -20.68
C LYS H 175 -32.94 62.27 -19.81
N MET H 176 -32.94 61.98 -18.50
CA MET H 176 -34.02 62.47 -17.66
C MET H 176 -34.00 63.98 -17.47
N LYS H 177 -32.88 64.66 -17.71
CA LYS H 177 -32.74 66.04 -17.27
C LYS H 177 -33.84 66.92 -17.86
N GLY H 178 -33.98 66.92 -19.19
CA GLY H 178 -35.00 67.72 -19.83
C GLY H 178 -36.23 66.91 -20.19
N THR H 179 -37.26 66.95 -19.34
CA THR H 179 -38.48 66.19 -19.62
C THR H 179 -39.69 67.11 -19.76
N ALA H 180 -39.92 67.96 -18.77
CA ALA H 180 -41.07 68.86 -18.75
C ALA H 180 -40.67 70.26 -19.20
N SER H 181 -41.67 71.01 -19.66
CA SER H 181 -41.44 72.37 -20.15
C SER H 181 -40.67 72.33 -21.46
N SER H 188 -36.61 65.86 -30.84
CA SER H 188 -36.82 64.90 -29.77
C SER H 188 -35.67 63.88 -29.74
N LYS H 189 -35.87 62.75 -30.43
CA LYS H 189 -34.85 61.71 -30.52
C LYS H 189 -33.60 62.20 -31.22
N ASP H 190 -33.76 62.95 -32.31
CA ASP H 190 -32.62 63.47 -33.06
C ASP H 190 -31.93 64.60 -32.31
N ARG H 191 -30.91 64.28 -31.53
CA ARG H 191 -30.15 65.31 -30.84
C ARG H 191 -28.78 64.77 -30.49
N LYS H 192 -27.82 65.68 -30.37
CA LYS H 192 -26.44 65.33 -30.06
C LYS H 192 -26.31 65.18 -28.55
N TYR H 193 -25.91 63.99 -28.09
CA TYR H 193 -25.74 63.74 -26.68
C TYR H 193 -24.33 64.11 -26.25
N THR H 194 -24.22 65.08 -25.35
CA THR H 194 -22.93 65.53 -24.84
C THR H 194 -22.91 65.33 -23.34
N LEU H 195 -21.72 65.29 -22.76
CA LEU H 195 -21.53 64.94 -21.36
C LEU H 195 -21.04 66.15 -20.59
N THR H 196 -21.77 66.51 -19.54
CA THR H 196 -21.43 67.64 -18.68
C THR H 196 -21.19 67.14 -17.26
N MET H 197 -20.56 67.99 -16.46
CA MET H 197 -20.28 67.62 -15.08
C MET H 197 -21.55 67.36 -14.30
N GLU H 198 -22.65 68.03 -14.66
CA GLU H 198 -23.90 67.83 -13.95
C GLU H 198 -24.49 66.46 -14.22
N ASP H 199 -23.99 65.76 -15.24
CA ASP H 199 -24.36 64.37 -15.45
C ASP H 199 -23.41 63.41 -14.74
N LEU H 200 -22.14 63.79 -14.62
CA LEU H 200 -21.16 62.92 -13.99
C LEU H 200 -21.29 62.91 -12.48
N THR H 201 -21.63 64.05 -11.88
CA THR H 201 -21.61 64.16 -10.42
C THR H 201 -22.54 63.16 -9.75
N PRO H 202 -23.82 63.08 -10.08
CA PRO H 202 -24.67 62.07 -9.43
C PRO H 202 -24.24 60.65 -9.72
N ALA H 203 -23.81 60.37 -10.94
CA ALA H 203 -23.36 59.03 -11.27
C ALA H 203 -22.15 58.63 -10.42
N LEU H 204 -21.17 59.53 -10.31
CA LEU H 204 -20.01 59.25 -9.48
C LEU H 204 -20.36 59.14 -8.00
N SER H 205 -21.32 59.94 -7.52
CA SER H 205 -21.64 59.92 -6.10
C SER H 205 -22.13 58.56 -5.64
N GLU H 206 -22.60 57.71 -6.55
CA GLU H 206 -22.99 56.36 -6.16
C GLU H 206 -21.83 55.61 -5.53
N TYR H 207 -20.60 56.03 -5.82
CA TYR H 207 -19.39 55.35 -5.34
C TYR H 207 -18.61 56.18 -4.34
N GLY H 208 -19.28 57.05 -3.59
CA GLY H 208 -18.60 57.84 -2.59
C GLY H 208 -17.56 58.77 -3.16
N ILE H 209 -17.75 59.25 -4.38
CA ILE H 209 -16.86 60.22 -4.99
C ILE H 209 -17.60 61.55 -5.02
N ASN H 210 -17.10 62.52 -4.26
CA ASN H 210 -17.75 63.83 -4.15
C ASN H 210 -17.02 64.80 -5.05
N VAL H 211 -17.67 65.17 -6.15
CA VAL H 211 -17.06 66.06 -7.14
C VAL H 211 -17.54 67.48 -6.86
N LYS H 212 -16.60 68.36 -6.55
CA LYS H 212 -16.89 69.78 -6.36
C LYS H 212 -15.75 70.52 -7.06
N LYS H 213 -16.05 71.16 -8.17
CA LYS H 213 -15.00 71.83 -8.91
C LYS H 213 -15.32 73.31 -9.06
N PRO H 214 -14.36 74.20 -8.89
CA PRO H 214 -14.63 75.63 -9.04
C PRO H 214 -15.07 75.96 -10.45
N HIS H 215 -15.54 77.19 -10.61
CA HIS H 215 -15.97 77.66 -11.92
C HIS H 215 -15.12 78.83 -12.43
N TYR H 216 -14.75 79.74 -11.54
CA TYR H 216 -14.03 80.94 -11.93
C TYR H 216 -13.24 81.44 -10.74
N PHE H 217 -12.01 81.87 -11.01
CA PHE H 217 -11.07 82.25 -9.97
C PHE H 217 -10.86 83.76 -9.98
N THR H 218 -10.06 84.22 -9.03
CA THR H 218 -9.71 85.63 -8.91
C THR H 218 -8.45 85.80 -8.09
N SER I 23 -52.53 59.50 16.51
CA SER I 23 -51.58 58.38 16.48
C SER I 23 -52.21 57.14 15.88
N ILE I 24 -51.44 56.41 15.07
CA ILE I 24 -51.90 55.19 14.41
C ILE I 24 -50.82 54.14 14.57
N SER I 25 -51.14 52.90 14.21
CA SER I 25 -50.15 51.82 14.23
C SER I 25 -50.67 50.64 13.43
N PHE I 26 -49.74 49.80 12.96
CA PHE I 26 -50.06 48.58 12.22
C PHE I 26 -49.63 47.33 12.96
N ALA I 27 -49.35 47.45 14.27
CA ALA I 27 -48.73 46.35 14.99
C ALA I 27 -49.52 45.06 14.85
N THR I 28 -50.85 45.14 14.96
CA THR I 28 -51.65 43.92 14.86
C THR I 28 -51.72 43.43 13.42
N GLU I 29 -51.82 44.35 12.46
CA GLU I 29 -51.86 43.97 11.05
C GLU I 29 -50.56 43.28 10.63
N LEU I 30 -49.43 43.88 10.98
CA LEU I 30 -48.15 43.28 10.62
C LEU I 30 -47.94 41.94 11.31
N GLN I 31 -48.45 41.80 12.53
CA GLN I 31 -48.30 40.53 13.23
C GLN I 31 -48.96 39.39 12.46
N SER I 32 -49.95 39.70 11.63
CA SER I 32 -50.56 38.68 10.80
C SER I 32 -49.90 38.61 9.42
N MET I 33 -49.45 39.75 8.88
CA MET I 33 -48.73 39.71 7.62
C MET I 33 -47.49 38.85 7.71
N MET I 34 -46.73 38.96 8.80
CA MET I 34 -45.46 38.26 8.91
C MET I 34 -45.63 36.75 8.86
N TYR I 35 -46.64 36.21 9.56
CA TYR I 35 -46.78 34.76 9.60
C TYR I 35 -46.97 34.18 8.21
N SER I 36 -47.45 34.98 7.26
CA SER I 36 -47.59 34.50 5.89
C SER I 36 -46.25 34.17 5.26
N LEU I 37 -45.17 34.76 5.77
CA LEU I 37 -43.85 34.67 5.14
C LEU I 37 -42.93 33.69 5.84
N GLY I 38 -43.45 32.58 6.32
CA GLY I 38 -42.61 31.60 7.00
C GLY I 38 -42.21 32.05 8.39
N ASP I 39 -43.19 32.17 9.27
CA ASP I 39 -42.95 32.56 10.65
C ASP I 39 -43.72 31.61 11.55
N ALA I 40 -43.53 31.76 12.86
CA ALA I 40 -44.18 30.88 13.82
C ALA I 40 -45.68 31.16 13.87
N ARG I 41 -46.43 30.16 14.35
CA ARG I 41 -47.88 30.32 14.49
C ARG I 41 -48.23 31.58 15.26
N ARG I 42 -47.47 31.89 16.30
CA ARG I 42 -47.72 33.08 17.13
C ARG I 42 -46.51 34.01 17.04
N PRO I 43 -46.51 34.96 16.09
CA PRO I 43 -45.38 35.90 15.99
C PRO I 43 -45.29 36.78 17.21
N LEU I 44 -44.05 37.10 17.58
CA LEU I 44 -43.79 37.94 18.74
C LEU I 44 -44.24 39.37 18.48
N HIS I 45 -44.45 40.13 19.55
CA HIS I 45 -45.05 41.45 19.44
C HIS I 45 -43.99 42.53 19.22
N GLU I 46 -43.06 42.67 20.16
CA GLU I 46 -42.05 43.73 20.05
C GLU I 46 -41.27 43.60 18.75
N THR I 47 -41.12 42.39 18.23
CA THR I 47 -40.54 42.23 16.90
C THR I 47 -41.30 43.04 15.87
N ALA I 48 -42.63 42.86 15.82
CA ALA I 48 -43.45 43.66 14.91
C ALA I 48 -43.35 45.13 15.24
N VAL I 49 -43.22 45.47 16.52
CA VAL I 49 -43.08 46.87 16.90
C VAL I 49 -41.87 47.49 16.21
N LEU I 50 -40.73 46.80 16.25
CA LEU I 50 -39.52 47.33 15.63
C LEU I 50 -39.63 47.32 14.11
N VAL I 51 -40.23 46.27 13.54
CA VAL I 51 -40.37 46.21 12.09
C VAL I 51 -41.19 47.38 11.59
N GLU I 52 -42.22 47.78 12.35
CA GLU I 52 -43.02 48.94 11.97
C GLU I 52 -42.13 50.17 11.79
N ASP I 53 -41.27 50.45 12.77
CA ASP I 53 -40.41 51.63 12.68
C ASP I 53 -39.42 51.51 11.54
N VAL I 54 -38.89 50.31 11.31
CA VAL I 54 -37.95 50.12 10.20
C VAL I 54 -38.61 50.50 8.89
N VAL I 55 -39.81 49.97 8.65
CA VAL I 55 -40.52 50.24 7.40
C VAL I 55 -40.83 51.73 7.29
N HIS I 56 -41.28 52.34 8.39
CA HIS I 56 -41.59 53.77 8.35
C HIS I 56 -40.37 54.59 7.94
N THR I 57 -39.22 54.29 8.55
CA THR I 57 -38.02 55.06 8.25
C THR I 57 -37.61 54.89 6.80
N GLN I 58 -37.63 53.66 6.30
CA GLN I 58 -37.26 53.45 4.91
C GLN I 58 -38.21 54.18 3.97
N LEU I 59 -39.52 54.15 4.25
CA LEU I 59 -40.46 54.85 3.40
C LEU I 59 -40.19 56.35 3.40
N ILE I 60 -39.91 56.93 4.56
CA ILE I 60 -39.67 58.38 4.59
C ILE I 60 -38.44 58.74 3.77
N ASN I 61 -37.33 58.00 3.97
CA ASN I 61 -36.12 58.34 3.23
C ASN I 61 -36.31 58.11 1.73
N LEU I 62 -37.02 57.06 1.35
CA LEU I 62 -37.31 56.83 -0.06
C LEU I 62 -38.11 57.98 -0.65
N LEU I 63 -39.08 58.50 0.11
CA LEU I 63 -39.85 59.63 -0.37
C LEU I 63 -38.96 60.86 -0.58
N GLN I 64 -38.03 61.11 0.34
CA GLN I 64 -37.12 62.24 0.14
C GLN I 64 -36.29 62.07 -1.13
N GLN I 65 -35.77 60.86 -1.36
CA GLN I 65 -34.99 60.63 -2.57
C GLN I 65 -35.83 60.82 -3.82
N ALA I 66 -37.08 60.34 -3.79
CA ALA I 66 -37.96 60.56 -4.94
C ALA I 66 -38.18 62.04 -5.17
N ALA I 67 -38.43 62.80 -4.10
CA ALA I 67 -38.55 64.25 -4.23
C ALA I 67 -37.34 64.85 -4.91
N GLU I 68 -36.13 64.45 -4.51
CA GLU I 68 -34.94 64.94 -5.20
C GLU I 68 -34.96 64.58 -6.67
N VAL I 69 -35.45 63.37 -6.99
CA VAL I 69 -35.49 62.97 -8.39
C VAL I 69 -36.39 63.89 -9.20
N SER I 70 -37.61 64.11 -8.73
CA SER I 70 -38.57 64.88 -9.52
C SER I 70 -38.08 66.30 -9.80
N GLN I 71 -37.33 66.89 -8.86
CA GLN I 71 -36.94 68.29 -9.02
C GLN I 71 -36.20 68.52 -10.32
N LEU I 72 -35.48 67.52 -10.83
CA LEU I 72 -34.81 67.68 -12.12
C LEU I 72 -35.81 67.91 -13.24
N ARG I 73 -36.93 67.18 -13.21
CA ARG I 73 -37.92 67.28 -14.27
C ARG I 73 -38.76 68.55 -14.15
N GLY I 74 -38.84 69.12 -12.95
CA GLY I 74 -39.57 70.35 -12.75
C GLY I 74 -41.07 70.16 -12.78
N ALA I 75 -41.60 69.42 -11.81
CA ALA I 75 -43.03 69.12 -11.73
C ALA I 75 -43.63 69.43 -10.38
N ARG I 76 -42.84 69.41 -9.31
CA ARG I 76 -43.32 69.59 -7.94
C ARG I 76 -44.45 68.63 -7.59
N VAL I 77 -44.44 67.44 -8.18
CA VAL I 77 -45.33 66.36 -7.81
C VAL I 77 -44.58 65.06 -7.98
N ILE I 78 -44.77 64.12 -7.06
CA ILE I 78 -44.06 62.85 -7.12
C ILE I 78 -44.86 61.87 -7.94
N THR I 79 -44.60 61.86 -9.24
CA THR I 79 -45.31 60.98 -10.17
C THR I 79 -44.70 59.59 -10.13
N PRO I 80 -45.39 58.60 -10.70
CA PRO I 80 -44.84 57.23 -10.68
C PRO I 80 -43.53 57.08 -11.43
N GLU I 81 -43.25 57.95 -12.39
CA GLU I 81 -41.98 57.85 -13.11
C GLU I 81 -40.80 58.09 -12.19
N ASP I 82 -40.93 59.02 -11.24
CA ASP I 82 -39.84 59.27 -10.31
C ASP I 82 -39.52 58.04 -9.48
N LEU I 83 -40.53 57.44 -8.85
CA LEU I 83 -40.30 56.24 -8.06
C LEU I 83 -39.77 55.11 -8.93
N LEU I 84 -40.31 54.97 -10.14
CA LEU I 84 -39.85 53.93 -11.04
C LEU I 84 -38.42 54.17 -11.50
N PHE I 85 -37.89 55.38 -11.28
CA PHE I 85 -36.52 55.67 -11.69
C PHE I 85 -35.51 55.19 -10.65
N LEU I 86 -35.81 55.37 -9.36
CA LEU I 86 -34.90 54.91 -8.33
C LEU I 86 -34.64 53.41 -8.41
N MET I 87 -35.63 52.62 -8.81
CA MET I 87 -35.48 51.17 -8.88
C MET I 87 -35.04 50.74 -10.28
N ARG I 88 -33.97 51.36 -10.76
CA ARG I 88 -33.48 51.10 -12.12
C ARG I 88 -32.19 50.29 -12.15
N LYS I 89 -31.84 49.61 -11.05
CA LYS I 89 -30.61 48.84 -11.02
C LYS I 89 -30.83 47.35 -10.86
N ASP I 90 -31.62 46.93 -9.87
CA ASP I 90 -31.91 45.51 -9.67
C ASP I 90 -33.03 45.10 -10.62
N LYS I 91 -32.72 44.20 -11.54
CA LYS I 91 -33.68 43.82 -12.57
C LYS I 91 -34.81 42.96 -12.02
N LYS I 92 -34.51 42.02 -11.14
CA LYS I 92 -35.54 41.10 -10.66
C LYS I 92 -36.65 41.84 -9.92
N LYS I 93 -36.26 42.75 -9.02
CA LYS I 93 -37.25 43.50 -8.27
C LYS I 93 -38.08 44.40 -9.18
N LEU I 94 -37.44 45.01 -10.18
CA LEU I 94 -38.17 45.81 -11.15
C LEU I 94 -39.17 44.96 -11.91
N ARG I 95 -38.77 43.76 -12.32
CA ARG I 95 -39.68 42.88 -13.03
C ARG I 95 -40.88 42.51 -12.18
N ARG I 96 -40.64 42.20 -10.91
CA ARG I 96 -41.77 41.92 -10.02
C ARG I 96 -42.69 43.12 -9.90
N LEU I 97 -42.12 44.32 -9.79
CA LEU I 97 -42.95 45.52 -9.71
C LEU I 97 -43.81 45.68 -10.96
N LEU I 98 -43.22 45.45 -12.15
CA LEU I 98 -44.00 45.56 -13.37
C LEU I 98 -45.12 44.54 -13.43
N LYS I 99 -44.84 43.29 -13.01
CA LYS I 99 -45.89 42.30 -13.00
C LYS I 99 -47.02 42.68 -12.05
N TYR I 100 -46.69 43.22 -10.88
CA TYR I 100 -47.73 43.65 -9.97
C TYR I 100 -48.55 44.79 -10.57
N MET I 101 -47.89 45.71 -11.28
CA MET I 101 -48.65 46.78 -11.93
C MET I 101 -49.60 46.21 -12.98
N PHE I 102 -49.16 45.24 -13.77
CA PHE I 102 -50.08 44.56 -14.68
C PHE I 102 -51.29 44.04 -13.92
N ILE I 103 -51.05 43.31 -12.83
CA ILE I 103 -52.17 42.70 -12.11
C ILE I 103 -53.10 43.76 -11.56
N ARG I 104 -52.56 44.88 -11.10
CA ARG I 104 -53.41 45.91 -10.52
C ARG I 104 -54.28 46.58 -11.59
N ASP I 105 -53.70 46.91 -12.73
CA ASP I 105 -54.53 47.46 -13.80
C ASP I 105 -55.60 46.47 -14.24
N TYR I 106 -55.23 45.19 -14.35
CA TYR I 106 -56.20 44.17 -14.74
C TYR I 106 -57.34 44.06 -13.73
N LYS I 107 -57.00 44.04 -12.44
CA LYS I 107 -58.05 43.96 -11.42
C LYS I 107 -58.97 45.16 -11.47
N SER I 108 -58.40 46.37 -11.57
CA SER I 108 -59.26 47.54 -11.67
C SER I 108 -60.16 47.47 -12.90
N LYS I 109 -59.61 47.03 -14.03
CA LYS I 109 -60.43 46.80 -15.21
C LYS I 109 -61.61 45.88 -14.91
N ILE I 110 -61.35 44.77 -14.22
CA ILE I 110 -62.41 43.82 -13.92
C ILE I 110 -63.44 44.44 -13.00
N VAL I 111 -63.00 45.33 -12.10
CA VAL I 111 -63.95 46.05 -11.25
C VAL I 111 -64.85 46.93 -12.12
N LYS I 112 -64.29 47.49 -13.18
CA LYS I 112 -65.03 48.36 -14.08
C LYS I 112 -65.10 47.78 -15.48
N ASN I 128 -58.13 55.56 -22.22
CA ASN I 128 -57.08 54.71 -21.66
C ASN I 128 -57.51 53.24 -21.66
N ASN I 129 -58.82 53.02 -21.63
CA ASN I 129 -59.40 51.68 -21.73
C ASN I 129 -58.70 50.69 -20.81
N ALA I 130 -58.35 51.17 -19.62
CA ALA I 130 -57.77 50.33 -18.58
C ALA I 130 -56.47 49.69 -19.04
N ASN I 131 -55.50 50.53 -19.43
CA ASN I 131 -54.12 50.11 -19.63
C ASN I 131 -53.23 51.26 -19.16
N LYS I 132 -53.72 52.01 -18.18
CA LYS I 132 -53.09 53.26 -17.75
C LYS I 132 -51.74 53.03 -17.08
N ARG I 133 -51.71 52.24 -15.99
CA ARG I 133 -50.45 51.99 -15.31
C ARG I 133 -49.42 51.39 -16.26
N GLN I 134 -49.81 50.33 -16.98
CA GLN I 134 -48.89 49.68 -17.91
C GLN I 134 -48.42 50.66 -18.99
N LYS I 135 -49.33 51.45 -19.53
CA LYS I 135 -48.94 52.47 -20.50
C LYS I 135 -47.84 53.36 -19.94
N ILE I 136 -48.05 53.88 -18.72
CA ILE I 136 -47.07 54.78 -18.13
C ILE I 136 -45.72 54.09 -17.98
N ALA I 137 -45.72 52.88 -17.40
CA ALA I 137 -44.47 52.19 -17.14
C ALA I 137 -43.71 51.92 -18.43
N GLN I 138 -44.38 51.34 -19.42
CA GLN I 138 -43.71 51.03 -20.67
C GLN I 138 -43.21 52.30 -21.33
N ASP I 139 -43.98 53.38 -21.27
CA ASP I 139 -43.52 54.62 -21.89
C ASP I 139 -42.21 55.10 -21.26
N PHE I 140 -42.14 55.10 -19.94
CA PHE I 140 -40.93 55.59 -19.28
C PHE I 140 -39.73 54.71 -19.61
N LEU I 141 -39.89 53.39 -19.48
CA LEU I 141 -38.77 52.50 -19.76
C LEU I 141 -38.32 52.63 -21.21
N ASN I 142 -39.28 52.69 -22.14
CA ASN I 142 -38.94 52.97 -23.54
C ASN I 142 -38.19 54.28 -23.66
N SER I 143 -38.47 55.23 -22.78
CA SER I 143 -37.80 56.53 -22.85
C SER I 143 -36.33 56.40 -22.46
N ILE I 144 -36.04 55.67 -21.39
CA ILE I 144 -34.68 55.71 -20.82
C ILE I 144 -33.71 54.71 -21.44
N ASP I 145 -34.18 53.53 -21.83
CA ASP I 145 -33.26 52.45 -22.19
C ASP I 145 -32.40 52.82 -23.38
N GLN I 146 -31.22 52.20 -23.45
CA GLN I 146 -30.25 52.46 -24.51
C GLN I 146 -29.68 51.16 -25.07
N THR I 147 -29.78 50.07 -24.32
CA THR I 147 -29.18 48.80 -24.72
C THR I 147 -30.21 47.72 -25.00
N GLY I 148 -31.49 47.98 -24.76
CA GLY I 148 -32.49 46.94 -24.86
C GLY I 148 -32.48 45.99 -23.69
N GLU I 149 -31.71 46.30 -22.65
CA GLU I 149 -31.66 45.50 -21.43
C GLU I 149 -32.91 45.65 -20.59
N LEU I 150 -33.48 46.86 -20.53
CA LEU I 150 -34.72 47.05 -19.79
C LEU I 150 -35.89 46.35 -20.46
N LEU I 151 -36.03 46.52 -21.78
CA LEU I 151 -37.17 45.94 -22.47
C LEU I 151 -37.23 44.43 -22.29
N ALA I 152 -36.09 43.77 -22.10
CA ALA I 152 -36.10 42.33 -21.96
C ALA I 152 -36.98 41.89 -20.80
N MET I 153 -36.93 42.62 -19.69
CA MET I 153 -37.75 42.27 -18.54
C MET I 153 -39.24 42.45 -18.83
N PHE I 154 -39.58 43.26 -19.83
CA PHE I 154 -40.98 43.66 -19.97
C PHE I 154 -41.80 42.59 -20.69
N GLU I 155 -41.47 42.30 -21.95
CA GLU I 155 -42.29 41.38 -22.73
C GLU I 155 -42.54 40.08 -21.98
N ASP I 156 -41.47 39.35 -21.66
CA ASP I 156 -41.61 38.10 -20.94
C ASP I 156 -42.11 38.35 -19.53
N UNK I 174 -53.30 31.63 -17.46
CA UNK I 174 -54.58 31.00 -17.19
C UNK I 174 -54.97 31.16 -15.73
N UNK I 175 -54.08 31.73 -14.94
CA UNK I 175 -54.31 31.88 -13.50
C UNK I 175 -55.45 32.88 -13.21
N UNK I 176 -55.42 34.02 -13.88
CA UNK I 176 -56.39 35.08 -13.63
C UNK I 176 -57.80 34.70 -14.06
N UNK I 177 -58.00 33.43 -14.39
CA UNK I 177 -59.32 32.91 -14.74
C UNK I 177 -59.57 31.60 -14.00
N UNK I 178 -58.48 30.85 -13.77
CA UNK I 178 -58.56 29.61 -13.03
C UNK I 178 -58.88 29.90 -11.58
N UNK I 179 -58.38 31.03 -11.09
CA UNK I 179 -58.66 31.47 -9.73
C UNK I 179 -59.83 32.45 -9.72
N UNK I 180 -60.73 32.28 -10.68
CA UNK I 180 -61.86 33.17 -10.81
C UNK I 180 -63.04 32.44 -11.46
N UNK I 181 -63.56 31.44 -10.75
CA UNK I 181 -64.72 30.70 -11.22
C UNK I 181 -65.83 30.77 -10.18
N UNK I 182 -65.53 31.43 -9.06
CA UNK I 182 -66.46 31.54 -7.95
C UNK I 182 -67.53 32.60 -8.21
N UNK I 183 -68.26 32.97 -7.15
CA UNK I 183 -69.30 33.97 -7.24
C UNK I 183 -68.93 35.21 -6.44
N UNK I 184 -68.25 36.15 -7.11
CA UNK I 184 -67.81 37.39 -6.47
C UNK I 184 -68.75 38.54 -6.83
N UNK I 185 -69.92 38.58 -6.20
CA UNK I 185 -70.89 39.63 -6.46
C UNK I 185 -71.74 39.89 -5.22
N GLU I 187 -68.97 43.13 -2.42
CA GLU I 187 -67.90 44.07 -2.65
C GLU I 187 -67.02 44.22 -1.42
N SER I 188 -66.91 43.14 -0.65
CA SER I 188 -66.04 43.14 0.52
C SER I 188 -64.59 43.40 0.14
N ARG I 189 -64.15 42.84 -0.99
CA ARG I 189 -62.79 43.07 -1.45
C ARG I 189 -62.50 44.56 -1.60
N GLN I 190 -63.36 45.28 -2.29
CA GLN I 190 -63.16 46.71 -2.48
C GLN I 190 -63.12 47.44 -1.14
N LEU I 191 -64.01 47.09 -0.23
CA LEU I 191 -64.05 47.76 1.07
C LEU I 191 -62.78 47.50 1.87
N SER I 192 -62.28 46.27 1.85
CA SER I 192 -61.02 45.98 2.53
C SER I 192 -59.89 46.76 1.92
N PHE I 193 -59.84 46.84 0.59
CA PHE I 193 -58.80 47.64 -0.05
C PHE I 193 -58.91 49.11 0.34
N SER I 194 -60.14 49.62 0.41
CA SER I 194 -60.34 51.01 0.83
C SER I 194 -59.85 51.23 2.25
N LYS I 195 -60.16 50.30 3.16
CA LYS I 195 -59.65 50.40 4.51
C LYS I 195 -58.13 50.45 4.51
N LYS I 196 -57.50 49.55 3.75
CA LYS I 196 -56.05 49.52 3.67
C LYS I 196 -55.51 50.87 3.22
N ALA I 197 -55.91 51.34 2.05
CA ALA I 197 -55.34 52.56 1.51
C ALA I 197 -55.61 53.76 2.42
N SER I 198 -56.83 53.86 2.96
CA SER I 198 -57.16 54.99 3.82
C SER I 198 -56.29 54.99 5.07
N LYS I 199 -56.12 53.83 5.70
CA LYS I 199 -55.26 53.76 6.87
C LYS I 199 -53.82 54.12 6.51
N PHE I 200 -53.34 53.63 5.36
CA PHE I 200 -51.96 53.88 4.98
C PHE I 200 -51.69 55.36 4.79
N ARG I 201 -52.53 56.04 4.01
CA ARG I 201 -52.32 57.47 3.78
C ARG I 201 -52.21 58.22 5.11
N ASP I 202 -53.07 57.88 6.07
CA ASP I 202 -53.01 58.54 7.36
C ASP I 202 -51.73 58.20 8.11
N TRP I 203 -51.35 56.92 8.13
CA TRP I 203 -50.19 56.52 8.93
C TRP I 203 -48.90 57.12 8.39
N LEU I 204 -48.82 57.29 7.08
CA LEU I 204 -47.61 57.88 6.51
C LEU I 204 -47.41 59.32 6.98
N ASP I 205 -48.51 60.07 7.13
CA ASP I 205 -48.45 61.49 7.48
C ASP I 205 -47.69 62.27 6.40
N CYS I 206 -48.09 62.05 5.15
CA CYS I 206 -47.45 62.68 4.00
C CYS I 206 -48.17 63.95 3.54
N SER I 207 -48.27 64.95 4.41
CA SER I 207 -48.91 66.22 4.05
C SER I 207 -47.97 67.42 4.17
N SER I 208 -47.23 67.52 5.28
CA SER I 208 -46.40 68.70 5.53
C SER I 208 -45.10 68.63 4.74
N MET I 209 -45.22 68.55 3.41
CA MET I 209 -44.06 68.40 2.55
C MET I 209 -44.22 69.32 1.33
N GLU I 210 -43.10 69.95 0.95
CA GLU I 210 -43.15 70.90 -0.16
C GLU I 210 -43.59 70.22 -1.44
N ILE I 211 -43.49 68.90 -1.51
CA ILE I 211 -43.95 68.11 -2.63
C ILE I 211 -44.71 66.91 -2.08
N LYS I 212 -45.58 66.32 -2.89
CA LYS I 212 -46.46 65.26 -2.41
C LYS I 212 -46.68 64.21 -3.49
N PRO I 213 -47.01 62.98 -3.10
CA PRO I 213 -47.30 61.95 -4.09
C PRO I 213 -48.77 62.00 -4.51
N ASN I 214 -49.01 61.54 -5.73
CA ASN I 214 -50.34 61.57 -6.31
C ASN I 214 -51.02 60.21 -6.16
N VAL I 215 -52.17 60.06 -6.81
CA VAL I 215 -53.02 58.89 -6.56
C VAL I 215 -52.32 57.61 -6.99
N VAL I 216 -51.74 57.59 -8.19
CA VAL I 216 -51.15 56.36 -8.71
C VAL I 216 -49.96 55.93 -7.88
N ALA I 217 -49.08 56.87 -7.53
CA ALA I 217 -47.83 56.52 -6.86
C ALA I 217 -48.07 55.87 -5.50
N MET I 218 -49.21 56.15 -4.86
CA MET I 218 -49.46 55.58 -3.55
C MET I 218 -49.59 54.05 -3.61
N GLU I 219 -50.16 53.52 -4.69
CA GLU I 219 -50.18 52.08 -4.88
C GLU I 219 -48.77 51.52 -4.87
N ILE I 220 -47.88 52.13 -5.63
CA ILE I 220 -46.49 51.69 -5.67
C ILE I 220 -45.89 51.75 -4.28
N LEU I 221 -46.13 52.84 -3.55
CA LEU I 221 -45.54 52.98 -2.23
C LEU I 221 -46.00 51.88 -1.28
N ALA I 222 -47.29 51.54 -1.30
CA ALA I 222 -47.77 50.45 -0.47
C ALA I 222 -47.11 49.13 -0.85
N TYR I 223 -47.02 48.87 -2.15
CA TYR I 223 -46.36 47.64 -2.59
C TYR I 223 -44.91 47.60 -2.11
N LEU I 224 -44.23 48.75 -2.16
CA LEU I 224 -42.85 48.82 -1.70
C LEU I 224 -42.75 48.53 -0.20
N ALA I 225 -43.70 49.03 0.59
CA ALA I 225 -43.70 48.70 2.01
C ALA I 225 -43.86 47.20 2.22
N TYR I 226 -44.77 46.58 1.49
CA TYR I 226 -44.94 45.14 1.63
C TYR I 226 -43.67 44.39 1.26
N GLU I 227 -43.03 44.80 0.18
CA GLU I 227 -41.79 44.16 -0.24
C GLU I 227 -40.70 44.36 0.80
N THR I 228 -40.62 45.56 1.39
CA THR I 228 -39.68 45.80 2.48
C THR I 228 -39.89 44.78 3.59
N VAL I 229 -41.13 44.58 3.99
CA VAL I 229 -41.42 43.62 5.07
C VAL I 229 -40.94 42.23 4.67
N ALA I 230 -41.26 41.81 3.44
CA ALA I 230 -40.89 40.46 3.01
C ALA I 230 -39.37 40.29 3.01
N GLN I 231 -38.65 41.28 2.47
CA GLN I 231 -37.19 41.19 2.42
C GLN I 231 -36.60 41.12 3.83
N LEU I 232 -37.09 41.95 4.74
CA LEU I 232 -36.56 41.94 6.09
C LEU I 232 -36.79 40.60 6.77
N VAL I 233 -37.98 40.02 6.59
CA VAL I 233 -38.23 38.69 7.13
C VAL I 233 -37.23 37.69 6.56
N ASP I 234 -36.97 37.77 5.26
CA ASP I 234 -36.05 36.82 4.64
C ASP I 234 -34.65 36.95 5.23
N LEU I 235 -34.16 38.18 5.36
CA LEU I 235 -32.81 38.37 5.91
C LEU I 235 -32.73 37.88 7.34
N ALA I 236 -33.75 38.16 8.14
CA ALA I 236 -33.74 37.65 9.52
C ALA I 236 -33.68 36.13 9.54
N LEU I 237 -34.43 35.49 8.64
CA LEU I 237 -34.40 34.04 8.59
C LEU I 237 -33.02 33.52 8.21
N LEU I 238 -32.35 34.18 7.26
CA LEU I 238 -30.98 33.78 6.93
C LEU I 238 -30.04 33.94 8.12
N VAL I 239 -30.16 35.05 8.86
CA VAL I 239 -29.29 35.24 10.01
C VAL I 239 -29.52 34.15 11.05
N ARG I 240 -30.78 33.82 11.32
CA ARG I 240 -31.07 32.74 12.26
C ARG I 240 -30.51 31.42 11.75
N GLN I 241 -30.66 31.14 10.46
CA GLN I 241 -30.07 29.95 9.87
C GLN I 241 -28.57 29.90 10.16
N ASP I 242 -27.90 31.03 9.99
CA ASP I 242 -26.45 31.07 10.22
C ASP I 242 -26.12 30.78 11.67
N MET I 243 -26.78 31.47 12.60
CA MET I 243 -26.40 31.36 14.01
C MET I 243 -26.45 29.91 14.48
N VAL I 244 -27.61 29.29 14.47
CA VAL I 244 -27.75 27.95 15.04
C VAL I 244 -27.38 26.95 13.96
N THR I 245 -26.08 26.75 13.76
CA THR I 245 -25.61 25.71 12.86
C THR I 245 -24.76 24.71 13.63
N LYS I 246 -23.68 25.18 14.24
CA LYS I 246 -22.75 24.35 15.00
C LYS I 246 -22.56 23.00 14.32
N ALA I 247 -22.45 23.03 12.99
CA ALA I 247 -22.49 21.82 12.19
C ALA I 247 -21.07 21.40 11.85
N GLY I 248 -20.71 20.17 12.20
CA GLY I 248 -19.42 19.63 11.77
C GLY I 248 -19.52 18.89 10.45
N ASP I 249 -20.66 18.25 10.20
CA ASP I 249 -20.83 17.46 8.99
C ASP I 249 -21.04 18.38 7.79
N PRO I 250 -20.26 18.26 6.72
CA PRO I 250 -20.38 19.23 5.62
C PRO I 250 -21.75 19.25 4.98
N PHE I 251 -22.47 18.12 4.97
CA PHE I 251 -23.79 18.10 4.36
C PHE I 251 -24.75 19.03 5.08
N SER I 252 -24.70 19.04 6.41
CA SER I 252 -25.57 19.94 7.16
C SER I 252 -25.29 21.40 6.82
N HIS I 253 -24.02 21.78 6.73
CA HIS I 253 -23.69 23.17 6.42
C HIS I 253 -23.95 23.50 4.96
N ALA I 254 -24.01 22.49 4.09
CA ALA I 254 -24.21 22.75 2.67
C ALA I 254 -25.70 22.78 2.32
N ILE I 255 -26.51 22.00 3.01
CA ILE I 255 -27.94 22.00 2.74
C ILE I 255 -28.61 23.31 3.16
N SER I 256 -27.86 24.21 3.78
CA SER I 256 -28.39 25.51 4.19
C SER I 256 -28.56 26.48 3.03
N ALA I 257 -28.13 26.10 1.82
CA ALA I 257 -28.36 26.97 0.66
C ALA I 257 -29.85 27.09 0.35
N THR I 258 -30.66 26.24 0.95
CA THR I 258 -32.11 26.35 0.86
C THR I 258 -32.66 26.99 2.13
N SER I 278 -38.78 30.69 22.21
CA SER I 278 -37.88 30.59 21.07
C SER I 278 -38.62 30.08 19.84
N ASP I 279 -37.87 29.61 18.85
CA ASP I 279 -38.42 29.22 17.55
C ASP I 279 -39.28 30.34 16.98
N ALA I 280 -38.88 31.58 17.28
CA ALA I 280 -39.52 32.77 16.76
C ALA I 280 -38.43 33.81 16.52
N ILE I 281 -38.72 34.77 15.65
CA ILE I 281 -37.72 35.74 15.25
C ILE I 281 -37.62 36.85 16.28
N GLN I 282 -36.67 36.74 17.20
CA GLN I 282 -36.46 37.75 18.22
C GLN I 282 -35.89 39.01 17.59
N PRO I 283 -36.01 40.16 18.26
CA PRO I 283 -35.52 41.41 17.67
C PRO I 283 -34.03 41.42 17.38
N CYS I 284 -33.23 40.70 18.17
CA CYS I 284 -31.80 40.66 17.91
C CYS I 284 -31.49 40.22 16.49
N HIS I 285 -32.26 39.26 15.97
CA HIS I 285 -32.04 38.80 14.61
C HIS I 285 -32.24 39.94 13.61
N ILE I 286 -33.31 40.72 13.77
CA ILE I 286 -33.56 41.82 12.86
C ILE I 286 -32.47 42.88 12.98
N ARG I 287 -32.02 43.14 14.20
CA ARG I 287 -30.96 44.13 14.39
C ARG I 287 -29.69 43.69 13.67
N GLU I 288 -29.32 42.42 13.81
CA GLU I 288 -28.16 41.91 13.10
C GLU I 288 -28.35 41.99 11.60
N ALA I 289 -29.52 41.63 11.11
CA ALA I 289 -29.78 41.68 9.67
C ALA I 289 -29.62 43.10 9.14
N ILE I 290 -30.13 44.09 9.88
CA ILE I 290 -30.05 45.46 9.41
C ILE I 290 -28.60 45.95 9.44
N ARG I 291 -27.88 45.67 10.52
CA ARG I 291 -26.46 46.01 10.57
C ARG I 291 -25.73 45.42 9.37
N ARG I 292 -26.03 44.16 9.05
CA ARG I 292 -25.28 43.47 8.01
C ARG I 292 -25.63 44.00 6.63
N TYR I 293 -26.90 44.35 6.41
CA TYR I 293 -27.32 44.88 5.12
C TYR I 293 -26.83 46.30 4.91
N SER I 294 -26.61 47.06 5.98
CA SER I 294 -26.28 48.47 5.84
C SER I 294 -24.92 48.68 5.17
N HIS I 295 -24.12 47.63 5.06
CA HIS I 295 -22.77 47.76 4.52
C HIS I 295 -22.75 47.49 3.02
N ARG I 296 -22.20 48.42 2.25
CA ARG I 296 -22.06 48.28 0.81
C ARG I 296 -20.58 48.24 0.45
N ILE I 297 -20.22 47.32 -0.43
CA ILE I 297 -18.83 47.13 -0.82
C ILE I 297 -18.49 47.97 -2.04
N GLY I 298 -17.93 49.15 -1.82
CA GLY I 298 -17.48 50.00 -2.89
C GLY I 298 -16.12 49.57 -3.39
N PRO I 299 -15.75 50.00 -4.59
CA PRO I 299 -14.43 49.61 -5.12
C PRO I 299 -13.30 50.48 -4.63
N LEU I 300 -13.57 51.75 -4.32
CA LEU I 300 -12.53 52.67 -3.88
C LEU I 300 -12.41 52.74 -2.36
N SER I 301 -12.94 51.76 -1.66
CA SER I 301 -12.89 51.72 -0.21
C SER I 301 -11.54 51.26 0.32
N PRO I 302 -10.94 50.20 -0.23
CA PRO I 302 -9.83 49.55 0.47
C PRO I 302 -8.69 50.50 0.79
N PHE I 303 -8.11 50.29 1.97
CA PHE I 303 -6.95 51.03 2.45
C PHE I 303 -7.26 52.48 2.80
N THR I 304 -8.54 52.83 2.91
CA THR I 304 -8.89 54.20 3.26
C THR I 304 -10.30 54.23 3.84
N ASN I 305 -10.74 55.43 4.18
CA ASN I 305 -12.10 55.68 4.63
C ASN I 305 -12.67 56.96 4.02
N ALA I 306 -11.95 57.55 3.06
CA ALA I 306 -12.37 58.80 2.44
C ALA I 306 -13.52 58.60 1.45
N TYR I 307 -13.88 57.36 1.16
CA TYR I 307 -14.97 57.07 0.22
C TYR I 307 -15.98 56.17 0.90
N ARG I 308 -16.91 56.80 1.62
CA ARG I 308 -18.06 56.11 2.18
C ARG I 308 -19.32 56.57 1.46
N ARG I 309 -20.18 55.61 1.11
CA ARG I 309 -21.48 55.93 0.55
C ARG I 309 -22.38 56.40 1.69
N ASN I 310 -22.24 57.68 2.02
CA ASN I 310 -22.98 58.26 3.14
C ASN I 310 -24.46 58.25 2.81
N GLY I 311 -25.20 57.34 3.43
CA GLY I 311 -26.61 57.20 3.15
C GLY I 311 -27.22 55.97 3.78
N MET I 312 -28.16 55.35 3.10
CA MET I 312 -28.87 54.20 3.64
C MET I 312 -29.37 53.35 2.49
N ALA I 313 -29.07 52.05 2.56
CA ALA I 313 -29.50 51.13 1.52
C ALA I 313 -31.01 50.94 1.60
N PHE I 314 -31.68 50.98 0.44
CA PHE I 314 -33.10 50.72 0.40
C PHE I 314 -33.36 49.23 0.24
N LEU I 315 -33.87 48.61 1.29
CA LEU I 315 -34.10 47.17 1.27
C LEU I 315 -35.09 46.77 0.19
N ALA I 316 -36.03 47.66 -0.15
CA ALA I 316 -37.07 47.29 -1.11
C ALA I 316 -36.70 47.72 -2.51
N CYS I 317 -36.11 48.90 -2.66
CA CYS I 317 -35.74 49.41 -3.97
C CYS I 317 -34.61 48.57 -4.55
N SER J 104 21.19 85.14 1.04
CA SER J 104 19.94 84.54 0.59
C SER J 104 19.56 83.37 1.48
N VAL J 105 20.57 82.70 2.03
CA VAL J 105 20.34 81.46 2.77
C VAL J 105 19.67 81.73 4.12
N ARG J 106 20.03 82.81 4.80
CA ARG J 106 19.56 82.99 6.18
C ARG J 106 18.04 83.01 6.24
N GLN J 107 17.39 83.70 5.31
CA GLN J 107 15.93 83.71 5.27
C GLN J 107 15.41 82.58 4.39
N LYS J 108 15.87 81.36 4.66
CA LYS J 108 15.47 80.18 3.93
C LYS J 108 14.51 79.30 4.71
N PHE J 109 14.60 79.31 6.04
CA PHE J 109 13.81 78.43 6.89
C PHE J 109 12.96 79.20 7.88
N ASP J 110 12.53 80.40 7.52
CA ASP J 110 11.73 81.25 8.40
C ASP J 110 10.24 81.14 8.14
N HIS J 111 9.85 80.63 6.96
CA HIS J 111 8.46 80.51 6.58
C HIS J 111 8.04 79.05 6.45
N ARG J 112 8.80 78.15 7.05
CA ARG J 112 8.46 76.74 7.01
C ARG J 112 7.17 76.50 7.77
N PHE J 113 6.74 75.24 7.79
CA PHE J 113 5.47 74.89 8.40
C PHE J 113 5.64 74.67 9.89
N GLN J 114 4.69 75.16 10.68
CA GLN J 114 4.70 75.00 12.12
C GLN J 114 3.43 74.28 12.55
N PRO J 115 3.46 72.95 12.72
CA PRO J 115 2.22 72.25 13.06
C PRO J 115 1.70 72.65 14.43
N GLN J 116 0.39 72.77 14.55
CA GLN J 116 -0.21 73.15 15.82
C GLN J 116 -0.19 71.97 16.78
N ASN J 117 0.43 72.18 17.94
CA ASN J 117 0.55 71.10 18.92
C ASN J 117 -0.83 70.59 19.29
N PRO J 118 -1.05 69.27 19.34
CA PRO J 118 -2.41 68.79 19.61
C PRO J 118 -2.78 68.82 21.08
N LEU J 119 -1.82 69.07 21.97
CA LEU J 119 -2.09 69.05 23.40
C LEU J 119 -2.50 70.43 23.93
N SER J 120 -2.14 71.51 23.27
CA SER J 120 -2.54 72.83 23.76
C SER J 120 -4.05 72.91 23.94
N GLY J 121 -4.79 72.18 23.13
CA GLY J 121 -6.23 72.10 23.26
C GLY J 121 -6.66 70.91 24.08
N ALA J 122 -5.77 70.44 24.96
CA ALA J 122 -6.09 69.30 25.81
C ALA J 122 -7.10 69.71 26.86
N GLN J 123 -7.91 68.74 27.29
CA GLN J 123 -8.95 68.97 28.27
C GLN J 123 -8.34 69.01 29.67
N GLN J 124 -8.82 69.91 30.51
CA GLN J 124 -8.32 70.06 31.86
C GLN J 124 -9.07 69.12 32.79
N PHE J 125 -8.36 68.47 33.70
CA PHE J 125 -8.96 67.47 34.56
C PHE J 125 -9.12 68.00 35.98
N VAL J 126 -10.33 67.87 36.52
CA VAL J 126 -10.67 68.38 37.85
C VAL J 126 -11.02 67.20 38.75
N ALA J 127 -10.51 67.24 39.98
CA ALA J 127 -10.71 66.13 40.90
C ALA J 127 -12.00 66.31 41.70
N LYS J 128 -12.78 65.24 41.79
CA LYS J 128 -14.01 65.23 42.57
C LYS J 128 -13.77 64.52 43.89
N ASP J 129 -14.85 64.32 44.64
CA ASP J 129 -14.75 63.59 45.90
C ASP J 129 -14.48 62.12 45.62
N PRO J 130 -13.48 61.51 46.26
CA PRO J 130 -13.29 60.07 46.09
C PRO J 130 -14.29 59.28 46.91
N GLN J 131 -15.29 58.74 46.23
CA GLN J 131 -16.32 57.94 46.89
C GLN J 131 -16.22 56.52 46.36
N ASP J 132 -16.85 55.60 47.09
CA ASP J 132 -16.90 54.21 46.64
C ASP J 132 -17.97 54.02 45.57
N ASP J 133 -19.07 54.76 45.65
CA ASP J 133 -20.15 54.60 44.69
C ASP J 133 -19.77 55.12 43.31
N ASP J 134 -18.86 56.09 43.24
CA ASP J 134 -18.49 56.73 41.97
C ASP J 134 -17.39 55.89 41.33
N ASP J 135 -17.81 54.87 40.59
CA ASP J 135 -16.90 53.99 39.88
C ASP J 135 -17.42 53.74 38.47
N LEU J 136 -16.50 53.36 37.58
CA LEU J 136 -16.75 53.31 36.15
C LEU J 136 -16.88 51.90 35.59
N LYS J 137 -15.99 51.00 35.94
CA LYS J 137 -15.94 49.65 35.36
C LYS J 137 -15.67 49.71 33.85
N LEU J 138 -14.51 50.26 33.52
CA LEU J 138 -14.01 50.18 32.16
C LEU J 138 -13.82 48.72 31.76
N CYS J 139 -14.23 48.41 30.52
CA CYS J 139 -14.26 47.03 30.08
C CYS J 139 -12.89 46.35 30.14
N SER J 140 -11.81 47.13 30.12
CA SER J 140 -10.49 46.52 30.27
C SER J 140 -10.33 45.90 31.65
N HIS J 141 -11.01 46.46 32.65
CA HIS J 141 -10.92 45.91 34.01
C HIS J 141 -11.79 44.68 34.15
N THR J 142 -13.08 44.81 33.85
CA THR J 142 -13.99 43.69 33.81
C THR J 142 -14.09 43.15 32.39
N MET J 143 -13.58 41.93 32.20
CA MET J 143 -13.43 41.37 30.87
C MET J 143 -14.79 40.95 30.30
N MET J 144 -15.65 41.94 30.10
CA MET J 144 -17.01 41.72 29.63
C MET J 144 -17.53 43.01 29.03
N LEU J 145 -18.60 42.89 28.26
CA LEU J 145 -19.26 44.07 27.73
C LEU J 145 -20.09 44.74 28.82
N PRO J 146 -20.13 46.07 28.86
CA PRO J 146 -20.82 46.76 29.95
C PRO J 146 -22.32 46.68 29.79
N THR J 147 -23.00 46.36 30.90
CA THR J 147 -24.45 46.28 30.90
C THR J 147 -25.05 47.67 30.88
N ARG J 148 -26.37 47.73 30.72
CA ARG J 148 -27.05 49.02 30.59
C ARG J 148 -26.83 49.87 31.83
N GLY J 149 -26.91 49.27 33.02
CA GLY J 149 -26.73 50.05 34.23
C GLY J 149 -25.32 50.57 34.39
N GLN J 150 -24.32 49.71 34.15
CA GLN J 150 -22.93 50.11 34.32
C GLN J 150 -22.56 51.26 33.39
N LEU J 151 -23.06 51.21 32.15
CA LEU J 151 -22.77 52.27 31.20
C LEU J 151 -23.27 53.63 31.68
N GLU J 152 -24.40 53.63 32.39
CA GLU J 152 -25.01 54.88 32.84
C GLU J 152 -24.12 55.62 33.83
N GLY J 153 -23.46 54.88 34.71
CA GLY J 153 -22.60 55.53 35.69
C GLY J 153 -21.52 56.37 35.04
N ARG J 154 -20.84 55.83 34.04
CA ARG J 154 -19.79 56.58 33.37
C ARG J 154 -20.34 57.61 32.40
N MET J 155 -21.49 57.33 31.78
CA MET J 155 -22.09 58.34 30.90
C MET J 155 -22.42 59.60 31.68
N ILE J 156 -23.01 59.46 32.86
CA ILE J 156 -23.30 60.63 33.69
C ILE J 156 -22.02 61.33 34.10
N VAL J 157 -21.01 60.57 34.53
CA VAL J 157 -19.76 61.18 34.96
C VAL J 157 -19.16 62.02 33.84
N THR J 158 -19.10 61.47 32.63
CA THR J 158 -18.57 62.24 31.51
C THR J 158 -19.43 63.46 31.23
N ALA J 159 -20.75 63.28 31.23
CA ALA J 159 -21.64 64.42 30.98
C ALA J 159 -21.37 65.56 31.94
N TYR J 160 -21.09 65.24 33.20
CA TYR J 160 -20.87 66.29 34.19
C TYR J 160 -19.79 67.28 33.76
N GLU J 161 -18.63 66.76 33.31
CA GLU J 161 -17.51 67.65 33.02
C GLU J 161 -17.84 68.59 31.86
N HIS J 162 -18.98 68.38 31.20
CA HIS J 162 -19.43 69.26 30.14
C HIS J 162 -20.59 70.16 30.57
N GLY J 163 -20.95 70.17 31.84
CA GLY J 163 -22.01 71.04 32.31
C GLY J 163 -23.38 70.60 31.84
N LEU J 164 -23.78 69.39 32.21
CA LEU J 164 -25.11 68.87 31.93
C LEU J 164 -25.71 68.32 33.21
N ASP J 165 -26.95 67.85 33.11
CA ASP J 165 -27.67 67.36 34.28
C ASP J 165 -27.75 65.85 34.34
N ASN J 166 -28.24 65.22 33.28
CA ASN J 166 -28.45 63.78 33.29
C ASN J 166 -28.76 63.31 31.88
N VAL J 167 -28.95 62.01 31.74
CA VAL J 167 -29.11 61.37 30.45
C VAL J 167 -30.55 60.92 30.27
N THR J 168 -31.04 61.03 29.04
CA THR J 168 -32.45 60.78 28.74
C THR J 168 -32.86 59.33 28.92
N GLU J 169 -31.92 58.41 29.09
CA GLU J 169 -32.21 57.00 29.34
C GLU J 169 -32.67 56.28 28.07
N GLU J 170 -32.91 57.02 27.00
CA GLU J 170 -32.96 56.40 25.68
C GLU J 170 -31.58 56.42 25.03
N ALA J 171 -30.75 57.37 25.43
CA ALA J 171 -29.37 57.40 24.94
C ALA J 171 -28.60 56.17 25.36
N VAL J 172 -28.82 55.68 26.58
CA VAL J 172 -28.11 54.50 27.05
C VAL J 172 -28.35 53.32 26.11
N SER J 173 -29.61 53.12 25.72
CA SER J 173 -29.93 52.02 24.82
C SER J 173 -29.23 52.19 23.48
N ALA J 174 -29.26 53.40 22.93
CA ALA J 174 -28.62 53.64 21.64
C ALA J 174 -27.13 53.37 21.72
N VAL J 175 -26.47 53.81 22.79
CA VAL J 175 -25.04 53.60 22.91
C VAL J 175 -24.72 52.12 23.06
N VAL J 176 -25.52 51.38 23.84
CA VAL J 176 -25.28 49.95 23.98
C VAL J 176 -25.40 49.26 22.62
N TYR J 177 -26.48 49.56 21.89
CA TYR J 177 -26.68 48.96 20.58
C TYR J 177 -25.53 49.29 19.65
N ALA J 178 -25.09 50.55 19.66
CA ALA J 178 -24.02 50.97 18.76
C ALA J 178 -22.71 50.27 19.10
N VAL J 179 -22.40 50.12 20.38
CA VAL J 179 -21.17 49.44 20.76
C VAL J 179 -21.18 48.00 20.25
N GLU J 180 -22.29 47.30 20.48
CA GLU J 180 -22.38 45.93 19.99
C GLU J 180 -22.25 45.87 18.48
N ASN J 181 -22.93 46.78 17.78
CA ASN J 181 -22.87 46.83 16.33
C ASN J 181 -21.44 47.03 15.84
N HIS J 182 -20.71 47.97 16.46
CA HIS J 182 -19.36 48.27 16.03
C HIS J 182 -18.43 47.09 16.25
N LEU J 183 -18.54 46.44 17.41
CA LEU J 183 -17.72 45.26 17.64
C LEU J 183 -18.02 44.17 16.63
N LYS J 184 -19.29 43.98 16.28
CA LYS J 184 -19.61 42.98 15.28
C LYS J 184 -19.05 43.36 13.92
N ASP J 185 -19.03 44.65 13.58
CA ASP J 185 -18.44 45.07 12.32
C ASP J 185 -16.97 44.71 12.26
N ILE J 186 -16.22 44.99 13.34
CA ILE J 186 -14.81 44.65 13.34
C ILE J 186 -14.62 43.14 13.22
N LEU J 187 -15.43 42.37 13.95
CA LEU J 187 -15.31 40.92 13.88
C LEU J 187 -15.56 40.42 12.46
N THR J 188 -16.55 41.00 11.78
CA THR J 188 -16.82 40.62 10.40
C THR J 188 -15.63 40.92 9.50
N SER J 189 -15.04 42.10 9.66
CA SER J 189 -13.86 42.43 8.87
C SER J 189 -12.75 41.40 9.08
N VAL J 190 -12.53 40.99 10.32
CA VAL J 190 -11.45 40.03 10.58
C VAL J 190 -11.80 38.67 10.00
N VAL J 191 -13.07 38.27 10.09
CA VAL J 191 -13.47 36.94 9.63
C VAL J 191 -13.36 36.85 8.11
N SER J 192 -13.68 37.93 7.40
CA SER J 192 -13.73 37.87 5.94
C SER J 192 -12.40 37.45 5.34
N ARG J 193 -11.30 37.68 6.05
CA ARG J 193 -9.99 37.48 5.46
C ARG J 193 -9.54 36.02 5.49
N ARG J 194 -10.28 35.12 6.13
CA ARG J 194 -9.84 33.73 6.22
C ARG J 194 -10.99 32.74 6.05
N LYS J 195 -12.09 33.15 5.42
CA LYS J 195 -13.16 32.20 5.11
C LYS J 195 -13.95 32.71 3.91
N ALA J 196 -14.44 31.77 3.12
CA ALA J 196 -15.33 32.11 2.02
C ALA J 196 -16.69 32.53 2.55
N TYR J 197 -17.49 33.11 1.67
CA TYR J 197 -18.82 33.55 2.02
C TYR J 197 -19.61 33.79 0.75
N ARG J 198 -20.92 33.99 0.92
CA ARG J 198 -21.82 34.24 -0.19
C ARG J 198 -22.24 35.71 -0.17
N LEU J 199 -22.96 36.11 -1.22
CA LEU J 199 -23.42 37.48 -1.37
C LEU J 199 -24.84 37.46 -1.87
N ARG J 200 -25.69 38.31 -1.31
CA ARG J 200 -27.05 38.50 -1.77
C ARG J 200 -27.28 39.99 -1.99
N ASP J 201 -27.83 40.34 -3.14
CA ASP J 201 -28.02 41.73 -3.54
C ASP J 201 -26.70 42.45 -3.74
N GLY J 202 -25.59 41.73 -3.70
CA GLY J 202 -24.29 42.28 -3.99
C GLY J 202 -23.44 42.64 -2.81
N HIS J 203 -24.00 42.75 -1.61
CA HIS J 203 -23.17 43.12 -0.47
C HIS J 203 -23.47 42.33 0.81
N PHE J 204 -24.59 41.62 0.88
CA PHE J 204 -25.03 41.01 2.13
C PHE J 204 -24.38 39.64 2.30
N LYS J 205 -23.42 39.54 3.22
CA LYS J 205 -22.64 38.32 3.41
C LYS J 205 -23.19 37.48 4.56
N TYR J 206 -23.59 36.24 4.26
CA TYR J 206 -24.20 35.43 5.30
C TYR J 206 -23.46 34.13 5.63
N ALA J 207 -23.22 33.27 4.64
CA ALA J 207 -22.75 31.91 4.93
C ALA J 207 -21.23 31.90 4.97
N PHE J 208 -20.67 31.97 6.18
CA PHE J 208 -19.24 32.18 6.33
C PHE J 208 -18.42 30.90 6.41
N GLY J 209 -19.03 29.74 6.21
CA GLY J 209 -18.25 28.52 6.09
C GLY J 209 -17.42 28.55 4.82
N SER J 210 -16.63 27.51 4.61
CA SER J 210 -15.77 27.38 3.43
C SER J 210 -16.22 26.28 2.49
N ASN J 211 -17.53 26.12 2.30
CA ASN J 211 -18.05 24.91 1.66
C ASN J 211 -18.38 25.08 0.19
N VAL J 212 -19.26 26.00 -0.18
CA VAL J 212 -19.89 25.94 -1.51
C VAL J 212 -18.89 26.30 -2.59
N THR J 213 -18.42 27.54 -2.62
CA THR J 213 -17.25 27.98 -3.39
C THR J 213 -16.98 27.14 -4.63
N PRO J 214 -17.86 27.12 -5.62
CA PRO J 214 -17.58 26.33 -6.82
C PRO J 214 -16.36 26.85 -7.55
N GLN J 215 -15.44 25.93 -7.84
CA GLN J 215 -14.25 26.30 -8.58
C GLN J 215 -14.67 26.76 -9.97
N PRO J 216 -14.28 27.95 -10.42
CA PRO J 216 -14.87 28.52 -11.62
C PRO J 216 -14.30 28.01 -12.93
N TYR J 217 -13.32 27.11 -12.91
CA TYR J 217 -12.61 26.71 -14.12
C TYR J 217 -12.98 25.30 -14.56
N LEU J 218 -14.04 24.72 -13.98
CA LEU J 218 -14.50 23.39 -14.37
C LEU J 218 -15.78 23.53 -15.16
N LYS J 219 -15.84 22.84 -16.30
CA LYS J 219 -17.05 22.87 -17.10
C LYS J 219 -18.27 22.47 -16.27
N ASN J 220 -18.10 21.49 -15.38
CA ASN J 220 -19.21 21.11 -14.52
C ASN J 220 -19.62 22.24 -13.59
N SER J 221 -18.63 22.96 -13.04
CA SER J 221 -18.92 24.10 -12.20
C SER J 221 -19.68 25.18 -12.93
N VAL J 222 -19.29 25.47 -14.18
CA VAL J 222 -19.99 26.49 -14.96
C VAL J 222 -21.47 26.15 -15.08
N VAL J 223 -21.78 24.88 -15.38
CA VAL J 223 -23.17 24.48 -15.52
C VAL J 223 -23.90 24.57 -14.20
N ALA J 224 -23.28 24.07 -13.12
CA ALA J 224 -23.96 24.06 -11.83
C ALA J 224 -24.21 25.47 -11.32
N TYR J 225 -23.32 26.41 -11.66
CA TYR J 225 -23.49 27.79 -11.20
C TYR J 225 -24.77 28.40 -11.73
N ASN J 226 -25.06 28.20 -13.01
CA ASN J 226 -26.24 28.82 -13.61
C ASN J 226 -27.51 28.37 -12.91
N ASN J 227 -27.59 27.11 -12.53
CA ASN J 227 -28.83 26.58 -11.98
C ASN J 227 -28.90 26.71 -10.46
N LEU J 228 -27.93 26.10 -9.75
CA LEU J 228 -28.05 25.99 -8.31
C LEU J 228 -27.99 27.36 -7.62
N ILE J 229 -27.54 28.38 -8.34
CA ILE J 229 -27.43 29.71 -7.74
C ILE J 229 -28.74 30.48 -7.91
N GLU J 230 -29.15 30.70 -9.15
CA GLU J 230 -30.42 31.37 -9.44
C GLU J 230 -31.55 30.40 -9.13
N SER J 231 -32.08 30.46 -7.93
CA SER J 231 -33.21 29.64 -7.53
C SER J 231 -34.46 30.51 -7.51
N PRO J 232 -35.58 30.04 -8.07
CA PRO J 232 -36.77 30.90 -8.17
C PRO J 232 -37.20 31.41 -6.82
N PRO J 233 -37.10 32.74 -6.57
CA PRO J 233 -37.57 33.31 -5.31
C PRO J 233 -38.97 33.90 -5.42
N PRO J 248 -38.30 21.48 -0.95
CA PRO J 248 -36.97 20.85 -0.98
C PRO J 248 -36.94 19.48 -0.31
N PRO J 249 -37.46 18.46 -0.98
CA PRO J 249 -37.50 17.12 -0.38
C PRO J 249 -36.12 16.67 0.04
N PRO J 250 -36.00 15.97 1.17
CA PRO J 250 -34.67 15.75 1.74
C PRO J 250 -33.72 15.03 0.81
N ASP J 251 -34.19 14.03 0.06
CA ASP J 251 -33.30 13.31 -0.85
C ASP J 251 -32.71 14.25 -1.90
N ASP J 252 -33.54 15.10 -2.48
CA ASP J 252 -33.06 16.06 -3.46
C ASP J 252 -32.03 16.99 -2.85
N ALA J 253 -32.31 17.48 -1.63
CA ALA J 253 -31.38 18.39 -0.97
C ALA J 253 -30.06 17.70 -0.68
N GLU J 254 -30.10 16.44 -0.27
CA GLU J 254 -28.86 15.70 -0.03
C GLU J 254 -28.06 15.55 -1.31
N GLN J 255 -28.72 15.18 -2.40
CA GLN J 255 -28.04 15.10 -3.69
C GLN J 255 -27.37 16.42 -4.04
N GLN J 256 -28.11 17.53 -3.92
CA GLN J 256 -27.57 18.82 -4.34
C GLN J 256 -26.46 19.30 -3.42
N ALA J 257 -26.58 19.01 -2.12
CA ALA J 257 -25.49 19.31 -1.21
C ALA J 257 -24.22 18.56 -1.59
N ALA J 258 -24.37 17.27 -1.92
CA ALA J 258 -23.22 16.51 -2.38
C ALA J 258 -22.61 17.14 -3.62
N LEU J 259 -23.46 17.57 -4.55
CA LEU J 259 -22.95 18.20 -5.78
C LEU J 259 -22.17 19.46 -5.46
N LEU J 260 -22.70 20.30 -4.56
CA LEU J 260 -22.02 21.54 -4.21
C LEU J 260 -20.67 21.27 -3.56
N LEU J 261 -20.62 20.29 -2.66
CA LEU J 261 -19.34 19.94 -2.05
C LEU J 261 -18.37 19.40 -3.09
N ALA J 262 -18.86 18.64 -4.06
CA ALA J 262 -17.98 18.10 -5.09
C ALA J 262 -17.39 19.23 -5.94
N CYS J 263 -18.21 20.18 -6.35
CA CYS J 263 -17.72 21.26 -7.21
C CYS J 263 -16.74 22.17 -6.49
N SER J 264 -16.79 22.24 -5.16
CA SER J 264 -15.97 23.20 -4.43
C SER J 264 -14.50 23.00 -4.74
N GLY J 265 -14.09 21.76 -4.99
CA GLY J 265 -12.72 21.45 -5.35
C GLY J 265 -11.80 21.13 -4.19
N ASP J 266 -12.18 21.46 -2.96
CA ASP J 266 -11.31 21.23 -1.81
C ASP J 266 -11.35 19.77 -1.40
N THR J 267 -10.53 18.94 -2.05
CA THR J 267 -10.54 17.51 -1.74
C THR J 267 -10.11 17.26 -0.30
N LEU J 268 -9.09 17.96 0.17
CA LEU J 268 -8.51 17.72 1.50
C LEU J 268 -8.45 19.04 2.25
N PRO J 269 -9.59 19.55 2.70
CA PRO J 269 -9.60 20.88 3.33
C PRO J 269 -8.74 20.94 4.58
N ALA J 270 -8.15 22.10 4.82
CA ALA J 270 -7.34 22.35 6.00
C ALA J 270 -7.91 23.51 6.80
N SER J 271 -7.49 23.63 8.05
CA SER J 271 -8.03 24.63 8.96
C SER J 271 -6.92 25.49 9.53
N LEU J 272 -7.32 26.55 10.22
CA LEU J 272 -6.39 27.52 10.75
C LEU J 272 -6.40 27.48 12.28
N PRO J 273 -5.32 27.91 12.93
CA PRO J 273 -5.35 28.08 14.38
C PRO J 273 -6.28 29.23 14.76
N PRO J 274 -6.55 29.40 16.05
CA PRO J 274 -7.41 30.51 16.48
C PRO J 274 -6.92 31.85 15.96
N VAL J 275 -7.77 32.87 16.05
CA VAL J 275 -7.42 34.19 15.51
C VAL J 275 -6.42 34.84 16.46
N ASN J 276 -5.32 35.33 15.90
CA ASN J 276 -4.25 35.93 16.68
C ASN J 276 -4.01 37.37 16.22
N MET J 277 -2.92 37.96 16.72
CA MET J 277 -2.69 39.38 16.52
C MET J 277 -2.48 39.72 15.05
N TYR J 278 -1.76 38.87 14.31
CA TYR J 278 -1.45 39.19 12.92
C TYR J 278 -2.70 39.35 12.08
N ASP J 279 -3.69 38.48 12.30
CA ASP J 279 -4.94 38.60 11.56
C ASP J 279 -5.61 39.94 11.82
N LEU J 280 -5.66 40.36 13.08
CA LEU J 280 -6.24 41.65 13.40
C LEU J 280 -5.48 42.79 12.75
N PHE J 281 -4.15 42.74 12.79
CA PHE J 281 -3.35 43.80 12.19
C PHE J 281 -3.62 43.91 10.70
N GLU J 282 -3.60 42.79 9.98
CA GLU J 282 -3.86 42.85 8.55
C GLU J 282 -5.27 43.34 8.26
N ALA J 283 -6.26 42.79 8.97
CA ALA J 283 -7.64 43.21 8.73
C ALA J 283 -7.80 44.71 8.92
N LEU J 284 -7.27 45.25 10.02
CA LEU J 284 -7.39 46.68 10.25
C LEU J 284 -6.68 47.47 9.18
N GLN J 285 -5.48 47.06 8.79
CA GLN J 285 -4.75 47.80 7.77
C GLN J 285 -5.52 47.84 6.46
N VAL J 286 -6.11 46.72 6.06
CA VAL J 286 -6.74 46.65 4.75
C VAL J 286 -8.01 47.50 4.71
N HIS J 287 -8.99 47.16 5.55
CA HIS J 287 -10.33 47.71 5.35
C HIS J 287 -10.39 49.18 5.75
N ARG J 288 -10.22 49.46 7.04
CA ARG J 288 -9.98 50.81 7.51
C ARG J 288 -11.22 51.72 7.43
N GLU J 289 -12.30 51.24 6.83
CA GLU J 289 -13.54 52.01 6.86
C GLU J 289 -14.42 51.59 8.04
N VAL J 290 -14.00 50.57 8.79
CA VAL J 290 -14.75 50.15 9.96
C VAL J 290 -14.39 50.96 11.20
N ILE J 291 -13.36 51.79 11.12
CA ILE J 291 -13.01 52.71 12.19
C ILE J 291 -12.80 54.08 11.56
N PRO J 292 -13.88 54.76 11.16
CA PRO J 292 -13.70 56.07 10.49
C PRO J 292 -13.01 57.11 11.35
N THR J 293 -13.23 57.07 12.66
CA THR J 293 -12.66 58.09 13.54
C THR J 293 -11.17 57.87 13.69
N HIS J 294 -10.40 58.95 13.54
CA HIS J 294 -8.96 58.85 13.60
C HIS J 294 -8.48 58.49 15.01
N THR J 295 -9.10 59.05 16.03
CA THR J 295 -8.57 58.89 17.38
C THR J 295 -8.59 57.42 17.81
N VAL J 296 -9.69 56.74 17.57
CA VAL J 296 -9.80 55.34 17.98
C VAL J 296 -8.79 54.48 17.21
N TYR J 297 -8.68 54.69 15.90
CA TYR J 297 -7.80 53.87 15.09
C TYR J 297 -6.34 54.09 15.43
N ALA J 298 -5.91 55.35 15.49
CA ALA J 298 -4.49 55.65 15.60
C ALA J 298 -3.90 55.13 16.90
N LEU J 299 -4.63 55.30 18.01
CA LEU J 299 -4.09 54.92 19.30
C LEU J 299 -4.07 53.40 19.46
N ASN J 300 -5.03 52.71 18.86
CA ASN J 300 -5.14 51.27 19.08
C ASN J 300 -4.26 50.49 18.12
N ILE J 301 -3.99 51.03 16.93
CA ILE J 301 -3.13 50.33 15.99
C ILE J 301 -1.72 50.20 16.56
N GLU J 302 -1.21 51.27 17.18
CA GLU J 302 0.10 51.22 17.80
C GLU J 302 0.14 50.18 18.91
N ARG J 303 -0.90 50.14 19.75
CA ARG J 303 -0.97 49.10 20.77
C ARG J 303 -0.92 47.71 20.14
N ILE J 304 -1.70 47.49 19.09
CA ILE J 304 -1.72 46.18 18.44
C ILE J 304 -0.34 45.80 17.95
N ILE J 305 0.40 46.77 17.41
CA ILE J 305 1.74 46.45 16.91
C ILE J 305 2.61 45.86 18.01
N THR J 306 2.51 46.39 19.23
CA THR J 306 3.43 45.98 20.29
C THR J 306 3.05 44.63 20.89
N LYS J 307 1.99 44.01 20.41
CA LYS J 307 1.60 42.68 20.87
C LYS J 307 1.79 41.60 19.82
N LEU J 308 2.43 41.92 18.70
CA LEU J 308 2.77 40.89 17.74
C LEU J 308 3.85 39.98 18.31
N TRP J 309 3.71 38.67 18.10
CA TRP J 309 4.62 37.71 18.70
C TRP J 309 4.48 36.38 17.97
N HIS J 310 5.59 35.66 17.90
CA HIS J 310 5.61 34.30 17.40
C HIS J 310 6.79 33.57 18.02
N PRO J 311 6.64 32.29 18.35
CA PRO J 311 7.71 31.58 19.07
C PRO J 311 8.98 31.52 18.24
N ASN J 312 10.12 31.69 18.91
CA ASN J 312 11.40 31.65 18.22
C ASN J 312 11.97 30.23 18.22
N HIS J 313 13.19 30.11 17.69
CA HIS J 313 13.76 28.79 17.41
C HIS J 313 13.79 27.91 18.65
N GLU J 314 14.24 28.47 19.77
CA GLU J 314 14.41 27.67 20.98
C GLU J 314 13.10 27.10 21.47
N GLU J 315 12.05 27.91 21.49
CA GLU J 315 10.75 27.40 21.94
C GLU J 315 10.27 26.25 21.07
N LEU J 316 10.48 26.35 19.76
CA LEU J 316 10.11 25.25 18.88
C LEU J 316 10.94 24.02 19.17
N GLN J 317 12.22 24.20 19.52
CA GLN J 317 13.03 23.04 19.92
C GLN J 317 12.44 22.35 21.14
N GLN J 318 12.01 23.11 22.13
CA GLN J 318 11.41 22.51 23.31
C GLN J 318 10.09 21.82 22.97
N ASP J 319 9.32 22.38 22.03
CA ASP J 319 8.13 21.68 21.56
C ASP J 319 8.49 20.33 20.96
N LYS J 320 9.55 20.31 20.13
CA LYS J 320 10.05 19.04 19.59
C LYS J 320 10.35 18.05 20.71
N VAL J 321 11.11 18.48 21.70
CA VAL J 321 11.51 17.57 22.78
C VAL J 321 10.29 17.06 23.52
N HIS J 322 9.35 17.94 23.86
CA HIS J 322 8.18 17.49 24.60
C HIS J 322 7.35 16.52 23.79
N ARG J 323 7.29 16.70 22.46
CA ARG J 323 6.57 15.75 21.63
C ARG J 323 7.26 14.39 21.66
N GLN J 324 8.59 14.37 21.59
CA GLN J 324 9.29 13.10 21.73
C GLN J 324 8.95 12.44 23.06
N ARG J 325 8.94 13.23 24.13
CA ARG J 325 8.65 12.68 25.46
C ARG J 325 7.26 12.06 25.51
N LEU J 326 6.25 12.77 25.03
CA LEU J 326 4.89 12.24 25.07
C LEU J 326 4.77 10.99 24.21
N ALA J 327 5.37 11.00 23.02
CA ALA J 327 5.33 9.81 22.18
C ALA J 327 5.96 8.63 22.89
N ALA J 328 7.10 8.83 23.54
CA ALA J 328 7.75 7.74 24.27
C ALA J 328 6.85 7.21 25.39
N LYS J 329 6.36 8.10 26.26
CA LYS J 329 5.54 7.65 27.36
C LYS J 329 4.24 7.02 26.88
N GLU J 330 3.88 7.25 25.61
CA GLU J 330 2.81 6.46 25.02
C GLU J 330 3.36 5.22 24.33
N GLY J 331 4.54 5.34 23.72
CA GLY J 331 5.18 4.20 23.08
C GLY J 331 4.95 4.16 21.58
N LEU K 507 -1.98 96.46 -4.80
CA LEU K 507 -1.61 95.34 -5.64
C LEU K 507 -0.64 94.42 -4.92
N ASP K 508 -0.84 94.26 -3.62
CA ASP K 508 -0.06 93.33 -2.81
C ASP K 508 -0.98 92.27 -2.24
N CYS K 509 -0.49 91.04 -2.23
CA CYS K 509 -1.25 89.95 -1.61
C CYS K 509 -1.32 90.17 -0.10
N HIS K 510 -2.54 90.18 0.42
CA HIS K 510 -2.73 90.42 1.84
C HIS K 510 -1.94 89.39 2.64
N TYR K 511 -1.28 89.85 3.70
CA TYR K 511 -0.45 88.99 4.52
C TYR K 511 -0.56 89.41 5.98
N SER K 512 -0.29 88.46 6.87
CA SER K 512 -0.33 88.70 8.30
C SER K 512 1.07 88.49 8.88
N GLY K 513 1.25 88.95 10.12
CA GLY K 513 2.53 88.86 10.78
C GLY K 513 2.76 87.60 11.59
N HIS K 514 1.84 86.65 11.57
N HIS K 514 1.81 86.66 11.56
CA HIS K 514 2.01 85.43 12.33
CA HIS K 514 1.86 85.44 12.34
C HIS K 514 1.49 84.24 11.52
C HIS K 514 1.52 84.24 11.46
N HIS K 515 2.10 83.09 11.81
CA HIS K 515 1.73 81.87 11.11
C HIS K 515 0.28 81.52 11.42
N PRO K 516 -0.48 81.02 10.45
CA PRO K 516 -1.90 80.76 10.70
C PRO K 516 -2.10 79.57 11.64
N GLN K 517 -3.26 79.53 12.27
CA GLN K 517 -3.62 78.48 13.20
C GLN K 517 -4.99 77.93 12.84
N PRO K 518 -5.23 76.64 13.05
CA PRO K 518 -6.53 76.07 12.73
C PRO K 518 -7.59 76.45 13.75
N ALA K 519 -8.79 76.75 13.24
CA ALA K 519 -9.88 77.14 14.13
C ALA K 519 -10.20 76.03 15.11
N SER K 520 -10.31 74.80 14.62
CA SER K 520 -10.53 73.64 15.46
C SER K 520 -9.71 72.49 14.90
N PHE K 521 -9.09 71.71 15.78
CA PHE K 521 -8.17 70.65 15.39
C PHE K 521 -8.52 69.38 16.13
N CYS K 522 -7.66 68.37 15.99
CA CYS K 522 -7.93 67.07 16.56
C CYS K 522 -7.00 66.71 17.70
N THR K 523 -7.41 67.01 18.93
CA THR K 523 -6.81 66.37 20.08
C THR K 523 -7.14 64.89 20.06
N PHE K 524 -6.26 64.08 20.62
CA PHE K 524 -6.41 62.62 20.56
C PHE K 524 -7.19 62.08 21.74
N GLY K 525 -8.10 62.89 22.29
CA GLY K 525 -8.85 62.47 23.46
C GLY K 525 -8.04 62.55 24.72
N SER K 526 -7.00 63.37 24.71
CA SER K 526 -6.09 63.47 25.84
C SER K 526 -6.67 64.39 26.91
N ARG K 527 -6.20 64.18 28.15
CA ARG K 527 -6.57 65.01 29.28
C ARG K 527 -5.33 65.24 30.13
N GLN K 528 -5.20 66.43 30.69
CA GLN K 528 -4.02 66.78 31.46
C GLN K 528 -4.29 66.55 32.95
N ILE K 529 -3.51 65.66 33.57
CA ILE K 529 -3.78 65.29 34.96
C ILE K 529 -3.42 66.44 35.89
N GLY K 530 -2.15 66.78 35.97
CA GLY K 530 -1.68 67.78 36.91
C GLY K 530 -0.94 68.90 36.21
N ARG K 531 0.33 69.05 36.55
CA ARG K 531 1.23 69.97 35.86
C ARG K 531 2.17 69.11 35.03
N GLY K 532 2.22 69.37 33.72
CA GLY K 532 3.16 68.70 32.86
C GLY K 532 2.97 67.20 32.75
N TYR K 533 1.73 66.74 32.67
CA TYR K 533 1.49 65.33 32.41
C TYR K 533 0.12 65.16 31.76
N TYR K 534 0.09 64.37 30.68
CA TYR K 534 -1.12 64.14 29.91
C TYR K 534 -1.39 62.64 29.83
N VAL K 535 -2.66 62.29 29.74
CA VAL K 535 -3.09 60.91 29.60
C VAL K 535 -4.08 60.83 28.45
N PHE K 536 -4.42 59.61 28.08
CA PHE K 536 -5.40 59.36 27.03
C PHE K 536 -6.52 58.43 27.45
N ASP K 537 -6.22 57.42 28.27
CA ASP K 537 -7.23 56.57 28.86
C ASP K 537 -7.57 57.09 30.25
N SER K 538 -8.86 57.02 30.60
CA SER K 538 -9.28 57.45 31.92
C SER K 538 -9.14 56.30 32.91
N ARG K 539 -7.91 55.92 33.22
CA ARG K 539 -7.63 54.82 34.13
C ARG K 539 -7.02 55.27 35.44
N TRP K 540 -6.35 56.42 35.44
CA TRP K 540 -5.73 56.96 36.64
C TRP K 540 -6.66 57.86 37.43
N ASN K 541 -7.94 57.96 37.07
CA ASN K 541 -8.83 58.86 37.77
C ASN K 541 -8.98 58.49 39.23
N ARG K 542 -9.31 57.22 39.50
CA ARG K 542 -9.46 56.75 40.88
C ARG K 542 -8.19 56.96 41.69
N LEU K 543 -7.06 56.52 41.14
CA LEU K 543 -5.80 56.61 41.87
C LEU K 543 -5.39 58.04 42.11
N ARG K 544 -5.65 58.93 41.14
CA ARG K 544 -5.28 60.33 41.32
C ARG K 544 -6.10 60.97 42.44
N CYS K 545 -7.40 60.69 42.48
CA CYS K 545 -8.20 61.17 43.59
C CYS K 545 -7.66 60.67 44.92
N ALA K 546 -7.36 59.37 45.00
CA ALA K 546 -6.84 58.84 46.26
C ALA K 546 -5.56 59.53 46.68
N LEU K 547 -4.60 59.63 45.77
CA LEU K 547 -3.31 60.22 46.11
C LEU K 547 -3.44 61.69 46.51
N ASN K 548 -4.32 62.42 45.83
CA ASN K 548 -4.50 63.83 46.16
C ASN K 548 -4.97 63.99 47.60
N LEU K 549 -5.95 63.18 48.00
CA LEU K 549 -6.41 63.22 49.39
C LEU K 549 -5.29 62.84 50.35
N MET K 550 -4.51 61.81 50.02
CA MET K 550 -3.41 61.45 50.91
C MET K 550 -2.47 62.62 51.12
N VAL K 551 -2.10 63.31 50.04
CA VAL K 551 -1.15 64.42 50.18
C VAL K 551 -1.79 65.58 50.92
N GLU K 552 -3.07 65.85 50.65
CA GLU K 552 -3.80 66.84 51.41
C GLU K 552 -3.66 66.59 52.91
N LYS K 553 -4.04 65.39 53.36
CA LYS K 553 -3.94 65.09 54.79
C LYS K 553 -2.51 65.15 55.29
N HIS K 554 -1.57 64.57 54.56
CA HIS K 554 -0.18 64.59 55.02
C HIS K 554 0.34 66.02 55.14
N LEU K 555 -0.25 66.95 54.39
CA LEU K 555 0.09 68.35 54.58
C LEU K 555 -0.60 68.93 55.80
N ASN K 556 -1.84 68.52 56.06
CA ASN K 556 -2.56 69.05 57.20
C ASN K 556 -1.85 68.75 58.51
N ALA K 557 -1.32 67.53 58.67
CA ALA K 557 -0.81 67.09 59.96
C ALA K 557 0.48 67.79 60.36
N GLN K 558 1.29 68.26 59.40
CA GLN K 558 2.57 68.85 59.77
C GLN K 558 2.39 70.16 60.51
N LEU K 559 1.23 70.79 60.40
CA LEU K 559 0.93 72.00 61.16
C LEU K 559 0.54 71.67 62.59
N MET L 1 78.13 23.13 5.00
CA MET L 1 78.61 22.04 5.83
C MET L 1 78.55 20.74 5.03
N PHE L 2 79.69 20.36 4.45
CA PHE L 2 79.83 19.09 3.77
C PHE L 2 80.56 18.11 4.68
N LEU L 3 80.04 16.89 4.75
CA LEU L 3 80.59 15.87 5.64
C LEU L 3 81.19 14.72 4.83
N TYR L 4 81.84 13.81 5.56
CA TYR L 4 82.58 12.71 4.96
C TYR L 4 82.58 11.58 5.97
N ASN L 5 81.91 10.48 5.62
CA ASN L 5 81.74 9.37 6.55
C ASN L 5 82.89 8.39 6.42
N LEU L 6 83.28 7.81 7.55
CA LEU L 6 84.27 6.74 7.58
C LEU L 6 83.93 5.79 8.70
N THR L 7 84.34 4.53 8.55
CA THR L 7 84.14 3.53 9.59
C THR L 7 85.49 3.21 10.23
N LEU L 8 85.49 3.15 11.56
CA LEU L 8 86.68 2.82 12.33
C LEU L 8 86.64 1.40 12.87
N GLN L 9 85.48 0.97 13.36
CA GLN L 9 85.26 -0.41 13.81
C GLN L 9 84.06 -0.93 13.05
N ARG L 10 84.30 -1.83 12.11
CA ARG L 10 83.21 -2.39 11.33
C ARG L 10 82.29 -3.23 12.21
N ALA L 11 81.07 -3.44 11.73
CA ALA L 11 80.05 -4.12 12.52
C ALA L 11 80.51 -5.52 12.91
N THR L 12 80.35 -5.85 14.19
CA THR L 12 80.78 -7.14 14.72
C THR L 12 79.65 -8.14 14.89
N GLY L 13 78.39 -7.69 14.86
CA GLY L 13 77.29 -8.62 14.99
C GLY L 13 77.08 -9.43 13.72
N ILE L 14 76.85 -10.73 13.90
CA ILE L 14 76.72 -11.66 12.79
C ILE L 14 75.24 -11.95 12.55
N SER L 15 74.80 -11.78 11.30
CA SER L 15 73.45 -12.14 10.90
C SER L 15 73.37 -13.49 10.19
N PHE L 16 74.43 -13.90 9.48
CA PHE L 16 74.41 -15.20 8.83
C PHE L 16 75.79 -15.82 8.89
N ALA L 17 75.84 -17.14 8.68
CA ALA L 17 77.09 -17.88 8.77
C ALA L 17 76.96 -19.20 8.04
N ILE L 18 77.72 -19.38 6.96
CA ILE L 18 77.77 -20.63 6.23
C ILE L 18 79.21 -21.11 6.23
N HIS L 19 79.39 -22.39 5.93
CA HIS L 19 80.72 -23.00 5.91
C HIS L 19 80.86 -23.86 4.66
N GLY L 20 82.11 -24.01 4.22
CA GLY L 20 82.37 -24.83 3.06
C GLY L 20 83.77 -24.61 2.53
N ASN L 21 84.06 -25.29 1.42
CA ASN L 21 85.36 -25.19 0.76
C ASN L 21 85.35 -24.02 -0.21
N PHE L 22 85.30 -22.81 0.36
CA PHE L 22 85.23 -21.60 -0.45
C PHE L 22 86.57 -21.30 -1.11
N SER L 23 87.67 -21.75 -0.51
CA SER L 23 88.99 -21.55 -1.09
C SER L 23 89.32 -22.56 -2.17
N GLY L 24 88.53 -23.63 -2.31
CA GLY L 24 88.79 -24.64 -3.31
C GLY L 24 89.76 -25.71 -2.89
N THR L 25 90.10 -25.79 -1.62
CA THR L 25 91.04 -26.77 -1.10
C THR L 25 90.34 -27.66 -0.07
N LYS L 26 91.14 -28.45 0.65
CA LYS L 26 90.61 -29.27 1.73
C LYS L 26 90.17 -28.42 2.92
N GLN L 27 90.71 -27.22 3.07
CA GLN L 27 90.39 -26.37 4.20
C GLN L 27 88.96 -25.85 4.12
N GLN L 28 88.27 -25.84 5.25
CA GLN L 28 86.91 -25.32 5.34
C GLN L 28 86.95 -23.91 5.92
N GLU L 29 86.27 -22.99 5.26
CA GLU L 29 86.14 -21.61 5.72
C GLU L 29 84.68 -21.31 6.05
N ILE L 30 84.48 -20.19 6.74
CA ILE L 30 83.17 -19.76 7.21
C ILE L 30 82.90 -18.38 6.61
N VAL L 31 81.99 -18.31 5.65
CA VAL L 31 81.52 -17.05 5.12
C VAL L 31 80.39 -16.56 6.03
N VAL L 32 80.68 -15.54 6.81
CA VAL L 32 79.67 -14.93 7.66
C VAL L 32 79.22 -13.62 7.04
N SER L 33 78.01 -13.22 7.39
CA SER L 33 77.45 -11.94 7.00
C SER L 33 77.12 -11.17 8.26
N ARG L 34 77.84 -10.06 8.47
CA ARG L 34 77.39 -9.00 9.35
C ARG L 34 76.20 -8.31 8.65
N GLY L 35 75.83 -7.14 9.15
CA GLY L 35 74.70 -6.42 8.56
C GLY L 35 74.89 -6.12 7.09
N LYS L 36 75.79 -5.19 6.79
CA LYS L 36 76.05 -4.73 5.43
C LYS L 36 77.45 -5.09 4.95
N ILE L 37 78.06 -6.12 5.54
CA ILE L 37 79.44 -6.49 5.26
C ILE L 37 79.52 -8.00 5.12
N LEU L 38 80.06 -8.46 3.99
CA LEU L 38 80.31 -9.88 3.79
C LEU L 38 81.75 -10.18 4.23
N GLU L 39 81.93 -11.25 4.99
CA GLU L 39 83.22 -11.52 5.61
C GLU L 39 83.56 -13.00 5.48
N LEU L 40 84.82 -13.27 5.15
CA LEU L 40 85.33 -14.64 5.01
C LEU L 40 86.34 -14.91 6.11
N LEU L 41 86.00 -15.88 6.98
CA LEU L 41 86.82 -16.27 8.11
C LEU L 41 87.37 -17.68 7.90
N ARG L 42 88.48 -17.97 8.56
CA ARG L 42 89.13 -19.28 8.49
C ARG L 42 89.48 -19.77 9.89
N PRO L 43 88.78 -20.77 10.42
CA PRO L 43 89.18 -21.36 11.70
C PRO L 43 90.33 -22.33 11.51
N ASP L 44 91.37 -22.18 12.33
CA ASP L 44 92.57 -22.99 12.21
C ASP L 44 92.40 -24.30 12.96
N PRO L 45 92.54 -25.46 12.30
CA PRO L 45 92.49 -26.73 13.04
C PRO L 45 93.67 -26.93 13.98
N ASN L 46 94.74 -26.14 13.85
CA ASN L 46 95.92 -26.29 14.70
C ASN L 46 95.78 -25.45 15.97
N THR L 47 95.82 -24.11 15.82
CA THR L 47 95.75 -23.23 16.97
C THR L 47 94.31 -22.97 17.44
N GLY L 48 93.31 -23.30 16.62
CA GLY L 48 91.94 -23.12 17.03
C GLY L 48 91.48 -21.68 17.08
N LYS L 49 92.13 -20.79 16.34
CA LYS L 49 91.75 -19.38 16.29
C LYS L 49 91.07 -19.06 14.97
N VAL L 50 90.15 -18.11 15.00
CA VAL L 50 89.40 -17.68 13.83
C VAL L 50 90.04 -16.40 13.30
N HIS L 51 90.59 -16.46 12.10
CA HIS L 51 91.21 -15.32 11.44
C HIS L 51 90.30 -14.83 10.33
N THR L 52 90.18 -13.50 10.22
CA THR L 52 89.36 -12.89 9.17
C THR L 52 90.19 -12.81 7.90
N LEU L 53 89.92 -13.72 6.97
CA LEU L 53 90.64 -13.71 5.70
C LEU L 53 90.27 -12.49 4.86
N LEU L 54 88.98 -12.19 4.75
CA LEU L 54 88.54 -11.11 3.89
C LEU L 54 87.34 -10.41 4.52
N THR L 55 87.19 -9.12 4.20
CA THR L 55 86.05 -8.36 4.67
C THR L 55 85.72 -7.29 3.64
N VAL L 56 84.54 -7.38 3.05
CA VAL L 56 84.12 -6.50 1.95
C VAL L 56 82.80 -5.85 2.36
N GLU L 57 82.71 -4.54 2.14
CA GLU L 57 81.49 -3.78 2.40
C GLU L 57 80.61 -3.84 1.15
N VAL L 58 79.40 -4.37 1.30
CA VAL L 58 78.52 -4.60 0.14
C VAL L 58 77.55 -3.45 -0.11
N PHE L 59 77.47 -2.47 0.80
CA PHE L 59 76.61 -1.30 0.62
C PHE L 59 75.17 -1.72 0.31
N GLY L 60 74.67 -2.64 1.12
CA GLY L 60 73.32 -3.14 0.93
C GLY L 60 72.92 -4.05 2.09
N VAL L 61 71.63 -4.33 2.15
CA VAL L 61 71.07 -5.13 3.24
C VAL L 61 71.09 -6.60 2.81
N ILE L 62 71.94 -7.39 3.45
CA ILE L 62 71.99 -8.83 3.19
C ILE L 62 70.87 -9.49 3.97
N ARG L 63 70.03 -10.25 3.27
CA ARG L 63 68.86 -10.88 3.88
C ARG L 63 68.89 -12.40 3.84
N SER L 64 69.74 -13.01 3.03
CA SER L 64 69.83 -14.46 2.95
C SER L 64 71.19 -14.84 2.37
N LEU L 65 71.76 -15.93 2.88
CA LEU L 65 73.11 -16.33 2.50
C LEU L 65 73.17 -17.85 2.39
N MET L 66 73.51 -18.35 1.20
CA MET L 66 73.58 -19.79 0.96
C MET L 66 74.83 -20.11 0.15
N ALA L 67 75.29 -21.35 0.28
CA ALA L 67 76.40 -21.86 -0.51
C ALA L 67 75.96 -23.14 -1.21
N PHE L 68 76.58 -23.41 -2.36
CA PHE L 68 76.25 -24.60 -3.12
C PHE L 68 77.49 -25.09 -3.87
N ARG L 69 77.36 -26.25 -4.50
CA ARG L 69 78.42 -26.85 -5.28
C ARG L 69 77.82 -27.69 -6.39
N LEU L 70 78.37 -27.57 -7.58
CA LEU L 70 77.91 -28.37 -8.70
C LEU L 70 78.42 -29.80 -8.57
N THR L 71 77.78 -30.70 -9.33
CA THR L 71 78.19 -32.09 -9.32
C THR L 71 79.64 -32.22 -9.77
N GLY L 72 80.39 -33.07 -9.09
CA GLY L 72 81.81 -33.21 -9.36
C GLY L 72 82.64 -31.99 -9.03
N GLY L 73 82.06 -30.99 -8.38
CA GLY L 73 82.79 -29.78 -8.08
C GLY L 73 83.70 -29.93 -6.87
N THR L 74 84.63 -28.98 -6.75
CA THR L 74 85.57 -28.95 -5.66
C THR L 74 85.63 -27.59 -4.97
N LYS L 75 84.69 -26.69 -5.29
CA LYS L 75 84.71 -25.34 -4.76
C LYS L 75 83.28 -24.85 -4.61
N ASP L 76 82.99 -24.23 -3.48
CA ASP L 76 81.64 -23.78 -3.15
C ASP L 76 81.46 -22.32 -3.53
N TYR L 77 80.37 -22.02 -4.24
CA TYR L 77 80.02 -20.66 -4.57
C TYR L 77 79.17 -20.05 -3.45
N ILE L 78 78.81 -18.78 -3.60
CA ILE L 78 78.10 -18.04 -2.56
C ILE L 78 76.95 -17.28 -3.21
N VAL L 79 75.72 -17.76 -2.99
CA VAL L 79 74.53 -17.05 -3.46
C VAL L 79 74.07 -16.11 -2.36
N VAL L 80 73.84 -14.85 -2.72
CA VAL L 80 73.51 -13.81 -1.75
C VAL L 80 72.18 -13.16 -2.13
N GLY L 81 71.18 -13.30 -1.26
CA GLY L 81 69.94 -12.57 -1.41
C GLY L 81 70.00 -11.23 -0.69
N SER L 82 69.83 -10.15 -1.43
CA SER L 82 70.07 -8.80 -0.91
C SER L 82 68.78 -7.98 -0.95
N ASP L 83 68.89 -6.74 -0.51
CA ASP L 83 67.82 -5.75 -0.65
C ASP L 83 67.79 -5.12 -2.03
N SER L 84 68.71 -5.49 -2.90
CA SER L 84 68.61 -5.13 -4.30
C SER L 84 67.56 -6.02 -4.99
N GLY L 85 67.17 -5.61 -6.19
CA GLY L 85 66.26 -6.42 -6.98
C GLY L 85 67.00 -7.48 -7.77
N ARG L 86 68.19 -7.86 -7.28
CA ARG L 86 69.08 -8.75 -8.01
C ARG L 86 69.55 -9.89 -7.11
N ILE L 87 69.81 -11.03 -7.73
CA ILE L 87 70.47 -12.16 -7.09
C ILE L 87 71.89 -12.26 -7.62
N VAL L 88 72.83 -12.54 -6.74
CA VAL L 88 74.25 -12.55 -7.10
C VAL L 88 74.87 -13.87 -6.63
N ILE L 89 75.68 -14.47 -7.52
CA ILE L 89 76.47 -15.64 -7.20
C ILE L 89 77.94 -15.25 -7.27
N LEU L 90 78.67 -15.51 -6.19
CA LEU L 90 80.04 -15.06 -5.99
C LEU L 90 80.97 -16.25 -5.83
N GLU L 91 82.25 -16.01 -6.13
CA GLU L 91 83.30 -17.01 -6.00
C GLU L 91 84.51 -16.36 -5.37
N TYR L 92 84.98 -16.91 -4.25
CA TYR L 92 86.17 -16.39 -3.60
C TYR L 92 87.42 -16.82 -4.35
N GLN L 93 88.37 -15.91 -4.48
CA GLN L 93 89.63 -16.18 -5.16
C GLN L 93 90.78 -16.06 -4.19
N PRO L 94 91.45 -17.17 -3.81
CA PRO L 94 92.53 -17.06 -2.83
C PRO L 94 93.76 -16.34 -3.37
N SER L 95 94.04 -16.45 -4.67
CA SER L 95 95.22 -15.79 -5.23
C SER L 95 95.06 -14.28 -5.23
N LYS L 96 93.83 -13.77 -5.31
CA LYS L 96 93.57 -12.34 -5.32
C LYS L 96 92.89 -11.84 -4.06
N ASN L 97 92.45 -12.73 -3.18
CA ASN L 97 91.78 -12.38 -1.92
C ASN L 97 90.64 -11.39 -2.18
N MET L 98 89.66 -11.85 -2.95
CA MET L 98 88.52 -11.03 -3.29
C MET L 98 87.37 -11.93 -3.73
N PHE L 99 86.15 -11.42 -3.58
CA PHE L 99 84.95 -12.10 -4.04
C PHE L 99 84.71 -11.71 -5.50
N GLU L 100 84.86 -12.66 -6.41
CA GLU L 100 84.57 -12.43 -7.81
C GLU L 100 83.09 -12.68 -8.06
N LYS L 101 82.38 -11.63 -8.45
CA LYS L 101 80.96 -11.75 -8.76
C LYS L 101 80.80 -12.55 -10.05
N ILE L 102 80.35 -13.81 -9.92
CA ILE L 102 80.20 -14.65 -11.10
C ILE L 102 78.93 -14.30 -11.85
N HIS L 103 77.82 -14.14 -11.14
CA HIS L 103 76.55 -13.85 -11.81
C HIS L 103 75.75 -12.83 -11.01
N GLN L 104 74.88 -12.12 -11.72
CA GLN L 104 74.01 -11.12 -11.12
C GLN L 104 72.81 -10.92 -12.05
N GLU L 105 71.62 -11.25 -11.59
CA GLU L 105 70.41 -11.17 -12.38
C GLU L 105 69.39 -10.26 -11.71
N THR L 106 68.70 -9.46 -12.52
CA THR L 106 67.83 -8.39 -12.04
C THR L 106 66.37 -8.80 -12.24
N PHE L 107 65.62 -8.89 -11.14
CA PHE L 107 64.23 -9.33 -11.21
C PHE L 107 63.23 -8.38 -10.56
N GLY L 108 63.64 -7.53 -9.63
CA GLY L 108 62.69 -6.68 -8.94
C GLY L 108 63.22 -5.32 -8.56
N LYS L 109 62.50 -4.62 -7.67
CA LYS L 109 62.90 -3.30 -7.20
C LYS L 109 63.80 -3.42 -5.96
N SER L 110 64.35 -2.29 -5.55
CA SER L 110 65.30 -2.24 -4.45
C SER L 110 64.58 -2.03 -3.12
N GLY L 111 65.17 -2.56 -2.06
CA GLY L 111 64.64 -2.47 -0.72
C GLY L 111 64.22 -3.82 -0.18
N CYS L 112 64.00 -3.84 1.14
CA CYS L 112 63.47 -5.03 1.81
C CYS L 112 61.95 -5.04 1.65
N ARG L 113 61.53 -5.32 0.42
CA ARG L 113 60.13 -5.17 0.05
C ARG L 113 59.32 -6.41 0.43
N ARG L 114 58.00 -6.25 0.40
CA ARG L 114 57.08 -7.32 0.78
C ARG L 114 57.07 -8.42 -0.26
N ILE L 115 56.90 -8.07 -1.54
CA ILE L 115 56.66 -9.04 -2.59
C ILE L 115 57.83 -9.13 -3.57
N VAL L 116 58.95 -8.50 -3.27
CA VAL L 116 60.15 -8.57 -4.11
C VAL L 116 61.09 -9.61 -3.49
N PRO L 117 61.49 -10.64 -4.22
CA PRO L 117 62.32 -11.69 -3.64
C PRO L 117 63.65 -11.16 -3.13
N GLY L 118 64.28 -11.94 -2.25
CA GLY L 118 65.54 -11.56 -1.66
C GLY L 118 65.62 -11.86 -0.18
N GLN L 119 64.47 -12.16 0.44
CA GLN L 119 64.47 -12.47 1.86
C GLN L 119 64.79 -13.94 2.11
N PHE L 120 64.32 -14.83 1.24
CA PHE L 120 64.53 -16.26 1.41
C PHE L 120 65.32 -16.82 0.23
N LEU L 121 66.12 -17.84 0.52
CA LEU L 121 67.06 -18.39 -0.46
C LEU L 121 67.29 -19.86 -0.10
N ALA L 122 66.86 -20.76 -0.96
CA ALA L 122 67.05 -22.19 -0.76
C ALA L 122 67.65 -22.80 -2.02
N VAL L 123 68.60 -23.71 -1.84
CA VAL L 123 69.33 -24.26 -2.97
C VAL L 123 69.17 -25.77 -2.99
N ASP L 124 69.12 -26.34 -4.18
CA ASP L 124 69.10 -27.78 -4.34
C ASP L 124 70.42 -28.37 -3.86
N PRO L 125 70.39 -29.40 -2.99
CA PRO L 125 71.64 -29.93 -2.43
C PRO L 125 72.63 -30.48 -3.46
N LYS L 126 72.20 -30.69 -4.71
CA LYS L 126 73.13 -31.08 -5.77
C LYS L 126 73.57 -29.89 -6.62
N GLY L 127 73.14 -28.67 -6.26
CA GLY L 127 73.57 -27.47 -6.96
C GLY L 127 72.95 -27.25 -8.31
N ARG L 128 71.87 -27.95 -8.65
CA ARG L 128 71.29 -27.84 -9.98
C ARG L 128 70.40 -26.62 -10.12
N ALA L 129 69.82 -26.13 -9.03
CA ALA L 129 68.91 -24.99 -9.10
C ALA L 129 68.92 -24.24 -7.78
N VAL L 130 68.63 -22.94 -7.87
CA VAL L 130 68.54 -22.06 -6.71
C VAL L 130 67.18 -21.36 -6.76
N MET L 131 66.57 -21.20 -5.60
CA MET L 131 65.26 -20.58 -5.47
C MET L 131 65.35 -19.39 -4.53
N ILE L 132 65.08 -18.20 -5.05
CA ILE L 132 65.03 -16.98 -4.26
C ILE L 132 63.58 -16.53 -4.18
N SER L 133 63.12 -16.22 -2.96
CA SER L 133 61.71 -15.95 -2.76
C SER L 133 61.53 -14.81 -1.78
N ALA L 134 60.42 -14.07 -1.95
CA ALA L 134 60.04 -13.00 -1.07
C ALA L 134 59.24 -13.55 0.11
N ILE L 135 58.85 -12.65 1.01
CA ILE L 135 58.01 -13.07 2.13
C ILE L 135 56.61 -13.41 1.64
N GLU L 136 56.16 -12.78 0.54
CA GLU L 136 54.79 -12.96 0.07
C GLU L 136 54.73 -12.93 -1.45
N LYS L 137 54.11 -13.98 -2.02
CA LYS L 137 53.46 -13.96 -3.33
C LYS L 137 54.42 -14.17 -4.50
N GLN L 138 55.72 -13.97 -4.32
CA GLN L 138 56.66 -14.06 -5.44
C GLN L 138 57.78 -15.02 -5.11
N LYS L 139 58.08 -15.92 -6.05
CA LYS L 139 59.11 -16.94 -5.91
C LYS L 139 59.73 -17.17 -7.29
N LEU L 140 61.05 -17.18 -7.37
CA LEU L 140 61.77 -17.36 -8.63
C LEU L 140 62.81 -18.45 -8.47
N VAL L 141 63.02 -19.20 -9.56
CA VAL L 141 63.94 -20.33 -9.58
C VAL L 141 64.85 -20.21 -10.78
N TYR L 142 66.16 -20.22 -10.54
CA TYR L 142 67.17 -20.24 -11.59
C TYR L 142 67.83 -21.61 -11.62
N ILE L 143 68.28 -22.01 -12.83
CA ILE L 143 68.93 -23.29 -13.03
C ILE L 143 70.42 -23.04 -13.24
N LEU L 144 71.25 -23.84 -12.59
CA LEU L 144 72.70 -23.65 -12.58
C LEU L 144 73.36 -24.80 -13.34
N ASN L 145 74.09 -24.46 -14.40
CA ASN L 145 74.78 -25.46 -15.22
C ASN L 145 76.11 -24.88 -15.68
N ARG L 146 77.17 -25.67 -15.56
CA ARG L 146 78.50 -25.23 -15.99
C ARG L 146 78.70 -25.52 -17.47
N ASP L 147 79.48 -24.66 -18.13
CA ASP L 147 79.75 -24.79 -19.55
C ASP L 147 80.96 -25.69 -19.77
N ALA L 148 81.47 -25.72 -21.01
CA ALA L 148 82.62 -26.56 -21.33
C ALA L 148 83.87 -26.09 -20.62
N ALA L 149 84.00 -24.78 -20.38
CA ALA L 149 85.14 -24.22 -19.65
C ALA L 149 85.00 -24.37 -18.14
N ALA L 150 84.04 -25.17 -17.67
CA ALA L 150 83.80 -25.45 -16.26
C ALA L 150 83.41 -24.20 -15.48
N ARG L 151 82.92 -23.17 -16.15
CA ARG L 151 82.46 -21.96 -15.47
C ARG L 151 80.95 -22.05 -15.24
N LEU L 152 80.53 -21.64 -14.04
CA LEU L 152 79.12 -21.67 -13.69
C LEU L 152 78.30 -20.77 -14.61
N THR L 153 77.15 -21.27 -15.06
CA THR L 153 76.22 -20.51 -15.86
C THR L 153 74.84 -20.56 -15.24
N ILE L 154 74.10 -19.46 -15.38
CA ILE L 154 72.76 -19.33 -14.81
C ILE L 154 71.76 -19.24 -15.96
N SER L 155 70.52 -19.61 -15.65
CA SER L 155 69.45 -19.64 -16.64
C SER L 155 68.50 -18.47 -16.42
N SER L 156 67.41 -18.46 -17.19
CA SER L 156 66.35 -17.48 -16.98
C SER L 156 65.49 -17.89 -15.79
N PRO L 157 64.85 -16.93 -15.13
CA PRO L 157 64.06 -17.27 -13.94
C PRO L 157 62.78 -18.02 -14.32
N LEU L 158 62.36 -18.90 -13.43
CA LEU L 158 61.11 -19.65 -13.58
C LEU L 158 60.14 -19.20 -12.51
N GLU L 159 58.98 -18.72 -12.92
CA GLU L 159 58.01 -18.17 -11.99
C GLU L 159 57.33 -19.29 -11.20
N ALA L 160 57.19 -19.06 -9.89
CA ALA L 160 56.49 -19.96 -8.99
C ALA L 160 55.57 -19.18 -8.06
N HIS L 161 54.99 -18.10 -8.57
CA HIS L 161 54.20 -17.20 -7.73
C HIS L 161 52.89 -17.85 -7.31
N LYS L 162 52.36 -17.35 -6.20
CA LYS L 162 51.09 -17.83 -5.66
C LYS L 162 50.48 -16.69 -4.85
N ALA L 163 49.38 -16.12 -5.33
CA ALA L 163 48.84 -14.91 -4.74
C ALA L 163 48.32 -15.15 -3.32
N ASN L 164 48.41 -14.12 -2.50
CA ASN L 164 47.89 -14.12 -1.12
C ASN L 164 48.54 -15.20 -0.27
N THR L 165 49.84 -15.42 -0.48
CA THR L 165 50.58 -16.46 0.21
C THR L 165 51.73 -15.85 0.98
N LEU L 166 51.86 -16.22 2.25
CA LEU L 166 52.96 -15.80 3.11
C LEU L 166 53.90 -16.98 3.32
N VAL L 167 55.20 -16.72 3.29
CA VAL L 167 56.21 -17.77 3.38
C VAL L 167 56.95 -17.62 4.71
N TYR L 168 56.90 -18.65 5.54
CA TYR L 168 57.64 -18.63 6.80
C TYR L 168 59.09 -19.03 6.60
N HIS L 169 59.36 -20.02 5.75
CA HIS L 169 60.71 -20.49 5.53
C HIS L 169 60.73 -21.36 4.28
N VAL L 170 61.82 -21.27 3.51
CA VAL L 170 62.04 -22.09 2.32
C VAL L 170 63.29 -22.93 2.54
N VAL L 171 63.25 -24.15 2.04
CA VAL L 171 64.33 -25.12 2.21
C VAL L 171 64.35 -26.05 1.01
N GLY L 172 65.54 -26.27 0.44
CA GLY L 172 65.67 -27.23 -0.62
C GLY L 172 65.70 -28.65 -0.07
N VAL L 173 64.99 -29.54 -0.75
CA VAL L 173 64.87 -30.93 -0.31
C VAL L 173 65.95 -31.77 -0.99
N ASP L 174 66.60 -32.63 -0.21
CA ASP L 174 67.67 -33.48 -0.72
C ASP L 174 67.06 -34.70 -1.40
N VAL L 175 66.83 -34.59 -2.70
CA VAL L 175 66.41 -35.72 -3.52
C VAL L 175 67.61 -36.21 -4.32
N GLY L 176 67.76 -37.52 -4.41
CA GLY L 176 68.93 -38.10 -5.07
C GLY L 176 68.92 -37.93 -6.57
N PHE L 177 69.28 -36.74 -7.04
CA PHE L 177 69.32 -36.40 -8.46
C PHE L 177 67.97 -36.59 -9.15
N GLU L 178 66.89 -36.58 -8.40
CA GLU L 178 65.55 -36.53 -8.97
C GLU L 178 65.26 -35.08 -9.37
N ASN L 179 64.03 -34.79 -9.76
CA ASN L 179 63.67 -33.41 -10.04
C ASN L 179 63.78 -32.58 -8.77
N PRO L 180 64.41 -31.40 -8.83
CA PRO L 180 64.64 -30.62 -7.61
C PRO L 180 63.35 -30.28 -6.89
N MET L 181 63.38 -30.36 -5.57
CA MET L 181 62.24 -30.09 -4.71
C MET L 181 62.58 -28.94 -3.77
N PHE L 182 61.60 -28.05 -3.57
CA PHE L 182 61.72 -26.92 -2.66
C PHE L 182 60.52 -26.94 -1.73
N ALA L 183 60.73 -27.37 -0.49
CA ALA L 183 59.68 -27.35 0.52
C ALA L 183 59.68 -26.01 1.23
N CYS L 184 58.48 -25.51 1.54
CA CYS L 184 58.39 -24.24 2.24
C CYS L 184 57.09 -24.18 3.04
N LEU L 185 57.09 -23.32 4.04
CA LEU L 185 55.93 -23.11 4.91
C LEU L 185 55.12 -21.94 4.37
N GLU L 186 53.87 -22.19 4.02
CA GLU L 186 53.01 -21.16 3.44
C GLU L 186 51.78 -20.95 4.32
N MET L 187 51.08 -19.85 4.05
CA MET L 187 49.87 -19.53 4.81
C MET L 187 49.02 -18.59 3.96
N ASP L 188 47.85 -19.06 3.54
CA ASP L 188 46.96 -18.29 2.68
C ASP L 188 46.06 -17.43 3.55
N TYR L 189 46.10 -16.11 3.35
CA TYR L 189 45.30 -15.16 4.12
C TYR L 189 44.14 -14.61 3.32
N GLU L 190 43.78 -15.23 2.19
CA GLU L 190 42.70 -14.70 1.37
C GLU L 190 41.37 -14.79 2.09
N GLU L 191 41.16 -15.84 2.87
CA GLU L 191 39.90 -15.98 3.61
C GLU L 191 39.88 -15.10 4.85
N ALA L 192 41.03 -14.93 5.50
CA ALA L 192 41.09 -14.15 6.72
C ALA L 192 40.79 -12.68 6.49
N ASP L 193 40.98 -12.19 5.27
CA ASP L 193 40.72 -10.79 4.95
C ASP L 193 39.29 -10.54 4.48
N ASN L 194 38.51 -11.59 4.21
CA ASN L 194 37.16 -11.45 3.70
C ASN L 194 36.13 -12.02 4.68
N ASP L 195 36.41 -11.92 5.98
CA ASP L 195 35.53 -12.44 7.01
C ASP L 195 35.51 -11.46 8.17
N PRO L 196 34.53 -10.56 8.23
CA PRO L 196 34.50 -9.56 9.32
C PRO L 196 34.30 -10.14 10.70
N THR L 197 34.03 -11.44 10.83
CA THR L 197 33.83 -12.06 12.13
C THR L 197 35.14 -12.51 12.79
N GLY L 198 36.18 -12.72 12.00
CA GLY L 198 37.43 -13.23 12.53
C GLY L 198 37.51 -14.73 12.63
N GLU L 199 36.47 -15.45 12.20
CA GLU L 199 36.49 -16.91 12.27
C GLU L 199 37.46 -17.48 11.24
N ALA L 200 37.57 -16.85 10.07
CA ALA L 200 38.53 -17.30 9.08
C ALA L 200 39.96 -17.01 9.50
N ALA L 201 40.16 -15.98 10.34
CA ALA L 201 41.49 -15.72 10.88
C ALA L 201 41.95 -16.88 11.75
N ALA L 202 41.09 -17.34 12.65
CA ALA L 202 41.38 -18.53 13.42
C ALA L 202 41.25 -19.76 12.55
N ASN L 203 41.63 -20.92 13.11
CA ASN L 203 41.63 -22.22 12.44
C ASN L 203 42.23 -22.14 11.03
N THR L 204 43.15 -21.22 10.82
CA THR L 204 43.89 -21.08 9.57
C THR L 204 45.35 -21.41 9.86
N GLN L 205 45.75 -22.63 9.53
CA GLN L 205 47.09 -23.11 9.82
C GLN L 205 47.95 -23.10 8.57
N GLN L 206 49.27 -23.07 8.79
CA GLN L 206 50.20 -23.07 7.68
C GLN L 206 50.28 -24.44 7.03
N THR L 207 50.76 -24.46 5.79
CA THR L 207 50.84 -25.67 4.99
C THR L 207 52.28 -25.88 4.54
N LEU L 208 52.80 -27.08 4.74
CA LEU L 208 54.06 -27.49 4.14
C LEU L 208 53.82 -27.85 2.69
N THR L 209 54.44 -27.11 1.77
CA THR L 209 54.22 -27.29 0.35
C THR L 209 55.54 -27.64 -0.34
N PHE L 210 55.48 -28.62 -1.24
CA PHE L 210 56.63 -29.06 -2.02
C PHE L 210 56.46 -28.58 -3.45
N TYR L 211 57.38 -27.72 -3.90
CA TYR L 211 57.42 -27.25 -5.27
C TYR L 211 58.43 -28.10 -6.05
N GLU L 212 58.03 -28.61 -7.20
CA GLU L 212 58.91 -29.43 -8.02
C GLU L 212 59.37 -28.63 -9.23
N LEU L 213 60.64 -28.79 -9.58
CA LEU L 213 61.21 -28.22 -10.79
C LEU L 213 61.27 -29.34 -11.83
N ASP L 214 60.31 -29.35 -12.74
CA ASP L 214 60.37 -30.26 -13.88
C ASP L 214 61.46 -29.78 -14.82
N LEU L 215 62.58 -30.50 -14.82
CA LEU L 215 63.71 -30.17 -15.68
C LEU L 215 63.45 -30.56 -17.13
N GLY L 216 62.82 -31.72 -17.34
CA GLY L 216 62.51 -32.14 -18.70
C GLY L 216 61.50 -31.25 -19.37
N LEU L 217 60.58 -30.67 -18.60
CA LEU L 217 59.60 -29.73 -19.13
C LEU L 217 59.93 -28.28 -18.79
N ASN L 218 60.95 -28.04 -17.98
CA ASN L 218 61.45 -26.70 -17.70
C ASN L 218 60.37 -25.81 -17.10
N HIS L 219 59.75 -26.29 -16.02
CA HIS L 219 58.74 -25.48 -15.35
C HIS L 219 58.56 -25.97 -13.92
N VAL L 220 58.24 -25.04 -13.03
CA VAL L 220 58.03 -25.33 -11.61
C VAL L 220 56.53 -25.46 -11.36
N VAL L 221 56.16 -26.44 -10.54
CA VAL L 221 54.75 -26.70 -10.23
C VAL L 221 54.61 -26.95 -8.74
N ARG L 222 53.57 -26.36 -8.13
CA ARG L 222 53.19 -26.67 -6.75
C ARG L 222 52.67 -28.11 -6.73
N LYS L 223 53.61 -29.05 -6.62
CA LYS L 223 53.24 -30.46 -6.73
C LYS L 223 52.51 -30.93 -5.47
N TYR L 224 53.06 -30.64 -4.29
CA TYR L 224 52.54 -31.19 -3.05
C TYR L 224 52.23 -30.09 -2.05
N SER L 225 51.37 -30.42 -1.09
CA SER L 225 50.98 -29.51 -0.02
C SER L 225 50.15 -30.28 1.00
N GLU L 226 50.40 -30.01 2.29
CA GLU L 226 49.64 -30.62 3.38
C GLU L 226 49.62 -29.65 4.55
N PRO L 227 48.48 -29.49 5.22
CA PRO L 227 48.44 -28.59 6.38
C PRO L 227 49.22 -29.15 7.56
N LEU L 228 49.70 -28.25 8.40
CA LEU L 228 50.47 -28.60 9.59
C LEU L 228 49.61 -28.44 10.83
N GLU L 229 49.90 -29.25 11.85
CA GLU L 229 49.11 -29.24 13.07
C GLU L 229 49.28 -27.92 13.83
N GLU L 230 50.50 -27.39 13.88
CA GLU L 230 50.76 -26.09 14.48
C GLU L 230 51.80 -25.36 13.65
N HIS L 231 51.84 -24.04 13.81
CA HIS L 231 52.74 -23.21 13.02
C HIS L 231 54.19 -23.52 13.36
N GLY L 232 55.01 -23.65 12.32
CA GLY L 232 56.43 -23.89 12.49
C GLY L 232 57.27 -22.67 12.15
N ASN L 233 58.47 -22.58 12.72
CA ASN L 233 59.33 -21.42 12.49
C ASN L 233 60.37 -21.65 11.41
N PHE L 234 60.95 -22.84 11.31
CA PHE L 234 61.91 -23.11 10.25
C PHE L 234 62.01 -24.62 10.03
N LEU L 235 62.71 -24.98 8.94
CA LEU L 235 62.88 -26.34 8.48
C LEU L 235 64.36 -26.74 8.49
N ILE L 236 64.59 -28.03 8.31
CA ILE L 236 65.93 -28.60 8.26
C ILE L 236 65.97 -29.61 7.11
N THR L 237 66.96 -29.48 6.23
CA THR L 237 67.11 -30.41 5.12
C THR L 237 67.62 -31.76 5.64
N VAL L 238 66.80 -32.80 5.46
CA VAL L 238 67.23 -34.15 5.83
C VAL L 238 67.93 -34.75 4.62
N PRO L 239 69.16 -35.26 4.77
CA PRO L 239 69.88 -35.80 3.60
C PRO L 239 69.16 -36.99 3.01
N GLY L 240 69.11 -37.02 1.68
CA GLY L 240 68.43 -38.09 0.97
C GLY L 240 69.28 -38.76 -0.07
N GLY L 241 68.66 -39.51 -0.98
CA GLY L 241 69.42 -40.20 -2.01
C GLY L 241 70.23 -41.33 -1.40
N SER L 242 71.53 -41.34 -1.69
CA SER L 242 72.39 -42.41 -1.20
C SER L 242 72.60 -42.32 0.31
N ASP L 243 72.55 -41.12 0.88
CA ASP L 243 72.78 -40.90 2.31
C ASP L 243 71.46 -40.49 2.96
N GLY L 244 70.95 -41.33 3.83
CA GLY L 244 69.75 -41.03 4.59
C GLY L 244 68.50 -40.96 3.74
N PRO L 245 67.34 -40.88 4.40
CA PRO L 245 66.08 -40.71 3.67
C PRO L 245 65.76 -39.24 3.45
N SER L 246 65.28 -38.92 2.24
CA SER L 246 64.88 -37.57 1.92
C SER L 246 63.75 -37.13 2.85
N GLY L 247 63.63 -35.83 3.01
CA GLY L 247 62.58 -35.27 3.85
C GLY L 247 63.05 -34.00 4.52
N VAL L 248 62.13 -33.38 5.25
CA VAL L 248 62.39 -32.14 5.96
C VAL L 248 62.00 -32.30 7.41
N LEU L 249 62.70 -31.56 8.28
CA LEU L 249 62.33 -31.46 9.69
C LEU L 249 61.66 -30.10 9.91
N ILE L 250 60.43 -30.13 10.42
CA ILE L 250 59.69 -28.91 10.71
C ILE L 250 59.81 -28.65 12.20
N CYS L 251 60.48 -27.56 12.56
CA CYS L 251 60.55 -27.14 13.94
C CYS L 251 59.30 -26.33 14.28
N SER L 252 58.69 -26.61 15.42
CA SER L 252 57.40 -26.03 15.77
C SER L 252 57.36 -25.73 17.26
N GLU L 253 56.38 -24.90 17.64
CA GLU L 253 56.13 -24.56 19.03
C GLU L 253 56.00 -25.81 19.90
N ASN L 254 57.03 -26.09 20.70
CA ASN L 254 57.10 -27.23 21.60
C ASN L 254 57.20 -28.58 20.90
N TYR L 255 57.47 -28.61 19.60
CA TYR L 255 57.52 -29.90 18.90
C TYR L 255 58.50 -29.85 17.76
N ILE L 256 58.87 -31.04 17.27
CA ILE L 256 59.63 -31.20 16.04
C ILE L 256 59.02 -32.35 15.26
N THR L 257 58.87 -32.16 13.94
CA THR L 257 58.08 -33.08 13.12
C THR L 257 58.84 -33.39 11.83
N TYR L 258 59.35 -34.62 11.71
CA TYR L 258 59.81 -35.12 10.43
C TYR L 258 58.59 -35.49 9.60
N LYS L 259 58.48 -34.90 8.40
CA LYS L 259 57.32 -35.08 7.53
C LYS L 259 57.80 -35.19 6.09
N ASN L 260 58.34 -36.35 5.73
CA ASN L 260 58.64 -36.64 4.34
C ASN L 260 57.35 -36.99 3.61
N PHE L 261 57.28 -36.62 2.33
CA PHE L 261 56.06 -36.79 1.56
C PHE L 261 56.10 -38.09 0.75
N GLY L 262 54.91 -38.50 0.32
CA GLY L 262 54.70 -39.83 -0.21
C GLY L 262 53.86 -40.62 0.76
N ASP L 263 54.27 -41.87 1.05
CA ASP L 263 53.62 -42.69 2.06
C ASP L 263 54.35 -42.64 3.40
N GLN L 264 55.24 -41.67 3.58
CA GLN L 264 55.95 -41.52 4.85
C GLN L 264 55.04 -40.88 5.89
N PRO L 265 54.81 -41.51 7.03
CA PRO L 265 53.94 -40.91 8.04
C PRO L 265 54.65 -39.83 8.83
N ASP L 266 53.87 -38.82 9.23
CA ASP L 266 54.41 -37.75 10.04
C ASP L 266 54.86 -38.27 11.39
N ILE L 267 56.06 -37.88 11.81
CA ILE L 267 56.63 -38.29 13.09
C ILE L 267 56.90 -37.04 13.91
N ARG L 268 56.40 -37.00 15.13
CA ARG L 268 56.53 -35.84 16.00
C ARG L 268 57.18 -36.24 17.31
N CYS L 269 57.91 -35.29 17.90
CA CYS L 269 58.52 -35.47 19.21
C CYS L 269 58.47 -34.14 19.95
N PRO L 270 58.07 -34.14 21.22
CA PRO L 270 58.02 -32.88 21.97
C PRO L 270 59.42 -32.36 22.27
N ILE L 271 59.54 -31.04 22.32
CA ILE L 271 60.80 -30.39 22.66
C ILE L 271 61.07 -30.60 24.14
N PRO L 272 62.17 -31.24 24.52
CA PRO L 272 62.47 -31.44 25.93
C PRO L 272 62.66 -30.11 26.65
N ARG L 273 62.21 -30.06 27.90
CA ARG L 273 62.31 -28.88 28.73
C ARG L 273 63.24 -29.13 29.91
N ARG L 274 63.90 -28.08 30.37
CA ARG L 274 64.80 -28.20 31.50
C ARG L 274 64.02 -28.52 32.77
N ARG L 275 64.66 -29.27 33.66
CA ARG L 275 64.05 -29.59 34.95
C ARG L 275 63.90 -28.33 35.79
N ASN L 276 62.69 -28.09 36.28
CA ASN L 276 62.40 -26.97 37.18
C ASN L 276 62.70 -25.63 36.50
N ASP L 277 61.90 -25.35 35.46
CA ASP L 277 62.04 -24.10 34.74
C ASP L 277 61.55 -22.94 35.61
N LEU L 278 62.41 -21.92 35.75
CA LEU L 278 61.99 -20.69 36.40
C LEU L 278 61.13 -19.82 35.51
N ASP L 279 60.97 -20.19 34.24
CA ASP L 279 60.17 -19.43 33.30
C ASP L 279 58.69 -19.68 33.53
N ASP L 280 57.88 -18.75 33.04
CA ASP L 280 56.43 -18.87 33.10
C ASP L 280 55.99 -20.09 32.30
N PRO L 281 55.26 -21.04 32.90
CA PRO L 281 54.85 -22.22 32.14
C PRO L 281 53.95 -21.91 30.95
N GLU L 282 53.30 -20.74 30.91
CA GLU L 282 52.50 -20.35 29.76
C GLU L 282 53.35 -20.09 28.52
N ARG L 283 54.63 -19.82 28.70
CA ARG L 283 55.52 -19.56 27.57
C ARG L 283 55.94 -20.86 26.91
N GLY L 284 55.98 -20.84 25.57
CA GLY L 284 56.39 -21.99 24.80
C GLY L 284 57.89 -22.08 24.63
N MET L 285 58.30 -22.97 23.72
CA MET L 285 59.71 -23.19 23.45
C MET L 285 59.88 -23.54 21.98
N ILE L 286 60.73 -22.78 21.29
CA ILE L 286 61.03 -23.02 19.88
C ILE L 286 62.54 -23.18 19.73
N PHE L 287 62.96 -23.62 18.55
CA PHE L 287 64.37 -23.62 18.19
C PHE L 287 64.72 -22.33 17.47
N VAL L 288 65.95 -21.86 17.68
CA VAL L 288 66.38 -20.58 17.13
C VAL L 288 67.21 -20.81 15.87
N CYS L 289 67.90 -21.95 15.80
CA CYS L 289 68.74 -22.26 14.65
C CYS L 289 69.05 -23.75 14.67
N SER L 290 69.71 -24.22 13.61
CA SER L 290 70.08 -25.62 13.50
C SER L 290 71.32 -25.74 12.64
N ALA L 291 72.16 -26.71 13.00
CA ALA L 291 73.34 -27.06 12.22
C ALA L 291 73.23 -28.51 11.77
N THR L 292 73.79 -28.81 10.60
CA THR L 292 73.70 -30.13 10.01
C THR L 292 75.10 -30.62 9.65
N HIS L 293 75.41 -31.85 10.04
CA HIS L 293 76.67 -32.49 9.72
C HIS L 293 76.39 -33.79 8.99
N LYS L 294 76.98 -33.96 7.81
CA LYS L 294 76.75 -35.12 6.96
C LYS L 294 78.04 -35.90 6.82
N THR L 295 77.95 -37.22 6.98
CA THR L 295 79.08 -38.11 6.82
C THR L 295 78.68 -39.26 5.91
N LYS L 296 79.66 -39.85 5.23
CA LYS L 296 79.41 -41.05 4.44
C LYS L 296 78.83 -42.17 5.31
N SER L 297 79.19 -42.19 6.59
CA SER L 297 78.70 -43.20 7.53
C SER L 297 77.34 -42.84 8.12
N MET L 298 77.23 -41.67 8.73
CA MET L 298 76.02 -41.29 9.46
C MET L 298 75.71 -39.82 9.19
N PHE L 299 74.74 -39.29 9.92
CA PHE L 299 74.43 -37.87 9.91
C PHE L 299 73.62 -37.56 11.17
N PHE L 300 73.75 -36.33 11.66
CA PHE L 300 73.02 -35.89 12.83
C PHE L 300 72.72 -34.41 12.70
N PHE L 301 72.03 -33.87 13.70
CA PHE L 301 71.67 -32.45 13.70
C PHE L 301 71.95 -31.88 15.09
N LEU L 302 72.11 -30.56 15.14
CA LEU L 302 72.29 -29.83 16.38
C LEU L 302 71.30 -28.66 16.39
N ALA L 303 70.28 -28.76 17.24
CA ALA L 303 69.22 -27.75 17.28
C ALA L 303 69.24 -27.04 18.62
N GLN L 304 69.34 -25.71 18.60
CA GLN L 304 69.41 -24.90 19.79
C GLN L 304 68.04 -24.30 20.10
N THR L 305 67.72 -24.20 21.39
CA THR L 305 66.45 -23.66 21.84
C THR L 305 66.60 -22.19 22.23
N GLU L 306 65.51 -21.61 22.71
CA GLU L 306 65.54 -20.21 23.16
C GLU L 306 66.42 -20.04 24.39
N GLN L 307 66.55 -21.09 25.20
CA GLN L 307 67.40 -21.07 26.38
C GLN L 307 68.84 -21.46 26.07
N GLY L 308 69.20 -21.53 24.78
CA GLY L 308 70.54 -21.92 24.40
C GLY L 308 70.84 -23.40 24.53
N ASP L 309 69.81 -24.24 24.52
CA ASP L 309 69.98 -25.68 24.70
C ASP L 309 70.20 -26.32 23.33
N ILE L 310 71.42 -26.77 23.09
CA ILE L 310 71.77 -27.51 21.88
C ILE L 310 71.51 -28.99 22.12
N PHE L 311 70.66 -29.58 21.28
CA PHE L 311 70.36 -31.00 21.27
C PHE L 311 70.92 -31.65 20.02
N LYS L 312 71.35 -32.91 20.16
CA LYS L 312 71.83 -33.72 19.04
C LYS L 312 70.67 -34.60 18.57
N ILE L 313 70.05 -34.19 17.47
CA ILE L 313 68.89 -34.90 16.92
C ILE L 313 69.37 -35.96 15.94
N THR L 314 68.88 -37.18 16.11
CA THR L 314 69.27 -38.32 15.28
C THR L 314 68.01 -39.06 14.85
N LEU L 315 68.04 -39.59 13.62
CA LEU L 315 66.91 -40.28 13.03
C LEU L 315 67.28 -41.74 12.78
N GLU L 316 66.58 -42.65 13.45
CA GLU L 316 66.67 -44.06 13.12
C GLU L 316 65.77 -44.37 11.94
N THR L 317 66.21 -45.32 11.10
CA THR L 317 65.48 -45.58 9.87
C THR L 317 65.56 -47.06 9.52
N ASP L 318 64.50 -47.55 8.90
CA ASP L 318 64.42 -48.90 8.36
C ASP L 318 63.93 -48.80 6.92
N GLU L 319 64.60 -49.50 6.01
CA GLU L 319 64.29 -49.47 4.57
C GLU L 319 64.45 -48.02 4.11
N ASP L 320 63.50 -47.46 3.38
CA ASP L 320 63.54 -46.06 2.97
C ASP L 320 62.68 -45.16 3.86
N MET L 321 62.17 -45.70 4.96
CA MET L 321 61.30 -44.96 5.87
C MET L 321 62.01 -44.70 7.19
N VAL L 322 61.57 -43.65 7.88
CA VAL L 322 62.15 -43.26 9.17
C VAL L 322 61.28 -43.84 10.27
N THR L 323 61.93 -44.36 11.32
CA THR L 323 61.22 -45.00 12.41
C THR L 323 60.93 -44.05 13.57
N GLU L 324 61.90 -43.23 13.97
CA GLU L 324 61.73 -42.38 15.14
C GLU L 324 62.73 -41.25 15.10
N ILE L 325 62.38 -40.15 15.78
CA ILE L 325 63.26 -39.01 15.98
C ILE L 325 63.84 -39.12 17.38
N ARG L 326 65.16 -39.24 17.46
CA ARG L 326 65.86 -39.42 18.74
C ARG L 326 66.65 -38.16 19.05
N LEU L 327 66.21 -37.43 20.07
CA LEU L 327 66.89 -36.24 20.54
C LEU L 327 67.68 -36.54 21.81
N LYS L 328 68.79 -35.82 21.98
CA LYS L 328 69.63 -35.98 23.15
C LYS L 328 70.26 -34.64 23.51
N TYR L 329 70.28 -34.33 24.80
CA TYR L 329 70.78 -33.05 25.27
C TYR L 329 72.29 -32.98 25.06
N PHE L 330 72.73 -32.08 24.19
CA PHE L 330 74.16 -31.96 23.85
C PHE L 330 74.85 -31.02 24.83
N ASP L 331 74.56 -29.73 24.75
CA ASP L 331 75.22 -28.75 25.63
C ASP L 331 74.41 -27.46 25.63
N THR L 332 74.99 -26.40 26.22
CA THR L 332 74.37 -25.08 26.24
C THR L 332 75.41 -24.03 25.91
N VAL L 333 75.06 -23.13 24.98
CA VAL L 333 75.88 -21.98 24.62
C VAL L 333 74.94 -20.79 24.54
N PRO L 334 75.44 -19.55 24.43
CA PRO L 334 74.53 -18.40 24.22
C PRO L 334 73.67 -18.59 22.98
N VAL L 335 72.58 -17.82 22.93
CA VAL L 335 71.62 -17.94 21.84
C VAL L 335 72.29 -17.53 20.53
N ALA L 336 72.36 -18.47 19.59
CA ALA L 336 73.08 -18.28 18.35
C ALA L 336 72.12 -17.98 17.20
N ALA L 337 72.50 -17.01 16.36
CA ALA L 337 71.77 -16.76 15.12
C ALA L 337 72.15 -17.74 14.03
N ALA L 338 73.26 -18.46 14.18
CA ALA L 338 73.69 -19.47 13.22
C ALA L 338 74.77 -20.32 13.87
N MET L 339 74.85 -21.58 13.42
CA MET L 339 75.87 -22.50 13.89
C MET L 339 76.41 -23.29 12.71
N CYS L 340 77.70 -23.62 12.78
CA CYS L 340 78.38 -24.35 11.72
C CYS L 340 79.16 -25.50 12.34
N VAL L 341 78.87 -26.72 11.92
CA VAL L 341 79.61 -27.90 12.33
C VAL L 341 80.62 -28.22 11.24
N LEU L 342 81.90 -28.18 11.58
CA LEU L 342 82.99 -28.38 10.63
C LEU L 342 83.66 -29.71 10.87
N LYS L 343 84.32 -30.21 9.84
CA LYS L 343 85.16 -31.40 9.97
C LYS L 343 86.31 -31.10 10.93
N THR L 344 87.05 -32.15 11.28
CA THR L 344 88.09 -32.12 12.31
C THR L 344 87.56 -31.74 13.68
N GLY L 345 86.24 -31.77 13.87
CA GLY L 345 85.64 -31.58 15.18
C GLY L 345 85.70 -30.16 15.71
N PHE L 346 84.99 -29.23 15.07
CA PHE L 346 84.90 -27.86 15.54
C PHE L 346 83.48 -27.34 15.31
N LEU L 347 83.00 -26.54 16.25
CA LEU L 347 81.67 -25.95 16.17
C LEU L 347 81.80 -24.44 16.30
N PHE L 348 81.32 -23.71 15.29
CA PHE L 348 81.33 -22.26 15.31
C PHE L 348 79.95 -21.77 15.71
N VAL L 349 79.89 -21.01 16.80
CA VAL L 349 78.64 -20.47 17.34
C VAL L 349 78.69 -18.96 17.20
N ALA L 350 77.88 -18.43 16.28
CA ALA L 350 77.73 -16.99 16.09
C ALA L 350 76.51 -16.55 16.88
N SER L 351 76.74 -15.97 18.05
CA SER L 351 75.65 -15.57 18.93
C SER L 351 74.85 -14.44 18.32
N GLU L 352 73.54 -14.44 18.59
CA GLU L 352 72.67 -13.39 18.07
C GLU L 352 73.05 -12.03 18.63
N PHE L 353 73.63 -12.00 19.82
CA PHE L 353 74.15 -10.78 20.42
C PHE L 353 75.40 -11.11 21.21
N GLY L 354 76.26 -10.12 21.38
CA GLY L 354 77.49 -10.31 22.12
C GLY L 354 78.53 -11.09 21.35
N ASN L 355 79.54 -11.53 22.10
CA ASN L 355 80.70 -12.19 21.51
C ASN L 355 80.31 -13.50 20.84
N HIS L 356 81.14 -13.92 19.88
CA HIS L 356 80.99 -15.19 19.18
C HIS L 356 82.01 -16.18 19.74
N TYR L 357 81.77 -17.47 19.45
CA TYR L 357 82.57 -18.51 20.08
C TYR L 357 82.93 -19.59 19.06
N LEU L 358 84.08 -20.22 19.27
CA LEU L 358 84.52 -21.37 18.51
C LEU L 358 84.94 -22.45 19.49
N TYR L 359 84.22 -23.58 19.47
CA TYR L 359 84.48 -24.72 20.32
C TYR L 359 85.07 -25.87 19.52
N GLN L 360 85.67 -26.81 20.23
CA GLN L 360 86.16 -28.06 19.65
C GLN L 360 85.28 -29.20 20.13
N ILE L 361 84.75 -29.98 19.19
CA ILE L 361 83.90 -31.12 19.52
C ILE L 361 84.77 -32.23 20.09
N ALA L 362 84.72 -32.39 21.42
CA ALA L 362 85.49 -33.45 22.07
C ALA L 362 84.79 -34.80 21.95
N HIS L 363 83.49 -34.82 22.23
CA HIS L 363 82.68 -36.02 22.14
C HIS L 363 81.38 -35.71 21.41
N LEU L 364 80.85 -36.73 20.71
CA LEU L 364 79.65 -36.54 19.91
C LEU L 364 78.40 -36.29 20.76
N GLY L 365 78.48 -36.50 22.08
CA GLY L 365 77.31 -36.38 22.92
C GLY L 365 76.64 -37.70 23.26
N ASP L 366 77.06 -38.79 22.62
CA ASP L 366 76.66 -40.14 23.02
C ASP L 366 77.80 -40.79 23.81
N ASP L 367 77.50 -41.97 24.33
CA ASP L 367 78.34 -42.79 25.23
C ASP L 367 78.31 -42.28 26.67
N ASP L 368 77.61 -41.18 26.96
CA ASP L 368 77.35 -40.82 28.35
C ASP L 368 76.03 -41.44 28.79
N GLU L 369 75.76 -41.33 30.10
CA GLU L 369 74.57 -41.93 30.68
C GLU L 369 73.37 -40.99 30.71
N GLU L 370 73.43 -39.88 29.97
CA GLU L 370 72.32 -38.95 29.95
C GLU L 370 71.13 -39.57 29.21
N PRO L 371 69.90 -39.22 29.59
CA PRO L 371 68.73 -39.80 28.94
C PRO L 371 68.61 -39.31 27.49
N GLU L 372 68.27 -40.25 26.61
CA GLU L 372 68.04 -39.97 25.20
C GLU L 372 66.57 -40.19 24.89
N PHE L 373 65.90 -39.13 24.47
CA PHE L 373 64.45 -39.19 24.22
C PHE L 373 64.16 -39.58 22.77
N SER L 374 63.00 -40.18 22.58
CA SER L 374 62.59 -40.67 21.27
C SER L 374 61.13 -40.32 21.02
N SER L 375 60.77 -40.21 19.75
CA SER L 375 59.38 -39.96 19.38
C SER L 375 58.51 -41.18 19.68
N ALA L 376 59.10 -42.37 19.69
CA ALA L 376 58.34 -43.59 19.97
C ALA L 376 58.01 -43.76 21.44
N MET L 377 58.69 -43.05 22.33
CA MET L 377 58.41 -43.16 23.75
C MET L 377 57.04 -42.56 24.05
N PRO L 378 56.14 -43.30 24.70
CA PRO L 378 54.81 -42.77 24.97
C PRO L 378 54.77 -41.92 26.22
N LEU L 379 53.94 -40.89 26.18
CA LEU L 379 53.74 -39.96 27.29
C LEU L 379 52.62 -39.02 26.95
N GLU L 380 51.90 -38.58 27.99
CA GLU L 380 50.82 -37.60 27.83
C GLU L 380 50.43 -37.00 29.17
N ASP L 383 52.40 -34.25 29.55
CA ASP L 383 53.72 -34.53 30.08
C ASP L 383 54.76 -34.49 28.96
N THR L 384 55.95 -33.98 29.28
CA THR L 384 57.07 -33.93 28.35
C THR L 384 58.32 -34.43 29.05
N PHE L 385 59.35 -34.70 28.25
CA PHE L 385 60.62 -35.15 28.82
C PHE L 385 61.35 -34.01 29.51
N PHE L 386 62.08 -34.34 30.56
CA PHE L 386 62.85 -33.36 31.31
C PHE L 386 64.30 -33.80 31.39
N PHE L 387 65.20 -32.82 31.43
CA PHE L 387 66.63 -33.07 31.48
C PHE L 387 67.29 -32.05 32.41
N GLN L 388 68.54 -32.32 32.75
CA GLN L 388 69.30 -31.46 33.67
C GLN L 388 70.38 -30.72 32.90
N PRO L 389 70.35 -29.39 32.87
CA PRO L 389 71.44 -28.64 32.25
C PRO L 389 72.72 -28.76 33.07
N ARG L 390 73.84 -28.89 32.38
CA ARG L 390 75.13 -29.11 33.01
C ARG L 390 76.16 -28.20 32.34
N PRO L 391 77.30 -27.96 32.99
CA PRO L 391 78.38 -27.22 32.35
C PRO L 391 78.86 -27.93 31.09
N LEU L 392 79.68 -27.22 30.32
CA LEU L 392 80.18 -27.74 29.05
C LEU L 392 80.97 -29.04 29.25
N LYS L 393 80.40 -30.15 28.79
CA LYS L 393 81.05 -31.46 28.91
C LYS L 393 81.21 -32.18 27.58
N ASN L 394 80.70 -31.60 26.48
CA ASN L 394 80.97 -32.11 25.15
C ASN L 394 81.76 -31.15 24.28
N LEU L 395 81.94 -29.90 24.71
CA LEU L 395 82.67 -28.90 23.96
C LEU L 395 83.66 -28.21 24.88
N VAL L 396 84.75 -27.72 24.29
CA VAL L 396 85.75 -26.92 25.00
C VAL L 396 85.90 -25.60 24.25
N LEU L 397 85.89 -24.49 24.99
CA LEU L 397 86.02 -23.18 24.38
C LEU L 397 87.44 -23.01 23.85
N VAL L 398 87.56 -22.86 22.53
CA VAL L 398 88.86 -22.74 21.89
C VAL L 398 89.17 -21.31 21.45
N ASP L 399 88.17 -20.54 21.03
CA ASP L 399 88.41 -19.14 20.70
C ASP L 399 87.14 -18.35 20.99
N GLU L 400 87.33 -17.07 21.32
CA GLU L 400 86.22 -16.16 21.60
C GLU L 400 86.45 -14.87 20.83
N LEU L 401 85.51 -14.52 19.95
CA LEU L 401 85.60 -13.33 19.12
C LEU L 401 84.79 -12.21 19.75
N ASP L 402 85.46 -11.15 20.16
CA ASP L 402 84.80 -10.04 20.84
C ASP L 402 83.89 -9.30 19.87
N SER L 403 82.61 -9.20 20.22
CA SER L 403 81.63 -8.46 19.43
C SER L 403 80.99 -7.40 20.31
N LEU L 404 80.92 -6.17 19.80
CA LEU L 404 80.36 -5.06 20.56
C LEU L 404 78.85 -4.95 20.43
N SER L 405 78.24 -5.65 19.48
CA SER L 405 76.80 -5.62 19.32
C SER L 405 76.13 -6.24 20.53
N PRO L 406 75.09 -5.57 21.05
CA PRO L 406 74.59 -4.28 20.58
C PRO L 406 75.04 -3.09 21.45
N ILE L 407 75.52 -2.02 20.83
CA ILE L 407 75.99 -0.85 21.56
C ILE L 407 74.81 0.08 21.80
N LEU L 408 74.45 0.26 23.08
CA LEU L 408 73.28 1.05 23.44
C LEU L 408 73.62 2.42 23.97
N PHE L 409 74.81 2.62 24.54
CA PHE L 409 75.24 3.96 24.92
C PHE L 409 76.75 4.06 24.77
N CYS L 410 77.24 5.28 24.59
CA CYS L 410 78.66 5.48 24.37
C CYS L 410 79.04 6.89 24.78
N GLN L 411 80.06 7.00 25.64
CA GLN L 411 80.65 8.28 26.03
C GLN L 411 82.15 8.19 25.77
N ILE L 412 82.63 9.05 24.88
CA ILE L 412 84.04 9.09 24.51
C ILE L 412 84.69 10.18 25.36
N ALA L 413 85.40 9.77 26.40
CA ALA L 413 85.99 10.74 27.32
C ALA L 413 87.28 10.17 27.88
N ASP L 414 88.07 11.06 28.49
CA ASP L 414 89.39 10.71 29.02
C ASP L 414 89.25 10.52 30.54
N LEU L 415 88.69 9.38 30.92
CA LEU L 415 88.50 9.08 32.34
C LEU L 415 89.77 8.53 32.97
N ALA L 416 90.63 7.90 32.18
CA ALA L 416 91.90 7.39 32.69
C ALA L 416 92.95 8.50 32.67
N ASN L 417 94.13 8.18 33.22
CA ASN L 417 95.21 9.15 33.31
C ASN L 417 95.82 9.46 31.96
N GLU L 418 95.63 8.60 30.96
CA GLU L 418 96.21 8.80 29.64
C GLU L 418 95.64 10.07 28.99
N ASP L 419 96.19 10.40 27.82
CA ASP L 419 95.81 11.62 27.11
C ASP L 419 94.80 11.37 25.99
N THR L 420 94.96 10.29 25.23
CA THR L 420 93.98 9.96 24.21
C THR L 420 92.67 9.55 24.87
N PRO L 421 91.54 10.15 24.50
CA PRO L 421 90.27 9.76 25.11
C PRO L 421 89.93 8.31 24.83
N GLN L 422 89.24 7.68 25.77
CA GLN L 422 88.80 6.31 25.64
C GLN L 422 87.32 6.29 25.28
N LEU L 423 86.89 5.17 24.68
CA LEU L 423 85.48 4.98 24.31
C LEU L 423 84.84 4.11 25.38
N TYR L 424 84.05 4.73 26.25
CA TYR L 424 83.33 4.00 27.30
C TYR L 424 81.97 3.59 26.74
N VAL L 425 81.80 2.30 26.53
CA VAL L 425 80.68 1.76 25.76
C VAL L 425 79.82 0.90 26.66
N ALA L 426 78.56 1.30 26.84
CA ALA L 426 77.57 0.48 27.52
C ALA L 426 76.85 -0.35 26.45
N CYS L 427 77.09 -1.67 26.48
CA CYS L 427 76.61 -2.52 25.40
C CYS L 427 76.44 -3.94 25.91
N GLY L 428 75.44 -4.63 25.40
CA GLY L 428 75.26 -6.03 25.73
C GLY L 428 73.82 -6.46 25.57
N ARG L 429 73.55 -7.67 26.04
CA ARG L 429 72.26 -8.32 25.88
C ARG L 429 71.93 -9.07 27.16
N GLY L 430 70.99 -8.53 27.94
CA GLY L 430 70.51 -9.18 29.14
C GLY L 430 71.61 -9.48 30.14
N PRO L 431 71.73 -10.75 30.52
CA PRO L 431 72.78 -11.13 31.49
C PRO L 431 74.19 -11.03 30.94
N ARG L 432 74.35 -11.10 29.62
CA ARG L 432 75.66 -10.98 28.98
C ARG L 432 76.00 -9.53 28.64
N SER L 433 75.33 -8.57 29.25
CA SER L 433 75.63 -7.17 29.04
C SER L 433 76.97 -6.81 29.69
N SER L 434 77.50 -5.64 29.33
CA SER L 434 78.80 -5.23 29.83
C SER L 434 79.02 -3.75 29.56
N LEU L 435 79.92 -3.17 30.35
CA LEU L 435 80.48 -1.85 30.10
C LEU L 435 81.93 -2.07 29.69
N ARG L 436 82.23 -1.87 28.41
CA ARG L 436 83.55 -2.13 27.87
C ARG L 436 84.27 -0.82 27.58
N VAL L 437 85.54 -0.76 27.95
CA VAL L 437 86.40 0.39 27.69
C VAL L 437 87.23 0.09 26.45
N LEU L 438 87.26 1.05 25.53
CA LEU L 438 87.91 0.87 24.23
C LEU L 438 89.07 1.85 24.11
N ARG L 439 90.27 1.31 23.87
CA ARG L 439 91.45 2.09 23.53
C ARG L 439 91.98 1.59 22.19
N HIS L 440 92.21 2.52 21.26
CA HIS L 440 92.71 2.16 19.95
C HIS L 440 94.24 2.08 20.00
N GLY L 441 94.77 0.89 19.73
CA GLY L 441 96.20 0.70 19.73
C GLY L 441 96.59 -0.75 19.50
N LEU L 442 97.65 -1.19 20.16
CA LEU L 442 98.15 -2.56 20.03
C LEU L 442 97.63 -3.40 21.19
N GLU L 443 97.18 -4.61 20.86
CA GLU L 443 96.61 -5.48 21.88
C GLU L 443 97.71 -6.02 22.80
N VAL L 444 97.48 -5.95 24.10
CA VAL L 444 98.43 -6.41 25.11
C VAL L 444 97.88 -7.67 25.74
N SER L 445 98.63 -8.76 25.67
CA SER L 445 98.25 -10.03 26.27
C SER L 445 98.92 -10.14 27.64
N GLU L 446 98.13 -10.10 28.69
CA GLU L 446 98.65 -10.19 30.06
C GLU L 446 99.08 -11.61 30.35
N MET L 447 100.40 -11.85 30.38
CA MET L 447 100.90 -13.17 30.74
C MET L 447 100.82 -13.41 32.23
N ALA L 448 101.13 -12.41 33.04
CA ALA L 448 101.06 -12.55 34.49
C ALA L 448 100.84 -11.19 35.13
N VAL L 449 100.21 -11.18 36.30
CA VAL L 449 99.97 -9.98 37.08
C VAL L 449 100.12 -10.31 38.55
N SER L 450 100.96 -9.56 39.26
CA SER L 450 101.18 -9.77 40.68
C SER L 450 101.43 -8.44 41.36
N GLU L 451 100.66 -8.15 42.41
CA GLU L 451 100.81 -6.89 43.12
C GLU L 451 102.10 -6.90 43.95
N LEU L 452 102.70 -5.72 44.10
CA LEU L 452 103.94 -5.58 44.83
C LEU L 452 103.76 -4.66 46.04
N PRO L 453 104.40 -4.97 47.16
CA PRO L 453 104.33 -4.09 48.33
C PRO L 453 105.13 -2.81 48.11
N GLY L 454 104.78 -1.78 48.86
CA GLY L 454 105.48 -0.52 48.75
C GLY L 454 105.26 0.11 47.38
N ASN L 455 106.22 0.94 46.98
CA ASN L 455 106.16 1.64 45.69
C ASN L 455 107.37 1.24 44.86
N PRO L 456 107.22 0.32 43.91
CA PRO L 456 108.35 -0.04 43.04
C PRO L 456 108.67 1.08 42.07
N ASN L 457 109.96 1.27 41.79
CA ASN L 457 110.38 2.30 40.86
C ASN L 457 111.14 1.81 39.64
N ALA L 458 111.62 0.57 39.64
CA ALA L 458 112.32 0.08 38.46
C ALA L 458 112.23 -1.44 38.37
N VAL L 459 112.70 -1.97 37.24
CA VAL L 459 112.70 -3.40 36.97
C VAL L 459 113.65 -3.68 35.82
N TRP L 460 114.34 -4.81 35.89
CA TRP L 460 115.23 -5.28 34.84
C TRP L 460 115.07 -6.78 34.68
N THR L 461 115.63 -7.31 33.60
CA THR L 461 115.58 -8.75 33.33
C THR L 461 116.93 -9.17 32.80
N VAL L 462 117.63 -10.01 33.56
CA VAL L 462 119.03 -10.36 33.29
C VAL L 462 119.13 -11.84 33.00
N ARG L 463 119.94 -12.18 31.99
CA ARG L 463 120.28 -13.55 31.69
C ARG L 463 121.44 -14.03 32.56
N ARG L 464 121.56 -15.35 32.70
CA ARG L 464 122.67 -15.93 33.43
C ARG L 464 123.89 -16.13 32.55
N HIS L 465 123.68 -16.51 31.29
CA HIS L 465 124.76 -16.70 30.34
C HIS L 465 124.38 -16.03 29.02
N ILE L 466 125.39 -15.66 28.24
CA ILE L 466 125.14 -14.97 26.98
C ILE L 466 124.45 -15.91 25.98
N GLU L 467 124.79 -17.20 26.01
CA GLU L 467 124.17 -18.17 25.11
C GLU L 467 122.82 -18.68 25.62
N ASP L 468 122.36 -18.20 26.77
CA ASP L 468 121.05 -18.60 27.28
C ASP L 468 119.96 -17.98 26.42
N GLU L 469 119.07 -18.83 25.90
CA GLU L 469 117.96 -18.36 25.08
C GLU L 469 116.79 -17.83 25.91
N PHE L 470 116.91 -17.83 27.24
CA PHE L 470 115.85 -17.34 28.11
C PHE L 470 116.48 -16.60 29.28
N ASP L 471 115.78 -15.55 29.75
CA ASP L 471 116.27 -14.76 30.86
C ASP L 471 116.28 -15.59 32.14
N ALA L 472 116.93 -15.06 33.16
CA ALA L 472 117.09 -15.77 34.42
C ALA L 472 116.52 -15.03 35.62
N TYR L 473 116.67 -13.71 35.68
CA TYR L 473 116.27 -12.94 36.85
C TYR L 473 115.43 -11.73 36.46
N ILE L 474 114.47 -11.41 37.31
CA ILE L 474 113.68 -10.19 37.24
C ILE L 474 113.96 -9.39 38.50
N ILE L 475 114.52 -8.18 38.33
CA ILE L 475 114.91 -7.34 39.45
C ILE L 475 113.93 -6.19 39.56
N VAL L 476 113.39 -5.98 40.75
CA VAL L 476 112.43 -4.90 41.01
C VAL L 476 113.01 -3.98 42.06
N SER L 477 113.26 -2.74 41.68
CA SER L 477 113.84 -1.74 42.57
C SER L 477 112.72 -0.92 43.20
N PHE L 478 112.68 -0.89 44.53
CA PHE L 478 111.84 -0.02 45.33
C PHE L 478 112.67 1.19 45.78
N VAL L 479 112.19 1.91 46.80
CA VAL L 479 112.87 3.11 47.26
C VAL L 479 114.02 2.76 48.21
N ASN L 480 113.80 1.80 49.11
CA ASN L 480 114.78 1.46 50.13
C ASN L 480 115.40 0.08 49.95
N ALA L 481 114.91 -0.73 49.02
CA ALA L 481 115.46 -2.07 48.80
C ALA L 481 115.04 -2.53 47.41
N THR L 482 115.64 -3.64 46.98
CA THR L 482 115.29 -4.26 45.70
C THR L 482 115.04 -5.75 45.91
N LEU L 483 114.01 -6.25 45.26
CA LEU L 483 113.63 -7.66 45.30
C LEU L 483 114.12 -8.34 44.02
N VAL L 484 114.72 -9.51 44.17
CA VAL L 484 115.20 -10.30 43.05
C VAL L 484 114.33 -11.54 42.93
N LEU L 485 113.90 -11.83 41.70
CA LEU L 485 113.08 -13.00 41.40
C LEU L 485 113.78 -13.83 40.33
N SER L 486 113.54 -15.13 40.39
CA SER L 486 114.06 -16.06 39.39
C SER L 486 112.89 -16.66 38.63
N ILE L 487 112.89 -16.50 37.31
CA ILE L 487 111.87 -17.16 36.48
C ILE L 487 112.23 -18.64 36.36
N GLY L 488 111.86 -19.41 37.38
CA GLY L 488 112.05 -20.85 37.35
C GLY L 488 110.77 -21.57 37.01
N GLU L 489 110.05 -21.04 36.01
CA GLU L 489 108.76 -21.54 35.55
C GLU L 489 107.70 -21.45 36.65
N THR L 490 108.12 -20.98 37.83
CA THR L 490 107.21 -20.70 38.93
C THR L 490 107.36 -19.28 39.47
N VAL L 491 108.39 -18.55 39.04
CA VAL L 491 108.66 -17.17 39.45
C VAL L 491 108.74 -17.11 40.97
N GLU L 492 109.62 -17.92 41.55
CA GLU L 492 109.81 -17.91 43.00
C GLU L 492 110.77 -16.81 43.41
N GLU L 493 110.54 -16.27 44.60
CA GLU L 493 111.47 -15.31 45.19
C GLU L 493 112.76 -16.01 45.57
N VAL L 494 113.89 -15.41 45.22
CA VAL L 494 115.19 -15.99 45.48
C VAL L 494 116.02 -14.99 46.29
N THR L 495 116.97 -15.53 47.07
CA THR L 495 117.87 -14.72 47.89
C THR L 495 119.33 -14.88 47.50
N ASP L 496 119.72 -16.03 46.97
CA ASP L 496 121.11 -16.33 46.64
C ASP L 496 121.52 -15.84 45.26
N SER L 497 120.77 -14.92 44.66
CA SER L 497 121.16 -14.38 43.36
C SER L 497 122.47 -13.61 43.45
N GLY L 498 122.77 -13.06 44.62
CA GLY L 498 123.98 -12.30 44.83
C GLY L 498 123.79 -10.79 44.79
N PHE L 499 122.75 -10.31 44.11
CA PHE L 499 122.51 -8.87 44.05
C PHE L 499 122.40 -8.27 45.45
N LEU L 500 121.63 -8.93 46.31
CA LEU L 500 121.50 -8.56 47.73
C LEU L 500 121.18 -7.07 47.87
N GLY L 501 120.00 -6.72 47.39
CA GLY L 501 119.58 -5.34 47.35
C GLY L 501 118.95 -4.81 48.62
N THR L 502 119.78 -4.42 49.59
CA THR L 502 119.31 -3.69 50.75
C THR L 502 119.24 -2.19 50.48
N THR L 503 119.62 -1.76 49.28
CA THR L 503 119.51 -0.38 48.81
C THR L 503 118.72 -0.39 47.51
N PRO L 504 118.22 0.75 47.03
CA PRO L 504 117.69 0.79 45.67
C PRO L 504 118.79 0.48 44.66
N THR L 505 118.36 0.07 43.47
CA THR L 505 119.29 -0.30 42.40
C THR L 505 119.06 0.61 41.20
N LEU L 506 120.15 1.04 40.58
CA LEU L 506 120.07 1.83 39.36
C LEU L 506 120.13 0.99 38.09
N SER L 507 120.83 -0.15 38.12
CA SER L 507 120.89 -0.97 36.91
C SER L 507 121.25 -2.41 37.26
N CYS L 508 120.87 -3.31 36.36
CA CYS L 508 121.26 -4.72 36.41
C CYS L 508 121.52 -5.17 34.99
N SER L 509 122.71 -5.72 34.73
CA SER L 509 123.05 -6.10 33.37
C SER L 509 123.93 -7.35 33.38
N LEU L 510 124.07 -7.95 32.20
CA LEU L 510 124.98 -9.07 31.98
C LEU L 510 126.20 -8.52 31.25
N LEU L 511 127.34 -8.47 31.95
CA LEU L 511 128.55 -7.90 31.37
C LEU L 511 129.38 -8.96 30.66
N GLY L 512 130.07 -9.81 31.43
CA GLY L 512 130.87 -10.86 30.82
C GLY L 512 130.01 -11.86 30.08
N ASP L 513 130.62 -12.92 29.54
CA ASP L 513 129.84 -14.00 28.96
C ASP L 513 128.91 -14.63 29.99
N ASP L 514 129.23 -14.48 31.27
CA ASP L 514 128.42 -15.05 32.34
C ASP L 514 128.38 -14.16 33.57
N ALA L 515 128.96 -12.96 33.52
CA ALA L 515 129.08 -12.08 34.67
C ALA L 515 127.93 -11.09 34.72
N LEU L 516 127.47 -10.79 35.93
CA LEU L 516 126.37 -9.86 36.18
C LEU L 516 126.92 -8.63 36.91
N VAL L 517 126.30 -7.48 36.64
CA VAL L 517 126.72 -6.21 37.22
C VAL L 517 125.49 -5.47 37.75
N GLN L 518 125.52 -5.09 39.01
CA GLN L 518 124.46 -4.31 39.64
C GLN L 518 125.02 -2.93 40.00
N VAL L 519 124.26 -1.89 39.67
CA VAL L 519 124.65 -0.51 39.95
C VAL L 519 123.65 0.08 40.92
N TYR L 520 124.13 0.48 42.10
CA TYR L 520 123.32 1.05 43.16
C TYR L 520 123.93 2.37 43.61
N PRO L 521 123.15 3.22 44.29
CA PRO L 521 123.66 4.58 44.58
C PRO L 521 124.94 4.60 45.40
N ASP L 522 125.20 3.59 46.21
CA ASP L 522 126.40 3.56 47.02
C ASP L 522 127.61 2.97 46.29
N GLY L 523 127.42 2.44 45.08
CA GLY L 523 128.56 1.96 44.32
C GLY L 523 128.12 0.86 43.35
N ILE L 524 129.13 0.12 42.89
CA ILE L 524 128.97 -0.89 41.85
C ILE L 524 129.32 -2.25 42.43
N ARG L 525 128.49 -3.25 42.14
CA ARG L 525 128.70 -4.60 42.63
C ARG L 525 128.83 -5.55 41.44
N HIS L 526 129.97 -6.21 41.34
CA HIS L 526 130.21 -7.20 40.28
C HIS L 526 130.07 -8.61 40.82
N ILE L 527 129.34 -9.43 40.08
CA ILE L 527 129.04 -10.81 40.45
C ILE L 527 129.50 -11.70 39.31
N ARG L 528 130.56 -12.46 39.54
CA ARG L 528 131.01 -13.42 38.54
C ARG L 528 130.05 -14.62 38.53
N ALA L 529 130.02 -15.34 37.40
CA ALA L 529 129.34 -16.62 37.35
C ALA L 529 129.75 -17.50 38.53
N ASP L 530 131.06 -17.67 38.72
CA ASP L 530 131.57 -18.12 40.00
C ASP L 530 131.22 -17.07 41.04
N LYS L 531 130.64 -17.50 42.16
CA LYS L 531 130.10 -16.57 43.16
C LYS L 531 131.25 -15.80 43.81
N ARG L 532 131.73 -14.79 43.07
CA ARG L 532 132.71 -13.84 43.56
C ARG L 532 132.12 -12.43 43.42
N VAL L 533 132.30 -11.62 44.46
CA VAL L 533 131.74 -10.27 44.51
C VAL L 533 132.89 -9.28 44.58
N ASN L 534 132.96 -8.38 43.61
CA ASN L 534 133.91 -7.26 43.63
C ASN L 534 133.12 -5.97 43.80
N GLU L 535 133.32 -5.31 44.93
CA GLU L 535 132.58 -4.10 45.25
C GLU L 535 133.36 -2.86 44.78
N TRP L 536 132.64 -1.74 44.70
CA TRP L 536 133.19 -0.47 44.27
C TRP L 536 132.47 0.63 45.03
N LYS L 537 133.10 1.12 46.08
CA LYS L 537 132.54 2.20 46.88
C LYS L 537 132.58 3.51 46.11
N THR L 538 131.58 4.34 46.36
CA THR L 538 131.54 5.65 45.73
C THR L 538 132.59 6.56 46.38
N PRO L 539 133.41 7.27 45.61
CA PRO L 539 134.47 8.09 46.20
C PRO L 539 133.90 9.20 47.07
N GLY L 540 134.37 9.24 48.32
CA GLY L 540 133.91 10.28 49.24
C GLY L 540 132.46 10.08 49.66
N LYS L 541 131.86 11.18 50.10
CA LYS L 541 130.47 11.18 50.51
C LYS L 541 129.49 11.22 49.35
N LYS L 542 129.99 11.21 48.11
CA LYS L 542 129.13 11.30 46.94
C LYS L 542 128.30 10.04 46.78
N THR L 543 127.35 10.11 45.84
CA THR L 543 126.60 8.95 45.38
C THR L 543 126.49 9.03 43.86
N ILE L 544 126.31 7.88 43.23
CA ILE L 544 126.11 7.82 41.79
C ILE L 544 124.67 8.19 41.45
N VAL L 545 124.51 9.13 40.54
CA VAL L 545 123.18 9.62 40.16
C VAL L 545 122.59 8.80 39.02
N LYS L 546 123.37 8.55 37.96
CA LYS L 546 122.86 7.85 36.79
C LYS L 546 123.90 6.86 36.29
N CYS L 547 123.48 6.01 35.35
CA CYS L 547 124.35 4.96 34.85
C CYS L 547 123.92 4.58 33.44
N ALA L 548 124.86 3.97 32.72
CA ALA L 548 124.62 3.44 31.37
C ALA L 548 125.47 2.19 31.23
N VAL L 549 124.82 1.04 31.12
CA VAL L 549 125.51 -0.24 31.08
C VAL L 549 125.54 -0.77 29.65
N ASN L 550 126.36 -1.78 29.43
CA ASN L 550 126.62 -2.31 28.10
C ASN L 550 127.07 -3.76 28.26
N GLN L 551 127.23 -4.44 27.12
CA GLN L 551 127.76 -5.79 27.17
C GLN L 551 129.23 -5.80 27.60
N ARG L 552 129.99 -4.75 27.27
CA ARG L 552 131.40 -4.71 27.67
C ARG L 552 131.82 -3.34 28.17
N GLN L 553 130.87 -2.48 28.58
CA GLN L 553 131.19 -1.14 29.04
C GLN L 553 130.24 -0.76 30.18
N VAL L 554 130.74 0.02 31.13
CA VAL L 554 129.94 0.51 32.24
C VAL L 554 130.31 1.96 32.51
N VAL L 555 129.43 2.89 32.13
CA VAL L 555 129.64 4.31 32.37
C VAL L 555 128.73 4.73 33.51
N ILE L 556 129.24 5.58 34.41
CA ILE L 556 128.47 6.01 35.57
C ILE L 556 128.63 7.52 35.75
N ALA L 557 127.60 8.14 36.34
CA ALA L 557 127.58 9.58 36.59
C ALA L 557 127.23 9.81 38.05
N LEU L 558 128.10 10.53 38.75
CA LEU L 558 127.99 10.79 40.17
C LEU L 558 127.69 12.28 40.41
N THR L 559 127.21 12.56 41.62
CA THR L 559 126.83 13.91 42.03
C THR L 559 127.92 14.91 41.67
N GLY L 560 127.49 16.12 41.30
CA GLY L 560 128.40 17.09 40.73
C GLY L 560 128.73 16.84 39.28
N GLY L 561 128.04 15.91 38.63
CA GLY L 561 128.29 15.60 37.23
C GLY L 561 129.65 15.00 36.96
N GLU L 562 130.09 14.05 37.77
CA GLU L 562 131.41 13.45 37.62
C GLU L 562 131.25 12.06 37.00
N LEU L 563 131.77 11.89 35.78
CA LEU L 563 131.69 10.63 35.07
C LEU L 563 132.84 9.72 35.46
N VAL L 564 132.54 8.44 35.63
CA VAL L 564 133.55 7.40 35.84
C VAL L 564 133.27 6.28 34.85
N TYR L 565 134.32 5.80 34.19
CA TYR L 565 134.19 4.85 33.10
C TYR L 565 134.90 3.54 33.46
N PHE L 566 134.24 2.42 33.17
CA PHE L 566 134.78 1.09 33.43
C PHE L 566 134.70 0.28 32.15
N GLU L 567 135.79 -0.41 31.82
CA GLU L 567 135.83 -1.28 30.66
C GLU L 567 136.29 -2.66 31.07
N MET L 568 135.68 -3.68 30.47
CA MET L 568 135.99 -5.06 30.80
C MET L 568 137.13 -5.57 29.93
N ASP L 569 138.15 -6.14 30.58
CA ASP L 569 139.22 -6.80 29.86
C ASP L 569 138.71 -8.11 29.27
N PRO L 570 139.33 -8.59 28.19
CA PRO L 570 139.04 -9.95 27.73
C PRO L 570 139.25 -11.01 28.81
N SER L 571 140.00 -10.68 29.85
CA SER L 571 140.21 -11.57 31.00
C SER L 571 139.05 -11.53 31.99
N GLY L 572 138.00 -10.77 31.71
CA GLY L 572 136.74 -10.87 32.44
C GLY L 572 136.54 -9.88 33.57
N GLN L 573 137.54 -9.08 33.92
CA GLN L 573 137.41 -8.15 35.02
C GLN L 573 137.30 -6.72 34.51
N LEU L 574 136.78 -5.84 35.36
CA LEU L 574 136.57 -4.44 35.02
C LEU L 574 137.75 -3.61 35.48
N ASN L 575 138.21 -2.72 34.61
CA ASN L 575 139.23 -1.74 34.94
C ASN L 575 138.65 -0.35 34.74
N GLU L 576 138.81 0.51 35.75
CA GLU L 576 138.36 1.89 35.67
C GLU L 576 139.34 2.71 34.83
N TYR L 577 138.79 3.62 34.04
CA TYR L 577 139.63 4.52 33.26
C TYR L 577 140.44 5.42 34.18
N THR L 578 141.58 5.89 33.67
CA THR L 578 142.53 6.68 34.45
C THR L 578 142.12 8.15 34.59
N GLU L 579 140.91 8.51 34.16
CA GLU L 579 140.47 9.90 34.20
C GLU L 579 138.99 9.96 34.52
N ARG L 580 138.58 11.06 35.16
CA ARG L 580 137.20 11.32 35.50
C ARG L 580 136.84 12.72 35.02
N LYS L 581 135.83 12.81 34.17
CA LYS L 581 135.45 14.07 33.55
C LYS L 581 134.28 14.70 34.29
N GLU L 582 134.30 16.03 34.40
CA GLU L 582 133.22 16.79 34.99
C GLU L 582 132.42 17.50 33.89
N MET L 583 131.15 17.75 34.17
CA MET L 583 130.23 18.35 33.23
C MET L 583 129.90 19.78 33.65
N SER L 584 129.30 20.52 32.71
CA SER L 584 128.84 21.87 33.01
C SER L 584 127.70 21.88 34.03
N ALA L 585 126.99 20.76 34.16
CA ALA L 585 125.92 20.64 35.14
C ALA L 585 125.76 19.16 35.49
N ASP L 586 124.84 18.88 36.41
CA ASP L 586 124.60 17.50 36.81
C ASP L 586 123.97 16.70 35.68
N VAL L 587 124.16 15.39 35.72
CA VAL L 587 123.66 14.49 34.70
C VAL L 587 122.30 13.94 35.12
N VAL L 588 121.35 13.91 34.19
CA VAL L 588 120.01 13.44 34.47
C VAL L 588 119.65 12.16 33.73
N CYS L 589 120.41 11.76 32.71
CA CYS L 589 120.12 10.55 31.96
C CYS L 589 121.31 10.25 31.04
N MET L 590 121.55 8.96 30.82
CA MET L 590 122.61 8.51 29.93
C MET L 590 122.15 7.30 29.15
N SER L 591 122.73 7.12 27.96
CA SER L 591 122.47 5.96 27.13
C SER L 591 123.77 5.52 26.47
N LEU L 592 123.93 4.21 26.34
CA LEU L 592 125.13 3.64 25.74
C LEU L 592 124.70 2.55 24.76
N ALA L 593 124.96 2.77 23.48
CA ALA L 593 124.53 1.82 22.46
C ALA L 593 125.16 0.45 22.67
N ASN L 594 124.45 -0.59 22.24
CA ASN L 594 124.96 -1.94 22.35
C ASN L 594 126.21 -2.11 21.50
N VAL L 595 127.06 -3.06 21.88
CA VAL L 595 128.29 -3.33 21.15
C VAL L 595 127.97 -4.22 19.95
N PRO L 596 128.49 -3.91 18.76
CA PRO L 596 128.30 -4.79 17.61
C PRO L 596 128.96 -6.13 17.86
N PRO L 597 128.50 -7.19 17.18
CA PRO L 597 129.10 -8.52 17.43
C PRO L 597 130.58 -8.59 17.11
N GLY L 598 130.99 -8.06 15.96
CA GLY L 598 132.40 -8.12 15.59
C GLY L 598 133.27 -7.22 16.43
N GLU L 599 132.81 -5.99 16.69
CA GLU L 599 133.61 -5.03 17.44
C GLU L 599 133.64 -5.40 18.92
N GLN L 600 134.49 -4.69 19.66
CA GLN L 600 134.71 -4.98 21.08
C GLN L 600 134.19 -3.88 22.00
N ARG L 601 133.72 -2.76 21.46
CA ARG L 601 133.19 -1.69 22.29
C ARG L 601 132.34 -0.76 21.44
N SER L 602 131.44 -0.05 22.12
CA SER L 602 130.66 1.01 21.48
C SER L 602 131.37 2.34 21.68
N ARG L 603 131.30 3.19 20.65
CA ARG L 603 132.06 4.44 20.66
C ARG L 603 131.31 5.58 21.32
N PHE L 604 130.02 5.73 21.04
CA PHE L 604 129.28 6.94 21.40
C PHE L 604 128.58 6.77 22.74
N LEU L 605 128.54 7.86 23.52
CA LEU L 605 127.89 7.90 24.82
C LEU L 605 127.06 9.17 24.91
N ALA L 606 125.75 9.00 25.06
CA ALA L 606 124.84 10.14 25.15
C ALA L 606 124.63 10.51 26.62
N VAL L 607 124.83 11.80 26.94
CA VAL L 607 124.71 12.29 28.30
C VAL L 607 123.84 13.55 28.28
N GLY L 608 122.73 13.50 29.00
CA GLY L 608 121.85 14.66 29.13
C GLY L 608 122.05 15.33 30.47
N LEU L 609 122.06 16.67 30.46
CA LEU L 609 122.39 17.44 31.64
C LEU L 609 121.21 18.29 32.09
N VAL L 610 121.31 18.79 33.32
CA VAL L 610 120.35 19.77 33.82
C VAL L 610 120.43 21.05 33.00
N ASP L 611 121.50 21.22 32.24
CA ASP L 611 121.74 22.35 31.34
C ASP L 611 120.72 22.36 30.21
N ASN L 612 119.85 21.35 30.17
CA ASN L 612 118.89 21.17 29.07
C ASN L 612 119.61 20.97 27.74
N THR L 613 120.67 20.17 27.78
CA THR L 613 121.43 19.82 26.58
C THR L 613 121.82 18.35 26.64
N VAL L 614 121.98 17.77 25.46
CA VAL L 614 122.52 16.42 25.30
C VAL L 614 123.88 16.53 24.65
N ARG L 615 124.80 15.65 25.05
CA ARG L 615 126.17 15.70 24.59
C ARG L 615 126.64 14.29 24.25
N ILE L 616 127.38 14.17 23.15
CA ILE L 616 127.95 12.90 22.71
C ILE L 616 129.41 12.86 23.11
N ILE L 617 129.83 11.76 23.71
CA ILE L 617 131.19 11.57 24.19
C ILE L 617 131.74 10.27 23.62
N SER L 618 132.91 10.33 23.01
CA SER L 618 133.55 9.13 22.48
C SER L 618 134.18 8.32 23.61
N LEU L 619 134.09 7.00 23.50
CA LEU L 619 134.74 6.09 24.43
C LEU L 619 135.92 5.36 23.80
N ASP L 620 136.26 5.68 22.55
CA ASP L 620 137.45 5.12 21.95
C ASP L 620 138.69 5.63 22.72
N PRO L 621 139.70 4.79 22.90
CA PRO L 621 140.87 5.22 23.68
C PRO L 621 141.66 6.34 23.02
N SER L 622 141.51 6.55 21.71
CA SER L 622 142.17 7.66 21.05
C SER L 622 141.66 8.99 21.58
N ASP L 623 140.35 9.10 21.82
CA ASP L 623 139.72 10.30 22.37
C ASP L 623 138.72 9.89 23.45
N CYS L 624 139.23 9.28 24.50
CA CYS L 624 138.38 8.79 25.58
C CYS L 624 137.92 9.95 26.45
N LEU L 625 136.61 10.05 26.65
CA LEU L 625 135.99 11.10 27.44
C LEU L 625 136.29 12.48 26.87
N GLN L 626 136.06 12.63 25.57
CA GLN L 626 136.25 13.90 24.88
C GLN L 626 134.95 14.35 24.22
N PRO L 627 134.63 15.65 24.27
CA PRO L 627 133.40 16.14 23.65
C PRO L 627 133.43 15.96 22.13
N LEU L 628 132.33 15.43 21.60
CA LEU L 628 132.17 15.24 20.17
C LEU L 628 131.14 16.18 19.55
N SER L 629 129.97 16.31 20.18
CA SER L 629 128.94 17.21 19.68
C SER L 629 127.95 17.49 20.81
N MET L 630 127.44 18.71 20.84
CA MET L 630 126.41 19.12 21.79
C MET L 630 125.13 19.46 21.05
N GLN L 631 124.03 19.50 21.79
CA GLN L 631 122.74 19.80 21.19
C GLN L 631 121.81 20.35 22.27
N ALA L 632 121.19 21.49 22.00
CA ALA L 632 120.26 22.13 22.93
C ALA L 632 118.87 21.54 22.78
N LEU L 633 118.15 21.48 23.90
CA LEU L 633 116.84 20.87 23.93
C LEU L 633 115.80 21.86 24.45
N PRO L 634 114.55 21.78 23.96
CA PRO L 634 113.51 22.71 24.43
C PRO L 634 113.16 22.55 25.90
N ALA L 635 113.57 21.47 26.55
CA ALA L 635 113.32 21.28 27.97
C ALA L 635 114.33 20.28 28.51
N GLN L 636 114.23 20.02 29.82
CA GLN L 636 115.20 19.16 30.48
C GLN L 636 114.99 17.70 30.06
N PRO L 637 116.07 16.96 29.78
CA PRO L 637 115.91 15.57 29.37
C PRO L 637 115.47 14.69 30.54
N GLU L 638 114.79 13.61 30.19
CA GLU L 638 114.37 12.58 31.15
C GLU L 638 115.01 11.23 30.87
N SER L 639 115.16 10.85 29.60
CA SER L 639 115.80 9.60 29.27
C SER L 639 116.38 9.68 27.87
N LEU L 640 117.38 8.84 27.61
CA LEU L 640 118.04 8.75 26.31
C LEU L 640 118.13 7.29 25.91
N CYS L 641 118.17 7.04 24.60
CA CYS L 641 118.29 5.67 24.10
C CYS L 641 118.82 5.68 22.68
N ILE L 642 120.01 5.11 22.49
CA ILE L 642 120.60 4.95 21.16
C ILE L 642 120.20 3.58 20.63
N VAL L 643 119.83 3.52 19.35
CA VAL L 643 119.36 2.28 18.74
C VAL L 643 119.63 2.33 17.25
N GLU L 644 119.79 1.16 16.65
CA GLU L 644 120.05 1.04 15.21
C GLU L 644 118.73 0.73 14.49
N MET L 645 118.36 1.59 13.55
CA MET L 645 117.16 1.41 12.73
C MET L 645 115.91 1.14 13.56
N PHE L 662 122.83 4.56 10.06
CA PHE L 662 121.52 4.09 10.49
C PHE L 662 121.45 4.02 12.01
N LEU L 663 122.10 4.97 12.68
CA LEU L 663 122.08 5.07 14.13
C LEU L 663 121.19 6.23 14.55
N TYR L 664 120.37 5.99 15.57
CA TYR L 664 119.39 6.96 16.03
C TYR L 664 119.54 7.18 17.53
N LEU L 665 119.47 8.45 17.92
CA LEU L 665 119.53 8.88 19.31
C LEU L 665 118.16 9.41 19.70
N ASN L 666 117.55 8.78 20.68
CA ASN L 666 116.20 9.07 21.13
C ASN L 666 116.25 9.83 22.45
N ILE L 667 115.48 10.92 22.53
CA ILE L 667 115.45 11.80 23.68
C ILE L 667 114.01 11.89 24.17
N GLY L 668 113.79 11.58 25.45
CA GLY L 668 112.51 11.81 26.08
C GLY L 668 112.63 12.86 27.16
N LEU L 669 111.86 13.94 27.07
CA LEU L 669 112.05 15.08 27.96
C LEU L 669 111.12 15.00 29.16
N GLN L 670 111.34 15.91 30.12
CA GLN L 670 110.52 15.93 31.33
C GLN L 670 109.10 16.40 31.03
N ASN L 671 108.92 17.28 30.05
CA ASN L 671 107.62 17.43 29.42
C ASN L 671 107.46 16.35 28.36
N GLY L 672 106.21 15.98 28.08
CA GLY L 672 105.96 14.85 27.22
C GLY L 672 106.33 15.07 25.77
N VAL L 673 107.63 15.11 25.46
CA VAL L 673 108.08 15.20 24.08
C VAL L 673 109.18 14.17 23.85
N LEU L 674 109.20 13.63 22.62
CA LEU L 674 110.14 12.63 22.17
C LEU L 674 110.83 13.12 20.90
N LEU L 675 112.11 12.78 20.75
CA LEU L 675 112.90 13.24 19.62
C LEU L 675 113.76 12.11 19.10
N ARG L 676 113.81 11.96 17.78
CA ARG L 676 114.72 11.06 17.10
C ARG L 676 115.75 11.88 16.34
N THR L 677 117.02 11.49 16.44
CA THR L 677 118.10 12.29 15.86
C THR L 677 119.12 11.36 15.21
N VAL L 678 119.59 11.71 14.01
CA VAL L 678 120.60 10.89 13.35
C VAL L 678 121.92 11.02 14.11
N LEU L 679 122.80 10.02 13.95
CA LEU L 679 124.01 9.94 14.74
C LEU L 679 125.14 9.34 13.92
N ASP L 680 126.38 9.77 14.24
CA ASP L 680 127.67 9.18 13.85
C ASP L 680 128.74 10.12 14.44
N PRO L 681 129.82 10.59 13.76
CA PRO L 681 130.69 11.54 14.47
C PRO L 681 129.98 12.78 14.99
N VAL L 682 128.95 13.25 14.27
CA VAL L 682 128.13 14.37 14.70
C VAL L 682 126.67 13.95 14.49
N THR L 683 125.79 14.55 15.30
CA THR L 683 124.36 14.22 15.28
C THR L 683 123.58 15.40 14.68
N GLY L 684 122.76 15.12 13.67
CA GLY L 684 122.24 16.17 12.81
C GLY L 684 120.74 16.33 12.70
N ASP L 685 120.11 15.56 11.82
CA ASP L 685 118.68 15.67 11.54
C ASP L 685 117.87 15.32 12.79
N LEU L 686 116.66 15.87 12.88
CA LEU L 686 115.85 15.70 14.07
C LEU L 686 114.37 15.63 13.70
N SER L 687 113.62 14.88 14.51
CA SER L 687 112.17 14.88 14.50
C SER L 687 111.66 14.78 15.93
N ASP L 688 110.46 15.29 16.17
CA ASP L 688 109.92 15.30 17.53
C ASP L 688 108.41 15.15 17.50
N THR L 689 107.86 14.62 18.59
CA THR L 689 106.42 14.47 18.74
C THR L 689 106.06 14.67 20.20
N ARG L 690 104.78 14.96 20.45
CA ARG L 690 104.25 15.18 21.78
C ARG L 690 103.59 13.88 22.24
N THR L 691 104.26 13.16 23.12
CA THR L 691 103.77 11.87 23.59
C THR L 691 103.03 12.01 24.91
N GLY L 695 101.58 16.02 26.19
CA GLY L 695 102.52 15.10 26.77
C GLY L 695 102.11 14.62 28.15
N SER L 696 102.01 15.55 29.10
CA SER L 696 101.42 15.33 30.42
C SER L 696 102.27 14.46 31.34
N ARG L 697 103.29 13.80 30.81
CA ARG L 697 104.15 12.93 31.61
C ARG L 697 105.56 12.95 31.06
N PRO L 698 106.58 12.82 31.92
CA PRO L 698 107.95 12.70 31.41
C PRO L 698 108.14 11.38 30.66
N VAL L 699 108.81 11.47 29.52
CA VAL L 699 108.94 10.36 28.59
C VAL L 699 110.14 9.50 28.99
N LYS L 700 109.89 8.24 29.33
CA LYS L 700 110.95 7.28 29.59
C LYS L 700 111.16 6.40 28.37
N LEU L 701 112.40 5.93 28.19
CA LEU L 701 112.80 5.19 27.00
C LEU L 701 113.39 3.85 27.42
N PHE L 702 112.81 2.77 26.91
CA PHE L 702 113.26 1.42 27.25
C PHE L 702 113.49 0.61 25.99
N ARG L 703 114.56 -0.19 25.98
CA ARG L 703 114.83 -1.10 24.88
C ARG L 703 113.95 -2.33 24.98
N VAL L 704 113.31 -2.70 23.87
CA VAL L 704 112.51 -3.92 23.80
C VAL L 704 112.83 -4.66 22.51
N ARG L 705 112.53 -5.95 22.52
CA ARG L 705 112.76 -6.83 21.37
C ARG L 705 111.41 -7.19 20.77
N MET L 706 111.12 -6.62 19.60
CA MET L 706 109.85 -6.84 18.91
C MET L 706 110.11 -7.48 17.56
N GLN L 707 109.46 -8.62 17.31
CA GLN L 707 109.57 -9.34 16.04
C GLN L 707 111.03 -9.64 15.69
N GLY L 708 111.80 -10.05 16.70
CA GLY L 708 113.20 -10.35 16.49
C GLY L 708 114.07 -9.17 16.14
N GLN L 709 113.57 -7.95 16.28
CA GLN L 709 114.33 -6.74 15.98
C GLN L 709 114.32 -5.81 17.19
N GLU L 710 115.23 -4.84 17.18
CA GLU L 710 115.31 -3.88 18.28
C GLU L 710 114.27 -2.78 18.07
N ALA L 711 113.35 -2.66 19.01
CA ALA L 711 112.37 -1.59 19.03
C ALA L 711 112.51 -0.80 20.33
N VAL L 712 112.02 0.44 20.31
CA VAL L 712 112.11 1.30 21.48
C VAL L 712 110.71 1.56 22.02
N LEU L 713 110.62 1.69 23.34
CA LEU L 713 109.35 1.85 24.04
C LEU L 713 109.37 3.15 24.83
N ALA L 714 108.57 4.12 24.40
CA ALA L 714 108.41 5.39 25.09
C ALA L 714 107.28 5.29 26.10
N MET L 715 107.39 6.09 27.17
CA MET L 715 106.50 5.99 28.32
C MET L 715 106.16 7.39 28.80
N SER L 716 104.95 7.84 28.50
CA SER L 716 104.45 9.11 29.00
C SER L 716 103.03 8.92 29.52
N SER L 717 102.06 9.59 28.88
CA SER L 717 100.66 9.34 29.20
C SER L 717 100.20 7.98 28.70
N ARG L 718 100.88 7.44 27.69
CA ARG L 718 100.66 6.08 27.23
C ARG L 718 102.00 5.46 26.89
N SER L 719 102.02 4.15 26.73
CA SER L 719 103.22 3.43 26.33
C SER L 719 103.17 3.27 24.81
N TRP L 720 104.12 3.91 24.12
CA TRP L 720 104.20 3.88 22.68
C TRP L 720 105.36 3.01 22.23
N LEU L 721 105.19 2.32 21.12
CA LEU L 721 106.20 1.45 20.55
C LEU L 721 106.66 2.02 19.22
N SER L 722 107.94 2.40 19.14
CA SER L 722 108.55 2.86 17.91
C SER L 722 109.41 1.74 17.35
N TYR L 723 109.15 1.37 16.09
CA TYR L 723 109.85 0.28 15.43
C TYR L 723 109.86 0.55 13.94
N SER L 724 110.98 0.24 13.29
CA SER L 724 111.11 0.44 11.85
C SER L 724 110.48 -0.71 11.08
N TYR L 725 109.89 -0.39 9.92
CA TYR L 725 109.19 -1.37 9.10
C TYR L 725 109.46 -1.04 7.64
N GLN L 726 110.32 -1.83 6.99
CA GLN L 726 110.71 -1.62 5.61
C GLN L 726 111.25 -0.21 5.39
N SER L 727 112.20 0.17 6.26
CA SER L 727 112.79 1.51 6.25
C SER L 727 111.73 2.60 6.42
N ARG L 728 110.71 2.30 7.21
CA ARG L 728 109.60 3.22 7.46
C ARG L 728 109.15 3.02 8.89
N PHE L 729 109.34 4.04 9.73
CA PHE L 729 109.14 3.89 11.16
C PHE L 729 107.65 3.87 11.50
N HIS L 730 107.36 3.40 12.72
CA HIS L 730 106.00 3.37 13.26
C HIS L 730 106.07 3.67 14.75
N LEU L 731 105.15 4.49 15.23
CA LEU L 731 105.04 4.85 16.65
C LEU L 731 103.60 4.58 17.07
N THR L 732 103.33 3.34 17.49
CA THR L 732 101.97 2.94 17.80
C THR L 732 101.80 2.79 19.31
N PRO L 733 100.80 3.45 19.90
CA PRO L 733 100.58 3.32 21.34
C PRO L 733 99.92 2.00 21.70
N LEU L 734 100.11 1.62 22.97
CA LEU L 734 99.55 0.37 23.48
C LEU L 734 98.19 0.65 24.13
N SER L 735 97.20 -0.17 23.77
CA SER L 735 95.88 -0.12 24.41
C SER L 735 96.00 -0.73 25.80
N TYR L 736 96.48 0.10 26.73
CA TYR L 736 96.78 -0.36 28.08
C TYR L 736 96.89 0.88 28.97
N GLU L 737 96.85 0.64 30.28
CA GLU L 737 96.96 1.73 31.23
C GLU L 737 98.39 2.26 31.28
N THR L 738 98.58 3.34 32.04
CA THR L 738 99.91 3.90 32.21
C THR L 738 100.82 2.92 32.94
N LEU L 739 102.07 2.89 32.53
CA LEU L 739 103.09 2.06 33.16
C LEU L 739 104.25 2.93 33.61
N GLU L 740 104.98 2.43 34.62
CA GLU L 740 106.08 3.18 35.20
C GLU L 740 107.45 2.74 34.68
N PHE L 741 107.65 1.44 34.43
CA PHE L 741 108.92 0.99 33.89
C PHE L 741 108.67 -0.28 33.09
N ALA L 742 109.62 -0.61 32.20
CA ALA L 742 109.54 -1.83 31.43
C ALA L 742 110.93 -2.26 30.99
N SER L 743 111.06 -3.56 30.72
CA SER L 743 112.30 -4.15 30.22
C SER L 743 111.95 -5.40 29.42
N GLY L 744 112.82 -5.73 28.47
CA GLY L 744 112.56 -6.89 27.63
C GLY L 744 112.59 -8.18 28.43
N PHE L 745 111.74 -9.13 28.02
CA PHE L 745 111.57 -10.38 28.74
C PHE L 745 111.56 -11.55 27.76
N ALA L 746 112.07 -12.69 28.23
CA ALA L 746 112.15 -13.89 27.40
C ALA L 746 112.21 -15.11 28.31
N SER L 747 111.14 -15.90 28.33
CA SER L 747 111.10 -17.16 29.07
C SER L 747 110.44 -18.22 28.20
N GLU L 748 110.40 -19.45 28.70
CA GLU L 748 109.68 -20.50 27.97
C GLU L 748 108.19 -20.25 28.01
N GLN L 749 107.67 -19.70 29.11
CA GLN L 749 106.26 -19.34 29.18
C GLN L 749 105.92 -18.23 28.20
N CYS L 750 106.78 -17.21 28.11
CA CYS L 750 106.60 -16.09 27.18
C CYS L 750 107.91 -15.86 26.44
N PRO L 751 108.04 -16.36 25.21
CA PRO L 751 109.34 -16.24 24.51
C PRO L 751 109.77 -14.80 24.25
N GLU L 752 108.83 -13.92 23.95
CA GLU L 752 109.16 -12.52 23.61
C GLU L 752 108.12 -11.62 24.27
N GLY L 753 108.45 -11.08 25.44
CA GLY L 753 107.51 -10.25 26.16
C GLY L 753 108.15 -9.02 26.79
N ILE L 754 107.39 -8.34 27.65
CA ILE L 754 107.83 -7.11 28.28
C ILE L 754 107.41 -7.14 29.74
N VAL L 755 108.37 -6.99 30.65
CA VAL L 755 108.08 -6.86 32.08
C VAL L 755 107.92 -5.40 32.40
N ALA L 756 106.72 -5.00 32.80
CA ALA L 756 106.41 -3.62 33.11
C ALA L 756 105.89 -3.52 34.53
N ILE L 757 106.41 -2.56 35.29
CA ILE L 757 105.88 -2.24 36.60
C ILE L 757 105.05 -0.97 36.48
N SER L 758 103.83 -1.03 36.99
CA SER L 758 102.95 0.11 37.15
C SER L 758 102.78 0.40 38.64
N THR L 759 102.05 1.47 38.94
CA THR L 759 101.83 1.89 40.32
C THR L 759 101.34 0.72 41.17
N ASN L 760 102.23 0.19 42.01
CA ASN L 760 101.91 -0.88 42.97
C ASN L 760 101.56 -2.18 42.28
N THR L 761 102.17 -2.49 41.13
CA THR L 761 101.89 -3.77 40.48
C THR L 761 103.01 -4.12 39.51
N LEU L 762 103.27 -5.43 39.41
CA LEU L 762 104.22 -6.01 38.47
C LEU L 762 103.47 -6.84 37.44
N ARG L 763 103.78 -6.62 36.16
CA ARG L 763 103.02 -7.21 35.06
C ARG L 763 103.97 -7.80 34.03
N ILE L 764 103.72 -9.06 33.66
CA ILE L 764 104.41 -9.72 32.56
C ILE L 764 103.47 -9.69 31.37
N LEU L 765 103.83 -8.93 30.34
CA LEU L 765 102.99 -8.68 29.19
C LEU L 765 103.65 -9.20 27.91
N ALA L 766 102.90 -9.14 26.82
CA ALA L 766 103.40 -9.57 25.52
C ALA L 766 102.65 -8.81 24.43
N LEU L 767 103.36 -8.47 23.36
CA LEU L 767 102.80 -7.77 22.21
C LEU L 767 102.77 -8.74 21.03
N GLU L 768 101.73 -9.57 20.99
CA GLU L 768 101.61 -10.58 19.94
C GLU L 768 101.13 -9.97 18.63
N LYS L 769 99.95 -9.35 18.65
CA LYS L 769 99.39 -8.74 17.45
C LYS L 769 100.14 -7.45 17.12
N LEU L 770 100.34 -7.21 15.81
CA LEU L 770 101.04 -6.03 15.35
C LEU L 770 100.11 -4.95 14.81
N GLY L 771 98.92 -5.30 14.36
CA GLY L 771 97.99 -4.31 13.83
C GLY L 771 97.24 -3.60 14.96
N ALA L 772 97.01 -2.30 14.75
CA ALA L 772 96.34 -1.46 15.74
C ALA L 772 94.85 -1.45 15.48
N VAL L 773 94.06 -1.76 16.50
CA VAL L 773 92.60 -1.79 16.43
C VAL L 773 92.04 -1.26 17.75
N PHE L 774 90.71 -1.19 17.82
CA PHE L 774 90.02 -0.85 19.06
C PHE L 774 90.03 -2.07 19.98
N ASN L 775 90.85 -2.02 21.02
CA ASN L 775 90.89 -3.10 22.00
C ASN L 775 90.06 -2.72 23.23
N GLN L 776 89.59 -3.75 23.94
CA GLN L 776 88.57 -3.58 24.95
C GLN L 776 89.01 -4.18 26.28
N VAL L 777 88.39 -3.68 27.35
CA VAL L 777 88.36 -4.36 28.64
C VAL L 777 86.92 -4.33 29.14
N ALA L 778 86.37 -5.50 29.43
CA ALA L 778 84.94 -5.67 29.63
C ALA L 778 84.61 -5.77 31.11
N PHE L 779 83.58 -5.03 31.53
CA PHE L 779 83.07 -5.10 32.89
C PHE L 779 81.68 -5.71 32.87
N PRO L 780 81.51 -6.93 33.37
CA PRO L 780 80.20 -7.60 33.26
C PRO L 780 79.12 -6.88 34.04
N LEU L 781 77.91 -6.89 33.49
CA LEU L 781 76.73 -6.33 34.12
C LEU L 781 75.71 -7.44 34.36
N GLN L 782 74.55 -7.05 34.92
CA GLN L 782 73.47 -8.00 35.21
C GLN L 782 72.32 -7.91 34.23
N TYR L 783 71.89 -6.70 33.87
CA TYR L 783 70.78 -6.49 32.96
C TYR L 783 71.23 -5.59 31.81
N THR L 784 70.34 -5.38 30.86
CA THR L 784 70.67 -4.60 29.67
C THR L 784 70.77 -3.12 30.00
N PRO L 785 71.90 -2.46 29.75
CA PRO L 785 72.04 -1.05 30.12
C PRO L 785 71.36 -0.12 29.12
N ARG L 786 70.76 0.95 29.65
CA ARG L 786 70.08 1.93 28.82
C ARG L 786 70.80 3.26 28.72
N LYS L 787 71.51 3.68 29.76
CA LYS L 787 72.20 4.96 29.78
C LYS L 787 73.11 5.03 31.00
N PHE L 788 74.23 5.74 30.85
CA PHE L 788 75.09 6.06 31.97
C PHE L 788 75.55 7.51 31.85
N VAL L 789 75.87 8.11 32.99
CA VAL L 789 76.22 9.52 33.06
C VAL L 789 77.55 9.68 33.79
N ILE L 790 78.28 10.72 33.42
CA ILE L 790 79.59 11.00 34.01
C ILE L 790 79.39 11.93 35.21
N HIS L 791 79.83 11.47 36.38
CA HIS L 791 79.86 12.34 37.54
C HIS L 791 81.14 13.18 37.51
N PRO L 792 81.05 14.51 37.38
CA PRO L 792 82.27 15.32 37.18
C PRO L 792 83.31 15.15 38.27
N GLU L 793 82.91 15.19 39.54
CA GLU L 793 83.88 15.08 40.63
C GLU L 793 84.41 13.66 40.76
N SER L 794 83.50 12.68 40.89
CA SER L 794 83.92 11.30 41.11
C SER L 794 84.50 10.65 39.87
N ASN L 795 84.15 11.15 38.68
CA ASN L 795 84.56 10.55 37.41
C ASN L 795 84.09 9.10 37.31
N ASN L 796 83.01 8.77 38.01
CA ASN L 796 82.43 7.43 38.03
C ASN L 796 81.16 7.42 37.19
N LEU L 797 80.54 6.23 37.10
CA LEU L 797 79.41 6.01 36.21
C LEU L 797 78.18 5.59 37.00
N ILE L 798 77.04 6.13 36.61
CA ILE L 798 75.73 5.78 37.15
C ILE L 798 74.93 5.14 36.03
N ILE L 799 74.77 3.83 36.07
CA ILE L 799 74.22 3.04 34.98
C ILE L 799 72.84 2.52 35.39
N ILE L 800 71.89 2.57 34.47
CA ILE L 800 70.57 1.97 34.65
C ILE L 800 70.47 0.75 33.74
N GLU L 801 70.07 -0.39 34.31
CA GLU L 801 70.01 -1.65 33.59
C GLU L 801 68.59 -2.20 33.68
N THR L 802 67.87 -2.20 32.56
CA THR L 802 66.47 -2.55 32.52
C THR L 802 66.23 -3.67 31.51
N ASP L 803 65.38 -4.63 31.88
CA ASP L 803 65.08 -5.76 31.01
C ASP L 803 63.61 -6.15 31.10
N HIS L 804 63.01 -6.37 29.94
CA HIS L 804 61.67 -6.93 29.81
C HIS L 804 61.68 -8.40 30.18
N ASN L 805 60.47 -8.95 30.44
CA ASN L 805 60.28 -10.38 30.65
C ASN L 805 61.17 -10.93 31.76
N ALA L 806 61.48 -10.12 32.76
CA ALA L 806 62.50 -10.48 33.72
C ALA L 806 61.94 -10.51 35.14
N TYR L 807 62.64 -11.22 36.01
CA TYR L 807 62.38 -11.25 37.44
C TYR L 807 63.46 -10.47 38.16
N THR L 808 63.07 -9.76 39.22
CA THR L 808 64.08 -9.20 40.11
C THR L 808 64.69 -10.33 40.94
N GLU L 809 65.82 -10.03 41.59
CA GLU L 809 66.52 -11.06 42.35
C GLU L 809 65.64 -11.62 43.47
N ALA L 810 64.90 -10.74 44.15
CA ALA L 810 64.00 -11.20 45.20
C ALA L 810 62.92 -12.13 44.65
N THR L 811 62.38 -11.79 43.48
CA THR L 811 61.38 -12.67 42.87
C THR L 811 62.00 -14.00 42.43
N LYS L 812 63.26 -13.99 42.00
CA LYS L 812 63.94 -15.25 41.70
C LYS L 812 64.06 -16.11 42.94
N ALA L 813 64.43 -15.50 44.07
CA ALA L 813 64.57 -16.26 45.31
C ALA L 813 63.23 -16.80 45.79
N GLN L 814 62.21 -15.94 45.85
CA GLN L 814 60.91 -16.36 46.37
C GLN L 814 60.21 -17.34 45.44
N ARG L 815 60.43 -17.24 44.13
CA ARG L 815 59.83 -18.16 43.18
C ARG L 815 60.55 -19.50 43.21
N LYS L 816 61.88 -19.47 43.21
CA LYS L 816 62.66 -20.69 43.37
C LYS L 816 62.25 -21.44 44.63
N GLN L 817 62.16 -20.72 45.75
CA GLN L 817 61.74 -21.34 46.99
C GLN L 817 60.31 -21.86 46.90
N GLN L 818 59.41 -21.09 46.28
CA GLN L 818 58.02 -21.56 46.13
C GLN L 818 57.98 -22.88 45.39
N MET L 819 58.76 -23.00 44.31
CA MET L 819 58.89 -24.29 43.63
C MET L 819 59.41 -25.35 44.59
N ALA L 820 60.37 -25.00 45.44
CA ALA L 820 60.89 -25.97 46.41
C ALA L 820 59.79 -26.46 47.35
N GLU L 821 58.91 -25.56 47.81
CA GLU L 821 57.80 -25.98 48.66
C GLU L 821 56.84 -26.89 47.89
N GLU L 822 56.49 -26.49 46.67
CA GLU L 822 55.58 -27.31 45.86
C GLU L 822 56.18 -28.66 45.50
N MET L 823 57.50 -28.81 45.62
CA MET L 823 58.11 -30.11 45.32
C MET L 823 57.72 -31.16 46.34
N VAL L 824 57.61 -30.77 47.62
CA VAL L 824 57.31 -31.74 48.67
C VAL L 824 55.84 -32.15 48.66
N GLU L 825 54.95 -31.24 48.24
CA GLU L 825 53.52 -31.53 48.26
C GLU L 825 53.12 -32.71 47.38
N ALA L 826 54.02 -33.20 46.54
CA ALA L 826 53.75 -34.43 45.78
C ALA L 826 53.60 -35.65 46.69
N ALA L 827 54.10 -35.55 47.93
CA ALA L 827 53.93 -36.60 48.95
C ALA L 827 54.55 -37.92 48.48
N GLY L 828 55.71 -37.85 47.84
CA GLY L 828 56.42 -39.05 47.45
C GLY L 828 57.29 -39.55 48.59
N GLU L 829 57.11 -40.80 48.97
CA GLU L 829 57.84 -41.38 50.09
C GLU L 829 59.28 -41.71 49.69
N LEU L 834 58.33 -36.81 50.36
CA LEU L 834 58.52 -36.57 51.78
C LEU L 834 59.94 -36.94 52.22
N ALA L 835 60.48 -38.03 51.66
CA ALA L 835 61.84 -38.47 51.95
C ALA L 835 62.85 -37.95 50.94
N ALA L 836 62.41 -37.24 49.91
CA ALA L 836 63.29 -36.73 48.87
C ALA L 836 63.44 -35.23 49.05
N GLU L 837 64.70 -34.78 49.19
CA GLU L 837 65.01 -33.36 49.25
C GLU L 837 65.83 -33.00 48.00
N MET L 838 65.13 -32.91 46.86
CA MET L 838 65.74 -32.35 45.68
C MET L 838 65.86 -30.84 45.76
N ALA L 839 65.10 -30.20 46.66
CA ALA L 839 65.26 -28.78 46.89
C ALA L 839 66.64 -28.45 47.44
N ALA L 840 67.25 -29.39 48.15
CA ALA L 840 68.61 -29.20 48.63
C ALA L 840 69.62 -29.12 47.50
N ALA L 841 69.29 -29.68 46.33
CA ALA L 841 70.12 -29.54 45.14
C ALA L 841 69.62 -28.45 44.20
N PHE L 842 68.36 -28.05 44.31
CA PHE L 842 67.75 -27.04 43.47
C PHE L 842 67.97 -25.63 44.03
N LEU L 843 67.69 -25.43 45.33
CA LEU L 843 67.96 -24.15 45.97
C LEU L 843 69.46 -23.90 46.13
N ASN L 844 70.29 -24.94 46.15
CA ASN L 844 71.72 -24.76 46.33
C ASN L 844 72.36 -24.14 45.11
N GLU L 845 72.18 -24.77 43.94
CA GLU L 845 72.88 -24.38 42.73
C GLU L 845 72.09 -23.31 42.00
N ASN L 846 72.63 -22.09 41.95
CA ASN L 846 72.14 -21.05 41.04
C ASN L 846 72.97 -21.16 39.77
N LEU L 847 72.37 -21.70 38.71
CA LEU L 847 73.08 -21.89 37.46
C LEU L 847 73.62 -20.55 36.95
N PRO L 848 74.85 -20.52 36.43
CA PRO L 848 75.41 -19.25 35.93
C PRO L 848 74.52 -18.62 34.87
N GLU L 849 73.92 -17.49 35.23
CA GLU L 849 72.91 -16.86 34.39
C GLU L 849 73.45 -16.42 33.03
N SER L 850 74.76 -16.17 32.94
CA SER L 850 75.32 -15.65 31.69
C SER L 850 75.45 -16.72 30.61
N ILE L 851 75.73 -17.96 30.99
CA ILE L 851 75.95 -19.03 30.02
C ILE L 851 74.69 -19.86 29.78
N PHE L 852 73.98 -20.23 30.84
CA PHE L 852 72.75 -21.01 30.72
C PHE L 852 71.53 -20.15 30.41
N GLY L 853 71.72 -18.92 29.94
CA GLY L 853 70.61 -18.04 29.68
C GLY L 853 70.02 -17.49 30.97
N ALA L 854 69.26 -16.41 30.87
CA ALA L 854 68.64 -15.80 32.03
C ALA L 854 67.30 -16.44 32.31
N PRO L 855 67.08 -17.00 33.51
CA PRO L 855 65.74 -17.49 33.86
C PRO L 855 64.76 -16.33 33.99
N LYS L 856 64.09 -15.98 32.89
CA LYS L 856 63.28 -14.78 32.82
C LYS L 856 62.05 -15.04 31.98
N ALA L 857 60.90 -14.53 32.43
CA ALA L 857 59.64 -14.69 31.71
C ALA L 857 58.61 -13.73 32.27
N GLY L 858 57.52 -13.56 31.52
CA GLY L 858 56.45 -12.66 31.90
C GLY L 858 56.27 -11.52 30.91
N ASN L 859 55.02 -11.13 30.65
CA ASN L 859 54.78 -10.04 29.71
C ASN L 859 54.76 -8.67 30.38
N GLY L 860 54.30 -8.60 31.63
CA GLY L 860 54.33 -7.35 32.35
C GLY L 860 55.52 -7.26 33.29
N GLN L 861 56.24 -8.36 33.43
CA GLN L 861 57.37 -8.42 34.35
C GLN L 861 58.56 -7.62 33.81
N TRP L 862 59.36 -7.10 34.71
CA TRP L 862 60.53 -6.31 34.35
C TRP L 862 61.63 -6.55 35.38
N ALA L 863 62.80 -5.96 35.14
CA ALA L 863 63.86 -5.94 36.15
C ALA L 863 64.80 -4.79 35.83
N SER L 864 64.89 -3.83 36.75
CA SER L 864 65.74 -2.66 36.57
C SER L 864 66.63 -2.48 37.80
N VAL L 865 67.86 -2.06 37.57
CA VAL L 865 68.86 -1.92 38.62
C VAL L 865 69.69 -0.67 38.36
N ILE L 866 69.96 0.10 39.41
CA ILE L 866 70.88 1.24 39.35
C ILE L 866 72.22 0.78 39.88
N ARG L 867 73.29 1.22 39.22
CA ARG L 867 74.64 0.78 39.60
C ARG L 867 75.61 1.94 39.55
N VAL L 868 76.46 2.05 40.56
CA VAL L 868 77.55 3.01 40.61
C VAL L 868 78.84 2.23 40.41
N MET L 869 79.53 2.50 39.29
CA MET L 869 80.72 1.76 38.91
C MET L 869 81.89 2.71 38.67
N ASN L 870 83.05 2.34 39.20
CA ASN L 870 84.29 3.04 38.90
C ASN L 870 84.80 2.61 37.53
N PRO L 871 85.01 3.54 36.59
CA PRO L 871 85.46 3.14 35.25
C PRO L 871 86.93 2.75 35.19
N ILE L 872 87.73 3.07 36.21
CA ILE L 872 89.16 2.76 36.17
C ILE L 872 89.37 1.25 36.32
N GLN L 873 88.80 0.67 37.36
CA GLN L 873 88.83 -0.77 37.56
C GLN L 873 87.49 -1.37 37.16
N GLY L 874 87.29 -2.65 37.46
CA GLY L 874 86.04 -3.32 37.17
C GLY L 874 85.06 -3.39 38.32
N ASN L 875 85.40 -2.81 39.48
CA ASN L 875 84.55 -2.93 40.65
C ASN L 875 83.31 -2.05 40.52
N THR L 876 82.23 -2.51 41.14
CA THR L 876 80.99 -1.74 41.24
C THR L 876 80.93 -1.10 42.62
N LEU L 877 80.75 0.22 42.66
CA LEU L 877 80.77 0.94 43.92
C LEU L 877 79.46 0.77 44.69
N ASP L 878 78.33 0.89 44.00
CA ASP L 878 77.04 0.74 44.67
C ASP L 878 76.07 -0.02 43.77
N LEU L 879 75.08 -0.63 44.41
CA LEU L 879 74.06 -1.40 43.70
C LEU L 879 72.71 -1.16 44.36
N VAL L 880 71.73 -0.77 43.56
CA VAL L 880 70.37 -0.50 44.03
C VAL L 880 69.42 -1.34 43.18
N GLN L 881 68.79 -2.33 43.81
CA GLN L 881 67.81 -3.17 43.13
C GLN L 881 66.42 -2.59 43.32
N LEU L 882 65.69 -2.42 42.22
CA LEU L 882 64.39 -1.79 42.25
C LEU L 882 63.29 -2.84 42.49
N GLU L 883 62.04 -2.41 42.37
CA GLU L 883 60.91 -3.28 42.67
C GLU L 883 60.72 -4.29 41.53
N GLN L 884 59.61 -5.03 41.57
CA GLN L 884 59.41 -6.12 40.62
C GLN L 884 59.11 -5.60 39.22
N ASN L 885 58.04 -4.82 39.07
CA ASN L 885 57.60 -4.36 37.76
C ASN L 885 57.99 -2.90 37.50
N GLU L 886 59.16 -2.49 37.97
CA GLU L 886 59.67 -1.14 37.75
C GLU L 886 60.83 -1.19 36.76
N ALA L 887 60.80 -0.27 35.80
CA ALA L 887 61.74 -0.28 34.67
C ALA L 887 62.28 1.12 34.45
N ALA L 888 63.57 1.34 34.71
CA ALA L 888 64.17 2.66 34.57
C ALA L 888 64.60 2.90 33.13
N PHE L 889 64.27 4.08 32.60
CA PHE L 889 64.62 4.46 31.24
C PHE L 889 65.42 5.74 31.13
N SER L 890 65.55 6.52 32.21
CA SER L 890 66.32 7.75 32.18
C SER L 890 67.12 7.87 33.47
N VAL L 891 68.18 8.67 33.42
CA VAL L 891 69.08 8.86 34.55
C VAL L 891 69.90 10.11 34.29
N ALA L 892 70.28 10.79 35.37
CA ALA L 892 71.10 11.99 35.26
C ALA L 892 71.75 12.27 36.61
N VAL L 893 72.86 13.00 36.56
CA VAL L 893 73.60 13.42 37.75
C VAL L 893 73.83 14.93 37.65
N CYS L 894 73.36 15.66 38.65
CA CYS L 894 73.46 17.12 38.63
C CYS L 894 73.25 17.65 40.04
N ARG L 895 73.28 18.98 40.15
CA ARG L 895 73.02 19.68 41.40
C ARG L 895 71.93 20.72 41.15
N PHE L 896 71.25 21.12 42.23
CA PHE L 896 70.17 22.08 42.16
C PHE L 896 70.60 23.43 42.71
N SER L 897 69.97 24.49 42.20
CA SER L 897 70.32 25.84 42.61
C SER L 897 69.87 26.12 44.04
N ASN L 898 68.69 25.61 44.42
CA ASN L 898 68.18 25.86 45.77
C ASN L 898 69.06 25.19 46.83
N THR L 899 69.63 24.04 46.53
CA THR L 899 70.51 23.35 47.46
C THR L 899 71.95 23.77 47.24
N GLY L 900 72.85 23.26 48.08
CA GLY L 900 74.27 23.54 47.96
C GLY L 900 74.92 22.77 46.84
N GLU L 901 76.20 22.45 47.02
CA GLU L 901 76.98 21.70 46.04
C GLU L 901 76.81 20.20 46.18
N ASP L 902 75.63 19.73 46.57
CA ASP L 902 75.37 18.31 46.78
C ASP L 902 74.86 17.69 45.49
N TRP L 903 75.48 16.58 45.08
CA TRP L 903 75.14 15.93 43.82
C TRP L 903 73.94 15.02 44.01
N TYR L 904 72.96 15.14 43.12
CA TYR L 904 71.76 14.30 43.17
C TYR L 904 71.68 13.44 41.92
N VAL L 905 71.08 12.26 42.08
CA VAL L 905 70.91 11.29 41.00
C VAL L 905 69.41 11.06 40.82
N LEU L 906 68.88 11.51 39.69
CA LEU L 906 67.47 11.33 39.36
C LEU L 906 67.33 10.18 38.37
N VAL L 907 66.44 9.24 38.67
CA VAL L 907 66.23 8.06 37.84
C VAL L 907 64.76 7.95 37.49
N GLY L 908 64.44 8.01 36.20
CA GLY L 908 63.09 7.87 35.73
C GLY L 908 62.71 6.42 35.55
N VAL L 909 61.61 6.02 36.16
CA VAL L 909 61.17 4.62 36.20
C VAL L 909 59.71 4.55 35.74
N ALA L 910 59.33 3.38 35.26
CA ALA L 910 57.98 3.12 34.80
C ALA L 910 57.43 1.87 35.51
N LYS L 911 56.11 1.79 35.59
CA LYS L 911 55.42 0.75 36.34
C LYS L 911 54.46 -0.01 35.43
N ASP L 912 54.58 -1.34 35.44
CA ASP L 912 53.68 -2.23 34.72
C ASP L 912 53.57 -1.85 33.23
N LEU L 913 54.66 -2.09 32.52
CA LEU L 913 54.74 -1.77 31.10
C LEU L 913 54.30 -2.98 30.29
N ILE L 914 53.16 -2.87 29.62
CA ILE L 914 52.76 -3.81 28.59
C ILE L 914 53.24 -3.22 27.27
N LEU L 915 54.25 -3.84 26.66
CA LEU L 915 54.92 -3.24 25.52
C LEU L 915 54.10 -3.36 24.24
N ASN L 916 53.38 -4.46 24.07
CA ASN L 916 52.61 -4.70 22.85
C ASN L 916 51.33 -5.47 23.16
N PRO L 917 50.16 -4.80 23.13
CA PRO L 917 49.98 -3.36 22.84
C PRO L 917 50.43 -2.46 23.98
N ARG L 918 50.76 -1.21 23.66
CA ARG L 918 51.32 -0.32 24.67
C ARG L 918 50.27 0.11 25.67
N SER L 919 50.57 -0.07 26.95
CA SER L 919 49.69 0.38 28.03
C SER L 919 50.52 0.50 29.30
N VAL L 920 50.42 1.63 29.97
CA VAL L 920 51.20 1.90 31.17
C VAL L 920 50.26 2.19 32.33
N ALA L 921 50.70 1.83 33.53
CA ALA L 921 49.97 2.16 34.75
C ALA L 921 50.40 3.50 35.32
N GLY L 922 51.70 3.76 35.35
CA GLY L 922 52.20 5.02 35.86
C GLY L 922 53.71 5.02 35.83
N GLY L 923 54.28 6.10 36.35
CA GLY L 923 55.72 6.24 36.42
C GLY L 923 56.15 6.78 37.76
N PHE L 924 57.45 6.65 38.04
CA PHE L 924 58.05 7.18 39.24
C PHE L 924 59.36 7.86 38.89
N VAL L 925 59.85 8.67 39.83
CA VAL L 925 61.15 9.33 39.68
C VAL L 925 61.86 9.22 41.02
N TYR L 926 62.92 8.41 41.07
CA TYR L 926 63.72 8.28 42.26
C TYR L 926 64.74 9.40 42.34
N THR L 927 64.98 9.90 43.55
CA THR L 927 65.98 10.93 43.80
C THR L 927 66.97 10.40 44.82
N TYR L 928 68.27 10.58 44.54
CA TYR L 928 69.33 10.07 45.39
C TYR L 928 70.32 11.18 45.71
N LYS L 929 71.03 11.02 46.83
CA LYS L 929 71.91 12.04 47.37
C LYS L 929 73.36 11.88 46.95
N LEU L 930 73.76 10.71 46.46
CA LEU L 930 75.11 10.44 45.93
C LEU L 930 76.19 11.06 46.82
N VAL L 931 76.26 10.57 48.05
CA VAL L 931 77.21 11.09 49.03
C VAL L 931 78.52 10.31 48.86
N ASN L 932 79.56 10.73 49.59
CA ASN L 932 80.88 10.08 49.56
C ASN L 932 81.53 10.24 48.18
N ASN L 933 81.47 11.45 47.65
CA ASN L 933 81.93 11.80 46.30
C ASN L 933 81.65 10.68 45.30
N GLY L 934 80.37 10.40 45.12
CA GLY L 934 79.93 9.47 44.09
C GLY L 934 80.17 8.00 44.37
N GLU L 935 80.24 7.61 45.64
CA GLU L 935 80.50 6.22 45.98
C GLU L 935 79.27 5.47 46.50
N LYS L 936 78.26 6.18 47.01
CA LYS L 936 77.08 5.53 47.56
C LYS L 936 75.83 6.32 47.20
N LEU L 937 74.74 5.59 47.00
CA LEU L 937 73.41 6.17 46.78
C LEU L 937 72.55 5.92 48.01
N GLU L 938 71.97 6.99 48.55
CA GLU L 938 71.05 6.88 49.67
C GLU L 938 69.71 7.51 49.28
N PHE L 939 68.63 6.86 49.72
CA PHE L 939 67.29 7.16 49.22
C PHE L 939 66.81 8.48 49.78
N LEU L 940 66.46 9.41 48.89
CA LEU L 940 65.94 10.72 49.30
C LEU L 940 64.41 10.68 49.27
N HIS L 941 63.83 10.61 48.06
CA HIS L 941 62.40 10.41 47.92
C HIS L 941 62.10 9.81 46.56
N LYS L 942 60.86 9.35 46.41
CA LYS L 942 60.36 8.69 45.20
C LYS L 942 59.10 9.41 44.78
N THR L 943 59.21 10.35 43.84
CA THR L 943 58.03 11.13 43.49
C THR L 943 57.27 10.47 42.34
N PRO L 944 55.97 10.24 42.48
CA PRO L 944 55.21 9.55 41.44
C PRO L 944 54.72 10.51 40.35
N VAL L 945 54.28 9.90 39.24
CA VAL L 945 53.79 10.64 38.09
C VAL L 945 52.93 9.68 37.27
N GLU L 946 52.09 10.24 36.37
CA GLU L 946 51.06 9.44 35.72
C GLU L 946 51.58 8.63 34.54
N GLU L 947 52.59 9.12 33.84
CA GLU L 947 53.11 8.47 32.64
C GLU L 947 54.61 8.22 32.81
N VAL L 948 55.16 7.38 31.95
CA VAL L 948 56.59 7.03 32.03
C VAL L 948 57.43 8.26 31.71
N PRO L 949 58.37 8.65 32.58
CA PRO L 949 59.32 9.70 32.21
C PRO L 949 60.59 9.13 31.61
N ALA L 950 60.83 9.39 30.33
CA ALA L 950 61.96 8.79 29.62
C ALA L 950 62.99 9.82 29.19
N ALA L 951 63.13 10.90 29.94
CA ALA L 951 64.04 11.98 29.57
C ALA L 951 64.26 12.89 30.77
N ILE L 952 65.50 12.98 31.24
CA ILE L 952 65.86 13.80 32.38
C ILE L 952 67.12 14.60 32.00
N ALA L 953 67.07 15.91 32.20
CA ALA L 953 68.19 16.77 31.82
C ALA L 953 68.31 17.97 32.76
N PRO L 954 69.49 18.22 33.33
CA PRO L 954 69.66 19.41 34.17
C PRO L 954 69.60 20.69 33.34
N PHE L 955 68.88 21.68 33.86
CA PHE L 955 68.60 22.90 33.09
C PHE L 955 68.44 24.06 34.06
N GLN L 956 69.47 24.90 34.15
CA GLN L 956 69.44 26.13 34.93
C GLN L 956 69.06 25.86 36.39
N GLY L 957 69.90 25.07 37.05
CA GLY L 957 69.72 24.81 38.48
C GLY L 957 68.53 23.93 38.79
N ARG L 958 67.75 23.59 37.78
CA ARG L 958 66.59 22.73 37.91
C ARG L 958 66.70 21.60 36.89
N VAL L 959 65.71 20.71 36.89
CA VAL L 959 65.76 19.51 36.06
C VAL L 959 64.56 19.50 35.12
N LEU L 960 64.83 19.29 33.84
CA LEU L 960 63.78 19.10 32.84
C LEU L 960 63.47 17.61 32.72
N ILE L 961 62.20 17.26 32.94
CA ILE L 961 61.77 15.86 32.92
C ILE L 961 60.72 15.69 31.82
N GLY L 962 60.89 14.66 31.01
CA GLY L 962 59.93 14.33 29.98
C GLY L 962 59.06 13.15 30.37
N VAL L 963 57.81 13.42 30.73
CA VAL L 963 56.85 12.40 31.13
C VAL L 963 55.80 12.30 30.02
N GLY L 964 55.81 11.18 29.31
CA GLY L 964 54.91 11.03 28.18
C GLY L 964 55.22 12.05 27.11
N LYS L 965 54.18 12.71 26.61
CA LYS L 965 54.33 13.81 25.66
C LYS L 965 54.41 15.16 26.37
N LEU L 966 54.56 15.16 27.69
CA LEU L 966 54.57 16.38 28.50
C LEU L 966 56.00 16.67 28.94
N LEU L 967 56.47 17.86 28.59
CA LEU L 967 57.79 18.35 28.99
C LEU L 967 57.63 19.28 30.19
N ARG L 968 58.18 18.89 31.33
CA ARG L 968 57.95 19.61 32.57
C ARG L 968 59.25 20.12 33.16
N VAL L 969 59.17 21.29 33.80
CA VAL L 969 60.27 21.88 34.55
C VAL L 969 60.06 21.55 36.02
N TYR L 970 61.00 20.83 36.62
CA TYR L 970 60.93 20.39 38.00
C TYR L 970 62.06 20.99 38.83
N ASP L 971 61.73 21.33 40.07
CA ASP L 971 62.68 21.76 41.08
C ASP L 971 62.69 20.73 42.21
N LEU L 972 63.70 20.82 43.06
CA LEU L 972 63.88 19.86 44.15
C LEU L 972 63.11 20.31 45.39
N GLY L 973 62.34 19.39 45.97
CA GLY L 973 61.65 19.64 47.22
C GLY L 973 62.04 18.65 48.29
N LYS L 974 61.75 18.97 49.55
CA LYS L 974 62.11 18.07 50.64
C LYS L 974 61.24 16.83 50.68
N LYS L 975 60.03 16.89 50.14
CA LYS L 975 59.10 15.76 50.13
C LYS L 975 58.96 15.11 48.77
N LYS L 976 58.96 15.89 47.70
CA LYS L 976 58.85 15.35 46.34
C LYS L 976 59.39 16.39 45.38
N LEU L 977 59.56 15.97 44.12
CA LEU L 977 60.01 16.86 43.07
C LEU L 977 58.84 17.71 42.61
N LEU L 978 58.84 18.99 42.99
CA LEU L 978 57.71 19.87 42.74
C LEU L 978 57.68 20.28 41.27
N ARG L 979 56.50 20.19 40.66
CA ARG L 979 56.32 20.57 39.26
C ARG L 979 56.25 22.09 39.16
N LYS L 980 57.24 22.68 38.50
CA LYS L 980 57.30 24.12 38.34
C LYS L 980 56.76 24.62 37.00
N CYS L 981 56.82 23.80 35.95
CA CYS L 981 56.25 24.18 34.67
C CYS L 981 55.90 22.92 33.88
N GLU L 982 55.10 23.12 32.84
CA GLU L 982 54.60 22.00 32.03
C GLU L 982 54.26 22.49 30.64
N ASN L 983 54.47 21.62 29.66
CA ASN L 983 54.11 21.86 28.27
C ASN L 983 53.58 20.56 27.70
N LYS L 984 52.40 20.63 27.05
CA LYS L 984 51.71 19.44 26.59
C LYS L 984 51.37 19.49 25.11
N HIS L 985 51.97 20.41 24.36
CA HIS L 985 51.74 20.50 22.93
C HIS L 985 52.72 19.68 22.10
N ILE L 986 53.60 18.92 22.74
CA ILE L 986 54.46 17.99 22.02
C ILE L 986 53.59 16.89 21.43
N ALA L 987 53.95 16.44 20.23
CA ALA L 987 53.04 15.63 19.43
C ALA L 987 52.76 14.28 20.08
N ASN L 988 53.78 13.43 20.21
CA ASN L 988 53.57 12.02 20.50
C ASN L 988 54.16 11.60 21.84
N TYR L 989 55.49 11.56 21.97
CA TYR L 989 56.12 10.98 23.14
C TYR L 989 57.58 11.43 23.18
N ILE L 990 58.05 11.80 24.37
CA ILE L 990 59.39 12.34 24.54
C ILE L 990 60.37 11.19 24.74
N SER L 991 61.32 11.05 23.81
CA SER L 991 62.36 10.02 23.91
C SER L 991 63.66 10.54 24.48
N GLY L 992 64.02 11.79 24.18
CA GLY L 992 65.24 12.37 24.71
C GLY L 992 65.15 13.88 24.72
N ILE L 993 66.00 14.49 25.53
CA ILE L 993 66.04 15.95 25.66
C ILE L 993 67.47 16.38 25.97
N GLN L 994 67.98 17.32 25.19
CA GLN L 994 69.26 17.97 25.45
C GLN L 994 69.07 19.46 25.31
N THR L 995 69.77 20.23 26.16
CA THR L 995 69.55 21.67 26.25
C THR L 995 70.87 22.40 26.23
N ILE L 996 71.00 23.36 25.32
CA ILE L 996 71.95 24.44 25.55
C ILE L 996 71.43 25.30 26.69
N GLY L 997 72.33 26.07 27.29
CA GLY L 997 72.01 26.86 28.48
C GLY L 997 70.71 27.62 28.44
N HIS L 998 70.24 27.97 27.23
CA HIS L 998 69.04 28.77 27.06
C HIS L 998 67.89 28.03 26.39
N ARG L 999 68.17 27.21 25.39
CA ARG L 999 67.15 26.53 24.61
C ARG L 999 66.99 25.09 25.04
N VAL L 1000 65.90 24.47 24.58
CA VAL L 1000 65.56 23.09 24.89
C VAL L 1000 65.28 22.35 23.59
N ILE L 1001 66.02 21.27 23.34
CA ILE L 1001 65.87 20.46 22.13
C ILE L 1001 65.21 19.15 22.53
N VAL L 1002 63.95 18.98 22.15
CA VAL L 1002 63.17 17.79 22.49
C VAL L 1002 63.21 16.83 21.31
N SER L 1003 63.31 15.54 21.61
CA SER L 1003 63.30 14.48 20.61
C SER L 1003 61.98 13.72 20.72
N ASP L 1004 61.07 13.96 19.79
CA ASP L 1004 59.84 13.19 19.72
C ASP L 1004 60.14 11.78 19.22
N VAL L 1005 59.31 10.83 19.64
CA VAL L 1005 59.50 9.44 19.23
C VAL L 1005 59.31 9.30 17.74
N GLN L 1006 58.49 10.15 17.13
CA GLN L 1006 58.15 9.99 15.72
C GLN L 1006 58.25 11.31 14.95
N GLU L 1007 58.01 12.43 15.62
CA GLU L 1007 57.91 13.73 14.95
C GLU L 1007 59.18 14.57 15.08
N SER L 1008 60.34 13.93 15.05
CA SER L 1008 61.64 14.59 14.91
C SER L 1008 61.88 15.52 16.10
N PHE L 1009 62.59 16.63 15.87
CA PHE L 1009 63.04 17.52 16.93
C PHE L 1009 62.10 18.71 17.09
N ILE L 1010 61.92 19.13 18.34
CA ILE L 1010 61.06 20.26 18.69
C ILE L 1010 61.90 21.25 19.47
N TRP L 1011 61.85 22.52 19.07
CA TRP L 1011 62.60 23.59 19.73
C TRP L 1011 61.68 24.29 20.73
N VAL L 1012 62.09 24.30 21.99
CA VAL L 1012 61.28 24.85 23.07
C VAL L 1012 62.12 25.85 23.86
N ARG L 1013 61.61 27.07 24.00
CA ARG L 1013 62.24 28.09 24.84
C ARG L 1013 61.53 28.15 26.19
N TYR L 1014 62.30 28.36 27.25
CA TYR L 1014 61.79 28.48 28.60
C TYR L 1014 61.83 29.95 29.01
N LYS L 1015 60.67 30.55 29.22
CA LYS L 1015 60.59 31.93 29.69
C LYS L 1015 60.86 31.96 31.18
N ARG L 1016 61.86 32.76 31.58
CA ARG L 1016 62.27 32.79 32.99
C ARG L 1016 61.26 33.53 33.85
N ASN L 1017 60.48 34.45 33.26
CA ASN L 1017 59.61 35.30 34.06
C ASN L 1017 58.37 34.54 34.53
N GLU L 1018 57.77 33.72 33.66
CA GLU L 1018 56.50 33.07 33.96
C GLU L 1018 56.63 31.57 34.18
N ASN L 1019 57.78 30.97 33.86
CA ASN L 1019 57.93 29.52 33.79
C ASN L 1019 56.92 28.95 32.77
N GLN L 1020 57.15 29.34 31.51
CA GLN L 1020 56.26 29.01 30.41
C GLN L 1020 57.09 28.48 29.26
N LEU L 1021 56.92 27.20 28.94
CA LEU L 1021 57.64 26.58 27.83
C LEU L 1021 56.93 26.87 26.52
N ILE L 1022 57.64 27.49 25.58
CA ILE L 1022 57.07 27.91 24.30
C ILE L 1022 57.79 27.17 23.18
N ILE L 1023 57.01 26.54 22.31
CA ILE L 1023 57.56 25.87 21.13
C ILE L 1023 57.73 26.93 20.03
N PHE L 1024 58.97 27.19 19.63
CA PHE L 1024 59.26 28.23 18.65
C PHE L 1024 59.76 27.68 17.32
N ALA L 1025 59.93 26.36 17.20
CA ALA L 1025 60.35 25.75 15.94
C ALA L 1025 60.14 24.24 16.02
N ASP L 1026 60.05 23.61 14.85
CA ASP L 1026 59.96 22.17 14.74
C ASP L 1026 60.46 21.77 13.36
N ASP L 1027 60.41 20.47 13.08
CA ASP L 1027 60.94 19.92 11.84
C ASP L 1027 59.82 19.73 10.82
N THR L 1028 60.20 19.78 9.54
CA THR L 1028 59.27 19.55 8.44
C THR L 1028 59.13 18.08 8.06
N TYR L 1029 59.98 17.21 8.60
CA TYR L 1029 59.93 15.79 8.31
C TYR L 1029 59.74 15.00 9.60
N PRO L 1030 59.01 13.88 9.54
CA PRO L 1030 58.93 12.99 10.70
C PRO L 1030 60.19 12.14 10.80
N ARG L 1031 60.74 12.04 12.01
CA ARG L 1031 61.96 11.29 12.24
C ARG L 1031 61.81 10.46 13.51
N TRP L 1032 61.92 9.14 13.38
CA TRP L 1032 61.93 8.24 14.53
C TRP L 1032 63.29 8.38 15.20
N VAL L 1033 63.42 9.39 16.05
CA VAL L 1033 64.71 9.75 16.62
C VAL L 1033 65.12 8.70 17.66
N THR L 1034 66.40 8.37 17.66
CA THR L 1034 67.02 7.50 18.66
C THR L 1034 67.96 8.24 19.60
N THR L 1035 68.78 9.14 19.07
CA THR L 1035 69.68 9.96 19.87
C THR L 1035 70.02 11.20 19.07
N ALA L 1036 70.70 12.14 19.72
CA ALA L 1036 71.09 13.38 19.07
C ALA L 1036 72.19 14.05 19.88
N SER L 1037 72.78 15.08 19.28
CA SER L 1037 73.78 15.90 19.93
C SER L 1037 73.77 17.27 19.28
N LEU L 1038 73.87 18.31 20.10
CA LEU L 1038 73.86 19.68 19.62
C LEU L 1038 75.25 20.03 19.08
N LEU L 1039 75.32 20.35 17.79
CA LEU L 1039 76.61 20.71 17.22
C LEU L 1039 76.96 22.17 17.53
N ASP L 1040 75.97 23.04 17.57
CA ASP L 1040 76.15 24.43 17.97
C ASP L 1040 74.81 24.98 18.46
N TYR L 1041 74.74 26.29 18.62
CA TYR L 1041 73.52 26.92 19.13
C TYR L 1041 72.34 26.79 18.18
N ASP L 1042 72.57 26.39 16.93
CA ASP L 1042 71.50 26.35 15.94
C ASP L 1042 71.33 25.00 15.23
N THR L 1043 72.28 24.08 15.36
CA THR L 1043 72.24 22.83 14.62
C THR L 1043 72.24 21.63 15.55
N VAL L 1044 71.41 20.64 15.21
CA VAL L 1044 71.32 19.38 15.94
C VAL L 1044 71.61 18.24 14.97
N ALA L 1045 72.44 17.29 15.41
CA ALA L 1045 72.70 16.08 14.65
C ALA L 1045 71.92 14.94 15.30
N GLY L 1046 71.08 14.27 14.51
CA GLY L 1046 70.19 13.26 15.05
C GLY L 1046 70.30 11.94 14.32
N ALA L 1047 70.09 10.87 15.07
CA ALA L 1047 70.09 9.52 14.54
C ALA L 1047 68.66 9.04 14.33
N ASP L 1048 68.53 7.88 13.68
CA ASP L 1048 67.25 7.39 13.21
C ASP L 1048 67.09 5.92 13.60
N LYS L 1049 65.86 5.53 13.93
CA LYS L 1049 65.58 4.12 14.20
C LYS L 1049 65.85 3.27 12.96
N PHE L 1050 65.68 3.82 11.77
CA PHE L 1050 65.86 3.10 10.52
C PHE L 1050 67.29 3.17 10.00
N GLY L 1051 68.24 3.61 10.83
CA GLY L 1051 69.63 3.62 10.44
C GLY L 1051 70.11 4.84 9.68
N ASN L 1052 69.43 5.98 9.83
CA ASN L 1052 69.82 7.20 9.17
C ASN L 1052 70.44 8.18 10.15
N ILE L 1053 71.10 9.19 9.61
CA ILE L 1053 71.66 10.30 10.37
C ILE L 1053 71.36 11.57 9.60
N CYS L 1054 70.96 12.62 10.31
CA CYS L 1054 70.64 13.90 9.70
C CYS L 1054 71.25 15.01 10.54
N VAL L 1055 71.42 16.17 9.92
CA VAL L 1055 71.78 17.40 10.61
C VAL L 1055 70.76 18.46 10.22
N VAL L 1056 70.07 19.01 11.23
CA VAL L 1056 69.03 20.01 11.03
C VAL L 1056 69.51 21.32 11.64
N ARG L 1057 69.35 22.41 10.88
CA ARG L 1057 69.85 23.72 11.28
C ARG L 1057 68.72 24.74 11.26
N LEU L 1058 68.62 25.54 12.32
CA LEU L 1058 67.68 26.64 12.32
C LEU L 1058 68.18 27.75 11.38
N PRO L 1059 67.29 28.35 10.60
CA PRO L 1059 67.70 29.51 9.82
C PRO L 1059 68.14 30.63 10.73
N PRO L 1060 69.09 31.47 10.28
CA PRO L 1060 69.64 32.50 11.18
C PRO L 1060 68.62 33.53 11.61
N ASN L 1061 67.48 33.64 10.93
CA ASN L 1061 66.47 34.64 11.23
C ASN L 1061 65.44 34.15 12.24
N THR L 1062 65.68 33.00 12.88
CA THR L 1062 64.72 32.47 13.84
C THR L 1062 64.63 33.38 15.06
N ASN L 1063 63.40 33.77 15.41
CA ASN L 1063 63.13 34.55 16.60
C ASN L 1063 62.91 33.61 17.77
N ASP L 1064 63.74 33.74 18.81
CA ASP L 1064 63.62 32.85 19.96
C ASP L 1064 62.42 33.20 20.84
N GLU L 1065 62.09 34.49 20.95
CA GLU L 1065 61.04 34.95 21.85
C GLU L 1065 59.74 35.10 21.06
N VAL L 1066 58.91 34.05 21.10
CA VAL L 1066 57.58 34.06 20.52
C VAL L 1066 56.62 33.46 21.54
N ASP L 1067 55.33 33.47 21.19
CA ASP L 1067 54.30 32.90 22.05
C ASP L 1067 53.03 32.64 21.25
N ASN L 1083 53.14 23.05 9.62
CA ASN L 1083 51.77 22.85 10.06
C ASN L 1083 51.69 22.86 11.59
N GLY L 1084 52.82 22.57 12.23
CA GLY L 1084 52.89 22.58 13.68
C GLY L 1084 53.24 23.95 14.24
N ALA L 1085 54.45 24.41 13.92
CA ALA L 1085 54.94 25.71 14.35
C ALA L 1085 55.11 26.63 13.14
N SER L 1086 55.27 27.92 13.43
CA SER L 1086 55.40 28.93 12.38
C SER L 1086 56.71 28.75 11.62
N GLN L 1087 57.83 29.08 12.25
CA GLN L 1087 59.13 28.97 11.60
C GLN L 1087 59.64 27.53 11.67
N LYS L 1088 60.09 27.02 10.53
CA LYS L 1088 60.53 25.64 10.42
C LYS L 1088 62.05 25.57 10.39
N ALA L 1089 62.57 24.39 10.69
CA ALA L 1089 64.00 24.12 10.68
C ALA L 1089 64.37 23.32 9.44
N GLU L 1090 65.37 23.80 8.70
CA GLU L 1090 65.79 23.17 7.45
C GLU L 1090 66.78 22.04 7.72
N VAL L 1091 66.64 20.96 6.98
CA VAL L 1091 67.51 19.80 7.10
C VAL L 1091 68.69 20.00 6.14
N ILE L 1092 69.88 20.24 6.69
CA ILE L 1092 71.06 20.48 5.88
C ILE L 1092 71.88 19.22 5.64
N MET L 1093 71.56 18.10 6.30
CA MET L 1093 72.29 16.87 6.03
C MET L 1093 71.37 15.67 6.17
N ASN L 1094 71.40 14.79 5.17
CA ASN L 1094 70.76 13.49 5.20
C ASN L 1094 71.74 12.43 4.74
N TYR L 1095 71.82 11.32 5.46
CA TYR L 1095 72.73 10.24 5.07
C TYR L 1095 72.29 8.95 5.73
N HIS L 1096 72.08 7.91 4.93
CA HIS L 1096 71.72 6.59 5.45
C HIS L 1096 72.99 5.82 5.77
N VAL L 1097 73.19 5.52 7.06
CA VAL L 1097 74.37 4.76 7.47
C VAL L 1097 74.21 3.29 7.11
N GLY L 1098 73.00 2.76 7.24
CA GLY L 1098 72.73 1.35 7.04
C GLY L 1098 72.68 0.54 8.32
N GLU L 1099 73.13 1.11 9.43
CA GLU L 1099 73.05 0.47 10.74
C GLU L 1099 72.50 1.49 11.73
N THR L 1100 71.59 1.05 12.60
CA THR L 1100 70.88 1.96 13.49
C THR L 1100 71.83 2.59 14.50
N VAL L 1101 71.95 3.91 14.44
CA VAL L 1101 72.85 4.65 15.32
C VAL L 1101 72.14 4.96 16.63
N LEU L 1102 72.82 4.71 17.74
CA LEU L 1102 72.26 4.99 19.07
C LEU L 1102 73.11 5.94 19.90
N SER L 1103 74.19 6.50 19.36
CA SER L 1103 74.97 7.49 20.10
C SER L 1103 75.73 8.36 19.11
N LEU L 1104 75.53 9.67 19.21
CA LEU L 1104 76.28 10.67 18.46
C LEU L 1104 77.05 11.54 19.44
N GLN L 1105 78.30 11.84 19.11
CA GLN L 1105 79.15 12.64 19.99
C GLN L 1105 80.21 13.37 19.17
N LYS L 1106 80.26 14.68 19.31
CA LYS L 1106 81.26 15.50 18.65
C LYS L 1106 82.47 15.64 19.57
N THR L 1107 83.58 14.99 19.21
CA THR L 1107 84.75 14.98 20.08
C THR L 1107 86.01 14.80 19.24
N THR L 1108 87.15 15.06 19.87
CA THR L 1108 88.45 14.87 19.25
C THR L 1108 89.00 13.51 19.66
N LEU L 1109 89.38 12.70 18.67
CA LEU L 1109 89.80 11.33 18.95
C LEU L 1109 91.24 11.25 19.44
N ILE L 1110 92.12 12.09 18.94
CA ILE L 1110 93.54 12.04 19.31
C ILE L 1110 94.06 13.45 19.53
N PRO L 1111 95.08 13.60 20.38
CA PRO L 1111 95.64 14.92 20.65
C PRO L 1111 96.25 15.53 19.39
N GLY L 1112 95.88 16.78 19.11
CA GLY L 1112 96.36 17.52 17.98
C GLY L 1112 95.42 17.51 16.79
N GLY L 1113 94.57 16.49 16.67
CA GLY L 1113 93.64 16.38 15.56
C GLY L 1113 92.48 17.35 15.65
N SER L 1114 91.45 17.14 14.84
CA SER L 1114 90.28 18.01 14.81
C SER L 1114 89.06 17.26 15.30
N GLU L 1115 88.02 18.03 15.66
CA GLU L 1115 86.78 17.43 16.14
C GLU L 1115 86.12 16.64 15.03
N SER L 1116 85.53 15.50 15.40
CA SER L 1116 84.77 14.67 14.48
C SER L 1116 83.47 14.25 15.15
N LEU L 1117 82.50 13.88 14.32
CA LEU L 1117 81.19 13.43 14.80
C LEU L 1117 81.21 11.92 14.87
N VAL L 1118 81.72 11.39 15.99
CA VAL L 1118 81.81 9.96 16.18
C VAL L 1118 80.44 9.41 16.57
N TYR L 1119 80.00 8.38 15.87
CA TYR L 1119 78.75 7.70 16.18
C TYR L 1119 79.02 6.24 16.46
N THR L 1120 78.18 5.65 17.30
CA THR L 1120 78.15 4.21 17.49
C THR L 1120 76.89 3.66 16.85
N THR L 1121 76.83 2.33 16.73
CA THR L 1121 75.67 1.72 16.09
C THR L 1121 75.24 0.48 16.85
N LEU L 1122 74.02 0.02 16.53
CA LEU L 1122 73.42 -1.13 17.19
C LEU L 1122 74.06 -2.45 16.78
N SER L 1123 74.86 -2.46 15.71
CA SER L 1123 75.55 -3.66 15.26
C SER L 1123 76.98 -3.72 15.77
N GLY L 1124 77.30 -2.97 16.81
CA GLY L 1124 78.64 -3.01 17.39
C GLY L 1124 79.71 -2.35 16.55
N GLY L 1125 79.36 -1.28 15.83
CA GLY L 1125 80.30 -0.61 14.95
C GLY L 1125 80.47 0.85 15.34
N ILE L 1126 81.66 1.38 15.05
CA ILE L 1126 82.02 2.76 15.37
C ILE L 1126 82.37 3.47 14.08
N GLY L 1127 81.77 4.65 13.87
CA GLY L 1127 82.06 5.44 12.69
C GLY L 1127 82.25 6.89 13.05
N ILE L 1128 82.62 7.68 12.05
CA ILE L 1128 82.87 9.11 12.21
C ILE L 1128 82.35 9.85 10.99
N LEU L 1129 81.85 11.06 11.24
CA LEU L 1129 81.54 12.03 10.20
C LEU L 1129 82.51 13.19 10.33
N VAL L 1130 83.01 13.67 9.18
CA VAL L 1130 84.18 14.55 9.17
C VAL L 1130 83.94 15.74 8.23
N PRO L 1131 84.14 16.97 8.69
CA PRO L 1131 83.93 18.12 7.81
C PRO L 1131 85.11 18.36 6.87
N PHE L 1132 84.78 18.86 5.69
CA PHE L 1132 85.80 19.25 4.72
C PHE L 1132 86.32 20.64 5.04
N THR L 1133 87.62 20.85 4.84
CA THR L 1133 88.25 22.13 5.16
C THR L 1133 88.26 23.09 3.97
N SER L 1134 88.22 22.57 2.74
CA SER L 1134 88.24 23.41 1.55
C SER L 1134 87.31 22.81 0.50
N HIS L 1135 86.84 23.68 -0.40
CA HIS L 1135 85.95 23.22 -1.47
C HIS L 1135 86.69 22.31 -2.46
N GLU L 1136 87.99 22.51 -2.62
CA GLU L 1136 88.77 21.68 -3.52
C GLU L 1136 88.75 20.22 -3.08
N ASP L 1137 88.91 19.98 -1.78
CA ASP L 1137 88.83 18.62 -1.27
C ASP L 1137 87.44 18.03 -1.45
N HIS L 1138 86.40 18.83 -1.19
CA HIS L 1138 85.04 18.35 -1.37
C HIS L 1138 84.80 17.91 -2.81
N ASP L 1139 85.19 18.75 -3.78
CA ASP L 1139 85.04 18.37 -5.18
C ASP L 1139 85.87 17.14 -5.51
N PHE L 1140 87.07 17.04 -4.92
CA PHE L 1140 87.93 15.89 -5.19
C PHE L 1140 87.28 14.59 -4.75
N PHE L 1141 87.00 14.47 -3.44
CA PHE L 1141 86.40 13.25 -2.92
C PHE L 1141 85.03 12.98 -3.53
N GLN L 1142 84.31 14.04 -3.91
CA GLN L 1142 83.02 13.84 -4.56
C GLN L 1142 83.19 13.18 -5.93
N HIS L 1143 84.15 13.67 -6.72
CA HIS L 1143 84.44 13.03 -8.00
C HIS L 1143 84.95 11.60 -7.80
N VAL L 1144 85.71 11.36 -6.73
CA VAL L 1144 86.11 9.98 -6.42
C VAL L 1144 84.89 9.11 -6.20
N GLU L 1145 83.90 9.63 -5.46
CA GLU L 1145 82.67 8.89 -5.22
C GLU L 1145 81.94 8.59 -6.52
N MET L 1146 81.80 9.61 -7.39
CA MET L 1146 81.12 9.40 -8.67
C MET L 1146 81.84 8.37 -9.51
N HIS L 1147 83.17 8.39 -9.52
CA HIS L 1147 83.92 7.43 -10.32
C HIS L 1147 83.77 6.02 -9.78
N LEU L 1148 83.98 5.83 -8.47
CA LEU L 1148 83.89 4.49 -7.91
C LEU L 1148 82.47 3.95 -7.90
N ARG L 1149 81.47 4.81 -8.00
CA ARG L 1149 80.09 4.32 -8.09
C ARG L 1149 79.87 3.52 -9.37
N SER L 1150 80.53 3.89 -10.47
CA SER L 1150 80.40 3.19 -11.73
C SER L 1150 81.50 2.17 -11.98
N GLU L 1151 82.74 2.46 -11.55
CA GLU L 1151 83.86 1.55 -11.77
C GLU L 1151 83.93 0.47 -10.70
N HIS L 1152 83.35 0.69 -9.53
CA HIS L 1152 83.43 -0.26 -8.41
C HIS L 1152 82.05 -0.37 -7.76
N PRO L 1153 81.05 -0.86 -8.49
CA PRO L 1153 79.69 -0.88 -7.96
C PRO L 1153 79.56 -1.85 -6.80
N PRO L 1154 78.57 -1.67 -5.93
CA PRO L 1154 78.43 -2.56 -4.78
C PRO L 1154 78.31 -4.02 -5.19
N LEU L 1155 78.77 -4.90 -4.30
CA LEU L 1155 78.99 -6.30 -4.67
C LEU L 1155 77.68 -7.06 -4.87
N CYS L 1156 76.60 -6.65 -4.20
CA CYS L 1156 75.34 -7.38 -4.26
C CYS L 1156 74.31 -6.66 -5.14
N GLY L 1157 74.75 -6.11 -6.27
CA GLY L 1157 73.87 -5.46 -7.22
C GLY L 1157 73.16 -4.22 -6.73
N ARG L 1158 73.42 -3.77 -5.51
CA ARG L 1158 72.78 -2.56 -5.01
C ARG L 1158 73.35 -1.31 -5.67
N ASP L 1159 72.54 -0.27 -5.75
CA ASP L 1159 73.00 1.04 -6.21
C ASP L 1159 73.49 1.84 -5.00
N HIS L 1160 74.72 2.32 -5.08
CA HIS L 1160 75.32 3.01 -3.94
C HIS L 1160 74.54 4.29 -3.60
N LEU L 1161 74.30 5.14 -4.61
CA LEU L 1161 73.57 6.37 -4.36
C LEU L 1161 72.17 6.09 -3.85
N SER L 1162 71.52 5.04 -4.36
CA SER L 1162 70.20 4.68 -3.87
C SER L 1162 70.28 4.13 -2.45
N PHE L 1163 71.33 3.35 -2.15
CA PHE L 1163 71.47 2.81 -0.81
C PHE L 1163 71.67 3.91 0.22
N ARG L 1164 72.50 4.89 -0.09
CA ARG L 1164 72.69 6.01 0.83
C ARG L 1164 71.53 6.99 0.82
N SER L 1165 70.67 6.92 -0.21
CA SER L 1165 69.42 7.69 -0.27
C SER L 1165 68.23 6.81 0.07
N TYR L 1166 68.37 5.94 1.07
CA TYR L 1166 67.34 4.95 1.38
C TYR L 1166 66.00 5.61 1.67
N TYR L 1167 65.95 6.44 2.71
CA TYR L 1167 64.72 7.11 3.11
C TYR L 1167 64.70 8.58 2.72
N PHE L 1168 65.83 9.27 2.83
CA PHE L 1168 65.97 10.64 2.36
C PHE L 1168 67.15 10.72 1.40
N PRO L 1169 67.05 11.54 0.36
CA PRO L 1169 68.18 11.69 -0.57
C PRO L 1169 69.41 12.21 0.16
N VAL L 1170 70.58 11.75 -0.30
CA VAL L 1170 71.83 12.17 0.32
C VAL L 1170 71.99 13.68 0.18
N LYS L 1171 72.40 14.33 1.26
CA LYS L 1171 72.62 15.77 1.27
C LYS L 1171 73.95 16.04 1.97
N ASN L 1172 74.99 16.29 1.17
CA ASN L 1172 76.28 16.79 1.65
C ASN L 1172 77.02 15.75 2.50
N VAL L 1173 77.07 14.52 1.99
CA VAL L 1173 77.91 13.47 2.59
C VAL L 1173 78.58 12.68 1.48
N ILE L 1174 79.87 12.38 1.66
CA ILE L 1174 80.64 11.55 0.75
C ILE L 1174 80.97 10.26 1.48
N ASP L 1175 80.58 9.12 0.89
CA ASP L 1175 80.82 7.82 1.50
C ASP L 1175 82.30 7.50 1.43
N GLY L 1176 83.01 7.67 2.54
CA GLY L 1176 84.43 7.37 2.57
C GLY L 1176 84.75 5.90 2.58
N ASP L 1177 83.81 5.06 3.03
CA ASP L 1177 84.01 3.63 2.94
C ASP L 1177 84.04 3.17 1.48
N LEU L 1178 83.24 3.82 0.63
CA LEU L 1178 83.34 3.56 -0.80
C LEU L 1178 84.64 4.10 -1.37
N CYS L 1179 85.02 5.32 -0.96
CA CYS L 1179 86.21 5.95 -1.50
C CYS L 1179 87.47 5.14 -1.19
N GLU L 1180 87.58 4.62 0.03
CA GLU L 1180 88.77 3.86 0.40
C GLU L 1180 88.86 2.52 -0.31
N GLN L 1181 87.80 2.10 -1.01
CA GLN L 1181 87.91 0.92 -1.86
C GLN L 1181 88.68 1.20 -3.14
N PHE L 1182 89.12 2.45 -3.35
CA PHE L 1182 90.02 2.76 -4.45
C PHE L 1182 91.25 1.87 -4.41
N ASN L 1183 91.73 1.56 -3.20
CA ASN L 1183 92.92 0.73 -3.05
C ASN L 1183 92.66 -0.73 -3.43
N SER L 1184 91.40 -1.15 -3.49
CA SER L 1184 91.07 -2.53 -3.80
C SER L 1184 90.83 -2.79 -5.27
N MET L 1185 90.72 -1.74 -6.09
CA MET L 1185 90.45 -1.92 -7.51
C MET L 1185 91.69 -2.49 -8.21
N GLU L 1186 91.48 -2.93 -9.45
CA GLU L 1186 92.59 -3.36 -10.28
C GLU L 1186 93.45 -2.16 -10.65
N PRO L 1187 94.76 -2.38 -10.86
CA PRO L 1187 95.66 -1.24 -11.12
C PRO L 1187 95.27 -0.41 -12.34
N ASN L 1188 94.69 -1.03 -13.37
CA ASN L 1188 94.28 -0.25 -14.54
C ASN L 1188 93.13 0.69 -14.20
N LYS L 1189 92.22 0.24 -13.32
CA LYS L 1189 91.13 1.12 -12.90
C LYS L 1189 91.64 2.25 -12.02
N GLN L 1190 92.60 1.96 -11.14
CA GLN L 1190 93.23 3.02 -10.36
C GLN L 1190 93.92 4.03 -11.26
N LYS L 1191 94.54 3.56 -12.34
CA LYS L 1191 95.20 4.45 -13.28
C LYS L 1191 94.19 5.30 -14.04
N ASN L 1192 93.06 4.70 -14.44
CA ASN L 1192 92.04 5.45 -15.18
C ASN L 1192 91.39 6.51 -14.30
N VAL L 1193 90.99 6.11 -13.09
CA VAL L 1193 90.33 7.05 -12.18
C VAL L 1193 91.29 8.15 -11.76
N SER L 1194 92.53 7.78 -11.42
CA SER L 1194 93.51 8.78 -10.99
C SER L 1194 93.84 9.73 -12.12
N GLU L 1195 94.07 9.21 -13.33
CA GLU L 1195 94.39 10.06 -14.48
C GLU L 1195 93.21 10.95 -14.84
N GLU L 1196 91.97 10.50 -14.59
CA GLU L 1196 90.83 11.36 -14.81
C GLU L 1196 90.83 12.55 -13.85
N LEU L 1197 91.38 12.37 -12.66
CA LEU L 1197 91.53 13.43 -11.69
C LEU L 1197 92.90 14.11 -11.77
N ASP L 1198 93.67 13.82 -12.82
CA ASP L 1198 95.00 14.39 -13.02
C ASP L 1198 95.91 14.08 -11.83
N ARG L 1199 95.89 12.82 -11.38
CA ARG L 1199 96.71 12.36 -10.28
C ARG L 1199 97.19 10.94 -10.58
N THR L 1200 97.96 10.39 -9.65
CA THR L 1200 98.40 9.01 -9.70
C THR L 1200 97.76 8.22 -8.56
N PRO L 1201 97.64 6.90 -8.69
CA PRO L 1201 96.99 6.09 -7.63
C PRO L 1201 97.61 6.30 -6.27
N PRO L 1202 98.96 6.36 -6.14
CA PRO L 1202 99.52 6.64 -4.80
C PRO L 1202 99.10 7.99 -4.25
N GLU L 1203 98.98 9.01 -5.10
CA GLU L 1203 98.51 10.32 -4.63
C GLU L 1203 97.08 10.23 -4.11
N VAL L 1204 96.21 9.53 -4.82
CA VAL L 1204 94.83 9.35 -4.37
C VAL L 1204 94.81 8.63 -3.03
N SER L 1205 95.61 7.56 -2.91
CA SER L 1205 95.65 6.80 -1.67
C SER L 1205 96.12 7.66 -0.50
N LYS L 1206 97.17 8.45 -0.70
CA LYS L 1206 97.65 9.30 0.38
C LYS L 1206 96.62 10.36 0.76
N LYS L 1207 95.99 10.98 -0.24
CA LYS L 1207 94.97 11.98 0.05
C LYS L 1207 93.79 11.37 0.79
N LEU L 1208 93.50 10.09 0.53
CA LEU L 1208 92.50 9.39 1.33
C LEU L 1208 93.00 9.12 2.74
N GLU L 1209 94.31 8.87 2.90
CA GLU L 1209 94.87 8.66 4.24
C GLU L 1209 94.91 9.94 5.07
N ASP L 1210 94.93 11.10 4.40
CA ASP L 1210 95.05 12.36 5.13
C ASP L 1210 93.86 12.58 6.06
N ILE L 1211 92.66 12.16 5.64
CA ILE L 1211 91.49 12.30 6.49
C ILE L 1211 91.68 11.54 7.80
N ARG L 1212 92.16 10.30 7.70
CA ARG L 1212 92.44 9.52 8.90
C ARG L 1212 93.58 10.13 9.71
N THR L 1213 94.56 10.73 9.05
CA THR L 1213 95.63 11.40 9.79
C THR L 1213 95.10 12.59 10.58
N ARG L 1214 94.10 13.29 10.04
CA ARG L 1214 93.60 14.52 10.67
C ARG L 1214 92.58 14.23 11.77
N TYR L 1215 91.66 13.30 11.51
CA TYR L 1215 90.53 13.06 12.42
C TYR L 1215 90.57 11.70 13.10
N ALA L 1216 91.36 10.75 12.60
CA ALA L 1216 91.41 9.42 13.20
C ALA L 1216 92.83 9.07 13.63
N PHE L 1217 93.14 7.78 13.65
CA PHE L 1217 94.41 7.29 14.13
C PHE L 1217 95.35 7.05 12.96
N GLN M 15 49.74 -1.26 -12.53
CA GLN M 15 49.68 -0.82 -11.14
C GLN M 15 48.77 -1.73 -10.30
N SER M 16 47.69 -2.20 -10.92
CA SER M 16 46.67 -2.96 -10.18
C SER M 16 47.23 -4.27 -9.64
N LYS M 17 48.17 -4.88 -10.36
CA LYS M 17 48.69 -6.19 -9.97
C LYS M 17 49.85 -6.12 -8.99
N TYR M 18 50.24 -4.91 -8.56
CA TYR M 18 51.25 -4.76 -7.52
C TYR M 18 50.55 -4.70 -6.17
N ILE M 19 50.83 -5.68 -5.31
CA ILE M 19 50.17 -5.74 -4.01
C ILE M 19 50.56 -4.53 -3.18
N GLY M 20 49.58 -3.90 -2.55
CA GLY M 20 49.76 -2.68 -1.82
C GLY M 20 49.29 -1.44 -2.56
N THR M 21 49.06 -1.57 -3.87
CA THR M 21 48.49 -0.48 -4.65
C THR M 21 47.05 -0.21 -4.21
N GLY M 22 46.63 1.03 -4.37
CA GLY M 22 45.30 1.46 -3.97
C GLY M 22 44.51 2.08 -5.10
N HIS M 23 43.26 2.40 -4.79
CA HIS M 23 42.34 2.98 -5.75
C HIS M 23 41.37 3.89 -4.99
N ALA M 24 40.35 4.39 -5.70
CA ALA M 24 39.44 5.37 -5.13
C ALA M 24 38.55 4.76 -4.05
N ASP M 25 38.21 3.48 -4.16
CA ASP M 25 37.36 2.80 -3.19
C ASP M 25 38.15 1.97 -2.21
N THR M 26 39.35 2.43 -1.85
CA THR M 26 40.18 1.72 -0.87
C THR M 26 39.80 2.18 0.53
N THR M 27 39.45 1.24 1.39
CA THR M 27 39.05 1.57 2.75
C THR M 27 40.29 1.79 3.62
N LYS M 28 40.06 2.46 4.75
CA LYS M 28 41.15 2.72 5.69
C LYS M 28 41.75 1.42 6.21
N TRP M 29 40.91 0.40 6.41
CA TRP M 29 41.39 -0.89 6.89
C TRP M 29 42.35 -1.53 5.89
N GLU M 30 42.03 -1.46 4.60
CA GLU M 30 42.93 -2.01 3.58
C GLU M 30 44.25 -1.25 3.55
N TRP M 31 44.20 0.08 3.64
CA TRP M 31 45.40 0.89 3.64
C TRP M 31 46.31 0.54 4.80
N LEU M 32 45.75 0.44 6.00
CA LEU M 32 46.59 0.24 7.19
C LEU M 32 47.01 -1.21 7.37
N VAL M 33 46.25 -2.18 6.86
CA VAL M 33 46.76 -3.54 6.85
C VAL M 33 47.87 -3.65 5.81
N ASN M 34 47.76 -2.89 4.71
CA ASN M 34 48.84 -2.84 3.73
C ASN M 34 50.13 -2.33 4.36
N GLN M 35 50.08 -1.11 4.92
CA GLN M 35 51.29 -0.55 5.51
C GLN M 35 51.75 -1.33 6.74
N HIS M 36 50.85 -2.04 7.42
CA HIS M 36 51.27 -2.88 8.53
C HIS M 36 52.07 -4.09 8.06
N ARG M 37 51.57 -4.79 7.03
CA ARG M 37 52.33 -5.90 6.48
C ARG M 37 53.65 -5.43 5.90
N ASP M 38 53.63 -4.29 5.18
CA ASP M 38 54.86 -3.69 4.69
C ASP M 38 55.84 -3.44 5.84
N SER M 39 55.35 -2.89 6.94
CA SER M 39 56.20 -2.61 8.08
C SER M 39 56.81 -3.88 8.66
N TYR M 40 55.98 -4.93 8.82
CA TYR M 40 56.50 -6.18 9.37
C TYR M 40 57.57 -6.78 8.48
N CYS M 41 57.36 -6.77 7.16
CA CYS M 41 58.38 -7.30 6.26
C CYS M 41 59.64 -6.45 6.29
N SER M 42 59.50 -5.13 6.46
CA SER M 42 60.67 -4.27 6.59
C SER M 42 61.44 -4.60 7.86
N TYR M 43 60.73 -4.90 8.95
CA TYR M 43 61.40 -5.37 10.16
C TYR M 43 62.14 -6.67 9.90
N MET M 44 61.52 -7.59 9.16
CA MET M 44 62.20 -8.83 8.79
C MET M 44 63.47 -8.56 8.00
N GLY M 45 63.47 -7.51 7.17
CA GLY M 45 64.63 -7.21 6.35
C GLY M 45 65.78 -6.55 7.08
N HIS M 46 65.56 -5.32 7.56
CA HIS M 46 66.63 -4.52 8.14
C HIS M 46 67.08 -5.14 9.47
N PHE M 47 68.37 -5.48 9.55
CA PHE M 47 68.88 -6.24 10.70
C PHE M 47 68.76 -5.44 11.99
N ASP M 48 69.27 -4.20 11.99
CA ASP M 48 69.30 -3.41 13.22
C ASP M 48 67.91 -3.02 13.71
N LEU M 49 66.91 -3.01 12.82
CA LEU M 49 65.54 -2.78 13.27
C LEU M 49 65.04 -3.95 14.10
N LEU M 50 65.14 -5.16 13.54
CA LEU M 50 64.82 -6.37 14.30
C LEU M 50 65.66 -6.49 15.55
N ASN M 51 66.87 -5.93 15.54
CA ASN M 51 67.70 -5.92 16.74
C ASN M 51 67.12 -5.00 17.81
N TYR M 52 66.79 -3.77 17.42
CA TYR M 52 66.16 -2.84 18.35
C TYR M 52 64.90 -3.44 18.96
N PHE M 53 64.07 -4.08 18.13
CA PHE M 53 62.83 -4.65 18.64
C PHE M 53 63.10 -5.85 19.55
N ALA M 54 64.06 -6.69 19.18
CA ALA M 54 64.41 -7.85 20.00
C ALA M 54 65.16 -7.46 21.27
N ILE M 55 65.62 -6.21 21.38
CA ILE M 55 66.24 -5.73 22.61
C ILE M 55 65.21 -5.06 23.51
N ALA M 56 64.28 -4.31 22.93
CA ALA M 56 63.20 -3.69 23.68
C ALA M 56 62.45 -4.75 24.50
N GLU M 57 61.78 -5.66 23.81
CA GLU M 57 61.20 -6.83 24.46
C GLU M 57 62.26 -7.93 24.52
N ASN M 58 62.47 -8.49 25.71
CA ASN M 58 63.54 -9.45 25.93
C ASN M 58 63.14 -10.79 25.30
N GLU M 59 63.27 -10.86 23.98
CA GLU M 59 62.99 -12.07 23.23
C GLU M 59 64.05 -12.21 22.15
N SER M 60 64.42 -13.46 21.86
CA SER M 60 65.43 -13.73 20.84
C SER M 60 64.94 -13.28 19.47
N LYS M 61 65.89 -13.12 18.54
CA LYS M 61 65.54 -12.71 17.19
C LYS M 61 64.56 -13.68 16.54
N ALA M 62 64.77 -14.98 16.76
CA ALA M 62 63.94 -15.99 16.12
C ALA M 62 62.47 -15.84 16.51
N ARG M 63 62.20 -15.71 17.82
CA ARG M 63 60.82 -15.62 18.26
C ARG M 63 60.19 -14.29 17.87
N VAL M 64 60.98 -13.22 17.83
CA VAL M 64 60.45 -11.94 17.35
C VAL M 64 60.04 -12.05 15.89
N ARG M 65 60.87 -12.68 15.07
CA ARG M 65 60.50 -12.91 13.67
C ARG M 65 59.25 -13.78 13.58
N PHE M 66 59.15 -14.79 14.44
CA PHE M 66 57.99 -15.67 14.40
C PHE M 66 56.71 -14.92 14.70
N ASN M 67 56.72 -14.09 15.75
CA ASN M 67 55.55 -13.30 16.07
C ASN M 67 55.24 -12.28 14.98
N LEU M 68 56.28 -11.72 14.35
CA LEU M 68 56.05 -10.82 13.24
C LEU M 68 55.39 -11.54 12.06
N MET M 69 55.68 -12.83 11.88
CA MET M 69 55.02 -13.60 10.84
C MET M 69 53.60 -13.98 11.24
N GLU M 70 53.35 -14.18 12.54
CA GLU M 70 51.97 -14.43 12.98
C GLU M 70 51.11 -13.19 12.85
N LYS M 71 51.70 -12.00 12.97
CA LYS M 71 50.99 -10.74 12.80
C LYS M 71 50.76 -10.37 11.34
N MET M 72 50.82 -11.33 10.41
CA MET M 72 50.70 -11.00 8.99
C MET M 72 49.26 -11.04 8.50
N LEU M 73 48.49 -12.06 8.89
CA LEU M 73 47.06 -12.07 8.60
C LEU M 73 46.23 -11.52 9.76
N GLN M 74 46.85 -11.26 10.90
CA GLN M 74 46.19 -10.74 12.09
C GLN M 74 46.13 -9.22 12.21
N PRO M 75 47.00 -8.43 11.58
CA PRO M 75 47.14 -7.03 12.02
C PRO M 75 45.89 -6.25 11.73
N CYS M 76 45.57 -5.31 12.63
CA CYS M 76 44.35 -4.51 12.62
C CYS M 76 43.10 -5.34 12.83
N GLY M 77 43.24 -6.63 13.15
CA GLY M 77 42.11 -7.50 13.37
C GLY M 77 41.26 -7.71 12.14
N PRO M 78 40.08 -8.29 12.32
CA PRO M 78 39.19 -8.53 11.18
C PRO M 78 38.58 -7.23 10.68
N PRO M 79 38.13 -7.18 9.43
CA PRO M 79 37.53 -5.95 8.91
C PRO M 79 36.07 -5.78 9.31
N ALA M 80 35.41 -4.76 8.76
CA ALA M 80 34.00 -4.53 9.04
C ALA M 80 33.11 -5.21 8.00
#